data_9E2Y
#
_entry.id   9E2Y
#
_cell.length_a   1.00
_cell.length_b   1.00
_cell.length_c   1.00
_cell.angle_alpha   90.00
_cell.angle_beta   90.00
_cell.angle_gamma   90.00
#
_symmetry.space_group_name_H-M   'P 1'
#
loop_
_entity.id
_entity.type
_entity.pdbx_description
1 polymer 'DNA replication complex GINS protein PSF1'
2 polymer 'DNA replication complex GINS protein PSF2'
3 polymer 'DNA replication complex GINS protein PSF3'
4 polymer 'DNA replication complex GINS protein SLD5'
5 polymer 'Cell division control protein 45'
6 polymer 'Leading strand DNA template'
7 polymer 'Lagging strand DNA template'
8 polymer 'DNA replication licensing factor MCM2'
9 polymer 'DNA replication licensing factor MCM3'
10 polymer 'DNA replication licensing factor MCM4'
11 polymer 'Minichromosome maintenance protein 5'
12 polymer 'DNA replication licensing factor MCM6'
13 polymer 'DNA replication licensing factor MCM7'
14 polymer 'Topoisomerase 1-associated factor 1'
15 non-polymer "ADENOSINE-5'-DIPHOSPHATE"
16 non-polymer 'MAGNESIUM ION'
17 non-polymer 'ZINC ION'
18 non-polymer "ADENOSINE-5'-TRIPHOSPHATE"
#
loop_
_entity_poly.entity_id
_entity_poly.type
_entity_poly.pdbx_seq_one_letter_code
_entity_poly.pdbx_strand_id
1 'polypeptide(L)'
;MYGDLGNKLVLEAKRTKQLYARSNQDVNLPMYHEDIIRNILKEVSNLRKNTEYLKEQQQLGMLDDKVAKCQYFVTLLCME
RNKRCLLAYQRLRTDILDSMAWNNNGLDLMSSITFSQQDTNNLSHQEQEYLKEYCDLITDLKSGDLVDIDLSGSLVPPSD
VFIDVRVLKDAGEIQTEYGVFNLIKDSQFFVRQSDVERLIQQGYLQKI
;
A
2 'polypeptide(L)'
;MSLPAHLQQTFSPEEIQFIVENEPIKIFPRITTRQKIRGDDRGTGNHTRWQLITTDDKALNNMVAMRSTEVVLWIALLLK
QQSKCSIVAPQWLTTKELDRKIQYEKTHPDRFSELPWNWLVLARILFNKAKDDFHDPIHELRGKIQDLREIRQIKVLKGL
KYLNESHLQLDNLSLLEINELRPFITEIMDKLREIHTASLTAGTENDEEEFNI
;
B
3 'polypeptide(L)'
;MGSSHHHHHHSSGLVPRGSHMASMGYYDIDDVLADGTEFPCKFQYDIPGLGYLENNPGRPITKNTKLSLPLWLARILAIV
GGDEALVDEEPVPFVELLPPDMFSTKVMNAIKTDPVALDLHSINSHFFSLAIKWIMLFSEKELANVVSELLLQRAQELNH
HASSLSIDLNADSTGKNSANTNIATSTFLLKLEEMEKEIYKKSHESYKDTKRWMFKK
;
C
4 'polypeptide(L)'
;MDINIDDILAELDKETTAVDSTKITQGSSSTTHRDANTIVGSSLDLNDKTQIYVSPQQDFSDLMKSWKNERCSPELLPYP
HQLMKRLLNRISMQSQLIENISMGFLDMQNASNANPPMPNESKLPLLCMETELERLKFVIRSYIRCRLSKIDKFSLYLRQ
LNEDENSLISLTDLLSKDEIKYHDTHSLIWLKLVNDSILKYMPEELQAINDTEGSVNMIDEPDWNKFVFIHVNGPPDGKW
NEDPLLQENEFGKPCYTVTIPDLKEEVELTIGSIYVMRYEVIRDLLRDDKVALI
;
D
5 'polypeptide(L)'
;MYYGISQFSEAYNKILRNSSSHSSCQLVIFVSCLNIDALCATKMLSLLFKKQLVQSQIVPIFGYSELRRHYSQLDDNINS
LLLVGFGGVIDLEAFLEIDPQEYVIDTDEKSGEQSFRRDIYVLDAHRPWNLDNIFGSQIIQCFDDGTVDDTLGEQKEAYY
KLLELDEESGDDELSGDENDNNGGDDEATDADEVTDEDEEDEDETISNKRGNSSIGPNDLSKRKQRKKQIHEYEGVLEEY
YSQGTTVVNSISAQIYSLLSAIGETNLSNLWLNILGTTSLDIAYAQVYNRLYPLLQDEVKRLTPSSRNSVKTPDTLTLNI
QPDYYLFLLRHSSLYDSFYYSNYVNAKLSLWNENGKKRLHKMFARMGIPLSTAQETWLYMDHSIKRELGIIFDKNLDRYG
LQDIIRDGFVRTLGYRGSISASEFVEALTALLEVGNSTDKDSVKINNDNNDDTDGEEEEDNSAQKLTNLRKRWVSNFWLS
WDALDDRKVELLNRGIQLAQDLQRAIFNTGVAILEKKLIKHLRIYRLCVLQDGPDLDLYRNPLTLLRLGNWLIECCAESE
DKQLLPMVLASIDENTDTYLVAGLTPRYPRGLDTIHTKKPILNNFSMAFQQITAETDAKVRIDNFESSIIEIRREDLSPF
LEKLTLSGLL
;
E
6 'polydeoxyribonucleotide'
;(DA)(DT)(DC)(DT)(DG)(DC)(DT)(DT)(DT)(DG)(DG)(DG)(DT)(DG)(DG)(DG)(DT)(DG)(DG)(DG)
(DT)(DG)(DG)(DG)(DT)(DT)(DG)(DA)(DG)(DG)(DC)(DA)(DA)(DT)(DT)
;
F
7 'polydeoxyribonucleotide' (DA)(DG)(DC)(DA)(DG)(DA)(DT) G
8 'polypeptide(L)'
;MSDNRRRRREEDDSDSENELPPSSPQQHFRGGMNPVSSPIGSPDMINPEGDDNEVDDVPDIDEVEEQMNEVDLMDDNMYE
DYAADHNRDRYDPDQVDDREQQELSLSERRRIDAQLNERDRLLRNVAYIDDEDEEQEGAAQLDEMGLPVQRRRRRRQYED
LENSDDDLLSDMDIDPLREELTLESLSNVKANSYSEWITQPNVSRTIARELKSFLLEYTDETGRSVYGARIRTLGEMNSE
SLEVNYRHLAESKAILALFLAKCPEEMLKIFDLVAMEATELHYPDYARIHSEIHVRISDFPTIYSLRELRESNLSSLVRV
TGVVTRRTGVFPQLKYVKFNCLKCGSILGPFFQDSNEEIRISFCTNCKSKGPFRVNGEKTVYRNYQRVTLQEAPGTVPPG
RLPRHREVILLADLVDVSKPGEEVEVTGIYKNNYDGNLNAKNGFPVFATIIEANSIKRREGNTANEGEEGLDVFSWTEEE
EREFRKISRDRGIIDKIISSMAPSIYGHRDIKTAVACSLFGGVPKNVNGKHSIRGDINVLLLGDPGTAKSQILKYVEKTA
HRAVFATGQGASAVGLTASVRKDPITKEWTLEGGALVLADKGVCLIDEFDKMNDQDRTSIHEAMEQQSISISKAGIVTTL
QARCSIIAAANPNGGRYNSTLPLAQNVSLTEPILSRFDILCVVRDLVDEEADERLATFVVDSHVRSHPENDEDREGEELK
NNGESAIEQGEDEINEQLNARQRRLQRQRKKEEEISPIPQELLMKYIHYARTKIYPKLHQMDMDKVSRVYADLRRESIST
GSFPITVRHLESILRIAESFAKMRLSEFVSSYDLDRAIKVVVDSFVDAQKVSVRRQLRRSFAIYTLGH
;
2
9 'polypeptide(L)'
;MEGSTGFDGDATTFFAPDAVFGDRVRRFQEFLDTFTSYRDSVRSIQVYNSNNAANYNDDQDDADERDLLGDDDGDDLEKE
KKAASSTSLNILPHRIIISLDDLREFDRSFWSGILVEPAYFIPPAEKALTDLADSMDDVPHPNASAVSSRHPWKLSFKGS
FGAHALSPRTLTAQHLNKLVSVEGIVTKTSLVRPKLIRSVHYAAKTGRFHYRDYTDATTTLTTRIPTPAIYPTEDTEGNK
LTTEYGYSTFIDHQRITVQEMPEMAPAGQLPRSIDVILDDDLVDKTKPGDRVNVVGVFKSLGAGGMNQSNSNTLIGFKTL
ILGNTVYPLHARSTGVAARQMLTDFDIRNINKLSKKKDIFDILSQSLAPSIYGHDHIKKAILLMLMGGVEKNLENGSHLR
GDINILMVGDPSTAKSQLLRFVLNTASLAIATTGRGSSGVGLTAAVTTDRETGERRLEAGAMVLADRGVVCIDEFDKMTD
VDRVAIHEVMEQQTVTIAKAGIHTTLNARCSVIAAANPVFGQYDVNRDPHQNIALPDSLLSRFDLLFVVTDDINEIRDRS
ISEHVLRTHRYLPPGYLEGEPVRERLNLSLAVGEDADINPEEHSNSGAGVENEGEDDEDHVFEKFNPLLQAGAKLAKNKG
NYNGTEIPKLVTIPFLRKYVQYAKERVIPQLTQEAINVIVKNYTDLRNDDNTKKSPITARTLETLIRLATAHAKVRLSKT
VNKVDAKVAANLLRFALLGEDIGNDIDEEESEYEEALSKRSPQKSPKKRQRVRQPASNSGSPIKSTPRRSTASSVNATPS
SARRILRFQDDEQNAGEDDNDIMSPLPADEEAELQRRLQLGLRVSPRRREHLHAPEEGSSGPLTEVGTPRLPNVSSAGQD
DEQQQSVISFDNVEPGTISTGRLSLISGIIARLMQTEIFEEESYPVASLFERINEELPEEEKFSAQEYLAGLKIMSDRNN
LMVADDKVWRV
;
3
10 'polypeptide(L)'
;MSQQSSSPTKEDNNSSSPVVPNPDSVPPQLSSPALFYSSSSSQGDIYGRNNSQNLSQGEGNIRAAIGSSPLNFPSSSQRQ
NSDVFQSQGRQGRIRSSASASGRSRYHSDLRSDRALPTSSSSLGRNGQNRVHMRRNDIHTSDLSSPRRIVDFDTRSGVNT
LDTSSSSAPPSEASEPLRIIWGTNVSIQECTTNFRNFLMSFKYKFRKILDEREEFINNTTDEELYYIKQLNEMRELGTSN
LNLDARNLLAYKQTEDLYHQLLNYPQEVISIMDQTIKDCMVSLIVDNNLDYDLDEIETKFYKVRPYNVGSCKGMRELNPN
DIDKLINLKGLVLRSTPVIPDMKVAFFKCNVCDHTMAVEIDRGVIQEPARCERIDCNEPNSMSLIHNRCSFADKQVIKLQ
ETPDFVPDGQTPHSISLCVYDELVDSCRAGDRIEVTGTFRSIPIRANSRQRVLKSLYKTYVDVVHVKKVSDKRLDVDTST
IEQELMQNKVDHNEVEEVRQITDQDLAKIREVAAREDLYSLLARSIAPSIYELEDVKKGILLQLFGGTNKTFTKGGRYRG
DINILLCGDPSTSKSQILQYVHKITPRGVYTSGKGSSAVGLTAYITRDVDTKQLVLESGALVLSDGGVCCIDEFDKMSDS
TRSVLHEVMEQQTISIAKAGIITTLNARSSILASANPIGSRYNPNLPVTENIDLPPPLLSRFDLVYLVLDKVDEKNDREL
AKHLTNLYLEDKPEHISQDDVLPVEFLTMYISYAKEHIHPIITEAAKTELVRAYVGMRKMGDDSRSDEKRITATTRQLES
MIRLAEAHAKMKLKNVVELEDVQEAVRLIRSAIKDYATDPKTGKIDMNLVQTGKSVIQRKLQEDLSREIMNVLKDQASDS
MSFNELIKQINEHSQDRVESSDIQEALSRLQQEDKVIVLGEGVRRSVRLNNRV
;
4
11 'polypeptide(L)'
;MSFDRPEIYSAPVLQGESPNDDDNTEIIKSFKNFILEFRLDSQFIYRDQLRNNILVKNYSLTVNMEHLIGYNEDIYKKLS
DEPSDIIPLFETAITQVAKRISILSRAQSANNNDKDPENTSMDTDSLLLNSLPTFQLILNSNANQIPLRDLDSEHVSKIV
RLSGIIISTSVLSSRATYLSIMCRNCRHTTSITINNFNSITGNTVSLPRSCLSTIESESSMANESNIGDESTKKNCGPDP
YIIIHESSKFIDQQFLKLQEIPELVPVGEMPRNLTMTCDRYLTNKVIPGTRVTIVGIYSIYNSKNGAGSGRSGGGNGGSG
VAIRTPYIKILGIQSDVETSSIWNSVTMFTEEEEEEFLQLSRNPKLYEILTNSIAPSIFGNEDIKKAIVCLLMGGSKKIL
PDGMRLRGDINVLLLGDPGTAKSQLLKFVEKVSPIAVYTSGKGSSAAGLTASVQRDPMTREFYLEGGAMVLADGGVVCID
EFDKMRDEDRVAIHEAMEQQTISIAKAGITTVLNSRTSVLAAANPIYGRYDDLKSPGDNIDFQTTILSRFDMIFIVKDDH
NEERDISIANHVINIHTGNANAMQNQQEENGSEISIEKMKRYITYCRLKCAPRLSPQAAEKLSSNFVTIRKQLLINELES
TERSSIPITIRQLEAIIRITESLAKLELSPIAQERHVDEAIRLFQASTMDAASQDPIGGLNQASGTSLSEIRRFEQELKR
RLPIGWSTSYQTLRREFVDTHRFSQLALDKALYALEKHETIQLRHQGQNIYRSGV
;
5
12 'polypeptide(L)'
;MSSPFPADTPSSNRPSNSSPPPSSIGAGFGSSSGLDSQIGSRLHFPSSSQPHVSNSQTGPFVNDSTQFSSQRLQTDGSAT
NDMEGNEPARSFKSRALNHVKKVDDVTGEKVREAFEQFLEDFSVQSTDTGEVEKVYRAQIEFMKIYDLNTIYIDYQHLSM
RENGALAMAISEQYYRFLPFLQKGLRRVVRKYAPELLNTSDSLKRSEGDEGQADEDEQQDDDMNGSSLPRDSGSSAAPGN
GTSAMATRSITTSTSPEQTERVFQISFFNLPTVHRIRDIRSEKIGSLLSISGTVTRTSEVRPELYKASFTCDMCRAIVDN
VEQSFKYTEPTFCPNPSCENRAFWTLNVTRSRFLDWQKVRIQENANEIPTGSMPRTLDVILRGDSVERAKPGDRCKFTGV
EIVVPDVTQLGLPGVKPSSTLDTRGISKTTEGLNSGVTGLRSLGVRDLTYKISFLACHVISIGSNIGASSPDANSNNRET
ELQMAANLQANNVYQDNERDQEVFLNSLSSDEINELKEMVKDEHIYDKLVRSIAPAVFGHEAVKKGILLQMLGGVHKSTV
EGIKLRGDINICVVGDPSTSKSQFLKYVVGFAPRSVYTSGKASSAAGLTAAVVRDEEGGDYTIEAGALMLADNGICCIDE
FDKMDISDQVAIHEAMEQQTISIAKAGIHATLNARTSILAAANPVGGRYNRKLSLRGNLNMTAPIMSRFDLFFVILDDCN
EKIDTELASHIVDLHMKRDEAIEPPFSAEQLRRYIKYARTFKPILTKEARSYLVEKYKELRKDDAQGFSRSSYRITVRQL
ESMIRLSEAIARANCVDEITPSFIAEAYDLLRQSIIRVDVDDVEMDEEFDNIESQSHAASGNNDDNDDGTGSGVITSEPP
ADIEEGQSEATARPGTSEKKKTTVTYDKYVSMMNMIVRKIAEVDREGAEELTAVDIVDWYLLQKENDLGSLAEYWEERRL
AFKVIKRLVKDRILMEIHGTRHNLRDLENEENENNKTVYVIHPNCEVLDQLEPQDSS
;
6
13 'polypeptide(L)'
;MSAALPSIQLPVDYNNLFNEITDFLVTFKQDTLSSDATRNENEDENLDAENIEQHLLEKGPKYMAMLQKVANRELNSVII
DLDDILQYQNEKFLQGTQADDLVSAIQQNANHFTELFCRAIDNNMPLPTKEIDYKDDVLDVILNQRRLRNERMLSDRTNE
IRSENLMDTTMDPPSSMNDALREVVEDETELFPPNLTRRYFLYFKPLSQNCARRYRKKAISSKPLSVRQIKGDFLGQLIT
VRGIITRVSDVKPAVEVIAYTCDQCGYEVFQEVNSRTFTPLSECTSEECSQNQTKGQLFMSTRASKFSAFQECKIQELSQ
QVPVGHIPRSLNIHVNGTLVRSLSPGDIVDVTGIFLPAPYTGFKALKAGLLTETYLEAQFVRQHKKKFASFSLTSDVEER
VMELITSGDVYNRLAKSIAPEIYGNLDVKKALLLLLVGGVDKRVGDGMKIRGDINVCLMGDPGVAKSQLLKAICKISPRG
VYTTGKGSSGVGLTAAVMKDPVTDEMILEGGALVLADNGICCIDEFDKMDESDRTAIHEVMEQQTISISKAGINTTLNAR
TSILAAANPLYGRYNPRLSPLDNINLPAALLSRFDILFLMLDIPSRDDDEKLAEHVTYVHMHNKQPDLDFTPVEPSKMRE
YIAYAKTKRPVMSEAVNDYVVQAYIRLRQDSKREMDSKFSFGQATPRTLLGIIRLSQALAKLRLADMVDIDDVEEALRLV
RVSKESLYQETNKSKEDESPTTKIFTIIKKMLQETGKNTLSYENIVKTVRLRGFTMLQLSNCIQEYSYLNVWHLINEGNT
LKFVDDGTMDTDQEDSLVSTPKLAPQTTASANVSAQDSDIDLQDA
;
7
14 'polypeptide(L)' SARHSRFGGLLSIQTPDKTRLTVSGSQALVDEKIALQKLDDSK X
#
loop_
_chem_comp.id
_chem_comp.type
_chem_comp.name
_chem_comp.formula
ADP non-polymer ADENOSINE-5'-DIPHOSPHATE 'C10 H15 N5 O10 P2'
ATP non-polymer ADENOSINE-5'-TRIPHOSPHATE 'C10 H16 N5 O13 P3'
DA DNA linking 2'-DEOXYADENOSINE-5'-MONOPHOSPHATE 'C10 H14 N5 O6 P'
DC DNA linking 2'-DEOXYCYTIDINE-5'-MONOPHOSPHATE 'C9 H14 N3 O7 P'
DG DNA linking 2'-DEOXYGUANOSINE-5'-MONOPHOSPHATE 'C10 H14 N5 O7 P'
DT DNA linking THYMIDINE-5'-MONOPHOSPHATE 'C10 H15 N2 O8 P'
MG non-polymer 'MAGNESIUM ION' 'Mg 2'
ZN non-polymer 'ZINC ION' 'Zn 2'
#
# COMPACT_ATOMS: atom_id res chain seq x y z
N MET A 1 53.40 19.13 -1.08
CA MET A 1 54.43 19.90 -0.34
C MET A 1 55.82 19.33 -0.64
N TYR A 2 56.43 18.67 0.33
CA TYR A 2 57.75 18.06 0.15
C TYR A 2 57.86 16.68 0.78
N GLY A 3 56.83 16.21 1.49
CA GLY A 3 56.80 14.85 2.00
C GLY A 3 55.58 14.06 1.59
N ASP A 4 54.81 14.53 0.60
CA ASP A 4 53.61 13.81 0.17
C ASP A 4 53.97 12.45 -0.41
N LEU A 5 55.04 12.39 -1.21
CA LEU A 5 55.45 11.13 -1.79
C LEU A 5 55.91 10.15 -0.70
N GLY A 6 56.66 10.64 0.28
CA GLY A 6 57.04 9.79 1.39
C GLY A 6 55.84 9.29 2.17
N ASN A 7 54.84 10.16 2.38
CA ASN A 7 53.64 9.74 3.07
C ASN A 7 52.91 8.65 2.29
N LYS A 8 52.82 8.80 0.97
CA LYS A 8 52.17 7.78 0.15
C LYS A 8 52.94 6.46 0.22
N LEU A 9 54.27 6.52 0.19
CA LEU A 9 55.07 5.31 0.30
C LEU A 9 54.85 4.63 1.64
N VAL A 10 54.78 5.41 2.72
CA VAL A 10 54.55 4.82 4.04
C VAL A 10 53.14 4.25 4.13
N LEU A 11 52.17 4.87 3.47
CA LEU A 11 50.83 4.30 3.41
C LEU A 11 50.84 2.94 2.72
N GLU A 12 51.57 2.84 1.62
CA GLU A 12 51.71 1.54 0.95
C GLU A 12 52.41 0.53 1.84
N ALA A 13 53.41 0.98 2.61
CA ALA A 13 54.07 0.08 3.56
C ALA A 13 53.09 -0.41 4.62
N LYS A 14 52.23 0.48 5.12
CA LYS A 14 51.22 0.08 6.08
C LYS A 14 50.27 -0.96 5.47
N ARG A 15 49.87 -0.74 4.22
CA ARG A 15 49.01 -1.72 3.56
C ARG A 15 49.72 -3.06 3.44
N THR A 16 51.01 -3.05 3.13
CA THR A 16 51.77 -4.29 3.05
C THR A 16 51.80 -5.00 4.40
N LYS A 17 52.03 -4.25 5.47
CA LYS A 17 52.07 -4.85 6.80
C LYS A 17 50.71 -5.45 7.17
N GLN A 18 49.63 -4.72 6.86
CA GLN A 18 48.30 -5.22 7.17
C GLN A 18 48.01 -6.49 6.39
N LEU A 19 48.40 -6.52 5.11
CA LEU A 19 48.21 -7.73 4.32
C LEU A 19 49.01 -8.90 4.90
N TYR A 20 50.25 -8.64 5.31
CA TYR A 20 51.07 -9.69 5.90
C TYR A 20 50.43 -10.24 7.16
N ALA A 21 49.89 -9.35 8.01
CA ALA A 21 49.24 -9.81 9.24
C ALA A 21 47.98 -10.61 8.93
N ARG A 22 47.14 -10.09 8.03
CA ARG A 22 45.89 -10.77 7.70
C ARG A 22 46.15 -12.14 7.07
N SER A 23 47.12 -12.21 6.16
CA SER A 23 47.39 -13.47 5.47
C SER A 23 47.73 -14.57 6.45
N ASN A 24 47.20 -15.76 6.19
CA ASN A 24 47.40 -16.88 7.11
C ASN A 24 48.73 -17.58 6.85
N GLN A 25 48.93 -18.12 5.65
CA GLN A 25 50.10 -18.91 5.33
C GLN A 25 50.87 -18.40 4.12
N ASP A 26 50.18 -17.96 3.07
CA ASP A 26 50.80 -17.56 1.82
C ASP A 26 50.95 -16.04 1.78
N VAL A 27 52.18 -15.56 1.69
CA VAL A 27 52.48 -14.14 1.67
C VAL A 27 53.38 -13.87 0.47
N ASN A 28 53.01 -12.86 -0.33
CA ASN A 28 53.79 -12.45 -1.48
C ASN A 28 54.04 -10.95 -1.37
N LEU A 29 55.30 -10.56 -1.27
CA LEU A 29 55.63 -9.15 -1.17
C LEU A 29 55.09 -8.40 -2.39
N PRO A 30 54.32 -7.33 -2.21
CA PRO A 30 53.90 -6.54 -3.36
C PRO A 30 55.09 -6.08 -4.18
N MET A 31 54.82 -5.75 -5.45
CA MET A 31 55.89 -5.30 -6.33
C MET A 31 56.56 -4.07 -5.73
N TYR A 32 57.90 -4.10 -5.71
CA TYR A 32 58.69 -2.96 -5.24
C TYR A 32 58.26 -1.69 -5.95
N HIS A 33 57.89 -0.68 -5.17
CA HIS A 33 57.41 0.59 -5.71
C HIS A 33 58.59 1.37 -6.26
N GLU A 34 59.04 0.97 -7.45
CA GLU A 34 60.19 1.63 -8.07
C GLU A 34 59.87 3.06 -8.44
N ASP A 35 58.66 3.32 -8.94
CA ASP A 35 58.32 4.64 -9.45
C ASP A 35 58.29 5.68 -8.32
N ILE A 36 57.65 5.35 -7.20
CA ILE A 36 57.53 6.31 -6.11
C ILE A 36 58.92 6.59 -5.52
N ILE A 37 59.75 5.56 -5.40
CA ILE A 37 61.09 5.74 -4.89
C ILE A 37 61.91 6.61 -5.84
N ARG A 38 61.76 6.40 -7.15
CA ARG A 38 62.44 7.25 -8.12
C ARG A 38 62.01 8.70 -7.95
N ASN A 39 60.71 8.94 -7.77
CA ASN A 39 60.23 10.30 -7.58
C ASN A 39 60.79 10.91 -6.29
N ILE A 40 60.82 10.12 -5.22
CA ILE A 40 61.32 10.63 -3.94
C ILE A 40 62.80 11.01 -4.06
N LEU A 41 63.58 10.16 -4.71
CA LEU A 41 65.00 10.45 -4.85
C LEU A 41 65.22 11.65 -5.77
N LYS A 42 64.39 11.79 -6.81
CA LYS A 42 64.45 12.99 -7.64
C LYS A 42 64.18 14.23 -6.80
N GLU A 43 63.15 14.16 -5.94
CA GLU A 43 62.83 15.29 -5.06
C GLU A 43 64.00 15.63 -4.16
N VAL A 44 64.65 14.61 -3.60
CA VAL A 44 65.84 14.85 -2.78
C VAL A 44 66.93 15.52 -3.62
N SER A 45 67.04 15.14 -4.89
CA SER A 45 68.03 15.78 -5.76
C SER A 45 67.72 17.27 -5.94
N ASN A 46 66.46 17.61 -6.19
CA ASN A 46 66.12 19.03 -6.30
C ASN A 46 66.39 19.75 -4.99
N LEU A 47 66.14 19.09 -3.86
CA LEU A 47 66.42 19.73 -2.57
C LEU A 47 67.91 20.00 -2.42
N ARG A 48 68.75 19.05 -2.84
CA ARG A 48 70.20 19.26 -2.81
C ARG A 48 70.59 20.44 -3.70
N LYS A 49 70.00 20.52 -4.90
CA LYS A 49 70.26 21.65 -5.77
C LYS A 49 69.86 22.96 -5.10
N ASN A 50 68.73 22.96 -4.39
CA ASN A 50 68.29 24.16 -3.70
C ASN A 50 69.28 24.55 -2.60
N THR A 51 69.78 23.58 -1.85
CA THR A 51 70.78 23.87 -0.83
C THR A 51 72.04 24.46 -1.44
N GLU A 52 72.50 23.89 -2.56
CA GLU A 52 73.69 24.43 -3.22
C GLU A 52 73.45 25.85 -3.69
N TYR A 53 72.27 26.12 -4.27
CA TYR A 53 71.96 27.47 -4.72
C TYR A 53 71.91 28.44 -3.54
N LEU A 54 71.33 28.00 -2.42
CA LEU A 54 71.27 28.85 -1.23
C LEU A 54 72.67 29.19 -0.73
N LYS A 55 73.55 28.19 -0.68
CA LYS A 55 74.92 28.45 -0.24
C LYS A 55 75.62 29.41 -1.20
N GLU A 56 75.43 29.21 -2.51
CA GLU A 56 76.05 30.10 -3.49
C GLU A 56 75.56 31.53 -3.31
N GLN A 57 74.24 31.70 -3.10
CA GLN A 57 73.69 33.03 -2.90
C GLN A 57 74.26 33.66 -1.63
N GLN A 58 74.38 32.88 -0.56
CA GLN A 58 74.96 33.43 0.67
C GLN A 58 76.40 33.86 0.45
N GLN A 59 77.17 33.08 -0.31
CA GLN A 59 78.54 33.46 -0.61
C GLN A 59 78.59 34.79 -1.35
N LEU A 60 77.74 34.96 -2.35
CA LEU A 60 77.66 36.20 -3.14
C LEU A 60 76.18 36.49 -3.38
N GLY A 61 75.58 37.26 -2.48
CA GLY A 61 74.18 37.62 -2.61
C GLY A 61 73.75 38.52 -1.47
N MET A 62 72.57 39.10 -1.65
CA MET A 62 71.99 40.01 -0.66
C MET A 62 71.28 39.29 0.47
N LEU A 63 71.28 37.95 0.47
CA LEU A 63 70.55 37.20 1.49
C LEU A 63 71.10 37.51 2.88
N ASP A 64 70.21 37.51 3.86
CA ASP A 64 70.54 37.83 5.25
C ASP A 64 70.64 36.55 6.08
N ASP A 65 71.03 36.72 7.35
CA ASP A 65 71.33 35.58 8.19
C ASP A 65 70.06 34.81 8.57
N LYS A 66 69.01 35.52 9.01
CA LYS A 66 67.80 34.85 9.46
C LYS A 66 67.15 34.08 8.32
N VAL A 67 67.06 34.73 7.15
CA VAL A 67 66.41 34.11 6.00
C VAL A 67 67.16 32.87 5.55
N ALA A 68 68.49 32.98 5.47
CA ALA A 68 69.31 31.83 5.09
C ALA A 68 69.15 30.71 6.10
N LYS A 69 69.18 31.04 7.39
CA LYS A 69 68.98 30.02 8.42
C LYS A 69 67.66 29.30 8.22
N CYS A 70 66.58 30.06 8.01
CA CYS A 70 65.27 29.44 7.90
C CYS A 70 65.18 28.52 6.68
N GLN A 71 65.64 28.99 5.52
CA GLN A 71 65.54 28.14 4.33
C GLN A 71 66.42 26.91 4.46
N TYR A 72 67.62 27.08 5.01
CA TYR A 72 68.59 25.96 5.15
C TYR A 72 68.06 24.98 6.15
N PHE A 73 67.25 25.44 7.09
CA PHE A 73 66.62 24.55 8.09
C PHE A 73 65.43 23.85 7.45
N VAL A 74 64.64 24.52 6.65
CA VAL A 74 63.41 23.90 6.08
C VAL A 74 63.83 22.84 5.05
N THR A 75 64.92 23.05 4.30
CA THR A 75 65.40 22.07 3.32
C THR A 75 65.98 20.83 4.03
N LEU A 76 66.77 21.06 5.08
CA LEU A 76 67.35 19.93 5.80
C LEU A 76 66.25 19.05 6.40
N LEU A 77 65.23 19.67 6.98
CA LEU A 77 64.13 18.91 7.57
C LEU A 77 63.39 18.10 6.52
N CYS A 78 63.17 18.69 5.34
CA CYS A 78 62.50 17.94 4.27
C CYS A 78 63.32 16.71 3.85
N MET A 79 64.63 16.90 3.68
CA MET A 79 65.47 15.76 3.34
C MET A 79 65.40 14.68 4.42
N GLU A 80 65.43 15.09 5.68
CA GLU A 80 65.35 14.13 6.78
C GLU A 80 64.05 13.34 6.72
N ARG A 81 62.94 14.03 6.48
CA ARG A 81 61.64 13.36 6.42
C ARG A 81 61.61 12.33 5.29
N ASN A 82 62.09 12.72 4.12
CA ASN A 82 62.12 11.77 3.00
C ASN A 82 62.97 10.55 3.35
N LYS A 83 64.14 10.79 3.96
CA LYS A 83 65.01 9.68 4.33
C LYS A 83 64.30 8.75 5.31
N ARG A 84 63.59 9.31 6.29
CA ARG A 84 62.91 8.47 7.27
C ARG A 84 61.86 7.60 6.61
N CYS A 85 61.04 8.18 5.72
CA CYS A 85 60.01 7.39 5.06
C CYS A 85 60.64 6.26 4.23
N LEU A 86 61.67 6.59 3.46
CA LEU A 86 62.32 5.58 2.64
C LEU A 86 62.86 4.44 3.50
N LEU A 87 63.55 4.78 4.59
CA LEU A 87 64.16 3.76 5.43
C LEU A 87 63.10 2.91 6.10
N ALA A 88 61.98 3.51 6.52
CA ALA A 88 60.92 2.72 7.14
C ALA A 88 60.37 1.70 6.16
N TYR A 89 60.08 2.13 4.92
CA TYR A 89 59.55 1.20 3.93
C TYR A 89 60.54 0.07 3.67
N GLN A 90 61.81 0.40 3.47
CA GLN A 90 62.81 -0.62 3.18
C GLN A 90 62.97 -1.57 4.34
N ARG A 91 62.95 -1.06 5.57
CA ARG A 91 63.11 -1.91 6.75
C ARG A 91 61.94 -2.87 6.90
N LEU A 92 60.71 -2.41 6.64
CA LEU A 92 59.58 -3.33 6.67
C LEU A 92 59.77 -4.46 5.68
N ARG A 93 60.13 -4.11 4.44
CA ARG A 93 60.31 -5.16 3.44
C ARG A 93 61.41 -6.13 3.84
N THR A 94 62.51 -5.60 4.37
CA THR A 94 63.61 -6.47 4.80
C THR A 94 63.19 -7.38 5.94
N ASP A 95 62.35 -6.89 6.86
CA ASP A 95 61.87 -7.73 7.95
C ASP A 95 61.04 -8.90 7.40
N ILE A 96 60.17 -8.62 6.44
CA ILE A 96 59.40 -9.71 5.86
C ILE A 96 60.31 -10.70 5.13
N LEU A 97 61.35 -10.18 4.46
CA LEU A 97 62.31 -11.06 3.80
C LEU A 97 63.02 -11.96 4.81
N ASP A 98 63.40 -11.39 5.96
CA ASP A 98 64.03 -12.18 7.01
C ASP A 98 63.11 -13.29 7.48
N SER A 99 61.83 -12.95 7.70
CA SER A 99 60.87 -13.96 8.13
C SER A 99 60.78 -15.08 7.10
N MET A 100 60.70 -14.74 5.82
CA MET A 100 60.63 -15.76 4.79
C MET A 100 61.88 -16.62 4.78
N ALA A 101 63.06 -15.99 4.89
CA ALA A 101 64.30 -16.76 4.86
C ALA A 101 64.38 -17.74 6.01
N TRP A 102 63.88 -17.36 7.19
CA TRP A 102 63.86 -18.29 8.30
C TRP A 102 62.78 -19.36 8.17
N ASN A 103 61.65 -19.03 7.53
CA ASN A 103 60.58 -20.02 7.40
C ASN A 103 61.03 -21.20 6.55
N ASN A 104 61.76 -20.93 5.46
CA ASN A 104 62.40 -22.00 4.71
C ASN A 104 63.65 -22.48 5.43
N ASN A 105 64.11 -23.66 5.05
CA ASN A 105 65.30 -24.22 5.69
C ASN A 105 66.54 -23.39 5.40
N GLY A 106 66.53 -22.58 4.34
CA GLY A 106 67.67 -21.76 3.99
C GLY A 106 68.03 -21.84 2.53
N ASP A 119 56.55 -14.03 -6.38
CA ASP A 119 57.75 -14.47 -7.08
C ASP A 119 58.91 -13.52 -6.83
N THR A 120 60.12 -13.95 -7.20
CA THR A 120 61.30 -13.14 -6.99
C THR A 120 61.32 -11.89 -7.87
N ASN A 121 60.53 -11.85 -8.94
CA ASN A 121 60.49 -10.66 -9.77
C ASN A 121 60.04 -9.42 -9.00
N ASN A 122 59.27 -9.61 -7.93
CA ASN A 122 58.82 -8.46 -7.14
C ASN A 122 60.00 -7.74 -6.49
N LEU A 123 60.96 -8.49 -5.96
CA LEU A 123 62.09 -7.90 -5.28
C LEU A 123 62.96 -7.11 -6.25
N SER A 124 63.53 -6.01 -5.76
CA SER A 124 64.56 -5.31 -6.50
C SER A 124 65.89 -6.04 -6.33
N HIS A 125 66.82 -5.77 -7.26
CA HIS A 125 68.06 -6.54 -7.28
C HIS A 125 68.80 -6.44 -5.95
N GLN A 126 68.76 -5.27 -5.31
CA GLN A 126 69.38 -5.14 -4.00
C GLN A 126 68.75 -6.08 -2.99
N GLU A 127 67.41 -6.17 -3.00
CA GLU A 127 66.73 -7.09 -2.08
C GLU A 127 67.06 -8.53 -2.42
N GLN A 128 67.21 -8.85 -3.70
CA GLN A 128 67.59 -10.22 -4.08
C GLN A 128 68.96 -10.58 -3.53
N GLU A 129 69.93 -9.68 -3.68
CA GLU A 129 71.25 -9.92 -3.12
C GLU A 129 71.18 -10.08 -1.61
N TYR A 130 70.43 -9.19 -0.96
CA TYR A 130 70.27 -9.27 0.49
C TYR A 130 69.73 -10.63 0.90
N LEU A 131 68.67 -11.09 0.25
CA LEU A 131 68.07 -12.36 0.61
C LEU A 131 69.04 -13.51 0.39
N LYS A 132 69.76 -13.49 -0.73
CA LYS A 132 70.71 -14.57 -1.01
C LYS A 132 71.77 -14.66 0.08
N GLU A 133 72.44 -13.55 0.38
CA GLU A 133 73.50 -13.60 1.37
C GLU A 133 72.99 -13.76 2.79
N TYR A 134 71.73 -13.39 3.06
CA TYR A 134 71.15 -13.67 4.37
C TYR A 134 70.87 -15.14 4.55
N CYS A 135 70.41 -15.83 3.49
CA CYS A 135 70.29 -17.28 3.56
C CYS A 135 71.65 -17.93 3.74
N ASP A 136 72.67 -17.39 3.07
CA ASP A 136 74.03 -17.87 3.32
C ASP A 136 74.41 -17.72 4.79
N LEU A 137 74.10 -16.56 5.39
CA LEU A 137 74.40 -16.35 6.79
C LEU A 137 73.65 -17.32 7.69
N ILE A 138 72.38 -17.58 7.39
CA ILE A 138 71.59 -18.50 8.21
C ILE A 138 72.20 -19.89 8.15
N THR A 139 72.59 -20.34 6.96
CA THR A 139 73.22 -21.65 6.85
C THR A 139 74.56 -21.69 7.60
N ASP A 140 75.35 -20.61 7.51
CA ASP A 140 76.60 -20.56 8.27
C ASP A 140 76.33 -20.69 9.76
N LEU A 141 75.31 -19.99 10.27
CA LEU A 141 74.94 -20.14 11.67
C LEU A 141 74.56 -21.58 11.99
N LYS A 142 73.75 -22.20 11.13
CA LYS A 142 73.32 -23.56 11.36
C LYS A 142 74.50 -24.54 11.38
N SER A 143 75.58 -24.21 10.68
CA SER A 143 76.72 -25.11 10.58
C SER A 143 77.60 -25.11 11.84
N GLY A 144 77.45 -24.14 12.73
CA GLY A 144 78.36 -23.98 13.85
C GLY A 144 78.15 -24.95 14.99
N ASP A 145 78.43 -24.50 16.21
CA ASP A 145 78.31 -25.35 17.39
C ASP A 145 76.88 -25.76 17.68
N LEU A 146 75.89 -25.08 17.09
CA LEU A 146 74.49 -25.40 17.27
C LEU A 146 74.01 -26.43 16.26
N VAL A 147 74.91 -27.26 15.73
CA VAL A 147 74.55 -28.23 14.71
C VAL A 147 73.54 -29.24 15.26
N ASP A 148 73.75 -29.71 16.49
CA ASP A 148 72.86 -30.72 17.05
C ASP A 148 71.43 -30.22 17.12
N ILE A 149 71.25 -28.92 17.22
CA ILE A 149 69.93 -28.30 17.17
C ILE A 149 69.64 -27.88 15.74
N ASP A 150 68.38 -28.03 15.33
CA ASP A 150 67.95 -27.61 14.00
C ASP A 150 67.42 -26.18 14.11
N LEU A 151 68.36 -25.22 14.07
CA LEU A 151 68.01 -23.84 14.37
C LEU A 151 66.80 -23.37 13.56
N SER A 152 66.75 -23.75 12.29
CA SER A 152 65.54 -23.49 11.49
C SER A 152 64.56 -24.65 11.60
N GLY A 153 64.27 -25.02 12.86
CA GLY A 153 63.34 -26.08 13.15
C GLY A 153 61.97 -25.55 13.51
N SER A 154 61.17 -26.43 14.13
CA SER A 154 59.82 -26.07 14.51
C SER A 154 59.83 -25.40 15.88
N LEU A 155 59.05 -24.33 16.01
CA LEU A 155 58.94 -23.59 17.25
C LEU A 155 57.73 -23.99 18.09
N VAL A 156 56.96 -24.97 17.66
CA VAL A 156 55.86 -25.50 18.49
C VAL A 156 56.45 -26.60 19.35
N PRO A 157 56.18 -26.62 20.65
CA PRO A 157 56.79 -27.64 21.51
C PRO A 157 56.37 -29.02 21.06
N PRO A 158 57.23 -30.03 21.25
CA PRO A 158 56.83 -31.40 20.92
C PRO A 158 55.87 -31.95 21.96
N SER A 159 54.71 -32.41 21.50
CA SER A 159 53.66 -32.92 22.38
C SER A 159 53.48 -34.43 22.25
N ASP A 160 53.23 -34.93 21.04
CA ASP A 160 53.01 -36.35 20.81
C ASP A 160 54.24 -36.96 20.15
N VAL A 161 54.56 -38.19 20.53
CA VAL A 161 55.72 -38.86 19.95
C VAL A 161 55.36 -39.50 18.62
N PHE A 162 54.16 -40.06 18.50
CA PHE A 162 53.71 -40.72 17.27
C PHE A 162 52.44 -40.03 16.78
N ILE A 163 52.40 -39.73 15.49
CA ILE A 163 51.27 -39.05 14.87
C ILE A 163 50.86 -39.77 13.60
N ASP A 164 49.57 -39.68 13.27
CA ASP A 164 49.08 -40.12 11.98
C ASP A 164 49.22 -38.99 10.98
N VAL A 165 49.77 -39.28 9.81
CA VAL A 165 49.97 -38.28 8.77
C VAL A 165 49.49 -38.84 7.44
N ARG A 166 49.11 -37.94 6.54
CA ARG A 166 48.59 -38.28 5.23
C ARG A 166 49.41 -37.59 4.16
N VAL A 167 49.65 -38.29 3.05
CA VAL A 167 50.44 -37.75 1.95
C VAL A 167 49.55 -36.83 1.12
N LEU A 168 49.97 -35.57 0.98
CA LEU A 168 49.14 -34.57 0.32
C LEU A 168 49.43 -34.45 -1.18
N LYS A 169 50.67 -34.69 -1.60
CA LYS A 169 51.01 -34.60 -3.01
C LYS A 169 51.96 -35.74 -3.36
N ASP A 170 51.70 -36.38 -4.50
CA ASP A 170 52.44 -37.57 -4.88
C ASP A 170 53.89 -37.22 -5.19
N ALA A 171 54.80 -38.10 -4.77
CA ALA A 171 56.21 -37.98 -5.06
C ALA A 171 56.84 -39.36 -4.97
N GLY A 172 58.04 -39.49 -5.50
CA GLY A 172 58.72 -40.75 -5.50
C GLY A 172 59.02 -41.23 -4.09
N GLU A 173 59.86 -42.26 -4.01
CA GLU A 173 60.27 -42.82 -2.72
C GLU A 173 61.39 -41.95 -2.17
N ILE A 174 60.99 -40.80 -1.61
CA ILE A 174 61.97 -39.87 -1.06
C ILE A 174 62.79 -40.56 0.03
N GLN A 175 64.09 -40.36 -0.02
CA GLN A 175 65.03 -40.97 0.92
C GLN A 175 65.49 -39.87 1.87
N THR A 176 64.74 -39.71 2.97
CA THR A 176 65.12 -38.75 3.98
C THR A 176 66.24 -39.32 4.86
N GLU A 177 66.78 -38.46 5.73
CA GLU A 177 67.83 -38.90 6.64
C GLU A 177 67.31 -39.99 7.56
N TYR A 178 66.08 -39.86 8.05
CA TYR A 178 65.54 -40.80 9.01
C TYR A 178 65.16 -42.13 8.38
N GLY A 179 64.95 -42.17 7.06
CA GLY A 179 64.63 -43.43 6.40
C GLY A 179 64.02 -43.20 5.03
N VAL A 180 63.47 -44.27 4.48
CA VAL A 180 62.85 -44.25 3.17
C VAL A 180 61.34 -44.22 3.36
N PHE A 181 60.69 -43.25 2.72
CA PHE A 181 59.24 -43.07 2.80
C PHE A 181 58.66 -43.16 1.40
N ASN A 182 57.75 -44.11 1.19
CA ASN A 182 57.10 -44.32 -0.11
C ASN A 182 55.87 -43.42 -0.17
N LEU A 183 56.09 -42.18 -0.58
CA LEU A 183 55.04 -41.16 -0.58
C LEU A 183 54.09 -41.41 -1.73
N ILE A 184 53.15 -42.32 -1.50
CA ILE A 184 52.02 -42.53 -2.41
C ILE A 184 50.91 -41.57 -1.99
N LYS A 185 50.35 -40.85 -2.95
CA LYS A 185 49.25 -39.97 -2.64
C LYS A 185 48.09 -40.76 -2.04
N ASP A 186 47.46 -40.19 -1.02
CA ASP A 186 46.36 -40.84 -0.31
C ASP A 186 46.82 -42.15 0.32
N SER A 187 47.81 -42.03 1.21
CA SER A 187 48.26 -43.13 2.03
C SER A 187 48.69 -42.58 3.38
N GLN A 188 48.40 -43.31 4.45
CA GLN A 188 48.65 -42.83 5.80
C GLN A 188 49.84 -43.55 6.42
N PHE A 189 50.52 -42.84 7.32
CA PHE A 189 51.64 -43.38 8.07
C PHE A 189 51.36 -43.26 9.57
N PHE A 190 51.88 -44.21 10.33
CA PHE A 190 51.99 -44.10 11.78
C PHE A 190 53.48 -44.03 12.08
N VAL A 191 53.99 -42.82 12.30
CA VAL A 191 55.42 -42.56 12.41
C VAL A 191 55.64 -41.58 13.57
N ARG A 192 56.90 -41.30 13.84
CA ARG A 192 57.27 -40.35 14.88
C ARG A 192 57.35 -38.95 14.29
N GLN A 193 56.75 -37.98 15.00
CA GLN A 193 56.70 -36.62 14.49
C GLN A 193 58.09 -36.11 14.14
N SER A 194 59.09 -36.45 14.97
CA SER A 194 60.42 -35.90 14.77
C SER A 194 60.97 -36.23 13.39
N ASP A 195 60.65 -37.41 12.86
CA ASP A 195 61.21 -37.83 11.58
C ASP A 195 60.59 -37.07 10.42
N VAL A 196 59.27 -36.90 10.43
CA VAL A 196 58.55 -36.39 9.26
C VAL A 196 58.23 -34.91 9.39
N GLU A 197 58.86 -34.22 10.33
CA GLU A 197 58.57 -32.79 10.59
C GLU A 197 58.94 -31.94 9.37
N ARG A 198 60.04 -32.23 8.68
CA ARG A 198 60.44 -31.47 7.50
C ARG A 198 59.44 -31.68 6.37
N LEU A 199 59.02 -32.93 6.15
CA LEU A 199 58.06 -33.21 5.07
C LEU A 199 56.76 -32.48 5.30
N ILE A 200 56.29 -32.43 6.55
CA ILE A 200 55.10 -31.66 6.87
C ILE A 200 55.33 -30.18 6.55
N GLN A 201 56.52 -29.67 6.88
CA GLN A 201 56.81 -28.26 6.64
C GLN A 201 56.76 -27.93 5.15
N GLN A 202 57.34 -28.79 4.31
CA GLN A 202 57.33 -28.53 2.87
C GLN A 202 55.94 -28.68 2.26
N GLY A 203 55.12 -29.56 2.79
CA GLY A 203 53.78 -29.79 2.27
C GLY A 203 53.53 -31.16 1.68
N TYR A 204 54.52 -32.07 1.77
CA TYR A 204 54.32 -33.42 1.24
C TYR A 204 53.42 -34.25 2.15
N LEU A 205 53.25 -33.84 3.39
CA LEU A 205 52.48 -34.60 4.37
C LEU A 205 51.55 -33.66 5.14
N GLN A 206 50.50 -34.25 5.70
CA GLN A 206 49.55 -33.53 6.53
C GLN A 206 49.29 -34.34 7.78
N LYS A 207 49.00 -33.66 8.88
CA LYS A 207 48.73 -34.30 10.16
C LYS A 207 47.23 -34.47 10.32
N ILE A 208 46.77 -35.73 10.26
CA ILE A 208 45.36 -36.02 10.33
C ILE A 208 45.14 -37.52 10.50
N MET B 1 61.08 -11.94 11.57
CA MET B 1 62.53 -12.32 11.68
C MET B 1 62.66 -13.73 12.22
N SER B 2 63.63 -13.96 13.11
CA SER B 2 63.85 -15.29 13.65
C SER B 2 62.65 -15.78 14.44
N LEU B 3 61.92 -14.87 15.09
CA LEU B 3 60.83 -15.25 15.96
C LEU B 3 59.52 -14.66 15.42
N PRO B 4 58.47 -15.48 15.23
CA PRO B 4 57.21 -14.94 14.73
C PRO B 4 56.68 -13.84 15.63
N ALA B 5 55.75 -13.05 15.06
CA ALA B 5 55.20 -11.90 15.78
C ALA B 5 54.24 -12.30 16.88
N HIS B 6 53.64 -13.48 16.81
CA HIS B 6 52.69 -13.93 17.82
C HIS B 6 53.37 -14.61 19.00
N LEU B 7 54.67 -14.90 18.90
CA LEU B 7 55.45 -15.45 20.01
C LEU B 7 56.32 -14.40 20.68
N GLN B 8 56.18 -13.13 20.29
CA GLN B 8 56.99 -12.06 20.86
C GLN B 8 56.31 -11.49 22.08
N GLN B 9 57.03 -11.42 23.19
CA GLN B 9 56.64 -10.86 24.48
C GLN B 9 55.72 -11.79 25.25
N THR B 10 55.24 -12.89 24.68
CA THR B 10 54.30 -13.77 25.37
C THR B 10 54.59 -15.21 24.97
N PHE B 11 53.93 -16.13 25.68
CA PHE B 11 53.99 -17.55 25.39
C PHE B 11 52.70 -18.00 24.71
N SER B 12 52.81 -19.04 23.92
CA SER B 12 51.63 -19.66 23.33
C SER B 12 51.08 -20.73 24.25
N PRO B 13 49.80 -21.09 24.11
CA PRO B 13 49.24 -22.12 24.99
C PRO B 13 50.04 -23.43 24.98
N GLU B 14 50.58 -23.81 23.83
CA GLU B 14 51.41 -24.99 23.77
C GLU B 14 52.69 -24.83 24.57
N GLU B 15 53.26 -23.61 24.60
CA GLU B 15 54.41 -23.36 25.46
C GLU B 15 54.05 -23.53 26.93
N ILE B 16 52.88 -23.05 27.33
CA ILE B 16 52.44 -23.20 28.71
C ILE B 16 52.24 -24.67 29.04
N GLN B 17 51.66 -25.43 28.11
CA GLN B 17 51.53 -26.88 28.34
C GLN B 17 52.91 -27.53 28.47
N PHE B 18 53.86 -27.11 27.63
CA PHE B 18 55.21 -27.65 27.74
C PHE B 18 55.80 -27.37 29.10
N ILE B 19 55.63 -26.15 29.60
CA ILE B 19 56.15 -25.81 30.92
C ILE B 19 55.48 -26.65 31.99
N VAL B 20 54.15 -26.81 31.89
CA VAL B 20 53.41 -27.54 32.93
C VAL B 20 53.83 -29.00 32.97
N GLU B 21 54.12 -29.57 31.80
CA GLU B 21 54.41 -31.00 31.74
C GLU B 21 55.77 -31.37 32.33
N ASN B 22 56.50 -30.49 33.00
CA ASN B 22 57.74 -30.84 33.68
C ASN B 22 57.57 -30.98 35.18
N GLU B 23 56.39 -30.71 35.72
CA GLU B 23 56.19 -30.85 37.15
C GLU B 23 55.97 -32.31 37.52
N PRO B 24 56.39 -32.73 38.70
CA PRO B 24 56.20 -34.13 39.10
C PRO B 24 54.74 -34.47 39.33
N ILE B 25 54.43 -35.75 39.13
CA ILE B 25 53.11 -36.29 39.43
C ILE B 25 53.28 -37.68 40.04
N LYS B 26 52.25 -38.15 40.73
CA LYS B 26 52.26 -39.46 41.35
C LYS B 26 51.62 -40.49 40.43
N ILE B 27 52.26 -41.64 40.30
CA ILE B 27 51.78 -42.71 39.43
C ILE B 27 51.85 -44.04 40.18
N PHE B 28 51.06 -45.00 39.71
CA PHE B 28 51.08 -46.36 40.22
C PHE B 28 51.63 -47.26 39.12
N PRO B 29 52.89 -47.66 39.17
CA PRO B 29 53.44 -48.48 38.09
C PRO B 29 52.68 -49.79 37.94
N ARG B 30 52.45 -50.18 36.69
CA ARG B 30 51.91 -51.50 36.37
C ARG B 30 53.00 -52.50 36.02
N ILE B 31 54.27 -52.09 36.10
CA ILE B 31 55.41 -52.94 35.84
C ILE B 31 56.41 -52.77 36.97
N THR B 32 57.35 -53.70 37.05
CA THR B 32 58.38 -53.72 38.10
C THR B 32 59.75 -53.59 37.44
N THR B 33 60.19 -52.35 37.25
CA THR B 33 61.50 -52.11 36.67
C THR B 33 62.62 -52.36 37.67
N ARG B 34 62.33 -52.21 38.96
CA ARG B 34 63.36 -52.41 39.99
C ARG B 34 63.91 -53.82 39.91
N GLN B 35 65.23 -53.94 40.11
CA GLN B 35 65.93 -55.20 40.01
C GLN B 35 66.37 -55.64 41.40
N LYS B 36 65.99 -56.85 41.79
CA LYS B 36 66.34 -57.40 43.09
C LYS B 36 67.03 -58.75 42.95
N THR B 48 67.13 -52.84 29.83
CA THR B 48 68.17 -51.87 30.16
C THR B 48 67.71 -50.98 31.31
N ARG B 49 68.30 -49.79 31.41
CA ARG B 49 68.08 -48.84 32.51
C ARG B 49 67.77 -47.46 31.91
N TRP B 50 66.84 -46.69 32.48
CA TRP B 50 66.64 -45.31 32.06
C TRP B 50 67.92 -44.51 32.25
N GLN B 51 68.19 -43.62 31.29
CA GLN B 51 69.32 -42.69 31.38
C GLN B 51 68.85 -41.35 30.85
N LEU B 52 68.40 -40.48 31.75
CA LEU B 52 67.92 -39.16 31.40
C LEU B 52 68.94 -38.10 31.82
N ILE B 53 68.76 -36.89 31.30
CA ILE B 53 69.68 -35.79 31.56
C ILE B 53 68.93 -34.53 31.98
N THR B 54 67.63 -34.49 31.75
CA THR B 54 66.82 -33.32 32.10
C THR B 54 66.12 -33.47 33.45
N THR B 55 65.87 -34.69 33.88
CA THR B 55 65.25 -34.95 35.19
C THR B 55 66.02 -36.06 35.90
N ASP B 56 65.46 -36.51 37.02
CA ASP B 56 66.03 -37.60 37.78
C ASP B 56 65.49 -38.93 37.27
N ASP B 57 66.36 -39.94 37.26
CA ASP B 57 66.03 -41.25 36.73
C ASP B 57 66.00 -42.35 37.79
N LYS B 58 66.31 -42.02 39.04
CA LYS B 58 66.32 -43.04 40.09
C LYS B 58 64.93 -43.62 40.29
N ALA B 59 63.90 -42.76 40.26
CA ALA B 59 62.54 -43.24 40.49
C ALA B 59 62.14 -44.26 39.44
N LEU B 60 62.43 -43.98 38.17
CA LEU B 60 62.04 -44.91 37.11
C LEU B 60 62.80 -46.22 37.22
N ASN B 61 64.09 -46.16 37.55
CA ASN B 61 64.86 -47.39 37.69
C ASN B 61 64.38 -48.21 38.89
N ASN B 62 63.74 -47.56 39.86
CA ASN B 62 63.18 -48.24 41.02
C ASN B 62 61.67 -48.10 40.98
N MET B 63 61.01 -49.02 40.27
CA MET B 63 59.53 -49.07 40.24
C MET B 63 59.12 -50.42 40.78
N VAL B 64 57.97 -50.55 41.41
CA VAL B 64 57.45 -51.87 41.85
C VAL B 64 55.96 -51.81 41.64
N ALA B 65 55.35 -52.87 41.18
CA ALA B 65 53.93 -52.89 40.86
C ALA B 65 53.10 -52.37 42.03
N MET B 66 52.15 -51.49 41.72
CA MET B 66 51.20 -50.98 42.71
C MET B 66 51.92 -50.37 43.91
N ARG B 67 52.90 -49.50 43.62
CA ARG B 67 53.62 -48.78 44.66
C ARG B 67 53.75 -47.33 44.23
N SER B 68 53.22 -46.41 45.03
CA SER B 68 53.22 -45.00 44.67
C SER B 68 54.64 -44.50 44.44
N THR B 69 54.81 -43.72 43.38
CA THR B 69 56.10 -43.13 43.07
C THR B 69 55.87 -41.87 42.25
N GLU B 70 56.91 -41.04 42.15
CA GLU B 70 56.83 -39.73 41.52
C GLU B 70 57.76 -39.69 40.32
N VAL B 71 57.23 -39.21 39.18
CA VAL B 71 57.99 -39.05 37.96
C VAL B 71 57.52 -37.76 37.27
N VAL B 72 58.20 -37.39 36.19
CA VAL B 72 57.80 -36.19 35.45
C VAL B 72 56.47 -36.45 34.75
N LEU B 73 55.73 -35.37 34.52
CA LEU B 73 54.38 -35.53 33.98
C LEU B 73 54.40 -36.11 32.58
N TRP B 74 55.35 -35.67 31.74
CA TRP B 74 55.35 -36.17 30.37
C TRP B 74 55.73 -37.64 30.30
N ILE B 75 56.67 -38.08 31.14
CA ILE B 75 56.97 -39.51 31.21
C ILE B 75 55.75 -40.28 31.70
N ALA B 76 55.03 -39.71 32.67
CA ALA B 76 53.83 -40.39 33.17
C ALA B 76 52.78 -40.52 32.09
N LEU B 77 52.58 -39.47 31.29
CA LEU B 77 51.64 -39.54 30.18
C LEU B 77 52.08 -40.58 29.16
N LEU B 78 53.37 -40.63 28.85
CA LEU B 78 53.88 -41.62 27.91
C LEU B 78 53.62 -43.03 28.42
N LEU B 79 53.87 -43.27 29.72
CA LEU B 79 53.59 -44.59 30.28
C LEU B 79 52.10 -44.91 30.26
N LYS B 80 51.26 -43.92 30.58
CA LYS B 80 49.82 -44.16 30.58
C LYS B 80 49.33 -44.52 29.19
N GLN B 81 49.93 -43.92 28.16
CA GLN B 81 49.55 -44.27 26.80
C GLN B 81 49.72 -45.75 26.52
N GLN B 82 50.64 -46.40 27.24
CA GLN B 82 50.91 -47.82 27.07
C GLN B 82 50.15 -48.71 28.05
N SER B 83 49.26 -48.13 28.85
CA SER B 83 48.55 -48.89 29.88
C SER B 83 49.52 -49.60 30.81
N LYS B 84 50.62 -48.91 31.15
CA LYS B 84 51.62 -49.43 32.06
C LYS B 84 51.73 -48.60 33.33
N CYS B 85 50.79 -47.69 33.58
CA CYS B 85 50.78 -46.90 34.80
C CYS B 85 49.44 -46.19 34.89
N SER B 86 48.96 -46.01 36.12
CA SER B 86 47.71 -45.30 36.38
C SER B 86 48.04 -44.02 37.16
N ILE B 87 47.80 -42.87 36.53
CA ILE B 87 48.10 -41.60 37.17
C ILE B 87 47.18 -41.41 38.36
N VAL B 88 47.75 -41.00 39.49
CA VAL B 88 46.98 -40.67 40.68
C VAL B 88 46.67 -39.18 40.64
N ALA B 89 45.39 -38.84 40.51
CA ALA B 89 45.02 -37.44 40.33
C ALA B 89 45.36 -36.65 41.58
N PRO B 90 45.73 -35.37 41.43
CA PRO B 90 46.07 -34.56 42.60
C PRO B 90 44.91 -34.50 43.59
N GLN B 91 45.24 -34.11 44.83
CA GLN B 91 44.22 -34.03 45.87
C GLN B 91 43.31 -32.84 45.69
N TRP B 92 43.78 -31.77 45.05
CA TRP B 92 42.94 -30.61 44.82
C TRP B 92 41.90 -30.85 43.74
N LEU B 93 41.96 -31.97 43.02
CA LEU B 93 41.08 -32.26 41.90
C LEU B 93 40.03 -33.30 42.26
N THR B 94 39.54 -33.26 43.49
CA THR B 94 38.39 -34.04 43.91
C THR B 94 37.17 -33.13 43.99
N THR B 95 35.99 -33.75 44.04
CA THR B 95 34.76 -32.96 44.10
C THR B 95 34.75 -32.07 45.34
N LYS B 96 35.00 -32.66 46.51
CA LYS B 96 34.87 -31.91 47.76
C LYS B 96 35.81 -30.71 47.80
N GLU B 97 37.05 -30.90 47.38
CA GLU B 97 38.00 -29.80 47.39
C GLU B 97 37.56 -28.67 46.48
N LEU B 98 37.01 -29.02 45.32
CA LEU B 98 36.50 -27.98 44.42
C LEU B 98 35.28 -27.27 45.00
N ASP B 99 34.40 -27.98 45.70
CA ASP B 99 33.31 -27.29 46.39
C ASP B 99 33.86 -26.31 47.42
N ARG B 100 34.86 -26.73 48.19
CA ARG B 100 35.43 -25.84 49.19
C ARG B 100 36.04 -24.61 48.53
N LYS B 101 36.77 -24.80 47.42
CA LYS B 101 37.37 -23.66 46.74
C LYS B 101 36.29 -22.73 46.18
N ILE B 102 35.21 -23.29 45.64
CA ILE B 102 34.12 -22.46 45.14
C ILE B 102 33.53 -21.62 46.27
N GLN B 103 33.32 -22.25 47.43
CA GLN B 103 32.79 -21.52 48.57
C GLN B 103 33.74 -20.41 48.99
N TYR B 104 35.03 -20.70 49.06
CA TYR B 104 36.01 -19.69 49.42
C TYR B 104 35.97 -18.52 48.45
N GLU B 105 35.87 -18.81 47.15
CA GLU B 105 35.74 -17.73 46.17
C GLU B 105 34.48 -16.91 46.41
N LYS B 106 33.37 -17.58 46.69
CA LYS B 106 32.10 -16.87 46.86
C LYS B 106 32.13 -15.94 48.08
N THR B 107 32.74 -16.39 49.18
CA THR B 107 32.70 -15.60 50.40
C THR B 107 33.73 -14.48 50.44
N HIS B 108 34.68 -14.45 49.51
CA HIS B 108 35.76 -13.45 49.50
C HIS B 108 35.77 -12.77 48.14
N PRO B 109 34.90 -11.77 47.93
CA PRO B 109 34.80 -11.15 46.62
C PRO B 109 36.07 -10.44 46.15
N ASP B 110 36.99 -10.15 47.08
CA ASP B 110 38.15 -9.32 46.78
C ASP B 110 39.45 -10.09 46.65
N ARG B 111 39.41 -11.42 46.59
CA ARG B 111 40.62 -12.21 46.51
C ARG B 111 40.38 -13.47 45.70
N PHE B 112 41.47 -14.06 45.21
CA PHE B 112 41.43 -15.30 44.45
C PHE B 112 41.74 -16.47 45.37
N SER B 113 41.17 -17.63 45.05
CA SER B 113 41.40 -18.82 45.86
C SER B 113 42.81 -19.34 45.66
N GLU B 114 43.22 -20.23 46.55
CA GLU B 114 44.58 -20.77 46.53
C GLU B 114 44.69 -22.05 45.71
N LEU B 115 44.21 -21.99 44.47
CA LEU B 115 44.39 -23.11 43.56
C LEU B 115 45.84 -23.14 43.07
N PRO B 116 46.32 -24.30 42.61
CA PRO B 116 47.68 -24.36 42.09
C PRO B 116 47.83 -23.45 40.87
N TRP B 117 49.07 -23.13 40.55
CA TRP B 117 49.37 -22.26 39.41
C TRP B 117 49.23 -22.97 38.08
N ASN B 118 48.77 -24.23 38.08
CA ASN B 118 48.61 -24.99 36.85
C ASN B 118 47.31 -25.79 36.86
N TRP B 119 46.28 -25.29 37.55
CA TRP B 119 45.07 -26.07 37.72
C TRP B 119 44.31 -26.24 36.41
N LEU B 120 44.19 -25.17 35.62
CA LEU B 120 43.45 -25.27 34.37
C LEU B 120 44.15 -26.20 33.38
N VAL B 121 45.46 -26.00 33.17
CA VAL B 121 46.20 -26.78 32.20
C VAL B 121 46.21 -28.26 32.61
N LEU B 122 46.50 -28.53 33.87
CA LEU B 122 46.54 -29.91 34.34
C LEU B 122 45.16 -30.55 34.26
N ALA B 123 44.11 -29.80 34.59
CA ALA B 123 42.76 -30.33 34.47
C ALA B 123 42.48 -30.75 33.03
N ARG B 124 42.79 -29.88 32.07
CA ARG B 124 42.56 -30.15 30.62
C ARG B 124 43.36 -31.38 30.20
N ILE B 125 44.62 -31.48 30.62
CA ILE B 125 45.47 -32.60 30.21
C ILE B 125 44.93 -33.91 30.77
N LEU B 126 44.61 -33.92 32.07
CA LEU B 126 44.21 -35.17 32.70
C LEU B 126 42.82 -35.61 32.23
N PHE B 127 41.90 -34.67 32.01
CA PHE B 127 40.61 -35.04 31.46
C PHE B 127 40.76 -35.64 30.07
N ASN B 128 41.63 -35.05 29.24
CA ASN B 128 41.82 -35.58 27.89
C ASN B 128 42.45 -36.98 27.94
N LYS B 129 43.47 -37.16 28.77
CA LYS B 129 44.31 -38.35 28.71
C LYS B 129 43.91 -39.45 29.68
N ALA B 130 43.74 -39.13 30.96
CA ALA B 130 43.44 -40.13 31.99
C ALA B 130 42.00 -39.93 32.44
N LYS B 131 41.06 -40.56 31.73
CA LYS B 131 39.65 -40.46 32.07
C LYS B 131 39.20 -41.50 33.08
N ASP B 132 39.96 -42.59 33.23
CA ASP B 132 39.58 -43.69 34.13
C ASP B 132 40.43 -43.72 35.39
N ASP B 133 41.11 -42.62 35.71
CA ASP B 133 41.95 -42.54 36.89
C ASP B 133 41.40 -41.59 37.95
N PHE B 134 40.18 -41.10 37.79
CA PHE B 134 39.52 -40.27 38.78
C PHE B 134 38.53 -41.09 39.58
N HIS B 135 38.37 -40.72 40.85
CA HIS B 135 37.43 -41.38 41.75
C HIS B 135 36.08 -40.69 41.80
N ASP B 136 35.88 -39.63 41.02
CA ASP B 136 34.60 -38.94 40.92
C ASP B 136 34.14 -38.91 39.47
N PRO B 137 32.84 -38.80 39.21
CA PRO B 137 32.38 -38.69 37.83
C PRO B 137 33.02 -37.50 37.14
N ILE B 138 33.41 -37.70 35.88
CA ILE B 138 34.15 -36.66 35.16
C ILE B 138 33.26 -35.44 34.90
N HIS B 139 31.98 -35.67 34.62
CA HIS B 139 31.09 -34.55 34.35
C HIS B 139 30.98 -33.60 35.54
N GLU B 140 30.93 -34.14 36.75
CA GLU B 140 30.87 -33.29 37.94
C GLU B 140 32.12 -32.44 38.06
N LEU B 141 33.30 -33.02 37.85
CA LEU B 141 34.53 -32.26 37.93
C LEU B 141 34.60 -31.18 36.85
N ARG B 142 34.16 -31.50 35.64
CA ARG B 142 34.11 -30.49 34.59
C ARG B 142 33.20 -29.33 34.98
N GLY B 143 32.04 -29.65 35.54
CA GLY B 143 31.14 -28.59 35.98
C GLY B 143 31.76 -27.72 37.06
N LYS B 144 32.41 -28.35 38.03
CA LYS B 144 33.03 -27.59 39.11
C LYS B 144 34.12 -26.67 38.58
N ILE B 145 34.97 -27.18 37.68
CA ILE B 145 36.02 -26.36 37.12
C ILE B 145 35.44 -25.22 36.32
N GLN B 146 34.35 -25.46 35.58
CA GLN B 146 33.70 -24.39 34.83
C GLN B 146 33.21 -23.30 35.77
N ASP B 147 32.55 -23.70 36.87
CA ASP B 147 32.05 -22.73 37.83
C ASP B 147 33.19 -21.89 38.40
N LEU B 148 34.27 -22.55 38.80
CA LEU B 148 35.41 -21.83 39.36
C LEU B 148 35.97 -20.85 38.34
N ARG B 149 36.06 -21.27 37.08
CA ARG B 149 36.55 -20.39 36.03
C ARG B 149 35.65 -19.17 35.88
N GLU B 150 34.34 -19.36 35.93
CA GLU B 150 33.44 -18.20 35.79
C GLU B 150 33.62 -17.23 36.96
N ILE B 151 33.73 -17.74 38.18
CA ILE B 151 33.89 -16.84 39.33
C ILE B 151 35.19 -16.05 39.19
N ARG B 152 36.28 -16.74 38.85
CA ARG B 152 37.55 -16.03 38.70
C ARG B 152 37.50 -15.03 37.56
N GLN B 153 36.75 -15.33 36.49
CA GLN B 153 36.61 -14.37 35.40
C GLN B 153 35.87 -13.12 35.86
N ILE B 154 34.82 -13.28 36.67
CA ILE B 154 34.14 -12.10 37.22
C ILE B 154 35.12 -11.28 38.04
N LYS B 155 35.91 -11.94 38.89
CA LYS B 155 36.85 -11.20 39.72
C LYS B 155 37.89 -10.47 38.89
N VAL B 156 38.39 -11.11 37.83
CA VAL B 156 39.37 -10.46 36.97
C VAL B 156 38.76 -9.24 36.29
N LEU B 157 37.53 -9.37 35.79
CA LEU B 157 36.87 -8.23 35.16
C LEU B 157 36.74 -7.08 36.13
N LYS B 158 36.35 -7.37 37.37
CA LYS B 158 36.22 -6.29 38.36
C LYS B 158 37.58 -5.68 38.68
N GLY B 159 38.62 -6.50 38.78
CA GLY B 159 39.94 -6.01 39.13
C GLY B 159 40.66 -5.25 38.04
N LEU B 160 40.25 -5.42 36.79
CA LEU B 160 40.89 -4.69 35.70
C LEU B 160 40.62 -3.19 35.75
N LYS B 161 39.70 -2.73 36.59
CA LYS B 161 39.40 -1.31 36.68
C LYS B 161 40.41 -0.51 37.49
N TYR B 162 41.49 -1.15 37.95
CA TYR B 162 42.49 -0.49 38.78
C TYR B 162 43.87 -0.49 38.12
N LEU B 163 43.91 -0.53 36.79
CA LEU B 163 45.16 -0.35 36.08
C LEU B 163 45.65 1.07 36.26
N ASN B 164 46.98 1.23 36.39
CA ASN B 164 47.55 2.52 36.70
C ASN B 164 49.00 2.54 36.27
N GLU B 165 49.61 3.72 36.32
CA GLU B 165 51.00 3.91 35.95
C GLU B 165 51.97 3.35 36.98
N SER B 166 51.49 2.87 38.12
CA SER B 166 52.32 2.24 39.13
C SER B 166 52.16 0.71 39.02
N HIS B 167 52.70 0.00 40.02
CA HIS B 167 52.59 -1.44 40.07
C HIS B 167 51.12 -1.87 40.13
N LEU B 168 50.91 -3.17 39.95
CA LEU B 168 49.62 -3.79 40.19
C LEU B 168 49.87 -5.20 40.72
N GLN B 169 48.95 -5.68 41.55
CA GLN B 169 49.09 -6.98 42.20
C GLN B 169 47.89 -7.86 41.85
N LEU B 170 48.17 -9.06 41.35
CA LEU B 170 47.17 -10.08 41.08
C LEU B 170 47.67 -11.38 41.71
N ASP B 171 47.37 -11.56 43.00
CA ASP B 171 47.86 -12.73 43.72
C ASP B 171 46.99 -13.95 43.40
N ASN B 172 47.64 -15.11 43.43
CA ASN B 172 46.99 -16.41 43.25
C ASN B 172 46.36 -16.57 41.88
N LEU B 173 46.65 -15.68 40.93
CA LEU B 173 46.17 -15.86 39.57
C LEU B 173 47.04 -16.90 38.85
N SER B 174 46.40 -17.84 38.17
CA SER B 174 47.09 -18.99 37.61
C SER B 174 47.85 -18.59 36.34
N LEU B 175 48.59 -19.56 35.79
CA LEU B 175 49.46 -19.27 34.66
C LEU B 175 48.66 -19.02 33.38
N LEU B 176 47.65 -19.85 33.11
CA LEU B 176 46.89 -19.69 31.87
C LEU B 176 46.12 -18.38 31.85
N GLU B 177 45.53 -17.98 32.99
CA GLU B 177 44.82 -16.71 33.05
C GLU B 177 45.77 -15.54 32.83
N ILE B 178 46.95 -15.59 33.46
CA ILE B 178 47.92 -14.53 33.25
C ILE B 178 48.35 -14.48 31.80
N ASN B 179 48.52 -15.64 31.16
CA ASN B 179 48.87 -15.65 29.74
C ASN B 179 47.76 -15.03 28.90
N GLU B 180 46.52 -15.34 29.21
CA GLU B 180 45.39 -14.73 28.51
C GLU B 180 45.46 -13.21 28.61
N LEU B 181 45.69 -12.69 29.82
CA LEU B 181 45.56 -11.27 30.07
C LEU B 181 46.84 -10.47 29.84
N ARG B 182 47.96 -11.12 29.59
CA ARG B 182 49.23 -10.41 29.52
C ARG B 182 49.23 -9.27 28.50
N PRO B 183 48.78 -9.46 27.25
CA PRO B 183 48.85 -8.34 26.29
C PRO B 183 48.03 -7.14 26.73
N PHE B 184 46.74 -7.34 27.02
CA PHE B 184 45.90 -6.22 27.38
C PHE B 184 46.47 -5.45 28.56
N ILE B 185 46.78 -6.16 29.65
CA ILE B 185 47.26 -5.50 30.86
C ILE B 185 48.55 -4.74 30.56
N THR B 186 49.52 -5.42 29.94
CA THR B 186 50.83 -4.81 29.76
C THR B 186 50.74 -3.60 28.85
N GLU B 187 50.04 -3.70 27.72
CA GLU B 187 49.97 -2.58 26.80
C GLU B 187 49.21 -1.40 27.39
N ILE B 188 48.08 -1.65 28.06
CA ILE B 188 47.32 -0.55 28.62
C ILE B 188 48.12 0.17 29.69
N MET B 189 48.76 -0.59 30.59
CA MET B 189 49.58 0.04 31.61
C MET B 189 50.79 0.74 31.02
N ASP B 190 51.36 0.23 29.93
CA ASP B 190 52.46 0.92 29.27
C ASP B 190 52.02 2.26 28.70
N LYS B 191 50.85 2.30 28.08
CA LYS B 191 50.34 3.57 27.57
C LYS B 191 50.07 4.56 28.70
N LEU B 192 49.50 4.07 29.80
CA LEU B 192 49.27 4.95 30.95
C LEU B 192 50.59 5.51 31.47
N ARG B 193 51.61 4.66 31.59
CA ARG B 193 52.91 5.14 32.04
C ARG B 193 53.49 6.15 31.08
N GLU B 194 53.35 5.90 29.77
CA GLU B 194 53.89 6.85 28.79
C GLU B 194 53.22 8.22 28.94
N ILE B 195 51.90 8.24 29.09
CA ILE B 195 51.20 9.51 29.26
C ILE B 195 51.69 10.20 30.53
N HIS B 196 51.74 9.46 31.64
CA HIS B 196 52.16 10.08 32.90
C HIS B 196 53.57 10.64 32.78
N THR B 197 54.51 9.87 32.23
CA THR B 197 55.88 10.33 32.11
C THR B 197 55.97 11.56 31.21
N ALA B 198 55.21 11.57 30.11
CA ALA B 198 55.17 12.76 29.27
C ALA B 198 54.68 13.97 30.06
N SER B 199 53.78 13.73 31.03
CA SER B 199 53.25 14.84 31.81
C SER B 199 54.36 15.61 32.51
N LEU B 200 55.27 14.91 33.19
CA LEU B 200 56.36 15.58 33.89
C LEU B 200 57.34 16.21 32.92
N GLY C 25 59.37 5.15 17.86
CA GLY C 25 60.42 4.44 17.08
C GLY C 25 60.74 5.12 15.77
N TYR C 26 61.98 4.98 15.32
CA TYR C 26 62.36 5.56 14.03
C TYR C 26 61.74 4.78 12.87
N TYR C 27 61.72 3.46 12.97
CA TYR C 27 61.24 2.60 11.90
C TYR C 27 59.78 2.17 12.11
N ASP C 28 59.10 2.74 13.10
CA ASP C 28 57.71 2.37 13.35
C ASP C 28 56.80 3.13 12.38
N ILE C 29 56.08 2.39 11.56
CA ILE C 29 55.29 3.01 10.50
C ILE C 29 54.22 3.92 11.08
N ASP C 30 53.55 3.46 12.14
CA ASP C 30 52.48 4.27 12.74
C ASP C 30 53.02 5.60 13.23
N ASP C 31 54.19 5.61 13.84
CA ASP C 31 54.79 6.87 14.28
C ASP C 31 55.13 7.78 13.11
N VAL C 32 55.64 7.21 12.01
CA VAL C 32 55.95 8.03 10.84
C VAL C 32 54.69 8.67 10.30
N LEU C 33 53.59 7.91 10.24
CA LEU C 33 52.33 8.49 9.80
C LEU C 33 51.84 9.56 10.75
N ALA C 34 51.95 9.32 12.06
CA ALA C 34 51.48 10.28 13.04
C ALA C 34 52.22 11.59 12.94
N ASP C 35 53.54 11.53 12.74
CA ASP C 35 54.33 12.75 12.61
C ASP C 35 54.00 13.55 11.35
N GLY C 36 53.11 13.05 10.50
CA GLY C 36 52.76 13.72 9.26
C GLY C 36 51.48 14.51 9.28
N THR C 37 50.78 14.56 10.41
CA THR C 37 49.55 15.34 10.48
C THR C 37 49.87 16.83 10.50
N GLU C 38 48.89 17.64 10.11
CA GLU C 38 49.06 19.08 9.98
C GLU C 38 48.56 19.78 11.24
N PHE C 39 49.36 20.70 11.76
CA PHE C 39 49.01 21.48 12.93
C PHE C 39 49.02 22.97 12.59
N PRO C 40 48.08 23.75 13.12
CA PRO C 40 48.09 25.19 12.83
C PRO C 40 49.35 25.85 13.37
N CYS C 41 49.80 26.89 12.67
CA CYS C 41 50.99 27.62 13.06
C CYS C 41 50.85 29.07 12.62
N LYS C 42 51.68 29.93 13.20
CA LYS C 42 51.72 31.34 12.84
C LYS C 42 53.17 31.80 12.82
N PHE C 43 53.64 32.21 11.65
CA PHE C 43 55.01 32.70 11.53
C PHE C 43 55.17 34.05 12.23
N GLN C 44 56.39 34.34 12.64
CA GLN C 44 56.69 35.52 13.43
C GLN C 44 57.80 36.38 12.84
N TYR C 45 58.33 36.02 11.67
CA TYR C 45 59.37 36.79 11.02
C TYR C 45 58.97 37.09 9.58
N ASP C 46 59.88 37.67 8.80
CA ASP C 46 59.66 37.96 7.39
C ASP C 46 60.72 37.20 6.60
N ILE C 47 60.35 36.07 6.02
CA ILE C 47 61.26 35.17 5.34
C ILE C 47 60.90 35.13 3.87
N PRO C 48 61.65 35.83 3.02
CA PRO C 48 61.45 35.68 1.57
C PRO C 48 61.88 34.30 1.09
N GLY C 49 61.27 33.87 -0.02
CA GLY C 49 61.59 32.59 -0.59
C GLY C 49 61.19 31.41 0.26
N LEU C 50 60.01 31.45 0.87
CA LEU C 50 59.44 30.34 1.61
C LEU C 50 57.99 30.11 1.22
N GLY C 51 57.65 30.47 -0.03
CA GLY C 51 56.27 30.37 -0.47
C GLY C 51 55.74 28.95 -0.49
N TYR C 52 56.60 27.98 -0.83
CA TYR C 52 56.12 26.62 -0.99
C TYR C 52 55.40 26.12 0.26
N LEU C 53 55.79 26.62 1.44
CA LEU C 53 55.01 26.33 2.64
C LEU C 53 53.56 26.78 2.44
N GLU C 54 53.37 28.00 1.98
CA GLU C 54 52.06 28.47 1.55
C GLU C 54 51.70 27.82 0.22
N ASN C 55 50.42 27.93 -0.16
CA ASN C 55 49.97 27.36 -1.42
C ASN C 55 50.82 27.86 -2.58
N ASN C 56 50.97 29.17 -2.69
CA ASN C 56 51.70 29.75 -3.83
C ASN C 56 53.20 29.50 -3.68
N PRO C 57 53.91 29.22 -4.77
CA PRO C 57 55.36 29.07 -4.70
C PRO C 57 56.09 30.37 -5.04
N GLY C 58 57.34 30.43 -4.58
CA GLY C 58 58.23 31.51 -4.98
C GLY C 58 57.77 32.90 -4.62
N ARG C 59 57.10 33.05 -3.47
CA ARG C 59 56.71 34.36 -2.97
C ARG C 59 57.14 34.49 -1.52
N PRO C 60 57.50 35.70 -1.08
CA PRO C 60 57.85 35.88 0.33
C PRO C 60 56.65 35.63 1.24
N ILE C 61 56.93 35.10 2.42
CA ILE C 61 55.90 34.78 3.40
C ILE C 61 55.97 35.85 4.50
N THR C 62 54.95 36.71 4.54
CA THR C 62 54.94 37.81 5.49
C THR C 62 54.63 37.30 6.88
N LYS C 63 54.99 38.12 7.88
CA LYS C 63 54.79 37.74 9.26
C LYS C 63 53.31 37.74 9.62
N ASN C 64 53.00 37.07 10.73
CA ASN C 64 51.63 36.85 11.21
C ASN C 64 50.79 36.02 10.26
N THR C 65 51.43 35.33 9.30
CA THR C 65 50.68 34.47 8.39
C THR C 65 50.27 33.18 9.10
N LYS C 66 49.05 32.74 8.83
CA LYS C 66 48.50 31.52 9.40
C LYS C 66 48.49 30.43 8.34
N LEU C 67 49.03 29.27 8.68
CA LEU C 67 49.11 28.16 7.74
C LEU C 67 49.32 26.87 8.52
N SER C 68 48.91 25.77 7.91
CA SER C 68 48.99 24.45 8.52
C SER C 68 50.24 23.73 8.01
N LEU C 69 51.14 23.38 8.92
CA LEU C 69 52.37 22.69 8.57
C LEU C 69 52.37 21.27 9.15
N PRO C 70 53.11 20.35 8.55
CA PRO C 70 53.24 19.02 9.15
C PRO C 70 53.96 19.08 10.49
N LEU C 71 53.65 18.11 11.35
CA LEU C 71 54.21 18.12 12.70
C LEU C 71 55.74 18.06 12.67
N TRP C 72 56.30 17.19 11.84
CA TRP C 72 57.75 17.02 11.82
C TRP C 72 58.46 18.32 11.47
N LEU C 73 57.77 19.24 10.79
CA LEU C 73 58.32 20.55 10.49
C LEU C 73 57.95 21.59 11.55
N ALA C 74 56.67 21.60 11.94
CA ALA C 74 56.17 22.62 12.86
C ALA C 74 56.87 22.54 14.21
N ARG C 75 57.07 21.32 14.72
CA ARG C 75 57.69 21.18 16.05
C ARG C 75 59.08 21.78 16.07
N ILE C 76 59.93 21.40 15.11
CA ILE C 76 61.30 21.88 15.09
C ILE C 76 61.34 23.38 14.81
N LEU C 77 60.42 23.87 13.97
CA LEU C 77 60.36 25.32 13.76
C LEU C 77 59.96 26.04 15.03
N ALA C 78 59.13 25.41 15.87
CA ALA C 78 58.66 26.05 17.09
C ALA C 78 59.72 26.07 18.18
N ILE C 79 60.55 25.03 18.27
CA ILE C 79 61.60 25.01 19.28
C ILE C 79 62.88 25.71 18.85
N VAL C 80 63.06 25.96 17.56
CA VAL C 80 64.29 26.57 17.06
C VAL C 80 63.97 27.93 16.46
N GLY C 81 64.94 28.83 16.50
CA GLY C 81 64.79 30.16 15.95
C GLY C 81 66.09 30.95 15.96
N PRO C 91 65.07 33.64 22.70
CA PRO C 91 64.50 34.60 21.77
C PRO C 91 63.25 34.07 21.07
N VAL C 92 62.70 34.85 20.15
CA VAL C 92 61.47 34.50 19.44
C VAL C 92 61.75 33.36 18.48
N PRO C 93 61.03 32.24 18.57
CA PRO C 93 61.19 31.19 17.54
C PRO C 93 60.63 31.62 16.20
N PHE C 94 60.69 30.73 15.20
CA PHE C 94 60.16 31.07 13.89
C PHE C 94 58.64 31.03 13.86
N VAL C 95 58.03 30.08 14.55
CA VAL C 95 56.58 29.91 14.54
C VAL C 95 56.08 29.69 15.97
N GLU C 96 54.78 29.92 16.15
CA GLU C 96 54.08 29.63 17.39
C GLU C 96 52.96 28.65 17.08
N LEU C 97 52.81 27.63 17.92
CA LEU C 97 51.80 26.61 17.71
C LEU C 97 50.47 27.08 18.29
N LEU C 98 49.44 27.13 17.47
CA LEU C 98 48.11 27.48 17.93
C LEU C 98 47.37 26.23 18.42
N PRO C 99 46.38 26.40 19.28
CA PRO C 99 45.65 25.24 19.81
C PRO C 99 44.98 24.46 18.70
N PRO C 100 45.32 23.18 18.54
CA PRO C 100 44.64 22.38 17.51
C PRO C 100 43.18 22.15 17.83
N ASP C 101 42.39 21.95 16.77
CA ASP C 101 40.98 21.67 16.91
C ASP C 101 40.70 20.29 17.51
N MET C 102 41.71 19.43 17.60
CA MET C 102 41.54 18.12 18.20
C MET C 102 41.70 18.13 19.72
N PHE C 103 42.17 19.25 20.28
CA PHE C 103 42.31 19.41 21.72
C PHE C 103 41.48 20.59 22.23
N SER C 104 40.44 20.98 21.49
CA SER C 104 39.64 22.13 21.86
C SER C 104 38.79 21.81 23.09
N THR C 105 38.11 22.84 23.60
CA THR C 105 37.26 22.66 24.77
C THR C 105 36.10 21.72 24.48
N LYS C 106 35.52 21.82 23.28
CA LYS C 106 34.41 20.95 22.92
C LYS C 106 34.83 19.48 23.00
N VAL C 107 36.01 19.16 22.46
CA VAL C 107 36.46 17.78 22.46
C VAL C 107 36.71 17.29 23.87
N MET C 108 37.28 18.13 24.73
CA MET C 108 37.54 17.73 26.11
C MET C 108 36.23 17.47 26.85
N ASN C 109 35.24 18.35 26.66
CA ASN C 109 33.95 18.13 27.30
C ASN C 109 33.30 16.85 26.79
N ALA C 110 33.38 16.59 25.49
CA ALA C 110 32.83 15.36 24.94
C ALA C 110 33.55 14.14 25.52
N ILE C 111 34.86 14.23 25.68
CA ILE C 111 35.61 13.13 26.27
C ILE C 111 35.16 12.87 27.70
N LYS C 112 34.99 13.94 28.49
CA LYS C 112 34.61 13.77 29.88
C LYS C 112 33.19 13.27 30.04
N THR C 113 32.27 13.68 29.17
CA THR C 113 30.87 13.29 29.33
C THR C 113 30.71 11.78 29.23
N ASP C 114 31.00 11.22 28.05
CA ASP C 114 30.87 9.78 27.82
C ASP C 114 32.04 9.32 26.96
N PRO C 115 33.11 8.80 27.57
CA PRO C 115 34.26 8.35 26.77
C PRO C 115 33.94 7.20 25.83
N VAL C 116 33.19 6.20 26.31
CA VAL C 116 32.98 4.99 25.51
C VAL C 116 32.22 5.30 24.24
N ALA C 117 31.17 6.12 24.33
CA ALA C 117 30.35 6.40 23.17
C ALA C 117 31.06 7.29 22.15
N LEU C 118 32.10 8.00 22.56
CA LEU C 118 32.75 8.94 21.66
C LEU C 118 33.37 8.22 20.47
N ASP C 119 33.38 8.90 19.32
CA ASP C 119 33.95 8.37 18.09
C ASP C 119 35.30 9.05 17.91
N LEU C 120 36.36 8.39 18.38
CA LEU C 120 37.69 8.97 18.32
C LEU C 120 38.27 8.94 16.91
N HIS C 121 37.97 7.91 16.13
CA HIS C 121 38.54 7.77 14.80
C HIS C 121 38.25 9.00 13.94
N SER C 122 37.07 9.61 14.13
CA SER C 122 36.72 10.75 13.30
C SER C 122 37.48 12.01 13.72
N ILE C 123 37.72 12.19 15.02
CA ILE C 123 38.48 13.36 15.46
C ILE C 123 39.89 13.32 14.89
N ASN C 124 40.56 12.18 15.05
CA ASN C 124 41.88 11.98 14.44
C ASN C 124 42.24 10.51 14.58
N SER C 125 42.81 9.94 13.52
CA SER C 125 43.10 8.51 13.51
C SER C 125 44.29 8.15 14.38
N HIS C 126 45.11 9.13 14.76
CA HIS C 126 46.27 8.93 15.62
C HIS C 126 46.16 9.78 16.87
N PHE C 127 44.98 9.79 17.48
CA PHE C 127 44.70 10.74 18.55
C PHE C 127 45.69 10.60 19.71
N PHE C 128 45.88 9.38 20.21
CA PHE C 128 46.67 9.21 21.41
C PHE C 128 48.14 9.55 21.19
N SER C 129 48.70 9.20 20.03
CA SER C 129 50.09 9.53 19.75
C SER C 129 50.30 11.04 19.69
N LEU C 130 49.44 11.75 18.96
CA LEU C 130 49.54 13.20 18.92
C LEU C 130 49.31 13.82 20.29
N ALA C 131 48.42 13.23 21.09
CA ALA C 131 48.18 13.75 22.43
C ALA C 131 49.42 13.62 23.30
N ILE C 132 50.08 12.46 23.25
CA ILE C 132 51.30 12.27 24.02
C ILE C 132 52.39 13.23 23.55
N LYS C 133 52.52 13.39 22.24
CA LYS C 133 53.51 14.33 21.73
C LYS C 133 53.22 15.75 22.18
N TRP C 134 51.95 16.16 22.16
CA TRP C 134 51.57 17.50 22.60
C TRP C 134 51.86 17.70 24.07
N ILE C 135 51.50 16.71 24.90
CA ILE C 135 51.77 16.81 26.33
C ILE C 135 53.26 16.96 26.57
N MET C 136 54.07 16.16 25.87
CA MET C 136 55.52 16.29 26.03
C MET C 136 56.00 17.66 25.61
N LEU C 137 55.47 18.18 24.49
CA LEU C 137 55.94 19.46 23.97
C LEU C 137 55.63 20.60 24.94
N PHE C 138 54.42 20.62 25.51
CA PHE C 138 54.01 21.71 26.37
C PHE C 138 53.92 21.34 27.85
N SER C 139 54.02 20.06 28.19
CA SER C 139 53.99 19.60 29.59
C SER C 139 52.80 20.21 30.33
N GLU C 140 51.61 19.92 29.82
CA GLU C 140 50.36 20.32 30.46
C GLU C 140 49.69 19.08 31.05
N LYS C 141 49.28 19.18 32.31
CA LYS C 141 48.80 18.03 33.06
C LYS C 141 47.29 17.85 33.02
N GLU C 142 46.53 18.92 32.76
CA GLU C 142 45.09 18.76 32.58
C GLU C 142 44.80 17.79 31.44
N LEU C 143 45.43 18.02 30.29
CA LEU C 143 45.27 17.10 29.16
C LEU C 143 45.76 15.71 29.52
N ALA C 144 46.84 15.61 30.29
CA ALA C 144 47.35 14.29 30.67
C ALA C 144 46.31 13.51 31.45
N ASN C 145 45.71 14.13 32.47
CA ASN C 145 44.70 13.44 33.25
C ASN C 145 43.47 13.11 32.42
N VAL C 146 43.02 14.04 31.58
CA VAL C 146 41.85 13.79 30.75
C VAL C 146 42.11 12.58 29.85
N VAL C 147 43.28 12.55 29.19
CA VAL C 147 43.59 11.49 28.26
C VAL C 147 43.73 10.16 28.99
N SER C 148 44.36 10.17 30.17
CA SER C 148 44.50 8.93 30.93
C SER C 148 43.13 8.35 31.30
N GLU C 149 42.23 9.20 31.80
CA GLU C 149 40.91 8.70 32.16
C GLU C 149 40.16 8.17 30.95
N LEU C 150 40.23 8.90 29.82
CA LEU C 150 39.61 8.44 28.60
C LEU C 150 40.14 7.07 28.21
N LEU C 151 41.46 6.90 28.24
CA LEU C 151 42.07 5.65 27.81
C LEU C 151 41.64 4.50 28.71
N LEU C 152 41.62 4.71 30.03
CA LEU C 152 41.21 3.64 30.92
C LEU C 152 39.76 3.24 30.68
N GLN C 153 38.85 4.22 30.63
CA GLN C 153 37.45 3.91 30.45
C GLN C 153 37.20 3.21 29.11
N ARG C 154 37.87 3.67 28.05
CA ARG C 154 37.73 3.01 26.76
C ARG C 154 38.28 1.60 26.79
N ALA C 155 39.41 1.40 27.46
CA ALA C 155 40.02 0.07 27.50
C ALA C 155 39.12 -0.93 28.20
N GLN C 156 38.33 -0.49 29.18
CA GLN C 156 37.38 -1.41 29.79
C GLN C 156 36.48 -2.06 28.73
N GLU C 157 35.83 -1.23 27.90
CA GLU C 157 34.96 -1.76 26.86
C GLU C 157 35.75 -2.51 25.79
N LEU C 158 36.97 -2.05 25.51
CA LEU C 158 37.82 -2.75 24.55
C LEU C 158 38.04 -4.19 24.98
N ASN C 159 38.39 -4.41 26.25
CA ASN C 159 38.54 -5.77 26.75
C ASN C 159 37.21 -6.50 26.79
N HIS C 160 36.11 -5.83 27.12
CA HIS C 160 34.81 -6.48 27.07
C HIS C 160 34.55 -7.08 25.69
N HIS C 161 34.85 -6.33 24.63
CA HIS C 161 34.61 -6.84 23.28
C HIS C 161 35.62 -7.90 22.89
N ALA C 162 36.90 -7.69 23.21
CA ALA C 162 37.91 -8.66 22.83
C ALA C 162 37.68 -10.01 23.51
N SER C 163 37.11 -10.00 24.71
CA SER C 163 36.88 -11.25 25.43
C SER C 163 35.68 -12.02 24.90
N SER C 164 34.83 -11.38 24.09
CA SER C 164 33.62 -12.02 23.59
C SER C 164 33.94 -12.80 22.33
N LEU C 165 33.80 -14.12 22.39
CA LEU C 165 34.10 -15.00 21.27
C LEU C 165 32.81 -15.68 20.81
N SER C 166 32.59 -15.68 19.50
CA SER C 166 31.36 -16.23 18.94
C SER C 166 31.34 -17.76 19.05
N ILE C 167 30.16 -18.33 18.85
CA ILE C 167 29.95 -19.76 18.90
C ILE C 167 28.96 -20.14 17.80
N ASP C 168 29.12 -21.34 17.26
CA ASP C 168 28.28 -21.86 16.19
C ASP C 168 27.43 -23.00 16.73
N LEU C 169 26.13 -22.73 16.92
CA LEU C 169 25.23 -23.77 17.41
C LEU C 169 24.93 -24.80 16.32
N ASN C 170 24.66 -24.33 15.10
CA ASN C 170 24.24 -25.25 14.04
C ASN C 170 25.33 -26.25 13.71
N ALA C 171 26.58 -25.81 13.64
CA ALA C 171 27.69 -26.69 13.30
C ALA C 171 28.23 -27.39 14.55
N ASN C 182 27.40 -8.81 17.80
CA ASN C 182 27.53 -8.73 16.34
C ASN C 182 27.41 -7.29 15.88
N ILE C 183 26.21 -6.73 16.01
CA ILE C 183 26.00 -5.32 15.64
C ILE C 183 26.79 -4.41 16.56
N ALA C 184 26.67 -4.62 17.87
CA ALA C 184 27.35 -3.77 18.84
C ALA C 184 28.85 -3.83 18.67
N THR C 185 29.40 -5.04 18.47
CA THR C 185 30.84 -5.17 18.31
C THR C 185 31.32 -4.39 17.10
N SER C 186 30.59 -4.48 15.99
CA SER C 186 31.00 -3.76 14.78
C SER C 186 30.92 -2.25 14.99
N THR C 187 29.85 -1.76 15.61
CA THR C 187 29.72 -0.32 15.78
C THR C 187 30.79 0.23 16.71
N PHE C 188 31.19 -0.55 17.73
CA PHE C 188 32.28 -0.09 18.58
C PHE C 188 33.63 -0.19 17.88
N LEU C 189 33.83 -1.22 17.06
CA LEU C 189 35.09 -1.34 16.32
C LEU C 189 35.26 -0.16 15.37
N LEU C 190 34.16 0.28 14.74
CA LEU C 190 34.27 1.39 13.80
C LEU C 190 34.84 2.63 14.46
N LYS C 191 34.63 2.80 15.76
CA LYS C 191 35.02 4.03 16.45
C LYS C 191 36.46 4.00 16.97
N LEU C 192 37.12 2.86 16.94
CA LEU C 192 38.41 2.73 17.60
C LEU C 192 39.50 3.51 16.87
N GLU C 193 40.43 4.06 17.63
CA GLU C 193 41.63 4.69 17.11
C GLU C 193 42.65 3.62 16.75
N GLU C 194 43.69 4.01 16.01
CA GLU C 194 44.62 3.04 15.47
C GLU C 194 45.31 2.23 16.57
N MET C 195 45.83 2.90 17.59
CA MET C 195 46.51 2.18 18.68
C MET C 195 45.55 1.27 19.42
N GLU C 196 44.34 1.75 19.69
CA GLU C 196 43.32 0.89 20.30
C GLU C 196 43.01 -0.29 19.38
N LYS C 197 43.09 -0.11 18.07
CA LYS C 197 42.76 -1.18 17.11
C LYS C 197 43.88 -2.22 17.14
N GLU C 198 45.12 -1.82 17.37
CA GLU C 198 46.21 -2.78 17.53
C GLU C 198 46.07 -3.55 18.84
N ILE C 199 45.77 -2.83 19.92
CA ILE C 199 45.62 -3.50 21.22
C ILE C 199 44.47 -4.50 21.18
N TYR C 200 43.34 -4.10 20.57
CA TYR C 200 42.21 -5.00 20.47
C TYR C 200 42.56 -6.24 19.66
N LYS C 201 43.27 -6.07 18.54
CA LYS C 201 43.64 -7.21 17.73
C LYS C 201 44.51 -8.17 18.54
N LYS C 202 45.52 -7.64 19.24
CA LYS C 202 46.40 -8.51 20.01
C LYS C 202 45.64 -9.28 21.07
N SER C 203 44.80 -8.58 21.84
CA SER C 203 44.05 -9.24 22.91
C SER C 203 43.07 -10.27 22.35
N HIS C 204 42.39 -9.94 21.25
CA HIS C 204 41.46 -10.87 20.64
C HIS C 204 42.17 -12.13 20.18
N GLU C 205 43.33 -11.99 19.54
CA GLU C 205 44.08 -13.17 19.12
C GLU C 205 44.51 -14.00 20.32
N SER C 206 44.95 -13.36 21.41
CA SER C 206 45.35 -14.13 22.59
C SER C 206 44.18 -14.92 23.16
N TYR C 207 43.02 -14.27 23.34
CA TYR C 207 41.85 -14.96 23.86
C TYR C 207 41.43 -16.10 22.94
N LYS C 208 41.42 -15.85 21.63
CA LYS C 208 41.03 -16.86 20.62
C LYS C 208 41.98 -18.05 20.67
N ASP C 209 43.28 -17.83 20.81
CA ASP C 209 44.23 -18.94 20.89
C ASP C 209 44.02 -19.75 22.16
N THR C 210 43.81 -19.08 23.30
CA THR C 210 43.56 -19.84 24.52
C THR C 210 42.30 -20.67 24.41
N LYS C 211 41.23 -20.13 23.83
CA LYS C 211 39.95 -20.86 23.74
C LYS C 211 40.14 -22.03 22.78
N ARG C 212 40.89 -21.86 21.70
CA ARG C 212 41.11 -22.95 20.76
C ARG C 212 41.91 -24.06 21.41
N TRP C 213 42.93 -23.72 22.19
CA TRP C 213 43.72 -24.75 22.88
C TRP C 213 42.86 -25.48 23.90
N MET C 214 42.06 -24.79 24.70
CA MET C 214 41.34 -25.44 25.83
C MET C 214 40.29 -26.41 25.30
N PHE C 215 39.57 -26.07 24.24
CA PHE C 215 38.48 -26.91 23.75
C PHE C 215 38.88 -27.73 22.52
N LYS C 216 40.17 -28.01 22.36
CA LYS C 216 40.63 -28.80 21.23
C LYS C 216 40.30 -30.27 21.48
N LYS C 217 39.40 -30.82 20.68
CA LYS C 217 38.92 -32.18 20.86
C LYS C 217 40.08 -33.18 20.98
N ILE D 52 78.76 -22.76 38.55
CA ILE D 52 78.98 -23.88 39.50
C ILE D 52 78.04 -25.02 39.16
N TYR D 53 78.61 -26.10 38.62
CA TYR D 53 77.81 -27.27 38.26
C TYR D 53 77.29 -27.96 39.51
N VAL D 54 76.06 -28.47 39.43
CA VAL D 54 75.46 -29.21 40.53
C VAL D 54 75.02 -30.58 40.02
N SER D 55 74.13 -30.58 39.03
CA SER D 55 73.61 -31.82 38.47
C SER D 55 72.90 -31.48 37.16
N PRO D 56 72.66 -32.46 36.30
CA PRO D 56 71.93 -32.19 35.05
C PRO D 56 70.57 -31.56 35.30
N GLN D 57 69.87 -31.98 36.36
CA GLN D 57 68.56 -31.42 36.65
C GLN D 57 68.66 -29.93 36.91
N GLN D 58 69.64 -29.52 37.71
CA GLN D 58 69.83 -28.10 37.99
C GLN D 58 70.16 -27.34 36.72
N ASP D 59 70.99 -27.92 35.85
CA ASP D 59 71.34 -27.25 34.61
C ASP D 59 70.10 -27.03 33.75
N PHE D 60 69.22 -28.02 33.67
CA PHE D 60 67.98 -27.82 32.94
C PHE D 60 67.12 -26.74 33.59
N SER D 61 67.09 -26.70 34.91
CA SER D 61 66.30 -25.69 35.59
C SER D 61 66.81 -24.28 35.28
N ASP D 62 68.13 -24.08 35.32
CA ASP D 62 68.67 -22.78 34.94
C ASP D 62 68.43 -22.47 33.46
N LEU D 63 68.49 -23.50 32.59
CA LEU D 63 68.18 -23.25 31.18
C LEU D 63 66.76 -22.72 31.04
N MET D 64 65.80 -23.34 31.74
CA MET D 64 64.42 -22.90 31.64
C MET D 64 64.23 -21.51 32.23
N LYS D 65 64.90 -21.22 33.36
CA LYS D 65 64.85 -19.88 33.92
C LYS D 65 65.33 -18.86 32.90
N SER D 66 66.47 -19.12 32.27
CA SER D 66 67.01 -18.20 31.28
C SER D 66 66.05 -18.06 30.10
N TRP D 67 65.46 -19.17 29.65
CA TRP D 67 64.54 -19.12 28.52
C TRP D 67 63.36 -18.20 28.83
N LYS D 68 62.71 -18.40 29.98
CA LYS D 68 61.56 -17.57 30.32
C LYS D 68 61.95 -16.11 30.48
N ASN D 69 63.05 -15.85 31.20
CA ASN D 69 63.46 -14.47 31.43
C ASN D 69 63.78 -13.77 30.11
N GLU D 70 64.47 -14.45 29.21
CA GLU D 70 64.78 -13.85 27.92
C GLU D 70 63.51 -13.61 27.12
N ARG D 71 62.55 -14.54 27.16
CA ARG D 71 61.32 -14.36 26.41
C ARG D 71 60.55 -13.15 26.89
N CYS D 72 60.48 -12.93 28.20
CA CYS D 72 59.67 -11.85 28.75
C CYS D 72 60.44 -10.56 28.99
N SER D 73 61.77 -10.60 29.04
CA SER D 73 62.51 -9.40 29.36
C SER D 73 62.53 -8.43 28.17
N PRO D 74 62.65 -7.12 28.43
CA PRO D 74 62.72 -6.16 27.32
C PRO D 74 64.13 -5.98 26.78
N GLU D 75 65.15 -6.24 27.60
CA GLU D 75 66.53 -6.08 27.19
C GLU D 75 67.11 -7.45 26.82
N LEU D 76 68.37 -7.42 26.39
CA LEU D 76 69.12 -8.64 26.03
C LEU D 76 69.98 -9.02 27.23
N LEU D 77 69.61 -10.11 27.89
CA LEU D 77 70.32 -10.54 29.09
C LEU D 77 71.68 -11.12 28.73
N PRO D 78 72.60 -11.19 29.69
CA PRO D 78 73.90 -11.81 29.42
C PRO D 78 73.77 -13.29 29.07
N TYR D 79 74.70 -13.77 28.27
CA TYR D 79 74.66 -15.14 27.78
C TYR D 79 75.27 -16.08 28.82
N PRO D 80 74.59 -17.18 29.19
CA PRO D 80 75.18 -18.15 30.14
C PRO D 80 76.15 -19.12 29.48
N HIS D 81 77.40 -18.67 29.35
CA HIS D 81 78.38 -19.40 28.55
C HIS D 81 78.60 -20.82 29.08
N GLN D 82 78.90 -20.93 30.37
CA GLN D 82 79.26 -22.24 30.93
C GLN D 82 78.09 -23.20 30.86
N LEU D 83 76.89 -22.73 31.20
CA LEU D 83 75.72 -23.61 31.17
C LEU D 83 75.45 -24.13 29.77
N MET D 84 75.52 -23.24 28.77
CA MET D 84 75.25 -23.67 27.40
C MET D 84 76.33 -24.61 26.89
N LYS D 85 77.59 -24.35 27.25
CA LYS D 85 78.65 -25.29 26.89
C LYS D 85 78.37 -26.67 27.45
N ARG D 86 78.08 -26.75 28.75
CA ARG D 86 77.77 -28.03 29.37
C ARG D 86 76.59 -28.70 28.69
N LEU D 87 75.55 -27.93 28.38
CA LEU D 87 74.33 -28.50 27.80
C LEU D 87 74.59 -29.06 26.40
N LEU D 88 75.31 -28.32 25.57
CA LEU D 88 75.60 -28.81 24.23
C LEU D 88 76.47 -30.07 24.28
N ASN D 89 77.48 -30.07 25.16
CA ASN D 89 78.31 -31.27 25.27
C ASN D 89 77.48 -32.46 25.73
N ARG D 90 76.59 -32.25 26.70
CA ARG D 90 75.74 -33.34 27.17
C ARG D 90 74.79 -33.80 26.07
N ILE D 91 74.30 -32.88 25.25
CA ILE D 91 73.42 -33.26 24.14
C ILE D 91 74.16 -34.19 23.19
N SER D 92 75.38 -33.80 22.82
CA SER D 92 76.16 -34.65 21.91
C SER D 92 76.41 -36.03 22.52
N MET D 93 76.81 -36.06 23.79
CA MET D 93 77.10 -37.33 24.44
C MET D 93 75.86 -38.21 24.51
N GLN D 94 74.71 -37.62 24.85
CA GLN D 94 73.48 -38.40 24.95
C GLN D 94 73.03 -38.92 23.59
N SER D 95 73.21 -38.11 22.54
CA SER D 95 72.91 -38.58 21.19
C SER D 95 73.77 -39.79 20.84
N GLN D 96 75.07 -39.71 21.15
CA GLN D 96 75.95 -40.84 20.88
C GLN D 96 75.52 -42.07 21.67
N LEU D 97 75.15 -41.88 22.94
CA LEU D 97 74.71 -43.01 23.76
C LEU D 97 73.45 -43.65 23.19
N ILE D 98 72.49 -42.83 22.76
CA ILE D 98 71.26 -43.37 22.20
C ILE D 98 71.56 -44.15 20.93
N GLU D 99 72.42 -43.61 20.07
CA GLU D 99 72.78 -44.33 18.85
C GLU D 99 73.45 -45.65 19.19
N ASN D 100 74.36 -45.65 20.16
CA ASN D 100 75.04 -46.87 20.55
C ASN D 100 74.04 -47.92 21.02
N ILE D 101 73.11 -47.53 21.90
CA ILE D 101 72.14 -48.50 22.40
C ILE D 101 71.26 -49.01 21.26
N SER D 102 70.80 -48.11 20.40
CA SER D 102 69.90 -48.52 19.32
C SER D 102 70.59 -49.48 18.37
N MET D 103 71.90 -49.31 18.16
CA MET D 103 72.61 -50.21 17.25
C MET D 103 72.47 -51.66 17.69
N GLY D 104 72.35 -51.91 19.00
CA GLY D 104 72.20 -53.25 19.51
C GLY D 104 70.79 -53.76 19.44
N ASN D 120 62.25 -56.91 24.06
CA ASN D 120 61.36 -55.79 23.78
C ASN D 120 61.22 -54.88 24.99
N GLU D 121 61.67 -55.36 26.15
CA GLU D 121 61.57 -54.58 27.38
C GLU D 121 62.36 -53.27 27.29
N SER D 122 63.33 -53.18 26.39
CA SER D 122 64.16 -51.99 26.26
C SER D 122 63.54 -50.94 25.34
N LYS D 123 62.34 -51.20 24.82
CA LYS D 123 61.73 -50.25 23.88
C LYS D 123 61.39 -48.93 24.57
N LEU D 124 60.70 -49.00 25.71
CA LEU D 124 60.24 -47.78 26.36
C LEU D 124 61.37 -46.86 26.77
N PRO D 125 62.44 -47.33 27.43
CA PRO D 125 63.52 -46.42 27.80
C PRO D 125 64.08 -45.64 26.62
N LEU D 126 64.26 -46.29 25.46
CA LEU D 126 64.77 -45.59 24.29
C LEU D 126 63.82 -44.48 23.87
N LEU D 127 62.52 -44.78 23.85
CA LEU D 127 61.53 -43.77 23.51
C LEU D 127 61.62 -42.58 24.44
N CYS D 128 61.76 -42.84 25.75
CA CYS D 128 61.84 -41.74 26.71
C CYS D 128 63.10 -40.91 26.49
N MET D 129 64.24 -41.55 26.26
CA MET D 129 65.47 -40.79 26.03
C MET D 129 65.35 -39.92 24.79
N GLU D 130 64.82 -40.48 23.71
CA GLU D 130 64.68 -39.69 22.48
C GLU D 130 63.73 -38.52 22.68
N THR D 131 62.60 -38.75 23.37
CA THR D 131 61.66 -37.67 23.60
C THR D 131 62.29 -36.57 24.45
N GLU D 132 63.04 -36.95 25.49
CA GLU D 132 63.70 -35.96 26.31
C GLU D 132 64.72 -35.15 25.51
N LEU D 133 65.47 -35.82 24.63
CA LEU D 133 66.40 -35.10 23.77
C LEU D 133 65.66 -34.10 22.89
N GLU D 134 64.50 -34.50 22.35
CA GLU D 134 63.72 -33.58 21.54
C GLU D 134 63.29 -32.37 22.37
N ARG D 135 62.83 -32.60 23.60
CA ARG D 135 62.41 -31.48 24.46
C ARG D 135 63.56 -30.52 24.71
N LEU D 136 64.73 -31.05 25.07
CA LEU D 136 65.87 -30.20 25.37
C LEU D 136 66.29 -29.40 24.14
N LYS D 137 66.33 -30.06 22.98
CA LYS D 137 66.68 -29.37 21.75
C LYS D 137 65.68 -28.26 21.45
N PHE D 138 64.39 -28.51 21.65
CA PHE D 138 63.40 -27.48 21.41
C PHE D 138 63.63 -26.28 22.30
N VAL D 139 63.90 -26.51 23.59
CA VAL D 139 64.10 -25.39 24.51
C VAL D 139 65.29 -24.55 24.06
N ILE D 140 66.42 -25.21 23.75
CA ILE D 140 67.59 -24.45 23.33
C ILE D 140 67.31 -23.70 22.02
N ARG D 141 66.61 -24.35 21.10
CA ARG D 141 66.30 -23.71 19.82
C ARG D 141 65.51 -22.43 20.03
N SER D 142 64.44 -22.50 20.82
CA SER D 142 63.62 -21.32 21.05
C SER D 142 64.42 -20.23 21.75
N TYR D 143 65.24 -20.60 22.73
CA TYR D 143 66.05 -19.60 23.41
C TYR D 143 66.96 -18.86 22.44
N ILE D 144 67.69 -19.61 21.60
CA ILE D 144 68.62 -18.98 20.69
C ILE D 144 67.89 -18.13 19.66
N ARG D 145 66.74 -18.61 19.18
CA ARG D 145 65.99 -17.83 18.19
C ARG D 145 65.52 -16.51 18.77
N CYS D 146 65.03 -16.52 20.00
CA CYS D 146 64.63 -15.27 20.64
C CYS D 146 65.82 -14.34 20.79
N ARG D 147 66.97 -14.88 21.20
CA ARG D 147 68.16 -14.04 21.35
C ARG D 147 68.54 -13.40 20.02
N LEU D 148 68.50 -14.18 18.93
CA LEU D 148 68.85 -13.63 17.62
C LEU D 148 67.88 -12.53 17.22
N SER D 149 66.59 -12.73 17.47
CA SER D 149 65.61 -11.68 17.14
C SER D 149 65.92 -10.40 17.91
N LYS D 150 66.21 -10.53 19.21
CA LYS D 150 66.54 -9.34 20.00
C LYS D 150 67.79 -8.66 19.48
N ILE D 151 68.80 -9.43 19.07
CA ILE D 151 69.99 -8.83 18.48
C ILE D 151 69.64 -8.07 17.21
N ASP D 152 68.75 -8.64 16.39
CA ASP D 152 68.29 -7.93 15.20
C ASP D 152 67.68 -6.59 15.56
N LYS D 153 66.80 -6.57 16.56
CA LYS D 153 66.13 -5.32 16.90
C LYS D 153 67.09 -4.27 17.44
N PHE D 154 68.08 -4.67 18.24
CA PHE D 154 68.98 -3.74 18.93
C PHE D 154 70.39 -3.78 18.38
N SER D 155 70.55 -3.86 17.05
CA SER D 155 71.87 -3.94 16.47
C SER D 155 72.65 -2.65 16.69
N LEU D 156 72.05 -1.51 16.35
CA LEU D 156 72.75 -0.24 16.48
C LEU D 156 73.09 0.06 17.94
N TYR D 157 72.21 -0.34 18.86
CA TYR D 157 72.47 -0.08 20.27
C TYR D 157 73.70 -0.84 20.75
N LEU D 158 73.83 -2.11 20.35
CA LEU D 158 75.00 -2.89 20.74
C LEU D 158 76.26 -2.38 20.06
N ARG D 159 76.15 -1.97 18.80
CA ARG D 159 77.30 -1.34 18.14
C ARG D 159 77.73 -0.09 18.91
N GLN D 160 76.75 0.70 19.39
CA GLN D 160 77.05 1.89 20.17
C GLN D 160 77.75 1.51 21.47
N LEU D 161 77.27 0.48 22.15
CA LEU D 161 77.95 0.01 23.35
C LEU D 161 79.41 -0.32 23.07
N ASN D 162 79.65 -1.10 22.02
CA ASN D 162 81.03 -1.49 21.71
C ASN D 162 81.88 -0.28 21.37
N GLU D 163 81.34 0.65 20.58
CA GLU D 163 82.11 1.81 20.16
C GLU D 163 82.55 2.65 21.36
N ASP D 164 81.65 2.86 22.32
CA ASP D 164 82.00 3.59 23.53
C ASP D 164 82.97 2.78 24.37
N GLU D 165 84.00 3.46 24.88
CA GLU D 165 84.99 2.81 25.74
C GLU D 165 84.70 3.00 27.22
N ASN D 166 83.94 4.02 27.59
CA ASN D 166 83.57 4.21 28.98
C ASN D 166 82.55 3.18 29.45
N SER D 167 81.80 2.58 28.53
CA SER D 167 80.78 1.61 28.92
C SER D 167 81.44 0.36 29.51
N LEU D 168 80.81 -0.18 30.56
CA LEU D 168 81.34 -1.37 31.21
C LEU D 168 81.08 -2.62 30.37
N ILE D 169 79.89 -2.74 29.80
CA ILE D 169 79.51 -3.96 29.10
C ILE D 169 80.29 -4.07 27.79
N SER D 170 80.70 -5.30 27.45
CA SER D 170 81.37 -5.59 26.19
C SER D 170 80.72 -6.80 25.55
N LEU D 171 80.65 -6.80 24.22
CA LEU D 171 79.87 -7.81 23.52
C LEU D 171 80.42 -9.22 23.74
N THR D 172 81.75 -9.35 23.89
CA THR D 172 82.32 -10.68 24.11
C THR D 172 81.77 -11.33 25.37
N ASP D 173 81.24 -10.54 26.30
CA ASP D 173 80.60 -11.07 27.49
C ASP D 173 79.09 -11.14 27.35
N LEU D 174 78.49 -10.20 26.61
CA LEU D 174 77.05 -10.17 26.44
C LEU D 174 76.55 -11.10 25.33
N LEU D 175 77.45 -11.61 24.48
CA LEU D 175 77.05 -12.46 23.37
C LEU D 175 78.01 -13.62 23.25
N SER D 176 77.56 -14.68 22.59
CA SER D 176 78.41 -15.81 22.27
C SER D 176 79.12 -15.56 20.95
N LYS D 177 79.92 -16.53 20.52
CA LYS D 177 80.66 -16.38 19.26
C LYS D 177 79.71 -16.41 18.06
N ASP D 178 78.76 -17.34 18.07
CA ASP D 178 77.79 -17.39 16.98
C ASP D 178 76.98 -16.10 16.94
N GLU D 179 76.57 -15.60 18.10
CA GLU D 179 75.78 -14.38 18.14
C GLU D 179 76.57 -13.17 17.65
N ILE D 180 77.84 -13.07 18.03
CA ILE D 180 78.64 -11.93 17.57
C ILE D 180 78.86 -12.01 16.06
N LYS D 181 79.09 -13.22 15.56
CA LYS D 181 79.24 -13.39 14.11
C LYS D 181 77.96 -12.98 13.38
N TYR D 182 76.81 -13.43 13.88
CA TYR D 182 75.54 -13.04 13.28
C TYR D 182 75.36 -11.52 13.31
N HIS D 183 75.65 -10.89 14.45
CA HIS D 183 75.50 -9.45 14.56
C HIS D 183 76.34 -8.74 13.50
N ASP D 184 77.63 -9.06 13.43
CA ASP D 184 78.49 -8.36 12.48
C ASP D 184 78.03 -8.60 11.04
N THR D 185 77.77 -9.86 10.68
CA THR D 185 77.44 -10.16 9.29
C THR D 185 76.13 -9.51 8.88
N HIS D 186 75.10 -9.63 9.71
CA HIS D 186 73.80 -9.04 9.36
C HIS D 186 73.89 -7.52 9.31
N SER D 187 74.62 -6.91 10.23
CA SER D 187 74.79 -5.46 10.17
C SER D 187 75.44 -5.05 8.85
N LEU D 188 76.49 -5.76 8.45
CA LEU D 188 77.16 -5.43 7.19
C LEU D 188 76.20 -5.58 6.01
N ILE D 189 75.45 -6.68 5.98
CA ILE D 189 74.54 -6.93 4.87
C ILE D 189 73.49 -5.82 4.76
N TRP D 190 72.84 -5.51 5.88
CA TRP D 190 71.78 -4.50 5.86
C TRP D 190 72.34 -3.14 5.48
N LEU D 191 73.52 -2.78 6.01
CA LEU D 191 74.11 -1.51 5.67
C LEU D 191 74.43 -1.44 4.18
N LYS D 192 74.95 -2.53 3.60
CA LYS D 192 75.17 -2.56 2.16
C LYS D 192 73.87 -2.28 1.41
N LEU D 193 72.80 -2.98 1.78
CA LEU D 193 71.53 -2.78 1.06
C LEU D 193 71.08 -1.33 1.14
N VAL D 194 71.05 -0.77 2.35
CA VAL D 194 70.50 0.58 2.49
C VAL D 194 71.41 1.61 1.84
N ASN D 195 72.71 1.41 1.85
CA ASN D 195 73.63 2.41 1.26
C ASN D 195 73.43 2.35 -0.26
N ASP D 196 73.24 1.17 -0.85
CA ASP D 196 72.98 1.10 -2.28
C ASP D 196 71.63 1.73 -2.63
N SER D 197 70.59 1.39 -1.89
CA SER D 197 69.24 1.81 -2.25
C SER D 197 69.04 3.31 -2.02
N ILE D 198 69.40 3.81 -0.84
CA ILE D 198 68.96 5.13 -0.41
C ILE D 198 70.13 6.05 -0.08
N LEU D 199 70.93 5.64 0.92
CA LEU D 199 71.83 6.59 1.58
C LEU D 199 72.83 7.22 0.62
N LYS D 200 73.18 6.53 -0.47
CA LYS D 200 74.21 7.08 -1.36
C LYS D 200 73.73 8.31 -2.12
N TYR D 201 72.44 8.62 -2.09
CA TYR D 201 71.92 9.79 -2.79
C TYR D 201 71.81 11.01 -1.88
N MET D 202 71.65 10.81 -0.58
CA MET D 202 71.50 11.93 0.34
C MET D 202 72.84 12.64 0.50
N PRO D 203 72.82 13.91 0.91
CA PRO D 203 74.08 14.63 1.12
C PRO D 203 74.90 13.98 2.21
N GLU D 204 76.12 14.50 2.40
CA GLU D 204 77.04 13.91 3.37
C GLU D 204 76.48 13.99 4.78
N GLU D 205 75.58 14.94 5.04
CA GLU D 205 75.09 15.14 6.41
C GLU D 205 74.16 14.02 6.84
N LEU D 206 73.22 13.64 5.98
CA LEU D 206 72.23 12.62 6.31
C LEU D 206 72.66 11.23 5.86
N GLN D 207 73.95 10.96 5.80
CA GLN D 207 74.48 9.72 5.25
C GLN D 207 74.88 8.71 6.33
N ALA D 208 74.51 8.95 7.58
CA ALA D 208 74.84 8.06 8.68
C ALA D 208 73.62 7.26 9.08
N ILE D 209 73.78 5.93 9.20
CA ILE D 209 72.69 5.08 9.63
C ILE D 209 72.48 5.10 11.14
N ASN D 210 73.38 5.74 11.88
CA ASN D 210 73.27 5.89 13.33
C ASN D 210 73.52 7.34 13.73
N ASP D 211 72.47 8.14 13.66
CA ASP D 211 72.53 9.56 14.02
C ASP D 211 71.57 9.81 15.17
N THR D 212 72.05 10.55 16.18
CA THR D 212 71.25 10.87 17.34
C THR D 212 71.04 12.37 17.53
N GLU D 213 71.60 13.20 16.64
CA GLU D 213 71.50 14.66 16.76
C GLU D 213 70.45 15.24 15.81
N GLY D 214 69.69 14.40 15.12
CA GLY D 214 68.64 14.88 14.24
C GLY D 214 67.35 15.11 14.99
N SER D 215 66.28 15.29 14.21
CA SER D 215 64.96 15.50 14.80
C SER D 215 64.52 14.27 15.60
N VAL D 216 64.77 13.08 15.09
CA VAL D 216 64.39 11.83 15.73
C VAL D 216 65.62 10.95 15.87
N ASN D 217 65.75 10.32 17.02
CA ASN D 217 66.88 9.42 17.28
C ASN D 217 66.72 8.14 16.47
N MET D 218 67.79 7.74 15.79
CA MET D 218 67.76 6.56 14.93
C MET D 218 68.11 5.27 15.65
N ILE D 219 68.69 5.34 16.84
CA ILE D 219 69.12 4.15 17.58
C ILE D 219 68.03 3.80 18.58
N ASP D 220 67.49 2.59 18.45
CA ASP D 220 66.43 2.13 19.33
C ASP D 220 67.04 1.45 20.54
N GLU D 221 66.67 1.91 21.73
CA GLU D 221 67.11 1.31 22.98
C GLU D 221 66.00 0.49 23.59
N PRO D 222 66.35 -0.48 24.44
CA PRO D 222 65.30 -1.31 25.06
C PRO D 222 64.33 -0.47 25.88
N ASP D 223 63.08 -0.93 25.93
CA ASP D 223 62.04 -0.26 26.71
C ASP D 223 62.31 -0.55 28.19
N TRP D 224 63.03 0.37 28.83
CA TRP D 224 63.50 0.13 30.18
C TRP D 224 62.35 -0.04 31.16
N ASN D 225 61.30 0.78 31.02
CA ASN D 225 60.20 0.82 31.97
C ASN D 225 59.04 -0.06 31.55
N LYS D 226 59.27 -1.06 30.70
CA LYS D 226 58.19 -1.94 30.28
C LYS D 226 57.64 -2.71 31.47
N PHE D 227 56.33 -2.92 31.48
CA PHE D 227 55.67 -3.66 32.54
C PHE D 227 55.77 -5.16 32.26
N VAL D 228 56.21 -5.92 33.26
CA VAL D 228 56.40 -7.36 33.14
C VAL D 228 55.85 -8.04 34.39
N PHE D 229 55.13 -9.14 34.19
CA PHE D 229 54.67 -9.94 35.31
C PHE D 229 55.86 -10.60 36.00
N ILE D 230 55.88 -10.55 37.33
CA ILE D 230 56.97 -11.12 38.12
C ILE D 230 56.38 -11.98 39.23
N HIS D 231 57.15 -13.00 39.64
CA HIS D 231 56.81 -13.82 40.79
C HIS D 231 57.95 -13.74 41.78
N VAL D 232 57.66 -13.30 43.00
CA VAL D 232 58.66 -13.12 44.02
C VAL D 232 58.82 -14.45 44.76
N ASN D 233 59.96 -15.11 44.56
CA ASN D 233 60.22 -16.41 45.16
C ASN D 233 61.33 -16.37 46.21
N GLY D 234 61.83 -15.18 46.56
CA GLY D 234 62.75 -15.05 47.65
C GLY D 234 64.12 -15.62 47.33
N PRO D 235 64.96 -15.79 48.36
CA PRO D 235 66.32 -16.29 48.13
C PRO D 235 66.32 -17.79 47.97
N PRO D 236 67.25 -18.34 47.16
CA PRO D 236 67.35 -19.80 47.04
C PRO D 236 67.66 -20.47 48.39
N ASP D 243 70.21 -12.57 53.86
CA ASP D 243 69.81 -11.59 52.84
C ASP D 243 69.65 -10.20 53.47
N PRO D 244 70.39 -9.21 52.96
CA PRO D 244 70.28 -7.87 53.54
C PRO D 244 69.04 -7.12 53.06
N LEU D 245 68.66 -7.34 51.80
CA LEU D 245 67.54 -6.62 51.22
C LEU D 245 66.20 -7.09 51.74
N LEU D 246 66.14 -8.29 52.33
CA LEU D 246 64.88 -8.83 52.80
C LEU D 246 64.49 -8.21 54.14
N GLN D 247 63.18 -8.14 54.37
CA GLN D 247 62.64 -7.55 55.60
C GLN D 247 61.27 -8.17 55.85
N GLU D 248 60.58 -7.65 56.85
CA GLU D 248 59.24 -8.09 57.20
C GLU D 248 58.28 -6.92 57.18
N ASN D 249 57.00 -7.21 56.98
CA ASN D 249 55.96 -6.20 56.87
C ASN D 249 55.11 -6.18 58.13
N GLU D 250 54.09 -5.31 58.13
CA GLU D 250 53.22 -5.19 59.29
C GLU D 250 52.56 -6.51 59.63
N PHE D 251 52.22 -7.31 58.62
CA PHE D 251 51.59 -8.59 58.84
C PHE D 251 52.60 -9.70 59.16
N GLY D 252 53.89 -9.37 59.18
CA GLY D 252 54.91 -10.32 59.55
C GLY D 252 55.47 -11.17 58.42
N LYS D 253 55.00 -10.98 57.20
CA LYS D 253 55.50 -11.79 56.10
C LYS D 253 56.78 -11.18 55.51
N PRO D 254 57.70 -12.01 55.01
CA PRO D 254 58.88 -11.45 54.35
C PRO D 254 58.50 -10.65 53.12
N CYS D 255 59.31 -9.63 52.83
CA CYS D 255 58.98 -8.73 51.73
C CYS D 255 60.24 -8.01 51.26
N TYR D 256 60.16 -7.44 50.07
CA TYR D 256 61.20 -6.61 49.50
C TYR D 256 60.66 -5.19 49.32
N THR D 257 61.56 -4.22 49.38
CA THR D 257 61.19 -2.82 49.21
C THR D 257 61.93 -2.24 48.01
N VAL D 258 61.18 -1.61 47.10
CA VAL D 258 61.74 -0.98 45.92
C VAL D 258 61.09 0.38 45.76
N THR D 259 61.79 1.27 45.05
CA THR D 259 61.34 2.63 44.85
C THR D 259 61.19 2.90 43.36
N ILE D 260 60.09 3.53 42.98
CA ILE D 260 59.86 3.95 41.60
C ILE D 260 60.20 5.43 41.52
N PRO D 261 61.40 5.80 41.07
CA PRO D 261 61.80 7.22 41.14
C PRO D 261 60.86 8.17 40.42
N ASP D 262 60.22 7.72 39.34
CA ASP D 262 59.32 8.60 38.61
C ASP D 262 58.19 9.10 39.49
N LEU D 263 57.61 8.22 40.31
CA LEU D 263 56.49 8.56 41.15
C LEU D 263 56.87 8.79 42.60
N LYS D 264 58.14 8.59 42.97
CA LYS D 264 58.60 8.71 44.34
C LYS D 264 57.90 7.73 45.27
N GLU D 265 57.34 6.67 44.71
CA GLU D 265 56.55 5.71 45.46
C GLU D 265 57.41 4.54 45.91
N GLU D 266 57.09 3.94 47.07
CA GLU D 266 57.81 2.73 47.55
C GLU D 266 56.81 1.58 47.52
N VAL D 267 57.13 0.47 46.84
CA VAL D 267 56.19 -0.66 46.63
C VAL D 267 56.68 -1.91 47.36
N GLU D 268 55.84 -2.55 48.14
CA GLU D 268 56.23 -3.77 48.87
C GLU D 268 56.06 -4.96 47.94
N LEU D 269 57.00 -5.92 47.93
CA LEU D 269 57.00 -7.11 47.04
C LEU D 269 57.06 -8.34 47.95
N THR D 270 55.97 -8.66 48.64
CA THR D 270 55.93 -9.79 49.60
C THR D 270 56.21 -11.10 48.86
N ILE D 271 56.78 -12.08 49.55
CA ILE D 271 57.24 -13.31 48.92
C ILE D 271 56.04 -14.18 48.57
N GLY D 272 56.13 -14.87 47.44
CA GLY D 272 55.06 -15.73 46.99
C GLY D 272 53.92 -15.03 46.30
N SER D 273 54.09 -13.78 45.89
CA SER D 273 53.04 -13.00 45.26
C SER D 273 53.42 -12.64 43.84
N ILE D 274 52.42 -12.28 43.05
CA ILE D 274 52.58 -11.93 41.65
C ILE D 274 52.28 -10.45 41.48
N TYR D 275 53.17 -9.74 40.80
CA TYR D 275 53.01 -8.31 40.57
C TYR D 275 53.24 -7.99 39.10
N VAL D 276 52.69 -6.88 38.66
CA VAL D 276 52.92 -6.33 37.33
C VAL D 276 53.75 -5.07 37.54
N MET D 277 55.06 -5.21 37.49
CA MET D 277 55.98 -4.14 37.85
C MET D 277 56.74 -3.65 36.61
N ARG D 278 57.35 -2.48 36.76
CA ARG D 278 58.26 -1.98 35.74
C ARG D 278 59.56 -2.78 35.77
N TYR D 279 60.18 -2.94 34.60
CA TYR D 279 61.36 -3.79 34.52
C TYR D 279 62.55 -3.13 35.20
N GLU D 280 62.70 -1.82 35.05
CA GLU D 280 63.86 -1.13 35.60
C GLU D 280 63.97 -1.38 37.10
N VAL D 281 62.85 -1.23 37.81
CA VAL D 281 62.91 -1.24 39.27
C VAL D 281 63.27 -2.63 39.80
N ILE D 282 62.75 -3.69 39.18
CA ILE D 282 62.97 -5.04 39.67
C ILE D 282 64.10 -5.72 38.90
N ARG D 283 64.83 -4.94 38.10
CA ARG D 283 65.90 -5.51 37.29
C ARG D 283 66.99 -6.12 38.15
N ASP D 284 67.39 -5.45 39.22
CA ASP D 284 68.45 -5.98 40.07
C ASP D 284 68.00 -7.25 40.79
N LEU D 285 66.75 -7.28 41.27
CA LEU D 285 66.23 -8.49 41.86
C LEU D 285 66.24 -9.65 40.87
N LEU D 286 65.84 -9.37 39.62
CA LEU D 286 65.87 -10.41 38.60
C LEU D 286 67.30 -10.89 38.37
N ARG D 287 68.26 -9.96 38.32
CA ARG D 287 69.65 -10.35 38.10
C ARG D 287 70.17 -11.23 39.23
N ASP D 288 69.79 -10.92 40.46
CA ASP D 288 70.20 -11.71 41.61
C ASP D 288 69.34 -12.96 41.83
N ASP D 289 68.33 -13.17 40.99
CA ASP D 289 67.49 -14.37 41.01
C ASP D 289 66.44 -14.33 42.12
N LYS D 290 66.15 -13.17 42.70
CA LYS D 290 65.14 -13.09 43.75
C LYS D 290 63.72 -13.13 43.19
N VAL D 291 63.53 -12.76 41.93
CA VAL D 291 62.22 -12.84 41.28
C VAL D 291 62.42 -13.46 39.90
N ALA D 292 61.35 -14.04 39.38
CA ALA D 292 61.38 -14.70 38.08
C ALA D 292 60.16 -14.27 37.29
N LEU D 293 60.37 -13.83 36.06
CA LEU D 293 59.26 -13.43 35.21
C LEU D 293 58.40 -14.63 34.86
N ILE D 294 57.09 -14.43 34.84
CA ILE D 294 56.16 -15.47 34.41
C ILE D 294 55.93 -15.35 32.92
N MET E 1 50.41 -71.05 3.49
CA MET E 1 49.77 -71.80 4.60
C MET E 1 48.52 -71.06 5.08
N TYR E 2 47.78 -71.70 5.98
CA TYR E 2 46.55 -71.13 6.53
C TYR E 2 46.59 -71.22 8.05
N TYR E 3 46.02 -70.20 8.69
CA TYR E 3 46.00 -70.10 10.14
C TYR E 3 44.59 -70.38 10.63
N GLY E 4 44.44 -71.41 11.46
CA GLY E 4 43.15 -71.77 12.02
C GLY E 4 42.57 -70.65 12.87
N ILE E 5 41.38 -70.89 13.43
CA ILE E 5 40.75 -69.87 14.26
C ILE E 5 41.62 -69.57 15.47
N SER E 6 42.27 -70.59 16.03
CA SER E 6 43.08 -70.43 17.23
C SER E 6 44.48 -69.92 16.94
N GLN E 7 44.90 -69.87 15.67
CA GLN E 7 46.24 -69.43 15.31
C GLN E 7 46.33 -67.93 15.04
N PHE E 8 45.23 -67.20 15.21
CA PHE E 8 45.28 -65.76 14.99
C PHE E 8 46.22 -65.09 15.97
N SER E 9 46.22 -65.54 17.23
CA SER E 9 47.15 -64.99 18.21
C SER E 9 48.59 -65.25 17.80
N GLU E 10 48.87 -66.45 17.29
CA GLU E 10 50.22 -66.76 16.84
C GLU E 10 50.63 -65.85 15.68
N ALA E 11 49.72 -65.64 14.73
CA ALA E 11 50.03 -64.76 13.60
C ALA E 11 50.28 -63.33 14.07
N TYR E 12 49.45 -62.84 14.99
CA TYR E 12 49.62 -61.49 15.51
C TYR E 12 50.95 -61.36 16.25
N ASN E 13 51.30 -62.37 17.04
CA ASN E 13 52.58 -62.36 17.75
C ASN E 13 53.74 -62.36 16.76
N LYS E 14 53.63 -63.12 15.67
CA LYS E 14 54.67 -63.11 14.66
C LYS E 14 54.82 -61.72 14.05
N ILE E 15 53.70 -61.07 13.73
CA ILE E 15 53.75 -59.73 13.15
C ILE E 15 54.44 -58.77 14.11
N LEU E 16 54.07 -58.84 15.40
CA LEU E 16 54.69 -57.97 16.38
C LEU E 16 56.18 -58.25 16.51
N ARG E 17 56.53 -59.54 16.57
CA ARG E 17 57.93 -59.98 16.75
C ARG E 17 58.80 -59.48 15.59
N ASN E 18 58.33 -59.58 14.35
CA ASN E 18 59.12 -59.23 13.18
C ASN E 18 59.06 -57.73 12.89
N SER E 19 57.87 -57.21 12.59
CA SER E 19 57.71 -55.84 12.13
C SER E 19 57.36 -54.90 13.28
N SER E 20 58.28 -54.80 14.25
CA SER E 20 58.08 -53.88 15.37
C SER E 20 59.47 -53.43 15.84
N SER E 21 59.90 -52.27 15.37
CA SER E 21 61.16 -51.68 15.80
C SER E 21 61.05 -50.17 15.60
N HIS E 22 61.24 -49.41 16.68
CA HIS E 22 60.97 -47.97 16.65
C HIS E 22 61.89 -47.23 15.70
N SER E 23 62.87 -47.93 15.12
CA SER E 23 63.78 -47.25 14.20
C SER E 23 63.11 -46.91 12.88
N SER E 24 62.34 -47.83 12.31
CA SER E 24 61.76 -47.63 10.99
C SER E 24 60.47 -48.43 10.87
N CYS E 25 59.69 -48.10 9.84
CA CYS E 25 58.44 -48.78 9.57
C CYS E 25 58.69 -50.04 8.74
N GLN E 26 58.02 -51.13 9.13
CA GLN E 26 58.20 -52.40 8.44
C GLN E 26 56.87 -53.12 8.23
N LEU E 27 55.76 -52.39 8.22
CA LEU E 27 54.44 -52.98 7.99
C LEU E 27 53.69 -52.13 6.97
N VAL E 28 52.99 -52.79 6.05
CA VAL E 28 52.19 -52.13 5.04
C VAL E 28 50.87 -52.87 4.92
N ILE E 29 49.78 -52.12 4.76
CA ILE E 29 48.44 -52.68 4.66
C ILE E 29 47.82 -52.21 3.36
N PHE E 30 47.35 -53.16 2.54
CA PHE E 30 46.60 -52.87 1.33
C PHE E 30 45.13 -53.16 1.60
N VAL E 31 44.25 -52.25 1.19
CA VAL E 31 42.83 -52.36 1.47
C VAL E 31 42.04 -52.19 0.18
N SER E 32 40.98 -52.99 0.04
CA SER E 32 40.03 -52.77 -1.05
C SER E 32 39.43 -51.38 -0.92
N CYS E 33 39.55 -50.59 -1.99
CA CYS E 33 39.10 -49.20 -1.94
C CYS E 33 37.60 -49.09 -1.72
N LEU E 34 36.83 -50.08 -2.17
CA LEU E 34 35.37 -49.98 -2.20
C LEU E 34 34.72 -51.18 -1.53
N ASN E 35 35.18 -51.51 -0.32
CA ASN E 35 34.58 -52.55 0.49
C ASN E 35 34.52 -52.07 1.92
N ILE E 36 33.31 -51.94 2.46
CA ILE E 36 33.14 -51.38 3.80
C ILE E 36 33.68 -52.32 4.86
N ASP E 37 33.49 -53.63 4.67
CA ASP E 37 33.99 -54.59 5.64
C ASP E 37 35.49 -54.47 5.80
N ALA E 38 36.21 -54.37 4.69
CA ALA E 38 37.66 -54.18 4.75
C ALA E 38 38.02 -52.86 5.40
N LEU E 39 37.26 -51.79 5.13
CA LEU E 39 37.51 -50.51 5.79
C LEU E 39 37.44 -50.65 7.31
N CYS E 40 36.37 -51.27 7.81
CA CYS E 40 36.22 -51.43 9.25
C CYS E 40 37.29 -52.34 9.83
N ALA E 41 37.62 -53.44 9.15
CA ALA E 41 38.68 -54.31 9.63
C ALA E 41 40.02 -53.60 9.71
N THR E 42 40.34 -52.78 8.70
CA THR E 42 41.59 -52.03 8.73
C THR E 42 41.58 -50.97 9.81
N LYS E 43 40.43 -50.36 10.09
CA LYS E 43 40.36 -49.43 11.22
C LYS E 43 40.65 -50.15 12.53
N MET E 44 40.06 -51.33 12.71
CA MET E 44 40.33 -52.11 13.92
C MET E 44 41.80 -52.43 14.03
N LEU E 45 42.41 -52.90 12.93
CA LEU E 45 43.83 -53.26 12.96
C LEU E 45 44.69 -52.03 13.21
N SER E 46 44.33 -50.88 12.64
CA SER E 46 45.10 -49.66 12.86
C SER E 46 45.08 -49.27 14.33
N LEU E 47 43.91 -49.33 14.98
CA LEU E 47 43.86 -49.04 16.40
C LEU E 47 44.69 -50.04 17.20
N LEU E 48 44.58 -51.33 16.86
CA LEU E 48 45.32 -52.35 17.58
C LEU E 48 46.82 -52.13 17.47
N PHE E 49 47.31 -51.78 16.28
CA PHE E 49 48.73 -51.55 16.09
C PHE E 49 49.18 -50.24 16.72
N LYS E 50 48.30 -49.23 16.74
CA LYS E 50 48.63 -47.98 17.42
C LYS E 50 48.82 -48.20 18.90
N LYS E 51 48.00 -49.07 19.50
CA LYS E 51 48.15 -49.34 20.93
C LYS E 51 49.53 -49.87 21.26
N GLN E 52 50.06 -50.76 20.42
CA GLN E 52 51.36 -51.38 20.66
C GLN E 52 52.52 -50.62 20.04
N LEU E 53 52.26 -49.46 19.44
CA LEU E 53 53.31 -48.63 18.84
C LEU E 53 54.06 -49.38 17.75
N VAL E 54 53.32 -49.74 16.70
CA VAL E 54 53.89 -50.38 15.52
C VAL E 54 53.73 -49.41 14.35
N GLN E 55 54.84 -48.97 13.79
CA GLN E 55 54.79 -48.06 12.65
C GLN E 55 54.34 -48.81 11.41
N SER E 56 53.41 -48.21 10.66
CA SER E 56 52.78 -48.88 9.54
C SER E 56 52.48 -47.89 8.44
N GLN E 57 52.04 -48.42 7.29
CA GLN E 57 51.55 -47.62 6.18
C GLN E 57 50.32 -48.30 5.61
N ILE E 58 49.30 -47.51 5.31
CA ILE E 58 48.04 -48.02 4.75
C ILE E 58 47.88 -47.47 3.34
N VAL E 59 47.67 -48.36 2.38
CA VAL E 59 47.58 -47.99 0.98
C VAL E 59 46.24 -48.47 0.41
N PRO E 60 45.28 -47.58 0.15
CA PRO E 60 44.08 -47.99 -0.57
C PRO E 60 44.43 -48.47 -1.98
N ILE E 61 43.67 -49.46 -2.45
CA ILE E 61 43.99 -50.13 -3.70
C ILE E 61 42.72 -50.51 -4.44
N PHE E 62 42.60 -50.05 -5.69
CA PHE E 62 41.48 -50.41 -6.56
C PHE E 62 42.04 -51.28 -7.69
N GLY E 63 41.57 -52.53 -7.76
CA GLY E 63 41.92 -53.39 -8.86
C GLY E 63 43.26 -54.08 -8.67
N TYR E 64 43.48 -55.10 -9.50
CA TYR E 64 44.70 -55.90 -9.41
C TYR E 64 45.90 -55.21 -10.05
N SER E 65 45.68 -54.37 -11.06
CA SER E 65 46.79 -53.66 -11.67
C SER E 65 47.49 -52.75 -10.67
N GLU E 66 46.71 -52.00 -9.89
CA GLU E 66 47.29 -51.16 -8.85
C GLU E 66 48.00 -52.01 -7.80
N LEU E 67 47.43 -53.17 -7.46
CA LEU E 67 48.09 -54.05 -6.50
C LEU E 67 49.46 -54.48 -6.99
N ARG E 68 49.54 -54.91 -8.25
CA ARG E 68 50.82 -55.32 -8.80
C ARG E 68 51.80 -54.15 -8.83
N ARG E 69 51.33 -52.97 -9.26
CA ARG E 69 52.20 -51.81 -9.30
C ARG E 69 52.78 -51.50 -7.93
N HIS E 70 51.91 -51.42 -6.91
CA HIS E 70 52.37 -51.04 -5.58
C HIS E 70 53.28 -52.10 -4.97
N TYR E 71 52.96 -53.38 -5.18
CA TYR E 71 53.84 -54.42 -4.65
C TYR E 71 55.22 -54.35 -5.31
N SER E 72 55.25 -54.11 -6.63
CA SER E 72 56.53 -53.94 -7.29
C SER E 72 57.29 -52.74 -6.75
N GLN E 73 56.57 -51.69 -6.37
CA GLN E 73 57.19 -50.47 -5.87
C GLN E 73 57.51 -50.52 -4.38
N LEU E 74 57.18 -51.61 -3.69
CA LEU E 74 57.49 -51.71 -2.27
C LEU E 74 59.00 -51.76 -2.05
N ASP E 75 59.44 -51.16 -0.95
CA ASP E 75 60.84 -51.23 -0.57
C ASP E 75 61.17 -52.62 -0.04
N ASP E 76 62.46 -52.88 0.10
CA ASP E 76 62.93 -54.17 0.60
C ASP E 76 63.03 -54.21 2.13
N ASN E 77 62.73 -53.11 2.81
CA ASN E 77 62.77 -53.06 4.25
C ASN E 77 61.46 -53.48 4.91
N ILE E 78 60.45 -53.82 4.11
CA ILE E 78 59.14 -54.20 4.64
C ILE E 78 59.18 -55.67 4.99
N ASN E 79 58.94 -56.00 6.25
CA ASN E 79 58.97 -57.38 6.71
C ASN E 79 57.63 -58.08 6.60
N SER E 80 56.53 -57.36 6.74
CA SER E 80 55.21 -57.95 6.73
C SER E 80 54.27 -57.12 5.87
N LEU E 81 53.52 -57.79 5.01
CA LEU E 81 52.53 -57.15 4.15
C LEU E 81 51.16 -57.72 4.49
N LEU E 82 50.18 -56.82 4.65
CA LEU E 82 48.81 -57.20 4.99
C LEU E 82 47.89 -56.85 3.83
N LEU E 83 47.14 -57.85 3.36
CA LEU E 83 46.11 -57.66 2.34
C LEU E 83 44.76 -57.96 2.97
N VAL E 84 43.85 -56.99 2.93
CA VAL E 84 42.53 -57.14 3.52
C VAL E 84 41.49 -56.92 2.43
N GLY E 85 40.65 -57.92 2.21
CA GLY E 85 39.55 -57.81 1.28
C GLY E 85 39.81 -58.32 -0.11
N PHE E 86 40.90 -59.05 -0.34
CA PHE E 86 41.21 -59.57 -1.66
C PHE E 86 42.39 -60.53 -1.55
N GLY E 87 42.77 -61.11 -2.69
CA GLY E 87 43.96 -61.93 -2.79
C GLY E 87 43.73 -63.42 -2.63
N GLY E 88 42.61 -63.83 -2.04
CA GLY E 88 42.39 -65.25 -1.82
C GLY E 88 42.18 -66.04 -3.10
N VAL E 89 41.45 -65.47 -4.05
CA VAL E 89 41.06 -66.22 -5.23
C VAL E 89 42.19 -66.31 -6.25
N ILE E 90 42.95 -65.23 -6.42
CA ILE E 90 44.01 -65.20 -7.42
C ILE E 90 45.22 -65.97 -6.88
N ASP E 91 46.16 -66.30 -7.75
CA ASP E 91 47.42 -66.94 -7.35
C ASP E 91 48.43 -65.83 -7.08
N LEU E 92 48.60 -65.50 -5.79
CA LEU E 92 49.48 -64.40 -5.43
C LEU E 92 50.92 -64.67 -5.82
N GLU E 93 51.41 -65.89 -5.57
CA GLU E 93 52.80 -66.20 -5.89
C GLU E 93 53.06 -66.08 -7.39
N ALA E 94 52.15 -66.60 -8.21
CA ALA E 94 52.30 -66.48 -9.66
C ALA E 94 51.98 -65.06 -10.12
N PHE E 95 50.91 -64.47 -9.58
CA PHE E 95 50.49 -63.14 -10.04
C PHE E 95 51.55 -62.10 -9.74
N LEU E 96 52.11 -62.12 -8.53
CA LEU E 96 53.12 -61.15 -8.13
C LEU E 96 54.53 -61.58 -8.49
N GLU E 97 54.68 -62.68 -9.24
CA GLU E 97 55.99 -63.13 -9.68
C GLU E 97 56.92 -63.36 -8.49
N ILE E 98 56.37 -63.90 -7.41
CA ILE E 98 57.13 -64.14 -6.20
C ILE E 98 57.89 -65.46 -6.38
N ASP E 99 59.23 -65.38 -6.35
CA ASP E 99 60.06 -66.57 -6.41
C ASP E 99 60.49 -66.88 -4.98
N PRO E 100 60.08 -68.01 -4.39
CA PRO E 100 60.44 -68.25 -2.99
C PRO E 100 61.93 -68.25 -2.74
N GLN E 101 62.74 -68.62 -3.74
CA GLN E 101 64.19 -68.65 -3.54
C GLN E 101 64.74 -67.24 -3.30
N GLU E 102 64.25 -66.26 -4.06
CA GLU E 102 64.77 -64.90 -3.91
C GLU E 102 64.42 -64.31 -2.57
N TYR E 103 63.26 -64.66 -2.01
CA TYR E 103 62.80 -64.09 -0.75
C TYR E 103 63.32 -64.85 0.47
N VAL E 104 64.10 -65.90 0.28
CA VAL E 104 64.59 -66.71 1.38
C VAL E 104 65.74 -65.98 2.08
N ILE E 105 65.73 -66.03 3.41
CA ILE E 105 66.80 -65.45 4.23
C ILE E 105 67.76 -66.52 4.73
N ASP E 106 67.25 -67.53 5.42
CA ASP E 106 68.07 -68.61 5.94
C ASP E 106 67.31 -69.92 5.85
N THR E 107 68.04 -71.01 5.59
CA THR E 107 67.47 -72.33 5.48
C THR E 107 68.19 -73.27 6.45
N ASP E 108 67.42 -74.01 7.23
CA ASP E 108 67.96 -74.97 8.19
C ASP E 108 67.60 -76.38 7.73
N GLU E 109 68.62 -77.20 7.47
CA GLU E 109 68.36 -78.57 7.05
C GLU E 109 67.68 -79.37 8.15
N LYS E 110 68.12 -79.20 9.39
CA LYS E 110 67.51 -79.94 10.50
C LYS E 110 66.04 -79.56 10.68
N SER E 111 65.74 -78.26 10.61
CA SER E 111 64.37 -77.81 10.81
C SER E 111 63.48 -78.24 9.65
N GLY E 112 64.02 -78.29 8.43
CA GLY E 112 63.20 -78.55 7.26
C GLY E 112 62.37 -77.38 6.81
N GLU E 113 62.59 -76.20 7.39
CA GLU E 113 61.85 -75.00 7.04
C GLU E 113 62.82 -73.89 6.67
N GLN E 114 62.33 -72.94 5.90
CA GLN E 114 63.12 -71.81 5.44
C GLN E 114 62.55 -70.51 5.99
N SER E 115 63.43 -69.54 6.23
CA SER E 115 63.03 -68.22 6.67
C SER E 115 63.06 -67.26 5.49
N PHE E 116 62.07 -66.38 5.43
CA PHE E 116 61.90 -65.48 4.30
C PHE E 116 61.89 -64.03 4.79
N ARG E 117 62.42 -63.13 3.96
CA ARG E 117 62.47 -61.73 4.34
C ARG E 117 61.07 -61.15 4.51
N ARG E 118 60.15 -61.52 3.63
CA ARG E 118 58.80 -60.97 3.63
C ARG E 118 57.78 -62.04 4.01
N ASP E 119 56.67 -61.58 4.58
CA ASP E 119 55.51 -62.41 4.86
C ASP E 119 54.26 -61.68 4.40
N ILE E 120 53.34 -62.40 3.79
CA ILE E 120 52.12 -61.85 3.24
C ILE E 120 50.94 -62.55 3.90
N TYR E 121 50.06 -61.77 4.53
CA TYR E 121 48.90 -62.30 5.22
C TYR E 121 47.64 -61.92 4.44
N VAL E 122 46.75 -62.89 4.26
CA VAL E 122 45.54 -62.71 3.47
C VAL E 122 44.34 -62.73 4.41
N LEU E 123 43.60 -61.63 4.44
CA LEU E 123 42.35 -61.52 5.18
C LEU E 123 41.24 -61.35 4.14
N ASP E 124 40.68 -62.47 3.69
CA ASP E 124 39.66 -62.49 2.65
C ASP E 124 38.51 -63.37 3.06
N ALA E 125 37.29 -62.92 2.78
CA ALA E 125 36.09 -63.69 3.04
C ALA E 125 35.55 -64.40 1.81
N HIS E 126 36.08 -64.10 0.63
CA HIS E 126 35.59 -64.71 -0.59
C HIS E 126 35.97 -66.20 -0.64
N ARG E 127 35.26 -66.93 -1.49
CA ARG E 127 35.51 -68.33 -1.73
C ARG E 127 35.31 -68.60 -3.21
N PRO E 128 35.89 -69.69 -3.73
CA PRO E 128 36.73 -70.69 -3.06
C PRO E 128 38.17 -70.26 -2.91
N TRP E 129 38.86 -70.78 -1.90
CA TRP E 129 40.29 -70.51 -1.74
C TRP E 129 41.05 -71.00 -2.95
N ASN E 130 42.09 -70.27 -3.34
CA ASN E 130 43.00 -70.76 -4.36
C ASN E 130 43.93 -71.78 -3.72
N LEU E 131 43.84 -73.03 -4.15
CA LEU E 131 44.56 -74.11 -3.48
C LEU E 131 46.07 -73.91 -3.51
N ASP E 132 46.58 -73.11 -4.44
CA ASP E 132 48.01 -72.84 -4.47
C ASP E 132 48.44 -72.05 -3.24
N ASN E 133 47.72 -70.97 -2.93
CA ASN E 133 48.06 -70.16 -1.77
C ASN E 133 47.90 -70.94 -0.48
N ILE E 134 46.78 -71.67 -0.35
CA ILE E 134 46.46 -72.34 0.91
C ILE E 134 47.49 -73.42 1.21
N PHE E 135 47.81 -74.25 0.22
CA PHE E 135 48.51 -75.50 0.46
C PHE E 135 49.92 -75.54 -0.11
N GLY E 136 50.20 -74.80 -1.17
CA GLY E 136 51.50 -74.87 -1.81
C GLY E 136 52.50 -73.87 -1.27
N SER E 137 52.11 -72.60 -1.22
CA SER E 137 53.02 -71.53 -0.85
C SER E 137 53.35 -71.59 0.63
N GLN E 138 54.40 -70.85 1.00
CA GLN E 138 54.76 -70.61 2.39
C GLN E 138 54.81 -69.13 2.73
N ILE E 139 55.20 -68.27 1.79
CA ILE E 139 55.19 -66.84 2.04
C ILE E 139 53.77 -66.34 2.25
N ILE E 140 52.81 -66.92 1.54
CA ILE E 140 51.42 -66.53 1.68
C ILE E 140 50.82 -67.23 2.91
N GLN E 141 50.24 -66.44 3.81
CA GLN E 141 49.58 -66.96 5.00
C GLN E 141 48.14 -66.48 4.98
N CYS E 142 47.19 -67.41 4.97
CA CYS E 142 45.78 -67.10 4.77
C CYS E 142 45.02 -67.30 6.07
N PHE E 143 44.23 -66.30 6.44
CA PHE E 143 43.44 -66.34 7.66
C PHE E 143 42.13 -67.07 7.36
N ASP E 144 42.06 -68.34 7.75
CA ASP E 144 40.89 -69.15 7.47
C ASP E 144 39.85 -68.99 8.57
N ASP E 145 38.59 -69.25 8.21
CA ASP E 145 37.48 -69.31 9.15
C ASP E 145 36.89 -70.71 9.24
N GLY E 146 37.75 -71.74 9.15
CA GLY E 146 37.36 -73.11 9.35
C GLY E 146 36.99 -73.88 8.11
N THR E 147 36.81 -73.21 6.97
CA THR E 147 36.37 -73.90 5.75
C THR E 147 37.38 -74.96 5.34
N VAL E 148 38.67 -74.65 5.41
CA VAL E 148 39.69 -75.59 4.94
C VAL E 148 39.59 -76.89 5.70
N ASP E 149 39.33 -76.84 7.00
CA ASP E 149 39.19 -78.06 7.80
C ASP E 149 37.80 -78.66 7.70
N ASP E 150 36.76 -77.84 7.55
CA ASP E 150 35.40 -78.39 7.52
C ASP E 150 35.10 -79.13 6.22
N THR E 151 35.45 -78.53 5.07
CA THR E 151 34.97 -79.03 3.79
C THR E 151 36.01 -78.99 2.68
N LEU E 152 37.29 -79.18 3.00
CA LEU E 152 38.34 -79.16 1.98
C LEU E 152 39.29 -80.36 2.08
N GLY E 153 38.89 -81.40 2.81
CA GLY E 153 39.78 -82.54 2.99
C GLY E 153 40.08 -83.27 1.69
N GLU E 154 39.04 -83.56 0.90
CA GLU E 154 39.25 -84.28 -0.35
C GLU E 154 40.08 -83.45 -1.33
N GLN E 155 39.80 -82.15 -1.41
CA GLN E 155 40.58 -81.29 -2.27
C GLN E 155 42.04 -81.25 -1.83
N LYS E 156 42.27 -81.18 -0.51
CA LYS E 156 43.63 -81.21 0.00
C LYS E 156 44.34 -82.50 -0.40
N GLU E 157 43.66 -83.64 -0.23
CA GLU E 157 44.25 -84.92 -0.58
C GLU E 157 44.61 -84.95 -2.06
N ALA E 158 43.69 -84.51 -2.91
CA ALA E 158 43.93 -84.54 -4.35
C ALA E 158 45.10 -83.65 -4.72
N TYR E 159 45.16 -82.43 -4.16
CA TYR E 159 46.23 -81.51 -4.50
C TYR E 159 47.58 -82.05 -4.04
N TYR E 160 47.65 -82.58 -2.82
CA TYR E 160 48.90 -83.13 -2.33
C TYR E 160 49.37 -84.30 -3.18
N LYS E 161 48.45 -85.20 -3.55
CA LYS E 161 48.83 -86.31 -4.40
C LYS E 161 49.30 -85.82 -5.77
N LEU E 162 48.59 -84.85 -6.34
CA LEU E 162 48.98 -84.31 -7.64
C LEU E 162 50.39 -83.75 -7.60
N LEU E 163 50.71 -83.00 -6.54
CA LEU E 163 52.08 -82.53 -6.37
C LEU E 163 53.04 -83.71 -6.23
N GLU E 164 52.61 -84.75 -5.51
CA GLU E 164 53.46 -85.93 -5.34
C GLU E 164 53.77 -86.62 -6.66
N LEU E 165 52.96 -86.40 -7.68
CA LEU E 165 53.17 -87.04 -8.99
C LEU E 165 53.53 -86.00 -10.03
N GLN E 225 49.44 -96.59 -16.21
CA GLN E 225 48.59 -96.94 -15.08
C GLN E 225 48.29 -95.70 -14.23
N ARG E 226 49.33 -94.90 -13.97
CA ARG E 226 49.15 -93.69 -13.19
C ARG E 226 48.27 -92.67 -13.89
N LYS E 227 48.09 -92.79 -15.21
CA LYS E 227 47.33 -91.78 -15.94
C LYS E 227 45.88 -91.73 -15.45
N LYS E 228 45.30 -92.87 -15.08
CA LYS E 228 43.92 -92.88 -14.61
C LYS E 228 43.78 -92.09 -13.30
N GLN E 229 44.67 -92.35 -12.34
CA GLN E 229 44.63 -91.61 -11.08
C GLN E 229 44.87 -90.12 -11.32
N ILE E 230 45.85 -89.79 -12.16
CA ILE E 230 46.14 -88.40 -12.46
C ILE E 230 44.91 -87.73 -13.06
N HIS E 231 44.26 -88.40 -14.01
CA HIS E 231 43.07 -87.85 -14.66
C HIS E 231 41.97 -87.58 -13.65
N GLU E 232 41.64 -88.57 -12.83
CA GLU E 232 40.56 -88.38 -11.87
C GLU E 232 40.89 -87.29 -10.85
N TYR E 233 42.15 -87.15 -10.45
CA TYR E 233 42.51 -86.09 -9.53
C TYR E 233 42.39 -84.70 -10.17
N GLU E 234 42.86 -84.55 -11.42
CA GLU E 234 42.67 -83.25 -12.06
C GLU E 234 41.19 -82.99 -12.29
N GLY E 235 40.40 -84.04 -12.49
CA GLY E 235 38.97 -83.87 -12.66
C GLY E 235 38.32 -83.33 -11.40
N VAL E 236 38.67 -83.89 -10.24
CA VAL E 236 38.09 -83.37 -9.00
C VAL E 236 38.59 -81.95 -8.74
N LEU E 237 39.85 -81.65 -9.06
CA LEU E 237 40.35 -80.29 -8.90
C LEU E 237 39.59 -79.32 -9.80
N GLU E 238 39.34 -79.71 -11.05
CA GLU E 238 38.60 -78.85 -11.97
C GLU E 238 37.16 -78.68 -11.50
N GLU E 239 36.57 -79.73 -10.95
CA GLU E 239 35.23 -79.59 -10.37
C GLU E 239 35.23 -78.57 -9.24
N TYR E 240 36.26 -78.62 -8.39
CA TYR E 240 36.36 -77.63 -7.32
C TYR E 240 36.51 -76.22 -7.87
N TYR E 241 37.32 -76.04 -8.92
CA TYR E 241 37.52 -74.73 -9.52
C TYR E 241 36.32 -74.25 -10.34
N SER E 242 35.39 -75.13 -10.70
CA SER E 242 34.30 -74.74 -11.59
C SER E 242 33.25 -73.91 -10.87
N GLN E 243 33.08 -74.12 -9.56
CA GLN E 243 32.01 -73.47 -8.84
C GLN E 243 32.23 -71.96 -8.77
N GLY E 244 31.13 -71.24 -8.54
CA GLY E 244 31.15 -69.79 -8.52
C GLY E 244 31.71 -69.23 -7.23
N THR E 245 31.72 -67.90 -7.16
CA THR E 245 32.32 -67.16 -6.06
C THR E 245 31.24 -66.65 -5.12
N THR E 246 31.53 -66.69 -3.82
CA THR E 246 30.61 -66.19 -2.81
C THR E 246 31.41 -65.78 -1.57
N VAL E 247 30.77 -64.98 -0.71
CA VAL E 247 31.37 -64.54 0.54
C VAL E 247 30.73 -65.36 1.67
N VAL E 248 31.59 -65.92 2.53
CA VAL E 248 31.13 -66.86 3.55
C VAL E 248 31.24 -66.29 4.97
N ASN E 249 31.92 -65.17 5.16
CA ASN E 249 32.13 -64.63 6.49
C ASN E 249 32.48 -63.14 6.37
N SER E 250 32.70 -62.51 7.51
CA SER E 250 33.08 -61.10 7.58
C SER E 250 34.48 -60.99 8.17
N ILE E 251 35.33 -60.19 7.54
CA ILE E 251 36.70 -60.03 8.03
C ILE E 251 36.68 -59.39 9.41
N SER E 252 35.80 -58.41 9.62
CA SER E 252 35.74 -57.73 10.90
C SER E 252 35.46 -58.72 12.03
N ALA E 253 34.62 -59.72 11.78
CA ALA E 253 34.40 -60.76 12.78
C ALA E 253 35.70 -61.50 13.09
N GLN E 254 36.51 -61.77 12.07
CA GLN E 254 37.79 -62.44 12.30
C GLN E 254 38.72 -61.59 13.16
N ILE E 255 38.80 -60.29 12.86
CA ILE E 255 39.67 -59.41 13.62
C ILE E 255 39.17 -59.29 15.06
N TYR E 256 37.85 -59.26 15.24
CA TYR E 256 37.29 -59.21 16.59
C TYR E 256 37.59 -60.50 17.35
N SER E 257 37.56 -61.64 16.66
CA SER E 257 37.96 -62.89 17.31
C SER E 257 39.41 -62.83 17.75
N LEU E 258 40.28 -62.28 16.90
CA LEU E 258 41.68 -62.09 17.31
C LEU E 258 41.78 -61.21 18.55
N LEU E 259 41.05 -60.09 18.55
CA LEU E 259 41.11 -59.17 19.68
C LEU E 259 40.63 -59.84 20.96
N SER E 260 39.55 -60.61 20.87
CA SER E 260 39.08 -61.36 22.03
C SER E 260 40.11 -62.39 22.47
N ALA E 261 40.82 -63.00 21.52
CA ALA E 261 41.86 -63.95 21.88
C ALA E 261 42.97 -63.28 22.69
N ILE E 262 43.38 -62.07 22.28
CA ILE E 262 44.41 -61.34 23.01
C ILE E 262 43.84 -60.41 24.07
N GLY E 263 42.52 -60.32 24.18
CA GLY E 263 41.89 -59.54 25.23
C GLY E 263 42.04 -58.04 25.06
N GLU E 264 41.46 -57.50 23.98
CA GLU E 264 41.45 -56.06 23.76
C GLU E 264 40.09 -55.56 23.30
N THR E 265 39.03 -56.31 23.54
CA THR E 265 37.70 -55.93 23.09
C THR E 265 37.14 -54.81 23.95
N ASN E 266 36.61 -53.78 23.30
CA ASN E 266 35.95 -52.68 23.99
C ASN E 266 34.73 -52.29 23.16
N LEU E 267 34.14 -51.13 23.50
CA LEU E 267 32.90 -50.74 22.84
C LEU E 267 33.14 -50.24 21.42
N SER E 268 34.22 -49.49 21.20
CA SER E 268 34.51 -48.99 19.85
C SER E 268 34.81 -50.15 18.89
N ASN E 269 35.60 -51.12 19.34
CA ASN E 269 35.88 -52.28 18.51
C ASN E 269 34.59 -53.04 18.18
N LEU E 270 33.71 -53.18 19.17
CA LEU E 270 32.44 -53.85 18.92
C LEU E 270 31.59 -53.06 17.93
N TRP E 271 31.61 -51.73 18.01
CA TRP E 271 30.87 -50.92 17.03
C TRP E 271 31.40 -51.16 15.63
N LEU E 272 32.72 -51.17 15.47
CA LEU E 272 33.29 -51.41 14.15
C LEU E 272 32.96 -52.82 13.65
N ASN E 273 33.00 -53.81 14.54
CA ASN E 273 32.62 -55.16 14.16
C ASN E 273 31.18 -55.22 13.70
N ILE E 274 30.28 -54.54 14.42
CA ILE E 274 28.87 -54.54 14.04
C ILE E 274 28.68 -53.88 12.69
N LEU E 275 29.38 -52.76 12.44
CA LEU E 275 29.29 -52.11 11.14
C LEU E 275 29.75 -53.06 10.03
N GLY E 276 30.90 -53.70 10.22
CA GLY E 276 31.39 -54.62 9.20
C GLY E 276 30.40 -55.74 8.94
N THR E 277 29.88 -56.36 10.00
CA THR E 277 28.97 -57.48 9.82
C THR E 277 27.67 -57.04 9.15
N THR E 278 27.13 -55.88 9.55
CA THR E 278 25.87 -55.42 8.98
C THR E 278 26.02 -54.94 7.54
N SER E 279 27.24 -54.62 7.10
CA SER E 279 27.44 -54.24 5.71
C SER E 279 27.09 -55.37 4.75
N LEU E 280 27.03 -56.62 5.21
CA LEU E 280 26.68 -57.75 4.37
C LEU E 280 25.19 -58.07 4.40
N ASP E 281 24.39 -57.34 5.16
CA ASP E 281 22.98 -57.70 5.34
C ASP E 281 22.23 -57.61 4.02
N ILE E 282 22.50 -56.59 3.21
CA ILE E 282 21.72 -56.37 2.00
C ILE E 282 21.89 -57.53 1.02
N ALA E 283 23.13 -57.97 0.81
CA ALA E 283 23.42 -58.98 -0.20
C ALA E 283 23.42 -60.39 0.37
N TYR E 284 24.36 -60.68 1.28
CA TYR E 284 24.52 -62.02 1.84
C TYR E 284 23.82 -62.09 3.20
N ALA E 285 22.48 -62.04 3.15
CA ALA E 285 21.70 -62.08 4.37
C ALA E 285 21.91 -63.38 5.14
N GLN E 286 22.29 -64.34 4.52
CA GLN E 286 22.42 -65.60 5.17
C GLN E 286 23.65 -65.64 6.00
N VAL E 287 24.69 -64.86 5.73
CA VAL E 287 25.86 -64.69 6.60
C VAL E 287 25.51 -63.82 7.81
N TYR E 288 24.78 -62.74 7.57
CA TYR E 288 24.39 -61.85 8.66
C TYR E 288 23.50 -62.59 9.65
N ASN E 289 22.57 -63.39 9.16
CA ASN E 289 21.69 -64.14 10.06
C ASN E 289 22.48 -65.12 10.90
N ARG E 290 23.58 -65.66 10.36
CA ARG E 290 24.39 -66.59 11.12
C ARG E 290 25.27 -65.87 12.14
N LEU E 291 25.76 -64.68 11.83
CA LEU E 291 26.63 -63.94 12.74
C LEU E 291 25.87 -63.09 13.75
N TYR E 292 24.56 -62.94 13.60
CA TYR E 292 23.82 -62.08 14.52
C TYR E 292 23.90 -62.54 15.98
N PRO E 293 23.72 -63.82 16.32
CA PRO E 293 23.72 -64.19 17.74
C PRO E 293 24.99 -63.82 18.48
N LEU E 294 26.14 -63.95 17.82
CA LEU E 294 27.39 -63.59 18.49
C LEU E 294 27.43 -62.11 18.81
N LEU E 295 26.98 -61.27 17.88
CA LEU E 295 26.94 -59.83 18.14
C LEU E 295 25.98 -59.51 19.29
N GLN E 296 24.81 -60.16 19.31
CA GLN E 296 23.89 -59.96 20.43
C GLN E 296 24.55 -60.32 21.75
N ASP E 297 25.20 -61.48 21.81
CA ASP E 297 25.84 -61.89 23.05
C ASP E 297 26.94 -60.91 23.46
N GLU E 298 27.72 -60.43 22.51
CA GLU E 298 28.78 -59.48 22.83
C GLU E 298 28.21 -58.17 23.37
N VAL E 299 27.15 -57.67 22.75
CA VAL E 299 26.55 -56.42 23.24
C VAL E 299 26.00 -56.62 24.65
N LYS E 300 25.34 -57.75 24.90
CA LYS E 300 24.82 -58.02 26.23
C LYS E 300 25.95 -58.11 27.24
N ARG E 301 27.09 -58.70 26.87
CA ARG E 301 28.22 -58.90 27.80
C ARG E 301 28.92 -57.57 28.09
N LEU E 302 29.10 -56.72 27.09
CA LEU E 302 29.83 -55.48 27.30
C LEU E 302 29.00 -54.40 28.00
N THR E 303 27.69 -54.44 27.88
CA THR E 303 26.86 -53.35 28.38
C THR E 303 26.80 -53.39 29.91
N PRO E 304 26.87 -52.24 30.59
CA PRO E 304 26.68 -52.23 32.04
C PRO E 304 25.30 -52.73 32.42
N SER E 305 25.23 -53.45 33.55
CA SER E 305 23.98 -54.07 33.95
C SER E 305 22.91 -53.03 34.28
N SER E 306 23.30 -51.96 34.98
CA SER E 306 22.35 -50.98 35.47
C SER E 306 22.21 -49.82 34.48
N ARG E 307 20.97 -49.49 34.12
CA ARG E 307 20.68 -48.37 33.25
C ARG E 307 19.81 -47.31 33.93
N ASN E 308 19.58 -47.44 35.25
CA ASN E 308 18.77 -46.46 35.96
C ASN E 308 19.42 -45.08 35.98
N SER E 309 20.73 -45.00 35.80
CA SER E 309 21.41 -43.71 35.79
C SER E 309 20.90 -42.86 34.64
N VAL E 310 20.83 -41.55 34.89
CA VAL E 310 20.34 -40.62 33.87
C VAL E 310 21.42 -40.36 32.84
N LYS E 311 21.02 -39.80 31.71
CA LYS E 311 21.97 -39.46 30.66
C LYS E 311 22.94 -38.40 31.15
N THR E 312 24.18 -38.51 30.73
CA THR E 312 25.23 -37.53 31.00
C THR E 312 25.91 -37.19 29.69
N PRO E 313 26.59 -36.03 29.61
CA PRO E 313 27.21 -35.64 28.34
C PRO E 313 28.23 -36.63 27.82
N ASP E 314 28.65 -37.61 28.62
CA ASP E 314 29.63 -38.59 28.20
C ASP E 314 29.08 -40.00 28.07
N THR E 315 27.85 -40.26 28.51
CA THR E 315 27.33 -41.62 28.49
C THR E 315 27.26 -42.15 27.07
N LEU E 316 27.68 -43.39 26.89
CA LEU E 316 27.64 -44.08 25.60
C LEU E 316 26.74 -45.30 25.73
N THR E 317 25.73 -45.39 24.88
CA THR E 317 24.75 -46.45 24.93
C THR E 317 24.80 -47.28 23.66
N LEU E 318 24.61 -48.59 23.81
CA LEU E 318 24.61 -49.51 22.68
C LEU E 318 23.55 -50.57 22.96
N ASN E 319 22.35 -50.36 22.43
CA ASN E 319 21.20 -51.21 22.72
C ASN E 319 20.88 -52.09 21.54
N ILE E 320 19.93 -52.99 21.75
CA ILE E 320 19.37 -53.84 20.70
C ILE E 320 17.88 -53.55 20.68
N GLN E 321 17.48 -52.59 19.87
CA GLN E 321 16.11 -52.10 19.78
C GLN E 321 15.45 -52.60 18.51
N PRO E 322 14.13 -52.48 18.41
CA PRO E 322 13.47 -52.80 17.13
C PRO E 322 13.89 -51.88 16.01
N ASP E 323 14.60 -52.42 15.03
CA ASP E 323 14.95 -51.71 13.81
C ASP E 323 13.97 -52.07 12.71
N TYR E 324 14.06 -51.34 11.59
CA TYR E 324 13.12 -51.52 10.49
C TYR E 324 13.88 -51.50 9.16
N TYR E 325 13.31 -52.18 8.16
CA TYR E 325 13.87 -52.15 6.82
C TYR E 325 13.44 -50.89 6.09
N LEU E 326 13.67 -49.73 6.71
CA LEU E 326 13.30 -48.46 6.12
C LEU E 326 14.55 -47.63 5.89
N PHE E 327 14.51 -46.79 4.85
CA PHE E 327 15.69 -46.04 4.44
C PHE E 327 15.83 -44.81 5.34
N LEU E 328 16.86 -44.82 6.17
CA LEU E 328 17.22 -43.67 7.01
C LEU E 328 15.98 -43.15 7.75
N LEU E 329 15.45 -43.99 8.62
CA LEU E 329 14.23 -43.63 9.34
C LEU E 329 14.44 -42.43 10.25
N ARG E 330 15.57 -42.40 10.96
CA ARG E 330 15.80 -41.41 12.01
C ARG E 330 16.37 -40.10 11.49
N HIS E 331 16.67 -39.99 10.19
CA HIS E 331 17.20 -38.76 9.62
C HIS E 331 16.32 -38.23 8.49
N SER E 332 15.11 -38.77 8.33
CA SER E 332 14.18 -38.29 7.32
C SER E 332 12.77 -38.50 7.85
N SER E 333 11.79 -38.13 7.05
CA SER E 333 10.40 -38.29 7.44
C SER E 333 9.99 -39.76 7.41
N LEU E 334 8.92 -40.08 8.12
CA LEU E 334 8.37 -41.42 8.07
C LEU E 334 7.86 -41.75 6.66
N TYR E 335 7.44 -40.73 5.91
CA TYR E 335 7.01 -40.94 4.54
C TYR E 335 8.18 -41.31 3.64
N ASP E 336 9.27 -40.56 3.73
CA ASP E 336 10.41 -40.80 2.86
C ASP E 336 11.07 -42.15 3.14
N SER E 337 11.02 -42.61 4.39
CA SER E 337 11.61 -43.90 4.71
C SER E 337 10.88 -45.03 3.98
N PHE E 338 9.55 -44.95 3.91
CA PHE E 338 8.78 -45.94 3.16
C PHE E 338 8.94 -45.75 1.66
N TYR E 339 8.95 -44.50 1.19
CA TYR E 339 8.98 -44.25 -0.24
C TYR E 339 10.27 -44.74 -0.88
N TYR E 340 11.41 -44.50 -0.22
CA TYR E 340 12.73 -44.80 -0.79
C TYR E 340 13.32 -46.08 -0.22
N SER E 341 12.49 -47.08 0.05
CA SER E 341 12.94 -48.35 0.60
C SER E 341 12.86 -49.42 -0.50
N ASN E 342 13.91 -50.23 -0.61
CA ASN E 342 13.92 -51.30 -1.60
C ASN E 342 12.77 -52.28 -1.36
N TYR E 343 12.62 -52.73 -0.12
CA TYR E 343 11.60 -53.73 0.19
C TYR E 343 10.20 -53.19 -0.04
N VAL E 344 9.94 -51.96 0.41
CA VAL E 344 8.61 -51.39 0.27
C VAL E 344 8.26 -51.21 -1.20
N ASN E 345 9.22 -50.69 -1.99
CA ASN E 345 8.98 -50.53 -3.42
C ASN E 345 8.77 -51.88 -4.09
N ALA E 346 9.49 -52.91 -3.65
CA ALA E 346 9.30 -54.24 -4.21
C ALA E 346 7.90 -54.78 -3.93
N LYS E 347 7.41 -54.58 -2.71
CA LYS E 347 6.13 -55.15 -2.30
C LYS E 347 4.93 -54.27 -2.62
N LEU E 348 5.14 -53.03 -3.09
CA LEU E 348 4.04 -52.14 -3.42
C LEU E 348 4.14 -51.52 -4.81
N SER E 349 5.27 -51.64 -5.50
CA SER E 349 5.44 -51.08 -6.83
C SER E 349 5.18 -49.57 -6.82
N LEU E 350 6.00 -48.86 -6.04
CA LEU E 350 5.84 -47.43 -5.90
C LEU E 350 6.23 -46.66 -7.15
N TRP E 351 6.89 -47.30 -8.11
CA TRP E 351 7.35 -46.60 -9.31
C TRP E 351 6.19 -46.16 -10.21
N ASN E 352 4.98 -46.65 -9.96
CA ASN E 352 3.80 -46.25 -10.72
C ASN E 352 2.75 -45.67 -9.77
N GLU E 353 1.76 -45.00 -10.36
CA GLU E 353 0.80 -44.23 -9.56
C GLU E 353 0.01 -45.12 -8.61
N ASN E 354 -0.35 -46.33 -9.04
CA ASN E 354 -1.07 -47.23 -8.14
C ASN E 354 -0.29 -47.48 -6.87
N GLY E 355 1.04 -47.55 -6.97
CA GLY E 355 1.85 -47.76 -5.77
C GLY E 355 1.74 -46.60 -4.80
N LYS E 356 1.80 -45.37 -5.32
CA LYS E 356 1.64 -44.21 -4.46
C LYS E 356 0.25 -44.19 -3.81
N LYS E 357 -0.78 -44.53 -4.58
CA LYS E 357 -2.12 -44.60 -4.02
C LYS E 357 -2.18 -45.64 -2.90
N ARG E 358 -1.56 -46.80 -3.10
CA ARG E 358 -1.56 -47.84 -2.08
C ARG E 358 -0.82 -47.39 -0.83
N LEU E 359 0.32 -46.70 -0.99
CA LEU E 359 1.05 -46.20 0.18
C LEU E 359 0.22 -45.18 0.95
N HIS E 360 -0.44 -44.26 0.22
CA HIS E 360 -1.30 -43.29 0.89
C HIS E 360 -2.44 -43.97 1.62
N LYS E 361 -3.02 -45.02 1.02
CA LYS E 361 -4.06 -45.78 1.71
C LYS E 361 -3.52 -46.41 2.98
N MET E 362 -2.31 -46.96 2.92
CA MET E 362 -1.72 -47.56 4.11
C MET E 362 -1.55 -46.54 5.22
N PHE E 363 -1.01 -45.37 4.88
CA PHE E 363 -0.82 -44.34 5.90
C PHE E 363 -2.15 -43.88 6.47
N ALA E 364 -3.16 -43.71 5.62
CA ALA E 364 -4.48 -43.31 6.12
C ALA E 364 -5.05 -44.36 7.06
N ARG E 365 -4.88 -45.64 6.74
CA ARG E 365 -5.40 -46.70 7.60
C ARG E 365 -4.66 -46.72 8.94
N MET E 366 -3.34 -46.52 8.92
CA MET E 366 -2.58 -46.57 10.16
C MET E 366 -2.95 -45.46 11.13
N GLY E 367 -3.67 -44.44 10.68
CA GLY E 367 -4.05 -43.34 11.54
C GLY E 367 -3.04 -42.22 11.62
N ILE E 368 -2.12 -42.14 10.68
CA ILE E 368 -1.09 -41.10 10.66
C ILE E 368 -1.47 -40.08 9.60
N PRO E 369 -1.75 -38.83 9.97
CA PRO E 369 -2.02 -37.82 8.94
C PRO E 369 -0.84 -37.67 7.99
N LEU E 370 -1.16 -37.37 6.72
CA LEU E 370 -0.11 -37.21 5.73
C LEU E 370 0.85 -36.09 6.13
N SER E 371 0.32 -35.01 6.68
CA SER E 371 1.19 -33.92 7.13
C SER E 371 2.12 -34.39 8.24
N THR E 372 1.60 -35.19 9.18
CA THR E 372 2.42 -35.69 10.26
C THR E 372 3.50 -36.63 9.74
N ALA E 373 3.16 -37.51 8.82
CA ALA E 373 4.13 -38.47 8.31
C ALA E 373 5.28 -37.76 7.60
N GLN E 374 4.97 -36.73 6.81
CA GLN E 374 6.01 -36.03 6.06
C GLN E 374 6.89 -35.16 6.95
N GLU E 375 6.52 -34.97 8.22
CA GLU E 375 7.37 -34.22 9.14
C GLU E 375 8.62 -35.01 9.46
N THR E 376 9.71 -34.28 9.73
CA THR E 376 10.98 -34.93 10.01
C THR E 376 10.90 -35.71 11.33
N TRP E 377 11.85 -36.61 11.51
CA TRP E 377 11.77 -37.57 12.62
C TRP E 377 11.80 -36.87 13.96
N LEU E 378 12.71 -35.90 14.15
CA LEU E 378 12.89 -35.31 15.47
C LEU E 378 11.63 -34.59 15.94
N TYR E 379 10.98 -33.84 15.06
CA TYR E 379 9.86 -33.00 15.42
C TYR E 379 8.51 -33.67 15.22
N MET E 380 8.49 -34.96 14.87
CA MET E 380 7.22 -35.64 14.68
C MET E 380 6.45 -35.72 15.98
N ASP E 381 5.13 -35.74 15.87
CA ASP E 381 4.28 -35.84 17.05
C ASP E 381 4.67 -37.08 17.86
N HIS E 382 4.91 -36.88 19.15
CA HIS E 382 5.50 -37.92 19.98
C HIS E 382 4.54 -39.05 20.32
N SER E 383 3.22 -38.79 20.34
CA SER E 383 2.29 -39.89 20.56
C SER E 383 2.42 -40.95 19.48
N ILE E 384 2.43 -40.52 18.21
CA ILE E 384 2.58 -41.46 17.10
C ILE E 384 3.96 -42.10 17.14
N LYS E 385 4.99 -41.33 17.47
CA LYS E 385 6.33 -41.90 17.53
C LYS E 385 6.42 -43.01 18.57
N ARG E 386 5.79 -42.80 19.73
CA ARG E 386 5.79 -43.83 20.76
C ARG E 386 4.95 -45.03 20.35
N GLU E 387 3.81 -44.79 19.69
CA GLU E 387 2.92 -45.87 19.31
C GLU E 387 3.33 -46.59 18.04
N LEU E 388 4.40 -46.13 17.37
CA LEU E 388 4.78 -46.68 16.07
C LEU E 388 4.86 -48.20 16.10
N GLY E 389 5.43 -48.77 17.16
CA GLY E 389 5.55 -50.22 17.22
C GLY E 389 4.20 -50.90 17.21
N ILE E 390 3.22 -50.38 17.94
CA ILE E 390 1.85 -50.97 17.98
C ILE E 390 1.18 -50.72 16.63
N ILE E 391 1.25 -49.50 16.12
CA ILE E 391 0.54 -49.13 14.86
C ILE E 391 1.08 -49.99 13.73
N PHE E 392 2.40 -50.13 13.64
CA PHE E 392 3.04 -50.90 12.54
C PHE E 392 2.66 -52.36 12.62
N ASP E 393 2.67 -52.94 13.81
CA ASP E 393 2.47 -54.40 13.88
C ASP E 393 1.10 -54.88 13.42
N LYS E 394 0.00 -54.25 13.82
CA LYS E 394 -1.32 -54.65 13.28
C LYS E 394 -1.48 -54.32 11.80
N ASN E 395 -1.13 -53.11 11.39
CA ASN E 395 -1.33 -52.60 10.00
C ASN E 395 -0.46 -53.24 8.89
N LEU E 396 0.82 -53.49 9.12
CA LEU E 396 1.79 -53.90 8.06
C LEU E 396 1.44 -55.25 7.43
N ASP E 397 0.94 -56.21 8.19
CA ASP E 397 0.68 -57.58 7.69
C ASP E 397 -0.33 -57.52 6.54
N ARG E 398 -1.31 -56.64 6.63
CA ARG E 398 -2.37 -56.49 5.62
C ARG E 398 -1.76 -56.08 4.27
N TYR E 399 -0.76 -55.20 4.27
CA TYR E 399 -0.16 -54.67 3.01
C TYR E 399 1.00 -55.56 2.53
N GLY E 400 1.36 -56.62 3.27
CA GLY E 400 2.44 -57.55 2.89
C GLY E 400 3.81 -57.03 3.25
N LEU E 401 3.90 -55.98 4.05
CA LEU E 401 5.17 -55.30 4.44
C LEU E 401 5.52 -55.75 5.85
N GLN E 402 5.06 -56.91 6.29
CA GLN E 402 5.24 -57.38 7.69
C GLN E 402 6.71 -57.53 8.06
N ASP E 403 7.56 -58.00 7.17
CA ASP E 403 8.99 -58.27 7.48
C ASP E 403 9.77 -57.00 7.77
N ILE E 404 9.19 -55.81 7.61
CA ILE E 404 9.87 -54.59 8.02
C ILE E 404 10.30 -54.68 9.48
N ILE E 405 9.53 -55.39 10.30
CA ILE E 405 9.84 -55.53 11.71
C ILE E 405 11.15 -56.29 11.88
N ARG E 406 12.07 -55.72 12.65
CA ARG E 406 13.38 -56.33 12.85
C ARG E 406 14.03 -55.79 14.11
N ASP E 407 15.10 -56.46 14.52
CA ASP E 407 15.89 -56.06 15.68
C ASP E 407 17.28 -55.66 15.19
N GLY E 408 17.73 -54.47 15.59
CA GLY E 408 19.02 -53.97 15.16
C GLY E 408 19.80 -53.35 16.28
N PHE E 409 20.91 -52.69 15.95
CA PHE E 409 21.78 -52.05 16.93
C PHE E 409 21.68 -50.54 16.78
N VAL E 410 21.42 -49.86 17.90
CA VAL E 410 21.33 -48.41 17.93
C VAL E 410 22.34 -47.89 18.95
N ARG E 411 23.13 -46.91 18.54
CA ARG E 411 24.19 -46.35 19.37
C ARG E 411 23.91 -44.88 19.61
N THR E 412 24.00 -44.45 20.87
CA THR E 412 23.75 -43.08 21.26
C THR E 412 24.95 -42.52 22.01
N LEU E 413 25.33 -41.30 21.67
CA LEU E 413 26.31 -40.53 22.42
C LEU E 413 25.59 -39.42 23.15
N GLY E 414 25.84 -39.29 24.45
CA GLY E 414 25.06 -38.41 25.30
C GLY E 414 24.66 -37.11 24.67
N TYR E 415 23.35 -36.82 24.70
CA TYR E 415 22.75 -35.57 24.23
C TYR E 415 22.81 -35.40 22.72
N ARG E 416 23.17 -36.44 21.98
CA ARG E 416 23.17 -36.42 20.53
C ARG E 416 22.10 -37.38 20.00
N GLY E 417 21.77 -37.21 18.72
CA GLY E 417 20.80 -38.10 18.11
C GLY E 417 21.33 -39.53 18.02
N SER E 418 20.43 -40.49 18.20
CA SER E 418 20.77 -41.90 18.13
C SER E 418 20.71 -42.37 16.68
N ILE E 419 21.71 -43.16 16.29
CA ILE E 419 21.85 -43.65 14.91
C ILE E 419 22.01 -45.16 14.96
N SER E 420 21.41 -45.84 13.98
CA SER E 420 21.46 -47.28 13.91
C SER E 420 22.61 -47.74 13.02
N ALA E 421 22.94 -49.03 13.12
CA ALA E 421 24.04 -49.57 12.33
C ALA E 421 23.77 -49.48 10.85
N SER E 422 22.54 -49.77 10.42
CA SER E 422 22.23 -49.77 9.00
C SER E 422 22.39 -48.38 8.41
N GLU E 423 21.91 -47.34 9.10
CA GLU E 423 22.08 -45.98 8.62
C GLU E 423 23.53 -45.54 8.62
N PHE E 424 24.31 -45.97 9.61
CA PHE E 424 25.73 -45.67 9.61
C PHE E 424 26.42 -46.28 8.39
N VAL E 425 26.11 -47.54 8.09
CA VAL E 425 26.69 -48.19 6.91
C VAL E 425 26.26 -47.47 5.65
N GLU E 426 24.99 -47.07 5.58
CA GLU E 426 24.52 -46.34 4.40
C GLU E 426 25.28 -45.03 4.23
N ALA E 427 25.50 -44.30 5.33
CA ALA E 427 26.25 -43.05 5.24
C ALA E 427 27.68 -43.30 4.77
N LEU E 428 28.32 -44.34 5.30
CA LEU E 428 29.69 -44.65 4.88
C LEU E 428 29.74 -44.99 3.40
N THR E 429 28.80 -45.80 2.94
CA THR E 429 28.76 -46.18 1.52
C THR E 429 28.53 -44.95 0.65
N ALA E 430 27.60 -44.09 1.05
CA ALA E 430 27.34 -42.88 0.26
C ALA E 430 28.57 -41.99 0.20
N LEU E 431 29.30 -41.87 1.30
CA LEU E 431 30.54 -41.11 1.26
C LEU E 431 31.55 -41.74 0.31
N LEU E 432 31.62 -43.08 0.31
CA LEU E 432 32.52 -43.76 -0.62
C LEU E 432 32.15 -43.47 -2.06
N GLU E 433 30.86 -43.50 -2.39
CA GLU E 433 30.43 -43.45 -3.78
C GLU E 433 30.60 -42.05 -4.36
N VAL E 434 29.97 -41.06 -3.75
CA VAL E 434 29.91 -39.72 -4.34
C VAL E 434 30.56 -38.71 -3.40
N GLY E 435 31.51 -39.17 -2.60
CA GLY E 435 32.23 -38.26 -1.73
C GLY E 435 33.15 -37.35 -2.52
N ASN E 436 33.14 -36.06 -2.25
CA ASN E 436 33.93 -35.07 -3.05
C ASN E 436 33.27 -33.70 -2.94
N SER E 462 43.10 -41.71 -22.97
CA SER E 462 42.02 -42.59 -22.55
C SER E 462 42.30 -43.16 -21.16
N ALA E 463 43.44 -43.84 -21.03
CA ALA E 463 43.80 -44.43 -19.74
C ALA E 463 43.97 -43.35 -18.67
N GLN E 464 44.30 -42.13 -19.08
CA GLN E 464 44.46 -41.05 -18.11
C GLN E 464 43.18 -40.81 -17.34
N LYS E 465 42.04 -40.78 -18.04
CA LYS E 465 40.76 -40.54 -17.38
C LYS E 465 40.42 -41.68 -16.42
N LEU E 466 40.69 -42.92 -16.83
CA LEU E 466 40.44 -44.06 -15.94
C LEU E 466 41.28 -43.96 -14.67
N THR E 467 42.57 -43.63 -14.83
CA THR E 467 43.43 -43.47 -13.66
C THR E 467 42.93 -42.34 -12.77
N ASN E 468 42.47 -41.25 -13.38
CA ASN E 468 41.95 -40.13 -12.59
C ASN E 468 40.74 -40.54 -11.78
N LEU E 469 39.83 -41.29 -12.39
CA LEU E 469 38.63 -41.75 -11.68
C LEU E 469 39.01 -42.65 -10.51
N ARG E 470 39.94 -43.59 -10.75
CA ARG E 470 40.36 -44.47 -9.66
C ARG E 470 41.06 -43.70 -8.55
N LYS E 471 41.84 -42.69 -8.89
CA LYS E 471 42.44 -41.82 -7.87
C LYS E 471 41.37 -41.09 -7.07
N ARG E 472 40.31 -40.61 -7.72
CA ARG E 472 39.24 -39.94 -6.99
C ARG E 472 38.57 -40.90 -6.01
N TRP E 473 38.34 -42.15 -6.42
CA TRP E 473 37.74 -43.10 -5.49
C TRP E 473 38.68 -43.42 -4.32
N VAL E 474 39.97 -43.55 -4.59
CA VAL E 474 40.93 -43.74 -3.51
C VAL E 474 40.88 -42.55 -2.55
N SER E 475 40.67 -41.35 -3.09
CA SER E 475 40.51 -40.18 -2.23
C SER E 475 39.26 -40.30 -1.35
N ASN E 476 38.14 -40.73 -1.94
CA ASN E 476 36.90 -40.88 -1.16
C ASN E 476 37.06 -41.88 -0.03
N PHE E 477 37.94 -42.88 -0.21
CA PHE E 477 38.18 -43.84 0.86
C PHE E 477 38.49 -43.15 2.17
N TRP E 478 39.29 -42.08 2.14
CA TRP E 478 39.70 -41.43 3.37
C TRP E 478 38.58 -40.60 3.99
N LEU E 479 37.71 -40.00 3.19
CA LEU E 479 36.51 -39.39 3.76
C LEU E 479 35.71 -40.42 4.54
N SER E 480 35.46 -41.57 3.92
CA SER E 480 34.70 -42.61 4.61
C SER E 480 35.41 -43.11 5.85
N TRP E 481 36.75 -43.17 5.81
CA TRP E 481 37.52 -43.62 6.98
C TRP E 481 37.43 -42.60 8.11
N ASP E 482 37.49 -41.32 7.77
CA ASP E 482 37.36 -40.28 8.80
C ASP E 482 35.99 -40.31 9.44
N ALA E 483 34.94 -40.57 8.65
CA ALA E 483 33.59 -40.59 9.21
C ALA E 483 33.42 -41.60 10.34
N LEU E 484 34.40 -42.48 10.56
CA LEU E 484 34.31 -43.48 11.61
C LEU E 484 34.73 -42.95 12.99
N ASP E 485 35.18 -41.71 13.08
CA ASP E 485 35.67 -41.14 14.32
C ASP E 485 34.63 -40.21 14.93
N ASP E 486 34.34 -40.41 16.21
CA ASP E 486 33.32 -39.62 16.88
C ASP E 486 33.65 -38.14 16.92
N ARG E 487 34.92 -37.77 16.75
CA ARG E 487 35.27 -36.36 16.66
C ARG E 487 34.88 -35.76 15.32
N LYS E 488 34.57 -36.60 14.33
CA LYS E 488 34.12 -36.14 13.02
C LYS E 488 32.66 -36.57 12.86
N VAL E 489 31.75 -35.67 13.21
CA VAL E 489 30.32 -35.92 13.02
C VAL E 489 29.76 -35.14 11.83
N GLU E 490 30.36 -33.99 11.49
CA GLU E 490 29.94 -33.29 10.28
C GLU E 490 30.10 -34.17 9.05
N LEU E 491 31.16 -34.96 9.00
CA LEU E 491 31.34 -35.87 7.87
C LEU E 491 30.22 -36.90 7.81
N LEU E 492 29.81 -37.43 8.96
CA LEU E 492 28.72 -38.40 8.97
C LEU E 492 27.41 -37.76 8.51
N ASN E 493 27.12 -36.54 8.97
CA ASN E 493 25.91 -35.86 8.51
C ASN E 493 25.95 -35.60 7.01
N ARG E 494 27.13 -35.22 6.53
CA ARG E 494 27.34 -34.97 5.08
C ARG E 494 27.08 -36.28 4.37
N GLY E 495 27.51 -37.43 4.90
CA GLY E 495 27.29 -38.72 4.29
C GLY E 495 25.82 -39.09 4.24
N ILE E 496 25.08 -38.78 5.30
CA ILE E 496 23.64 -39.06 5.29
C ILE E 496 22.94 -38.24 4.21
N GLN E 497 23.30 -36.96 4.10
CA GLN E 497 22.70 -36.13 3.06
C GLN E 497 22.99 -36.68 1.66
N LEU E 498 24.25 -37.05 1.41
CA LEU E 498 24.62 -37.61 0.12
C LEU E 498 23.90 -38.93 -0.12
N ALA E 499 23.71 -39.75 0.91
CA ALA E 499 23.00 -41.00 0.76
C ALA E 499 21.57 -40.77 0.33
N GLN E 500 20.90 -39.78 0.94
CA GLN E 500 19.54 -39.47 0.52
C GLN E 500 19.51 -39.03 -0.93
N ASP E 501 20.44 -38.16 -1.33
CA ASP E 501 20.50 -37.74 -2.73
C ASP E 501 20.68 -38.93 -3.67
N LEU E 502 21.61 -39.84 -3.31
CA LEU E 502 21.90 -40.97 -4.18
C LEU E 502 20.71 -41.91 -4.30
N GLN E 503 20.00 -42.13 -3.19
CA GLN E 503 18.83 -42.99 -3.26
C GLN E 503 17.74 -42.36 -4.13
N ARG E 504 17.58 -41.03 -4.05
CA ARG E 504 16.63 -40.37 -4.95
C ARG E 504 17.02 -40.58 -6.41
N ALA E 505 18.30 -40.42 -6.73
CA ALA E 505 18.74 -40.61 -8.11
C ALA E 505 18.53 -42.05 -8.56
N ILE E 506 18.84 -43.02 -7.71
CA ILE E 506 18.65 -44.42 -8.07
C ILE E 506 17.16 -44.71 -8.30
N PHE E 507 16.29 -44.14 -7.47
CA PHE E 507 14.87 -44.33 -7.66
C PHE E 507 14.42 -43.78 -9.01
N ASN E 508 14.89 -42.58 -9.37
CA ASN E 508 14.50 -42.02 -10.66
C ASN E 508 15.00 -42.87 -11.82
N THR E 509 16.25 -43.34 -11.75
CA THR E 509 16.78 -44.15 -12.84
C THR E 509 16.03 -45.48 -12.95
N GLY E 510 15.72 -46.11 -11.82
CA GLY E 510 14.96 -47.35 -11.86
C GLY E 510 13.56 -47.14 -12.42
N VAL E 511 12.94 -46.01 -12.09
CA VAL E 511 11.63 -45.69 -12.66
C VAL E 511 11.74 -45.58 -14.17
N ALA E 512 12.77 -44.88 -14.65
CA ALA E 512 12.96 -44.75 -16.09
C ALA E 512 13.20 -46.10 -16.74
N ILE E 513 13.93 -46.99 -16.07
CA ILE E 513 14.21 -48.31 -16.65
C ILE E 513 12.93 -49.13 -16.73
N LEU E 514 12.13 -49.14 -15.66
CA LEU E 514 10.94 -49.99 -15.64
C LEU E 514 9.81 -49.46 -16.50
N GLU E 515 9.65 -48.14 -16.58
CA GLU E 515 8.57 -47.59 -17.38
C GLU E 515 8.76 -47.92 -18.86
N LYS E 516 10.00 -47.83 -19.35
CA LYS E 516 10.29 -48.08 -20.75
C LYS E 516 10.35 -49.57 -21.09
N LYS E 517 10.38 -50.44 -20.10
CA LYS E 517 10.55 -51.87 -20.31
C LYS E 517 11.87 -52.15 -21.06
N LEU E 518 12.95 -51.67 -20.46
CA LEU E 518 14.28 -51.88 -21.01
C LEU E 518 14.88 -53.23 -20.62
N ILE E 519 14.21 -53.98 -19.76
CA ILE E 519 14.72 -55.27 -19.28
C ILE E 519 14.28 -56.33 -20.28
N LYS E 520 15.25 -57.00 -20.91
CA LYS E 520 14.97 -58.08 -21.84
C LYS E 520 15.10 -59.41 -21.10
N HIS E 521 14.07 -60.23 -21.17
CA HIS E 521 13.98 -61.47 -20.39
C HIS E 521 14.35 -62.64 -21.30
N LEU E 522 15.65 -62.92 -21.41
CA LEU E 522 16.14 -64.05 -22.16
C LEU E 522 16.02 -65.32 -21.32
N ARG E 523 16.33 -66.45 -21.94
CA ARG E 523 16.13 -67.74 -21.28
C ARG E 523 17.24 -68.07 -20.29
N ILE E 524 18.42 -67.45 -20.42
CA ILE E 524 19.55 -67.77 -19.58
C ILE E 524 19.70 -66.71 -18.48
N TYR E 525 19.25 -65.49 -18.76
CA TYR E 525 19.46 -64.38 -17.84
C TYR E 525 18.63 -63.20 -18.32
N ARG E 526 18.59 -62.16 -17.49
CA ARG E 526 17.97 -60.88 -17.84
C ARG E 526 19.06 -59.88 -18.19
N LEU E 527 18.71 -58.95 -19.08
CA LEU E 527 19.66 -57.96 -19.57
C LEU E 527 19.04 -56.57 -19.46
N CYS E 528 19.88 -55.58 -19.17
CA CYS E 528 19.44 -54.19 -19.09
C CYS E 528 20.64 -53.30 -19.38
N VAL E 529 20.58 -52.55 -20.46
CA VAL E 529 21.68 -51.70 -20.91
C VAL E 529 21.17 -50.25 -20.95
N LEU E 530 21.90 -49.36 -20.29
CA LEU E 530 21.55 -47.95 -20.25
C LEU E 530 22.41 -47.19 -21.26
N GLN E 531 21.77 -46.34 -22.07
CA GLN E 531 22.47 -45.70 -23.18
C GLN E 531 22.29 -44.19 -23.18
N ASP E 532 21.14 -43.71 -22.67
CA ASP E 532 20.83 -42.28 -22.77
C ASP E 532 20.18 -41.74 -21.50
N GLY E 533 20.41 -42.36 -20.34
CA GLY E 533 19.84 -41.91 -19.11
C GLY E 533 20.19 -40.46 -18.81
N PRO E 534 19.50 -39.85 -17.84
CA PRO E 534 19.76 -38.44 -17.52
C PRO E 534 20.92 -38.27 -16.55
N ASP E 535 21.16 -39.29 -15.73
CA ASP E 535 22.18 -39.22 -14.69
C ASP E 535 23.18 -40.35 -14.86
N LEU E 536 23.68 -40.52 -16.08
CA LEU E 536 24.54 -41.66 -16.40
C LEU E 536 25.96 -41.49 -15.89
N ASP E 537 26.36 -40.29 -15.48
CA ASP E 537 27.70 -40.10 -14.90
C ASP E 537 27.82 -40.77 -13.54
N LEU E 538 26.70 -41.07 -12.88
CA LEU E 538 26.75 -41.62 -11.53
C LEU E 538 27.25 -43.06 -11.52
N TYR E 539 26.95 -43.83 -12.57
CA TYR E 539 27.12 -45.28 -12.54
C TYR E 539 28.50 -45.72 -13.01
N ARG E 540 29.47 -44.82 -13.10
CA ARG E 540 30.84 -45.24 -13.36
C ARG E 540 31.45 -45.91 -12.13
N ASN E 541 30.94 -45.62 -10.94
CA ASN E 541 31.40 -46.27 -9.72
C ASN E 541 30.74 -47.64 -9.59
N PRO E 542 31.50 -48.71 -9.38
CA PRO E 542 30.85 -50.02 -9.20
C PRO E 542 29.86 -50.05 -8.06
N LEU E 543 30.09 -49.27 -7.00
CA LEU E 543 29.20 -49.31 -5.85
C LEU E 543 27.82 -48.77 -6.20
N THR E 544 27.75 -47.63 -6.89
CA THR E 544 26.45 -47.09 -7.31
C THR E 544 25.75 -48.00 -8.31
N LEU E 545 26.50 -48.60 -9.23
CA LEU E 545 25.92 -49.56 -10.15
C LEU E 545 25.33 -50.75 -9.41
N LEU E 546 26.02 -51.26 -8.40
CA LEU E 546 25.47 -52.34 -7.58
C LEU E 546 24.28 -51.90 -6.76
N ARG E 547 24.25 -50.64 -6.31
CA ARG E 547 23.06 -50.13 -5.63
C ARG E 547 21.85 -50.19 -6.56
N LEU E 548 21.99 -49.68 -7.78
CA LEU E 548 20.89 -49.76 -8.73
C LEU E 548 20.54 -51.20 -9.05
N GLY E 549 21.55 -52.06 -9.16
CA GLY E 549 21.28 -53.46 -9.44
C GLY E 549 20.48 -54.12 -8.34
N ASN E 550 20.81 -53.85 -7.08
CA ASN E 550 20.03 -54.38 -5.98
C ASN E 550 18.60 -53.85 -6.01
N TRP E 551 18.44 -52.55 -6.27
CA TRP E 551 17.09 -52.00 -6.38
C TRP E 551 16.28 -52.76 -7.42
N LEU E 552 16.85 -52.97 -8.61
CA LEU E 552 16.13 -53.69 -9.65
C LEU E 552 15.88 -55.14 -9.25
N ILE E 553 16.86 -55.78 -8.62
CA ILE E 553 16.72 -57.19 -8.27
C ILE E 553 15.55 -57.38 -7.31
N GLU E 554 15.38 -56.45 -6.37
CA GLU E 554 14.27 -56.59 -5.42
C GLU E 554 12.92 -56.36 -6.09
N CYS E 555 12.81 -55.32 -6.91
CA CYS E 555 11.52 -54.94 -7.47
C CYS E 555 11.27 -55.66 -8.79
N CYS E 556 10.10 -56.30 -8.90
CA CYS E 556 9.62 -56.96 -10.10
C CYS E 556 10.54 -58.09 -10.58
N ALA E 557 11.56 -58.43 -9.80
CA ALA E 557 12.40 -59.59 -10.06
C ALA E 557 12.38 -60.57 -8.90
N GLU E 558 12.55 -60.08 -7.67
CA GLU E 558 12.37 -60.93 -6.49
C GLU E 558 10.92 -61.40 -6.40
N SER E 559 9.98 -60.50 -6.63
CA SER E 559 8.56 -60.80 -6.58
C SER E 559 8.06 -61.17 -7.97
N GLU E 560 6.73 -61.25 -8.11
CA GLU E 560 6.02 -61.62 -9.34
C GLU E 560 5.97 -63.14 -9.52
N ASP E 561 6.49 -63.91 -8.58
CA ASP E 561 6.46 -65.38 -8.67
C ASP E 561 7.11 -65.87 -9.96
N LYS E 562 8.21 -65.23 -10.35
CA LYS E 562 8.97 -65.60 -11.52
C LYS E 562 10.19 -66.42 -11.13
N GLN E 563 10.66 -67.24 -12.07
CA GLN E 563 11.80 -68.10 -11.79
C GLN E 563 13.06 -67.25 -11.54
N LEU E 564 13.92 -67.76 -10.66
CA LEU E 564 15.15 -67.06 -10.34
C LEU E 564 16.09 -67.07 -11.53
N LEU E 565 16.46 -65.88 -12.00
CA LEU E 565 17.30 -65.73 -13.18
C LEU E 565 18.34 -64.66 -12.88
N PRO E 566 19.63 -64.93 -13.10
CA PRO E 566 20.64 -63.88 -12.91
C PRO E 566 20.44 -62.74 -13.91
N MET E 567 20.88 -61.55 -13.50
CA MET E 567 20.68 -60.33 -14.27
C MET E 567 22.02 -59.70 -14.63
N VAL E 568 22.07 -59.12 -15.81
CA VAL E 568 23.24 -58.38 -16.29
C VAL E 568 22.84 -56.92 -16.45
N LEU E 569 23.62 -56.03 -15.86
CA LEU E 569 23.36 -54.59 -15.93
C LEU E 569 24.61 -53.92 -16.48
N ALA E 570 24.42 -53.06 -17.49
CA ALA E 570 25.51 -52.36 -18.13
C ALA E 570 25.17 -50.88 -18.25
N SER E 571 26.21 -50.04 -18.24
CA SER E 571 26.03 -48.60 -18.35
C SER E 571 27.16 -48.03 -19.18
N ILE E 572 26.89 -46.90 -19.84
CA ILE E 572 27.83 -46.30 -20.77
C ILE E 572 28.28 -44.95 -20.23
N ASP E 573 29.43 -44.49 -20.72
CA ASP E 573 29.97 -43.17 -20.37
C ASP E 573 30.63 -42.60 -21.62
N GLU E 574 30.07 -41.50 -22.13
CA GLU E 574 30.57 -40.95 -23.39
C GLU E 574 32.01 -40.50 -23.29
N ASN E 575 32.45 -40.06 -22.11
CA ASN E 575 33.80 -39.55 -21.96
C ASN E 575 34.86 -40.58 -22.30
N THR E 576 34.53 -41.88 -22.22
CA THR E 576 35.47 -42.95 -22.52
C THR E 576 34.93 -43.98 -23.49
N ASP E 577 33.67 -43.87 -23.90
CA ASP E 577 33.07 -44.78 -24.88
C ASP E 577 33.34 -46.23 -24.52
N THR E 578 32.82 -46.64 -23.36
CA THR E 578 32.94 -48.01 -22.91
C THR E 578 31.78 -48.33 -21.98
N TYR E 579 31.54 -49.62 -21.79
CA TYR E 579 30.50 -50.10 -20.89
C TYR E 579 31.12 -50.63 -19.61
N LEU E 580 30.33 -50.59 -18.53
CA LEU E 580 30.70 -51.17 -17.24
C LEU E 580 29.68 -52.25 -16.93
N VAL E 581 29.93 -53.45 -17.47
CA VAL E 581 28.99 -54.55 -17.24
C VAL E 581 29.15 -55.07 -15.81
N ALA E 582 28.06 -55.61 -15.29
CA ALA E 582 28.05 -56.10 -13.91
C ALA E 582 27.01 -57.19 -13.77
N GLY E 583 27.46 -58.44 -13.72
CA GLY E 583 26.55 -59.53 -13.39
C GLY E 583 26.14 -59.47 -11.94
N LEU E 584 24.90 -59.89 -11.69
CA LEU E 584 24.33 -59.84 -10.34
C LEU E 584 23.66 -61.17 -10.03
N THR E 585 23.92 -61.70 -8.85
CA THR E 585 23.30 -62.94 -8.43
C THR E 585 21.82 -62.71 -8.09
N PRO E 586 20.95 -63.66 -8.39
CA PRO E 586 19.57 -63.55 -7.93
C PRO E 586 19.47 -63.80 -6.43
N ARG E 587 18.36 -63.33 -5.86
CA ARG E 587 18.11 -63.45 -4.43
C ARG E 587 16.73 -64.03 -4.19
N TYR E 588 16.65 -64.96 -3.23
CA TYR E 588 15.36 -65.54 -2.87
C TYR E 588 14.49 -64.48 -2.20
N PRO E 589 13.16 -64.66 -2.24
CA PRO E 589 12.27 -63.76 -1.50
C PRO E 589 12.76 -63.51 -0.09
N ARG E 590 12.83 -62.24 0.30
CA ARG E 590 13.44 -61.88 1.58
C ARG E 590 12.61 -62.40 2.75
N GLY E 591 13.29 -62.83 3.80
CA GLY E 591 12.61 -63.27 5.01
C GLY E 591 11.67 -64.44 4.80
N LEU E 592 12.05 -65.38 3.94
CA LEU E 592 11.26 -66.59 3.68
C LEU E 592 12.16 -67.79 3.94
N ASP E 593 12.19 -68.23 5.19
CA ASP E 593 13.03 -69.36 5.57
C ASP E 593 12.49 -70.64 4.96
N THR E 594 13.34 -71.36 4.22
CA THR E 594 12.95 -72.60 3.58
C THR E 594 14.22 -73.41 3.30
N ILE E 595 14.02 -74.70 3.04
CA ILE E 595 15.16 -75.57 2.74
C ILE E 595 15.88 -75.09 1.50
N HIS E 596 15.14 -74.74 0.45
CA HIS E 596 15.77 -74.24 -0.77
C HIS E 596 16.35 -72.84 -0.53
N THR E 597 15.67 -72.01 0.26
CA THR E 597 16.21 -70.71 0.59
C THR E 597 17.43 -70.83 1.50
N LYS E 598 17.52 -71.91 2.28
CA LYS E 598 18.69 -72.12 3.11
C LYS E 598 19.94 -72.28 2.26
N LYS E 599 19.84 -73.00 1.16
CA LYS E 599 20.98 -73.20 0.28
C LYS E 599 21.41 -71.85 -0.30
N PRO E 600 22.72 -71.58 -0.41
CA PRO E 600 23.16 -70.34 -1.03
C PRO E 600 23.28 -70.46 -2.54
N ILE E 601 23.24 -69.30 -3.20
CA ILE E 601 23.34 -69.21 -4.65
C ILE E 601 24.67 -68.54 -4.97
N LEU E 602 25.45 -69.17 -5.86
CA LEU E 602 26.76 -68.66 -6.21
C LEU E 602 26.66 -67.75 -7.43
N ASN E 603 27.75 -67.05 -7.71
CA ASN E 603 27.85 -66.12 -8.83
C ASN E 603 28.81 -66.71 -9.85
N ASN E 604 28.27 -67.23 -10.95
CA ASN E 604 29.07 -67.90 -11.96
C ASN E 604 29.56 -66.96 -13.06
N PHE E 605 29.23 -65.67 -12.99
CA PHE E 605 29.56 -64.78 -14.09
C PHE E 605 31.06 -64.62 -14.26
N SER E 606 31.84 -64.78 -13.19
CA SER E 606 33.29 -64.65 -13.33
C SER E 606 33.83 -65.69 -14.30
N MET E 607 33.44 -66.95 -14.13
CA MET E 607 33.96 -68.01 -14.99
C MET E 607 33.57 -67.79 -16.44
N ALA E 608 32.28 -67.52 -16.69
CA ALA E 608 31.82 -67.33 -18.06
C ALA E 608 32.48 -66.11 -18.70
N PHE E 609 32.59 -65.02 -17.95
CA PHE E 609 33.20 -63.81 -18.47
C PHE E 609 34.65 -64.06 -18.85
N GLN E 610 35.40 -64.75 -17.98
CA GLN E 610 36.80 -65.05 -18.29
C GLN E 610 36.91 -65.97 -19.50
N GLN E 611 36.05 -66.99 -19.57
CA GLN E 611 36.10 -67.90 -20.71
C GLN E 611 35.85 -67.17 -22.02
N ILE E 612 34.82 -66.31 -22.05
CA ILE E 612 34.50 -65.58 -23.26
C ILE E 612 35.61 -64.61 -23.61
N THR E 613 36.16 -63.92 -22.63
CA THR E 613 37.24 -62.97 -22.90
C THR E 613 38.45 -63.70 -23.50
N ALA E 614 38.79 -64.85 -22.94
CA ALA E 614 39.91 -65.62 -23.48
C ALA E 614 39.63 -66.09 -24.90
N GLU E 615 38.41 -66.60 -25.14
CA GLU E 615 38.09 -67.12 -26.46
C GLU E 615 37.98 -66.00 -27.49
N THR E 616 37.25 -64.92 -27.21
CA THR E 616 37.03 -63.84 -28.20
C THR E 616 38.14 -62.80 -28.05
N ASP E 617 38.37 -61.92 -29.03
CA ASP E 617 39.34 -60.80 -28.86
C ASP E 617 38.54 -59.70 -28.19
N ALA E 618 38.10 -59.94 -26.95
CA ALA E 618 37.20 -59.02 -26.23
C ALA E 618 37.80 -57.65 -25.90
N LYS E 619 39.06 -57.56 -25.49
CA LYS E 619 39.67 -56.28 -25.01
C LYS E 619 39.05 -55.96 -23.64
N VAL E 620 38.44 -56.96 -22.97
CA VAL E 620 37.79 -56.78 -21.64
C VAL E 620 38.84 -56.48 -20.58
N ARG E 621 38.53 -55.64 -19.59
CA ARG E 621 39.41 -55.40 -18.42
C ARG E 621 38.82 -56.22 -17.27
N ILE E 622 39.54 -57.19 -16.72
CA ILE E 622 39.06 -58.04 -15.64
C ILE E 622 39.88 -57.76 -14.39
N ASP E 623 40.35 -56.52 -14.25
CA ASP E 623 41.23 -56.17 -13.15
C ASP E 623 40.49 -55.86 -11.86
N ASN E 624 39.19 -55.63 -11.92
CA ASN E 624 38.44 -55.33 -10.70
C ASN E 624 38.45 -56.53 -9.76
N PHE E 625 38.46 -56.24 -8.45
CA PHE E 625 38.51 -57.31 -7.46
C PHE E 625 37.27 -58.20 -7.55
N GLU E 626 36.10 -57.60 -7.72
CA GLU E 626 34.88 -58.35 -7.99
C GLU E 626 34.93 -58.81 -9.43
N SER E 627 35.18 -60.10 -9.64
CA SER E 627 35.37 -60.63 -10.99
C SER E 627 34.12 -60.53 -11.84
N SER E 628 32.96 -60.28 -11.25
CA SER E 628 31.72 -60.17 -12.02
C SER E 628 31.59 -58.83 -12.74
N ILE E 629 32.44 -57.86 -12.44
CA ILE E 629 32.37 -56.53 -13.06
C ILE E 629 33.57 -56.37 -13.99
N ILE E 630 33.29 -56.00 -15.24
CA ILE E 630 34.36 -55.77 -16.22
C ILE E 630 34.09 -54.46 -16.95
N GLU E 631 34.93 -54.15 -17.93
CA GLU E 631 34.73 -53.02 -18.82
C GLU E 631 34.80 -53.51 -20.26
N ILE E 632 33.90 -53.02 -21.10
CA ILE E 632 33.83 -53.41 -22.50
C ILE E 632 33.80 -52.16 -23.35
N ARG E 633 34.29 -52.30 -24.58
CA ARG E 633 34.24 -51.20 -25.53
C ARG E 633 32.85 -51.10 -26.14
N ARG E 634 32.54 -49.90 -26.63
CA ARG E 634 31.19 -49.61 -27.10
C ARG E 634 30.73 -50.60 -28.17
N GLU E 635 31.66 -51.05 -29.02
CA GLU E 635 31.30 -51.84 -30.18
C GLU E 635 31.42 -53.34 -29.97
N ASP E 636 31.83 -53.79 -28.78
CA ASP E 636 32.01 -55.21 -28.51
C ASP E 636 30.87 -55.81 -27.69
N LEU E 637 29.96 -54.98 -27.15
CA LEU E 637 28.95 -55.50 -26.25
C LEU E 637 28.02 -56.47 -26.97
N SER E 638 27.62 -56.16 -28.20
CA SER E 638 26.72 -57.05 -28.92
C SER E 638 27.34 -58.42 -29.16
N PRO E 639 28.54 -58.54 -29.73
CA PRO E 639 29.17 -59.87 -29.81
C PRO E 639 29.34 -60.53 -28.47
N PHE E 640 29.71 -59.76 -27.44
CA PHE E 640 29.93 -60.35 -26.12
C PHE E 640 28.65 -60.96 -25.59
N LEU E 641 27.53 -60.25 -25.73
CA LEU E 641 26.26 -60.76 -25.21
C LEU E 641 25.75 -61.92 -26.04
N GLU E 642 25.97 -61.89 -27.35
CA GLU E 642 25.59 -63.03 -28.18
C GLU E 642 26.34 -64.28 -27.73
N LYS E 643 27.65 -64.15 -27.53
CA LYS E 643 28.44 -65.29 -27.07
C LYS E 643 28.03 -65.71 -25.67
N LEU E 644 27.66 -64.74 -24.83
CA LEU E 644 27.19 -65.05 -23.49
C LEU E 644 25.94 -65.92 -23.54
N THR E 645 24.98 -65.53 -24.37
CA THR E 645 23.76 -66.32 -24.51
C THR E 645 24.07 -67.70 -25.06
N LEU E 646 24.97 -67.79 -26.03
CA LEU E 646 25.31 -69.08 -26.62
C LEU E 646 26.19 -69.94 -25.72
N SER E 647 26.79 -69.36 -24.67
CA SER E 647 27.70 -70.13 -23.84
C SER E 647 26.97 -71.18 -23.01
N GLY E 648 25.88 -70.79 -22.35
CA GLY E 648 25.09 -71.72 -21.57
C GLY E 648 25.68 -72.10 -20.23
N LEU E 649 26.78 -71.48 -19.82
CA LEU E 649 27.41 -71.75 -18.53
C LEU E 649 27.01 -70.75 -17.46
N LEU E 650 26.08 -69.85 -17.77
CA LEU E 650 25.70 -68.78 -16.85
C LEU E 650 25.01 -69.34 -15.62
N ILE H 174 -36.92 -54.11 28.10
CA ILE H 174 -36.21 -53.32 27.06
C ILE H 174 -36.35 -51.84 27.35
N ASP H 175 -35.26 -51.09 27.20
CA ASP H 175 -35.30 -49.66 27.44
C ASP H 175 -36.15 -48.98 26.38
N PRO H 176 -37.17 -48.20 26.76
CA PRO H 176 -37.99 -47.54 25.74
C PRO H 176 -37.19 -46.63 24.82
N LEU H 177 -36.15 -45.98 25.32
CA LEU H 177 -35.37 -45.05 24.52
C LEU H 177 -34.57 -45.75 23.42
N ARG H 178 -34.40 -47.06 23.50
CA ARG H 178 -33.61 -47.80 22.51
C ARG H 178 -34.48 -48.51 21.48
N GLU H 179 -35.81 -48.41 21.57
CA GLU H 179 -36.68 -49.01 20.59
C GLU H 179 -36.71 -48.17 19.32
N GLU H 180 -37.04 -48.82 18.20
CA GLU H 180 -37.05 -48.17 16.89
C GLU H 180 -38.31 -48.52 16.13
N LEU H 181 -38.71 -47.62 15.24
CA LEU H 181 -39.85 -47.83 14.36
C LEU H 181 -39.36 -48.43 13.04
N THR H 182 -40.24 -48.44 12.03
CA THR H 182 -39.93 -48.89 10.69
C THR H 182 -40.12 -47.74 9.71
N LEU H 183 -39.72 -47.96 8.46
CA LEU H 183 -39.74 -46.89 7.46
C LEU H 183 -41.15 -46.38 7.22
N GLU H 184 -42.10 -47.28 6.96
CA GLU H 184 -43.48 -46.86 6.78
C GLU H 184 -44.01 -46.20 8.06
N SER H 185 -43.65 -46.75 9.23
CA SER H 185 -43.98 -46.10 10.48
C SER H 185 -43.25 -44.77 10.66
N LEU H 186 -42.20 -44.52 9.89
CA LEU H 186 -41.54 -43.24 9.89
C LEU H 186 -42.20 -42.23 8.95
N SER H 187 -42.86 -42.71 7.89
CA SER H 187 -43.52 -41.79 6.97
C SER H 187 -44.70 -41.07 7.61
N ASN H 188 -45.44 -41.73 8.50
CA ASN H 188 -46.59 -41.11 9.15
C ASN H 188 -46.11 -40.33 10.37
N VAL H 189 -46.39 -39.03 10.39
CA VAL H 189 -45.80 -38.13 11.36
C VAL H 189 -46.73 -38.01 12.57
N LYS H 190 -46.15 -38.09 13.76
CA LYS H 190 -46.90 -37.99 15.02
C LYS H 190 -46.37 -36.85 15.87
N ALA H 191 -46.09 -35.70 15.26
CA ALA H 191 -45.67 -34.50 15.96
C ALA H 191 -46.34 -33.29 15.31
N ASN H 192 -46.13 -32.12 15.91
CA ASN H 192 -46.69 -30.88 15.38
C ASN H 192 -45.75 -30.18 14.41
N SER H 193 -44.52 -30.63 14.28
CA SER H 193 -43.57 -30.05 13.34
C SER H 193 -42.54 -31.10 12.97
N TYR H 194 -41.94 -30.94 11.80
CA TYR H 194 -40.99 -31.94 11.30
C TYR H 194 -39.72 -31.96 12.15
N SER H 195 -39.27 -30.79 12.61
CA SER H 195 -38.08 -30.76 13.45
C SER H 195 -38.29 -31.56 14.73
N GLU H 196 -39.43 -31.38 15.38
CA GLU H 196 -39.74 -32.15 16.57
C GLU H 196 -39.90 -33.63 16.28
N TRP H 197 -40.41 -33.97 15.09
CA TRP H 197 -40.51 -35.38 14.71
C TRP H 197 -39.13 -36.01 14.56
N ILE H 198 -38.21 -35.30 13.89
CA ILE H 198 -36.88 -35.85 13.66
C ILE H 198 -36.09 -35.92 14.97
N THR H 199 -36.25 -34.93 15.84
CA THR H 199 -35.43 -34.84 17.04
C THR H 199 -35.74 -35.94 18.05
N GLN H 200 -36.86 -36.64 17.92
CA GLN H 200 -37.22 -37.64 18.92
C GLN H 200 -36.20 -38.78 18.93
N PRO H 201 -35.95 -39.39 20.10
CA PRO H 201 -34.92 -40.44 20.18
C PRO H 201 -35.13 -41.59 19.20
N ASN H 202 -36.28 -42.26 19.28
CA ASN H 202 -36.51 -43.44 18.45
C ASN H 202 -36.49 -43.10 16.97
N VAL H 203 -37.12 -41.99 16.59
CA VAL H 203 -37.11 -41.58 15.19
C VAL H 203 -35.69 -41.31 14.74
N SER H 204 -34.89 -40.64 15.57
CA SER H 204 -33.51 -40.36 15.20
C SER H 204 -32.72 -41.64 15.03
N ARG H 205 -32.93 -42.62 15.92
CA ARG H 205 -32.25 -43.90 15.78
C ARG H 205 -32.61 -44.56 14.45
N THR H 206 -33.90 -44.57 14.11
CA THR H 206 -34.32 -45.18 12.86
C THR H 206 -33.73 -44.46 11.65
N ILE H 207 -33.71 -43.13 11.68
CA ILE H 207 -33.14 -42.36 10.57
C ILE H 207 -31.65 -42.65 10.42
N ALA H 208 -30.93 -42.71 11.54
CA ALA H 208 -29.51 -43.02 11.47
C ALA H 208 -29.28 -44.41 10.89
N ARG H 209 -30.06 -45.40 11.34
CA ARG H 209 -29.92 -46.74 10.80
C ARG H 209 -30.18 -46.75 9.29
N GLU H 210 -31.23 -46.06 8.84
CA GLU H 210 -31.56 -46.05 7.43
C GLU H 210 -30.48 -45.35 6.60
N LEU H 211 -29.92 -44.26 7.12
CA LEU H 211 -28.85 -43.57 6.39
C LEU H 211 -27.61 -44.45 6.29
N LYS H 212 -27.26 -45.16 7.37
CA LYS H 212 -26.14 -46.08 7.30
C LYS H 212 -26.39 -47.18 6.28
N SER H 213 -27.61 -47.72 6.26
CA SER H 213 -27.95 -48.73 5.27
C SER H 213 -27.83 -48.18 3.86
N PHE H 214 -28.29 -46.95 3.64
CA PHE H 214 -28.19 -46.34 2.32
C PHE H 214 -26.74 -46.19 1.89
N LEU H 215 -25.88 -45.71 2.80
CA LEU H 215 -24.48 -45.55 2.45
C LEU H 215 -23.83 -46.90 2.12
N LEU H 216 -24.16 -47.94 2.90
CA LEU H 216 -23.49 -49.22 2.71
C LEU H 216 -23.99 -49.95 1.47
N GLU H 217 -25.29 -49.89 1.19
CA GLU H 217 -25.91 -50.81 0.25
C GLU H 217 -26.15 -50.23 -1.14
N TYR H 218 -26.16 -48.92 -1.30
CA TYR H 218 -26.54 -48.34 -2.59
C TYR H 218 -25.59 -48.80 -3.68
N THR H 219 -26.16 -49.19 -4.82
CA THR H 219 -25.41 -49.62 -5.98
C THR H 219 -25.96 -48.92 -7.22
N ASP H 220 -25.06 -48.44 -8.08
CA ASP H 220 -25.45 -47.80 -9.32
C ASP H 220 -25.78 -48.87 -10.36
N GLU H 221 -25.91 -48.46 -11.63
CA GLU H 221 -26.20 -49.42 -12.69
C GLU H 221 -25.14 -50.51 -12.76
N THR H 222 -23.86 -50.13 -12.64
CA THR H 222 -22.79 -51.11 -12.75
C THR H 222 -22.93 -52.20 -11.70
N GLY H 223 -23.47 -51.86 -10.53
CA GLY H 223 -23.66 -52.81 -9.46
C GLY H 223 -22.62 -52.77 -8.36
N ARG H 224 -21.66 -51.85 -8.42
CA ARG H 224 -20.66 -51.68 -7.39
C ARG H 224 -21.04 -50.49 -6.51
N SER H 225 -20.76 -50.60 -5.21
CA SER H 225 -21.10 -49.55 -4.28
C SER H 225 -20.45 -48.24 -4.69
N VAL H 226 -21.24 -47.17 -4.68
CA VAL H 226 -20.72 -45.85 -5.01
C VAL H 226 -20.01 -45.24 -3.82
N TYR H 227 -20.63 -45.30 -2.64
CA TYR H 227 -20.14 -44.59 -1.48
C TYR H 227 -19.05 -45.33 -0.73
N GLY H 228 -18.95 -46.65 -0.89
CA GLY H 228 -17.76 -47.32 -0.40
C GLY H 228 -16.50 -46.82 -1.08
N ALA H 229 -16.54 -46.70 -2.41
CA ALA H 229 -15.42 -46.14 -3.16
C ALA H 229 -15.22 -44.66 -2.81
N ARG H 230 -16.30 -43.92 -2.60
CA ARG H 230 -16.21 -42.48 -2.30
C ARG H 230 -15.59 -42.31 -0.92
N ILE H 231 -15.82 -43.23 0.02
CA ILE H 231 -15.22 -43.17 1.34
C ILE H 231 -13.75 -43.58 1.28
N ARG H 232 -13.44 -44.61 0.49
CA ARG H 232 -12.04 -45.01 0.34
C ARG H 232 -11.20 -43.86 -0.20
N THR H 233 -11.68 -43.21 -1.26
CA THR H 233 -10.97 -42.06 -1.80
C THR H 233 -10.90 -40.92 -0.80
N LEU H 234 -11.98 -40.69 -0.05
CA LEU H 234 -11.98 -39.66 0.99
C LEU H 234 -10.84 -39.88 1.97
N GLY H 235 -10.70 -41.12 2.45
CA GLY H 235 -9.62 -41.41 3.37
C GLY H 235 -8.26 -41.28 2.71
N GLU H 236 -8.15 -41.68 1.44
CA GLU H 236 -6.88 -41.55 0.73
C GLU H 236 -6.36 -40.12 0.79
N MET H 237 -7.22 -39.15 0.52
CA MET H 237 -6.82 -37.75 0.38
C MET H 237 -6.80 -36.99 1.70
N ASN H 238 -7.10 -37.65 2.82
CA ASN H 238 -7.14 -37.01 4.13
C ASN H 238 -8.17 -35.88 4.16
N SER H 239 -9.24 -36.03 3.41
CA SER H 239 -10.30 -35.03 3.36
C SER H 239 -11.35 -35.32 4.43
N GLU H 240 -12.21 -34.34 4.67
CA GLU H 240 -13.26 -34.42 5.67
C GLU H 240 -14.61 -34.05 5.07
N SER H 241 -14.85 -34.48 3.84
CA SER H 241 -16.09 -34.15 3.14
C SER H 241 -16.50 -35.35 2.29
N LEU H 242 -17.69 -35.88 2.55
CA LEU H 242 -18.25 -36.98 1.78
C LEU H 242 -19.38 -36.42 0.92
N GLU H 243 -19.21 -36.47 -0.39
CA GLU H 243 -20.19 -35.90 -1.31
C GLU H 243 -21.28 -36.94 -1.58
N VAL H 244 -22.53 -36.56 -1.31
CA VAL H 244 -23.68 -37.44 -1.48
C VAL H 244 -24.59 -36.84 -2.53
N ASN H 245 -25.05 -37.69 -3.46
CA ASN H 245 -25.95 -37.24 -4.51
C ASN H 245 -27.39 -37.25 -4.00
N TYR H 246 -28.10 -36.13 -4.22
CA TYR H 246 -29.47 -36.06 -3.78
C TYR H 246 -30.36 -37.06 -4.51
N ARG H 247 -30.11 -37.26 -5.81
CA ARG H 247 -30.95 -38.16 -6.59
C ARG H 247 -30.85 -39.59 -6.07
N HIS H 248 -29.64 -40.03 -5.71
CA HIS H 248 -29.48 -41.38 -5.18
C HIS H 248 -30.31 -41.58 -3.92
N LEU H 249 -30.23 -40.61 -3.00
CA LEU H 249 -31.01 -40.71 -1.77
C LEU H 249 -32.51 -40.67 -2.07
N ALA H 250 -32.92 -39.81 -3.00
CA ALA H 250 -34.33 -39.69 -3.33
C ALA H 250 -34.88 -41.02 -3.87
N GLU H 251 -34.12 -41.67 -4.74
CA GLU H 251 -34.57 -42.94 -5.29
C GLU H 251 -34.54 -44.05 -4.23
N SER H 252 -33.46 -44.14 -3.45
CA SER H 252 -33.36 -45.20 -2.45
C SER H 252 -34.34 -44.99 -1.31
N LYS H 253 -34.39 -43.77 -0.76
CA LYS H 253 -35.25 -43.44 0.37
C LYS H 253 -35.89 -42.07 0.09
N ALA H 254 -37.17 -42.08 -0.25
CA ALA H 254 -37.85 -40.83 -0.58
C ALA H 254 -38.14 -39.99 0.66
N ILE H 255 -38.57 -40.64 1.73
CA ILE H 255 -38.96 -39.90 2.94
C ILE H 255 -37.75 -39.20 3.54
N LEU H 256 -36.58 -39.85 3.53
CA LEU H 256 -35.38 -39.22 4.03
C LEU H 256 -34.99 -38.01 3.18
N ALA H 257 -35.14 -38.11 1.87
CA ALA H 257 -34.89 -36.95 1.01
C ALA H 257 -35.84 -35.82 1.33
N LEU H 258 -37.12 -36.13 1.56
CA LEU H 258 -38.08 -35.10 1.94
C LEU H 258 -37.67 -34.41 3.23
N PHE H 259 -37.29 -35.21 4.24
CA PHE H 259 -36.86 -34.63 5.51
C PHE H 259 -35.65 -33.75 5.34
N LEU H 260 -34.65 -34.22 4.60
CA LEU H 260 -33.47 -33.40 4.35
C LEU H 260 -33.84 -32.10 3.65
N ALA H 261 -34.81 -32.15 2.73
CA ALA H 261 -35.22 -30.95 2.02
C ALA H 261 -35.90 -29.95 2.95
N LYS H 262 -36.75 -30.44 3.87
CA LYS H 262 -37.53 -29.53 4.69
C LYS H 262 -36.83 -29.14 5.98
N CYS H 263 -36.13 -30.07 6.62
CA CYS H 263 -35.44 -29.83 7.89
C CYS H 263 -33.98 -30.21 7.73
N PRO H 264 -33.18 -29.34 7.09
CA PRO H 264 -31.81 -29.75 6.74
C PRO H 264 -30.87 -29.83 7.91
N GLU H 265 -31.08 -29.04 8.96
CA GLU H 265 -30.09 -28.96 10.03
C GLU H 265 -29.96 -30.29 10.78
N GLU H 266 -31.07 -30.76 11.35
CA GLU H 266 -31.02 -32.00 12.14
C GLU H 266 -30.68 -33.20 11.26
N MET H 267 -31.23 -33.24 10.05
CA MET H 267 -30.93 -34.34 9.14
C MET H 267 -29.46 -34.37 8.79
N LEU H 268 -28.87 -33.20 8.54
CA LEU H 268 -27.44 -33.13 8.23
C LEU H 268 -26.60 -33.54 9.43
N LYS H 269 -27.03 -33.18 10.63
CA LYS H 269 -26.31 -33.62 11.83
C LYS H 269 -26.29 -35.15 11.92
N ILE H 270 -27.46 -35.77 11.79
CA ILE H 270 -27.54 -37.23 11.83
C ILE H 270 -26.69 -37.84 10.71
N PHE H 271 -26.74 -37.25 9.52
CA PHE H 271 -26.02 -37.80 8.34
C PHE H 271 -24.52 -37.61 8.53
N ASP H 272 -24.05 -36.57 9.22
CA ASP H 272 -22.63 -36.45 9.52
C ASP H 272 -22.18 -37.51 10.50
N LEU H 273 -22.96 -37.75 11.55
CA LEU H 273 -22.60 -38.82 12.48
C LEU H 273 -22.51 -40.16 11.77
N VAL H 274 -23.53 -40.49 10.96
CA VAL H 274 -23.54 -41.78 10.28
C VAL H 274 -22.39 -41.88 9.29
N ALA H 275 -22.06 -40.78 8.61
CA ALA H 275 -20.97 -40.78 7.65
C ALA H 275 -19.64 -41.02 8.34
N MET H 276 -19.44 -40.41 9.51
CA MET H 276 -18.22 -40.69 10.27
C MET H 276 -18.16 -42.16 10.66
N GLU H 277 -19.29 -42.76 11.00
CA GLU H 277 -19.35 -44.19 11.41
C GLU H 277 -19.02 -45.07 10.20
N ALA H 278 -19.50 -44.71 9.01
CA ALA H 278 -19.19 -45.47 7.82
C ALA H 278 -17.72 -45.33 7.43
N THR H 279 -17.18 -44.12 7.52
CA THR H 279 -15.76 -43.92 7.21
C THR H 279 -14.87 -44.70 8.17
N GLU H 280 -15.19 -44.69 9.46
CA GLU H 280 -14.40 -45.45 10.47
C GLU H 280 -14.52 -46.93 10.18
N LEU H 281 -15.58 -47.36 9.51
CA LEU H 281 -15.64 -48.76 9.12
C LEU H 281 -14.46 -49.18 8.27
N HIS H 282 -14.05 -48.35 7.31
CA HIS H 282 -12.94 -48.68 6.42
C HIS H 282 -11.58 -48.36 7.03
N TYR H 283 -11.47 -47.23 7.71
CA TYR H 283 -10.24 -46.80 8.38
C TYR H 283 -10.52 -46.75 9.87
N PRO H 284 -10.18 -47.82 10.61
CA PRO H 284 -10.64 -47.90 12.01
C PRO H 284 -10.22 -46.72 12.87
N ASP H 285 -9.08 -46.09 12.58
CA ASP H 285 -8.53 -45.03 13.41
C ASP H 285 -8.55 -43.67 12.71
N TYR H 286 -9.52 -43.45 11.82
CA TYR H 286 -9.58 -42.17 11.13
C TYR H 286 -9.91 -41.01 12.05
N ALA H 287 -10.40 -41.28 13.26
CA ALA H 287 -10.68 -40.19 14.19
C ALA H 287 -9.42 -39.42 14.54
N ARG H 288 -8.25 -39.99 14.33
CA ARG H 288 -6.99 -39.34 14.63
C ARG H 288 -6.53 -38.40 13.53
N ILE H 289 -7.16 -38.44 12.36
CA ILE H 289 -6.83 -37.52 11.26
C ILE H 289 -7.83 -36.38 11.28
N HIS H 290 -9.12 -36.72 11.20
CA HIS H 290 -10.20 -35.74 11.27
C HIS H 290 -11.26 -36.25 12.24
N SER H 291 -11.74 -35.36 13.10
CA SER H 291 -12.71 -35.75 14.11
C SER H 291 -14.12 -35.92 13.52
N GLU H 292 -14.48 -35.10 12.53
CA GLU H 292 -15.82 -35.11 11.97
C GLU H 292 -15.75 -35.12 10.45
N ILE H 293 -16.82 -35.64 9.84
CA ILE H 293 -16.97 -35.70 8.40
C ILE H 293 -18.25 -34.97 8.02
N HIS H 294 -18.16 -34.05 7.06
CA HIS H 294 -19.29 -33.24 6.64
C HIS H 294 -19.85 -33.77 5.33
N VAL H 295 -21.16 -34.06 5.33
CA VAL H 295 -21.84 -34.55 4.15
C VAL H 295 -22.24 -33.37 3.29
N ARG H 296 -21.99 -33.48 1.98
CA ARG H 296 -22.25 -32.41 1.04
C ARG H 296 -23.27 -32.88 0.01
N ILE H 297 -24.33 -32.10 -0.17
CA ILE H 297 -25.38 -32.41 -1.14
C ILE H 297 -24.96 -31.88 -2.50
N SER H 298 -25.14 -32.70 -3.54
CA SER H 298 -24.56 -32.44 -4.85
C SER H 298 -25.55 -31.82 -5.82
N ASP H 299 -26.66 -32.49 -6.10
CA ASP H 299 -27.62 -32.05 -7.12
C ASP H 299 -29.01 -31.90 -6.50
N PHE H 300 -29.28 -30.73 -5.95
CA PHE H 300 -30.63 -30.46 -5.49
C PHE H 300 -31.53 -30.14 -6.68
N PRO H 301 -32.66 -30.83 -6.84
CA PRO H 301 -33.41 -30.70 -8.10
C PRO H 301 -33.86 -29.28 -8.42
N THR H 302 -34.23 -28.50 -7.41
CA THR H 302 -34.82 -27.19 -7.63
C THR H 302 -33.78 -26.09 -7.43
N ILE H 303 -33.70 -25.18 -8.40
CA ILE H 303 -32.75 -24.08 -8.37
C ILE H 303 -33.54 -22.78 -8.28
N TYR H 304 -33.15 -21.92 -7.34
CA TYR H 304 -33.75 -20.60 -7.18
C TYR H 304 -32.76 -19.53 -7.62
N SER H 305 -33.28 -18.33 -7.83
CA SER H 305 -32.47 -17.14 -7.95
C SER H 305 -32.52 -16.35 -6.65
N LEU H 306 -31.66 -15.34 -6.55
CA LEU H 306 -31.69 -14.48 -5.38
C LEU H 306 -32.91 -13.55 -5.38
N ARG H 307 -33.67 -13.50 -6.47
CA ARG H 307 -34.92 -12.75 -6.50
C ARG H 307 -36.09 -13.61 -6.07
N GLU H 308 -36.01 -14.93 -6.23
CA GLU H 308 -37.13 -15.82 -6.01
C GLU H 308 -37.23 -16.32 -4.57
N LEU H 309 -36.29 -15.95 -3.70
CA LEU H 309 -36.30 -16.42 -2.33
C LEU H 309 -37.36 -15.68 -1.52
N ARG H 310 -38.20 -16.42 -0.82
CA ARG H 310 -39.31 -15.87 -0.04
C ARG H 310 -39.27 -16.44 1.37
N GLU H 311 -40.26 -16.05 2.17
CA GLU H 311 -40.35 -16.51 3.54
C GLU H 311 -40.61 -18.01 3.62
N SER H 312 -41.33 -18.57 2.65
CA SER H 312 -41.64 -19.99 2.70
C SER H 312 -40.39 -20.86 2.61
N ASN H 313 -39.28 -20.32 2.09
CA ASN H 313 -38.04 -21.06 1.96
C ASN H 313 -37.20 -21.02 3.23
N LEU H 314 -37.64 -20.32 4.27
CA LEU H 314 -36.84 -20.17 5.46
C LEU H 314 -36.65 -21.52 6.16
N SER H 315 -35.42 -21.77 6.61
CA SER H 315 -35.10 -22.99 7.35
C SER H 315 -35.26 -24.23 6.48
N SER H 316 -35.08 -24.09 5.17
CA SER H 316 -35.16 -25.21 4.25
C SER H 316 -34.02 -25.12 3.26
N LEU H 317 -33.62 -26.27 2.73
CA LEU H 317 -32.49 -26.33 1.81
C LEU H 317 -32.83 -25.63 0.51
N VAL H 318 -31.92 -24.78 0.03
CA VAL H 318 -32.10 -24.05 -1.21
C VAL H 318 -30.82 -24.16 -2.03
N ARG H 319 -30.96 -23.92 -3.33
CA ARG H 319 -29.84 -23.94 -4.26
C ARG H 319 -29.92 -22.70 -5.13
N VAL H 320 -28.90 -21.85 -5.05
CA VAL H 320 -28.89 -20.56 -5.75
C VAL H 320 -27.57 -20.39 -6.48
N THR H 321 -27.57 -19.45 -7.42
CA THR H 321 -26.40 -19.12 -8.22
C THR H 321 -26.12 -17.64 -8.12
N GLY H 322 -24.87 -17.27 -8.34
CA GLY H 322 -24.48 -15.87 -8.26
C GLY H 322 -23.01 -15.71 -8.54
N VAL H 323 -22.54 -14.47 -8.35
CA VAL H 323 -21.15 -14.09 -8.58
C VAL H 323 -20.58 -13.61 -7.26
N VAL H 324 -19.45 -14.20 -6.85
CA VAL H 324 -18.78 -13.84 -5.60
C VAL H 324 -18.15 -12.47 -5.83
N THR H 325 -18.76 -11.42 -5.29
CA THR H 325 -18.29 -10.06 -5.51
C THR H 325 -17.40 -9.55 -4.39
N ARG H 326 -17.44 -10.18 -3.22
CA ARG H 326 -16.65 -9.71 -2.09
C ARG H 326 -16.38 -10.89 -1.15
N ARG H 327 -15.14 -10.96 -0.67
CA ARG H 327 -14.71 -12.06 0.18
C ARG H 327 -13.89 -11.51 1.35
N THR H 328 -13.90 -12.26 2.45
CA THR H 328 -13.17 -11.89 3.65
C THR H 328 -12.10 -12.94 3.95
N GLY H 329 -11.12 -12.54 4.76
CA GLY H 329 -10.11 -13.48 5.17
C GLY H 329 -10.66 -14.56 6.07
N VAL H 330 -9.90 -15.64 6.20
CA VAL H 330 -10.32 -16.80 6.98
C VAL H 330 -9.97 -16.55 8.43
N PHE H 331 -10.98 -16.56 9.30
CA PHE H 331 -10.81 -16.32 10.72
C PHE H 331 -11.13 -17.58 11.52
N PRO H 332 -10.32 -17.92 12.52
CA PRO H 332 -10.66 -19.07 13.38
C PRO H 332 -11.80 -18.71 14.32
N GLN H 333 -12.91 -19.41 14.18
CA GLN H 333 -14.09 -19.18 15.00
C GLN H 333 -14.14 -20.20 16.13
N LEU H 334 -14.80 -19.81 17.22
CA LEU H 334 -14.93 -20.66 18.39
C LEU H 334 -16.04 -21.67 18.16
N LYS H 335 -15.70 -22.97 18.24
CA LYS H 335 -16.71 -24.01 18.09
C LYS H 335 -17.57 -24.14 19.34
N TYR H 336 -17.00 -23.91 20.52
CA TYR H 336 -17.73 -23.95 21.77
C TYR H 336 -17.33 -22.76 22.63
N VAL H 337 -18.32 -22.07 23.19
CA VAL H 337 -18.10 -20.90 24.02
C VAL H 337 -18.46 -21.25 25.45
N LYS H 338 -17.59 -20.86 26.39
CA LYS H 338 -17.77 -21.12 27.81
C LYS H 338 -17.85 -19.79 28.55
N PHE H 339 -18.85 -19.66 29.42
CA PHE H 339 -19.10 -18.43 30.15
C PHE H 339 -18.93 -18.66 31.64
N ASN H 340 -18.48 -17.62 32.34
CA ASN H 340 -18.32 -17.66 33.79
C ASN H 340 -18.98 -16.44 34.41
N CYS H 341 -19.67 -16.67 35.54
CA CYS H 341 -20.38 -15.59 36.21
C CYS H 341 -19.42 -14.55 36.74
N LEU H 342 -19.76 -13.27 36.54
CA LEU H 342 -18.93 -12.18 37.06
C LEU H 342 -18.93 -12.18 38.58
N LYS H 343 -20.09 -12.40 39.20
CA LYS H 343 -20.21 -12.33 40.65
C LYS H 343 -19.98 -13.68 41.31
N CYS H 344 -20.78 -14.68 40.94
CA CYS H 344 -20.65 -16.00 41.56
C CYS H 344 -19.30 -16.62 41.24
N GLY H 345 -18.82 -16.45 40.01
CA GLY H 345 -17.57 -17.04 39.58
C GLY H 345 -17.71 -18.44 39.00
N SER H 346 -18.88 -19.04 39.07
CA SER H 346 -19.09 -20.36 38.48
C SER H 346 -18.96 -20.27 36.96
N ILE H 347 -18.44 -21.36 36.37
CA ILE H 347 -18.20 -21.43 34.94
C ILE H 347 -19.29 -22.32 34.33
N LEU H 348 -20.10 -21.75 33.46
CA LEU H 348 -21.13 -22.51 32.77
C LEU H 348 -20.50 -23.43 31.74
N GLY H 349 -21.20 -24.54 31.45
CA GLY H 349 -20.73 -25.51 30.51
C GLY H 349 -20.69 -24.97 29.10
N PRO H 350 -19.84 -25.54 28.24
CA PRO H 350 -19.75 -25.06 26.87
C PRO H 350 -21.07 -25.23 26.13
N PHE H 351 -21.35 -24.29 25.23
CA PHE H 351 -22.57 -24.30 24.44
C PHE H 351 -22.21 -24.19 22.96
N PHE H 352 -22.99 -24.87 22.13
CA PHE H 352 -22.76 -24.82 20.69
C PHE H 352 -22.94 -23.39 20.19
N GLN H 353 -22.08 -22.99 19.27
CA GLN H 353 -22.11 -21.66 18.68
C GLN H 353 -22.77 -21.72 17.31
N ASP H 354 -23.77 -20.88 17.10
CA ASP H 354 -24.43 -20.75 15.81
C ASP H 354 -23.76 -19.62 15.03
N SER H 355 -23.19 -19.96 13.88
CA SER H 355 -22.51 -18.94 13.08
C SER H 355 -23.43 -17.80 12.70
N ASN H 356 -24.72 -18.06 12.60
CA ASN H 356 -25.67 -17.04 12.14
C ASN H 356 -25.73 -15.87 13.11
N GLU H 357 -25.80 -16.16 14.41
CA GLU H 357 -25.94 -15.11 15.42
C GLU H 357 -25.24 -15.52 16.70
N GLU H 358 -24.95 -14.51 17.53
CA GLU H 358 -24.26 -14.74 18.79
C GLU H 358 -25.16 -15.44 19.80
N ILE H 359 -24.53 -16.15 20.73
CA ILE H 359 -25.22 -16.84 21.82
C ILE H 359 -24.92 -16.09 23.11
N ARG H 360 -25.96 -15.82 23.90
CA ARG H 360 -25.82 -15.14 25.17
C ARG H 360 -26.64 -15.86 26.23
N ILE H 361 -26.20 -15.75 27.48
CA ILE H 361 -26.87 -16.34 28.63
C ILE H 361 -27.35 -15.22 29.52
N SER H 362 -28.65 -15.18 29.80
CA SER H 362 -29.25 -14.14 30.62
C SER H 362 -29.58 -14.61 32.03
N PHE H 363 -30.14 -15.80 32.18
CA PHE H 363 -30.54 -16.35 33.47
C PHE H 363 -29.60 -17.49 33.83
N CYS H 364 -28.77 -17.27 34.84
CA CYS H 364 -27.83 -18.31 35.28
C CYS H 364 -28.57 -19.41 36.02
N THR H 365 -28.20 -20.66 35.73
CA THR H 365 -28.86 -21.80 36.37
C THR H 365 -28.62 -21.80 37.88
N ASN H 366 -27.40 -21.49 38.30
CA ASN H 366 -27.03 -21.56 39.71
C ASN H 366 -27.07 -20.20 40.39
N CYS H 367 -26.29 -19.24 39.88
CA CYS H 367 -26.24 -17.92 40.51
C CYS H 367 -27.58 -17.20 40.40
N LYS H 368 -28.26 -17.34 39.27
CA LYS H 368 -29.52 -16.64 39.02
C LYS H 368 -29.34 -15.13 39.13
N SER H 369 -28.27 -14.62 38.51
CA SER H 369 -27.92 -13.21 38.55
C SER H 369 -28.21 -12.58 37.20
N LYS H 370 -28.86 -11.42 37.22
CA LYS H 370 -29.18 -10.71 35.99
C LYS H 370 -27.93 -10.13 35.33
N GLY H 371 -26.83 -9.98 36.07
CA GLY H 371 -25.64 -9.39 35.53
C GLY H 371 -24.99 -10.26 34.47
N PRO H 372 -24.21 -9.65 33.58
CA PRO H 372 -23.58 -10.42 32.51
C PRO H 372 -22.53 -11.39 33.05
N PHE H 373 -22.31 -12.47 32.31
CA PHE H 373 -21.33 -13.49 32.65
C PHE H 373 -20.14 -13.38 31.70
N ARG H 374 -18.94 -13.35 32.27
CA ARG H 374 -17.74 -13.17 31.48
C ARG H 374 -17.51 -14.35 30.55
N VAL H 375 -16.90 -14.07 29.40
CA VAL H 375 -16.58 -15.08 28.40
C VAL H 375 -15.14 -15.50 28.63
N ASN H 376 -14.95 -16.76 29.07
CA ASN H 376 -13.63 -17.29 29.31
C ASN H 376 -13.67 -18.80 29.19
N GLY H 377 -12.53 -19.40 28.88
CA GLY H 377 -12.44 -20.84 28.71
C GLY H 377 -11.03 -21.38 28.82
N GLU H 378 -10.88 -22.49 29.52
CA GLU H 378 -9.55 -23.09 29.68
C GLU H 378 -9.00 -23.57 28.33
N LYS H 379 -9.79 -24.37 27.61
CA LYS H 379 -9.39 -24.90 26.31
C LYS H 379 -10.58 -24.89 25.38
N THR H 380 -10.34 -24.50 24.12
CA THR H 380 -11.38 -24.45 23.11
C THR H 380 -10.85 -25.00 21.80
N VAL H 381 -11.77 -25.51 20.98
CA VAL H 381 -11.47 -25.97 19.63
C VAL H 381 -12.01 -24.92 18.66
N TYR H 382 -11.20 -24.57 17.66
CA TYR H 382 -11.57 -23.55 16.69
C TYR H 382 -11.90 -24.18 15.35
N ARG H 383 -12.70 -23.46 14.56
CA ARG H 383 -13.04 -23.86 13.21
C ARG H 383 -12.91 -22.66 12.29
N ASN H 384 -12.56 -22.93 11.03
CA ASN H 384 -12.41 -21.85 10.07
C ASN H 384 -13.76 -21.22 9.76
N TYR H 385 -13.75 -19.92 9.50
CA TYR H 385 -14.95 -19.16 9.20
C TYR H 385 -14.65 -18.13 8.12
N GLN H 386 -15.57 -17.98 7.18
CA GLN H 386 -15.43 -17.00 6.11
C GLN H 386 -16.82 -16.59 5.64
N ARG H 387 -16.91 -15.38 5.09
CA ARG H 387 -18.15 -14.84 4.57
C ARG H 387 -17.92 -14.30 3.17
N VAL H 388 -18.88 -14.54 2.28
CA VAL H 388 -18.83 -14.05 0.91
C VAL H 388 -20.15 -13.37 0.61
N THR H 389 -20.10 -12.38 -0.28
CA THR H 389 -21.28 -11.65 -0.71
C THR H 389 -21.65 -12.16 -2.10
N LEU H 390 -22.70 -12.97 -2.16
CA LEU H 390 -23.19 -13.48 -3.44
C LEU H 390 -24.03 -12.42 -4.13
N GLN H 391 -23.83 -12.29 -5.45
CA GLN H 391 -24.57 -11.33 -6.26
C GLN H 391 -25.12 -12.04 -7.49
N GLU H 392 -26.27 -11.57 -7.96
CA GLU H 392 -26.90 -12.19 -9.11
C GLU H 392 -25.97 -12.11 -10.32
N ALA H 393 -25.85 -13.23 -11.03
CA ALA H 393 -25.01 -13.26 -12.21
C ALA H 393 -25.61 -12.36 -13.29
N PRO H 394 -24.78 -11.63 -14.04
CA PRO H 394 -25.33 -10.79 -15.11
C PRO H 394 -26.15 -11.56 -16.12
N GLY H 395 -25.85 -12.84 -16.33
CA GLY H 395 -26.58 -13.62 -17.32
C GLY H 395 -28.03 -13.84 -16.95
N THR H 396 -28.31 -14.02 -15.66
CA THR H 396 -29.67 -14.33 -15.22
C THR H 396 -30.49 -13.09 -14.88
N VAL H 397 -29.85 -12.04 -14.40
CA VAL H 397 -30.62 -10.85 -14.00
C VAL H 397 -31.35 -10.29 -15.21
N PRO H 398 -32.59 -9.82 -15.08
CA PRO H 398 -33.26 -9.25 -16.25
C PRO H 398 -32.46 -8.08 -16.79
N PRO H 399 -32.48 -7.88 -18.11
CA PRO H 399 -31.64 -6.82 -18.71
C PRO H 399 -32.06 -5.44 -18.24
N GLY H 400 -31.10 -4.68 -17.71
CA GLY H 400 -31.32 -3.32 -17.32
C GLY H 400 -31.69 -3.10 -15.87
N ARG H 401 -32.04 -4.16 -15.15
CA ARG H 401 -32.43 -4.04 -13.75
C ARG H 401 -31.21 -4.22 -12.84
N LEU H 402 -31.39 -3.85 -11.57
CA LEU H 402 -30.31 -3.98 -10.60
C LEU H 402 -30.26 -5.39 -10.04
N PRO H 403 -29.08 -5.88 -9.64
CA PRO H 403 -29.00 -7.26 -9.13
C PRO H 403 -29.16 -7.34 -7.62
N ARG H 404 -29.89 -8.36 -7.19
CA ARG H 404 -29.99 -8.66 -5.77
C ARG H 404 -28.73 -9.35 -5.29
N HIS H 405 -28.60 -9.46 -3.97
CA HIS H 405 -27.44 -10.12 -3.39
C HIS H 405 -27.81 -10.73 -2.04
N ARG H 406 -27.04 -11.71 -1.62
CA ARG H 406 -27.25 -12.34 -0.31
C ARG H 406 -25.85 -12.57 0.24
N GLU H 407 -25.75 -12.97 1.49
CA GLU H 407 -24.49 -13.25 2.16
C GLU H 407 -24.44 -14.73 2.55
N VAL H 408 -23.32 -15.38 2.27
CA VAL H 408 -23.15 -16.80 2.49
C VAL H 408 -22.02 -17.00 3.48
N ILE H 409 -22.20 -17.95 4.40
CA ILE H 409 -21.23 -18.24 5.45
C ILE H 409 -20.60 -19.59 5.15
N LEU H 410 -19.28 -19.60 4.93
CA LEU H 410 -18.54 -20.82 4.60
C LEU H 410 -17.76 -21.25 5.84
N LEU H 411 -18.14 -22.37 6.43
CA LEU H 411 -17.43 -22.90 7.58
C LEU H 411 -16.27 -23.78 7.11
N ALA H 412 -15.56 -24.36 8.06
CA ALA H 412 -14.33 -25.07 7.78
C ALA H 412 -14.51 -26.03 6.60
N ASP H 413 -13.42 -26.23 5.86
CA ASP H 413 -13.28 -27.11 4.71
C ASP H 413 -13.93 -26.47 3.47
N LEU H 414 -14.72 -25.40 3.63
CA LEU H 414 -15.32 -24.70 2.50
C LEU H 414 -14.67 -23.35 2.24
N VAL H 415 -13.66 -22.97 3.01
CA VAL H 415 -13.08 -21.64 2.92
C VAL H 415 -12.06 -21.61 1.79
N ASP H 416 -12.12 -20.55 0.97
CA ASP H 416 -11.23 -20.32 -0.16
C ASP H 416 -11.57 -21.21 -1.37
N VAL H 417 -12.64 -22.00 -1.30
CA VAL H 417 -13.06 -22.77 -2.46
C VAL H 417 -13.52 -21.84 -3.57
N SER H 418 -14.16 -20.74 -3.20
CA SER H 418 -14.66 -19.75 -4.15
C SER H 418 -13.83 -18.48 -4.06
N LYS H 419 -13.64 -17.82 -5.19
CA LYS H 419 -12.78 -16.65 -5.30
C LYS H 419 -13.54 -15.52 -5.96
N PRO H 420 -13.12 -14.27 -5.73
CA PRO H 420 -13.87 -13.14 -6.29
C PRO H 420 -13.95 -13.19 -7.81
N GLY H 421 -15.09 -12.75 -8.33
CA GLY H 421 -15.29 -12.69 -9.76
C GLY H 421 -15.69 -14.00 -10.41
N GLU H 422 -16.11 -14.99 -9.62
CA GLU H 422 -16.44 -16.31 -10.14
C GLU H 422 -17.93 -16.62 -9.92
N GLU H 423 -18.52 -17.30 -10.90
CA GLU H 423 -19.85 -17.86 -10.73
C GLU H 423 -19.78 -19.09 -9.86
N VAL H 424 -20.87 -19.39 -9.16
CA VAL H 424 -20.92 -20.50 -8.23
C VAL H 424 -22.37 -20.96 -8.08
N GLU H 425 -22.53 -22.20 -7.63
CA GLU H 425 -23.83 -22.76 -7.29
C GLU H 425 -23.78 -23.19 -5.83
N VAL H 426 -24.45 -22.43 -4.96
CA VAL H 426 -24.37 -22.62 -3.52
C VAL H 426 -25.60 -23.40 -3.07
N THR H 427 -25.36 -24.51 -2.38
CA THR H 427 -26.40 -25.25 -1.68
C THR H 427 -26.22 -25.00 -0.18
N GLY H 428 -27.30 -24.60 0.49
CA GLY H 428 -27.20 -24.28 1.89
C GLY H 428 -28.55 -24.16 2.53
N ILE H 429 -28.56 -23.62 3.75
CA ILE H 429 -29.77 -23.45 4.54
C ILE H 429 -30.10 -21.97 4.58
N TYR H 430 -31.34 -21.63 4.25
CA TYR H 430 -31.80 -20.25 4.31
C TYR H 430 -32.25 -19.95 5.73
N LYS H 431 -31.54 -19.05 6.40
CA LYS H 431 -31.78 -18.77 7.81
C LYS H 431 -31.99 -17.28 8.02
N ASN H 432 -32.74 -16.94 9.07
CA ASN H 432 -33.04 -15.57 9.42
C ASN H 432 -32.78 -15.36 10.90
N ASN H 433 -32.38 -14.13 11.25
CA ASN H 433 -32.11 -13.76 12.63
C ASN H 433 -32.54 -12.32 12.84
N TYR H 434 -32.54 -11.91 14.11
CA TYR H 434 -32.97 -10.55 14.46
C TYR H 434 -31.83 -9.57 14.23
N ASP H 435 -32.15 -8.42 13.64
CA ASP H 435 -31.20 -7.34 13.43
C ASP H 435 -31.84 -6.04 13.90
N GLY H 436 -31.26 -5.43 14.94
CA GLY H 436 -31.82 -4.19 15.46
C GLY H 436 -31.71 -3.05 14.48
N ASN H 437 -30.57 -2.93 13.79
CA ASN H 437 -30.37 -1.82 12.87
C ASN H 437 -31.34 -1.89 11.69
N LEU H 438 -31.58 -3.09 11.17
CA LEU H 438 -32.55 -3.22 10.08
C LEU H 438 -33.93 -2.75 10.52
N ASN H 439 -34.36 -3.14 11.71
CA ASN H 439 -35.63 -2.68 12.25
C ASN H 439 -35.63 -1.16 12.42
N ALA H 440 -34.52 -0.59 12.87
CA ALA H 440 -34.45 0.85 13.07
C ALA H 440 -34.55 1.62 11.76
N LYS H 441 -33.88 1.15 10.71
CA LYS H 441 -33.94 1.84 9.42
C LYS H 441 -35.26 1.65 8.69
N ASN H 442 -35.79 0.41 8.66
CA ASN H 442 -37.01 0.17 7.91
C ASN H 442 -38.25 0.66 8.64
N GLY H 443 -38.25 0.61 9.96
CA GLY H 443 -39.43 0.96 10.74
C GLY H 443 -40.38 -0.20 10.99
N PHE H 444 -40.10 -1.38 10.44
CA PHE H 444 -40.90 -2.57 10.64
C PHE H 444 -40.01 -3.69 11.14
N PRO H 445 -40.58 -4.69 11.81
CA PRO H 445 -39.75 -5.77 12.38
C PRO H 445 -39.32 -6.79 11.34
N VAL H 446 -38.43 -6.36 10.44
CA VAL H 446 -37.91 -7.23 9.38
C VAL H 446 -36.59 -7.81 9.83
N PHE H 447 -36.41 -9.11 9.61
CA PHE H 447 -35.21 -9.83 10.01
C PHE H 447 -34.19 -9.84 8.88
N ALA H 448 -32.97 -10.24 9.24
CA ALA H 448 -31.87 -10.37 8.28
C ALA H 448 -31.68 -11.84 7.94
N THR H 449 -31.47 -12.12 6.66
CA THR H 449 -31.39 -13.47 6.14
C THR H 449 -30.01 -13.74 5.54
N ILE H 450 -29.54 -14.97 5.71
CA ILE H 450 -28.26 -15.41 5.19
C ILE H 450 -28.39 -16.88 4.77
N ILE H 451 -27.37 -17.36 4.07
CA ILE H 451 -27.30 -18.75 3.62
C ILE H 451 -26.10 -19.40 4.28
N GLU H 452 -26.31 -20.58 4.85
CA GLU H 452 -25.24 -21.37 5.46
C GLU H 452 -24.81 -22.41 4.44
N ALA H 453 -23.71 -22.15 3.75
CA ALA H 453 -23.29 -22.99 2.64
C ALA H 453 -23.09 -24.43 3.11
N ASN H 454 -23.55 -25.37 2.28
CA ASN H 454 -23.30 -26.79 2.48
C ASN H 454 -22.48 -27.41 1.36
N SER H 455 -22.37 -26.75 0.21
CA SER H 455 -21.53 -27.20 -0.89
C SER H 455 -21.41 -26.06 -1.89
N ILE H 456 -20.39 -26.13 -2.72
CA ILE H 456 -20.15 -25.13 -3.75
C ILE H 456 -19.74 -25.82 -5.04
N LYS H 457 -20.29 -25.37 -6.16
CA LYS H 457 -19.97 -25.90 -7.48
C LYS H 457 -19.58 -24.74 -8.38
N ARG H 458 -18.39 -24.82 -8.97
CA ARG H 458 -17.86 -23.74 -9.80
C ARG H 458 -18.59 -23.74 -11.13
N ARG H 459 -19.43 -22.73 -11.37
CA ARG H 459 -20.20 -22.60 -12.59
C ARG H 459 -19.49 -21.74 -13.63
N GLU H 460 -18.29 -21.24 -13.33
CA GLU H 460 -17.61 -20.33 -14.23
C GLU H 460 -17.14 -21.06 -15.48
N GLY H 461 -17.43 -20.49 -16.65
CA GLY H 461 -16.97 -21.04 -17.90
C GLY H 461 -17.50 -22.41 -18.22
N ASN H 462 -18.63 -22.80 -17.63
CA ASN H 462 -19.21 -24.13 -17.81
C ASN H 462 -20.68 -24.04 -18.18
N THR H 463 -21.07 -22.99 -18.90
CA THR H 463 -22.48 -22.82 -19.26
C THR H 463 -22.98 -23.99 -20.12
N ALA H 464 -22.06 -24.68 -20.80
CA ALA H 464 -22.42 -25.79 -21.69
C ALA H 464 -22.23 -27.15 -21.03
N ASN H 465 -21.95 -27.20 -19.72
CA ASN H 465 -21.82 -28.45 -18.99
C ASN H 465 -22.91 -28.61 -17.94
N GLU H 466 -24.01 -27.86 -18.06
CA GLU H 466 -25.05 -27.89 -17.04
C GLU H 466 -25.80 -29.23 -16.97
N GLY H 467 -25.62 -30.09 -17.96
CA GLY H 467 -26.30 -31.37 -18.00
C GLY H 467 -25.59 -32.50 -17.29
N GLU H 468 -24.80 -32.15 -16.23
CA GLU H 468 -23.87 -33.05 -15.49
C GLU H 468 -23.91 -33.19 -13.96
N GLU H 469 -23.94 -34.36 -13.35
CA GLU H 469 -23.96 -34.60 -11.92
C GLU H 469 -22.64 -34.32 -11.16
N GLY H 470 -22.64 -34.18 -9.81
CA GLY H 470 -21.49 -33.92 -8.97
C GLY H 470 -21.13 -32.49 -8.83
N LEU H 471 -20.30 -32.15 -7.88
CA LEU H 471 -19.99 -30.79 -7.57
C LEU H 471 -18.79 -30.49 -8.42
N ASP H 472 -18.08 -31.49 -8.92
CA ASP H 472 -16.96 -31.28 -9.93
C ASP H 472 -17.14 -32.15 -11.16
N VAL H 473 -17.13 -31.59 -12.35
CA VAL H 473 -17.41 -32.29 -13.59
C VAL H 473 -16.14 -32.61 -14.32
N PHE H 474 -15.01 -32.66 -13.70
CA PHE H 474 -13.73 -32.79 -14.30
C PHE H 474 -13.01 -33.55 -13.28
N SER H 475 -13.56 -34.46 -12.57
CA SER H 475 -12.96 -35.27 -11.55
C SER H 475 -13.21 -36.67 -11.85
N TRP H 476 -12.61 -37.65 -11.28
CA TRP H 476 -12.65 -39.03 -11.70
C TRP H 476 -12.79 -39.95 -10.62
N THR H 477 -13.31 -41.08 -10.84
CA THR H 477 -13.51 -42.12 -9.84
C THR H 477 -12.28 -42.95 -9.96
N GLU H 478 -12.18 -44.08 -9.32
CA GLU H 478 -11.02 -44.97 -9.40
C GLU H 478 -11.24 -45.92 -10.53
N GLU H 479 -12.36 -45.93 -11.14
CA GLU H 479 -12.63 -46.77 -12.22
C GLU H 479 -12.59 -45.94 -13.45
N GLU H 480 -12.64 -44.68 -13.44
CA GLU H 480 -12.64 -43.93 -14.69
C GLU H 480 -11.23 -43.66 -15.03
N GLU H 481 -10.28 -43.85 -14.19
CA GLU H 481 -8.88 -43.65 -14.50
C GLU H 481 -8.20 -44.94 -14.54
N ARG H 482 -8.86 -46.01 -14.56
CA ARG H 482 -8.29 -47.29 -14.83
C ARG H 482 -8.69 -47.52 -16.23
N GLU H 483 -9.55 -46.74 -16.80
CA GLU H 483 -9.86 -46.84 -18.20
C GLU H 483 -9.34 -45.67 -18.93
N PHE H 484 -9.06 -44.55 -18.37
CA PHE H 484 -8.46 -43.49 -19.18
C PHE H 484 -7.19 -44.15 -19.56
N ARG H 485 -6.69 -45.18 -18.92
CA ARG H 485 -5.43 -45.91 -19.21
C ARG H 485 -5.64 -47.16 -20.06
N LYS H 486 -6.76 -47.51 -20.57
CA LYS H 486 -6.89 -48.49 -21.62
C LYS H 486 -7.04 -47.63 -22.84
N ILE H 487 -7.85 -46.64 -22.87
CA ILE H 487 -8.08 -45.81 -24.06
C ILE H 487 -6.75 -45.37 -24.55
N SER H 488 -5.75 -45.29 -23.75
CA SER H 488 -4.54 -44.58 -24.07
C SER H 488 -3.40 -45.43 -24.41
N ARG H 489 -3.52 -46.69 -24.34
CA ARG H 489 -2.50 -47.59 -24.77
C ARG H 489 -2.78 -47.92 -26.18
N ASP H 490 -3.97 -47.76 -26.67
CA ASP H 490 -4.36 -48.12 -28.05
C ASP H 490 -3.43 -47.37 -28.94
N ARG H 491 -3.35 -47.64 -30.20
CA ARG H 491 -2.23 -47.07 -30.95
C ARG H 491 -2.51 -45.75 -31.54
N GLY H 492 -3.73 -45.48 -31.88
CA GLY H 492 -4.08 -44.20 -32.45
C GLY H 492 -4.90 -43.41 -31.52
N ILE H 493 -4.46 -43.07 -30.39
CA ILE H 493 -5.19 -42.17 -29.57
C ILE H 493 -4.72 -40.84 -30.00
N ILE H 494 -3.55 -40.65 -30.38
CA ILE H 494 -3.14 -39.30 -30.63
C ILE H 494 -3.99 -38.92 -31.73
N ASP H 495 -4.61 -39.69 -32.58
CA ASP H 495 -5.43 -39.14 -33.70
C ASP H 495 -6.91 -39.23 -33.56
N LYS H 496 -7.45 -40.02 -32.67
CA LYS H 496 -8.84 -40.12 -32.28
C LYS H 496 -9.08 -38.97 -31.37
N ILE H 497 -8.12 -38.48 -30.62
CA ILE H 497 -8.24 -37.25 -29.85
C ILE H 497 -8.37 -36.03 -30.76
N ILE H 498 -7.54 -35.97 -31.81
CA ILE H 498 -7.67 -34.84 -32.73
C ILE H 498 -9.01 -34.87 -33.43
N SER H 499 -9.52 -36.06 -33.75
CA SER H 499 -10.82 -36.16 -34.40
C SER H 499 -11.94 -35.66 -33.48
N SER H 500 -11.84 -35.93 -32.18
CA SER H 500 -12.89 -35.60 -31.23
C SER H 500 -12.90 -34.12 -30.84
N MET H 501 -12.11 -33.27 -31.50
CA MET H 501 -12.08 -31.85 -31.20
C MET H 501 -13.10 -31.14 -32.08
N ALA H 502 -14.18 -30.67 -31.45
CA ALA H 502 -15.24 -29.95 -32.15
C ALA H 502 -15.74 -30.77 -33.33
N PRO H 503 -16.26 -31.98 -33.10
CA PRO H 503 -16.67 -32.84 -34.21
C PRO H 503 -17.76 -32.22 -35.08
N SER H 504 -18.51 -31.25 -34.58
CA SER H 504 -19.55 -30.61 -35.37
C SER H 504 -19.00 -29.63 -36.40
N ILE H 505 -17.68 -29.46 -36.46
CA ILE H 505 -17.03 -28.69 -37.51
C ILE H 505 -16.48 -29.67 -38.53
N TYR H 506 -16.77 -29.44 -39.81
CA TYR H 506 -16.47 -30.44 -40.83
C TYR H 506 -14.98 -30.74 -40.95
N GLY H 507 -14.18 -29.76 -41.38
CA GLY H 507 -12.80 -30.03 -41.70
C GLY H 507 -11.82 -29.40 -40.73
N HIS H 508 -10.84 -28.66 -41.26
CA HIS H 508 -9.89 -27.92 -40.45
C HIS H 508 -9.13 -28.86 -39.50
N ARG H 509 -8.38 -29.79 -40.09
CA ARG H 509 -7.61 -30.72 -39.28
C ARG H 509 -6.44 -30.03 -38.58
N ASP H 510 -5.78 -29.09 -39.24
CA ASP H 510 -4.68 -28.37 -38.60
C ASP H 510 -5.16 -27.56 -37.41
N ILE H 511 -6.31 -26.90 -37.52
CA ILE H 511 -6.85 -26.13 -36.41
C ILE H 511 -7.15 -27.04 -35.23
N LYS H 512 -7.77 -28.19 -35.50
CA LYS H 512 -8.10 -29.12 -34.42
C LYS H 512 -6.84 -29.68 -33.77
N THR H 513 -5.80 -29.98 -34.57
CA THR H 513 -4.55 -30.45 -34.00
C THR H 513 -3.92 -29.39 -33.11
N ALA H 514 -3.90 -28.14 -33.56
CA ALA H 514 -3.34 -27.06 -32.74
C ALA H 514 -4.15 -26.90 -31.45
N VAL H 515 -5.48 -26.99 -31.54
CA VAL H 515 -6.32 -26.83 -30.36
C VAL H 515 -6.05 -27.96 -29.37
N ALA H 516 -5.93 -29.19 -29.86
CA ALA H 516 -5.63 -30.31 -28.95
C ALA H 516 -4.27 -30.12 -28.30
N CYS H 517 -3.27 -29.71 -29.07
CA CYS H 517 -1.94 -29.49 -28.50
C CYS H 517 -2.00 -28.43 -27.41
N SER H 518 -2.69 -27.32 -27.67
CA SER H 518 -2.81 -26.26 -26.67
C SER H 518 -3.55 -26.75 -25.44
N LEU H 519 -4.61 -27.55 -25.63
CA LEU H 519 -5.36 -28.07 -24.50
C LEU H 519 -4.50 -28.93 -23.60
N PHE H 520 -3.70 -29.82 -24.20
CA PHE H 520 -2.86 -30.69 -23.38
C PHE H 520 -1.62 -29.95 -22.86
N GLY H 521 -1.04 -29.07 -23.68
CA GLY H 521 0.02 -28.19 -23.22
C GLY H 521 1.32 -28.89 -22.89
N GLY H 522 2.42 -28.14 -22.87
CA GLY H 522 3.72 -28.67 -22.55
C GLY H 522 3.97 -28.72 -21.05
N VAL H 523 5.21 -29.01 -20.70
CA VAL H 523 5.65 -29.19 -19.32
C VAL H 523 6.55 -28.02 -18.94
N PRO H 524 6.19 -27.21 -17.95
CA PRO H 524 7.11 -26.15 -17.50
C PRO H 524 8.30 -26.74 -16.77
N LYS H 525 9.42 -26.03 -16.87
CA LYS H 525 10.68 -26.53 -16.32
C LYS H 525 11.52 -25.38 -15.80
N ASN H 526 12.05 -25.54 -14.59
CA ASN H 526 12.92 -24.55 -13.95
C ASN H 526 14.30 -25.19 -13.83
N VAL H 527 15.23 -24.78 -14.69
CA VAL H 527 16.55 -25.40 -14.76
C VAL H 527 17.40 -24.84 -13.62
N ASN H 528 17.72 -25.70 -12.67
CA ASN H 528 18.60 -25.36 -11.53
C ASN H 528 18.01 -24.27 -10.64
N GLY H 529 16.75 -23.92 -10.82
CA GLY H 529 16.16 -22.84 -10.06
C GLY H 529 16.53 -21.46 -10.52
N LYS H 530 17.20 -21.34 -11.67
CA LYS H 530 17.63 -20.05 -12.20
C LYS H 530 16.98 -19.70 -13.53
N HIS H 531 16.69 -20.68 -14.37
CA HIS H 531 16.13 -20.46 -15.69
C HIS H 531 14.68 -20.95 -15.71
N SER H 532 13.77 -20.08 -16.14
CA SER H 532 12.36 -20.42 -16.26
C SER H 532 12.00 -20.51 -17.74
N ILE H 533 11.35 -21.61 -18.11
CA ILE H 533 10.96 -21.87 -19.50
C ILE H 533 9.45 -22.10 -19.52
N ARG H 534 8.76 -21.37 -20.39
CA ARG H 534 7.31 -21.52 -20.52
C ARG H 534 6.97 -22.95 -20.95
N GLY H 535 5.79 -23.40 -20.55
CA GLY H 535 5.37 -24.76 -20.85
C GLY H 535 3.95 -24.84 -21.37
N ASP H 536 3.48 -23.79 -22.03
CA ASP H 536 2.14 -23.75 -22.58
C ASP H 536 2.20 -23.25 -24.03
N ILE H 537 1.23 -23.67 -24.83
CA ILE H 537 1.22 -23.45 -26.27
C ILE H 537 0.15 -22.43 -26.61
N ASN H 538 0.51 -21.45 -27.42
CA ASN H 538 -0.38 -20.39 -27.87
C ASN H 538 -0.70 -20.59 -29.35
N VAL H 539 -1.95 -20.35 -29.72
CA VAL H 539 -2.44 -20.60 -31.07
C VAL H 539 -3.11 -19.34 -31.59
N LEU H 540 -2.94 -19.08 -32.88
CA LEU H 540 -3.59 -17.95 -33.54
C LEU H 540 -4.29 -18.44 -34.80
N LEU H 541 -5.57 -18.14 -34.91
CA LEU H 541 -6.37 -18.48 -36.10
C LEU H 541 -6.59 -17.20 -36.90
N LEU H 542 -5.98 -17.13 -38.07
CA LEU H 542 -6.05 -15.96 -38.95
C LEU H 542 -6.72 -16.39 -40.25
N GLY H 543 -8.04 -16.27 -40.31
CA GLY H 543 -8.79 -16.82 -41.43
C GLY H 543 -9.83 -15.90 -42.03
N ASP H 544 -10.68 -16.46 -42.89
CA ASP H 544 -11.69 -15.72 -43.61
C ASP H 544 -13.00 -15.71 -42.83
N PRO H 545 -13.96 -14.88 -43.24
CA PRO H 545 -15.13 -14.64 -42.37
C PRO H 545 -15.86 -15.88 -41.90
N GLY H 546 -16.42 -16.67 -42.81
CA GLY H 546 -17.27 -17.78 -42.40
C GLY H 546 -16.57 -19.12 -42.29
N THR H 547 -15.50 -19.19 -41.51
CA THR H 547 -14.63 -20.35 -41.49
C THR H 547 -14.55 -20.99 -40.09
N ALA H 548 -15.60 -20.85 -39.29
CA ALA H 548 -15.75 -21.59 -38.04
C ALA H 548 -14.56 -21.39 -37.11
N LYS H 549 -14.27 -20.13 -36.78
CA LYS H 549 -13.25 -19.80 -35.80
C LYS H 549 -13.85 -19.57 -34.42
N SER H 550 -14.88 -18.72 -34.35
CA SER H 550 -15.52 -18.43 -33.07
C SER H 550 -16.14 -19.69 -32.48
N GLN H 551 -16.66 -20.57 -33.33
CA GLN H 551 -17.20 -21.84 -32.83
C GLN H 551 -16.12 -22.69 -32.19
N ILE H 552 -14.92 -22.73 -32.80
CA ILE H 552 -13.82 -23.47 -32.21
C ILE H 552 -13.43 -22.86 -30.87
N LEU H 553 -13.38 -21.53 -30.79
CA LEU H 553 -13.07 -20.89 -29.52
C LEU H 553 -14.11 -21.23 -28.46
N LYS H 554 -15.39 -21.24 -28.83
CA LYS H 554 -16.43 -21.59 -27.88
C LYS H 554 -16.29 -23.04 -27.40
N TYR H 555 -15.96 -23.95 -28.32
CA TYR H 555 -15.74 -25.33 -27.92
C TYR H 555 -14.58 -25.44 -26.94
N VAL H 556 -13.47 -24.75 -27.22
CA VAL H 556 -12.33 -24.79 -26.30
C VAL H 556 -12.73 -24.22 -24.95
N GLU H 557 -13.57 -23.18 -24.94
CA GLU H 557 -14.07 -22.67 -23.66
C GLU H 557 -14.85 -23.74 -22.92
N LYS H 558 -15.70 -24.48 -23.64
CA LYS H 558 -16.47 -25.53 -22.98
C LYS H 558 -15.56 -26.59 -22.38
N THR H 559 -14.53 -27.01 -23.11
CA THR H 559 -13.78 -28.20 -22.73
C THR H 559 -12.70 -27.94 -21.69
N ALA H 560 -12.09 -26.75 -21.69
CA ALA H 560 -10.98 -26.49 -20.78
C ALA H 560 -11.47 -26.44 -19.33
N HIS H 561 -10.55 -26.77 -18.42
CA HIS H 561 -10.89 -26.77 -16.99
C HIS H 561 -11.21 -25.36 -16.50
N ARG H 562 -10.36 -24.39 -16.86
CA ARG H 562 -10.58 -22.99 -16.51
C ARG H 562 -10.37 -22.16 -17.76
N ALA H 563 -11.43 -21.50 -18.22
CA ALA H 563 -11.39 -20.71 -19.43
C ALA H 563 -12.13 -19.40 -19.24
N VAL H 564 -11.68 -18.37 -19.95
CA VAL H 564 -12.35 -17.08 -19.97
C VAL H 564 -12.39 -16.60 -21.42
N PHE H 565 -13.54 -16.08 -21.83
CA PHE H 565 -13.75 -15.61 -23.19
C PHE H 565 -13.77 -14.09 -23.22
N ALA H 566 -12.97 -13.50 -24.10
CA ALA H 566 -12.92 -12.06 -24.27
C ALA H 566 -13.00 -11.74 -25.75
N THR H 567 -13.63 -10.60 -26.05
CA THR H 567 -13.80 -10.13 -27.42
C THR H 567 -13.01 -8.85 -27.61
N GLY H 568 -12.75 -8.52 -28.87
CA GLY H 568 -11.79 -7.48 -29.22
C GLY H 568 -11.87 -6.22 -28.40
N GLN H 569 -12.94 -5.43 -28.57
CA GLN H 569 -13.05 -4.15 -27.90
C GLN H 569 -13.80 -4.22 -26.58
N GLY H 570 -14.28 -5.40 -26.20
CA GLY H 570 -14.87 -5.59 -24.88
C GLY H 570 -13.88 -5.87 -23.79
N ALA H 571 -12.58 -5.86 -24.11
CA ALA H 571 -11.51 -6.14 -23.16
C ALA H 571 -10.61 -4.91 -23.05
N SER H 572 -10.06 -4.69 -21.86
CA SER H 572 -9.19 -3.57 -21.59
C SER H 572 -7.82 -4.06 -21.12
N ALA H 573 -6.87 -3.14 -21.06
CA ALA H 573 -5.52 -3.51 -20.65
C ALA H 573 -5.51 -4.07 -19.24
N VAL H 574 -6.27 -3.46 -18.33
CA VAL H 574 -6.33 -3.94 -16.95
C VAL H 574 -7.45 -4.95 -16.74
N GLY H 575 -8.45 -5.00 -17.63
CA GLY H 575 -9.41 -6.07 -17.57
C GLY H 575 -8.75 -7.42 -17.71
N LEU H 576 -7.87 -7.56 -18.69
CA LEU H 576 -6.88 -8.62 -18.70
C LEU H 576 -5.79 -8.28 -17.70
N THR H 577 -5.10 -9.32 -17.22
CA THR H 577 -4.05 -9.12 -16.23
C THR H 577 -4.67 -8.76 -14.87
N ALA H 578 -4.31 -7.62 -14.31
CA ALA H 578 -4.79 -7.25 -12.98
C ALA H 578 -4.96 -5.74 -12.90
N SER H 579 -5.82 -5.31 -11.99
CA SER H 579 -6.15 -3.90 -11.78
C SER H 579 -5.99 -3.55 -10.31
N VAL H 580 -6.02 -2.25 -10.04
CA VAL H 580 -5.87 -1.70 -8.69
C VAL H 580 -7.06 -0.80 -8.39
N ARG H 581 -7.74 -1.09 -7.28
CA ARG H 581 -8.94 -0.36 -6.83
C ARG H 581 -8.75 0.09 -5.39
N LYS H 582 -9.61 0.95 -4.83
CA LYS H 582 -9.58 1.32 -3.40
C LYS H 582 -10.75 0.62 -2.70
N ASP H 583 -10.48 -0.31 -1.80
CA ASP H 583 -11.48 -1.14 -1.16
C ASP H 583 -12.55 -0.25 -0.51
N PRO H 584 -13.83 -0.45 -0.83
CA PRO H 584 -14.86 0.39 -0.19
C PRO H 584 -14.88 0.30 1.32
N ILE H 585 -14.54 -0.85 1.89
CA ILE H 585 -14.61 -1.01 3.34
C ILE H 585 -13.41 -0.36 4.03
N THR H 586 -12.21 -0.85 3.73
CA THR H 586 -11.01 -0.35 4.38
C THR H 586 -10.47 0.93 3.77
N LYS H 587 -10.99 1.35 2.62
CA LYS H 587 -10.55 2.58 1.96
C LYS H 587 -9.05 2.56 1.72
N GLU H 588 -8.53 1.40 1.35
CA GLU H 588 -7.10 1.23 1.06
C GLU H 588 -6.92 0.53 -0.28
N TRP H 589 -5.86 0.90 -0.98
CA TRP H 589 -5.61 0.33 -2.30
C TRP H 589 -5.44 -1.17 -2.22
N THR H 590 -5.97 -1.88 -3.22
CA THR H 590 -5.88 -3.33 -3.26
C THR H 590 -5.80 -3.76 -4.72
N LEU H 591 -5.60 -5.06 -4.91
CA LEU H 591 -5.32 -5.65 -6.22
C LEU H 591 -6.41 -6.64 -6.58
N GLU H 592 -6.92 -6.54 -7.82
CA GLU H 592 -7.93 -7.46 -8.33
C GLU H 592 -7.35 -8.27 -9.48
N GLY H 593 -7.83 -9.51 -9.61
CA GLY H 593 -7.40 -10.38 -10.69
C GLY H 593 -8.30 -10.23 -11.91
N GLY H 594 -7.65 -10.15 -13.07
CA GLY H 594 -8.33 -9.99 -14.34
C GLY H 594 -8.56 -11.32 -15.03
N ALA H 595 -8.65 -11.26 -16.36
CA ALA H 595 -8.92 -12.47 -17.14
C ALA H 595 -7.79 -13.47 -17.02
N LEU H 596 -6.55 -13.03 -17.19
CA LEU H 596 -5.42 -13.96 -17.18
C LEU H 596 -5.27 -14.63 -15.82
N VAL H 597 -5.61 -13.93 -14.74
CA VAL H 597 -5.58 -14.56 -13.42
C VAL H 597 -6.67 -15.61 -13.31
N LEU H 598 -7.88 -15.29 -13.77
CA LEU H 598 -8.95 -16.27 -13.81
C LEU H 598 -8.61 -17.45 -14.72
N ALA H 599 -7.70 -17.25 -15.68
CA ALA H 599 -7.29 -18.28 -16.60
C ALA H 599 -5.97 -18.94 -16.19
N ASP H 600 -5.53 -18.73 -14.95
CA ASP H 600 -4.33 -19.41 -14.47
C ASP H 600 -4.50 -20.91 -14.60
N LYS H 601 -3.48 -21.57 -15.16
CA LYS H 601 -3.58 -22.99 -15.47
C LYS H 601 -4.80 -23.25 -16.35
N GLY H 602 -5.02 -22.37 -17.31
CA GLY H 602 -6.17 -22.47 -18.18
C GLY H 602 -5.92 -21.82 -19.51
N VAL H 603 -7.02 -21.43 -20.16
CA VAL H 603 -6.97 -20.86 -21.51
C VAL H 603 -7.72 -19.55 -21.52
N CYS H 604 -7.12 -18.54 -22.14
CA CYS H 604 -7.77 -17.25 -22.37
C CYS H 604 -8.05 -17.14 -23.87
N LEU H 605 -9.32 -17.11 -24.24
CA LEU H 605 -9.74 -17.11 -25.63
C LEU H 605 -10.14 -15.69 -26.03
N ILE H 606 -9.37 -15.09 -26.93
CA ILE H 606 -9.58 -13.71 -27.36
C ILE H 606 -10.09 -13.77 -28.80
N ASP H 607 -11.32 -13.31 -29.01
CA ASP H 607 -11.90 -13.23 -30.34
C ASP H 607 -11.80 -11.80 -30.86
N GLU H 608 -11.89 -11.66 -32.17
CA GLU H 608 -11.71 -10.37 -32.83
C GLU H 608 -10.37 -9.76 -32.42
N PHE H 609 -9.34 -10.60 -32.43
CA PHE H 609 -8.04 -10.20 -31.90
C PHE H 609 -7.47 -8.99 -32.63
N ASP H 610 -7.74 -8.89 -33.94
CA ASP H 610 -7.16 -7.81 -34.74
C ASP H 610 -7.84 -6.48 -34.53
N LYS H 611 -9.06 -6.46 -33.98
CA LYS H 611 -9.79 -5.23 -33.74
C LYS H 611 -9.54 -4.64 -32.36
N MET H 612 -8.79 -5.33 -31.50
CA MET H 612 -8.45 -4.81 -30.19
C MET H 612 -7.77 -3.45 -30.29
N ASN H 613 -7.84 -2.67 -29.22
CA ASN H 613 -7.01 -1.48 -29.13
C ASN H 613 -5.55 -1.89 -29.00
N ASP H 614 -4.67 -1.08 -29.57
CA ASP H 614 -3.23 -1.38 -29.47
C ASP H 614 -2.77 -1.41 -28.03
N GLN H 615 -3.26 -0.45 -27.23
CA GLN H 615 -2.86 -0.41 -25.82
C GLN H 615 -3.30 -1.66 -25.09
N ASP H 616 -4.53 -2.12 -25.33
CA ASP H 616 -5.00 -3.34 -24.69
C ASP H 616 -4.24 -4.56 -25.20
N ARG H 617 -3.90 -4.59 -26.49
CA ARG H 617 -3.23 -5.75 -27.06
C ARG H 617 -1.81 -5.88 -26.50
N THR H 618 -1.11 -4.76 -26.33
CA THR H 618 0.27 -4.82 -25.83
C THR H 618 0.35 -5.24 -24.37
N SER H 619 -0.78 -5.34 -23.67
CA SER H 619 -0.75 -5.62 -22.24
C SER H 619 -0.38 -7.06 -21.95
N ILE H 620 -0.65 -7.99 -22.86
CA ILE H 620 -0.51 -9.42 -22.56
C ILE H 620 0.86 -9.93 -22.96
N HIS H 621 1.76 -9.03 -23.39
CA HIS H 621 3.08 -9.45 -23.83
C HIS H 621 3.82 -10.19 -22.72
N GLU H 622 3.89 -9.59 -21.54
CA GLU H 622 4.64 -10.21 -20.44
C GLU H 622 3.98 -11.51 -19.99
N ALA H 623 2.64 -11.54 -19.94
CA ALA H 623 1.96 -12.73 -19.47
C ALA H 623 2.07 -13.88 -20.45
N MET H 624 2.20 -13.59 -21.75
CA MET H 624 2.22 -14.64 -22.75
C MET H 624 3.53 -15.41 -22.77
N GLU H 625 4.60 -14.85 -22.21
CA GLU H 625 5.91 -15.51 -22.20
C GLU H 625 6.41 -15.79 -20.80
N GLN H 626 6.41 -14.80 -19.90
CA GLN H 626 6.94 -14.98 -18.56
C GLN H 626 5.97 -15.65 -17.61
N GLN H 627 4.69 -15.78 -17.98
CA GLN H 627 3.69 -16.41 -17.13
C GLN H 627 3.55 -15.67 -15.81
N SER H 628 3.58 -14.34 -15.86
CA SER H 628 3.48 -13.53 -14.66
C SER H 628 3.06 -12.12 -15.04
N ILE H 629 2.39 -11.45 -14.10
CA ILE H 629 1.96 -10.07 -14.26
C ILE H 629 2.62 -9.24 -13.17
N SER H 630 3.29 -8.17 -13.57
CA SER H 630 3.98 -7.28 -12.65
C SER H 630 3.24 -5.95 -12.59
N ILE H 631 2.85 -5.54 -11.38
CA ILE H 631 2.10 -4.32 -11.17
C ILE H 631 2.88 -3.43 -10.20
N SER H 632 3.07 -2.18 -10.59
CA SER H 632 3.65 -1.15 -9.73
C SER H 632 2.71 0.05 -9.79
N LYS H 633 1.76 0.09 -8.87
CA LYS H 633 0.74 1.13 -8.87
C LYS H 633 0.29 1.40 -7.44
N ALA H 634 0.16 2.69 -7.11
CA ALA H 634 -0.44 3.13 -5.85
C ALA H 634 0.18 2.42 -4.65
N GLY H 635 1.51 2.35 -4.65
CA GLY H 635 2.24 1.79 -3.52
C GLY H 635 2.28 0.28 -3.46
N ILE H 636 1.70 -0.42 -4.43
CA ILE H 636 1.74 -1.87 -4.50
C ILE H 636 2.80 -2.27 -5.52
N VAL H 637 3.73 -3.13 -5.10
CA VAL H 637 4.78 -3.65 -5.96
C VAL H 637 4.78 -5.16 -5.77
N THR H 638 4.07 -5.87 -6.65
CA THR H 638 3.92 -7.32 -6.54
C THR H 638 3.93 -7.93 -7.93
N THR H 639 4.23 -9.22 -7.98
CA THR H 639 4.21 -9.99 -9.22
C THR H 639 3.28 -11.19 -9.03
N LEU H 640 2.38 -11.38 -9.98
CA LEU H 640 1.39 -12.44 -9.91
C LEU H 640 1.84 -13.63 -10.76
N GLN H 641 0.98 -14.63 -10.86
CA GLN H 641 1.19 -15.79 -11.71
C GLN H 641 0.05 -15.88 -12.71
N ALA H 642 0.40 -15.93 -14.00
CA ALA H 642 -0.57 -16.11 -15.08
C ALA H 642 -0.05 -17.24 -15.97
N ARG H 643 -0.32 -18.48 -15.56
CA ARG H 643 0.12 -19.65 -16.32
C ARG H 643 -1.02 -20.08 -17.25
N CYS H 644 -1.26 -19.24 -18.25
CA CYS H 644 -2.39 -19.36 -19.14
C CYS H 644 -1.92 -19.41 -20.59
N SER H 645 -2.59 -20.21 -21.40
CA SER H 645 -2.37 -20.26 -22.83
C SER H 645 -3.42 -19.41 -23.54
N ILE H 646 -3.03 -18.84 -24.68
CA ILE H 646 -3.88 -17.92 -25.43
C ILE H 646 -4.19 -18.52 -26.78
N ILE H 647 -5.47 -18.64 -27.10
CA ILE H 647 -5.95 -19.00 -28.43
C ILE H 647 -6.74 -17.81 -28.95
N ALA H 648 -6.22 -17.16 -30.00
CA ALA H 648 -6.77 -15.93 -30.51
C ALA H 648 -7.23 -16.11 -31.95
N ALA H 649 -8.37 -15.52 -32.28
CA ALA H 649 -8.90 -15.52 -33.63
C ALA H 649 -8.85 -14.10 -34.18
N ALA H 650 -8.36 -13.97 -35.42
CA ALA H 650 -8.18 -12.67 -36.04
C ALA H 650 -8.69 -12.72 -37.48
N ASN H 651 -8.88 -11.53 -38.05
CA ASN H 651 -9.36 -11.38 -39.41
C ASN H 651 -8.34 -10.61 -40.22
N PRO H 652 -7.88 -11.13 -41.36
CA PRO H 652 -6.82 -10.43 -42.11
C PRO H 652 -7.27 -9.07 -42.60
N ASN H 653 -6.29 -8.25 -42.95
CA ASN H 653 -6.58 -6.92 -43.47
C ASN H 653 -7.44 -7.01 -44.72
N GLY H 654 -8.46 -6.16 -44.80
CA GLY H 654 -9.39 -6.19 -45.90
C GLY H 654 -10.50 -7.21 -45.76
N GLY H 655 -10.49 -8.01 -44.70
CA GLY H 655 -11.53 -8.97 -44.44
C GLY H 655 -11.35 -10.31 -45.13
N ARG H 656 -10.34 -10.46 -45.97
CA ARG H 656 -10.14 -11.71 -46.70
C ARG H 656 -8.67 -11.88 -47.00
N TYR H 657 -8.14 -13.06 -46.68
CA TYR H 657 -6.70 -13.31 -46.82
C TYR H 657 -6.29 -13.19 -48.28
N ASN H 658 -5.18 -12.50 -48.51
CA ASN H 658 -4.63 -12.32 -49.86
C ASN H 658 -3.41 -13.22 -49.97
N SER H 659 -3.60 -14.39 -50.59
CA SER H 659 -2.54 -15.40 -50.66
C SER H 659 -1.35 -14.97 -51.52
N THR H 660 -1.49 -13.90 -52.29
CA THR H 660 -0.38 -13.46 -53.14
C THR H 660 0.64 -12.66 -52.36
N LEU H 661 0.25 -12.07 -51.23
CA LEU H 661 1.15 -11.26 -50.42
C LEU H 661 1.68 -12.09 -49.24
N PRO H 662 2.79 -11.66 -48.64
CA PRO H 662 3.30 -12.36 -47.46
C PRO H 662 2.36 -12.21 -46.28
N LEU H 663 2.59 -13.05 -45.26
CA LEU H 663 1.76 -12.99 -44.06
C LEU H 663 1.85 -11.64 -43.37
N ALA H 664 3.06 -11.09 -43.28
CA ALA H 664 3.26 -9.84 -42.55
C ALA H 664 2.39 -8.73 -43.12
N GLN H 665 2.21 -8.71 -44.43
CA GLN H 665 1.39 -7.67 -45.07
C GLN H 665 -0.10 -7.91 -44.88
N ASN H 666 -0.51 -9.14 -44.56
CA ASN H 666 -1.92 -9.47 -44.45
C ASN H 666 -2.46 -9.32 -43.04
N VAL H 667 -1.62 -9.00 -42.07
CA VAL H 667 -2.04 -8.73 -40.70
C VAL H 667 -1.33 -7.48 -40.20
N SER H 668 -1.96 -6.78 -39.26
CA SER H 668 -1.39 -5.57 -38.70
C SER H 668 -0.54 -5.82 -37.47
N LEU H 669 -0.51 -7.05 -36.96
CA LEU H 669 0.34 -7.35 -35.82
C LEU H 669 1.81 -7.20 -36.18
N THR H 670 2.65 -7.14 -35.15
CA THR H 670 4.07 -6.88 -35.30
C THR H 670 4.87 -8.10 -34.89
N GLU H 671 6.19 -8.02 -35.09
CA GLU H 671 7.06 -9.16 -34.84
C GLU H 671 6.99 -9.65 -33.39
N PRO H 672 7.11 -8.79 -32.37
CA PRO H 672 7.12 -9.31 -30.99
C PRO H 672 5.87 -10.10 -30.62
N ILE H 673 4.69 -9.62 -31.03
CA ILE H 673 3.46 -10.33 -30.70
C ILE H 673 3.36 -11.62 -31.51
N LEU H 674 3.74 -11.58 -32.78
CA LEU H 674 3.64 -12.76 -33.63
C LEU H 674 4.57 -13.87 -33.11
N SER H 675 5.77 -13.50 -32.68
CA SER H 675 6.74 -14.50 -32.25
C SER H 675 6.29 -15.26 -31.02
N ARG H 676 5.29 -14.76 -30.29
CA ARG H 676 4.80 -15.43 -29.10
C ARG H 676 3.78 -16.52 -29.39
N PHE H 677 3.36 -16.69 -30.64
CA PHE H 677 2.35 -17.66 -31.01
C PHE H 677 3.03 -18.91 -31.55
N ASP H 678 2.85 -20.03 -30.86
CA ASP H 678 3.53 -21.26 -31.25
C ASP H 678 3.05 -21.77 -32.60
N ILE H 679 1.74 -21.74 -32.84
CA ILE H 679 1.13 -22.28 -34.05
C ILE H 679 0.30 -21.19 -34.69
N LEU H 680 0.52 -20.96 -35.98
CA LEU H 680 -0.29 -20.06 -36.79
C LEU H 680 -1.06 -20.90 -37.80
N CYS H 681 -2.39 -20.77 -37.79
CA CYS H 681 -3.26 -21.51 -38.70
C CYS H 681 -3.99 -20.52 -39.57
N VAL H 682 -3.60 -20.45 -40.84
CA VAL H 682 -4.26 -19.58 -41.81
C VAL H 682 -5.37 -20.37 -42.49
N VAL H 683 -6.58 -19.83 -42.48
CA VAL H 683 -7.75 -20.46 -43.06
C VAL H 683 -8.21 -19.65 -44.25
N ARG H 684 -8.49 -20.33 -45.36
CA ARG H 684 -8.97 -19.69 -46.57
C ARG H 684 -10.27 -20.34 -47.01
N ASP H 685 -11.15 -19.54 -47.59
CA ASP H 685 -12.42 -20.01 -48.15
C ASP H 685 -12.34 -19.91 -49.67
N LEU H 686 -12.13 -21.06 -50.31
CA LEU H 686 -12.03 -21.14 -51.77
C LEU H 686 -13.18 -21.97 -52.30
N VAL H 687 -13.79 -21.52 -53.41
CA VAL H 687 -14.97 -22.21 -54.00
C VAL H 687 -14.49 -23.39 -54.84
N ASP H 688 -14.53 -24.60 -54.29
CA ASP H 688 -14.22 -25.84 -55.04
C ASP H 688 -15.54 -26.59 -55.01
N GLU H 689 -16.07 -27.02 -56.14
CA GLU H 689 -17.43 -27.61 -56.17
C GLU H 689 -17.49 -28.87 -55.33
N GLU H 690 -16.49 -29.74 -55.43
CA GLU H 690 -16.43 -30.98 -54.61
C GLU H 690 -16.30 -30.63 -53.13
N ALA H 691 -15.46 -29.66 -52.78
CA ALA H 691 -15.27 -29.22 -51.39
C ALA H 691 -16.56 -28.62 -50.85
N ASP H 692 -17.25 -27.81 -51.64
CA ASP H 692 -18.54 -27.17 -51.28
C ASP H 692 -19.56 -28.27 -51.08
N GLU H 693 -19.53 -29.31 -51.91
CA GLU H 693 -20.49 -30.43 -51.83
C GLU H 693 -20.37 -31.12 -50.48
N ARG H 694 -19.18 -31.52 -50.05
CA ARG H 694 -18.97 -32.21 -48.78
C ARG H 694 -19.34 -31.32 -47.60
N LEU H 695 -18.91 -30.06 -47.62
CA LEU H 695 -19.19 -29.17 -46.50
C LEU H 695 -20.69 -28.96 -46.32
N ALA H 696 -21.41 -28.73 -47.43
CA ALA H 696 -22.84 -28.52 -47.34
C ALA H 696 -23.54 -29.79 -46.84
N THR H 697 -23.14 -30.95 -47.35
CA THR H 697 -23.74 -32.19 -46.87
C THR H 697 -23.54 -32.34 -45.37
N PHE H 698 -22.32 -32.11 -44.89
CA PHE H 698 -22.05 -32.25 -43.47
C PHE H 698 -22.85 -31.26 -42.64
N VAL H 699 -22.93 -30.01 -43.11
CA VAL H 699 -23.63 -28.99 -42.34
C VAL H 699 -25.11 -29.30 -42.24
N VAL H 700 -25.72 -29.73 -43.36
CA VAL H 700 -27.14 -30.03 -43.33
C VAL H 700 -27.41 -31.26 -42.47
N ASP H 701 -26.55 -32.27 -42.54
CA ASP H 701 -26.73 -33.43 -41.66
C ASP H 701 -26.58 -33.03 -40.20
N SER H 702 -25.66 -32.12 -39.89
CA SER H 702 -25.52 -31.64 -38.52
C SER H 702 -26.77 -30.92 -38.06
N HIS H 703 -27.32 -30.04 -38.90
CA HIS H 703 -28.53 -29.33 -38.53
C HIS H 703 -29.68 -30.31 -38.30
N VAL H 704 -29.75 -31.36 -39.11
CA VAL H 704 -30.77 -32.39 -38.87
C VAL H 704 -30.52 -33.07 -37.54
N ARG H 705 -29.26 -33.37 -37.23
CA ARG H 705 -28.93 -34.10 -36.00
C ARG H 705 -29.29 -33.30 -34.75
N SER H 706 -29.06 -31.99 -34.78
CA SER H 706 -29.23 -31.13 -33.61
C SER H 706 -30.68 -30.69 -33.39
N HIS H 707 -31.60 -31.09 -34.26
CA HIS H 707 -32.97 -30.63 -34.14
C HIS H 707 -33.55 -31.09 -32.80
N PRO H 708 -34.21 -30.20 -32.04
CA PRO H 708 -34.75 -30.63 -30.74
C PRO H 708 -35.72 -31.79 -30.84
N GLU H 709 -36.57 -31.81 -31.87
CA GLU H 709 -37.58 -32.86 -31.97
C GLU H 709 -36.95 -34.23 -32.16
N ASN H 710 -35.88 -34.30 -32.96
CA ASN H 710 -35.20 -35.58 -33.21
C ASN H 710 -34.66 -36.16 -31.90
N ASN H 739 -35.57 -46.14 -17.61
CA ASN H 739 -36.23 -44.95 -17.08
C ASN H 739 -36.12 -43.79 -18.07
N ALA H 740 -36.85 -42.71 -17.80
CA ALA H 740 -36.85 -41.57 -18.71
C ALA H 740 -35.45 -40.98 -18.85
N ARG H 741 -34.78 -40.77 -17.71
CA ARG H 741 -33.42 -40.22 -17.76
C ARG H 741 -32.48 -41.19 -18.47
N GLN H 742 -32.62 -42.49 -18.21
CA GLN H 742 -31.78 -43.47 -18.87
C GLN H 742 -32.01 -43.47 -20.37
N ARG H 743 -33.27 -43.41 -20.80
CA ARG H 743 -33.57 -43.38 -22.23
C ARG H 743 -33.01 -42.11 -22.88
N ARG H 744 -33.15 -40.97 -22.21
CA ARG H 744 -32.59 -39.72 -22.73
C ARG H 744 -31.08 -39.83 -22.88
N LEU H 745 -30.40 -40.37 -21.87
CA LEU H 745 -28.96 -40.53 -21.94
C LEU H 745 -28.56 -41.46 -23.07
N GLN H 746 -29.31 -42.56 -23.25
CA GLN H 746 -28.98 -43.52 -24.31
C GLN H 746 -29.12 -42.89 -25.68
N ARG H 747 -30.22 -42.15 -25.91
CA ARG H 747 -30.38 -41.51 -27.21
C ARG H 747 -29.33 -40.44 -27.44
N GLN H 748 -28.98 -39.68 -26.40
CA GLN H 748 -27.92 -38.69 -26.54
C GLN H 748 -26.60 -39.35 -26.88
N ARG H 749 -26.30 -40.49 -26.24
CA ARG H 749 -25.07 -41.22 -26.54
C ARG H 749 -25.06 -41.71 -27.98
N LYS H 750 -26.18 -42.26 -28.44
CA LYS H 750 -26.25 -42.73 -29.83
C LYS H 750 -26.03 -41.58 -30.80
N LYS H 751 -26.64 -40.42 -30.53
CA LYS H 751 -26.46 -39.27 -31.40
C LYS H 751 -25.01 -38.80 -31.39
N GLU H 752 -24.37 -38.82 -30.21
CA GLU H 752 -23.00 -38.32 -30.10
C GLU H 752 -22.02 -39.25 -30.79
N GLU H 753 -22.25 -40.57 -30.73
CA GLU H 753 -21.29 -41.53 -31.27
C GLU H 753 -21.04 -41.31 -32.76
N GLU H 754 -22.00 -40.69 -33.46
CA GLU H 754 -21.91 -40.64 -34.92
C GLU H 754 -20.75 -39.78 -35.40
N ILE H 755 -20.28 -38.83 -34.57
CA ILE H 755 -19.34 -37.81 -35.04
C ILE H 755 -18.12 -37.68 -34.14
N SER H 756 -18.11 -38.39 -33.01
CA SER H 756 -16.99 -38.26 -32.08
C SER H 756 -16.58 -39.62 -31.55
N PRO H 757 -15.37 -40.10 -31.87
CA PRO H 757 -14.96 -41.43 -31.38
C PRO H 757 -14.87 -41.54 -29.86
N ILE H 758 -14.69 -40.44 -29.15
CA ILE H 758 -14.57 -40.46 -27.69
C ILE H 758 -15.67 -39.59 -27.09
N PRO H 759 -16.36 -40.04 -26.04
CA PRO H 759 -17.39 -39.18 -25.42
C PRO H 759 -16.79 -37.88 -24.93
N GLN H 760 -17.57 -36.80 -25.05
CA GLN H 760 -17.05 -35.47 -24.72
C GLN H 760 -16.76 -35.35 -23.23
N GLU H 761 -17.63 -35.89 -22.38
CA GLU H 761 -17.39 -35.81 -20.93
C GLU H 761 -16.18 -36.64 -20.53
N LEU H 762 -16.08 -37.87 -21.06
CA LEU H 762 -14.89 -38.67 -20.82
C LEU H 762 -13.65 -37.97 -21.32
N LEU H 763 -13.77 -37.27 -22.46
CA LEU H 763 -12.62 -36.53 -23.00
C LEU H 763 -12.22 -35.38 -22.08
N MET H 764 -13.19 -34.67 -21.51
CA MET H 764 -12.86 -33.61 -20.56
C MET H 764 -12.12 -34.17 -19.36
N LYS H 765 -12.64 -35.25 -18.77
CA LYS H 765 -11.97 -35.85 -17.64
C LYS H 765 -10.58 -36.34 -18.01
N TYR H 766 -10.44 -36.92 -19.20
CA TYR H 766 -9.14 -37.41 -19.66
C TYR H 766 -8.14 -36.27 -19.79
N ILE H 767 -8.55 -35.16 -20.39
CA ILE H 767 -7.64 -34.03 -20.54
C ILE H 767 -7.22 -33.50 -19.18
N HIS H 768 -8.17 -33.38 -18.25
CA HIS H 768 -7.80 -32.89 -16.92
C HIS H 768 -6.83 -33.84 -16.23
N TYR H 769 -7.08 -35.14 -16.32
CA TYR H 769 -6.19 -36.12 -15.70
C TYR H 769 -4.79 -36.03 -16.29
N ALA H 770 -4.71 -35.95 -17.61
CA ALA H 770 -3.39 -35.88 -18.26
C ALA H 770 -2.67 -34.60 -17.85
N ARG H 771 -3.37 -33.49 -17.73
CA ARG H 771 -2.72 -32.20 -17.40
C ARG H 771 -2.32 -32.24 -15.92
N THR H 772 -3.00 -33.02 -15.07
CA THR H 772 -2.68 -33.01 -13.64
C THR H 772 -1.55 -33.97 -13.31
N LYS H 773 -1.61 -35.21 -13.81
CA LYS H 773 -0.79 -36.29 -13.27
C LYS H 773 0.41 -36.66 -14.12
N ILE H 774 0.50 -36.20 -15.37
CA ILE H 774 1.54 -36.64 -16.30
C ILE H 774 2.45 -35.47 -16.63
N TYR H 775 3.76 -35.69 -16.50
CA TYR H 775 4.78 -34.71 -16.84
C TYR H 775 5.85 -35.40 -17.69
N PRO H 776 5.63 -35.50 -19.01
CA PRO H 776 6.61 -36.18 -19.86
C PRO H 776 7.95 -35.46 -19.86
N LYS H 777 9.01 -36.24 -20.04
CA LYS H 777 10.38 -35.73 -19.99
C LYS H 777 11.16 -36.19 -21.22
N LEU H 778 11.94 -35.29 -21.80
CA LEU H 778 12.75 -35.60 -22.96
C LEU H 778 14.04 -36.28 -22.52
N HIS H 779 14.21 -37.55 -22.90
CA HIS H 779 15.41 -38.30 -22.61
C HIS H 779 16.17 -38.69 -23.87
N GLN H 780 15.52 -39.38 -24.79
CA GLN H 780 16.15 -39.87 -26.01
C GLN H 780 15.55 -39.14 -27.20
N MET H 781 16.38 -38.33 -27.86
CA MET H 781 15.92 -37.48 -29.01
C MET H 781 17.06 -37.32 -30.01
N ASP H 782 16.73 -37.21 -31.31
CA ASP H 782 17.71 -36.95 -32.36
C ASP H 782 17.99 -35.45 -32.36
N MET H 783 19.07 -35.06 -31.68
CA MET H 783 19.41 -33.65 -31.60
C MET H 783 19.68 -33.07 -32.98
N ASP H 784 20.36 -33.82 -33.84
CA ASP H 784 20.72 -33.31 -35.16
C ASP H 784 19.49 -32.95 -35.97
N LYS H 785 18.45 -33.79 -35.91
CA LYS H 785 17.24 -33.53 -36.67
C LYS H 785 16.63 -32.18 -36.28
N VAL H 786 16.46 -31.95 -34.98
CA VAL H 786 15.85 -30.71 -34.52
C VAL H 786 16.73 -29.52 -34.87
N SER H 787 18.05 -29.65 -34.67
CA SER H 787 18.94 -28.55 -34.98
C SER H 787 18.88 -28.19 -36.46
N ARG H 788 18.84 -29.21 -37.31
CA ARG H 788 18.86 -29.01 -38.79
C ARG H 788 17.54 -28.42 -39.25
N VAL H 789 16.40 -28.79 -38.66
CA VAL H 789 15.12 -28.20 -39.04
C VAL H 789 15.06 -26.75 -38.56
N TYR H 790 15.60 -26.47 -37.36
CA TYR H 790 15.61 -25.09 -36.88
C TYR H 790 16.46 -24.20 -37.79
N ALA H 791 17.64 -24.67 -38.17
CA ALA H 791 18.49 -23.86 -39.05
C ALA H 791 17.82 -23.63 -40.40
N ASP H 792 17.17 -24.67 -40.94
CA ASP H 792 16.47 -24.51 -42.21
C ASP H 792 15.35 -23.48 -42.09
N LEU H 793 14.58 -23.55 -41.00
CA LEU H 793 13.51 -22.60 -40.79
C LEU H 793 14.05 -21.18 -40.73
N ARG H 794 15.14 -20.97 -39.99
CA ARG H 794 15.71 -19.63 -39.90
C ARG H 794 16.15 -19.13 -41.27
N ARG H 795 16.90 -19.95 -42.00
CA ARG H 795 17.41 -19.50 -43.30
C ARG H 795 16.28 -19.17 -44.25
N GLU H 796 15.23 -20.00 -44.26
CA GLU H 796 14.10 -19.73 -45.14
C GLU H 796 13.26 -18.54 -44.67
N SER H 797 13.29 -18.24 -43.38
CA SER H 797 12.55 -17.11 -42.84
C SER H 797 13.31 -15.80 -42.92
N ILE H 798 14.58 -15.83 -43.33
CA ILE H 798 15.30 -14.58 -43.53
C ILE H 798 14.57 -13.66 -44.52
N SER H 799 13.71 -14.20 -45.38
CA SER H 799 13.04 -13.40 -46.39
C SER H 799 12.17 -12.33 -45.74
N THR H 800 12.08 -11.18 -46.40
CA THR H 800 11.31 -10.06 -45.87
C THR H 800 9.84 -10.40 -45.83
N GLY H 801 9.18 -10.01 -44.74
CA GLY H 801 7.75 -10.20 -44.59
C GLY H 801 7.32 -11.59 -44.18
N SER H 802 8.25 -12.52 -44.01
CA SER H 802 7.90 -13.87 -43.63
C SER H 802 7.57 -13.94 -42.14
N PHE H 803 6.96 -15.04 -41.74
CA PHE H 803 6.60 -15.24 -40.35
C PHE H 803 7.87 -15.27 -39.50
N PRO H 804 7.92 -14.53 -38.39
CA PRO H 804 9.17 -14.47 -37.61
C PRO H 804 9.57 -15.84 -37.07
N ILE H 805 10.88 -16.07 -37.01
CA ILE H 805 11.43 -17.29 -36.44
C ILE H 805 12.50 -16.90 -35.43
N THR H 806 12.37 -17.39 -34.20
CA THR H 806 13.31 -17.15 -33.13
C THR H 806 13.47 -18.43 -32.33
N VAL H 807 14.26 -18.37 -31.25
CA VAL H 807 14.43 -19.54 -30.40
C VAL H 807 13.11 -19.97 -29.80
N ARG H 808 12.14 -19.05 -29.70
CA ARG H 808 10.83 -19.40 -29.17
C ARG H 808 10.24 -20.58 -29.91
N HIS H 809 10.41 -20.63 -31.23
CA HIS H 809 9.82 -21.71 -32.02
C HIS H 809 10.62 -23.01 -31.90
N LEU H 810 11.94 -22.92 -31.77
CA LEU H 810 12.71 -24.11 -31.41
C LEU H 810 12.18 -24.72 -30.12
N GLU H 811 11.82 -23.88 -29.15
CA GLU H 811 11.24 -24.41 -27.92
C GLU H 811 9.80 -24.86 -28.12
N SER H 812 9.07 -24.23 -29.04
CA SER H 812 7.70 -24.64 -29.33
C SER H 812 7.66 -26.05 -29.89
N ILE H 813 8.67 -26.42 -30.69
CA ILE H 813 8.73 -27.79 -31.20
C ILE H 813 8.76 -28.78 -30.04
N LEU H 814 9.63 -28.54 -29.07
CA LEU H 814 9.72 -29.43 -27.91
C LEU H 814 8.46 -29.40 -27.07
N ARG H 815 7.84 -28.23 -26.93
CA ARG H 815 6.58 -28.14 -26.20
C ARG H 815 5.51 -28.99 -26.84
N ILE H 816 5.40 -28.92 -28.18
CA ILE H 816 4.39 -29.70 -28.89
C ILE H 816 4.68 -31.19 -28.77
N ALA H 817 5.97 -31.56 -28.82
CA ALA H 817 6.33 -32.96 -28.62
C ALA H 817 5.92 -33.44 -27.23
N GLU H 818 6.16 -32.63 -26.21
CA GLU H 818 5.73 -32.99 -24.86
C GLU H 818 4.22 -33.13 -24.79
N SER H 819 3.50 -32.23 -25.45
CA SER H 819 2.04 -32.32 -25.47
C SER H 819 1.57 -33.62 -26.10
N PHE H 820 2.18 -34.00 -27.23
CA PHE H 820 1.80 -35.25 -27.89
C PHE H 820 2.09 -36.44 -26.97
N ALA H 821 3.24 -36.42 -26.29
CA ALA H 821 3.54 -37.49 -25.34
C ALA H 821 2.49 -37.52 -24.22
N LYS H 822 2.05 -36.35 -23.77
CA LYS H 822 1.04 -36.29 -22.72
C LYS H 822 -0.29 -36.87 -23.20
N MET H 823 -0.62 -36.68 -24.47
CA MET H 823 -1.89 -37.19 -24.99
C MET H 823 -2.02 -38.69 -24.79
N ARG H 824 -0.90 -39.40 -24.75
CA ARG H 824 -0.89 -40.84 -24.57
C ARG H 824 -0.70 -41.27 -23.12
N LEU H 825 -0.63 -40.32 -22.19
CA LEU H 825 -0.35 -40.62 -20.79
C LEU H 825 0.97 -41.38 -20.65
N SER H 826 1.94 -41.00 -21.47
CA SER H 826 3.26 -41.62 -21.47
C SER H 826 4.24 -40.74 -20.70
N GLU H 827 5.09 -41.37 -19.90
CA GLU H 827 6.01 -40.64 -19.04
C GLU H 827 7.26 -40.17 -19.77
N PHE H 828 7.49 -40.61 -21.00
CA PHE H 828 8.69 -40.24 -21.74
C PHE H 828 8.33 -39.91 -23.17
N VAL H 829 8.98 -38.86 -23.70
CA VAL H 829 8.72 -38.42 -25.07
C VAL H 829 9.36 -39.39 -26.05
N SER H 830 8.59 -39.86 -27.02
CA SER H 830 9.08 -40.81 -27.99
C SER H 830 9.53 -40.11 -29.26
N SER H 831 10.21 -40.86 -30.12
CA SER H 831 10.68 -40.31 -31.39
C SER H 831 9.52 -39.95 -32.30
N TYR H 832 8.46 -40.76 -32.29
CA TYR H 832 7.29 -40.47 -33.13
C TYR H 832 6.68 -39.14 -32.73
N ASP H 833 6.62 -38.84 -31.42
CA ASP H 833 6.07 -37.58 -30.97
C ASP H 833 6.89 -36.40 -31.49
N LEU H 834 8.21 -36.50 -31.42
CA LEU H 834 9.06 -35.42 -31.92
C LEU H 834 8.90 -35.26 -33.43
N ASP H 835 8.80 -36.37 -34.16
CA ASP H 835 8.57 -36.28 -35.60
C ASP H 835 7.25 -35.58 -35.89
N ARG H 836 6.19 -35.93 -35.16
CA ARG H 836 4.89 -35.31 -35.39
C ARG H 836 4.94 -33.81 -35.07
N ALA H 837 5.62 -33.43 -33.99
CA ALA H 837 5.73 -32.03 -33.64
C ALA H 837 6.51 -31.26 -34.71
N ILE H 838 7.60 -31.85 -35.20
CA ILE H 838 8.36 -31.21 -36.28
C ILE H 838 7.48 -31.03 -37.50
N LYS H 839 6.69 -32.05 -37.84
CA LYS H 839 5.78 -31.94 -38.98
C LYS H 839 4.78 -30.81 -38.76
N VAL H 840 4.20 -30.73 -37.56
CA VAL H 840 3.21 -29.69 -37.28
C VAL H 840 3.83 -28.31 -37.50
N VAL H 841 5.00 -28.09 -36.90
CA VAL H 841 5.62 -26.76 -36.98
C VAL H 841 6.00 -26.44 -38.42
N VAL H 842 6.59 -27.41 -39.13
CA VAL H 842 7.07 -27.15 -40.49
C VAL H 842 5.88 -26.86 -41.41
N ASP H 843 4.81 -27.65 -41.30
CA ASP H 843 3.62 -27.37 -42.10
C ASP H 843 3.09 -25.98 -41.79
N SER H 844 2.81 -25.70 -40.50
CA SER H 844 2.28 -24.39 -40.15
C SER H 844 3.15 -23.27 -40.71
N PHE H 845 4.46 -23.49 -40.77
CA PHE H 845 5.35 -22.49 -41.36
C PHE H 845 5.14 -22.38 -42.87
N VAL H 846 5.00 -23.53 -43.55
CA VAL H 846 4.95 -23.52 -45.01
C VAL H 846 3.62 -22.91 -45.50
N ASP H 847 2.52 -23.28 -44.85
CA ASP H 847 1.21 -22.79 -45.29
C ASP H 847 1.15 -21.27 -45.36
N ALA H 848 1.91 -20.58 -44.50
CA ALA H 848 1.83 -19.12 -44.44
C ALA H 848 2.57 -18.44 -45.58
N GLN H 849 3.28 -19.18 -46.42
CA GLN H 849 4.08 -18.58 -47.48
C GLN H 849 3.19 -18.13 -48.63
N LYS H 850 3.76 -17.32 -49.52
CA LYS H 850 3.03 -16.85 -50.68
C LYS H 850 2.86 -17.99 -51.69
N VAL H 851 1.95 -17.79 -52.63
CA VAL H 851 1.68 -18.80 -53.65
C VAL H 851 2.93 -19.04 -54.49
N SER H 852 3.66 -17.97 -54.81
CA SER H 852 4.78 -18.09 -55.75
C SER H 852 5.86 -19.05 -55.23
N VAL H 853 6.18 -18.96 -53.93
CA VAL H 853 7.28 -19.74 -53.37
C VAL H 853 6.80 -20.94 -52.56
N ARG H 854 5.47 -21.14 -52.46
CA ARG H 854 4.97 -22.24 -51.64
C ARG H 854 5.42 -23.59 -52.18
N ARG H 855 5.39 -23.77 -53.50
CA ARG H 855 5.77 -25.05 -54.07
C ARG H 855 7.24 -25.35 -53.81
N GLN H 856 8.11 -24.36 -54.01
CA GLN H 856 9.52 -24.55 -53.74
C GLN H 856 9.76 -24.87 -52.28
N LEU H 857 9.10 -24.13 -51.37
CA LEU H 857 9.28 -24.38 -49.95
C LEU H 857 8.81 -25.78 -49.57
N ARG H 858 7.66 -26.21 -50.10
CA ARG H 858 7.15 -27.54 -49.79
C ARG H 858 8.11 -28.61 -50.29
N ARG H 859 8.65 -28.44 -51.50
CA ARG H 859 9.61 -29.42 -52.00
C ARG H 859 10.86 -29.46 -51.13
N SER H 860 11.32 -28.29 -50.68
CA SER H 860 12.56 -28.24 -49.90
C SER H 860 12.39 -28.91 -48.54
N PHE H 861 11.19 -28.79 -47.95
CA PHE H 861 10.95 -29.29 -46.60
C PHE H 861 10.31 -30.68 -46.57
N ALA H 862 10.20 -31.35 -47.72
CA ALA H 862 9.51 -32.63 -47.76
C ALA H 862 10.21 -33.70 -46.90
N ILE H 863 11.47 -33.47 -46.53
CA ILE H 863 12.20 -34.47 -45.76
C ILE H 863 11.56 -34.67 -44.39
N TYR H 864 11.13 -33.60 -43.75
CA TYR H 864 10.62 -33.66 -42.39
C TYR H 864 9.12 -33.90 -42.30
N THR H 865 8.38 -33.69 -43.39
CA THR H 865 6.93 -33.90 -43.38
C THR H 865 6.58 -35.20 -44.08
N ALA I 19 11.84 15.79 51.70
CA ALA I 19 13.04 15.23 52.38
C ALA I 19 14.24 15.23 51.43
N VAL I 20 14.20 14.34 50.44
CA VAL I 20 15.22 14.36 49.39
C VAL I 20 15.04 15.59 48.51
N PHE I 21 13.79 15.98 48.26
CA PHE I 21 13.51 17.15 47.44
C PHE I 21 14.18 18.39 48.01
N GLY I 22 14.05 18.61 49.32
CA GLY I 22 14.68 19.77 49.93
C GLY I 22 16.20 19.73 49.84
N ASP I 23 16.78 18.54 49.98
CA ASP I 23 18.25 18.37 49.89
C ASP I 23 18.71 18.76 48.50
N ARG I 24 18.03 18.25 47.47
CA ARG I 24 18.39 18.53 46.06
C ARG I 24 18.24 20.02 45.82
N VAL I 25 17.21 20.65 46.37
CA VAL I 25 16.97 22.10 46.16
C VAL I 25 18.16 22.83 46.77
N ARG I 26 18.63 22.40 47.92
CA ARG I 26 19.81 23.00 48.60
C ARG I 26 21.06 22.82 47.75
N ARG I 27 21.26 21.62 47.20
CA ARG I 27 22.44 21.29 46.37
C ARG I 27 22.45 22.13 45.09
N PHE I 28 21.31 22.28 44.42
CA PHE I 28 21.19 23.14 43.21
C PHE I 28 21.38 24.60 43.60
N GLN I 29 20.89 25.03 44.75
CA GLN I 29 21.03 26.42 45.24
C GLN I 29 22.51 26.69 45.46
N GLU I 30 23.25 25.71 45.97
CA GLU I 30 24.70 25.84 46.22
C GLU I 30 25.41 25.92 44.87
N PHE I 31 24.91 25.23 43.86
CA PHE I 31 25.46 25.31 42.51
C PHE I 31 25.26 26.70 41.91
N LEU I 32 24.04 27.23 41.99
CA LEU I 32 23.77 28.55 41.46
C LEU I 32 24.61 29.61 42.18
N ASP I 33 24.91 29.40 43.45
CA ASP I 33 25.78 30.32 44.18
C ASP I 33 27.20 30.27 43.64
N THR I 34 27.71 29.08 43.34
CA THR I 34 29.10 28.95 42.95
C THR I 34 29.36 29.61 41.60
N PHE I 35 28.43 29.50 40.66
CA PHE I 35 28.55 30.11 39.34
C PHE I 35 27.67 31.36 39.29
N THR I 36 28.29 32.52 39.10
CA THR I 36 27.61 33.80 39.19
C THR I 36 27.00 34.27 37.87
N SER I 37 27.32 33.60 36.76
CA SER I 37 26.76 34.02 35.48
C SER I 37 25.24 33.89 35.46
N TYR I 38 24.71 32.82 36.05
CA TYR I 38 23.27 32.64 36.08
C TYR I 38 22.60 33.69 36.95
N ARG I 39 23.22 34.02 38.10
CA ARG I 39 22.69 35.10 38.93
C ARG I 39 22.68 36.42 38.18
N ASP I 40 23.76 36.72 37.47
CA ASP I 40 23.81 37.98 36.71
C ASP I 40 22.74 38.00 35.62
N SER I 41 22.54 36.86 34.95
CA SER I 41 21.50 36.80 33.92
C SER I 41 20.12 37.02 34.52
N VAL I 42 19.84 36.39 35.67
CA VAL I 42 18.55 36.58 36.31
C VAL I 42 18.34 38.04 36.70
N ARG I 43 19.38 38.65 37.28
CA ARG I 43 19.27 40.05 37.67
C ARG I 43 19.03 40.95 36.47
N SER I 44 19.74 40.69 35.37
CA SER I 44 19.55 41.52 34.17
C SER I 44 18.15 41.35 33.61
N ILE I 45 17.63 40.13 33.61
CA ILE I 45 16.27 39.89 33.13
C ILE I 45 15.27 40.65 33.98
N GLN I 46 15.42 40.57 35.30
CA GLN I 46 14.49 41.27 36.19
C GLN I 46 14.58 42.78 36.01
N VAL I 47 15.79 43.31 35.86
CA VAL I 47 15.95 44.76 35.68
C VAL I 47 15.28 45.20 34.38
N TYR I 48 15.52 44.45 33.30
CA TYR I 48 14.92 44.80 32.02
C TYR I 48 13.40 44.76 32.10
N ASN I 49 12.85 43.75 32.77
CA ASN I 49 11.40 43.68 32.95
C ASN I 49 10.90 44.88 33.75
N SER I 50 11.61 45.25 34.81
CA SER I 50 11.18 46.38 35.63
C SER I 50 11.18 47.67 34.83
N ASN I 51 12.20 47.89 34.01
CA ASN I 51 12.28 49.14 33.26
C ASN I 51 11.09 49.28 32.31
N ASN I 52 10.73 48.21 31.62
CA ASN I 52 9.61 48.25 30.69
C ASN I 52 8.29 48.31 31.45
N ASN I 90 9.09 42.57 24.10
CA ASN I 90 8.96 43.68 25.04
C ASN I 90 9.31 43.24 26.45
N ILE I 91 8.94 42.01 26.80
CA ILE I 91 9.17 41.45 28.12
C ILE I 91 9.86 40.11 27.95
N LEU I 92 11.01 39.94 28.62
CA LEU I 92 11.76 38.70 28.51
C LEU I 92 11.14 37.62 29.39
N PRO I 93 11.16 36.36 28.97
CA PRO I 93 10.59 35.28 29.78
C PRO I 93 11.48 34.93 30.96
N HIS I 94 10.91 34.17 31.89
CA HIS I 94 11.62 33.73 33.09
C HIS I 94 12.29 32.38 32.82
N ARG I 95 13.30 32.43 31.96
CA ARG I 95 14.04 31.23 31.57
C ARG I 95 15.53 31.50 31.65
N ILE I 96 16.29 30.45 31.99
CA ILE I 96 17.73 30.53 32.15
C ILE I 96 18.37 29.34 31.45
N ILE I 97 19.48 29.60 30.77
CA ILE I 97 20.23 28.57 30.05
C ILE I 97 21.43 28.21 30.91
N ILE I 98 21.47 26.97 31.41
CA ILE I 98 22.58 26.49 32.22
C ILE I 98 23.39 25.49 31.40
N SER I 99 24.70 25.50 31.62
CA SER I 99 25.62 24.64 30.89
C SER I 99 25.79 23.33 31.65
N LEU I 100 25.42 22.22 31.01
CA LEU I 100 25.55 20.91 31.66
C LEU I 100 27.00 20.59 31.99
N ASP I 101 27.96 21.16 31.27
CA ASP I 101 29.37 20.93 31.58
C ASP I 101 29.73 21.51 32.93
N ASP I 102 29.25 22.71 33.25
CA ASP I 102 29.53 23.30 34.55
C ASP I 102 28.93 22.46 35.67
N LEU I 103 27.70 21.98 35.46
CA LEU I 103 27.07 21.13 36.47
C LEU I 103 27.85 19.84 36.65
N ARG I 104 28.36 19.26 35.56
CA ARG I 104 29.19 18.06 35.67
C ARG I 104 30.46 18.35 36.46
N GLU I 105 31.09 19.50 36.22
CA GLU I 105 32.28 19.86 36.97
C GLU I 105 31.97 20.07 38.44
N PHE I 106 30.77 20.59 38.76
CA PHE I 106 30.46 20.94 40.14
C PHE I 106 30.09 19.71 40.96
N ASP I 107 29.01 19.03 40.60
CA ASP I 107 28.54 17.86 41.34
C ASP I 107 28.15 16.78 40.33
N ARG I 108 28.91 15.68 40.32
CA ARG I 108 28.69 14.63 39.33
C ARG I 108 27.34 13.95 39.53
N SER I 109 26.94 13.71 40.78
CA SER I 109 25.68 13.01 41.02
C SER I 109 24.49 13.81 40.50
N PHE I 110 24.48 15.12 40.72
CA PHE I 110 23.37 15.94 40.24
C PHE I 110 23.32 15.94 38.71
N TRP I 111 24.47 16.05 38.06
CA TRP I 111 24.50 16.02 36.60
C TRP I 111 23.99 14.69 36.06
N SER I 112 24.46 13.58 36.65
CA SER I 112 24.00 12.27 36.21
C SER I 112 22.50 12.12 36.44
N GLY I 113 21.99 12.62 37.56
CA GLY I 113 20.56 12.52 37.82
C GLY I 113 19.74 13.35 36.84
N ILE I 114 20.18 14.57 36.55
CA ILE I 114 19.46 15.39 35.58
C ILE I 114 19.47 14.75 34.21
N LEU I 115 20.54 14.05 33.84
CA LEU I 115 20.57 13.39 32.54
C LEU I 115 19.79 12.08 32.50
N VAL I 116 19.71 11.37 33.63
CA VAL I 116 19.10 10.04 33.63
C VAL I 116 17.76 9.99 34.38
N GLU I 117 17.54 10.84 35.38
CA GLU I 117 16.26 10.90 36.07
C GLU I 117 15.80 12.34 36.16
N PRO I 118 15.50 12.98 35.03
CA PRO I 118 15.12 14.40 35.06
C PRO I 118 13.88 14.67 35.89
N ALA I 119 12.96 13.72 36.00
CA ALA I 119 11.72 13.96 36.73
C ALA I 119 12.01 14.31 38.19
N TYR I 120 13.00 13.65 38.80
CA TYR I 120 13.30 13.82 40.21
C TYR I 120 14.37 14.87 40.47
N PHE I 121 14.92 15.51 39.44
CA PHE I 121 16.02 16.45 39.61
C PHE I 121 15.80 17.81 38.97
N ILE I 122 14.92 17.93 37.98
CA ILE I 122 14.68 19.22 37.33
C ILE I 122 13.75 20.08 38.18
N PRO I 123 12.67 19.54 38.75
CA PRO I 123 11.78 20.38 39.56
C PRO I 123 12.50 20.99 40.74
N PRO I 124 13.36 20.24 41.45
CA PRO I 124 14.15 20.88 42.52
C PRO I 124 14.99 22.03 42.03
N ALA I 125 15.64 21.89 40.87
CA ALA I 125 16.46 22.98 40.34
C ALA I 125 15.62 24.19 39.96
N GLU I 126 14.46 23.94 39.35
CA GLU I 126 13.57 25.04 39.01
C GLU I 126 13.12 25.77 40.27
N LYS I 127 12.79 25.03 41.32
CA LYS I 127 12.36 25.66 42.57
C LYS I 127 13.50 26.46 43.19
N ALA I 128 14.73 25.94 43.15
CA ALA I 128 15.86 26.68 43.69
C ALA I 128 16.07 27.98 42.91
N LEU I 129 15.98 27.92 41.57
CA LEU I 129 16.14 29.11 40.77
C LEU I 129 15.04 30.12 41.08
N THR I 130 13.80 29.65 41.24
CA THR I 130 12.70 30.54 41.57
C THR I 130 12.91 31.20 42.93
N ASP I 131 13.41 30.43 43.91
CA ASP I 131 13.69 31.00 45.23
C ASP I 131 14.75 32.07 45.13
N LEU I 132 15.82 31.81 44.36
CA LEU I 132 16.84 32.83 44.16
C LEU I 132 16.26 34.09 43.54
N ALA I 133 15.45 33.94 42.49
CA ALA I 133 14.86 35.09 41.82
C ALA I 133 13.96 35.86 42.77
N ASP I 134 13.16 35.15 43.56
CA ASP I 134 12.29 35.82 44.53
C ASP I 134 13.12 36.59 45.56
N SER I 135 14.20 36.00 46.04
CA SER I 135 15.07 36.71 46.97
C SER I 135 15.67 37.96 46.33
N MET I 136 15.87 37.93 45.01
CA MET I 136 16.39 39.11 44.33
C MET I 136 15.33 40.19 44.18
N ASP I 137 14.07 39.81 43.98
CA ASP I 137 13.04 40.75 43.57
C ASP I 137 12.88 41.88 44.59
N ASP I 138 12.73 43.11 44.07
CA ASP I 138 12.62 44.31 44.91
C ASP I 138 11.54 45.25 44.38
N VAL I 139 10.51 44.71 43.74
CA VAL I 139 9.42 45.54 43.21
C VAL I 139 8.63 46.11 44.39
N PRO I 140 8.44 47.44 44.49
CA PRO I 140 7.75 47.99 45.67
C PRO I 140 6.30 47.59 45.76
N HIS I 141 5.52 47.84 44.71
CA HIS I 141 4.09 47.58 44.71
C HIS I 141 3.77 46.45 43.74
N PRO I 142 3.34 45.27 44.20
CA PRO I 142 2.96 44.21 43.26
C PRO I 142 1.51 44.31 42.84
N ASN I 143 1.25 44.29 41.53
CA ASN I 143 -0.12 44.32 41.04
C ASN I 143 -0.83 43.02 41.41
N ALA I 144 -2.15 43.13 41.65
CA ALA I 144 -2.92 41.98 42.09
C ALA I 144 -2.73 40.79 41.14
N SER I 145 -2.66 41.07 39.84
CA SER I 145 -2.37 40.00 38.89
C SER I 145 -1.00 39.38 39.17
N ALA I 146 0.00 40.22 39.44
CA ALA I 146 1.34 39.71 39.73
C ALA I 146 1.34 38.86 40.99
N VAL I 147 0.62 39.30 42.03
CA VAL I 147 0.55 38.52 43.26
C VAL I 147 -0.12 37.18 42.98
N SER I 148 -1.20 37.19 42.22
CA SER I 148 -1.90 35.95 41.89
C SER I 148 -1.23 35.15 40.79
N SER I 149 -0.34 35.77 40.02
CA SER I 149 0.27 35.10 38.88
C SER I 149 1.09 33.90 39.34
N ARG I 150 1.06 32.84 38.56
CA ARG I 150 1.84 31.63 38.78
C ARG I 150 2.86 31.55 37.65
N HIS I 151 4.00 32.22 37.85
CA HIS I 151 5.05 32.34 36.84
C HIS I 151 6.39 31.98 37.46
N PRO I 152 6.60 30.70 37.76
CA PRO I 152 7.90 30.27 38.26
C PRO I 152 8.95 30.25 37.16
N TRP I 153 10.21 30.25 37.58
CA TRP I 153 11.32 30.26 36.63
C TRP I 153 11.55 28.86 36.08
N LYS I 154 11.75 28.78 34.77
CA LYS I 154 11.95 27.52 34.07
C LYS I 154 13.42 27.37 33.70
N LEU I 155 13.86 26.12 33.62
CA LEU I 155 15.26 25.80 33.40
C LEU I 155 15.45 25.20 32.01
N SER I 156 16.50 25.64 31.33
CA SER I 156 16.81 25.19 29.99
C SER I 156 18.30 24.83 29.93
N PHE I 157 18.62 23.81 29.14
CA PHE I 157 19.95 23.19 29.17
C PHE I 157 20.68 23.38 27.86
N LYS I 158 22.00 23.25 27.95
CA LYS I 158 22.90 23.28 26.80
C LYS I 158 24.09 22.39 27.12
N GLY I 159 25.17 22.54 26.37
CA GLY I 159 26.38 21.79 26.65
C GLY I 159 26.55 20.58 25.76
N SER I 160 26.96 19.46 26.35
CA SER I 160 27.26 18.25 25.60
C SER I 160 26.48 17.08 26.18
N PHE I 161 25.60 16.51 25.36
CA PHE I 161 24.92 15.27 25.70
C PHE I 161 25.73 14.13 25.10
N GLY I 162 26.27 13.26 25.94
CA GLY I 162 27.18 12.23 25.47
C GLY I 162 26.53 11.27 24.50
N ALA I 163 25.64 10.41 24.99
CA ALA I 163 24.95 9.43 24.18
C ALA I 163 23.46 9.71 24.07
N HIS I 164 23.00 10.84 24.61
CA HIS I 164 21.60 11.23 24.53
C HIS I 164 21.32 12.14 23.34
N ALA I 165 22.33 12.45 22.53
CA ALA I 165 22.12 13.18 21.28
C ALA I 165 21.64 12.18 20.24
N LEU I 166 20.38 12.29 19.84
CA LEU I 166 19.74 11.26 19.03
C LEU I 166 18.96 11.94 17.91
N SER I 167 18.21 11.13 17.18
CA SER I 167 17.33 11.57 16.10
C SER I 167 16.02 10.81 16.24
N PRO I 168 14.96 11.27 15.58
CA PRO I 168 13.66 10.60 15.74
C PRO I 168 13.70 9.12 15.40
N ARG I 169 14.63 8.69 14.55
CA ARG I 169 14.74 7.27 14.24
C ARG I 169 15.40 6.47 15.36
N THR I 170 16.33 7.08 16.08
CA THR I 170 17.09 6.37 17.11
C THR I 170 16.43 6.43 18.49
N LEU I 171 15.36 7.19 18.65
CA LEU I 171 14.66 7.22 19.92
C LEU I 171 13.87 5.92 20.11
N THR I 172 14.20 5.18 21.16
CA THR I 172 13.56 3.90 21.44
C THR I 172 13.06 3.89 22.88
N ALA I 173 12.38 2.81 23.24
CA ALA I 173 11.80 2.71 24.58
C ALA I 173 12.87 2.73 25.67
N GLN I 174 14.12 2.44 25.32
CA GLN I 174 15.19 2.48 26.31
C GLN I 174 15.45 3.88 26.83
N HIS I 175 15.08 4.91 26.07
CA HIS I 175 15.38 6.29 26.42
C HIS I 175 14.25 6.98 27.16
N LEU I 176 13.17 6.28 27.49
CA LEU I 176 12.04 6.92 28.16
C LEU I 176 12.45 7.42 29.54
N ASN I 177 11.91 8.58 29.91
CA ASN I 177 12.20 9.21 31.20
C ASN I 177 13.67 9.65 31.28
N LYS I 178 14.14 10.28 30.22
CA LYS I 178 15.52 10.74 30.17
C LYS I 178 15.59 12.03 29.34
N LEU I 179 16.64 12.81 29.61
CA LEU I 179 16.86 14.07 28.92
C LEU I 179 17.60 13.79 27.62
N VAL I 180 16.97 14.09 26.49
CA VAL I 180 17.51 13.78 25.17
C VAL I 180 17.50 15.04 24.32
N SER I 181 18.33 15.03 23.28
CA SER I 181 18.36 16.09 22.29
C SER I 181 18.14 15.48 20.92
N VAL I 182 17.16 16.00 20.18
CA VAL I 182 16.72 15.43 18.92
C VAL I 182 16.84 16.48 17.83
N GLU I 183 17.28 16.05 16.64
CA GLU I 183 17.44 16.91 15.49
C GLU I 183 16.58 16.42 14.34
N GLY I 184 16.05 17.36 13.57
CA GLY I 184 15.19 16.98 12.44
C GLY I 184 14.57 18.21 11.81
N ILE I 185 13.58 17.96 10.96
CA ILE I 185 12.83 19.01 10.27
C ILE I 185 11.46 19.11 10.90
N VAL I 186 11.01 20.34 11.12
CA VAL I 186 9.64 20.58 11.58
C VAL I 186 8.70 20.46 10.39
N THR I 187 7.76 19.52 10.46
CA THR I 187 6.82 19.28 9.38
C THR I 187 5.41 19.77 9.66
N LYS I 188 5.01 19.82 10.92
CA LYS I 188 3.68 20.27 11.29
C LYS I 188 3.79 21.21 12.49
N THR I 189 2.73 21.99 12.71
CA THR I 189 2.69 22.92 13.82
C THR I 189 1.22 23.24 14.10
N SER I 190 0.71 22.80 15.24
CA SER I 190 -0.68 23.05 15.59
C SER I 190 -0.86 24.53 15.95
N LEU I 191 -2.10 24.89 16.23
CA LEU I 191 -2.44 26.25 16.60
C LEU I 191 -2.24 26.47 18.10
N VAL I 192 -1.89 27.69 18.47
CA VAL I 192 -1.61 28.03 19.86
C VAL I 192 -2.92 28.27 20.59
N ARG I 193 -3.17 27.49 21.64
CA ARG I 193 -4.41 27.57 22.46
C ARG I 193 -4.02 27.74 23.92
N PRO I 194 -4.54 28.71 24.69
CA PRO I 194 -4.19 28.83 26.11
C PRO I 194 -4.65 27.62 26.90
N LYS I 195 -3.93 27.35 27.99
CA LYS I 195 -4.18 26.19 28.84
C LYS I 195 -4.35 26.66 30.28
N LEU I 196 -5.45 26.23 30.90
CA LEU I 196 -5.76 26.66 32.26
C LEU I 196 -4.85 25.97 33.27
N ILE I 197 -4.30 26.74 34.21
CA ILE I 197 -3.45 26.23 35.26
C ILE I 197 -3.99 26.58 36.64
N ARG I 198 -4.33 27.85 36.85
CA ARG I 198 -4.85 28.31 38.13
C ARG I 198 -6.04 29.21 37.91
N SER I 199 -7.06 29.07 38.75
CA SER I 199 -8.24 29.91 38.73
C SER I 199 -8.42 30.56 40.08
N VAL I 200 -8.79 31.83 40.08
CA VAL I 200 -8.99 32.60 41.31
C VAL I 200 -10.42 33.12 41.33
N HIS I 201 -11.11 32.89 42.44
CA HIS I 201 -12.50 33.28 42.60
C HIS I 201 -12.63 34.27 43.75
N TYR I 202 -13.82 34.87 43.85
CA TYR I 202 -14.13 35.86 44.87
C TYR I 202 -15.47 35.53 45.49
N ALA I 203 -15.51 35.44 46.82
CA ALA I 203 -16.75 35.23 47.56
C ALA I 203 -17.21 36.60 48.05
N ALA I 204 -18.31 37.09 47.45
CA ALA I 204 -18.76 38.44 47.75
C ALA I 204 -19.09 38.60 49.23
N LYS I 205 -19.84 37.65 49.79
CA LYS I 205 -20.26 37.77 51.18
C LYS I 205 -19.07 37.68 52.12
N THR I 206 -18.22 36.67 51.94
CA THR I 206 -17.07 36.47 52.81
C THR I 206 -15.95 37.45 52.54
N GLY I 207 -15.92 38.07 51.35
CA GLY I 207 -14.90 39.06 51.05
C GLY I 207 -13.49 38.52 51.04
N ARG I 208 -13.31 37.25 50.65
CA ARG I 208 -11.99 36.65 50.53
C ARG I 208 -11.90 35.90 49.21
N PHE I 209 -10.71 35.91 48.62
CA PHE I 209 -10.45 35.20 47.38
C PHE I 209 -10.02 33.77 47.66
N HIS I 210 -10.39 32.86 46.77
CA HIS I 210 -9.92 31.48 46.81
C HIS I 210 -9.28 31.16 45.47
N TYR I 211 -8.59 30.02 45.41
CA TYR I 211 -7.94 29.61 44.17
C TYR I 211 -7.90 28.08 44.09
N ARG I 212 -7.67 27.59 42.88
CA ARG I 212 -7.58 26.16 42.61
C ARG I 212 -6.45 25.93 41.62
N ASP I 213 -5.74 24.83 41.79
CA ASP I 213 -4.59 24.49 40.97
C ASP I 213 -4.91 23.27 40.11
N TYR I 214 -4.63 23.36 38.83
CA TYR I 214 -4.90 22.30 37.87
C TYR I 214 -3.59 21.77 37.30
N THR I 215 -3.57 20.48 37.00
CA THR I 215 -2.39 19.83 36.45
C THR I 215 -2.83 18.81 35.40
N ASP I 216 -1.92 18.54 34.47
CA ASP I 216 -2.18 17.59 33.39
C ASP I 216 -0.93 16.74 33.20
N ALA I 217 -1.03 15.76 32.29
CA ALA I 217 0.09 14.86 32.04
C ALA I 217 1.23 15.56 31.33
N THR I 218 0.94 16.65 30.61
CA THR I 218 1.94 17.34 29.81
C THR I 218 2.39 18.66 30.40
N THR I 219 1.85 19.07 31.54
CA THR I 219 2.25 20.32 32.19
C THR I 219 3.23 20.12 33.34
N THR I 220 3.60 18.87 33.63
CA THR I 220 4.49 18.60 34.75
C THR I 220 5.20 17.28 34.51
N LEU I 221 6.32 17.09 35.20
CA LEU I 221 7.16 15.91 35.00
C LEU I 221 6.86 14.78 35.97
N THR I 222 6.15 15.05 37.07
CA THR I 222 5.81 14.04 38.05
C THR I 222 4.31 13.75 37.97
N THR I 223 3.95 12.47 38.05
CA THR I 223 2.57 12.07 37.88
C THR I 223 1.72 12.53 39.07
N ARG I 224 0.57 13.10 38.76
CA ARG I 224 -0.38 13.56 39.76
C ARG I 224 -1.78 13.11 39.36
N ILE I 225 -2.75 13.37 40.25
CA ILE I 225 -4.14 13.02 39.98
C ILE I 225 -4.70 14.02 38.97
N PRO I 226 -5.41 13.59 37.93
CA PRO I 226 -5.94 14.55 36.97
C PRO I 226 -6.97 15.47 37.60
N THR I 227 -7.03 16.70 37.09
CA THR I 227 -7.97 17.71 37.57
C THR I 227 -8.84 18.20 36.42
N PRO I 228 -10.12 17.83 36.37
CA PRO I 228 -11.00 18.39 35.33
C PRO I 228 -11.08 19.90 35.42
N ALA I 229 -11.29 20.54 34.27
CA ALA I 229 -11.23 21.98 34.15
C ALA I 229 -12.51 22.68 34.63
N ILE I 230 -13.33 22.01 35.44
CA ILE I 230 -14.57 22.62 35.92
C ILE I 230 -14.22 23.67 36.97
N TYR I 231 -14.72 24.89 36.77
CA TYR I 231 -14.46 25.97 37.70
C TYR I 231 -15.31 25.78 38.96
N PRO I 232 -14.73 25.90 40.16
CA PRO I 232 -15.56 25.83 41.37
C PRO I 232 -16.65 26.89 41.35
N THR I 233 -17.84 26.52 41.83
CA THR I 233 -18.98 27.41 41.85
C THR I 233 -19.44 27.78 43.25
N GLU I 234 -19.30 26.89 44.22
CA GLU I 234 -19.76 27.13 45.58
C GLU I 234 -18.61 26.98 46.55
N ASP I 235 -18.55 27.88 47.53
CA ASP I 235 -17.52 27.85 48.55
C ASP I 235 -17.68 26.59 49.42
N THR I 236 -16.73 26.37 50.32
CA THR I 236 -16.83 25.26 51.25
C THR I 236 -18.08 25.38 52.12
N GLU I 237 -18.43 26.61 52.50
CA GLU I 237 -19.60 26.86 53.34
C GLU I 237 -20.87 27.11 52.53
N GLY I 238 -20.80 27.03 51.21
CA GLY I 238 -21.96 27.23 50.37
C GLY I 238 -22.11 28.61 49.77
N ASN I 239 -21.12 29.49 49.96
CA ASN I 239 -21.19 30.81 49.35
C ASN I 239 -21.07 30.71 47.84
N LYS I 240 -21.65 31.69 47.15
CA LYS I 240 -21.53 31.76 45.70
C LYS I 240 -20.15 32.29 45.32
N LEU I 241 -19.55 31.67 44.31
CA LEU I 241 -18.22 32.02 43.86
C LEU I 241 -18.30 32.58 42.45
N THR I 242 -17.62 33.71 42.22
CA THR I 242 -17.53 34.33 40.91
C THR I 242 -16.07 34.28 40.45
N THR I 243 -15.83 33.64 39.32
CA THR I 243 -14.47 33.50 38.82
C THR I 243 -13.90 34.86 38.44
N GLU I 244 -12.64 35.08 38.77
CA GLU I 244 -11.90 36.30 38.43
C GLU I 244 -10.90 35.93 37.35
N TYR I 245 -11.31 36.10 36.09
CA TYR I 245 -10.45 35.70 34.98
C TYR I 245 -9.18 36.54 34.92
N GLY I 246 -9.28 37.83 35.21
CA GLY I 246 -8.12 38.70 35.15
C GLY I 246 -7.01 38.30 36.10
N TYR I 247 -7.34 37.52 37.14
CA TYR I 247 -6.35 37.06 38.10
C TYR I 247 -6.01 35.58 37.94
N SER I 248 -6.75 34.85 37.12
CA SER I 248 -6.41 33.46 36.83
C SER I 248 -5.15 33.40 35.97
N THR I 249 -4.60 32.20 35.83
CA THR I 249 -3.36 31.99 35.11
C THR I 249 -3.59 30.97 33.99
N PHE I 250 -3.38 31.41 32.75
CA PHE I 250 -3.38 30.54 31.59
C PHE I 250 -2.03 30.67 30.89
N ILE I 251 -1.56 29.55 30.33
CA ILE I 251 -0.32 29.53 29.58
C ILE I 251 -0.61 28.99 28.19
N ASP I 252 0.22 29.39 27.23
CA ASP I 252 0.06 28.92 25.86
C ASP I 252 0.54 27.47 25.75
N HIS I 253 0.11 26.81 24.67
CA HIS I 253 0.43 25.40 24.47
C HIS I 253 0.39 25.11 22.99
N GLN I 254 1.44 24.45 22.49
CA GLN I 254 1.54 24.08 21.08
C GLN I 254 2.20 22.72 20.98
N ARG I 255 1.86 21.99 19.91
CA ARG I 255 2.45 20.70 19.62
C ARG I 255 3.02 20.74 18.20
N ILE I 256 4.27 20.31 18.06
CA ILE I 256 4.93 20.26 16.77
C ILE I 256 5.41 18.84 16.52
N THR I 257 5.67 18.54 15.25
CA THR I 257 6.22 17.26 14.84
C THR I 257 7.58 17.50 14.20
N VAL I 258 8.59 16.75 14.64
CA VAL I 258 9.95 16.85 14.13
C VAL I 258 10.24 15.58 13.36
N GLN I 259 10.69 15.72 12.12
CA GLN I 259 10.93 14.59 11.22
C GLN I 259 12.43 14.40 11.01
N GLU I 260 12.83 13.14 10.88
CA GLU I 260 14.23 12.82 10.62
C GLU I 260 14.67 13.43 9.29
N MET I 261 15.91 13.88 9.25
CA MET I 261 16.44 14.48 8.03
C MET I 261 16.41 13.43 6.91
N PRO I 262 15.82 13.75 5.75
CA PRO I 262 15.73 12.72 4.69
C PRO I 262 17.07 12.18 4.24
N GLU I 263 18.11 13.03 4.18
CA GLU I 263 19.40 12.58 3.66
C GLU I 263 20.12 11.66 4.62
N MET I 264 19.73 11.63 5.89
CA MET I 264 20.36 10.77 6.88
C MET I 264 19.60 9.47 7.10
N ALA I 265 18.54 9.22 6.34
CA ALA I 265 17.73 8.04 6.54
C ALA I 265 18.47 6.80 6.03
N PRO I 266 18.07 5.61 6.50
CA PRO I 266 18.68 4.38 5.97
C PRO I 266 18.31 4.14 4.51
N ALA I 267 18.74 3.02 3.96
CA ALA I 267 18.48 2.70 2.56
C ALA I 267 17.09 2.11 2.42
N GLY I 268 16.24 2.75 1.62
CA GLY I 268 14.91 2.22 1.35
C GLY I 268 13.91 2.37 2.48
N GLN I 269 14.11 3.34 3.37
CA GLN I 269 13.18 3.59 4.47
C GLN I 269 12.82 5.06 4.49
N LEU I 270 11.52 5.34 4.62
CA LEU I 270 11.07 6.71 4.69
C LEU I 270 11.37 7.29 6.08
N PRO I 271 11.61 8.60 6.17
CA PRO I 271 11.98 9.18 7.46
C PRO I 271 10.85 9.12 8.48
N ARG I 272 11.23 9.03 9.75
CA ARG I 272 10.31 8.95 10.87
C ARG I 272 10.25 10.29 11.60
N SER I 273 9.30 10.40 12.51
CA SER I 273 9.04 11.66 13.19
C SER I 273 8.61 11.38 14.63
N ILE I 274 8.70 12.43 15.46
CA ILE I 274 8.32 12.37 16.86
C ILE I 274 7.54 13.64 17.20
N ASP I 275 6.65 13.52 18.18
CA ASP I 275 5.81 14.64 18.59
C ASP I 275 6.43 15.36 19.78
N VAL I 276 6.36 16.69 19.76
CA VAL I 276 6.97 17.54 20.76
C VAL I 276 5.93 18.54 21.27
N ILE I 277 6.09 18.96 22.52
CA ILE I 277 5.20 19.92 23.16
C ILE I 277 6.03 21.11 23.60
N LEU I 278 5.56 22.31 23.27
CA LEU I 278 6.19 23.56 23.68
C LEU I 278 5.17 24.41 24.42
N ASP I 279 5.55 24.89 25.60
CA ASP I 279 4.65 25.64 26.46
C ASP I 279 5.28 26.97 26.86
N ASP I 280 4.43 27.98 27.03
CA ASP I 280 4.85 29.28 27.52
C ASP I 280 5.67 30.03 26.47
N ASP I 281 6.97 30.21 26.70
CA ASP I 281 7.80 31.06 25.85
C ASP I 281 8.42 30.31 24.68
N LEU I 282 8.23 29.00 24.58
CA LEU I 282 8.72 28.22 23.46
C LEU I 282 7.64 27.95 22.42
N VAL I 283 6.60 28.77 22.38
CA VAL I 283 5.39 28.39 21.65
C VAL I 283 5.55 28.61 20.16
N ASP I 284 6.13 29.73 19.74
CA ASP I 284 6.19 30.06 18.31
C ASP I 284 7.62 30.33 17.86
N LYS I 285 8.56 29.50 18.27
CA LYS I 285 9.95 29.64 17.89
C LYS I 285 10.31 28.87 16.63
N THR I 286 9.37 28.11 16.07
CA THR I 286 9.64 27.29 14.90
C THR I 286 8.45 27.34 13.95
N LYS I 287 8.73 27.23 12.67
CA LYS I 287 7.73 27.12 11.62
C LYS I 287 8.07 25.93 10.75
N PRO I 288 7.08 25.36 10.04
CA PRO I 288 7.36 24.20 9.20
C PRO I 288 8.45 24.50 8.19
N GLY I 289 9.30 23.51 7.94
CA GLY I 289 10.43 23.65 7.05
C GLY I 289 11.69 24.15 7.70
N ASP I 290 11.71 24.26 9.03
CA ASP I 290 12.88 24.74 9.75
C ASP I 290 13.67 23.57 10.32
N ARG I 291 14.99 23.75 10.39
CA ARG I 291 15.90 22.75 10.94
C ARG I 291 16.17 23.12 12.39
N VAL I 292 15.82 22.23 13.32
CA VAL I 292 15.84 22.53 14.74
C VAL I 292 16.57 21.43 15.49
N ASN I 293 17.01 21.77 16.70
CA ASN I 293 17.57 20.81 17.65
C ASN I 293 16.84 21.01 18.97
N VAL I 294 16.04 20.01 19.36
CA VAL I 294 15.10 20.14 20.47
C VAL I 294 15.62 19.32 21.65
N VAL I 295 15.61 19.94 22.83
CA VAL I 295 16.01 19.29 24.08
C VAL I 295 14.77 19.15 24.95
N GLY I 296 14.59 17.98 25.53
CA GLY I 296 13.43 17.74 26.37
C GLY I 296 13.52 16.39 27.05
N VAL I 297 12.40 16.01 27.67
CA VAL I 297 12.30 14.76 28.41
C VAL I 297 11.36 13.83 27.64
N PHE I 298 11.83 12.61 27.38
CA PHE I 298 11.06 11.62 26.66
C PHE I 298 10.13 10.92 27.64
N LYS I 299 8.82 10.91 27.35
CA LYS I 299 7.80 10.48 28.29
C LYS I 299 6.83 9.51 27.61
N SER I 300 5.91 8.99 28.42
CA SER I 300 4.77 8.21 27.95
C SER I 300 3.53 8.70 28.66
N LEU I 301 2.37 8.51 28.03
CA LEU I 301 1.11 9.06 28.51
C LEU I 301 0.02 8.01 28.45
N GLY I 302 -1.08 8.31 29.15
CA GLY I 302 -2.28 7.50 29.04
C GLY I 302 -2.14 6.14 29.71
N ALA I 303 -3.18 5.33 29.49
CA ALA I 303 -3.19 3.96 29.98
C ALA I 303 -2.64 2.97 28.97
N GLY I 304 -2.55 3.34 27.70
CA GLY I 304 -1.97 2.50 26.69
C GLY I 304 -2.65 1.15 26.55
N GLY I 305 -3.98 1.15 26.55
CA GLY I 305 -4.74 -0.06 26.36
C GLY I 305 -4.89 -0.92 27.59
N MET I 306 -4.34 -0.50 28.74
CA MET I 306 -4.51 -1.27 29.97
C MET I 306 -5.90 -1.09 30.56
N ASN I 307 -6.64 -0.08 30.14
CA ASN I 307 -8.03 0.06 30.54
C ASN I 307 -8.90 -0.88 29.72
N GLN I 308 -9.90 -1.46 30.36
CA GLN I 308 -10.68 -2.52 29.73
C GLN I 308 -11.48 -2.02 28.53
N SER I 309 -11.64 -0.71 28.37
CA SER I 309 -12.42 -0.19 27.26
C SER I 309 -11.82 -0.60 25.92
N ASN I 310 -10.50 -0.53 25.80
CA ASN I 310 -9.81 -0.91 24.57
C ASN I 310 -9.49 -2.40 24.60
N SER I 311 -10.10 -3.15 23.68
CA SER I 311 -9.95 -4.59 23.62
C SER I 311 -8.82 -5.05 22.71
N ASN I 312 -8.04 -4.12 22.15
CA ASN I 312 -6.99 -4.48 21.21
C ASN I 312 -6.02 -5.48 21.83
N THR I 313 -5.34 -5.09 22.91
CA THR I 313 -4.34 -5.88 23.61
C THR I 313 -3.03 -5.96 22.84
N LEU I 314 -2.87 -5.17 21.77
CA LEU I 314 -1.63 -5.18 21.00
C LEU I 314 -1.18 -3.78 20.63
N ILE I 315 -1.62 -2.76 21.37
CA ILE I 315 -1.27 -1.37 21.09
C ILE I 315 -0.41 -0.85 22.24
N GLY I 316 0.63 -0.09 21.90
CA GLY I 316 1.56 0.43 22.88
C GLY I 316 1.09 1.75 23.47
N PHE I 317 1.99 2.35 24.25
CA PHE I 317 1.72 3.61 24.91
C PHE I 317 2.08 4.77 23.99
N LYS I 318 1.40 5.90 24.19
CA LYS I 318 1.78 7.12 23.50
C LYS I 318 3.08 7.67 24.11
N THR I 319 3.85 8.38 23.29
CA THR I 319 5.11 8.93 23.73
C THR I 319 5.33 10.28 23.06
N LEU I 320 6.14 11.12 23.70
CA LEU I 320 6.47 12.43 23.15
C LEU I 320 7.49 13.14 24.03
N ILE I 321 7.95 14.31 23.60
CA ILE I 321 8.99 15.06 24.27
C ILE I 321 8.40 16.38 24.78
N LEU I 322 8.67 16.69 26.05
CA LEU I 322 8.38 18.01 26.60
C LEU I 322 9.63 18.85 26.43
N GLY I 323 9.58 19.82 25.51
CA GLY I 323 10.76 20.58 25.18
C GLY I 323 11.19 21.49 26.31
N ASN I 324 12.50 21.70 26.40
CA ASN I 324 13.11 22.70 27.26
C ASN I 324 13.79 23.81 26.49
N THR I 325 14.37 23.50 25.33
CA THR I 325 15.02 24.49 24.49
C THR I 325 14.76 24.17 23.03
N VAL I 326 14.87 25.19 22.19
CA VAL I 326 14.82 25.04 20.75
C VAL I 326 16.00 25.81 20.17
N TYR I 327 16.79 25.15 19.32
CA TYR I 327 17.99 25.75 18.74
C TYR I 327 17.85 25.77 17.22
N PRO I 328 17.76 26.94 16.58
CA PRO I 328 17.73 26.96 15.12
C PRO I 328 19.04 26.48 14.52
N LEU I 329 18.94 25.92 13.31
CA LEU I 329 20.12 25.48 12.58
C LEU I 329 20.17 26.13 11.20
N ALA I 338 19.91 29.05 10.29
CA ALA I 338 19.46 29.66 9.05
C ALA I 338 20.21 30.96 8.78
N ARG I 339 20.43 31.72 9.84
CA ARG I 339 21.14 33.00 9.76
C ARG I 339 22.51 32.85 10.40
N GLN I 340 23.55 33.32 9.73
CA GLN I 340 24.91 33.30 10.26
C GLN I 340 25.18 34.58 11.02
N MET I 341 25.82 34.45 12.18
CA MET I 341 26.12 35.59 13.05
C MET I 341 27.44 36.20 12.59
N LEU I 342 27.39 37.47 12.19
CA LEU I 342 28.54 38.14 11.62
C LEU I 342 29.38 38.78 12.72
N THR I 343 30.69 38.68 12.58
CA THR I 343 31.64 39.30 13.50
C THR I 343 32.24 40.54 12.88
N ASP I 344 32.90 41.35 13.72
CA ASP I 344 33.56 42.55 13.22
C ASP I 344 34.63 42.20 12.20
N PHE I 345 35.39 41.12 12.45
CA PHE I 345 36.37 40.66 11.48
C PHE I 345 35.72 40.32 10.15
N ASP I 346 34.59 39.60 10.20
CA ASP I 346 33.89 39.24 8.97
C ASP I 346 33.41 40.49 8.23
N ILE I 347 32.86 41.46 8.96
CA ILE I 347 32.36 42.67 8.33
C ILE I 347 33.50 43.44 7.68
N ARG I 348 34.62 43.58 8.38
CA ARG I 348 35.76 44.30 7.80
C ARG I 348 36.30 43.59 6.57
N ASN I 349 36.38 42.25 6.61
CA ASN I 349 36.80 41.50 5.44
C ASN I 349 35.84 41.70 4.28
N ILE I 350 34.53 41.69 4.57
CA ILE I 350 33.53 41.91 3.52
C ILE I 350 33.74 43.26 2.86
N ASN I 351 33.92 44.30 3.67
CA ASN I 351 34.12 45.63 3.11
C ASN I 351 35.40 45.69 2.28
N LYS I 352 36.50 45.15 2.82
CA LYS I 352 37.77 45.18 2.09
C LYS I 352 37.64 44.48 0.75
N LEU I 353 36.99 43.32 0.72
CA LEU I 353 36.77 42.64 -0.56
C LEU I 353 35.89 43.47 -1.48
N SER I 354 34.83 44.07 -0.95
CA SER I 354 33.92 44.84 -1.78
C SER I 354 34.59 46.04 -2.41
N LYS I 355 35.66 46.57 -1.80
CA LYS I 355 36.38 47.67 -2.42
C LYS I 355 37.12 47.27 -3.69
N LYS I 356 37.25 45.98 -3.98
CA LYS I 356 37.95 45.53 -5.17
C LYS I 356 37.14 45.86 -6.43
N LYS I 357 37.85 46.05 -7.54
CA LYS I 357 37.20 46.44 -8.79
C LYS I 357 36.64 45.24 -9.56
N ASP I 358 37.04 44.01 -9.22
CA ASP I 358 36.55 42.81 -9.88
C ASP I 358 35.89 41.87 -8.87
N ILE I 359 35.18 42.44 -7.89
CA ILE I 359 34.52 41.63 -6.88
C ILE I 359 33.42 40.80 -7.52
N PHE I 360 32.71 41.36 -8.51
CA PHE I 360 31.63 40.62 -9.16
C PHE I 360 32.15 39.36 -9.81
N ASP I 361 33.26 39.44 -10.54
CA ASP I 361 33.81 38.27 -11.20
C ASP I 361 34.27 37.23 -10.19
N ILE I 362 34.94 37.67 -9.12
CA ILE I 362 35.40 36.73 -8.10
C ILE I 362 34.23 35.99 -7.49
N LEU I 363 33.20 36.73 -7.08
CA LEU I 363 32.06 36.10 -6.43
C LEU I 363 31.33 35.17 -7.40
N SER I 364 31.17 35.57 -8.66
CA SER I 364 30.49 34.73 -9.62
C SER I 364 31.26 33.44 -9.85
N GLN I 365 32.58 33.54 -10.04
CA GLN I 365 33.37 32.34 -10.27
C GLN I 365 33.35 31.43 -9.05
N SER I 366 33.31 32.02 -7.85
CA SER I 366 33.29 31.21 -6.63
C SER I 366 32.04 30.35 -6.54
N LEU I 367 31.00 30.65 -7.30
CA LEU I 367 29.78 29.85 -7.29
C LEU I 367 30.01 28.58 -8.09
N ALA I 368 29.79 27.43 -7.46
CA ALA I 368 29.88 26.15 -8.15
C ALA I 368 31.23 26.02 -8.85
N PRO I 369 32.33 25.91 -8.10
CA PRO I 369 33.65 25.82 -8.75
C PRO I 369 33.81 24.59 -9.62
N SER I 370 32.98 23.56 -9.43
CA SER I 370 33.12 22.29 -10.12
C SER I 370 32.28 22.20 -11.39
N ILE I 371 31.67 23.31 -11.82
CA ILE I 371 30.98 23.37 -13.11
C ILE I 371 31.82 24.22 -14.04
N TYR I 372 32.20 23.65 -15.19
CA TYR I 372 33.08 24.35 -16.12
C TYR I 372 32.27 25.29 -16.99
N GLY I 373 32.73 26.53 -17.12
CA GLY I 373 32.05 27.50 -17.96
C GLY I 373 30.80 28.04 -17.29
N HIS I 374 29.88 28.53 -18.14
CA HIS I 374 28.61 29.07 -17.67
C HIS I 374 28.82 30.31 -16.79
N ASP I 375 29.72 31.19 -17.22
CA ASP I 375 30.04 32.38 -16.42
C ASP I 375 28.81 33.26 -16.24
N HIS I 376 28.09 33.53 -17.33
CA HIS I 376 26.98 34.46 -17.27
C HIS I 376 25.82 33.92 -16.45
N ILE I 377 25.56 32.61 -16.53
CA ILE I 377 24.51 32.03 -15.69
C ILE I 377 24.90 32.16 -14.21
N LYS I 378 26.18 31.98 -13.90
CA LYS I 378 26.63 32.15 -12.52
C LYS I 378 26.47 33.59 -12.06
N LYS I 379 26.78 34.55 -12.93
CA LYS I 379 26.57 35.95 -12.58
C LYS I 379 25.10 36.23 -12.32
N ALA I 380 24.22 35.69 -13.17
CA ALA I 380 22.79 35.87 -12.96
C ALA I 380 22.34 35.24 -11.65
N ILE I 381 22.87 34.07 -11.31
CA ILE I 381 22.51 33.43 -10.05
C ILE I 381 22.97 34.26 -8.87
N LEU I 382 24.15 34.89 -8.97
CA LEU I 382 24.60 35.77 -7.90
C LEU I 382 23.65 36.95 -7.74
N LEU I 383 23.30 37.61 -8.86
CA LEU I 383 22.38 38.73 -8.78
C LEU I 383 21.02 38.30 -8.26
N MET I 384 20.63 37.05 -8.51
CA MET I 384 19.36 36.55 -7.99
C MET I 384 19.44 36.32 -6.49
N LEU I 385 20.56 35.79 -6.01
CA LEU I 385 20.74 35.64 -4.56
C LEU I 385 20.73 36.98 -3.86
N MET I 386 21.33 38.01 -4.47
CA MET I 386 21.31 39.33 -3.86
C MET I 386 19.93 39.97 -3.94
N GLY I 387 19.24 39.82 -5.06
CA GLY I 387 17.92 40.39 -5.22
C GLY I 387 17.97 41.87 -5.51
N GLY I 388 16.79 42.44 -5.73
CA GLY I 388 16.62 43.84 -6.01
C GLY I 388 16.11 44.62 -4.82
N VAL I 389 15.43 45.73 -5.10
CA VAL I 389 14.82 46.59 -4.08
C VAL I 389 13.32 46.62 -4.34
N GLU I 390 12.54 46.25 -3.32
CA GLU I 390 11.10 46.16 -3.44
C GLU I 390 10.48 47.51 -3.15
N LYS I 391 9.65 48.00 -4.07
CA LYS I 391 8.95 49.27 -3.93
C LYS I 391 7.45 49.07 -4.08
N ASN I 392 6.68 49.61 -3.15
CA ASN I 392 5.23 49.67 -3.26
C ASN I 392 4.79 51.12 -3.23
N LEU I 393 3.99 51.51 -4.22
CA LEU I 393 3.56 52.89 -4.35
C LEU I 393 2.29 53.13 -3.54
N GLU I 394 2.01 54.41 -3.28
CA GLU I 394 0.83 54.77 -2.51
C GLU I 394 -0.44 54.37 -3.24
N ASN I 395 -0.47 54.54 -4.57
CA ASN I 395 -1.69 54.23 -5.32
C ASN I 395 -2.08 52.78 -5.20
N GLY I 396 -1.09 51.87 -5.11
CA GLY I 396 -1.38 50.46 -4.98
C GLY I 396 -0.43 49.58 -5.77
N SER I 397 0.21 50.13 -6.79
CA SER I 397 1.17 49.37 -7.57
C SER I 397 2.28 48.85 -6.66
N HIS I 398 2.60 47.56 -6.83
CA HIS I 398 3.57 46.87 -5.97
C HIS I 398 4.63 46.24 -6.86
N LEU I 399 5.78 46.91 -6.98
CA LEU I 399 6.86 46.45 -7.85
C LEU I 399 7.73 45.46 -7.09
N ARG I 400 7.94 44.29 -7.67
CA ARG I 400 8.73 43.26 -7.02
C ARG I 400 10.22 43.49 -7.27
N GLY I 401 11.04 43.11 -6.30
CA GLY I 401 12.47 43.24 -6.41
C GLY I 401 13.18 41.90 -6.53
N ASP I 402 12.45 40.87 -6.95
CA ASP I 402 13.00 39.54 -7.10
C ASP I 402 13.30 39.26 -8.57
N ILE I 403 14.31 38.42 -8.79
CA ILE I 403 14.78 38.08 -10.12
C ILE I 403 14.47 36.62 -10.37
N ASN I 404 13.77 36.34 -11.47
CA ASN I 404 13.46 34.98 -11.89
C ASN I 404 14.33 34.61 -13.08
N ILE I 405 14.73 33.34 -13.14
CA ILE I 405 15.66 32.85 -14.15
C ILE I 405 15.13 31.54 -14.71
N LEU I 406 15.22 31.40 -16.04
CA LEU I 406 14.83 30.18 -16.73
C LEU I 406 15.98 29.72 -17.61
N MET I 407 16.33 28.43 -17.51
CA MET I 407 17.37 27.83 -18.33
C MET I 407 16.74 26.78 -19.22
N VAL I 408 16.95 26.90 -20.53
CA VAL I 408 16.51 25.90 -21.50
C VAL I 408 17.72 25.50 -22.33
N GLY I 409 17.92 24.19 -22.48
CA GLY I 409 19.09 23.73 -23.21
C GLY I 409 19.03 22.24 -23.46
N ASP I 410 20.10 21.75 -24.08
CA ASP I 410 20.18 20.34 -24.43
C ASP I 410 20.51 19.49 -23.21
N PRO I 411 20.29 18.19 -23.28
CA PRO I 411 20.60 17.32 -22.14
C PRO I 411 22.06 17.41 -21.74
N SER I 412 22.30 17.26 -20.44
CA SER I 412 23.65 17.20 -19.88
C SER I 412 24.39 18.51 -20.10
N THR I 413 23.78 19.60 -19.63
CA THR I 413 24.37 20.93 -19.72
C THR I 413 24.57 21.58 -18.35
N ALA I 414 24.41 20.82 -17.27
CA ALA I 414 24.64 21.26 -15.89
C ALA I 414 23.53 22.16 -15.37
N LYS I 415 22.32 22.08 -15.91
CA LYS I 415 21.21 22.88 -15.38
C LYS I 415 20.80 22.39 -14.00
N SER I 416 20.60 21.08 -13.84
CA SER I 416 20.19 20.53 -12.57
C SER I 416 21.24 20.71 -11.48
N GLN I 417 22.53 20.60 -11.84
CA GLN I 417 23.58 20.83 -10.86
C GLN I 417 23.62 22.28 -10.41
N LEU I 418 23.39 23.23 -11.33
CA LEU I 418 23.28 24.61 -10.93
C LEU I 418 22.10 24.83 -10.00
N LEU I 419 20.96 24.19 -10.31
CA LEU I 419 19.81 24.28 -9.41
C LEU I 419 20.16 23.75 -8.02
N ARG I 420 20.85 22.61 -7.96
CA ARG I 420 21.20 22.03 -6.67
C ARG I 420 22.18 22.91 -5.90
N PHE I 421 23.14 23.52 -6.60
CA PHE I 421 24.06 24.43 -5.92
C PHE I 421 23.32 25.63 -5.36
N VAL I 422 22.39 26.20 -6.14
CA VAL I 422 21.59 27.30 -5.62
C VAL I 422 20.78 26.84 -4.41
N LEU I 423 20.28 25.61 -4.44
CA LEU I 423 19.54 25.07 -3.31
C LEU I 423 20.40 25.03 -2.06
N ASN I 424 21.65 24.56 -2.20
CA ASN I 424 22.53 24.42 -1.05
C ASN I 424 23.04 25.76 -0.53
N THR I 425 23.39 26.69 -1.41
CA THR I 425 23.98 27.95 -0.97
C THR I 425 22.94 28.88 -0.36
N ALA I 426 21.78 28.99 -0.99
CA ALA I 426 20.80 29.99 -0.57
C ALA I 426 20.36 29.76 0.87
N SER I 427 20.10 30.87 1.56
CA SER I 427 19.66 30.78 2.96
C SER I 427 18.38 29.96 3.07
N LEU I 428 17.38 30.29 2.25
CA LEU I 428 16.13 29.54 2.19
C LEU I 428 15.89 29.11 0.74
N ALA I 429 15.64 27.81 0.55
CA ALA I 429 15.40 27.28 -0.78
C ALA I 429 14.59 26.00 -0.67
N ILE I 430 13.60 25.85 -1.54
CA ILE I 430 12.74 24.68 -1.59
C ILE I 430 12.89 24.02 -2.94
N ALA I 431 12.92 22.70 -2.96
CA ALA I 431 13.13 21.91 -4.16
C ALA I 431 11.83 21.32 -4.65
N THR I 432 11.54 21.48 -5.93
CA THR I 432 10.37 20.87 -6.55
C THR I 432 10.72 20.49 -7.97
N THR I 433 9.97 19.52 -8.50
CA THR I 433 10.12 19.06 -9.88
C THR I 433 8.81 19.30 -10.62
N GLY I 434 8.75 18.81 -11.86
CA GLY I 434 7.55 18.97 -12.66
C GLY I 434 6.49 17.93 -12.33
N ARG I 435 6.84 16.66 -12.46
CA ARG I 435 5.88 15.58 -12.26
C ARG I 435 5.70 15.20 -10.80
N GLY I 436 6.53 15.74 -9.90
CA GLY I 436 6.43 15.38 -8.49
C GLY I 436 5.59 16.33 -7.69
N SER I 437 5.24 17.48 -8.26
CA SER I 437 4.48 18.52 -7.58
C SER I 437 3.03 18.49 -8.05
N SER I 438 2.24 19.39 -7.45
CA SER I 438 0.83 19.51 -7.81
C SER I 438 0.40 20.94 -7.48
N GLY I 439 -0.76 21.32 -8.02
CA GLY I 439 -1.25 22.67 -7.80
C GLY I 439 -1.49 22.97 -6.34
N VAL I 440 -2.11 22.02 -5.61
CA VAL I 440 -2.34 22.21 -4.19
C VAL I 440 -1.03 22.14 -3.41
N GLY I 441 -0.16 21.20 -3.77
CA GLY I 441 1.10 21.05 -3.08
C GLY I 441 2.04 22.23 -3.23
N LEU I 442 1.78 23.13 -4.18
CA LEU I 442 2.60 24.32 -4.34
C LEU I 442 2.07 25.51 -3.59
N THR I 443 0.74 25.65 -3.45
CA THR I 443 0.14 26.80 -2.80
C THR I 443 -0.17 26.55 -1.32
N ALA I 444 -1.10 25.65 -1.04
CA ALA I 444 -1.43 25.27 0.33
C ALA I 444 -2.52 24.22 0.29
N ALA I 445 -2.68 23.50 1.40
CA ALA I 445 -3.66 22.43 1.51
C ALA I 445 -4.56 22.67 2.72
N VAL I 446 -5.81 22.23 2.62
CA VAL I 446 -6.77 22.33 3.70
C VAL I 446 -6.76 21.03 4.49
N THR I 447 -6.46 21.13 5.78
CA THR I 447 -6.42 19.96 6.65
C THR I 447 -7.12 20.33 7.97
N THR I 448 -7.08 19.41 8.92
CA THR I 448 -7.69 19.59 10.22
C THR I 448 -6.63 19.44 11.30
N ASP I 449 -6.72 20.27 12.33
CA ASP I 449 -5.73 20.28 13.40
C ASP I 449 -6.03 19.17 14.39
N ARG I 450 -5.06 18.28 14.61
CA ARG I 450 -5.27 17.16 15.52
C ARG I 450 -5.52 17.63 16.94
N GLU I 451 -4.79 18.66 17.39
CA GLU I 451 -4.91 19.10 18.78
C GLU I 451 -6.30 19.65 19.07
N THR I 452 -6.80 20.55 18.21
CA THR I 452 -8.04 21.26 18.47
C THR I 452 -9.17 20.87 17.53
N GLY I 453 -8.88 20.16 16.45
CA GLY I 453 -9.93 19.80 15.50
C GLY I 453 -10.53 20.99 14.79
N GLU I 454 -9.70 21.94 14.38
CA GLU I 454 -10.15 23.16 13.72
C GLU I 454 -9.60 23.22 12.30
N ARG I 455 -10.39 23.73 11.36
CA ARG I 455 -9.97 23.82 9.94
C ARG I 455 -8.88 24.89 9.84
N ARG I 456 -7.89 24.67 9.00
CA ARG I 456 -6.74 25.54 8.81
C ARG I 456 -6.10 25.23 7.46
N LEU I 457 -5.03 25.96 7.16
CA LEU I 457 -4.27 25.78 5.92
C LEU I 457 -2.86 25.32 6.25
N GLU I 458 -2.29 24.53 5.35
CA GLU I 458 -0.90 24.11 5.44
C GLU I 458 -0.13 24.73 4.27
N ALA I 459 0.96 25.43 4.58
CA ALA I 459 1.72 26.10 3.56
C ALA I 459 2.35 25.10 2.60
N GLY I 460 2.45 25.50 1.32
CA GLY I 460 3.03 24.69 0.29
C GLY I 460 4.45 25.11 -0.05
N ALA I 461 4.94 24.60 -1.17
CA ALA I 461 6.32 24.85 -1.56
C ALA I 461 6.55 26.34 -1.80
N MET I 462 5.63 27.01 -2.49
CA MET I 462 5.81 28.42 -2.80
C MET I 462 5.68 29.27 -1.54
N VAL I 463 4.71 28.96 -0.68
CA VAL I 463 4.52 29.75 0.53
C VAL I 463 5.66 29.49 1.52
N LEU I 464 6.07 28.23 1.68
CA LEU I 464 7.16 27.93 2.60
C LEU I 464 8.43 28.68 2.23
N ALA I 465 8.64 28.94 0.93
CA ALA I 465 9.83 29.63 0.45
C ALA I 465 9.67 31.14 0.42
N ASP I 466 8.79 31.69 1.25
CA ASP I 466 8.57 33.13 1.26
C ASP I 466 9.88 33.86 1.53
N ARG I 467 10.12 34.95 0.82
CA ARG I 467 11.34 35.79 0.97
C ARG I 467 12.58 34.93 0.68
N GLY I 468 12.47 33.89 -0.16
CA GLY I 468 13.60 33.05 -0.48
C GLY I 468 13.67 32.69 -1.95
N VAL I 469 13.94 31.42 -2.25
CA VAL I 469 14.07 30.94 -3.61
C VAL I 469 13.39 29.59 -3.73
N VAL I 470 12.77 29.33 -4.87
CA VAL I 470 12.18 28.04 -5.18
C VAL I 470 12.77 27.55 -6.49
N CYS I 471 13.36 26.35 -6.47
CA CYS I 471 14.01 25.77 -7.63
C CYS I 471 13.09 24.72 -8.24
N ILE I 472 12.67 24.94 -9.48
CA ILE I 472 11.74 24.05 -10.17
C ILE I 472 12.51 23.35 -11.28
N ASP I 473 12.67 22.04 -11.13
CA ASP I 473 13.36 21.21 -12.12
C ASP I 473 12.33 20.58 -13.05
N GLU I 474 12.66 20.49 -14.33
CA GLU I 474 11.75 19.93 -15.33
C GLU I 474 10.50 20.79 -15.46
N PHE I 475 10.72 22.09 -15.69
CA PHE I 475 9.60 23.03 -15.76
C PHE I 475 8.62 22.68 -16.87
N ASP I 476 9.10 22.01 -17.93
CA ASP I 476 8.27 21.70 -19.08
C ASP I 476 7.48 20.41 -18.93
N LYS I 477 7.71 19.65 -17.87
CA LYS I 477 6.99 18.40 -17.63
C LYS I 477 5.79 18.60 -16.70
N MET I 478 5.44 19.83 -16.40
CA MET I 478 4.29 20.13 -15.56
C MET I 478 3.02 20.14 -16.41
N THR I 479 1.88 20.16 -15.73
CA THR I 479 0.57 20.21 -16.37
C THR I 479 0.04 21.65 -16.33
N ASP I 480 -0.90 21.93 -17.24
CA ASP I 480 -1.47 23.28 -17.31
C ASP I 480 -2.16 23.65 -16.00
N VAL I 481 -2.91 22.71 -15.42
CA VAL I 481 -3.61 22.99 -14.17
C VAL I 481 -2.61 23.39 -13.08
N ASP I 482 -1.47 22.69 -13.01
CA ASP I 482 -0.44 23.04 -12.06
C ASP I 482 0.37 24.26 -12.50
N ARG I 483 0.44 24.53 -13.81
CA ARG I 483 1.14 25.73 -14.28
C ARG I 483 0.37 26.99 -13.92
N VAL I 484 -0.96 26.90 -13.81
CA VAL I 484 -1.76 28.08 -13.52
C VAL I 484 -1.42 28.65 -12.15
N ALA I 485 -1.20 27.76 -11.17
CA ALA I 485 -0.86 28.23 -9.82
C ALA I 485 0.44 29.03 -9.84
N ILE I 486 1.46 28.53 -10.52
CA ILE I 486 2.73 29.25 -10.61
C ILE I 486 2.55 30.54 -11.38
N HIS I 487 1.71 30.53 -12.43
CA HIS I 487 1.42 31.75 -13.15
C HIS I 487 0.88 32.82 -12.22
N GLU I 488 -0.13 32.46 -11.42
CA GLU I 488 -0.71 33.42 -10.48
C GLU I 488 0.32 33.89 -9.46
N VAL I 489 1.10 32.97 -8.91
CA VAL I 489 2.06 33.33 -7.87
C VAL I 489 3.09 34.31 -8.42
N MET I 490 3.64 34.03 -9.60
CA MET I 490 4.64 34.92 -10.18
C MET I 490 4.02 36.25 -10.58
N GLU I 491 2.78 36.24 -11.06
CA GLU I 491 2.16 37.48 -11.52
C GLU I 491 1.88 38.42 -10.35
N GLN I 492 1.26 37.90 -9.29
CA GLN I 492 0.83 38.75 -8.18
C GLN I 492 1.73 38.66 -6.95
N GLN I 493 2.50 37.57 -6.81
CA GLN I 493 3.37 37.34 -5.66
C GLN I 493 2.56 36.98 -4.41
N THR I 494 1.30 36.60 -4.56
CA THR I 494 0.46 36.20 -3.45
C THR I 494 -0.31 34.95 -3.87
N VAL I 495 -0.98 34.34 -2.89
CA VAL I 495 -1.80 33.16 -3.10
C VAL I 495 -3.18 33.45 -2.53
N THR I 496 -4.22 33.32 -3.36
CA THR I 496 -5.59 33.51 -2.95
C THR I 496 -6.29 32.17 -2.87
N ILE I 497 -6.95 31.90 -1.74
CA ILE I 497 -7.52 30.60 -1.44
C ILE I 497 -8.99 30.76 -1.12
N ALA I 498 -9.83 29.97 -1.79
CA ALA I 498 -11.27 29.95 -1.54
C ALA I 498 -11.70 28.49 -1.49
N LYS I 499 -11.66 27.90 -0.30
CA LYS I 499 -12.00 26.49 -0.14
C LYS I 499 -12.48 26.26 1.28
N ALA I 500 -13.43 25.33 1.41
CA ALA I 500 -13.89 24.87 2.73
C ALA I 500 -14.22 26.04 3.63
N GLY I 501 -14.89 27.05 3.09
CA GLY I 501 -15.23 28.22 3.86
C GLY I 501 -14.03 28.95 4.42
N ILE I 502 -12.97 29.07 3.63
CA ILE I 502 -11.76 29.81 4.01
C ILE I 502 -11.47 30.82 2.91
N HIS I 503 -11.29 32.08 3.30
CA HIS I 503 -10.94 33.15 2.38
C HIS I 503 -9.78 33.93 2.99
N THR I 504 -8.64 33.93 2.32
CA THR I 504 -7.44 34.57 2.82
C THR I 504 -6.48 34.79 1.67
N THR I 505 -5.34 35.39 1.96
CA THR I 505 -4.31 35.68 0.97
C THR I 505 -2.95 35.47 1.62
N LEU I 506 -2.29 34.36 1.26
CA LEU I 506 -0.98 34.05 1.80
C LEU I 506 0.10 34.75 0.97
N ASN I 507 1.16 35.18 1.65
CA ASN I 507 2.26 35.88 1.00
C ASN I 507 3.27 34.88 0.48
N ALA I 508 3.59 34.99 -0.81
CA ALA I 508 4.60 34.15 -1.46
C ALA I 508 5.49 35.08 -2.29
N ARG I 509 6.53 35.61 -1.66
CA ARG I 509 7.47 36.51 -2.31
C ARG I 509 8.79 35.76 -2.44
N CYS I 510 8.92 35.02 -3.53
CA CYS I 510 10.06 34.15 -3.76
C CYS I 510 10.58 34.34 -5.18
N SER I 511 11.85 34.00 -5.36
CA SER I 511 12.50 34.02 -6.67
C SER I 511 12.45 32.62 -7.25
N VAL I 512 12.07 32.53 -8.52
CA VAL I 512 11.92 31.24 -9.20
C VAL I 512 13.08 31.04 -10.14
N ILE I 513 13.83 29.96 -9.94
CA ILE I 513 14.87 29.52 -10.86
C ILE I 513 14.46 28.15 -11.38
N ALA I 514 14.33 28.03 -12.70
CA ALA I 514 13.80 26.82 -13.31
C ALA I 514 14.66 26.40 -14.48
N ALA I 515 14.62 25.10 -14.78
CA ALA I 515 15.32 24.52 -15.91
C ALA I 515 14.35 23.68 -16.71
N ALA I 516 14.38 23.83 -18.03
CA ALA I 516 13.45 23.13 -18.91
C ALA I 516 14.23 22.58 -20.11
N ASN I 517 13.58 21.65 -20.81
CA ASN I 517 14.10 21.06 -22.03
C ASN I 517 13.27 21.51 -23.24
N PRO I 518 13.88 21.70 -24.40
CA PRO I 518 13.08 22.04 -25.59
C PRO I 518 12.08 20.94 -25.92
N VAL I 519 11.19 21.26 -26.86
CA VAL I 519 10.10 20.33 -27.19
C VAL I 519 10.67 19.02 -27.74
N PHE I 520 11.64 19.12 -28.66
CA PHE I 520 12.21 17.95 -29.31
C PHE I 520 13.43 17.42 -28.57
N GLY I 521 13.64 17.84 -27.32
CA GLY I 521 14.74 17.34 -26.53
C GLY I 521 16.08 17.95 -26.83
N GLN I 522 16.18 18.78 -27.87
CA GLN I 522 17.44 19.41 -28.24
C GLN I 522 17.13 20.65 -29.05
N TYR I 523 17.73 21.78 -28.67
CA TYR I 523 17.41 23.04 -29.33
C TYR I 523 17.76 22.98 -30.81
N ASP I 524 16.84 23.47 -31.64
CA ASP I 524 17.02 23.52 -33.08
C ASP I 524 17.19 24.98 -33.49
N VAL I 525 18.29 25.28 -34.16
CA VAL I 525 18.57 26.66 -34.55
C VAL I 525 17.59 27.12 -35.62
N ASN I 526 17.26 26.24 -36.56
CA ASN I 526 16.41 26.64 -37.69
C ASN I 526 15.05 27.10 -37.21
N ARG I 527 14.38 26.29 -36.39
CA ARG I 527 13.04 26.63 -35.93
C ARG I 527 13.08 27.81 -34.98
N ASP I 528 12.04 28.65 -35.05
CA ASP I 528 11.99 29.85 -34.24
C ASP I 528 11.85 29.49 -32.76
N PRO I 529 12.24 30.39 -31.87
CA PRO I 529 12.19 30.06 -30.43
C PRO I 529 10.81 29.64 -29.96
N HIS I 530 9.75 30.17 -30.56
CA HIS I 530 8.39 29.78 -30.15
C HIS I 530 8.17 28.29 -30.34
N GLN I 531 8.61 27.75 -31.48
CA GLN I 531 8.41 26.33 -31.76
C GLN I 531 9.30 25.44 -30.92
N ASN I 532 10.36 25.99 -30.31
CA ASN I 532 11.30 25.17 -29.57
C ASN I 532 10.89 24.97 -28.12
N ILE I 533 10.11 25.90 -27.55
CA ILE I 533 9.70 25.86 -26.16
C ILE I 533 8.19 25.75 -26.11
N ALA I 534 7.69 24.84 -25.27
CA ALA I 534 6.25 24.56 -25.17
C ALA I 534 5.55 25.40 -24.12
N LEU I 535 6.26 26.23 -23.38
CA LEU I 535 5.63 27.01 -22.33
C LEU I 535 4.86 28.20 -22.93
N PRO I 536 3.78 28.63 -22.29
CA PRO I 536 3.04 29.79 -22.80
C PRO I 536 3.88 31.06 -22.79
N ASP I 537 3.55 31.96 -23.71
CA ASP I 537 4.27 33.23 -23.78
C ASP I 537 4.04 34.06 -22.52
N SER I 538 2.82 34.04 -21.99
CA SER I 538 2.53 34.81 -20.79
C SER I 538 3.39 34.34 -19.62
N LEU I 539 3.54 33.03 -19.47
CA LEU I 539 4.43 32.50 -18.43
C LEU I 539 5.88 32.86 -18.69
N LEU I 540 6.27 32.97 -19.96
CA LEU I 540 7.66 33.28 -20.29
C LEU I 540 7.98 34.73 -19.98
N SER I 541 7.01 35.64 -20.17
CA SER I 541 7.28 37.06 -19.96
C SER I 541 7.58 37.38 -18.51
N ARG I 542 7.31 36.45 -17.58
CA ARG I 542 7.54 36.70 -16.16
C ARG I 542 8.93 36.32 -15.69
N PHE I 543 9.80 35.84 -16.59
CA PHE I 543 11.17 35.51 -16.24
C PHE I 543 12.09 36.64 -16.69
N ASP I 544 12.88 37.16 -15.74
CA ASP I 544 13.74 38.30 -16.04
C ASP I 544 14.77 37.94 -17.09
N LEU I 545 15.42 36.79 -16.95
CA LEU I 545 16.46 36.36 -17.86
C LEU I 545 16.14 34.96 -18.38
N LEU I 546 16.13 34.81 -19.71
CA LEU I 546 15.96 33.52 -20.36
C LEU I 546 17.29 33.12 -20.98
N PHE I 547 17.89 32.06 -20.47
CA PHE I 547 19.18 31.57 -20.94
C PHE I 547 18.96 30.32 -21.77
N VAL I 548 19.40 30.35 -23.02
CA VAL I 548 19.36 29.20 -23.91
C VAL I 548 20.79 28.70 -24.07
N VAL I 549 21.04 27.48 -23.59
CA VAL I 549 22.38 26.90 -23.59
C VAL I 549 22.36 25.67 -24.49
N THR I 550 23.33 25.61 -25.40
CA THR I 550 23.43 24.52 -26.36
C THR I 550 24.76 23.80 -26.20
N ASP I 551 24.73 22.48 -26.40
CA ASP I 551 25.93 21.64 -26.34
C ASP I 551 26.49 21.54 -27.75
N ASP I 552 27.41 22.45 -28.08
CA ASP I 552 28.05 22.48 -29.39
C ASP I 552 29.38 21.74 -29.30
N ILE I 553 29.56 20.73 -30.14
CA ILE I 553 30.76 19.90 -30.07
C ILE I 553 31.92 20.68 -30.66
N ASN I 554 33.00 20.79 -29.88
CA ASN I 554 34.22 21.48 -30.30
C ASN I 554 35.41 20.72 -29.73
N GLU I 555 36.57 20.92 -30.35
CA GLU I 555 37.77 20.18 -29.93
C GLU I 555 38.37 20.79 -28.66
N ILE I 556 38.72 22.07 -28.70
CA ILE I 556 39.32 22.72 -27.54
C ILE I 556 38.37 22.65 -26.35
N ARG I 557 37.10 22.96 -26.58
CA ARG I 557 36.13 22.96 -25.50
C ARG I 557 35.95 21.56 -24.92
N ASP I 558 35.89 20.54 -25.79
CA ASP I 558 35.72 19.18 -25.31
C ASP I 558 36.92 18.74 -24.47
N ARG I 559 38.14 19.04 -24.95
CA ARG I 559 39.31 18.68 -24.18
C ARG I 559 39.31 19.37 -22.82
N SER I 560 38.99 20.67 -22.79
CA SER I 560 38.96 21.39 -21.52
C SER I 560 37.93 20.78 -20.57
N ILE I 561 36.71 20.55 -21.05
CA ILE I 561 35.66 20.06 -20.17
C ILE I 561 35.99 18.65 -19.67
N SER I 562 36.51 17.80 -20.55
CA SER I 562 36.86 16.45 -20.15
C SER I 562 37.97 16.45 -19.10
N GLU I 563 38.99 17.29 -19.30
CA GLU I 563 40.04 17.39 -18.30
C GLU I 563 39.49 17.88 -16.97
N HIS I 564 38.61 18.87 -17.00
CA HIS I 564 38.01 19.36 -15.76
C HIS I 564 37.23 18.27 -15.05
N VAL I 565 36.42 17.51 -15.80
CA VAL I 565 35.63 16.45 -15.19
C VAL I 565 36.53 15.39 -14.59
N LEU I 566 37.58 15.00 -15.32
CA LEU I 566 38.50 13.98 -14.80
C LEU I 566 39.19 14.46 -13.54
N ARG I 567 39.61 15.73 -13.51
CA ARG I 567 40.20 16.27 -12.29
C ARG I 567 39.21 16.23 -11.13
N THR I 568 37.96 16.60 -11.41
CA THR I 568 36.95 16.59 -10.35
C THR I 568 36.72 15.18 -9.81
N HIS I 569 36.68 14.18 -10.69
CA HIS I 569 36.37 12.83 -10.26
C HIS I 569 37.47 12.19 -9.43
N ARG I 570 38.65 12.80 -9.35
CA ARG I 570 39.78 12.24 -8.62
C ARG I 570 39.93 12.83 -7.23
N TYR I 571 38.97 13.62 -6.77
CA TYR I 571 39.05 14.23 -5.45
C TYR I 571 38.90 13.17 -4.36
N LEU I 572 39.65 13.35 -3.28
CA LEU I 572 39.59 12.47 -2.12
C LEU I 572 39.43 13.33 -0.88
N PRO I 573 38.42 13.10 -0.04
CA PRO I 573 38.20 13.98 1.11
C PRO I 573 39.20 13.70 2.21
N PRO I 574 39.72 14.73 2.88
CA PRO I 574 40.68 14.49 3.96
C PRO I 574 40.08 13.61 5.05
N GLY I 575 40.91 12.75 5.62
CA GLY I 575 40.47 11.80 6.61
C GLY I 575 40.11 10.43 6.08
N TYR I 576 40.39 10.16 4.81
CA TYR I 576 40.03 8.90 4.17
C TYR I 576 41.23 8.33 3.44
N LEU I 577 41.26 7.01 3.33
CA LEU I 577 42.29 6.32 2.56
C LEU I 577 41.78 6.04 1.15
N GLU I 578 42.72 5.75 0.25
CA GLU I 578 42.35 5.35 -1.09
C GLU I 578 41.54 4.07 -1.05
N GLY I 579 40.43 4.05 -1.80
CA GLY I 579 39.56 2.91 -1.83
C GLY I 579 38.62 2.80 -0.65
N GLU I 580 38.46 3.87 0.14
CA GLU I 580 37.54 3.86 1.26
C GLU I 580 36.25 4.54 0.86
N PRO I 581 35.11 3.85 0.81
CA PRO I 581 33.87 4.52 0.44
C PRO I 581 33.48 5.59 1.45
N VAL I 582 32.88 6.67 0.93
CA VAL I 582 32.52 7.79 1.78
C VAL I 582 31.29 7.44 2.61
N ARG I 583 31.19 8.06 3.79
CA ARG I 583 30.07 7.84 4.69
C ARG I 583 29.36 9.15 5.00
N SER I 589 26.57 15.49 16.86
CA SER I 589 27.66 16.44 17.06
C SER I 589 28.28 16.27 18.44
N LEU I 590 29.11 17.25 18.83
CA LEU I 590 29.77 17.22 20.12
C LEU I 590 29.07 18.10 21.16
N ALA I 591 28.42 19.17 20.73
CA ALA I 591 27.71 20.06 21.63
C ALA I 591 26.45 20.56 20.92
N VAL I 592 25.50 21.07 21.71
CA VAL I 592 24.24 21.56 21.19
C VAL I 592 24.10 23.07 21.37
N GLY I 593 24.52 23.60 22.52
CA GLY I 593 24.35 25.02 22.77
C GLY I 593 25.14 25.88 21.81
N GLU I 594 26.43 25.59 21.66
CA GLU I 594 27.31 26.38 20.81
C GLU I 594 27.32 27.83 21.24
N PRO I 648 42.26 36.76 -8.07
CA PRO I 648 41.60 35.63 -8.73
C PRO I 648 41.52 34.40 -7.84
N LYS I 649 41.45 34.61 -6.53
CA LYS I 649 41.35 33.52 -5.56
C LYS I 649 39.89 33.27 -5.23
N LEU I 650 39.48 32.01 -5.26
CA LEU I 650 38.10 31.66 -4.98
C LEU I 650 37.74 31.97 -3.54
N VAL I 651 36.54 32.50 -3.35
CA VAL I 651 36.01 32.79 -2.02
C VAL I 651 35.22 31.57 -1.54
N THR I 652 35.49 31.14 -0.32
CA THR I 652 34.83 29.96 0.21
C THR I 652 33.32 30.16 0.27
N ILE I 653 32.58 29.05 0.21
CA ILE I 653 31.13 29.14 0.24
C ILE I 653 30.62 29.77 1.52
N PRO I 654 31.11 29.41 2.71
CA PRO I 654 30.64 30.10 3.92
C PRO I 654 30.83 31.60 3.88
N PHE I 655 31.97 32.07 3.38
CA PHE I 655 32.17 33.50 3.26
C PHE I 655 31.26 34.10 2.21
N LEU I 656 30.95 33.35 1.15
CA LEU I 656 29.99 33.82 0.16
C LEU I 656 28.62 34.01 0.78
N ARG I 657 28.20 33.06 1.63
CA ARG I 657 26.93 33.19 2.32
C ARG I 657 26.93 34.41 3.25
N LYS I 658 28.02 34.61 3.98
CA LYS I 658 28.10 35.77 4.86
C LYS I 658 28.02 37.07 4.05
N TYR I 659 28.73 37.12 2.92
CA TYR I 659 28.71 38.31 2.07
C TYR I 659 27.30 38.58 1.57
N VAL I 660 26.62 37.53 1.08
CA VAL I 660 25.27 37.71 0.55
C VAL I 660 24.33 38.19 1.65
N GLN I 661 24.42 37.57 2.83
CA GLN I 661 23.56 37.98 3.93
C GLN I 661 23.78 39.45 4.28
N TYR I 662 25.04 39.84 4.47
CA TYR I 662 25.35 41.23 4.80
C TYR I 662 24.80 42.18 3.73
N ALA I 663 25.10 41.91 2.47
CA ALA I 663 24.74 42.82 1.40
C ALA I 663 23.23 42.96 1.26
N LYS I 664 22.50 41.84 1.32
CA LYS I 664 21.06 41.90 1.18
C LYS I 664 20.36 42.28 2.47
N GLU I 665 21.09 42.40 3.57
CA GLU I 665 20.51 42.85 4.83
C GLU I 665 20.67 44.34 5.08
N ARG I 666 21.79 44.95 4.68
CA ARG I 666 22.01 46.36 5.02
C ARG I 666 22.52 47.16 3.83
N VAL I 667 21.88 47.02 2.67
CA VAL I 667 22.12 47.89 1.53
C VAL I 667 20.82 48.07 0.76
N ILE I 668 20.44 49.32 0.51
CA ILE I 668 19.24 49.66 -0.25
C ILE I 668 19.60 50.71 -1.29
N PRO I 669 20.19 50.33 -2.42
CA PRO I 669 20.65 51.34 -3.39
C PRO I 669 19.49 52.13 -3.99
N GLN I 670 19.80 53.36 -4.40
CA GLN I 670 18.86 54.26 -5.04
C GLN I 670 19.39 54.65 -6.41
N LEU I 671 18.49 54.82 -7.37
CA LEU I 671 18.89 55.16 -8.73
C LEU I 671 19.42 56.59 -8.80
N THR I 672 20.15 56.87 -9.87
CA THR I 672 20.72 58.20 -10.11
C THR I 672 20.65 58.52 -11.60
N GLN I 673 20.62 59.82 -11.90
CA GLN I 673 20.31 60.27 -13.26
C GLN I 673 21.25 59.64 -14.29
N GLU I 674 22.50 59.37 -13.91
CA GLU I 674 23.44 58.79 -14.87
C GLU I 674 23.06 57.37 -15.23
N ALA I 675 22.80 56.53 -14.22
CA ALA I 675 22.29 55.19 -14.49
C ALA I 675 20.99 55.27 -15.26
N ILE I 676 20.21 56.33 -15.02
CA ILE I 676 18.94 56.51 -15.70
C ILE I 676 19.17 56.72 -17.20
N ASN I 677 20.11 57.58 -17.55
CA ASN I 677 20.44 57.81 -18.95
C ASN I 677 20.95 56.53 -19.60
N VAL I 678 21.82 55.80 -18.90
CA VAL I 678 22.33 54.55 -19.47
C VAL I 678 21.19 53.60 -19.75
N ILE I 679 20.27 53.44 -18.80
CA ILE I 679 19.19 52.47 -18.94
C ILE I 679 18.25 52.88 -20.07
N VAL I 680 17.90 54.16 -20.15
CA VAL I 680 16.97 54.59 -21.20
C VAL I 680 17.61 54.41 -22.57
N LYS I 681 18.88 54.78 -22.71
CA LYS I 681 19.56 54.56 -23.99
C LYS I 681 19.55 53.08 -24.36
N ASN I 682 19.86 52.21 -23.40
CA ASN I 682 19.95 50.79 -23.71
C ASN I 682 18.59 50.23 -24.12
N TYR I 683 17.53 50.60 -23.38
CA TYR I 683 16.20 50.12 -23.73
C TYR I 683 15.79 50.61 -25.11
N THR I 684 16.00 51.90 -25.38
CA THR I 684 15.65 52.45 -26.68
C THR I 684 16.35 51.70 -27.80
N ASP I 685 17.66 51.51 -27.68
CA ASP I 685 18.39 50.80 -28.73
C ASP I 685 17.93 49.36 -28.85
N LEU I 686 17.69 48.69 -27.72
CA LEU I 686 17.38 47.26 -27.75
C LEU I 686 16.04 47.00 -28.42
N ARG I 687 15.01 47.76 -28.08
CA ARG I 687 13.68 47.46 -28.61
C ARG I 687 13.62 47.62 -30.12
N ASN I 688 14.04 48.76 -30.65
CA ASN I 688 13.95 49.01 -32.09
C ASN I 688 15.33 48.76 -32.72
N ASP I 689 15.64 47.47 -32.88
CA ASP I 689 16.87 47.05 -33.54
C ASP I 689 16.56 45.87 -34.46
N ASP I 690 17.23 45.84 -35.61
CA ASP I 690 16.91 44.85 -36.63
C ASP I 690 17.20 43.43 -36.14
N ASN I 691 18.28 43.25 -35.40
CA ASN I 691 18.69 41.90 -35.01
C ASN I 691 17.60 41.23 -34.20
N THR I 692 17.38 39.94 -34.48
CA THR I 692 16.37 39.17 -33.78
C THR I 692 16.81 38.87 -32.35
N LYS I 693 15.82 38.64 -31.48
CA LYS I 693 16.05 38.35 -30.08
C LYS I 693 15.43 37.01 -29.72
N LYS I 694 16.12 36.26 -28.86
CA LYS I 694 15.58 34.99 -28.39
C LYS I 694 14.31 35.17 -27.56
N SER I 695 14.09 36.37 -27.04
CA SER I 695 12.87 36.71 -26.34
C SER I 695 12.42 38.09 -26.80
N PRO I 696 11.11 38.37 -26.80
CA PRO I 696 10.63 39.65 -27.37
C PRO I 696 10.79 40.79 -26.38
N ILE I 697 11.31 41.91 -26.88
CA ILE I 697 11.50 43.09 -26.04
C ILE I 697 10.14 43.63 -25.61
N THR I 698 10.09 44.16 -24.38
CA THR I 698 8.86 44.66 -23.82
C THR I 698 9.19 45.69 -22.76
N ALA I 699 8.16 46.36 -22.23
CA ALA I 699 8.36 47.27 -21.11
C ALA I 699 8.86 46.55 -19.87
N ARG I 700 8.57 45.24 -19.74
CA ARG I 700 9.08 44.47 -18.62
C ARG I 700 10.60 44.39 -18.65
N THR I 701 11.20 44.50 -19.85
CA THR I 701 12.65 44.51 -19.95
C THR I 701 13.24 45.70 -19.23
N LEU I 702 12.55 46.84 -19.22
CA LEU I 702 13.03 48.00 -18.49
C LEU I 702 13.08 47.73 -16.99
N GLU I 703 12.01 47.12 -16.45
CA GLU I 703 12.01 46.76 -15.04
C GLU I 703 13.13 45.77 -14.73
N THR I 704 13.35 44.80 -15.62
CA THR I 704 14.43 43.85 -15.42
C THR I 704 15.79 44.55 -15.41
N LEU I 705 15.98 45.52 -16.31
CA LEU I 705 17.23 46.26 -16.34
C LEU I 705 17.46 47.00 -15.02
N ILE I 706 16.42 47.69 -14.53
CA ILE I 706 16.56 48.42 -13.27
C ILE I 706 16.86 47.44 -12.13
N ARG I 707 16.18 46.30 -12.11
CA ARG I 707 16.39 45.32 -11.06
C ARG I 707 17.81 44.80 -11.06
N LEU I 708 18.34 44.48 -12.25
CA LEU I 708 19.70 43.96 -12.34
C LEU I 708 20.71 45.02 -11.91
N ALA I 709 20.50 46.27 -12.31
CA ALA I 709 21.40 47.34 -11.88
C ALA I 709 21.39 47.48 -10.36
N THR I 710 20.20 47.42 -9.76
CA THR I 710 20.10 47.53 -8.31
C THR I 710 20.82 46.38 -7.62
N ALA I 711 20.65 45.16 -8.13
CA ALA I 711 21.32 44.01 -7.53
C ALA I 711 22.83 44.13 -7.64
N HIS I 712 23.34 44.56 -8.80
CA HIS I 712 24.78 44.74 -8.92
C HIS I 712 25.29 45.82 -7.98
N ALA I 713 24.53 46.91 -7.81
CA ALA I 713 24.90 47.91 -6.81
C ALA I 713 24.96 47.28 -5.42
N LYS I 714 24.01 46.41 -5.10
CA LYS I 714 24.07 45.67 -3.85
C LYS I 714 25.37 44.89 -3.72
N VAL I 715 25.83 44.29 -4.82
CA VAL I 715 27.04 43.46 -4.74
C VAL I 715 28.22 44.27 -4.27
N ARG I 716 28.32 45.52 -4.70
CA ARG I 716 29.46 46.37 -4.33
C ARG I 716 29.28 47.05 -2.98
N LEU I 717 28.15 46.85 -2.31
CA LEU I 717 27.86 47.52 -1.05
C LEU I 717 27.85 49.04 -1.24
N SER I 718 26.96 49.48 -2.13
CA SER I 718 26.81 50.89 -2.46
C SER I 718 25.38 51.33 -2.18
N LYS I 719 25.24 52.59 -1.77
CA LYS I 719 23.92 53.17 -1.51
C LYS I 719 23.29 53.77 -2.77
N THR I 720 24.02 53.82 -3.88
CA THR I 720 23.51 54.42 -5.11
C THR I 720 23.88 53.53 -6.29
N VAL I 721 23.04 53.58 -7.32
CA VAL I 721 23.28 52.85 -8.57
C VAL I 721 23.99 53.80 -9.53
N ASN I 722 25.15 53.39 -10.02
CA ASN I 722 26.00 54.23 -10.85
C ASN I 722 25.98 53.72 -12.29
N LYS I 723 26.84 54.34 -13.11
CA LYS I 723 26.92 53.94 -14.52
C LYS I 723 27.40 52.51 -14.66
N VAL I 724 28.35 52.09 -13.82
CA VAL I 724 28.92 50.75 -13.95
C VAL I 724 27.85 49.69 -13.77
N ASP I 725 26.96 49.87 -12.80
CA ASP I 725 25.90 48.90 -12.56
C ASP I 725 24.97 48.81 -13.76
N ALA I 726 24.60 49.96 -14.33
CA ALA I 726 23.74 49.96 -15.51
C ALA I 726 24.42 49.25 -16.67
N LYS I 727 25.72 49.48 -16.86
CA LYS I 727 26.48 48.88 -17.98
C LYS I 727 26.60 47.36 -17.76
N VAL I 728 26.72 46.89 -16.52
CA VAL I 728 26.76 45.45 -16.24
C VAL I 728 25.40 44.82 -16.51
N ALA I 729 24.33 45.45 -16.04
CA ALA I 729 22.99 44.92 -16.29
C ALA I 729 22.71 44.86 -17.78
N ALA I 730 23.11 45.90 -18.51
CA ALA I 730 22.90 45.91 -19.96
C ALA I 730 23.64 44.77 -20.64
N ASN I 731 24.90 44.54 -20.25
CA ASN I 731 25.67 43.47 -20.87
C ASN I 731 25.06 42.12 -20.58
N LEU I 732 24.61 41.90 -19.33
CA LEU I 732 23.98 40.63 -19.01
C LEU I 732 22.71 40.41 -19.82
N LEU I 733 21.86 41.43 -19.92
CA LEU I 733 20.62 41.27 -20.67
C LEU I 733 20.91 41.07 -22.16
N ARG I 734 21.91 41.77 -22.69
CA ARG I 734 22.26 41.60 -24.09
C ARG I 734 22.77 40.20 -24.36
N PHE I 735 23.59 39.64 -23.46
CA PHE I 735 24.01 38.26 -23.64
C PHE I 735 22.82 37.32 -23.59
N ALA I 736 21.89 37.56 -22.66
CA ALA I 736 20.73 36.68 -22.55
C ALA I 736 19.88 36.73 -23.82
N LEU I 737 19.69 37.90 -24.40
CA LEU I 737 18.78 38.06 -25.53
C LEU I 737 19.43 37.71 -26.87
N LEU I 738 20.60 38.28 -27.15
CA LEU I 738 21.28 38.11 -28.43
C LEU I 738 22.56 37.30 -28.30
N GLY I 739 22.55 36.27 -27.48
CA GLY I 739 23.71 35.41 -27.29
C GLY I 739 24.96 36.18 -26.91
N LEU J 177 -63.45 35.50 36.42
CA LEU J 177 -63.16 36.47 35.38
C LEU J 177 -61.93 36.00 34.61
N ARG J 178 -61.98 36.11 33.29
CA ARG J 178 -60.91 35.65 32.41
C ARG J 178 -60.10 36.83 31.93
N ILE J 179 -58.79 36.78 32.14
CA ILE J 179 -57.87 37.84 31.72
C ILE J 179 -56.66 37.20 31.07
N ILE J 180 -56.18 37.82 29.99
CA ILE J 180 -54.99 37.29 29.31
C ILE J 180 -53.78 37.47 30.22
N TRP J 181 -52.91 36.46 30.21
CA TRP J 181 -51.77 36.45 31.12
C TRP J 181 -50.83 37.63 30.83
N GLY J 182 -50.44 38.32 31.90
CA GLY J 182 -49.50 39.41 31.80
C GLY J 182 -50.10 40.74 31.37
N THR J 183 -51.40 40.80 31.12
CA THR J 183 -52.06 42.01 30.66
C THR J 183 -53.22 42.34 31.59
N ASN J 184 -53.95 43.42 31.25
CA ASN J 184 -55.11 43.87 32.00
C ASN J 184 -56.27 44.13 31.05
N VAL J 185 -56.46 43.25 30.07
CA VAL J 185 -57.54 43.35 29.10
C VAL J 185 -58.42 42.12 29.22
N SER J 186 -59.72 42.32 29.39
CA SER J 186 -60.65 41.22 29.58
C SER J 186 -60.93 40.52 28.26
N ILE J 187 -61.14 39.20 28.35
CA ILE J 187 -61.50 38.43 27.16
C ILE J 187 -62.96 38.67 26.80
N GLN J 188 -63.84 38.80 27.80
CA GLN J 188 -65.25 39.02 27.52
C GLN J 188 -65.47 40.32 26.76
N GLU J 189 -64.78 41.38 27.17
CA GLU J 189 -64.91 42.65 26.45
C GLU J 189 -64.41 42.52 25.02
N CYS J 190 -63.33 41.77 24.81
CA CYS J 190 -62.83 41.55 23.46
C CYS J 190 -63.86 40.81 22.61
N THR J 191 -64.45 39.75 23.17
CA THR J 191 -65.44 38.96 22.43
C THR J 191 -66.63 39.82 22.05
N THR J 192 -67.19 40.56 23.01
CA THR J 192 -68.34 41.40 22.69
C THR J 192 -67.97 42.50 21.70
N ASN J 193 -66.77 43.08 21.82
CA ASN J 193 -66.35 44.12 20.89
C ASN J 193 -66.29 43.58 19.47
N PHE J 194 -65.66 42.43 19.28
CA PHE J 194 -65.53 41.90 17.93
C PHE J 194 -66.87 41.42 17.39
N ARG J 195 -67.73 40.89 18.27
CA ARG J 195 -69.06 40.50 17.82
C ARG J 195 -69.85 41.72 17.34
N ASN J 196 -69.78 42.81 18.09
CA ASN J 196 -70.44 44.05 17.66
C ASN J 196 -69.85 44.55 16.35
N PHE J 197 -68.52 44.46 16.21
CA PHE J 197 -67.88 44.86 14.96
C PHE J 197 -68.41 44.05 13.78
N LEU J 198 -68.53 42.74 13.96
CA LEU J 198 -68.92 41.87 12.85
C LEU J 198 -70.39 42.05 12.49
N MET J 199 -71.28 42.07 13.49
CA MET J 199 -72.71 42.13 13.19
C MET J 199 -73.08 43.47 12.58
N SER J 200 -72.33 44.53 12.88
CA SER J 200 -72.62 45.87 12.39
C SER J 200 -71.31 46.52 11.95
N PHE J 201 -71.13 46.65 10.64
CA PHE J 201 -69.97 47.33 10.07
C PHE J 201 -70.23 47.55 8.59
N LYS J 202 -69.72 48.67 8.08
CA LYS J 202 -69.93 49.04 6.68
C LYS J 202 -68.64 49.57 6.09
N TYR J 203 -68.49 49.36 4.78
CA TYR J 203 -67.28 49.82 4.09
C TYR J 203 -67.14 51.33 4.12
N LYS J 204 -68.26 52.06 4.26
CA LYS J 204 -68.19 53.51 4.29
C LYS J 204 -67.30 54.01 5.41
N PHE J 205 -67.28 53.28 6.55
CA PHE J 205 -66.36 53.64 7.62
C PHE J 205 -64.92 53.56 7.15
N ARG J 206 -64.57 52.48 6.44
CA ARG J 206 -63.23 52.35 5.91
C ARG J 206 -62.92 53.47 4.92
N LYS J 207 -63.88 53.79 4.05
CA LYS J 207 -63.66 54.84 3.05
C LYS J 207 -63.39 56.19 3.73
N ILE J 208 -64.18 56.53 4.73
CA ILE J 208 -63.96 57.80 5.42
C ILE J 208 -62.64 57.78 6.18
N LEU J 209 -62.26 56.62 6.73
CA LEU J 209 -61.00 56.53 7.45
C LEU J 209 -59.82 56.84 6.53
N ASP J 210 -59.83 56.30 5.32
CA ASP J 210 -58.75 56.51 4.36
C ASP J 210 -58.89 57.82 3.59
N GLU J 211 -59.83 58.67 3.95
CA GLU J 211 -60.04 59.95 3.28
C GLU J 211 -60.47 59.74 1.83
N ARG J 212 -61.38 58.79 1.62
CA ARG J 212 -61.97 58.51 0.32
C ARG J 212 -63.49 58.58 0.39
N GLU J 213 -64.02 59.43 1.27
CA GLU J 213 -65.46 59.50 1.47
C GLU J 213 -66.20 59.92 0.21
N GLU J 214 -65.59 60.77 -0.62
CA GLU J 214 -66.26 61.25 -1.82
C GLU J 214 -66.51 60.15 -2.84
N PHE J 215 -65.88 58.98 -2.70
CA PHE J 215 -66.12 57.85 -3.57
C PHE J 215 -67.20 56.92 -3.06
N ILE J 216 -67.87 57.28 -1.96
CA ILE J 216 -68.87 56.40 -1.37
C ILE J 216 -70.08 56.31 -2.28
N ASN J 217 -70.50 55.07 -2.58
CA ASN J 217 -71.73 54.83 -3.33
C ASN J 217 -72.89 54.71 -2.35
N ASN J 218 -74.05 54.27 -2.84
CA ASN J 218 -75.26 54.21 -2.04
C ASN J 218 -75.75 52.79 -1.76
N THR J 219 -75.18 51.77 -2.40
CA THR J 219 -75.67 50.40 -2.26
C THR J 219 -74.64 49.49 -1.59
N THR J 220 -73.42 49.41 -2.12
CA THR J 220 -72.44 48.47 -1.55
C THR J 220 -71.87 48.99 -0.24
N ASP J 221 -71.56 50.29 -0.17
CA ASP J 221 -70.95 50.83 1.04
C ASP J 221 -71.93 50.88 2.20
N GLU J 222 -73.22 51.03 1.93
CA GLU J 222 -74.24 51.13 2.97
C GLU J 222 -74.78 49.78 3.40
N GLU J 223 -74.35 48.69 2.76
CA GLU J 223 -74.77 47.34 3.12
C GLU J 223 -73.73 46.71 4.03
N LEU J 224 -74.20 45.89 4.97
CA LEU J 224 -73.31 45.21 5.89
C LEU J 224 -72.32 44.36 5.11
N TYR J 225 -71.04 44.47 5.46
CA TYR J 225 -69.98 43.81 4.71
C TYR J 225 -69.74 42.39 5.22
N TYR J 226 -69.38 42.27 6.49
CA TYR J 226 -68.98 40.96 7.01
C TYR J 226 -70.17 40.04 7.20
N ILE J 227 -71.37 40.58 7.39
CA ILE J 227 -72.57 39.74 7.39
C ILE J 227 -72.75 39.09 6.02
N LYS J 228 -72.57 39.87 4.95
CA LYS J 228 -72.64 39.31 3.60
C LYS J 228 -71.53 38.28 3.41
N GLN J 229 -70.34 38.56 3.95
CA GLN J 229 -69.18 37.65 3.80
C GLN J 229 -69.46 36.34 4.54
N LEU J 230 -70.15 36.37 5.69
CA LEU J 230 -70.53 35.17 6.42
C LEU J 230 -71.61 34.40 5.68
N ASN J 231 -72.60 35.11 5.13
CA ASN J 231 -73.67 34.44 4.40
C ASN J 231 -73.12 33.72 3.18
N GLU J 232 -72.23 34.38 2.43
CA GLU J 232 -71.65 33.75 1.26
C GLU J 232 -70.77 32.57 1.65
N MET J 233 -70.04 32.70 2.76
CA MET J 233 -69.22 31.59 3.24
C MET J 233 -70.08 30.39 3.61
N ARG J 234 -71.21 30.63 4.28
CA ARG J 234 -72.14 29.54 4.58
C ARG J 234 -72.68 28.91 3.31
N GLU J 235 -73.02 29.74 2.32
CA GLU J 235 -73.54 29.21 1.06
C GLU J 235 -72.51 28.33 0.37
N LEU J 236 -71.24 28.77 0.36
CA LEU J 236 -70.18 28.01 -0.28
C LEU J 236 -69.61 26.91 0.60
N GLY J 237 -69.92 26.90 1.89
CA GLY J 237 -69.43 25.89 2.80
C GLY J 237 -68.01 26.08 3.28
N THR J 238 -67.37 27.19 2.93
CA THR J 238 -66.02 27.45 3.39
C THR J 238 -66.04 27.95 4.84
N SER J 239 -64.86 28.08 5.42
CA SER J 239 -64.70 28.48 6.81
C SER J 239 -63.77 29.66 7.02
N ASN J 240 -62.71 29.75 6.23
CA ASN J 240 -61.69 30.77 6.45
C ASN J 240 -62.20 32.14 6.02
N LEU J 241 -62.02 33.13 6.89
CA LEU J 241 -62.45 34.50 6.65
C LEU J 241 -61.22 35.39 6.56
N ASN J 242 -60.98 35.97 5.38
CA ASN J 242 -59.86 36.88 5.19
C ASN J 242 -60.23 38.25 5.75
N LEU J 243 -59.48 38.69 6.76
CA LEU J 243 -59.74 39.94 7.45
C LEU J 243 -58.62 40.93 7.18
N ASP J 244 -58.99 42.19 6.96
CA ASP J 244 -58.02 43.27 6.78
C ASP J 244 -57.92 44.06 8.07
N ALA J 245 -56.69 44.36 8.49
CA ALA J 245 -56.48 44.99 9.80
C ALA J 245 -57.10 46.38 9.84
N ARG J 246 -56.97 47.15 8.76
CA ARG J 246 -57.41 48.55 8.78
C ARG J 246 -58.88 48.67 9.14
N ASN J 247 -59.69 47.70 8.74
CA ASN J 247 -61.12 47.76 9.05
C ASN J 247 -61.35 47.81 10.54
N LEU J 248 -60.45 47.24 11.34
CA LEU J 248 -60.54 47.39 12.78
C LEU J 248 -60.30 48.83 13.21
N LEU J 249 -59.35 49.50 12.57
CA LEU J 249 -59.11 50.91 12.87
C LEU J 249 -60.24 51.80 12.35
N ALA J 250 -61.05 51.30 11.42
CA ALA J 250 -62.16 52.08 10.90
C ALA J 250 -63.32 52.20 11.87
N TYR J 251 -63.49 51.23 12.77
CA TYR J 251 -64.61 51.21 13.71
C TYR J 251 -64.13 51.72 15.07
N LYS J 252 -64.87 52.69 15.62
CA LYS J 252 -64.45 53.31 16.88
C LYS J 252 -64.17 52.28 17.95
N GLN J 253 -64.99 51.23 18.03
CA GLN J 253 -64.89 50.28 19.13
C GLN J 253 -63.55 49.55 19.13
N THR J 254 -63.03 49.22 17.95
CA THR J 254 -62.02 48.18 17.82
C THR J 254 -60.59 48.68 17.69
N GLU J 255 -60.31 49.93 18.06
CA GLU J 255 -58.92 50.39 18.04
C GLU J 255 -58.07 49.57 19.01
N ASP J 256 -58.57 49.40 20.23
CA ASP J 256 -57.84 48.60 21.22
C ASP J 256 -57.73 47.15 20.77
N LEU J 257 -58.78 46.62 20.12
CA LEU J 257 -58.70 45.28 19.59
C LEU J 257 -57.61 45.15 18.53
N TYR J 258 -57.50 46.15 17.65
CA TYR J 258 -56.44 46.14 16.63
C TYR J 258 -55.07 46.15 17.28
N HIS J 259 -54.86 47.02 18.26
CA HIS J 259 -53.55 47.07 18.92
C HIS J 259 -53.25 45.76 19.63
N GLN J 260 -54.24 45.19 20.31
CA GLN J 260 -54.03 43.91 20.99
C GLN J 260 -53.69 42.82 19.99
N LEU J 261 -54.39 42.79 18.85
CA LEU J 261 -54.04 41.84 17.80
C LEU J 261 -52.59 41.99 17.41
N LEU J 262 -52.13 43.23 17.22
CA LEU J 262 -50.74 43.45 16.84
C LEU J 262 -49.76 43.11 17.95
N ASN J 263 -50.20 43.09 19.21
CA ASN J 263 -49.31 42.82 20.33
C ASN J 263 -49.48 41.44 20.95
N TYR J 264 -50.69 40.89 20.96
CA TYR J 264 -50.96 39.55 21.48
C TYR J 264 -51.74 38.75 20.45
N PRO J 265 -51.09 38.41 19.32
CA PRO J 265 -51.85 37.83 18.21
C PRO J 265 -52.53 36.51 18.53
N GLN J 266 -51.92 35.67 19.36
CA GLN J 266 -52.44 34.33 19.56
C GLN J 266 -53.83 34.36 20.21
N GLU J 267 -53.93 34.99 21.39
CA GLU J 267 -55.19 35.01 22.11
C GLU J 267 -56.26 35.77 21.33
N VAL J 268 -55.87 36.87 20.69
CA VAL J 268 -56.82 37.66 19.93
C VAL J 268 -57.36 36.86 18.75
N ILE J 269 -56.48 36.12 18.06
CA ILE J 269 -56.94 35.28 16.96
C ILE J 269 -57.87 34.19 17.47
N SER J 270 -57.57 33.64 18.66
CA SER J 270 -58.44 32.62 19.23
C SER J 270 -59.84 33.17 19.48
N ILE J 271 -59.93 34.33 20.13
CA ILE J 271 -61.24 34.89 20.42
C ILE J 271 -61.95 35.27 19.14
N MET J 272 -61.20 35.73 18.13
CA MET J 272 -61.79 36.02 16.82
C MET J 272 -62.40 34.76 16.21
N ASP J 273 -61.67 33.65 16.26
CA ASP J 273 -62.18 32.40 15.69
C ASP J 273 -63.47 32.00 16.37
N GLN J 274 -63.49 32.03 17.72
CA GLN J 274 -64.70 31.62 18.41
C GLN J 274 -65.85 32.58 18.13
N THR J 275 -65.57 33.88 18.05
CA THR J 275 -66.63 34.83 17.74
C THR J 275 -67.20 34.57 16.35
N ILE J 276 -66.33 34.23 15.39
CA ILE J 276 -66.81 33.90 14.06
C ILE J 276 -67.75 32.69 14.12
N LYS J 277 -67.33 31.63 14.83
CA LYS J 277 -68.19 30.46 14.92
C LYS J 277 -69.51 30.78 15.61
N ASP J 278 -69.45 31.56 16.69
CA ASP J 278 -70.65 31.88 17.46
C ASP J 278 -71.63 32.70 16.62
N CYS J 279 -71.12 33.70 15.90
CA CYS J 279 -72.00 34.49 15.05
C CYS J 279 -72.56 33.65 13.90
N MET J 280 -71.75 32.72 13.37
CA MET J 280 -72.24 31.86 12.32
C MET J 280 -73.43 31.03 12.80
N VAL J 281 -73.31 30.42 13.97
CA VAL J 281 -74.43 29.63 14.50
C VAL J 281 -75.61 30.53 14.86
N SER J 282 -75.32 31.72 15.39
CA SER J 282 -76.39 32.62 15.82
C SER J 282 -77.19 33.11 14.62
N LEU J 283 -76.55 33.29 13.46
CA LEU J 283 -77.28 33.71 12.28
C LEU J 283 -78.37 32.71 11.93
N ILE J 284 -78.01 31.42 11.87
CA ILE J 284 -79.01 30.39 11.57
C ILE J 284 -80.05 30.32 12.67
N VAL J 285 -79.63 30.41 13.93
CA VAL J 285 -80.57 30.30 15.04
C VAL J 285 -81.62 31.41 14.95
N ASP J 286 -81.18 32.64 14.69
CA ASP J 286 -82.11 33.77 14.65
C ASP J 286 -82.96 33.76 13.40
N ASN J 287 -82.38 33.38 12.26
CA ASN J 287 -83.08 33.42 10.98
C ASN J 287 -83.85 32.14 10.69
N ASN J 288 -83.89 31.20 11.63
CA ASN J 288 -84.66 29.96 11.54
C ASN J 288 -84.67 29.40 10.12
N LEU J 289 -83.48 29.34 9.54
CA LEU J 289 -83.33 28.81 8.19
C LEU J 289 -83.40 27.28 8.21
N ASP J 290 -83.60 26.71 7.03
CA ASP J 290 -83.68 25.26 6.89
C ASP J 290 -82.31 24.59 6.84
N TYR J 291 -81.23 25.38 6.81
CA TYR J 291 -79.89 24.79 6.75
C TYR J 291 -79.59 23.99 8.01
N ASP J 292 -78.91 22.87 7.83
CA ASP J 292 -78.61 21.98 8.95
C ASP J 292 -77.66 22.66 9.93
N LEU J 293 -77.93 22.50 11.22
CA LEU J 293 -77.10 23.07 12.27
C LEU J 293 -75.99 22.13 12.70
N ASP J 294 -76.22 20.82 12.64
CA ASP J 294 -75.19 19.86 13.04
C ASP J 294 -73.95 20.01 12.18
N GLU J 295 -74.12 20.22 10.87
CA GLU J 295 -72.98 20.41 9.99
C GLU J 295 -72.17 21.64 10.39
N ILE J 296 -72.86 22.74 10.70
CA ILE J 296 -72.16 23.95 11.12
C ILE J 296 -71.40 23.71 12.41
N GLU J 297 -72.03 23.02 13.37
CA GLU J 297 -71.35 22.74 14.63
C GLU J 297 -70.08 21.93 14.45
N THR J 298 -69.96 21.19 13.34
CA THR J 298 -68.81 20.32 13.14
C THR J 298 -67.59 21.05 12.61
N LYS J 299 -67.74 22.28 12.14
CA LYS J 299 -66.68 22.96 11.40
C LYS J 299 -65.79 23.79 12.32
N PHE J 300 -64.49 23.74 12.05
CA PHE J 300 -63.52 24.63 12.68
C PHE J 300 -63.45 25.91 11.85
N TYR J 301 -63.56 27.06 12.50
CA TYR J 301 -63.61 28.33 11.80
C TYR J 301 -62.37 29.15 12.14
N LYS J 302 -61.95 29.98 11.19
CA LYS J 302 -60.66 30.65 11.27
C LYS J 302 -60.75 32.04 10.66
N VAL J 303 -59.77 32.87 11.01
CA VAL J 303 -59.61 34.20 10.44
C VAL J 303 -58.15 34.36 10.02
N ARG J 304 -57.93 35.08 8.92
CA ARG J 304 -56.60 35.22 8.33
C ARG J 304 -56.28 36.70 8.15
N PRO J 305 -55.83 37.37 9.20
CA PRO J 305 -55.50 38.80 9.08
C PRO J 305 -54.31 39.01 8.16
N TYR J 306 -54.30 40.17 7.50
CA TYR J 306 -53.22 40.57 6.62
C TYR J 306 -53.14 42.09 6.59
N ASN J 307 -52.02 42.59 6.09
CA ASN J 307 -51.78 44.03 6.02
C ASN J 307 -51.88 44.64 7.42
N VAL J 308 -50.97 44.22 8.30
CA VAL J 308 -51.00 44.58 9.71
C VAL J 308 -49.94 45.63 10.03
N GLY J 309 -49.49 46.39 9.03
CA GLY J 309 -48.46 47.38 9.23
C GLY J 309 -47.36 47.26 8.19
N SER J 310 -46.54 48.30 8.06
CA SER J 310 -45.47 48.29 7.07
C SER J 310 -44.60 47.06 7.23
N CYS J 311 -44.40 46.35 6.13
CA CYS J 311 -43.59 45.13 6.17
C CYS J 311 -42.17 45.47 6.61
N LYS J 312 -41.64 44.69 7.54
CA LYS J 312 -40.29 44.90 8.05
C LYS J 312 -39.31 44.12 7.19
N GLY J 313 -38.05 44.07 7.61
CA GLY J 313 -37.02 43.33 6.91
C GLY J 313 -36.51 42.17 7.76
N MET J 314 -36.08 41.11 7.09
CA MET J 314 -35.57 39.95 7.80
C MET J 314 -34.36 40.29 8.65
N ARG J 315 -33.59 41.30 8.24
CA ARG J 315 -32.42 41.73 8.99
C ARG J 315 -32.76 42.66 10.15
N GLU J 316 -33.99 43.16 10.21
CA GLU J 316 -34.40 44.08 11.25
C GLU J 316 -35.20 43.41 12.36
N LEU J 317 -35.25 42.07 12.37
CA LEU J 317 -36.01 41.34 13.38
C LEU J 317 -35.13 41.20 14.62
N ASN J 318 -35.42 42.00 15.64
CA ASN J 318 -34.72 41.99 16.91
C ASN J 318 -35.50 41.16 17.92
N PRO J 319 -34.90 40.85 19.07
CA PRO J 319 -35.63 40.08 20.09
C PRO J 319 -36.87 40.77 20.60
N ASN J 320 -37.00 42.09 20.41
CA ASN J 320 -38.18 42.80 20.87
C ASN J 320 -39.46 42.34 20.18
N ASP J 321 -39.34 41.65 19.05
CA ASP J 321 -40.48 41.26 18.24
C ASP J 321 -40.96 39.84 18.52
N ILE J 322 -40.39 39.16 19.50
CA ILE J 322 -40.74 37.77 19.75
C ILE J 322 -42.16 37.70 20.30
N ASP J 323 -42.97 36.81 19.73
CA ASP J 323 -44.41 36.76 19.97
C ASP J 323 -45.08 38.09 19.62
N LYS J 324 -44.96 38.48 18.36
CA LYS J 324 -45.64 39.66 17.85
C LYS J 324 -45.88 39.49 16.35
N LEU J 325 -46.99 40.03 15.87
CA LEU J 325 -47.35 39.88 14.47
C LEU J 325 -46.47 40.75 13.58
N ILE J 326 -45.92 40.14 12.53
CA ILE J 326 -45.02 40.82 11.60
C ILE J 326 -45.41 40.47 10.17
N ASN J 327 -44.91 41.26 9.24
CA ASN J 327 -45.13 41.06 7.82
C ASN J 327 -43.78 40.93 7.12
N LEU J 328 -43.63 39.87 6.32
CA LEU J 328 -42.39 39.59 5.61
C LEU J 328 -42.68 39.38 4.14
N LYS J 329 -41.92 40.05 3.28
CA LYS J 329 -41.94 39.85 1.84
C LYS J 329 -40.65 39.14 1.45
N GLY J 330 -40.78 37.96 0.85
CA GLY J 330 -39.61 37.17 0.51
C GLY J 330 -39.92 36.16 -0.57
N LEU J 331 -38.85 35.58 -1.11
CA LEU J 331 -38.95 34.63 -2.20
C LEU J 331 -38.86 33.21 -1.63
N VAL J 332 -39.87 32.39 -1.91
CA VAL J 332 -39.84 31.00 -1.47
C VAL J 332 -38.60 30.33 -2.06
N LEU J 333 -38.05 29.37 -1.32
CA LEU J 333 -36.84 28.70 -1.75
C LEU J 333 -36.99 27.19 -1.67
N ARG J 334 -37.86 26.70 -0.80
CA ARG J 334 -38.07 25.27 -0.63
C ARG J 334 -39.25 25.05 0.31
N SER J 335 -39.75 23.82 0.31
CA SER J 335 -40.89 23.47 1.14
C SER J 335 -40.86 21.97 1.41
N THR J 336 -40.80 21.59 2.69
CA THR J 336 -40.69 20.20 3.06
C THR J 336 -42.03 19.48 2.87
N PRO J 337 -42.01 18.15 2.80
CA PRO J 337 -43.28 17.41 2.69
C PRO J 337 -44.13 17.58 3.93
N VAL J 338 -45.42 17.31 3.76
CA VAL J 338 -46.38 17.51 4.85
C VAL J 338 -45.96 16.69 6.06
N ILE J 339 -45.96 17.32 7.23
CA ILE J 339 -45.57 16.70 8.48
C ILE J 339 -46.84 16.42 9.28
N PRO J 340 -47.04 15.20 9.78
CA PRO J 340 -48.23 14.92 10.60
C PRO J 340 -48.03 15.40 12.04
N ASP J 341 -48.82 16.40 12.43
CA ASP J 341 -48.75 16.97 13.77
C ASP J 341 -49.93 16.47 14.58
N MET J 342 -49.65 15.97 15.78
CA MET J 342 -50.64 15.27 16.58
C MET J 342 -51.54 16.25 17.32
N LYS J 343 -52.85 15.97 17.28
CA LYS J 343 -53.86 16.74 18.00
C LYS J 343 -54.40 15.99 19.20
N VAL J 344 -54.88 14.77 19.00
CA VAL J 344 -55.53 13.98 20.05
C VAL J 344 -54.88 12.61 20.06
N ALA J 345 -54.43 12.18 21.25
CA ALA J 345 -53.83 10.87 21.40
C ALA J 345 -54.91 9.83 21.67
N PHE J 346 -54.63 8.59 21.28
CA PHE J 346 -55.57 7.48 21.40
C PHE J 346 -54.88 6.36 22.17
N PHE J 347 -55.52 5.91 23.25
CA PHE J 347 -54.95 4.90 24.13
C PHE J 347 -55.92 3.73 24.28
N LYS J 348 -55.36 2.53 24.44
CA LYS J 348 -56.14 1.31 24.57
C LYS J 348 -55.57 0.45 25.69
N CYS J 349 -56.46 -0.17 26.47
CA CYS J 349 -56.03 -1.04 27.55
C CYS J 349 -55.69 -2.43 27.01
N ASN J 350 -54.83 -3.13 27.74
CA ASN J 350 -54.40 -4.47 27.37
C ASN J 350 -55.14 -5.56 28.14
N VAL J 351 -56.08 -5.21 29.02
CA VAL J 351 -56.79 -6.22 29.80
C VAL J 351 -58.30 -5.98 29.76
N CYS J 352 -58.74 -4.81 29.28
CA CYS J 352 -60.16 -4.55 29.12
C CYS J 352 -60.53 -4.03 27.74
N ASP J 353 -59.56 -3.71 26.90
CA ASP J 353 -59.82 -3.21 25.54
C ASP J 353 -60.66 -1.93 25.57
N HIS J 354 -60.47 -1.10 26.59
CA HIS J 354 -61.17 0.16 26.72
C HIS J 354 -60.29 1.29 26.17
N THR J 355 -60.87 2.14 25.33
CA THR J 355 -60.15 3.21 24.68
C THR J 355 -60.75 4.56 25.06
N MET J 356 -59.87 5.54 25.28
CA MET J 356 -60.29 6.92 25.49
C MET J 356 -59.25 7.83 24.89
N ALA J 357 -59.72 8.90 24.26
CA ALA J 357 -58.85 9.87 23.58
C ALA J 357 -58.56 11.02 24.52
N VAL J 358 -57.28 11.37 24.65
CA VAL J 358 -56.83 12.45 25.51
C VAL J 358 -56.17 13.51 24.66
N GLU J 359 -56.61 14.76 24.83
CA GLU J 359 -56.08 15.86 24.04
C GLU J 359 -54.60 16.08 24.36
N ILE J 360 -53.97 16.97 23.59
CA ILE J 360 -52.56 17.29 23.73
C ILE J 360 -52.45 18.78 24.01
N ASP J 361 -51.46 19.15 24.81
CA ASP J 361 -51.19 20.54 25.17
C ASP J 361 -49.71 20.82 24.98
N ARG J 362 -49.38 21.63 23.97
CA ARG J 362 -48.01 22.06 23.74
C ARG J 362 -47.08 20.87 23.53
N GLY J 363 -47.59 19.83 22.87
CA GLY J 363 -46.75 18.71 22.48
C GLY J 363 -46.44 17.72 23.59
N VAL J 364 -47.27 17.65 24.62
CA VAL J 364 -47.08 16.70 25.71
C VAL J 364 -48.35 15.87 25.83
N ILE J 365 -48.19 14.55 25.89
CA ILE J 365 -49.32 13.64 26.03
C ILE J 365 -49.58 13.42 27.51
N GLN J 366 -50.81 13.68 27.94
CA GLN J 366 -51.22 13.45 29.32
C GLN J 366 -51.73 12.01 29.49
N GLU J 367 -50.83 11.08 29.22
CA GLU J 367 -51.23 9.67 29.19
C GLU J 367 -51.67 9.21 30.58
N PRO J 368 -52.70 8.39 30.68
CA PRO J 368 -53.22 8.01 31.99
C PRO J 368 -52.38 6.94 32.66
N ALA J 369 -52.46 6.90 33.99
CA ALA J 369 -51.79 5.90 34.80
C ALA J 369 -52.64 4.65 35.03
N ARG J 370 -53.91 4.67 34.61
CA ARG J 370 -54.81 3.54 34.79
C ARG J 370 -56.08 3.84 34.03
N CYS J 371 -56.83 2.77 33.72
CA CYS J 371 -58.05 2.92 32.96
C CYS J 371 -59.06 3.77 33.72
N GLU J 372 -59.82 4.57 32.98
CA GLU J 372 -60.91 5.34 33.57
C GLU J 372 -62.11 4.47 33.96
N ARG J 373 -62.12 3.20 33.56
CA ARG J 373 -63.21 2.30 33.91
C ARG J 373 -63.08 1.89 35.37
N ILE J 374 -64.19 1.98 36.11
CA ILE J 374 -64.19 1.59 37.51
C ILE J 374 -63.95 0.08 37.64
N ASP J 375 -64.60 -0.71 36.79
CA ASP J 375 -64.47 -2.17 36.89
C ASP J 375 -63.03 -2.61 36.69
N CYS J 376 -62.41 -2.16 35.61
CA CYS J 376 -60.99 -2.43 35.32
C CYS J 376 -60.22 -1.16 35.67
N ASN J 377 -59.57 -1.17 36.84
CA ASN J 377 -58.76 -0.05 37.29
C ASN J 377 -57.27 -0.41 37.27
N GLU J 378 -56.90 -1.35 36.42
CA GLU J 378 -55.51 -1.81 36.39
C GLU J 378 -54.59 -0.66 36.04
N PRO J 379 -53.44 -0.52 36.72
CA PRO J 379 -52.56 0.61 36.45
C PRO J 379 -51.48 0.29 35.43
N ASN J 380 -51.03 1.35 34.74
CA ASN J 380 -49.91 1.26 33.81
C ASN J 380 -50.13 0.15 32.78
N SER J 381 -51.30 0.17 32.15
CA SER J 381 -51.66 -0.78 31.11
C SER J 381 -52.22 -0.04 29.90
N MET J 382 -51.56 1.05 29.54
CA MET J 382 -51.94 1.89 28.41
C MET J 382 -50.94 1.73 27.29
N SER J 383 -51.43 1.64 26.07
CA SER J 383 -50.60 1.64 24.87
C SER J 383 -51.11 2.69 23.90
N LEU J 384 -50.18 3.23 23.10
CA LEU J 384 -50.49 4.27 22.13
C LEU J 384 -50.67 3.63 20.76
N ILE J 385 -51.90 3.65 20.26
CA ILE J 385 -52.21 3.16 18.92
C ILE J 385 -51.97 4.33 17.97
N HIS J 386 -50.81 4.30 17.30
CA HIS J 386 -50.37 5.48 16.55
C HIS J 386 -51.33 5.83 15.42
N ASN J 387 -51.91 4.82 14.77
CA ASN J 387 -52.74 5.05 13.60
C ASN J 387 -54.17 5.42 13.92
N ARG J 388 -54.56 5.41 15.20
CA ARG J 388 -55.89 5.81 15.60
C ARG J 388 -55.92 7.18 16.26
N CYS J 389 -54.77 7.84 16.40
CA CYS J 389 -54.74 9.20 16.89
C CYS J 389 -55.31 10.15 15.84
N SER J 390 -55.33 11.44 16.18
CA SER J 390 -55.74 12.49 15.26
C SER J 390 -54.55 13.38 14.96
N PHE J 391 -54.37 13.70 13.68
CA PHE J 391 -53.23 14.48 13.23
C PHE J 391 -53.70 15.69 12.44
N ALA J 392 -52.83 16.70 12.38
CA ALA J 392 -53.09 17.91 11.62
C ALA J 392 -51.90 18.16 10.70
N ASP J 393 -52.16 18.91 9.63
CA ASP J 393 -51.16 19.14 8.59
C ASP J 393 -50.22 20.27 9.01
N LYS J 394 -48.92 20.00 8.92
CA LYS J 394 -47.90 21.01 9.13
C LYS J 394 -46.88 20.93 8.00
N GLN J 395 -46.24 22.07 7.72
CA GLN J 395 -45.25 22.15 6.68
C GLN J 395 -44.27 23.26 7.01
N VAL J 396 -43.01 23.04 6.66
CA VAL J 396 -41.93 24.00 6.93
C VAL J 396 -41.44 24.53 5.60
N ILE J 397 -41.45 25.86 5.46
CA ILE J 397 -41.00 26.53 4.25
C ILE J 397 -39.75 27.34 4.59
N LYS J 398 -38.91 27.56 3.58
CA LYS J 398 -37.76 28.44 3.70
C LYS J 398 -37.98 29.68 2.85
N LEU J 399 -37.68 30.85 3.39
CA LEU J 399 -37.92 32.12 2.74
C LEU J 399 -36.61 32.90 2.63
N GLN J 400 -36.48 33.64 1.54
CA GLN J 400 -35.32 34.50 1.30
C GLN J 400 -35.83 35.87 0.85
N GLU J 401 -35.10 36.91 1.26
CA GLU J 401 -35.59 38.27 1.09
C GLU J 401 -35.54 38.71 -0.37
N THR J 402 -36.29 39.78 -0.66
CA THR J 402 -36.36 40.30 -2.01
C THR J 402 -35.06 41.02 -2.37
N PRO J 403 -34.74 41.12 -3.66
CA PRO J 403 -33.48 41.79 -4.05
C PRO J 403 -33.40 43.23 -3.59
N ASP J 404 -34.51 43.97 -3.62
CA ASP J 404 -34.46 45.39 -3.29
C ASP J 404 -34.16 45.64 -1.82
N PHE J 405 -34.35 44.65 -0.95
CA PHE J 405 -34.04 44.81 0.47
C PHE J 405 -32.56 44.66 0.78
N VAL J 406 -31.76 44.16 -0.15
CA VAL J 406 -30.33 43.98 0.07
C VAL J 406 -29.67 45.36 0.01
N PRO J 407 -28.95 45.78 1.05
CA PRO J 407 -28.40 47.16 1.03
C PRO J 407 -27.21 47.31 0.10
N ASP J 408 -26.28 46.35 0.09
CA ASP J 408 -25.07 46.43 -0.70
C ASP J 408 -25.00 45.39 -1.81
N GLY J 409 -25.50 44.19 -1.56
CA GLY J 409 -25.45 43.13 -2.54
C GLY J 409 -24.91 41.83 -1.98
N GLN J 410 -24.81 41.74 -0.67
CA GLN J 410 -24.29 40.54 -0.02
C GLN J 410 -25.28 39.39 -0.19
N THR J 411 -24.92 38.24 0.37
CA THR J 411 -25.77 37.06 0.26
C THR J 411 -27.06 37.29 1.05
N PRO J 412 -28.24 37.17 0.44
CA PRO J 412 -29.48 37.34 1.19
C PRO J 412 -29.59 36.31 2.31
N HIS J 413 -30.18 36.73 3.42
CA HIS J 413 -30.39 35.84 4.56
C HIS J 413 -31.62 34.98 4.33
N SER J 414 -31.82 34.00 5.22
CA SER J 414 -32.93 33.06 5.10
C SER J 414 -33.64 32.92 6.44
N ILE J 415 -34.97 32.90 6.39
CA ILE J 415 -35.81 32.69 7.57
C ILE J 415 -36.72 31.51 7.28
N SER J 416 -37.06 30.78 8.34
CA SER J 416 -37.89 29.58 8.25
C SER J 416 -39.31 29.89 8.69
N LEU J 417 -40.28 29.28 8.02
CA LEU J 417 -41.69 29.49 8.31
C LEU J 417 -42.34 28.16 8.71
N CYS J 418 -43.58 28.26 9.18
CA CYS J 418 -44.39 27.10 9.51
C CYS J 418 -45.85 27.41 9.17
N VAL J 419 -46.46 26.57 8.35
CA VAL J 419 -47.83 26.77 7.88
C VAL J 419 -48.65 25.54 8.26
N TYR J 420 -49.86 25.78 8.75
CA TYR J 420 -50.73 24.73 9.24
C TYR J 420 -52.06 24.76 8.52
N ASP J 421 -52.62 23.58 8.29
CA ASP J 421 -53.99 23.42 7.78
C ASP J 421 -54.06 23.99 6.36
N GLU J 422 -55.05 24.81 6.02
CA GLU J 422 -55.33 25.14 4.62
C GLU J 422 -54.22 25.96 3.96
N LEU J 423 -53.27 26.49 4.73
CA LEU J 423 -52.13 27.16 4.13
C LEU J 423 -51.04 26.20 3.72
N VAL J 424 -51.21 24.90 3.96
CA VAL J 424 -50.22 23.91 3.55
C VAL J 424 -50.22 23.82 2.02
N ASP J 425 -49.02 23.81 1.43
CA ASP J 425 -48.87 23.78 -0.02
C ASP J 425 -49.60 24.96 -0.67
N SER J 426 -49.53 26.12 -0.01
CA SER J 426 -50.14 27.34 -0.52
C SER J 426 -49.20 28.14 -1.40
N CYS J 427 -47.96 27.71 -1.57
CA CYS J 427 -46.99 28.44 -2.37
C CYS J 427 -45.94 27.47 -2.89
N ARG J 428 -45.51 27.69 -4.12
CA ARG J 428 -44.50 26.84 -4.77
C ARG J 428 -43.15 27.53 -4.76
N ALA J 429 -42.10 26.74 -4.96
CA ALA J 429 -40.75 27.27 -4.92
C ALA J 429 -40.56 28.35 -5.97
N GLY J 430 -39.80 29.38 -5.62
CA GLY J 430 -39.52 30.47 -6.53
C GLY J 430 -40.58 31.55 -6.61
N ASP J 431 -41.61 31.47 -5.77
CA ASP J 431 -42.69 32.45 -5.79
C ASP J 431 -42.35 33.63 -4.89
N ARG J 432 -42.85 34.81 -5.28
CA ARG J 432 -42.77 36.00 -4.44
C ARG J 432 -44.05 36.10 -3.62
N ILE J 433 -43.92 35.99 -2.31
CA ILE J 433 -45.07 35.95 -1.42
C ILE J 433 -44.89 36.96 -0.29
N GLU J 434 -46.01 37.42 0.25
CA GLU J 434 -46.05 38.27 1.43
C GLU J 434 -46.74 37.49 2.53
N VAL J 435 -46.03 37.28 3.64
CA VAL J 435 -46.46 36.36 4.69
C VAL J 435 -46.70 37.14 5.97
N THR J 436 -47.83 36.90 6.61
CA THR J 436 -48.17 37.49 7.89
C THR J 436 -48.21 36.40 8.95
N GLY J 437 -47.44 36.58 10.02
CA GLY J 437 -47.37 35.58 11.05
C GLY J 437 -46.82 36.14 12.35
N THR J 438 -46.70 35.26 13.34
CA THR J 438 -46.18 35.60 14.64
C THR J 438 -44.72 35.19 14.72
N PHE J 439 -43.84 36.15 15.04
CA PHE J 439 -42.43 35.87 15.18
C PHE J 439 -42.18 35.15 16.48
N ARG J 440 -42.00 33.82 16.40
CA ARG J 440 -41.83 32.98 17.59
C ARG J 440 -40.37 32.55 17.70
N SER J 441 -40.05 31.97 18.86
CA SER J 441 -38.71 31.47 19.14
C SER J 441 -38.83 30.25 20.04
N ILE J 442 -38.02 29.24 19.76
CA ILE J 442 -38.13 27.95 20.46
C ILE J 442 -36.74 27.50 20.91
N PRO J 443 -36.61 26.91 22.10
CA PRO J 443 -35.31 26.39 22.52
C PRO J 443 -34.94 25.13 21.74
N ILE J 444 -33.64 24.87 21.67
CA ILE J 444 -33.09 23.70 20.98
C ILE J 444 -32.39 22.83 22.02
N ARG J 445 -32.69 21.53 21.99
CA ARG J 445 -32.03 20.59 22.89
C ARG J 445 -30.58 20.37 22.47
N ALA J 446 -29.71 20.20 23.46
CA ALA J 446 -28.30 19.99 23.16
C ALA J 446 -28.06 18.63 22.50
N ASN J 447 -28.82 17.62 22.88
CA ASN J 447 -28.66 16.28 22.33
C ASN J 447 -29.98 15.53 22.48
N SER J 448 -30.09 14.42 21.74
CA SER J 448 -31.30 13.63 21.69
C SER J 448 -31.42 12.65 22.84
N ARG J 449 -30.71 12.87 23.94
CA ARG J 449 -30.74 11.99 25.10
C ARG J 449 -31.24 12.68 26.36
N GLN J 450 -30.70 13.86 26.67
CA GLN J 450 -31.01 14.58 27.89
C GLN J 450 -31.99 15.71 27.61
N ARG J 451 -32.25 16.53 28.63
CA ARG J 451 -33.15 17.68 28.53
C ARG J 451 -32.39 19.00 28.50
N VAL J 452 -31.07 18.98 28.34
CA VAL J 452 -30.30 20.21 28.32
C VAL J 452 -30.56 20.96 27.03
N LEU J 453 -30.72 22.28 27.13
CA LEU J 453 -31.04 23.14 25.99
C LEU J 453 -29.92 24.15 25.79
N LYS J 454 -29.64 24.47 24.53
CA LYS J 454 -28.67 25.50 24.21
C LYS J 454 -29.22 26.87 24.57
N SER J 455 -28.34 27.75 25.07
CA SER J 455 -28.77 29.09 25.45
C SER J 455 -29.28 29.88 24.26
N LEU J 456 -28.75 29.61 23.06
CA LEU J 456 -29.21 30.31 21.86
C LEU J 456 -30.58 29.78 21.44
N TYR J 457 -31.51 30.69 21.22
CA TYR J 457 -32.85 30.35 20.77
C TYR J 457 -32.94 30.55 19.26
N LYS J 458 -33.65 29.61 18.61
CA LYS J 458 -33.85 29.62 17.15
C LYS J 458 -35.19 30.25 16.85
N THR J 459 -35.28 31.09 15.84
CA THR J 459 -36.49 31.82 15.49
C THR J 459 -37.16 31.21 14.26
N TYR J 460 -38.42 31.58 14.06
CA TYR J 460 -39.18 31.20 12.87
C TYR J 460 -40.46 32.04 12.88
N VAL J 461 -41.31 31.82 11.89
CA VAL J 461 -42.54 32.57 11.72
C VAL J 461 -43.70 31.58 11.67
N ASP J 462 -44.71 31.83 12.49
CA ASP J 462 -45.95 31.04 12.49
C ASP J 462 -46.96 31.78 11.62
N VAL J 463 -47.16 31.28 10.41
CA VAL J 463 -47.92 31.99 9.39
C VAL J 463 -49.41 31.83 9.66
N VAL J 464 -50.16 32.90 9.41
CA VAL J 464 -51.61 32.86 9.45
C VAL J 464 -52.26 33.30 8.14
N HIS J 465 -51.51 33.93 7.23
CA HIS J 465 -52.05 34.36 5.95
C HIS J 465 -50.90 34.47 4.96
N VAL J 466 -51.16 34.10 3.71
CA VAL J 466 -50.17 34.17 2.65
C VAL J 466 -50.82 34.82 1.43
N LYS J 467 -50.06 35.70 0.77
CA LYS J 467 -50.48 36.34 -0.47
C LYS J 467 -49.36 36.25 -1.48
N LYS J 468 -49.73 36.08 -2.74
CA LYS J 468 -48.76 35.95 -3.83
C LYS J 468 -48.74 37.23 -4.65
N VAL J 469 -47.55 37.76 -4.90
CA VAL J 469 -47.39 38.98 -5.68
C VAL J 469 -46.31 38.78 -6.74
N ILE J 501 -62.29 30.79 -18.84
CA ILE J 501 -63.05 31.28 -19.98
C ILE J 501 -64.49 31.54 -19.57
N THR J 502 -65.08 32.59 -20.12
CA THR J 502 -66.45 32.97 -19.82
C THR J 502 -67.22 33.18 -21.12
N ASP J 503 -68.55 33.22 -21.00
CA ASP J 503 -69.38 33.46 -22.17
C ASP J 503 -68.98 34.75 -22.88
N GLN J 504 -68.61 35.78 -22.12
CA GLN J 504 -68.13 37.01 -22.72
C GLN J 504 -66.84 36.79 -23.49
N ASP J 505 -65.92 36.01 -22.93
CA ASP J 505 -64.68 35.69 -23.63
C ASP J 505 -64.96 34.93 -24.92
N LEU J 506 -65.87 33.96 -24.85
CA LEU J 506 -66.23 33.21 -26.06
C LEU J 506 -66.84 34.14 -27.10
N ALA J 507 -67.71 35.05 -26.69
CA ALA J 507 -68.33 35.98 -27.64
C ALA J 507 -67.28 36.87 -28.29
N LYS J 508 -66.34 37.38 -27.49
CA LYS J 508 -65.26 38.18 -28.06
C LYS J 508 -64.44 37.37 -29.04
N ILE J 509 -64.18 36.10 -28.71
CA ILE J 509 -63.39 35.25 -29.60
C ILE J 509 -64.13 35.06 -30.93
N ARG J 510 -65.44 34.83 -30.87
CA ARG J 510 -66.19 34.71 -32.13
C ARG J 510 -66.14 36.02 -32.91
N GLU J 511 -66.23 37.16 -32.21
CA GLU J 511 -66.21 38.44 -32.89
C GLU J 511 -64.88 38.66 -33.61
N VAL J 512 -63.76 38.32 -32.97
CA VAL J 512 -62.47 38.46 -33.64
C VAL J 512 -62.35 37.45 -34.77
N ALA J 513 -62.87 36.23 -34.57
CA ALA J 513 -62.77 35.21 -35.61
C ALA J 513 -63.51 35.63 -36.87
N ALA J 514 -64.70 36.25 -36.71
CA ALA J 514 -65.47 36.67 -37.87
C ALA J 514 -64.79 37.77 -38.67
N ARG J 515 -63.75 38.40 -38.12
CA ARG J 515 -63.07 39.48 -38.83
C ARG J 515 -62.49 38.98 -40.15
N GLU J 516 -62.70 39.77 -41.21
CA GLU J 516 -62.21 39.38 -42.53
C GLU J 516 -60.69 39.30 -42.56
N ASP J 517 -60.03 40.29 -41.96
CA ASP J 517 -58.56 40.34 -41.94
C ASP J 517 -58.01 39.75 -40.64
N LEU J 518 -58.37 38.50 -40.36
CA LEU J 518 -57.91 37.85 -39.14
C LEU J 518 -56.45 37.42 -39.23
N TYR J 519 -56.06 36.87 -40.39
CA TYR J 519 -54.74 36.28 -40.52
C TYR J 519 -53.65 37.30 -40.27
N SER J 520 -53.61 38.36 -41.09
CA SER J 520 -52.60 39.40 -40.92
C SER J 520 -52.69 40.04 -39.54
N LEU J 521 -53.89 40.11 -38.97
CA LEU J 521 -54.04 40.67 -37.63
C LEU J 521 -53.26 39.85 -36.61
N LEU J 522 -53.47 38.53 -36.59
CA LEU J 522 -52.72 37.70 -35.66
C LEU J 522 -51.22 37.72 -35.96
N ALA J 523 -50.86 37.72 -37.24
CA ALA J 523 -49.44 37.74 -37.61
C ALA J 523 -48.78 38.99 -37.05
N ARG J 524 -49.40 40.16 -37.26
CA ARG J 524 -48.85 41.40 -36.73
C ARG J 524 -48.80 41.37 -35.21
N SER J 525 -49.85 40.86 -34.56
CA SER J 525 -49.92 40.87 -33.11
C SER J 525 -48.92 39.92 -32.46
N ILE J 526 -48.44 38.91 -33.18
CA ILE J 526 -47.52 37.94 -32.56
C ILE J 526 -46.28 38.65 -32.03
N ALA J 527 -45.64 39.47 -32.86
CA ALA J 527 -44.37 40.11 -32.51
C ALA J 527 -44.35 41.52 -33.09
N PRO J 528 -45.02 42.47 -32.44
CA PRO J 528 -45.16 43.81 -33.03
C PRO J 528 -43.83 44.51 -33.31
N SER J 529 -42.84 44.36 -32.43
CA SER J 529 -41.63 45.15 -32.53
C SER J 529 -40.74 44.76 -33.70
N ILE J 530 -40.91 43.57 -34.26
CA ILE J 530 -40.11 43.15 -35.41
C ILE J 530 -40.64 43.85 -36.66
N TYR J 531 -39.76 44.05 -37.64
CA TYR J 531 -40.08 44.81 -38.84
C TYR J 531 -39.95 43.94 -40.07
N GLU J 532 -41.03 43.89 -40.86
CA GLU J 532 -41.01 43.36 -42.23
C GLU J 532 -40.47 41.93 -42.27
N LEU J 533 -41.17 41.04 -41.58
CA LEU J 533 -40.90 39.61 -41.63
C LEU J 533 -42.23 38.84 -41.70
N GLU J 534 -43.11 39.28 -42.58
CA GLU J 534 -44.48 38.77 -42.60
C GLU J 534 -44.52 37.26 -42.74
N ASP J 535 -43.71 36.71 -43.65
CA ASP J 535 -43.77 35.27 -43.89
C ASP J 535 -43.35 34.48 -42.66
N VAL J 536 -42.29 34.93 -41.98
CA VAL J 536 -41.81 34.24 -40.79
C VAL J 536 -42.87 34.28 -39.70
N LYS J 537 -43.48 35.46 -39.50
CA LYS J 537 -44.53 35.58 -38.48
C LYS J 537 -45.71 34.70 -38.80
N LYS J 538 -46.10 34.63 -40.08
CA LYS J 538 -47.21 33.76 -40.47
C LYS J 538 -46.90 32.30 -40.18
N GLY J 539 -45.69 31.87 -40.53
CA GLY J 539 -45.29 30.50 -40.24
C GLY J 539 -45.30 30.20 -38.76
N ILE J 540 -44.81 31.14 -37.95
CA ILE J 540 -44.78 30.94 -36.50
C ILE J 540 -46.19 30.90 -35.95
N LEU J 541 -47.09 31.73 -36.48
CA LEU J 541 -48.48 31.72 -36.05
C LEU J 541 -49.12 30.36 -36.35
N LEU J 542 -48.87 29.82 -37.53
CA LEU J 542 -49.35 28.48 -37.83
C LEU J 542 -48.76 27.47 -36.85
N GLN J 543 -47.46 27.59 -36.55
CA GLN J 543 -46.83 26.64 -35.65
C GLN J 543 -47.49 26.64 -34.28
N LEU J 544 -47.80 27.83 -33.76
CA LEU J 544 -48.38 27.93 -32.43
C LEU J 544 -49.68 27.12 -32.33
N PHE J 545 -50.58 27.30 -33.29
CA PHE J 545 -51.85 26.58 -33.26
C PHE J 545 -51.63 25.07 -33.35
N GLY J 546 -50.74 24.64 -34.24
CA GLY J 546 -50.45 23.23 -34.39
C GLY J 546 -51.54 22.49 -35.16
N GLY J 547 -51.14 21.52 -35.96
CA GLY J 547 -52.08 20.76 -36.74
C GLY J 547 -52.79 19.71 -35.91
N THR J 548 -53.82 19.12 -36.51
CA THR J 548 -54.59 18.10 -35.83
C THR J 548 -53.72 16.91 -35.47
N ASN J 549 -53.97 16.33 -34.30
CA ASN J 549 -53.28 15.13 -33.86
C ASN J 549 -54.19 13.93 -34.06
N LYS J 550 -53.63 12.85 -34.62
CA LYS J 550 -54.41 11.72 -35.08
C LYS J 550 -54.13 10.52 -34.19
N THR J 551 -55.18 9.96 -33.60
CA THR J 551 -55.12 8.68 -32.90
C THR J 551 -55.66 7.61 -33.84
N PHE J 552 -54.82 6.63 -34.18
CA PHE J 552 -55.09 5.71 -35.26
C PHE J 552 -55.13 4.27 -34.76
N THR J 553 -56.14 3.52 -35.18
CA THR J 553 -56.16 2.08 -35.03
C THR J 553 -55.83 1.45 -36.38
N LYS J 554 -55.18 0.28 -36.33
CA LYS J 554 -54.62 -0.37 -37.51
C LYS J 554 -53.54 0.47 -38.17
N GLY J 555 -53.03 1.49 -37.49
CA GLY J 555 -52.03 2.37 -38.06
C GLY J 555 -51.30 3.12 -36.98
N GLY J 556 -50.13 3.65 -37.34
CA GLY J 556 -49.32 4.38 -36.40
C GLY J 556 -49.84 5.79 -36.17
N ARG J 557 -49.30 6.41 -35.12
CA ARG J 557 -49.67 7.78 -34.78
C ARG J 557 -49.02 8.76 -35.75
N TYR J 558 -49.78 9.77 -36.15
CA TYR J 558 -49.31 10.83 -37.03
C TYR J 558 -49.32 12.14 -36.26
N ARG J 559 -48.12 12.72 -36.10
CA ARG J 559 -47.86 13.95 -35.33
C ARG J 559 -48.49 15.20 -35.96
N GLY J 560 -49.14 16.06 -35.18
CA GLY J 560 -49.66 17.31 -35.67
C GLY J 560 -48.80 18.51 -35.39
N ASP J 561 -47.54 18.33 -34.97
CA ASP J 561 -46.68 19.44 -34.63
C ASP J 561 -46.06 20.04 -35.90
N ILE J 562 -45.50 21.23 -35.74
CA ILE J 562 -44.78 21.92 -36.82
C ILE J 562 -43.43 22.34 -36.28
N ASN J 563 -42.36 21.92 -36.95
CA ASN J 563 -41.00 22.28 -36.58
C ASN J 563 -40.48 23.32 -37.56
N ILE J 564 -39.98 24.43 -37.03
CA ILE J 564 -39.49 25.53 -37.85
C ILE J 564 -38.06 25.85 -37.44
N LEU J 565 -37.20 26.11 -38.42
CA LEU J 565 -35.81 26.47 -38.20
C LEU J 565 -35.61 27.90 -38.68
N LEU J 566 -35.23 28.83 -37.79
CA LEU J 566 -35.05 30.26 -38.14
C LEU J 566 -33.55 30.47 -38.27
N CYS J 567 -32.99 30.28 -39.47
CA CYS J 567 -31.53 30.38 -39.69
C CYS J 567 -31.16 31.52 -40.63
N GLY J 568 -30.15 32.29 -40.25
CA GLY J 568 -29.65 33.37 -41.11
C GLY J 568 -28.51 34.10 -40.45
N ASP J 569 -28.17 35.29 -40.92
CA ASP J 569 -27.05 36.05 -40.40
C ASP J 569 -27.30 36.46 -38.95
N PRO J 570 -26.23 36.69 -38.19
CA PRO J 570 -26.41 37.10 -36.79
C PRO J 570 -27.01 38.48 -36.62
N SER J 571 -26.92 39.35 -37.63
CA SER J 571 -27.44 40.70 -37.49
C SER J 571 -28.96 40.69 -37.28
N THR J 572 -29.67 39.86 -38.02
CA THR J 572 -31.12 39.88 -38.00
C THR J 572 -31.66 39.48 -36.62
N SER J 573 -32.98 39.58 -36.48
CA SER J 573 -33.66 39.32 -35.21
C SER J 573 -34.19 37.90 -35.21
N LYS J 574 -33.56 37.03 -34.42
CA LYS J 574 -33.99 35.64 -34.31
C LYS J 574 -34.26 35.20 -32.88
N SER J 575 -33.44 35.64 -31.92
CA SER J 575 -33.73 35.34 -30.52
C SER J 575 -34.95 36.13 -30.05
N GLN J 576 -35.17 37.31 -30.62
CA GLN J 576 -36.39 38.08 -30.36
C GLN J 576 -37.63 37.24 -30.62
N ILE J 577 -37.67 36.57 -31.77
CA ILE J 577 -38.86 35.81 -32.16
C ILE J 577 -39.04 34.62 -31.24
N LEU J 578 -37.94 33.97 -30.85
CA LEU J 578 -38.05 32.86 -29.90
C LEU J 578 -38.57 33.33 -28.55
N GLN J 579 -38.10 34.48 -28.08
CA GLN J 579 -38.60 35.02 -26.82
C GLN J 579 -40.09 35.33 -26.91
N TYR J 580 -40.50 35.95 -28.01
CA TYR J 580 -41.92 36.24 -28.21
C TYR J 580 -42.74 34.95 -28.17
N VAL J 581 -42.28 33.94 -28.90
CA VAL J 581 -43.02 32.67 -28.96
C VAL J 581 -43.12 32.06 -27.57
N HIS J 582 -42.02 32.06 -26.81
CA HIS J 582 -42.07 31.58 -25.44
C HIS J 582 -43.13 32.32 -24.65
N LYS J 583 -43.18 33.64 -24.78
CA LYS J 583 -44.18 34.42 -24.05
C LYS J 583 -45.60 34.00 -24.44
N ILE J 584 -45.85 33.81 -25.73
CA ILE J 584 -47.21 33.51 -26.19
C ILE J 584 -47.62 32.10 -25.81
N THR J 585 -46.74 31.12 -26.02
CA THR J 585 -47.06 29.68 -25.86
C THR J 585 -47.72 29.37 -24.51
N PRO J 586 -48.85 28.64 -24.48
CA PRO J 586 -49.48 28.24 -23.23
C PRO J 586 -48.59 27.27 -22.45
N ARG J 587 -47.75 26.50 -23.15
CA ARG J 587 -46.80 25.54 -22.53
C ARG J 587 -45.51 25.58 -23.35
N GLY J 588 -44.33 25.49 -22.74
CA GLY J 588 -43.07 25.49 -23.46
C GLY J 588 -41.91 25.82 -22.55
N VAL J 589 -40.73 25.83 -23.17
CA VAL J 589 -39.48 26.14 -22.47
C VAL J 589 -38.58 26.93 -23.42
N TYR J 590 -37.55 27.53 -22.84
CA TYR J 590 -36.50 28.21 -23.59
C TYR J 590 -35.16 27.57 -23.24
N THR J 591 -34.37 27.26 -24.27
CA THR J 591 -33.13 26.53 -24.06
C THR J 591 -32.14 26.94 -25.14
N SER J 592 -30.85 26.76 -24.83
CA SER J 592 -29.77 26.95 -25.79
C SER J 592 -28.89 25.71 -25.76
N GLY J 593 -28.61 25.15 -26.94
CA GLY J 593 -27.80 23.95 -26.98
C GLY J 593 -26.45 24.16 -26.34
N LYS J 594 -25.97 23.13 -25.64
CA LYS J 594 -24.72 23.21 -24.90
C LYS J 594 -24.77 24.34 -23.86
N GLY J 595 -25.92 24.49 -23.22
CA GLY J 595 -26.11 25.51 -22.22
C GLY J 595 -26.36 24.94 -20.84
N SER J 596 -25.42 25.15 -19.92
CA SER J 596 -25.57 24.63 -18.56
C SER J 596 -26.73 25.31 -17.83
N SER J 597 -27.02 26.56 -18.17
CA SER J 597 -28.11 27.27 -17.49
C SER J 597 -29.44 26.58 -17.72
N ALA J 598 -29.69 26.11 -18.94
CA ALA J 598 -30.94 25.45 -19.25
C ALA J 598 -31.06 24.15 -18.45
N VAL J 599 -32.30 23.74 -18.19
CA VAL J 599 -32.53 22.55 -17.38
C VAL J 599 -31.90 21.33 -18.02
N GLY J 600 -31.98 21.22 -19.34
CA GLY J 600 -31.49 20.06 -20.05
C GLY J 600 -32.58 19.49 -20.94
N LEU J 601 -32.18 19.05 -22.13
CA LEU J 601 -33.13 18.62 -23.14
C LEU J 601 -33.62 17.19 -22.95
N THR J 602 -32.93 16.39 -22.15
CA THR J 602 -33.26 14.97 -22.00
C THR J 602 -33.48 14.62 -20.55
N ALA J 603 -34.41 13.71 -20.31
CA ALA J 603 -34.63 13.19 -18.97
C ALA J 603 -33.35 12.55 -18.44
N TYR J 604 -32.99 12.89 -17.21
CA TYR J 604 -31.73 12.46 -16.63
C TYR J 604 -31.94 12.09 -15.17
N ILE J 605 -31.27 11.03 -14.73
CA ILE J 605 -31.37 10.54 -13.37
C ILE J 605 -30.37 11.31 -12.50
N THR J 606 -30.85 11.86 -11.39
CA THR J 606 -29.99 12.62 -10.49
C THR J 606 -30.27 12.24 -9.05
N ARG J 607 -29.57 12.89 -8.11
CA ARG J 607 -29.74 12.66 -6.68
C ARG J 607 -30.21 13.95 -6.02
N ASP J 608 -31.32 13.87 -5.29
CA ASP J 608 -31.84 15.02 -4.57
C ASP J 608 -30.86 15.41 -3.47
N VAL J 609 -30.30 16.61 -3.57
CA VAL J 609 -29.36 17.07 -2.55
C VAL J 609 -30.09 17.32 -1.23
N ASP J 610 -31.31 17.86 -1.31
CA ASP J 610 -32.06 18.16 -0.09
C ASP J 610 -32.38 16.89 0.69
N THR J 611 -32.81 15.83 -0.01
CA THR J 611 -33.24 14.59 0.63
C THR J 611 -32.29 13.43 0.44
N LYS J 612 -31.25 13.58 -0.40
CA LYS J 612 -30.29 12.51 -0.63
C LYS J 612 -30.97 11.27 -1.22
N GLN J 613 -31.85 11.49 -2.20
CA GLN J 613 -32.58 10.43 -2.86
C GLN J 613 -32.44 10.55 -4.37
N LEU J 614 -32.62 9.44 -5.06
CA LEU J 614 -32.61 9.42 -6.52
C LEU J 614 -33.98 9.84 -7.05
N VAL J 615 -33.99 10.78 -7.98
CA VAL J 615 -35.21 11.29 -8.58
C VAL J 615 -35.02 11.40 -10.09
N LEU J 616 -35.99 10.95 -10.85
CA LEU J 616 -35.96 11.07 -12.31
C LEU J 616 -36.51 12.44 -12.70
N GLU J 617 -35.67 13.26 -13.31
CA GLU J 617 -36.02 14.63 -13.67
C GLU J 617 -36.20 14.72 -15.18
N SER J 618 -37.35 15.23 -15.61
CA SER J 618 -37.64 15.39 -17.02
C SER J 618 -36.98 16.65 -17.56
N GLY J 619 -36.46 16.57 -18.78
CA GLY J 619 -35.77 17.68 -19.41
C GLY J 619 -36.73 18.63 -20.10
N ALA J 620 -36.13 19.58 -20.82
CA ALA J 620 -36.93 20.64 -21.45
C ALA J 620 -37.92 20.06 -22.45
N LEU J 621 -37.48 19.08 -23.26
CA LEU J 621 -38.35 18.54 -24.29
C LEU J 621 -39.60 17.90 -23.69
N VAL J 622 -39.44 17.16 -22.61
CA VAL J 622 -40.60 16.50 -21.99
C VAL J 622 -41.51 17.54 -21.35
N LEU J 623 -40.94 18.59 -20.75
CA LEU J 623 -41.75 19.64 -20.14
C LEU J 623 -42.45 20.52 -21.16
N SER J 624 -42.12 20.39 -22.44
CA SER J 624 -42.80 21.13 -23.49
C SER J 624 -43.96 20.35 -24.11
N ASP J 625 -44.26 19.16 -23.59
CA ASP J 625 -45.36 18.35 -24.11
C ASP J 625 -46.59 19.19 -24.36
N GLY J 626 -47.08 19.16 -25.60
CA GLY J 626 -48.21 19.97 -26.00
C GLY J 626 -47.88 21.42 -26.27
N GLY J 627 -46.60 21.80 -26.25
CA GLY J 627 -46.22 23.19 -26.45
C GLY J 627 -45.09 23.37 -27.43
N VAL J 628 -44.42 24.51 -27.36
CA VAL J 628 -43.33 24.86 -28.26
C VAL J 628 -42.05 24.96 -27.45
N CYS J 629 -41.03 24.17 -27.83
CA CYS J 629 -39.72 24.21 -27.18
C CYS J 629 -38.77 24.97 -28.08
N CYS J 630 -38.42 26.19 -27.70
CA CYS J 630 -37.55 27.04 -28.50
C CYS J 630 -36.10 26.82 -28.09
N ILE J 631 -35.28 26.36 -29.04
CA ILE J 631 -33.87 26.11 -28.81
C ILE J 631 -33.10 27.20 -29.54
N ASP J 632 -32.45 28.08 -28.79
CA ASP J 632 -31.87 29.28 -29.39
C ASP J 632 -30.65 28.97 -30.24
N GLU J 633 -29.74 28.14 -29.72
CA GLU J 633 -28.48 27.83 -30.40
C GLU J 633 -28.53 26.38 -30.86
N PHE J 634 -29.03 26.17 -32.08
CA PHE J 634 -29.12 24.84 -32.64
C PHE J 634 -27.79 24.35 -33.21
N ASP J 635 -26.88 25.27 -33.54
CA ASP J 635 -25.65 24.88 -34.23
C ASP J 635 -24.71 24.11 -33.32
N LYS J 636 -24.50 24.61 -32.10
CA LYS J 636 -23.56 24.01 -31.17
C LYS J 636 -24.32 23.07 -30.25
N MET J 637 -24.24 21.77 -30.54
CA MET J 637 -24.97 20.77 -29.76
C MET J 637 -24.14 19.51 -29.66
N SER J 638 -24.20 18.87 -28.50
CA SER J 638 -23.53 17.58 -28.31
C SER J 638 -24.17 16.53 -29.20
N ASP J 639 -23.34 15.58 -29.65
CA ASP J 639 -23.84 14.53 -30.54
C ASP J 639 -24.93 13.71 -29.85
N SER J 640 -24.78 13.44 -28.55
CA SER J 640 -25.82 12.75 -27.81
C SER J 640 -27.10 13.58 -27.77
N THR J 641 -26.98 14.89 -27.58
CA THR J 641 -28.15 15.76 -27.61
C THR J 641 -28.83 15.70 -28.97
N ARG J 642 -28.03 15.62 -30.04
CA ARG J 642 -28.57 15.59 -31.42
C ARG J 642 -29.19 14.21 -31.66
N SER J 643 -28.75 13.16 -30.96
CA SER J 643 -29.40 11.84 -31.05
C SER J 643 -30.76 11.85 -30.34
N VAL J 644 -30.81 12.42 -29.13
CA VAL J 644 -32.09 12.45 -28.42
C VAL J 644 -33.08 13.34 -29.17
N LEU J 645 -32.60 14.42 -29.78
CA LEU J 645 -33.49 15.26 -30.58
C LEU J 645 -34.05 14.48 -31.76
N HIS J 646 -33.21 13.69 -32.42
CA HIS J 646 -33.69 12.85 -33.51
C HIS J 646 -34.75 11.89 -33.01
N GLU J 647 -34.51 11.25 -31.87
CA GLU J 647 -35.50 10.33 -31.31
C GLU J 647 -36.81 11.04 -31.00
N VAL J 648 -36.74 12.29 -30.54
CA VAL J 648 -37.95 13.03 -30.21
C VAL J 648 -38.71 13.39 -31.48
N MET J 649 -38.04 14.06 -32.42
CA MET J 649 -38.70 14.48 -33.65
C MET J 649 -39.19 13.29 -34.47
N GLU J 650 -38.64 12.10 -34.25
CA GLU J 650 -39.06 10.90 -34.97
C GLU J 650 -40.14 10.14 -34.21
N GLN J 651 -39.84 9.69 -32.99
CA GLN J 651 -40.76 8.88 -32.21
C GLN J 651 -41.62 9.69 -31.24
N GLN J 652 -41.26 10.95 -30.98
CA GLN J 652 -42.01 11.82 -30.08
C GLN J 652 -42.05 11.25 -28.66
N THR J 653 -41.03 10.48 -28.29
CA THR J 653 -40.86 10.01 -26.92
C THR J 653 -39.38 9.91 -26.62
N ILE J 654 -39.03 10.00 -25.34
CA ILE J 654 -37.66 9.84 -24.87
C ILE J 654 -37.61 8.62 -23.97
N SER J 655 -36.71 7.70 -24.27
CA SER J 655 -36.57 6.45 -23.53
C SER J 655 -35.25 6.45 -22.80
N ILE J 656 -35.30 6.21 -21.49
CA ILE J 656 -34.12 6.15 -20.64
C ILE J 656 -34.15 4.83 -19.89
N ALA J 657 -33.03 4.12 -19.88
CA ALA J 657 -32.94 2.77 -19.33
C ALA J 657 -31.67 2.63 -18.48
N LYS J 658 -31.46 3.58 -17.57
CA LYS J 658 -30.26 3.60 -16.75
C LYS J 658 -30.63 3.72 -15.28
N ALA J 659 -29.69 3.28 -14.42
CA ALA J 659 -29.84 3.33 -12.97
C ALA J 659 -30.95 2.41 -12.47
N GLY J 660 -31.14 1.27 -13.15
CA GLY J 660 -32.15 0.31 -12.76
C GLY J 660 -33.56 0.65 -13.19
N ILE J 661 -33.75 1.77 -13.89
CA ILE J 661 -35.06 2.24 -14.30
C ILE J 661 -35.17 2.11 -15.82
N ILE J 662 -36.31 1.61 -16.29
CA ILE J 662 -36.60 1.50 -17.70
C ILE J 662 -37.95 2.18 -17.91
N THR J 663 -37.94 3.38 -18.48
CA THR J 663 -39.15 4.18 -18.61
C THR J 663 -39.12 4.96 -19.92
N THR J 664 -40.31 5.34 -20.37
CA THR J 664 -40.48 6.17 -21.56
C THR J 664 -41.37 7.36 -21.19
N LEU J 665 -40.98 8.54 -21.66
CA LEU J 665 -41.68 9.77 -21.34
C LEU J 665 -42.20 10.42 -22.62
N ASN J 666 -43.48 10.80 -22.60
CA ASN J 666 -44.07 11.48 -23.76
C ASN J 666 -43.41 12.84 -23.96
N ALA J 667 -43.12 13.15 -25.22
CA ALA J 667 -42.47 14.41 -25.59
C ALA J 667 -43.13 14.99 -26.84
N ARG J 668 -44.46 15.05 -26.86
CA ARG J 668 -45.23 15.51 -28.03
C ARG J 668 -45.12 17.03 -28.15
N SER J 669 -43.93 17.57 -28.34
CA SER J 669 -43.69 19.00 -28.33
C SER J 669 -43.15 19.45 -29.68
N SER J 670 -43.62 20.63 -30.13
CA SER J 670 -43.06 21.25 -31.32
C SER J 670 -41.68 21.82 -31.01
N ILE J 671 -40.97 22.21 -32.06
CA ILE J 671 -39.64 22.79 -31.92
C ILE J 671 -39.52 24.00 -32.83
N LEU J 672 -38.96 25.08 -32.30
CA LEU J 672 -38.69 26.30 -33.05
C LEU J 672 -37.25 26.71 -32.74
N ALA J 673 -36.32 26.23 -33.53
CA ALA J 673 -34.90 26.45 -33.29
C ALA J 673 -34.37 27.57 -34.17
N SER J 674 -33.17 28.05 -33.83
CA SER J 674 -32.48 29.08 -34.59
C SER J 674 -31.05 28.63 -34.85
N ALA J 675 -30.50 29.09 -35.99
CA ALA J 675 -29.17 28.67 -36.40
C ALA J 675 -28.41 29.87 -36.96
N ASN J 676 -27.09 29.77 -36.91
CA ASN J 676 -26.18 30.80 -37.37
C ASN J 676 -25.16 30.19 -38.32
N PRO J 677 -24.57 31.00 -39.20
CA PRO J 677 -23.60 30.46 -40.15
C PRO J 677 -22.26 30.14 -39.49
N ILE J 678 -21.47 29.33 -40.19
CA ILE J 678 -20.16 28.94 -39.67
C ILE J 678 -19.26 30.16 -39.55
N GLY J 679 -19.28 31.03 -40.55
CA GLY J 679 -18.44 32.22 -40.58
C GLY J 679 -19.14 33.44 -40.04
N SER J 680 -18.67 34.60 -40.49
CA SER J 680 -19.26 35.87 -40.07
C SER J 680 -20.47 36.27 -40.90
N ARG J 681 -20.82 35.50 -41.92
CA ARG J 681 -21.99 35.81 -42.73
C ARG J 681 -22.35 34.61 -43.58
N TYR J 682 -23.57 34.64 -44.11
CA TYR J 682 -24.10 33.57 -44.94
C TYR J 682 -23.70 33.80 -46.39
N ASN J 683 -23.14 32.77 -47.01
CA ASN J 683 -22.69 32.86 -48.40
C ASN J 683 -23.75 32.29 -49.31
N PRO J 684 -24.44 33.09 -50.13
CA PRO J 684 -25.47 32.52 -51.00
C PRO J 684 -24.95 31.48 -51.97
N ASN J 685 -23.69 31.59 -52.39
CA ASN J 685 -23.16 30.66 -53.38
C ASN J 685 -23.22 29.22 -52.89
N LEU J 686 -22.71 28.97 -51.68
CA LEU J 686 -22.74 27.64 -51.12
C LEU J 686 -24.17 27.26 -50.76
N PRO J 687 -24.45 25.96 -50.64
CA PRO J 687 -25.80 25.53 -50.30
C PRO J 687 -26.10 25.75 -48.82
N VAL J 688 -27.39 25.65 -48.48
CA VAL J 688 -27.82 25.86 -47.10
C VAL J 688 -27.14 24.85 -46.18
N THR J 689 -26.98 23.62 -46.63
CA THR J 689 -26.43 22.58 -45.77
C THR J 689 -25.00 22.90 -45.35
N GLU J 690 -24.17 23.35 -46.29
CA GLU J 690 -22.77 23.63 -45.96
C GLU J 690 -22.68 24.76 -44.95
N ASN J 691 -23.49 25.81 -45.11
CA ASN J 691 -23.42 26.94 -44.19
C ASN J 691 -23.96 26.58 -42.82
N ILE J 692 -25.04 25.80 -42.76
CA ILE J 692 -25.72 25.56 -41.50
C ILE J 692 -24.89 24.71 -40.55
N ASP J 693 -24.12 23.76 -41.10
CA ASP J 693 -23.32 22.85 -40.27
C ASP J 693 -24.23 21.93 -39.45
N LEU J 694 -25.23 21.38 -40.10
CA LEU J 694 -26.12 20.39 -39.52
C LEU J 694 -26.25 19.20 -40.46
N PRO J 695 -26.48 18.00 -39.93
CA PRO J 695 -26.62 16.83 -40.80
C PRO J 695 -27.81 16.98 -41.73
N PRO J 696 -27.71 16.52 -42.98
CA PRO J 696 -28.88 16.50 -43.86
C PRO J 696 -30.04 15.75 -43.22
N PRO J 697 -29.76 14.65 -42.52
CA PRO J 697 -30.88 13.93 -41.86
C PRO J 697 -31.65 14.80 -40.89
N LEU J 698 -31.01 15.81 -40.29
CA LEU J 698 -31.62 16.68 -39.24
C LEU J 698 -32.40 17.86 -39.83
N LEU J 699 -31.86 18.56 -40.83
CA LEU J 699 -32.50 19.81 -41.35
C LEU J 699 -33.54 19.39 -42.40
N SER J 700 -33.64 18.10 -42.69
CA SER J 700 -34.68 17.54 -43.60
C SER J 700 -35.99 17.36 -42.83
N ARG J 701 -35.97 17.40 -41.50
CA ARG J 701 -37.15 17.11 -40.69
C ARG J 701 -37.97 18.35 -40.35
N PHE J 702 -37.40 19.54 -40.48
CA PHE J 702 -38.16 20.75 -40.20
C PHE J 702 -39.22 20.96 -41.28
N ASP J 703 -40.44 21.30 -40.85
CA ASP J 703 -41.52 21.52 -41.80
C ASP J 703 -41.31 22.79 -42.60
N LEU J 704 -40.74 23.82 -41.98
CA LEU J 704 -40.38 25.05 -42.68
C LEU J 704 -38.97 25.44 -42.29
N VAL J 705 -38.19 25.88 -43.28
CA VAL J 705 -36.84 26.41 -43.07
C VAL J 705 -36.81 27.82 -43.63
N TYR J 706 -36.47 28.78 -42.80
CA TYR J 706 -36.53 30.19 -43.15
C TYR J 706 -35.12 30.75 -43.23
N LEU J 707 -34.76 31.27 -44.40
CA LEU J 707 -33.46 31.91 -44.64
C LEU J 707 -33.67 33.42 -44.57
N VAL J 708 -33.48 33.98 -43.39
CA VAL J 708 -33.54 35.43 -43.20
C VAL J 708 -32.12 35.96 -43.30
N LEU J 709 -31.85 36.63 -44.43
CA LEU J 709 -30.49 37.12 -44.74
C LEU J 709 -30.48 38.64 -44.68
N ASP J 710 -29.40 39.24 -44.19
CA ASP J 710 -29.24 40.69 -44.13
C ASP J 710 -28.43 41.19 -45.34
N LYS J 711 -29.03 41.01 -46.52
CA LYS J 711 -28.44 41.57 -47.72
C LYS J 711 -28.44 43.10 -47.63
N VAL J 712 -27.31 43.70 -47.99
CA VAL J 712 -27.15 45.15 -47.81
C VAL J 712 -27.87 45.85 -48.95
N ASP J 713 -28.97 46.54 -48.63
CA ASP J 713 -29.72 47.33 -49.58
C ASP J 713 -30.01 48.69 -48.98
N GLU J 714 -29.86 49.73 -49.80
CA GLU J 714 -30.07 51.10 -49.32
C GLU J 714 -31.48 51.25 -48.75
N LYS J 715 -32.49 50.82 -49.50
CA LYS J 715 -33.87 50.96 -49.05
C LYS J 715 -34.12 50.17 -47.78
N ASN J 716 -33.67 48.91 -47.74
CA ASN J 716 -33.95 48.06 -46.58
C ASN J 716 -33.28 48.59 -45.33
N ASP J 717 -32.00 48.98 -45.43
CA ASP J 717 -31.31 49.56 -44.29
C ASP J 717 -31.97 50.86 -43.86
N ARG J 718 -32.38 51.69 -44.82
CA ARG J 718 -33.09 52.92 -44.49
C ARG J 718 -34.33 52.63 -43.66
N GLU J 719 -35.17 51.71 -44.13
CA GLU J 719 -36.41 51.40 -43.42
C GLU J 719 -36.12 50.84 -42.04
N LEU J 720 -35.16 49.92 -41.93
CA LEU J 720 -34.88 49.32 -40.64
C LEU J 720 -34.37 50.36 -39.65
N ALA J 721 -33.47 51.24 -40.10
CA ALA J 721 -32.96 52.28 -39.23
C ALA J 721 -34.06 53.22 -38.80
N LYS J 722 -34.95 53.59 -39.73
CA LYS J 722 -36.07 54.46 -39.38
C LYS J 722 -36.94 53.81 -38.32
N HIS J 723 -37.25 52.52 -38.48
CA HIS J 723 -38.06 51.82 -37.50
C HIS J 723 -37.37 51.80 -36.13
N LEU J 724 -36.08 51.44 -36.11
CA LEU J 724 -35.36 51.33 -34.85
C LEU J 724 -35.30 52.67 -34.13
N THR J 725 -34.97 53.74 -34.86
CA THR J 725 -34.87 55.05 -34.23
C THR J 725 -36.24 55.54 -33.76
N ASN J 726 -37.29 55.29 -34.56
CA ASN J 726 -38.63 55.67 -34.13
C ASN J 726 -39.05 54.93 -32.87
N LEU J 727 -38.55 53.71 -32.67
CA LEU J 727 -38.92 52.97 -31.47
C LEU J 727 -38.52 53.69 -30.19
N TYR J 728 -37.55 54.60 -30.26
CA TYR J 728 -37.14 55.36 -29.08
C TYR J 728 -38.12 56.49 -28.81
N ASP J 739 -54.00 49.79 -38.13
CA ASP J 739 -53.46 48.46 -37.84
C ASP J 739 -53.49 48.20 -36.33
N ASP J 740 -54.57 47.62 -35.85
CA ASP J 740 -54.71 47.32 -34.44
C ASP J 740 -53.78 46.16 -34.04
N VAL J 741 -53.50 46.08 -32.75
CA VAL J 741 -52.68 45.03 -32.18
C VAL J 741 -53.42 44.46 -30.97
N LEU J 742 -53.18 43.17 -30.68
CA LEU J 742 -53.91 42.50 -29.63
C LEU J 742 -53.03 42.30 -28.39
N PRO J 743 -53.62 42.34 -27.19
CA PRO J 743 -52.83 42.06 -25.99
C PRO J 743 -52.42 40.59 -25.94
N VAL J 744 -51.27 40.35 -25.29
CA VAL J 744 -50.70 39.00 -25.27
C VAL J 744 -51.65 38.04 -24.59
N GLU J 745 -52.33 38.49 -23.54
CA GLU J 745 -53.25 37.60 -22.82
C GLU J 745 -54.38 37.13 -23.72
N PHE J 746 -54.96 38.04 -24.50
CA PHE J 746 -56.01 37.64 -25.44
C PHE J 746 -55.47 36.65 -26.46
N LEU J 747 -54.26 36.89 -26.97
CA LEU J 747 -53.69 35.98 -27.96
C LEU J 747 -53.50 34.59 -27.39
N THR J 748 -52.91 34.49 -26.19
CA THR J 748 -52.70 33.17 -25.61
C THR J 748 -54.01 32.48 -25.27
N MET J 749 -55.01 33.19 -24.78
CA MET J 749 -56.30 32.56 -24.51
C MET J 749 -56.96 32.07 -25.79
N TYR J 750 -56.90 32.87 -26.87
CA TYR J 750 -57.43 32.45 -28.15
C TYR J 750 -56.73 31.20 -28.65
N ILE J 751 -55.41 31.18 -28.55
CA ILE J 751 -54.63 30.03 -29.02
C ILE J 751 -55.01 28.80 -28.22
N SER J 752 -55.10 28.93 -26.90
CA SER J 752 -55.45 27.78 -26.07
C SER J 752 -56.85 27.27 -26.38
N TYR J 753 -57.81 28.19 -26.55
CA TYR J 753 -59.17 27.77 -26.89
C TYR J 753 -59.19 26.99 -28.20
N ALA J 754 -58.56 27.54 -29.24
CA ALA J 754 -58.55 26.87 -30.52
C ALA J 754 -57.83 25.52 -30.44
N LYS J 755 -56.71 25.48 -29.74
CA LYS J 755 -55.91 24.26 -29.64
C LYS J 755 -56.60 23.19 -28.81
N GLU J 756 -57.51 23.56 -27.91
CA GLU J 756 -58.22 22.58 -27.10
C GLU J 756 -59.55 22.14 -27.68
N HIS J 757 -60.22 22.98 -28.46
CA HIS J 757 -61.59 22.67 -28.89
C HIS J 757 -61.71 22.33 -30.37
N ILE J 758 -61.00 23.04 -31.24
CA ILE J 758 -61.18 22.87 -32.69
C ILE J 758 -60.31 21.74 -33.20
N HIS J 759 -60.85 20.98 -34.14
CA HIS J 759 -60.15 19.85 -34.77
C HIS J 759 -60.58 19.77 -36.24
N PRO J 760 -59.93 20.54 -37.11
CA PRO J 760 -60.37 20.59 -38.51
C PRO J 760 -60.17 19.25 -39.21
N ILE J 761 -61.00 19.01 -40.23
CA ILE J 761 -60.99 17.78 -41.00
C ILE J 761 -60.87 18.12 -42.48
N ILE J 762 -60.25 17.20 -43.23
CA ILE J 762 -60.03 17.41 -44.65
C ILE J 762 -61.28 16.99 -45.43
N THR J 763 -61.39 17.50 -46.65
CA THR J 763 -62.56 17.26 -47.50
C THR J 763 -62.10 16.85 -48.89
N GLU J 764 -63.09 16.50 -49.72
CA GLU J 764 -62.79 16.01 -51.07
C GLU J 764 -62.10 17.07 -51.91
N ALA J 765 -62.57 18.31 -51.84
CA ALA J 765 -61.91 19.38 -52.57
C ALA J 765 -60.49 19.61 -52.05
N ALA J 766 -60.32 19.60 -50.74
CA ALA J 766 -58.99 19.72 -50.16
C ALA J 766 -58.11 18.55 -50.56
N LYS J 767 -58.71 17.36 -50.68
CA LYS J 767 -57.98 16.12 -51.03
C LYS J 767 -57.51 16.25 -52.47
N THR J 768 -58.33 16.80 -53.36
CA THR J 768 -57.97 17.00 -54.75
C THR J 768 -56.86 18.04 -54.86
N GLU J 769 -57.00 19.17 -54.16
CA GLU J 769 -55.99 20.21 -54.26
C GLU J 769 -54.66 19.75 -53.69
N LEU J 770 -54.68 19.00 -52.59
CA LEU J 770 -53.44 18.48 -52.02
C LEU J 770 -52.72 17.57 -53.00
N VAL J 771 -53.45 16.62 -53.58
CA VAL J 771 -52.84 15.69 -54.53
C VAL J 771 -52.28 16.46 -55.72
N ARG J 772 -53.06 17.40 -56.25
CA ARG J 772 -52.62 18.14 -57.42
C ARG J 772 -51.37 18.97 -57.11
N ALA J 773 -51.35 19.64 -55.96
CA ALA J 773 -50.19 20.45 -55.60
C ALA J 773 -48.95 19.60 -55.40
N TYR J 774 -49.10 18.45 -54.75
CA TYR J 774 -47.95 17.57 -54.57
C TYR J 774 -47.41 17.09 -55.91
N VAL J 775 -48.31 16.69 -56.81
CA VAL J 775 -47.88 16.20 -58.12
C VAL J 775 -47.17 17.32 -58.87
N GLY J 776 -47.73 18.54 -58.82
CA GLY J 776 -47.09 19.66 -59.48
C GLY J 776 -45.69 19.94 -58.94
N MET J 777 -45.54 19.81 -57.62
CA MET J 777 -44.26 20.10 -56.94
C MET J 777 -43.27 18.97 -57.21
N ARG J 778 -43.72 17.76 -57.52
CA ARG J 778 -42.85 16.68 -57.96
C ARG J 778 -42.43 16.85 -59.42
N LYS J 779 -43.37 17.24 -60.28
CA LYS J 779 -43.10 17.33 -61.72
C LYS J 779 -42.13 18.45 -62.07
N MET J 780 -41.84 19.36 -61.14
CA MET J 780 -40.97 20.49 -61.47
C MET J 780 -39.57 20.02 -61.86
N GLY J 781 -39.15 18.85 -61.38
CA GLY J 781 -37.85 18.31 -61.71
C GLY J 781 -37.90 17.32 -62.85
N LYS J 789 -31.73 13.31 -62.92
CA LYS J 789 -32.98 13.94 -62.51
C LYS J 789 -32.86 14.48 -61.08
N ARG J 790 -33.41 15.68 -60.87
CA ARG J 790 -33.38 16.34 -59.57
C ARG J 790 -34.75 16.20 -58.90
N ILE J 791 -34.75 15.80 -57.64
CA ILE J 791 -35.98 15.60 -56.88
C ILE J 791 -36.33 16.91 -56.20
N THR J 792 -37.33 17.61 -56.73
CA THR J 792 -37.70 18.91 -56.16
C THR J 792 -38.41 18.75 -54.82
N ALA J 793 -39.34 17.81 -54.73
CA ALA J 793 -40.14 17.61 -53.54
C ALA J 793 -40.20 16.13 -53.21
N THR J 794 -40.48 15.84 -51.94
CA THR J 794 -40.56 14.48 -51.43
C THR J 794 -41.88 14.33 -50.68
N THR J 795 -42.17 13.10 -50.24
CA THR J 795 -43.40 12.86 -49.50
C THR J 795 -43.43 13.59 -48.17
N ARG J 796 -42.29 14.08 -47.69
CA ARG J 796 -42.30 14.91 -46.49
C ARG J 796 -43.07 16.20 -46.73
N GLN J 797 -42.91 16.80 -47.91
CA GLN J 797 -43.62 18.03 -48.23
C GLN J 797 -45.12 17.83 -48.19
N LEU J 798 -45.61 16.64 -48.54
CA LEU J 798 -47.06 16.40 -48.46
C LEU J 798 -47.55 16.46 -47.02
N GLU J 799 -46.82 15.84 -46.10
CA GLU J 799 -47.19 15.90 -44.69
C GLU J 799 -47.08 17.33 -44.16
N SER J 800 -46.05 18.05 -44.57
CA SER J 800 -45.92 19.45 -44.17
C SER J 800 -47.12 20.25 -44.66
N MET J 801 -47.53 20.04 -45.92
CA MET J 801 -48.64 20.80 -46.48
C MET J 801 -49.94 20.49 -45.76
N ILE J 802 -50.20 19.21 -45.48
CA ILE J 802 -51.44 18.87 -44.79
C ILE J 802 -51.45 19.44 -43.37
N ARG J 803 -50.31 19.37 -42.67
CA ARG J 803 -50.25 19.95 -41.33
C ARG J 803 -50.47 21.45 -41.36
N LEU J 804 -49.84 22.14 -42.32
CA LEU J 804 -49.98 23.59 -42.40
C LEU J 804 -51.42 23.98 -42.73
N ALA J 805 -52.07 23.24 -43.63
CA ALA J 805 -53.47 23.49 -43.93
C ALA J 805 -54.34 23.29 -42.70
N GLU J 806 -54.08 22.22 -41.95
CA GLU J 806 -54.85 21.99 -40.72
C GLU J 806 -54.66 23.14 -39.73
N ALA J 807 -53.42 23.61 -39.58
CA ALA J 807 -53.18 24.73 -38.67
C ALA J 807 -53.89 25.99 -39.13
N HIS J 808 -53.85 26.27 -40.43
CA HIS J 808 -54.55 27.44 -40.96
C HIS J 808 -56.05 27.34 -40.72
N ALA J 809 -56.60 26.14 -40.86
CA ALA J 809 -58.01 25.93 -40.54
C ALA J 809 -58.27 26.18 -39.05
N LYS J 810 -57.36 25.71 -38.19
CA LYS J 810 -57.52 25.94 -36.76
C LYS J 810 -57.55 27.42 -36.44
N MET J 811 -56.71 28.22 -37.11
CA MET J 811 -56.61 29.63 -36.77
C MET J 811 -57.94 30.34 -37.01
N LYS J 812 -58.66 29.97 -38.07
CA LYS J 812 -59.98 30.52 -38.35
C LYS J 812 -61.06 29.92 -37.45
N LEU J 813 -60.72 28.97 -36.58
CA LEU J 813 -61.68 28.27 -35.74
C LEU J 813 -62.65 27.42 -36.57
N LYS J 814 -62.27 27.13 -37.81
CA LYS J 814 -63.08 26.29 -38.69
C LYS J 814 -62.89 24.82 -38.34
N ASN J 815 -63.96 24.05 -38.44
CA ASN J 815 -63.91 22.61 -38.23
C ASN J 815 -63.66 21.83 -39.52
N VAL J 816 -63.41 22.53 -40.64
CA VAL J 816 -63.21 21.88 -41.92
C VAL J 816 -62.07 22.60 -42.65
N VAL J 817 -61.37 21.86 -43.51
CA VAL J 817 -60.28 22.39 -44.31
C VAL J 817 -60.82 22.65 -45.71
N GLU J 818 -60.82 23.92 -46.12
CA GLU J 818 -61.32 24.32 -47.42
C GLU J 818 -60.17 24.46 -48.42
N LEU J 819 -60.51 24.86 -49.65
CA LEU J 819 -59.50 25.10 -50.67
C LEU J 819 -58.55 26.21 -50.25
N GLU J 820 -59.05 27.23 -49.55
CA GLU J 820 -58.21 28.36 -49.15
C GLU J 820 -57.11 27.94 -48.17
N ASP J 821 -57.43 27.02 -47.27
CA ASP J 821 -56.47 26.57 -46.24
C ASP J 821 -55.32 25.84 -46.94
N VAL J 822 -55.64 24.90 -47.81
CA VAL J 822 -54.61 24.11 -48.52
C VAL J 822 -53.80 25.07 -49.39
N GLN J 823 -54.46 26.02 -50.04
CA GLN J 823 -53.78 26.99 -50.93
C GLN J 823 -52.83 27.86 -50.11
N GLU J 824 -53.22 28.30 -48.92
CA GLU J 824 -52.33 29.10 -48.04
C GLU J 824 -51.16 28.23 -47.63
N ALA J 825 -51.41 26.97 -47.31
CA ALA J 825 -50.35 26.07 -46.83
C ALA J 825 -49.32 25.88 -47.93
N VAL J 826 -49.77 25.69 -49.17
CA VAL J 826 -48.84 25.48 -50.32
C VAL J 826 -48.06 26.78 -50.49
N ARG J 827 -48.69 27.93 -50.35
CA ARG J 827 -47.97 29.19 -50.64
C ARG J 827 -46.81 29.32 -49.67
N LEU J 828 -47.05 29.06 -48.39
CA LEU J 828 -45.97 29.12 -47.37
C LEU J 828 -44.93 28.03 -47.61
N ILE J 829 -45.35 26.80 -47.89
CA ILE J 829 -44.40 25.65 -48.08
C ILE J 829 -43.57 25.90 -49.33
N ARG J 830 -44.21 26.34 -50.41
CA ARG J 830 -43.53 26.55 -51.71
C ARG J 830 -42.54 27.68 -51.55
N SER J 831 -42.92 28.75 -50.86
CA SER J 831 -42.00 29.90 -50.59
C SER J 831 -40.86 29.41 -49.71
N ALA J 832 -41.15 28.58 -48.70
CA ALA J 832 -40.13 28.04 -47.79
C ALA J 832 -39.19 27.16 -48.60
N ILE J 833 -39.70 26.32 -49.48
CA ILE J 833 -38.87 25.45 -50.37
C ILE J 833 -38.12 26.45 -51.23
N LYS J 834 -38.80 27.52 -51.65
CA LYS J 834 -38.20 28.60 -52.45
C LYS J 834 -36.93 29.01 -51.70
N ASP J 835 -36.87 29.95 -50.72
CA ASP J 835 -35.47 30.34 -50.81
C ASP J 835 -34.55 29.25 -50.28
N TYR J 836 -35.06 28.45 -49.34
CA TYR J 836 -34.32 27.32 -48.80
C TYR J 836 -34.07 26.32 -49.91
N ASP K 22 4.39 -23.67 42.08
CA ASP K 22 4.35 -25.16 42.25
C ASP K 22 5.04 -25.85 41.07
N ASP K 23 4.31 -26.00 39.97
CA ASP K 23 4.90 -26.58 38.77
C ASP K 23 5.80 -25.57 38.06
N ASN K 24 5.50 -24.27 38.19
CA ASN K 24 6.32 -23.25 37.54
C ASN K 24 7.75 -23.29 38.03
N THR K 25 7.96 -23.45 39.34
CA THR K 25 9.31 -23.50 39.86
C THR K 25 10.07 -24.71 39.33
N GLU K 26 9.40 -25.86 39.21
CA GLU K 26 10.06 -27.05 38.67
C GLU K 26 10.43 -26.86 37.20
N ILE K 27 9.53 -26.24 36.43
CA ILE K 27 9.83 -25.99 35.02
C ILE K 27 11.03 -25.05 34.90
N ILE K 28 11.05 -23.99 35.71
CA ILE K 28 12.16 -23.06 35.70
C ILE K 28 13.45 -23.76 36.09
N LYS K 29 13.39 -24.65 37.07
CA LYS K 29 14.57 -25.41 37.48
C LYS K 29 15.06 -26.30 36.35
N SER K 30 14.16 -26.94 35.63
CA SER K 30 14.56 -27.79 34.51
C SER K 30 15.26 -26.99 33.43
N PHE K 31 14.77 -25.81 33.05
CA PHE K 31 15.39 -25.06 31.93
C PHE K 31 16.72 -24.46 32.40
N LYS K 32 16.90 -24.24 33.69
CA LYS K 32 18.16 -23.69 34.26
C LYS K 32 19.23 -24.77 34.21
N ASN K 33 18.87 -26.04 34.44
CA ASN K 33 19.83 -27.18 34.39
C ASN K 33 20.25 -27.46 32.96
N PHE K 34 19.43 -27.19 31.95
CA PHE K 34 19.81 -27.32 30.53
C PHE K 34 20.92 -26.31 30.22
N ILE K 35 20.81 -25.08 30.70
CA ILE K 35 21.78 -24.01 30.37
C ILE K 35 23.07 -24.26 31.13
N LEU K 36 23.06 -25.03 32.21
CA LEU K 36 24.26 -25.23 33.06
C LEU K 36 24.89 -26.61 32.85
N GLU K 37 24.20 -27.56 32.23
CA GLU K 37 24.70 -28.96 32.10
C GLU K 37 24.86 -29.41 30.64
N PHE K 38 24.51 -28.59 29.64
CA PHE K 38 24.53 -29.02 28.22
C PHE K 38 25.92 -28.85 27.61
N ARG K 39 26.61 -29.96 27.34
CA ARG K 39 27.94 -30.01 26.72
C ARG K 39 27.80 -31.03 25.60
N LEU K 40 28.29 -30.76 24.39
CA LEU K 40 28.25 -31.74 23.28
C LEU K 40 29.62 -32.39 23.19
N ASP K 41 30.67 -31.77 23.73
CA ASP K 41 32.04 -32.35 23.71
C ASP K 41 32.78 -31.94 24.98
N SER K 42 33.45 -30.78 25.00
CA SER K 42 34.19 -30.27 26.18
C SER K 42 33.87 -28.81 26.40
N GLN K 43 32.93 -28.23 25.68
CA GLN K 43 32.54 -26.81 25.82
C GLN K 43 31.07 -26.73 26.22
N PHE K 44 30.75 -25.92 27.23
CA PHE K 44 29.35 -25.69 27.65
C PHE K 44 28.84 -24.64 26.67
N ILE K 45 28.05 -25.04 25.69
CA ILE K 45 27.62 -24.15 24.57
C ILE K 45 26.78 -23.00 25.09
N TYR K 46 25.77 -23.24 25.92
CA TYR K 46 24.80 -22.20 26.34
C TYR K 46 25.32 -21.34 27.48
N ARG K 47 26.07 -21.91 28.41
CA ARG K 47 26.66 -21.15 29.54
C ARG K 47 27.64 -20.14 28.93
N ASP K 48 28.44 -20.55 27.96
CA ASP K 48 29.46 -19.68 27.34
C ASP K 48 28.78 -18.68 26.41
N GLN K 49 27.74 -19.07 25.70
CA GLN K 49 26.99 -18.14 24.82
C GLN K 49 26.39 -17.04 25.70
N LEU K 50 25.85 -17.37 26.86
CA LEU K 50 25.22 -16.39 27.78
C LEU K 50 26.29 -15.41 28.25
N ARG K 51 27.44 -15.88 28.74
CA ARG K 51 28.48 -14.98 29.29
C ARG K 51 28.93 -14.04 28.20
N ASN K 52 29.12 -14.53 26.99
CA ASN K 52 29.65 -13.72 25.87
C ASN K 52 28.64 -12.67 25.46
N ASN K 53 27.34 -12.99 25.55
CA ASN K 53 26.25 -12.06 25.17
C ASN K 53 26.14 -10.97 26.24
N ILE K 54 26.26 -11.30 27.52
CA ILE K 54 26.11 -10.33 28.64
C ILE K 54 27.28 -9.35 28.58
N LEU K 55 28.42 -9.75 28.06
CA LEU K 55 29.65 -8.92 28.01
C LEU K 55 29.51 -7.80 26.98
N VAL K 56 28.70 -7.99 25.94
CA VAL K 56 28.55 -6.98 24.84
C VAL K 56 27.19 -6.28 24.99
N LYS K 57 26.43 -6.56 26.06
CA LYS K 57 25.11 -5.94 26.37
C LYS K 57 24.06 -6.40 25.37
N ASN K 58 23.92 -7.71 25.17
CA ASN K 58 22.88 -8.32 24.31
C ASN K 58 22.17 -9.29 25.23
N TYR K 59 21.13 -8.86 25.92
CA TYR K 59 20.47 -9.72 26.94
C TYR K 59 19.52 -10.67 26.28
N SER K 60 20.02 -11.76 25.68
CA SER K 60 19.21 -12.81 25.03
C SER K 60 20.01 -14.10 24.94
N LEU K 61 19.40 -15.22 24.59
CA LEU K 61 20.11 -16.50 24.37
C LEU K 61 19.40 -17.19 23.21
N THR K 62 20.09 -17.53 22.11
CA THR K 62 19.50 -18.30 20.99
C THR K 62 19.71 -19.79 21.26
N VAL K 63 18.65 -20.57 21.42
CA VAL K 63 18.71 -22.02 21.74
C VAL K 63 18.19 -22.80 20.53
N ASN K 64 18.88 -23.86 20.12
CA ASN K 64 18.46 -24.71 18.97
C ASN K 64 17.59 -25.82 19.56
N MET K 65 16.40 -26.04 19.02
CA MET K 65 15.42 -26.97 19.62
C MET K 65 15.85 -28.43 19.46
N GLU K 66 16.82 -28.71 18.60
CA GLU K 66 17.35 -30.08 18.39
C GLU K 66 18.16 -30.46 19.62
N HIS K 67 18.79 -29.48 20.26
CA HIS K 67 19.64 -29.70 21.46
C HIS K 67 18.73 -29.97 22.65
N LEU K 68 17.58 -29.30 22.75
CA LEU K 68 16.62 -29.47 23.86
C LEU K 68 15.96 -30.85 23.74
N ILE K 69 15.68 -31.31 22.52
CA ILE K 69 15.05 -32.64 22.27
C ILE K 69 16.08 -33.71 22.64
N GLY K 70 17.35 -33.35 22.69
CA GLY K 70 18.44 -34.28 23.02
C GLY K 70 18.73 -34.34 24.50
N TYR K 71 18.54 -33.24 25.23
CA TYR K 71 18.81 -33.20 26.68
C TYR K 71 17.70 -33.96 27.34
N ASN K 72 16.46 -33.48 27.22
CA ASN K 72 15.27 -34.13 27.82
C ASN K 72 14.10 -33.86 26.89
N GLU K 73 13.50 -34.89 26.29
CA GLU K 73 12.39 -34.73 25.32
C GLU K 73 11.16 -34.19 26.04
N ASP K 74 11.05 -34.42 27.35
CA ASP K 74 9.89 -33.96 28.15
C ASP K 74 9.84 -32.43 28.16
N ILE K 75 10.97 -31.76 28.24
CA ILE K 75 11.05 -30.27 28.25
C ILE K 75 10.54 -29.76 26.91
N TYR K 76 10.84 -30.45 25.81
CA TYR K 76 10.38 -30.04 24.46
C TYR K 76 8.89 -30.25 24.37
N LYS K 77 8.38 -31.33 24.96
CA LYS K 77 6.94 -31.66 24.89
C LYS K 77 6.15 -30.52 25.54
N LYS K 78 6.59 -30.02 26.69
CA LYS K 78 5.93 -28.89 27.38
C LYS K 78 6.03 -27.62 26.54
N LEU K 79 7.20 -27.30 26.01
CA LEU K 79 7.44 -26.03 25.25
C LEU K 79 6.62 -26.04 23.96
N SER K 80 6.24 -27.20 23.43
CA SER K 80 5.50 -27.32 22.15
C SER K 80 4.00 -27.50 22.41
N ASP K 81 3.62 -28.09 23.54
CA ASP K 81 2.20 -28.32 23.90
C ASP K 81 1.55 -27.00 24.31
N GLU K 82 2.20 -26.20 25.15
CA GLU K 82 1.67 -24.88 25.61
C GLU K 82 2.75 -23.81 25.48
N PRO K 83 3.08 -23.33 24.26
CA PRO K 83 4.18 -22.38 24.07
C PRO K 83 4.14 -21.03 24.80
N SER K 84 2.98 -20.38 24.94
CA SER K 84 2.85 -19.01 25.50
C SER K 84 2.84 -19.04 27.03
N ASP K 85 2.89 -20.21 27.65
CA ASP K 85 2.89 -20.39 29.12
C ASP K 85 4.28 -20.80 29.59
N ILE K 86 5.01 -21.62 28.81
CA ILE K 86 6.34 -22.17 29.20
C ILE K 86 7.45 -21.22 28.73
N ILE K 87 7.28 -20.53 27.62
CA ILE K 87 8.33 -19.62 27.09
C ILE K 87 8.57 -18.55 28.14
N PRO K 88 7.55 -17.91 28.74
CA PRO K 88 7.79 -16.95 29.82
C PRO K 88 8.56 -17.51 31.02
N LEU K 89 8.54 -18.82 31.27
CA LEU K 89 9.21 -19.48 32.43
C LEU K 89 10.64 -19.88 32.05
N PHE K 90 10.97 -19.90 30.77
CA PHE K 90 12.32 -20.23 30.27
C PHE K 90 13.10 -18.93 30.21
N GLU K 91 12.44 -17.79 30.02
CA GLU K 91 13.07 -16.48 30.08
C GLU K 91 13.55 -16.17 31.50
N THR K 92 12.73 -16.47 32.50
CA THR K 92 13.15 -16.19 33.88
C THR K 92 14.28 -17.12 34.30
N ALA K 93 14.29 -18.37 33.82
CA ALA K 93 15.42 -19.24 34.09
C ALA K 93 16.70 -18.67 33.50
N ILE K 94 16.62 -18.17 32.27
CA ILE K 94 17.79 -17.55 31.64
C ILE K 94 18.25 -16.37 32.46
N THR K 95 17.32 -15.54 32.93
CA THR K 95 17.69 -14.37 33.71
C THR K 95 18.39 -14.77 35.01
N GLN K 96 17.87 -15.81 35.69
CA GLN K 96 18.50 -16.26 36.92
C GLN K 96 19.91 -16.78 36.67
N VAL K 97 20.09 -17.57 35.60
CA VAL K 97 21.42 -18.08 35.31
C VAL K 97 22.36 -16.93 34.94
N ALA K 98 21.86 -15.94 34.20
CA ALA K 98 22.70 -14.80 33.83
C ALA K 98 23.15 -14.03 35.07
N LYS K 99 22.23 -13.83 36.02
CA LYS K 99 22.62 -13.18 37.27
C LYS K 99 23.68 -14.00 38.01
N ARG K 100 23.50 -15.32 38.05
CA ARG K 100 24.50 -16.17 38.71
C ARG K 100 25.85 -16.11 38.02
N ILE K 101 25.86 -15.91 36.70
CA ILE K 101 27.11 -16.00 35.95
C ILE K 101 27.84 -14.66 35.86
N SER K 102 27.12 -13.54 35.88
CA SER K 102 27.72 -12.24 35.65
C SER K 102 27.86 -11.39 36.91
N ILE K 103 27.12 -11.68 37.97
CA ILE K 103 27.07 -10.86 39.17
C ILE K 103 27.58 -11.68 40.34
N LEU K 104 28.57 -11.15 41.06
CA LEU K 104 29.15 -11.81 42.22
C LEU K 104 28.45 -11.26 43.47
N SER K 105 27.58 -12.07 44.06
CA SER K 105 26.83 -11.64 45.23
C SER K 105 27.73 -11.55 46.45
N LEU K 132 19.75 -5.79 35.11
CA LEU K 132 19.60 -6.91 34.19
C LEU K 132 18.12 -7.23 33.97
N PRO K 133 17.58 -6.82 32.82
CA PRO K 133 16.17 -7.11 32.55
C PRO K 133 15.95 -8.58 32.22
N THR K 134 14.68 -8.97 32.14
CA THR K 134 14.34 -10.32 31.75
C THR K 134 14.90 -10.62 30.37
N PHE K 135 15.55 -11.77 30.23
CA PHE K 135 16.24 -12.10 28.99
C PHE K 135 15.24 -12.61 27.95
N GLN K 136 15.56 -12.33 26.69
CA GLN K 136 14.75 -12.80 25.57
C GLN K 136 15.25 -14.17 25.11
N LEU K 137 14.32 -15.02 24.69
CA LEU K 137 14.64 -16.35 24.18
C LEU K 137 14.35 -16.38 22.69
N ILE K 138 15.38 -16.64 21.90
CA ILE K 138 15.26 -16.75 20.45
C ILE K 138 15.44 -18.22 20.07
N LEU K 139 14.53 -18.73 19.25
CA LEU K 139 14.47 -20.14 18.95
C LEU K 139 14.88 -20.41 17.50
N ASN K 140 15.57 -21.52 17.30
CA ASN K 140 15.92 -22.03 15.98
C ASN K 140 15.37 -23.44 15.85
N SER K 141 14.78 -23.75 14.70
CA SER K 141 14.20 -25.06 14.46
C SER K 141 14.40 -25.45 13.01
N ASN K 142 14.37 -26.77 12.78
CA ASN K 142 14.46 -27.34 11.43
C ASN K 142 13.18 -28.08 11.05
N ALA K 143 12.07 -27.79 11.72
CA ALA K 143 10.81 -28.43 11.39
C ALA K 143 10.34 -27.98 10.01
N ASN K 144 9.45 -28.78 9.42
CA ASN K 144 8.95 -28.48 8.09
C ASN K 144 8.18 -27.17 8.10
N GLN K 145 8.36 -26.39 7.04
CA GLN K 145 7.69 -25.10 6.92
C GLN K 145 6.25 -25.29 6.45
N ILE K 146 5.31 -24.67 7.16
CA ILE K 146 3.90 -24.69 6.77
C ILE K 146 3.67 -23.56 5.78
N PRO K 147 3.05 -23.81 4.64
CA PRO K 147 2.75 -22.70 3.72
C PRO K 147 1.89 -21.65 4.41
N LEU K 148 2.13 -20.39 4.06
CA LEU K 148 1.44 -19.29 4.72
C LEU K 148 -0.06 -19.47 4.69
N ARG K 149 -0.60 -19.99 3.59
CA ARG K 149 -2.04 -20.14 3.43
C ARG K 149 -2.58 -21.42 4.06
N ASP K 150 -1.72 -22.32 4.51
CA ASP K 150 -2.17 -23.54 5.17
C ASP K 150 -2.33 -23.36 6.67
N LEU K 151 -2.00 -22.19 7.22
CA LEU K 151 -2.21 -21.91 8.63
C LEU K 151 -3.69 -21.67 8.87
N ASP K 152 -4.29 -22.45 9.77
CA ASP K 152 -5.71 -22.35 10.02
C ASP K 152 -5.97 -22.70 11.48
N SER K 153 -7.23 -23.01 11.80
CA SER K 153 -7.63 -23.23 13.19
C SER K 153 -6.86 -24.38 13.84
N GLU K 154 -6.31 -25.29 13.05
CA GLU K 154 -5.60 -26.44 13.60
C GLU K 154 -4.22 -26.08 14.16
N HIS K 155 -3.75 -24.85 13.93
CA HIS K 155 -2.42 -24.43 14.36
C HIS K 155 -2.46 -23.31 15.39
N VAL K 156 -3.61 -23.07 16.02
CA VAL K 156 -3.73 -21.95 16.94
C VAL K 156 -2.98 -22.25 18.23
N SER K 157 -2.12 -21.32 18.64
CA SER K 157 -1.34 -21.45 19.87
C SER K 157 -0.31 -22.58 19.75
N LYS K 158 0.37 -22.64 18.61
CA LYS K 158 1.40 -23.65 18.37
C LYS K 158 2.59 -23.00 17.70
N ILE K 159 3.77 -23.63 17.87
CA ILE K 159 4.98 -23.15 17.24
C ILE K 159 4.98 -23.58 15.78
N VAL K 160 5.17 -22.61 14.88
CA VAL K 160 5.15 -22.88 13.45
C VAL K 160 6.37 -22.23 12.81
N ARG K 161 6.78 -22.79 11.67
CA ARG K 161 7.84 -22.23 10.85
C ARG K 161 7.29 -21.95 9.46
N LEU K 162 7.60 -20.78 8.92
CA LEU K 162 7.06 -20.40 7.62
C LEU K 162 7.98 -19.36 6.99
N SER K 163 7.82 -19.18 5.68
CA SER K 163 8.58 -18.22 4.90
C SER K 163 7.64 -17.26 4.20
N GLY K 164 8.19 -16.13 3.77
CA GLY K 164 7.39 -15.14 3.09
C GLY K 164 8.24 -13.96 2.68
N ILE K 165 7.56 -12.91 2.21
CA ILE K 165 8.19 -11.68 1.80
C ILE K 165 7.64 -10.54 2.66
N ILE K 166 8.54 -9.74 3.22
CA ILE K 166 8.13 -8.63 4.07
C ILE K 166 7.75 -7.46 3.17
N ILE K 167 6.50 -7.00 3.31
CA ILE K 167 6.00 -5.93 2.46
C ILE K 167 5.90 -4.59 3.19
N SER K 168 5.86 -4.58 4.52
CA SER K 168 5.78 -3.33 5.25
C SER K 168 6.30 -3.53 6.67
N THR K 169 6.83 -2.45 7.25
CA THR K 169 7.28 -2.44 8.62
C THR K 169 6.79 -1.16 9.28
N SER K 170 6.45 -1.25 10.56
CA SER K 170 5.85 -0.15 11.29
C SER K 170 6.88 0.62 12.10
N VAL K 171 6.49 1.82 12.52
CA VAL K 171 7.31 2.59 13.45
C VAL K 171 7.23 1.97 14.83
N LEU K 172 8.38 1.87 15.50
CA LEU K 172 8.44 1.17 16.77
C LEU K 172 7.47 1.77 17.78
N SER K 173 6.78 0.90 18.51
CA SER K 173 5.94 1.29 19.63
C SER K 173 6.63 0.91 20.93
N SER K 174 6.00 1.27 22.04
CA SER K 174 6.54 1.00 23.37
C SER K 174 5.53 0.18 24.16
N ARG K 175 5.92 -1.00 24.58
CA ARG K 175 5.09 -1.86 25.42
C ARG K 175 5.61 -1.84 26.84
N ALA K 176 4.70 -2.03 27.80
CA ALA K 176 5.03 -1.96 29.21
C ALA K 176 5.53 -3.31 29.71
N THR K 177 6.56 -3.26 30.56
CA THR K 177 7.09 -4.46 31.20
C THR K 177 7.09 -4.39 32.73
N TYR K 178 6.99 -3.20 33.32
CA TYR K 178 6.96 -3.07 34.77
C TYR K 178 6.26 -1.75 35.08
N LEU K 179 4.99 -1.83 35.49
CA LEU K 179 4.22 -0.65 35.82
C LEU K 179 4.31 -0.34 37.31
N SER K 180 4.36 0.95 37.64
CA SER K 180 4.16 1.44 38.99
C SER K 180 2.83 2.18 39.03
N ILE K 181 1.97 1.79 39.96
CA ILE K 181 0.60 2.28 40.01
C ILE K 181 0.33 2.89 41.38
N MET K 182 -0.72 3.71 41.43
CA MET K 182 -1.15 4.36 42.65
C MET K 182 -2.67 4.45 42.63
N CYS K 183 -3.26 4.61 43.81
CA CYS K 183 -4.70 4.71 43.94
C CYS K 183 -5.14 6.16 43.98
N ARG K 184 -6.25 6.45 43.30
CA ARG K 184 -6.75 7.83 43.25
C ARG K 184 -7.09 8.33 44.64
N ASN K 185 -7.84 7.54 45.41
CA ASN K 185 -8.40 8.03 46.67
C ASN K 185 -7.40 7.93 47.82
N CYS K 186 -6.99 6.70 48.16
CA CYS K 186 -6.14 6.49 49.33
C CYS K 186 -4.65 6.58 49.02
N ARG K 187 -4.27 6.74 47.75
CA ARG K 187 -2.88 6.92 47.36
C ARG K 187 -2.02 5.76 47.89
N HIS K 188 -2.36 4.55 47.43
CA HIS K 188 -1.62 3.34 47.76
C HIS K 188 -0.79 2.92 46.57
N THR K 189 0.49 2.66 46.81
CA THR K 189 1.44 2.36 45.74
C THR K 189 1.60 0.86 45.56
N THR K 190 1.65 0.43 44.29
CA THR K 190 1.85 -0.97 43.95
C THR K 190 2.55 -1.03 42.60
N SER K 191 2.92 -2.25 42.20
CA SER K 191 3.58 -2.47 40.93
C SER K 191 3.01 -3.72 40.26
N ILE K 192 3.11 -3.76 38.93
CA ILE K 192 2.71 -4.93 38.15
C ILE K 192 3.87 -5.32 37.26
N THR K 193 3.94 -6.61 36.93
CA THR K 193 4.94 -7.14 36.01
C THR K 193 4.22 -7.88 34.90
N ILE K 194 4.61 -7.60 33.65
CA ILE K 194 3.90 -8.10 32.48
C ILE K 194 4.89 -8.83 31.57
N ASN K 195 4.50 -10.01 31.11
CA ASN K 195 5.14 -10.66 29.98
C ASN K 195 4.26 -10.50 28.75
N ASN K 196 4.88 -10.37 27.59
CA ASN K 196 4.19 -10.00 26.36
C ASN K 196 3.49 -11.18 25.68
N PHE K 197 3.24 -12.27 26.40
CA PHE K 197 2.60 -13.45 25.84
C PHE K 197 1.14 -13.46 26.26
N ASN K 198 0.24 -13.18 25.33
CA ASN K 198 -1.19 -13.12 25.61
C ASN K 198 -1.84 -14.48 25.41
N SER K 199 -2.97 -14.69 26.07
CA SER K 199 -3.71 -15.93 25.96
C SER K 199 -4.82 -15.81 24.93
N VAL K 205 -3.86 -8.78 30.27
CA VAL K 205 -3.50 -8.10 31.51
C VAL K 205 -4.05 -6.68 31.49
N SER K 206 -4.54 -6.22 32.64
CA SER K 206 -5.08 -4.88 32.77
C SER K 206 -4.96 -4.45 34.22
N LEU K 207 -5.15 -3.15 34.45
CA LEU K 207 -5.04 -2.62 35.79
C LEU K 207 -6.10 -3.22 36.70
N PRO K 208 -5.83 -3.35 38.00
CA PRO K 208 -6.84 -3.92 38.90
C PRO K 208 -8.12 -3.11 38.88
N ARG K 209 -9.25 -3.83 38.89
CA ARG K 209 -10.56 -3.17 38.88
C ARG K 209 -10.98 -2.68 40.25
N SER K 210 -10.51 -3.31 41.32
CA SER K 210 -10.88 -2.96 42.69
C SER K 210 -9.63 -2.63 43.48
N CYS K 211 -9.70 -1.56 44.28
CA CYS K 211 -8.54 -1.13 45.04
C CYS K 211 -8.11 -2.19 46.04
N LEU K 212 -6.95 -1.96 46.65
CA LEU K 212 -6.41 -2.86 47.65
C LEU K 212 -6.19 -2.13 48.97
N ASN K 235 -14.51 4.51 50.45
CA ASN K 235 -14.55 3.53 49.38
C ASN K 235 -13.79 4.02 48.16
N CYS K 236 -13.33 3.08 47.33
CA CYS K 236 -12.65 3.39 46.08
C CYS K 236 -13.47 2.83 44.93
N GLY K 237 -13.91 3.70 44.04
CA GLY K 237 -14.76 3.31 42.93
C GLY K 237 -14.08 2.34 41.98
N PRO K 238 -14.79 1.94 40.94
CA PRO K 238 -14.19 1.02 39.97
C PRO K 238 -13.01 1.64 39.25
N ASP K 239 -12.02 0.81 38.93
CA ASP K 239 -10.81 1.24 38.24
C ASP K 239 -10.18 2.40 38.98
N PRO K 240 -9.64 2.17 40.18
CA PRO K 240 -9.09 3.28 40.98
C PRO K 240 -7.62 3.58 40.77
N TYR K 241 -6.93 2.84 39.90
CA TYR K 241 -5.48 2.91 39.78
C TYR K 241 -5.07 3.73 38.57
N ILE K 242 -4.09 4.61 38.76
CA ILE K 242 -3.49 5.39 37.68
C ILE K 242 -2.00 5.06 37.65
N ILE K 243 -1.46 4.95 36.44
CA ILE K 243 -0.07 4.53 36.26
C ILE K 243 0.86 5.71 36.56
N ILE K 244 1.96 5.41 37.24
CA ILE K 244 3.00 6.40 37.51
C ILE K 244 4.09 6.14 36.49
N HIS K 245 4.19 7.03 35.49
CA HIS K 245 5.02 6.74 34.33
C HIS K 245 6.51 6.92 34.61
N GLU K 246 6.87 7.92 35.42
CA GLU K 246 8.28 8.18 35.66
C GLU K 246 8.98 7.07 36.45
N SER K 247 8.26 6.03 36.85
CA SER K 247 8.84 4.91 37.57
C SER K 247 8.63 3.58 36.87
N SER K 248 8.04 3.58 35.67
CA SER K 248 7.77 2.36 34.92
C SER K 248 8.85 2.13 33.86
N LYS K 249 8.89 0.90 33.36
CA LYS K 249 9.86 0.50 32.36
C LYS K 249 9.13 -0.12 31.17
N PHE K 250 9.65 0.15 29.97
CA PHE K 250 9.02 -0.27 28.73
C PHE K 250 10.05 -0.92 27.83
N ILE K 251 9.55 -1.60 26.78
CA ILE K 251 10.39 -2.27 25.79
C ILE K 251 9.91 -1.85 24.40
N ASP K 252 10.53 -2.43 23.38
CA ASP K 252 10.24 -2.09 22.00
C ASP K 252 9.35 -3.14 21.36
N GLN K 253 8.45 -2.68 20.48
CA GLN K 253 7.54 -3.55 19.75
C GLN K 253 7.43 -3.05 18.33
N GLN K 254 7.36 -3.98 17.38
CA GLN K 254 7.25 -3.64 15.97
C GLN K 254 6.22 -4.55 15.31
N PHE K 255 5.62 -4.06 14.23
CA PHE K 255 4.65 -4.80 13.45
C PHE K 255 5.17 -5.00 12.03
N LEU K 256 4.95 -6.21 11.51
CA LEU K 256 5.41 -6.56 10.17
C LEU K 256 4.27 -7.22 9.40
N LYS K 257 4.22 -6.98 8.09
CA LYS K 257 3.24 -7.65 7.21
C LYS K 257 4.04 -8.66 6.38
N LEU K 258 3.60 -9.91 6.34
CA LEU K 258 4.26 -11.01 5.64
C LEU K 258 3.38 -11.49 4.51
N GLN K 259 3.90 -11.45 3.29
CA GLN K 259 3.20 -11.96 2.12
C GLN K 259 3.83 -13.29 1.69
N GLU K 260 3.00 -14.18 1.17
CA GLU K 260 3.48 -15.49 0.76
C GLU K 260 4.28 -15.38 -0.54
N ILE K 261 5.19 -16.33 -0.72
CA ILE K 261 6.11 -16.33 -1.85
C ILE K 261 5.30 -16.46 -3.13
N PRO K 262 5.69 -15.80 -4.23
CA PRO K 262 4.86 -15.86 -5.44
C PRO K 262 4.63 -17.28 -5.95
N GLU K 263 5.58 -18.19 -5.78
CA GLU K 263 5.42 -19.52 -6.35
C GLU K 263 4.45 -20.36 -5.52
N LEU K 264 4.47 -20.20 -4.20
CA LEU K 264 3.58 -20.97 -3.33
C LEU K 264 2.10 -20.67 -3.57
N VAL K 265 1.77 -19.54 -4.18
CA VAL K 265 0.36 -19.14 -4.23
C VAL K 265 -0.44 -20.18 -5.02
N PRO K 266 -1.66 -20.54 -4.58
CA PRO K 266 -2.46 -21.49 -5.37
C PRO K 266 -2.95 -20.90 -6.69
N VAL K 267 -3.75 -21.67 -7.42
CA VAL K 267 -4.18 -21.28 -8.76
C VAL K 267 -5.16 -20.11 -8.67
N GLY K 268 -4.91 -19.08 -9.46
CA GLY K 268 -5.86 -17.99 -9.58
C GLY K 268 -6.19 -17.31 -8.27
N GLU K 269 -5.18 -17.09 -7.42
CA GLU K 269 -5.37 -16.48 -6.11
C GLU K 269 -4.41 -15.31 -5.94
N MET K 270 -4.91 -14.25 -5.33
CA MET K 270 -4.05 -13.14 -4.94
C MET K 270 -3.22 -13.55 -3.73
N PRO K 271 -1.98 -13.06 -3.63
CA PRO K 271 -1.17 -13.38 -2.44
C PRO K 271 -1.81 -12.82 -1.18
N ARG K 272 -1.65 -13.58 -0.09
CA ARG K 272 -2.31 -13.29 1.17
C ARG K 272 -1.31 -12.81 2.20
N ASN K 273 -1.75 -11.89 3.06
CA ASN K 273 -0.91 -11.27 4.06
C ASN K 273 -1.12 -11.90 5.43
N LEU K 274 -0.24 -11.55 6.36
CA LEU K 274 -0.33 -12.01 7.74
C LEU K 274 0.43 -11.03 8.63
N THR K 275 -0.17 -10.66 9.75
CA THR K 275 0.40 -9.68 10.64
C THR K 275 1.30 -10.36 11.67
N MET K 276 2.45 -9.74 11.94
CA MET K 276 3.45 -10.31 12.84
C MET K 276 3.97 -9.22 13.76
N THR K 277 4.41 -9.62 14.95
CA THR K 277 4.97 -8.71 15.93
C THR K 277 6.23 -9.29 16.53
N CYS K 278 7.23 -8.43 16.75
CA CYS K 278 8.51 -8.83 17.32
C CYS K 278 8.85 -7.92 18.50
N ASP K 279 9.72 -8.41 19.37
CA ASP K 279 10.03 -7.77 20.64
C ASP K 279 11.53 -7.53 20.78
N ARG K 280 11.88 -6.42 21.41
CA ARG K 280 13.23 -6.16 21.88
C ARG K 280 14.27 -6.37 20.80
N TYR K 281 15.03 -7.46 20.88
CA TYR K 281 16.20 -7.66 20.03
C TYR K 281 15.84 -8.25 18.66
N LEU K 282 14.57 -8.51 18.39
CA LEU K 282 14.12 -8.94 17.08
C LEU K 282 13.53 -7.81 16.26
N THR K 283 13.66 -6.57 16.74
CA THR K 283 13.17 -5.41 16.01
C THR K 283 14.26 -4.83 15.13
N ASN K 284 13.85 -4.15 14.06
CA ASN K 284 14.77 -3.55 13.11
C ASN K 284 15.75 -4.59 12.57
N LYS K 285 15.21 -5.75 12.20
CA LYS K 285 16.01 -6.83 11.63
C LYS K 285 15.74 -7.07 10.15
N VAL K 286 14.64 -6.54 9.60
CA VAL K 286 14.26 -6.77 8.23
C VAL K 286 13.84 -5.46 7.58
N ILE K 287 13.85 -5.45 6.26
CA ILE K 287 13.37 -4.31 5.47
C ILE K 287 12.34 -4.83 4.47
N PRO K 288 11.39 -4.00 4.03
CA PRO K 288 10.40 -4.48 3.06
C PRO K 288 11.05 -5.02 1.80
N GLY K 289 10.54 -6.15 1.33
CA GLY K 289 10.98 -6.74 0.09
C GLY K 289 12.03 -7.83 0.22
N THR K 290 12.29 -8.33 1.42
CA THR K 290 13.32 -9.34 1.64
C THR K 290 12.68 -10.64 2.10
N ARG K 291 13.08 -11.75 1.49
CA ARG K 291 12.59 -13.05 1.90
C ARG K 291 13.18 -13.43 3.26
N VAL K 292 12.33 -13.93 4.15
CA VAL K 292 12.73 -14.30 5.50
C VAL K 292 12.08 -15.63 5.87
N THR K 293 12.64 -16.26 6.90
CA THR K 293 12.06 -17.45 7.52
C THR K 293 11.74 -17.12 8.97
N ILE K 294 10.56 -17.51 9.42
CA ILE K 294 10.02 -17.09 10.71
C ILE K 294 9.67 -18.30 11.54
N VAL K 295 10.09 -18.29 12.80
CA VAL K 295 9.62 -19.21 13.83
C VAL K 295 8.81 -18.39 14.83
N GLY K 296 7.59 -18.82 15.10
CA GLY K 296 6.73 -18.04 15.98
C GLY K 296 5.56 -18.85 16.47
N ILE K 297 4.62 -18.15 17.09
CA ILE K 297 3.41 -18.75 17.63
C ILE K 297 2.22 -18.19 16.88
N TYR K 298 1.42 -19.09 16.29
CA TYR K 298 0.20 -18.69 15.60
C TYR K 298 -0.89 -18.49 16.64
N SER K 299 -1.23 -17.22 16.91
CA SER K 299 -2.18 -16.91 17.97
C SER K 299 -3.29 -16.00 17.44
N ILE K 300 -4.14 -15.50 18.35
CA ILE K 300 -5.30 -14.70 17.97
C ILE K 300 -5.50 -13.62 19.02
N TYR K 301 -5.99 -12.46 18.58
CA TYR K 301 -6.32 -11.36 19.46
C TYR K 301 -7.65 -10.77 19.05
N ASN K 302 -8.48 -10.43 20.03
CA ASN K 302 -9.79 -9.86 19.77
C ASN K 302 -9.64 -8.37 19.50
N SER K 303 -10.21 -7.90 18.40
CA SER K 303 -10.17 -6.49 18.04
C SER K 303 -11.54 -5.85 18.21
N VAL K 321 -17.89 -10.24 16.35
CA VAL K 321 -18.58 -11.14 17.26
C VAL K 321 -17.64 -12.28 17.66
N ALA K 322 -18.00 -13.53 17.37
CA ALA K 322 -17.23 -14.68 17.83
C ALA K 322 -16.20 -15.09 16.79
N ILE K 323 -15.41 -14.11 16.35
CA ILE K 323 -14.27 -14.34 15.47
C ILE K 323 -13.09 -13.57 16.03
N ARG K 324 -11.89 -14.09 15.75
CA ARG K 324 -10.65 -13.49 16.21
C ARG K 324 -9.71 -13.35 15.02
N THR K 325 -8.94 -12.26 15.00
CA THR K 325 -8.04 -12.00 13.88
C THR K 325 -6.68 -12.63 14.16
N PRO K 326 -6.23 -13.58 13.35
CA PRO K 326 -4.97 -14.28 13.67
C PRO K 326 -3.74 -13.42 13.40
N TYR K 327 -2.66 -13.81 14.07
CA TYR K 327 -1.36 -13.17 13.91
C TYR K 327 -0.30 -14.11 14.46
N ILE K 328 0.95 -13.81 14.14
CA ILE K 328 2.08 -14.65 14.53
C ILE K 328 2.99 -13.85 15.45
N LYS K 329 3.34 -14.45 16.59
CA LYS K 329 4.24 -13.83 17.56
C LYS K 329 5.64 -14.36 17.29
N ILE K 330 6.48 -13.51 16.69
CA ILE K 330 7.78 -13.98 16.21
C ILE K 330 8.64 -14.45 17.37
N LEU K 331 9.31 -15.59 17.18
CA LEU K 331 10.32 -16.08 18.11
C LEU K 331 11.69 -16.20 17.47
N GLY K 332 11.82 -15.88 16.18
CA GLY K 332 13.10 -15.97 15.50
C GLY K 332 12.99 -15.56 14.06
N ILE K 333 14.01 -14.88 13.54
CA ILE K 333 14.05 -14.41 12.16
C ILE K 333 15.35 -14.87 11.52
N GLN K 334 15.25 -15.47 10.35
CA GLN K 334 16.42 -15.88 9.56
C GLN K 334 16.24 -15.34 8.15
N SER K 335 17.26 -14.67 7.63
CA SER K 335 17.20 -14.08 6.30
C SER K 335 18.50 -14.32 5.55
N ASP K 336 18.41 -14.32 4.23
CA ASP K 336 19.58 -14.46 3.37
C ASP K 336 20.25 -13.13 3.08
N VAL K 337 19.68 -12.00 3.52
CA VAL K 337 20.21 -10.68 3.26
C VAL K 337 20.68 -10.08 4.58
N GLU K 338 21.93 -9.61 4.58
CA GLU K 338 22.55 -8.95 5.75
C GLU K 338 22.08 -7.50 5.73
N THR K 339 20.83 -7.25 6.09
CA THR K 339 20.23 -5.90 6.01
C THR K 339 21.03 -5.00 6.94
N SER K 340 21.46 -5.51 8.10
CA SER K 340 22.20 -4.70 9.10
C SER K 340 23.52 -4.21 8.51
N SER K 341 24.24 -5.05 7.77
CA SER K 341 25.49 -4.62 7.09
C SER K 341 25.12 -3.56 6.06
N ILE K 342 24.05 -3.79 5.29
CA ILE K 342 23.69 -2.87 4.18
C ILE K 342 23.31 -1.50 4.73
N TRP K 343 22.48 -1.42 5.78
CA TRP K 343 22.18 -0.10 6.40
C TRP K 343 23.40 0.49 7.16
N ASN K 344 24.17 -0.32 7.90
CA ASN K 344 25.29 0.22 8.74
C ASN K 344 26.65 -0.44 8.50
N SER K 345 27.68 0.33 8.12
CA SER K 345 29.10 -0.11 8.07
C SER K 345 29.30 -1.39 7.25
N VAL K 346 30.15 -2.32 7.70
CA VAL K 346 30.30 -3.67 7.11
C VAL K 346 30.10 -4.60 8.29
N THR K 347 29.20 -5.56 8.21
CA THR K 347 28.85 -6.43 9.36
C THR K 347 28.31 -7.74 8.79
N MET K 348 28.23 -8.77 9.61
CA MET K 348 27.58 -10.02 9.15
C MET K 348 28.57 -10.81 8.30
N PHE K 349 29.82 -10.37 8.20
CA PHE K 349 30.87 -11.13 7.50
C PHE K 349 31.80 -11.62 8.61
N THR K 350 31.95 -12.94 8.75
CA THR K 350 32.84 -13.55 9.75
C THR K 350 34.26 -13.35 9.20
N GLU K 351 35.29 -13.41 10.03
CA GLU K 351 36.67 -13.32 9.53
C GLU K 351 36.90 -14.51 8.59
N GLU K 352 36.38 -15.68 8.94
CA GLU K 352 36.52 -16.88 8.09
C GLU K 352 35.82 -16.64 6.75
N GLU K 353 34.63 -16.05 6.75
CA GLU K 353 33.89 -15.70 5.51
C GLU K 353 34.67 -14.62 4.76
N GLU K 354 35.22 -13.64 5.47
CA GLU K 354 35.96 -12.52 4.87
C GLU K 354 37.18 -13.07 4.16
N GLU K 355 37.85 -14.05 4.77
CA GLU K 355 39.07 -14.65 4.19
C GLU K 355 38.73 -15.28 2.84
N GLU K 356 37.59 -15.95 2.69
CA GLU K 356 37.15 -16.54 1.43
C GLU K 356 37.02 -15.48 0.35
N PHE K 357 36.44 -14.32 0.70
CA PHE K 357 36.27 -13.27 -0.29
C PHE K 357 37.61 -12.71 -0.77
N LEU K 358 38.56 -12.51 0.14
CA LEU K 358 39.88 -12.06 -0.30
C LEU K 358 40.54 -13.10 -1.20
N GLN K 359 40.44 -14.37 -0.84
CA GLN K 359 41.02 -15.43 -1.66
C GLN K 359 40.41 -15.41 -3.06
N LEU K 360 39.07 -15.28 -3.14
CA LEU K 360 38.42 -15.22 -4.44
C LEU K 360 38.87 -14.00 -5.23
N SER K 361 39.02 -12.85 -4.56
CA SER K 361 39.48 -11.65 -5.25
C SER K 361 40.88 -11.83 -5.80
N ARG K 362 41.73 -12.60 -5.10
CA ARG K 362 43.09 -12.83 -5.58
C ARG K 362 43.13 -13.68 -6.84
N ASN K 363 42.02 -14.30 -7.23
CA ASN K 363 42.02 -15.15 -8.41
C ASN K 363 42.42 -14.34 -9.63
N PRO K 364 43.38 -14.80 -10.43
CA PRO K 364 43.83 -13.99 -11.58
C PRO K 364 42.75 -13.70 -12.60
N LYS K 365 41.73 -14.54 -12.72
CA LYS K 365 40.72 -14.44 -13.76
C LYS K 365 39.32 -14.39 -13.15
N LEU K 366 39.16 -13.55 -12.11
CA LEU K 366 37.85 -13.40 -11.50
C LEU K 366 36.84 -12.80 -12.47
N TYR K 367 37.30 -11.93 -13.37
CA TYR K 367 36.39 -11.34 -14.35
C TYR K 367 35.72 -12.40 -15.19
N GLU K 368 36.49 -13.37 -15.68
CA GLU K 368 35.91 -14.44 -16.49
C GLU K 368 34.92 -15.26 -15.68
N ILE K 369 35.26 -15.58 -14.42
CA ILE K 369 34.37 -16.39 -13.61
C ILE K 369 33.04 -15.67 -13.38
N LEU K 370 33.11 -14.39 -13.05
CA LEU K 370 31.88 -13.64 -12.82
C LEU K 370 31.06 -13.52 -14.10
N THR K 371 31.73 -13.26 -15.23
CA THR K 371 31.00 -13.17 -16.50
C THR K 371 30.29 -14.48 -16.83
N ASN K 372 30.98 -15.61 -16.62
CA ASN K 372 30.38 -16.90 -16.91
C ASN K 372 29.31 -17.27 -15.90
N SER K 373 29.36 -16.71 -14.68
CA SER K 373 28.40 -17.07 -13.64
C SER K 373 27.03 -16.42 -13.84
N ILE K 374 26.92 -15.41 -14.69
CA ILE K 374 25.65 -14.74 -14.93
C ILE K 374 24.93 -15.45 -16.06
N ALA K 375 23.71 -15.90 -15.80
CA ALA K 375 22.91 -16.58 -16.80
C ALA K 375 23.70 -17.70 -17.42
N PRO K 376 24.01 -18.77 -16.67
CA PRO K 376 24.71 -19.90 -17.27
C PRO K 376 23.91 -20.58 -18.36
N SER K 377 22.59 -20.39 -18.37
CA SER K 377 21.69 -21.07 -19.30
C SER K 377 21.35 -20.23 -20.52
N ILE K 378 21.96 -19.07 -20.70
CA ILE K 378 21.76 -18.24 -21.89
C ILE K 378 23.05 -18.23 -22.70
N PHE K 379 22.93 -18.56 -23.97
CA PHE K 379 24.08 -18.74 -24.86
C PHE K 379 24.54 -17.41 -25.43
N GLY K 380 25.85 -17.21 -25.44
CA GLY K 380 26.41 -16.01 -26.02
C GLY K 380 26.11 -14.76 -25.20
N ASN K 381 26.03 -13.63 -25.89
CA ASN K 381 25.74 -12.35 -25.26
C ASN K 381 26.76 -12.02 -24.17
N GLU K 382 28.04 -12.26 -24.48
CA GLU K 382 29.10 -12.05 -23.49
C GLU K 382 29.22 -10.58 -23.11
N ASP K 383 29.10 -9.67 -24.10
CA ASP K 383 29.24 -8.26 -23.80
C ASP K 383 28.15 -7.78 -22.83
N ILE K 384 26.92 -8.23 -23.05
CA ILE K 384 25.83 -7.84 -22.14
C ILE K 384 26.08 -8.39 -20.75
N LYS K 385 26.65 -9.60 -20.65
CA LYS K 385 26.94 -10.16 -19.34
C LYS K 385 28.05 -9.38 -18.63
N LYS K 386 29.07 -8.94 -19.36
CA LYS K 386 30.09 -8.08 -18.77
C LYS K 386 29.48 -6.75 -18.30
N ALA K 387 28.58 -6.19 -19.12
CA ALA K 387 27.89 -4.97 -18.73
C ALA K 387 27.07 -5.18 -17.46
N ILE K 388 26.42 -6.35 -17.35
CA ILE K 388 25.64 -6.63 -16.15
C ILE K 388 26.54 -6.80 -14.94
N VAL K 389 27.73 -7.40 -15.12
CA VAL K 389 28.69 -7.46 -14.02
C VAL K 389 29.06 -6.05 -13.56
N CYS K 390 29.37 -5.17 -14.51
CA CYS K 390 29.72 -3.81 -14.15
C CYS K 390 28.57 -3.09 -13.46
N LEU K 391 27.35 -3.30 -13.94
CA LEU K 391 26.19 -2.67 -13.33
C LEU K 391 25.97 -3.16 -11.90
N LEU K 392 26.12 -4.46 -11.67
CA LEU K 392 26.00 -4.99 -10.32
C LEU K 392 27.09 -4.45 -9.42
N MET K 393 28.31 -4.30 -9.95
CA MET K 393 29.42 -3.81 -9.13
C MET K 393 29.22 -2.34 -8.78
N GLY K 394 28.81 -1.53 -9.74
CA GLY K 394 28.62 -0.12 -9.53
C GLY K 394 29.95 0.63 -9.52
N GLY K 395 29.85 1.95 -9.69
CA GLY K 395 31.02 2.80 -9.65
C GLY K 395 31.35 3.24 -8.24
N SER K 396 31.77 4.48 -8.08
CA SER K 396 32.01 5.07 -6.76
C SER K 396 31.48 6.49 -6.77
N LYS K 397 30.81 6.86 -5.68
CA LYS K 397 30.16 8.15 -5.57
C LYS K 397 31.05 9.12 -4.82
N LYS K 398 31.05 10.39 -5.25
CA LYS K 398 31.89 11.43 -4.68
C LYS K 398 31.03 12.60 -4.24
N ILE K 399 31.36 13.18 -3.09
CA ILE K 399 30.73 14.39 -2.60
C ILE K 399 31.80 15.46 -2.56
N LEU K 400 31.71 16.43 -3.47
CA LEU K 400 32.71 17.47 -3.58
C LEU K 400 32.58 18.44 -2.41
N PRO K 401 33.66 19.19 -2.10
CA PRO K 401 33.57 20.14 -0.99
C PRO K 401 32.45 21.16 -1.13
N ASP K 402 32.20 21.64 -2.35
CA ASP K 402 31.15 22.62 -2.56
C ASP K 402 29.75 22.04 -2.39
N GLY K 403 29.62 20.71 -2.33
CA GLY K 403 28.36 20.05 -2.11
C GLY K 403 27.86 19.23 -3.27
N MET K 404 28.39 19.42 -4.46
CA MET K 404 27.91 18.68 -5.62
C MET K 404 28.19 17.19 -5.42
N ARG K 405 27.21 16.37 -5.83
CA ARG K 405 27.32 14.91 -5.75
C ARG K 405 27.38 14.34 -7.15
N LEU K 406 28.24 13.33 -7.32
CA LEU K 406 28.44 12.67 -8.60
C LEU K 406 27.86 11.26 -8.54
N ARG K 407 26.95 10.94 -9.46
CA ARG K 407 26.27 9.62 -9.50
C ARG K 407 27.34 8.55 -9.59
N GLY K 408 27.13 7.42 -8.93
CA GLY K 408 28.05 6.30 -8.94
C GLY K 408 27.45 5.02 -9.44
N ASP K 409 26.24 5.09 -9.98
CA ASP K 409 25.54 3.92 -10.49
C ASP K 409 25.49 3.94 -12.01
N ILE K 410 25.31 2.76 -12.59
CA ILE K 410 25.36 2.55 -14.03
C ILE K 410 23.99 2.08 -14.51
N ASN K 411 23.48 2.72 -15.55
CA ASN K 411 22.19 2.40 -16.14
C ASN K 411 22.40 1.79 -17.52
N VAL K 412 21.70 0.70 -17.80
CA VAL K 412 21.90 -0.09 -19.02
C VAL K 412 20.55 -0.26 -19.72
N LEU K 413 20.54 -0.05 -21.03
CA LEU K 413 19.35 -0.23 -21.86
C LEU K 413 19.62 -1.35 -22.86
N LEU K 414 18.65 -2.24 -23.02
CA LEU K 414 18.73 -3.35 -23.99
C LEU K 414 17.61 -3.17 -25.02
N LEU K 415 17.99 -2.65 -26.20
CA LEU K 415 17.08 -2.55 -27.34
C LEU K 415 17.42 -3.67 -28.32
N GLY K 416 16.41 -4.38 -28.79
CA GLY K 416 16.69 -5.46 -29.71
C GLY K 416 15.42 -6.14 -30.19
N ASP K 417 15.63 -7.16 -31.02
CA ASP K 417 14.55 -7.92 -31.62
C ASP K 417 14.01 -8.97 -30.66
N PRO K 418 12.84 -9.54 -30.95
CA PRO K 418 12.26 -10.55 -30.07
C PRO K 418 13.14 -11.79 -29.98
N GLY K 419 12.97 -12.53 -28.88
CA GLY K 419 13.65 -13.80 -28.70
C GLY K 419 15.11 -13.69 -28.34
N THR K 420 15.58 -12.51 -27.95
CA THR K 420 17.00 -12.28 -27.68
C THR K 420 17.41 -12.66 -26.26
N ALA K 421 16.46 -12.98 -25.39
CA ALA K 421 16.73 -13.28 -23.98
C ALA K 421 17.11 -12.03 -23.20
N LYS K 422 16.41 -10.93 -23.45
CA LYS K 422 16.56 -9.75 -22.60
C LYS K 422 15.75 -9.90 -21.32
N SER K 423 14.51 -10.37 -21.43
CA SER K 423 13.68 -10.57 -20.26
C SER K 423 14.29 -11.59 -19.31
N GLN K 424 14.89 -12.66 -19.85
CA GLN K 424 15.53 -13.65 -19.01
C GLN K 424 16.74 -13.07 -18.29
N LEU K 425 17.52 -12.25 -18.97
CA LEU K 425 18.63 -11.57 -18.30
C LEU K 425 18.14 -10.68 -17.18
N LEU K 426 17.05 -9.93 -17.43
CA LEU K 426 16.49 -9.09 -16.38
C LEU K 426 16.01 -9.91 -15.19
N LYS K 427 15.36 -11.03 -15.44
CA LYS K 427 14.84 -11.91 -14.37
C LYS K 427 16.01 -12.53 -13.61
N PHE K 428 17.15 -12.81 -14.24
CA PHE K 428 18.33 -13.29 -13.51
C PHE K 428 18.94 -12.19 -12.66
N VAL K 429 19.09 -10.99 -13.23
CA VAL K 429 19.69 -9.89 -12.48
C VAL K 429 18.85 -9.56 -11.26
N GLU K 430 17.52 -9.64 -11.39
CA GLU K 430 16.66 -9.45 -10.22
C GLU K 430 16.93 -10.49 -9.15
N LYS K 431 17.40 -11.68 -9.53
CA LYS K 431 17.58 -12.77 -8.59
C LYS K 431 18.98 -12.83 -7.99
N VAL K 432 19.97 -12.20 -8.64
CA VAL K 432 21.35 -12.27 -8.15
C VAL K 432 21.64 -11.06 -7.26
N SER K 433 21.07 -9.91 -7.58
CA SER K 433 21.38 -8.69 -6.85
C SER K 433 20.85 -8.77 -5.43
N PRO K 434 21.57 -8.22 -4.44
CA PRO K 434 21.04 -8.26 -3.06
C PRO K 434 19.70 -7.58 -2.91
N ILE K 435 19.50 -6.45 -3.59
CA ILE K 435 18.23 -5.73 -3.60
C ILE K 435 17.83 -5.51 -5.05
N ALA K 436 16.62 -5.92 -5.41
CA ALA K 436 16.18 -5.75 -6.79
C ALA K 436 14.66 -5.83 -6.85
N VAL K 437 14.09 -5.16 -7.85
CA VAL K 437 12.66 -5.17 -8.11
C VAL K 437 12.47 -5.34 -9.62
N TYR K 438 11.63 -6.29 -10.02
CA TYR K 438 11.28 -6.51 -11.41
C TYR K 438 9.92 -5.89 -11.68
N THR K 439 9.88 -4.93 -12.59
CA THR K 439 8.65 -4.23 -12.93
C THR K 439 8.49 -4.16 -14.44
N SER K 440 7.25 -4.21 -14.90
CA SER K 440 6.92 -4.09 -16.31
C SER K 440 6.49 -2.66 -16.60
N GLY K 441 7.06 -2.08 -17.65
CA GLY K 441 6.73 -0.70 -17.99
C GLY K 441 5.26 -0.50 -18.27
N LYS K 442 4.58 -1.53 -18.77
CA LYS K 442 3.16 -1.40 -19.06
C LYS K 442 2.33 -1.37 -17.78
N GLY K 443 2.62 -2.27 -16.85
CA GLY K 443 1.86 -2.35 -15.61
C GLY K 443 2.41 -1.49 -14.50
N SER K 444 2.90 -0.30 -14.86
CA SER K 444 3.50 0.63 -13.91
C SER K 444 2.91 2.01 -14.09
N SER K 445 3.22 2.90 -13.16
CA SER K 445 2.71 4.26 -13.19
C SER K 445 3.72 5.18 -12.52
N ALA K 446 3.53 6.49 -12.73
CA ALA K 446 4.45 7.47 -12.15
C ALA K 446 4.47 7.37 -10.64
N ALA K 447 3.29 7.20 -10.02
CA ALA K 447 3.24 7.03 -8.57
C ALA K 447 3.66 5.64 -8.14
N GLY K 448 3.38 4.63 -8.97
CA GLY K 448 3.86 3.29 -8.65
C GLY K 448 5.36 3.23 -8.52
N LEU K 449 6.07 3.83 -9.48
CA LEU K 449 7.47 4.16 -9.29
C LEU K 449 7.58 5.40 -8.41
N THR K 450 8.78 5.64 -7.88
CA THR K 450 8.99 6.77 -6.99
C THR K 450 8.19 6.57 -5.71
N ALA K 451 7.30 7.51 -5.37
CA ALA K 451 6.52 7.42 -4.14
C ALA K 451 5.13 7.99 -4.39
N SER K 452 4.17 7.55 -3.57
CA SER K 452 2.78 7.93 -3.72
C SER K 452 2.26 8.50 -2.41
N VAL K 453 1.32 9.43 -2.50
CA VAL K 453 0.70 10.05 -1.34
C VAL K 453 -0.59 9.33 -1.03
N GLN K 454 -0.73 8.89 0.23
CA GLN K 454 -1.87 8.08 0.65
C GLN K 454 -2.47 8.69 1.91
N ARG K 455 -3.77 8.52 2.07
CA ARG K 455 -4.51 9.04 3.22
C ARG K 455 -4.84 7.89 4.18
N ASP K 456 -4.52 8.09 5.45
CA ASP K 456 -4.85 7.11 6.48
C ASP K 456 -6.35 7.21 6.80
N PRO K 457 -7.13 6.14 6.64
CA PRO K 457 -8.58 6.28 6.86
C PRO K 457 -8.95 6.69 8.27
N MET K 458 -8.13 6.37 9.26
CA MET K 458 -8.47 6.71 10.65
C MET K 458 -8.08 8.16 10.96
N THR K 459 -6.79 8.48 10.86
CA THR K 459 -6.31 9.80 11.24
C THR K 459 -6.62 10.88 10.21
N ARG K 460 -7.06 10.49 9.01
CA ARG K 460 -7.40 11.43 7.91
C ARG K 460 -6.14 12.23 7.54
N GLU K 461 -4.95 11.69 7.76
CA GLU K 461 -3.69 12.37 7.53
C GLU K 461 -2.95 11.74 6.36
N PHE K 462 -2.46 12.58 5.45
CA PHE K 462 -1.70 12.09 4.31
C PHE K 462 -0.30 11.68 4.75
N TYR K 463 0.18 10.56 4.21
CA TYR K 463 1.55 10.12 4.41
C TYR K 463 2.10 9.59 3.09
N LEU K 464 3.38 9.26 3.10
CA LEU K 464 4.11 8.88 1.90
C LEU K 464 4.44 7.40 1.94
N GLU K 465 4.22 6.71 0.82
CA GLU K 465 4.56 5.30 0.68
C GLU K 465 5.50 5.14 -0.51
N GLY K 466 6.59 4.40 -0.31
CA GLY K 466 7.57 4.26 -1.36
C GLY K 466 7.13 3.29 -2.44
N GLY K 467 7.58 3.57 -3.66
CA GLY K 467 7.27 2.77 -4.83
C GLY K 467 8.41 1.85 -5.21
N ALA K 468 8.48 1.52 -6.50
CA ALA K 468 9.51 0.59 -6.97
C ALA K 468 10.91 1.16 -6.77
N MET K 469 11.10 2.44 -7.07
CA MET K 469 12.44 3.02 -6.98
C MET K 469 12.87 3.26 -5.54
N VAL K 470 11.92 3.42 -4.62
CA VAL K 470 12.27 3.49 -3.21
C VAL K 470 12.48 2.08 -2.65
N LEU K 471 11.62 1.14 -3.03
CA LEU K 471 11.76 -0.23 -2.56
C LEU K 471 13.06 -0.86 -3.06
N ALA K 472 13.61 -0.35 -4.15
CA ALA K 472 14.85 -0.86 -4.72
C ALA K 472 16.06 -0.03 -4.34
N ASP K 473 15.91 0.92 -3.42
CA ASP K 473 17.00 1.82 -3.07
C ASP K 473 18.23 1.03 -2.66
N GLY K 474 19.39 1.44 -3.17
CA GLY K 474 20.62 0.72 -2.92
C GLY K 474 20.81 -0.52 -3.75
N GLY K 475 19.94 -0.76 -4.74
CA GLY K 475 20.03 -1.94 -5.56
C GLY K 475 19.84 -1.65 -7.04
N VAL K 476 19.00 -2.45 -7.70
CA VAL K 476 18.77 -2.34 -9.13
C VAL K 476 17.28 -2.49 -9.41
N VAL K 477 16.77 -1.69 -10.35
CA VAL K 477 15.40 -1.79 -10.81
C VAL K 477 15.42 -2.33 -12.23
N CYS K 478 14.64 -3.39 -12.48
CA CYS K 478 14.56 -4.02 -13.78
C CYS K 478 13.23 -3.63 -14.41
N ILE K 479 13.25 -2.61 -15.25
CA ILE K 479 12.04 -2.10 -15.91
C ILE K 479 11.92 -2.81 -17.26
N ASP K 480 11.12 -3.85 -17.31
CA ASP K 480 10.86 -4.56 -18.55
C ASP K 480 9.79 -3.83 -19.36
N GLU K 481 9.72 -4.16 -20.65
CA GLU K 481 8.77 -3.54 -21.57
C GLU K 481 8.86 -2.02 -21.47
N PHE K 482 10.09 -1.51 -21.50
CA PHE K 482 10.32 -0.08 -21.31
C PHE K 482 9.65 0.76 -22.38
N ASP K 483 9.33 0.19 -23.53
CA ASP K 483 8.69 0.94 -24.61
C ASP K 483 7.18 1.07 -24.42
N LYS K 484 6.55 0.20 -23.65
CA LYS K 484 5.11 0.28 -23.41
C LYS K 484 4.76 1.33 -22.36
N MET K 485 5.72 1.79 -21.58
CA MET K 485 5.44 2.79 -20.55
C MET K 485 4.95 4.07 -21.18
N ARG K 486 3.97 4.70 -20.55
CA ARG K 486 3.40 5.94 -21.06
C ARG K 486 4.42 7.07 -20.93
N ASP K 487 4.20 8.12 -21.73
CA ASP K 487 5.15 9.23 -21.77
C ASP K 487 5.30 9.87 -20.40
N GLU K 488 4.19 10.08 -19.69
CA GLU K 488 4.26 10.74 -18.38
C GLU K 488 4.94 9.85 -17.35
N ASP K 489 4.58 8.56 -17.33
CA ASP K 489 5.18 7.65 -16.37
C ASP K 489 6.67 7.48 -16.62
N ARG K 490 7.10 7.58 -17.88
CA ARG K 490 8.52 7.55 -18.20
C ARG K 490 9.21 8.85 -17.80
N VAL K 491 8.55 9.99 -18.03
CA VAL K 491 9.13 11.28 -17.67
C VAL K 491 9.30 11.38 -16.15
N ALA K 492 8.47 10.67 -15.40
CA ALA K 492 8.55 10.70 -13.94
C ALA K 492 9.79 10.00 -13.40
N ILE K 493 10.74 9.59 -14.25
CA ILE K 493 11.89 8.80 -13.83
C ILE K 493 13.21 9.54 -14.01
N HIS K 494 13.21 10.65 -14.74
CA HIS K 494 14.45 11.36 -15.09
C HIS K 494 15.23 11.75 -13.85
N GLU K 495 14.65 12.44 -12.87
CA GLU K 495 15.38 12.93 -11.71
C GLU K 495 15.89 11.78 -10.85
N ALA K 496 15.05 10.76 -10.64
CA ALA K 496 15.48 9.61 -9.86
C ALA K 496 16.55 8.80 -10.56
N MET K 497 16.65 8.90 -11.88
CA MET K 497 17.70 8.18 -12.60
C MET K 497 19.02 8.95 -12.58
N GLU K 498 18.96 10.28 -12.66
CA GLU K 498 20.16 11.10 -12.71
C GLU K 498 20.57 11.62 -11.33
N GLN K 499 19.69 12.40 -10.69
CA GLN K 499 20.03 13.01 -9.41
C GLN K 499 19.88 12.05 -8.23
N GLN K 500 19.17 10.95 -8.41
CA GLN K 500 18.98 9.95 -7.36
C GLN K 500 18.25 10.55 -6.16
N THR K 501 17.15 11.26 -6.46
CA THR K 501 16.28 11.80 -5.43
C THR K 501 14.87 11.89 -6.00
N ILE K 502 13.84 11.83 -5.15
CA ILE K 502 12.41 11.87 -5.56
C ILE K 502 11.76 13.06 -4.87
N SER K 503 11.79 14.24 -5.48
CA SER K 503 11.14 15.47 -4.92
C SER K 503 9.63 15.35 -4.97
N ILE K 504 8.94 15.51 -3.83
CA ILE K 504 7.45 15.45 -3.75
C ILE K 504 6.98 16.80 -3.19
N ALA K 505 5.82 17.28 -3.64
CA ALA K 505 5.17 18.52 -3.17
C ALA K 505 3.70 18.27 -3.38
N LYS K 506 3.05 17.52 -2.48
CA LYS K 506 1.64 17.11 -2.68
C LYS K 506 0.93 16.95 -1.34
N ALA K 507 -0.27 17.51 -1.19
CA ALA K 507 -1.11 17.38 0.03
C ALA K 507 -0.37 17.86 1.28
N GLY K 508 0.32 18.99 1.22
CA GLY K 508 1.11 19.50 2.36
C GLY K 508 2.47 18.85 2.43
N ILE K 509 2.56 17.51 2.37
CA ILE K 509 3.83 16.74 2.37
C ILE K 509 4.77 17.42 1.39
N THR K 510 5.97 17.85 1.81
CA THR K 510 7.01 18.45 0.95
C THR K 510 8.35 17.88 1.40
N THR K 511 9.03 17.10 0.56
CA THR K 511 10.29 16.41 0.93
C THR K 511 11.14 16.12 -0.30
N VAL K 512 12.33 15.55 -0.13
CA VAL K 512 13.19 15.06 -1.24
C VAL K 512 13.76 13.72 -0.76
N LEU K 513 13.06 12.61 -1.04
CA LEU K 513 13.51 11.28 -0.67
C LEU K 513 14.82 10.93 -1.37
N ASN K 514 15.34 9.75 -1.07
CA ASN K 514 16.58 9.26 -1.66
C ASN K 514 16.31 7.96 -2.40
N SER K 515 16.74 7.90 -3.66
CA SER K 515 16.57 6.71 -4.49
C SER K 515 17.87 6.52 -5.27
N ARG K 516 18.79 5.76 -4.69
CA ARG K 516 20.07 5.45 -5.33
C ARG K 516 19.98 4.06 -5.91
N THR K 517 19.45 3.98 -7.13
CA THR K 517 19.20 2.72 -7.80
C THR K 517 19.82 2.73 -9.19
N SER K 518 20.12 1.53 -9.67
CA SER K 518 20.59 1.32 -11.04
C SER K 518 19.44 0.77 -11.86
N VAL K 519 19.22 1.35 -13.04
CA VAL K 519 18.12 0.96 -13.92
C VAL K 519 18.67 0.04 -15.00
N LEU K 520 18.05 -1.12 -15.17
CA LEU K 520 18.34 -2.04 -16.27
C LEU K 520 17.05 -2.22 -17.05
N ALA K 521 17.00 -1.65 -18.25
CA ALA K 521 15.78 -1.57 -19.04
C ALA K 521 15.90 -2.41 -20.30
N ALA K 522 14.77 -3.00 -20.70
CA ALA K 522 14.66 -3.75 -21.94
C ALA K 522 13.53 -3.16 -22.77
N ALA K 523 13.76 -3.01 -24.07
CA ALA K 523 12.80 -2.36 -24.94
C ALA K 523 12.87 -2.96 -26.34
N ASN K 524 11.84 -2.67 -27.13
CA ASN K 524 11.75 -3.04 -28.53
C ASN K 524 11.76 -1.80 -29.41
N PRO K 525 12.30 -1.87 -30.64
CA PRO K 525 12.20 -0.73 -31.54
C PRO K 525 10.76 -0.46 -31.95
N ILE K 526 10.54 0.57 -32.77
CA ILE K 526 9.18 0.96 -33.12
C ILE K 526 8.46 -0.16 -33.84
N TYR K 527 9.12 -0.77 -34.82
CA TYR K 527 8.49 -1.77 -35.68
C TYR K 527 8.67 -3.19 -35.15
N GLY K 528 9.11 -3.35 -33.91
CA GLY K 528 9.28 -4.67 -33.34
C GLY K 528 10.63 -5.27 -33.68
N ARG K 529 11.07 -5.08 -34.92
CA ARG K 529 12.39 -5.49 -35.36
C ARG K 529 13.16 -4.28 -35.84
N TYR K 530 14.47 -4.27 -35.57
CA TYR K 530 15.32 -3.16 -36.00
C TYR K 530 15.49 -3.26 -37.51
N ASP K 531 14.82 -2.39 -38.24
CA ASP K 531 14.83 -2.43 -39.70
C ASP K 531 15.98 -1.55 -40.19
N ASP K 532 16.98 -2.18 -40.82
CA ASP K 532 18.15 -1.44 -41.27
C ASP K 532 17.83 -0.50 -42.41
N LEU K 533 16.76 -0.77 -43.17
CA LEU K 533 16.45 0.05 -44.33
C LEU K 533 16.20 1.50 -43.93
N LYS K 534 15.48 1.71 -42.83
CA LYS K 534 15.14 3.05 -42.39
C LYS K 534 16.21 3.61 -41.45
N SER K 535 16.23 4.93 -41.33
CA SER K 535 17.27 5.60 -40.57
C SER K 535 17.14 5.28 -39.08
N PRO K 536 18.22 5.44 -38.32
CA PRO K 536 18.14 5.12 -36.88
C PRO K 536 17.16 6.01 -36.14
N GLY K 537 16.86 7.20 -36.65
CA GLY K 537 15.88 8.06 -36.02
C GLY K 537 14.46 7.55 -36.18
N ASP K 538 14.24 6.58 -37.06
CA ASP K 538 12.91 6.01 -37.25
C ASP K 538 12.66 4.77 -36.40
N ASN K 539 13.71 4.07 -35.97
CA ASN K 539 13.56 2.86 -35.17
C ASN K 539 13.51 3.13 -33.68
N ILE K 540 13.78 4.36 -33.24
CA ILE K 540 13.86 4.69 -31.83
C ILE K 540 12.92 5.87 -31.56
N ASP K 541 11.93 5.65 -30.70
CA ASP K 541 11.03 6.71 -30.29
C ASP K 541 11.45 7.39 -28.99
N PHE K 542 12.48 6.88 -28.32
CA PHE K 542 12.96 7.52 -27.10
C PHE K 542 13.60 8.86 -27.43
N GLN K 543 13.33 9.86 -26.59
CA GLN K 543 13.92 11.17 -26.76
C GLN K 543 15.38 11.16 -26.29
N THR K 544 16.15 12.13 -26.78
CA THR K 544 17.56 12.20 -26.44
C THR K 544 17.79 12.40 -24.95
N THR K 545 16.87 13.09 -24.26
CA THR K 545 17.07 13.34 -22.83
C THR K 545 17.08 12.03 -22.04
N ILE K 546 16.10 11.16 -22.29
CA ILE K 546 16.03 9.91 -21.56
C ILE K 546 17.19 8.99 -21.96
N LEU K 547 17.56 9.00 -23.24
CA LEU K 547 18.60 8.09 -23.71
C LEU K 547 19.97 8.47 -23.16
N SER K 548 20.25 9.77 -23.05
CA SER K 548 21.55 10.21 -22.55
C SER K 548 21.79 9.77 -21.11
N ARG K 549 20.73 9.44 -20.37
CA ARG K 549 20.86 9.02 -18.99
C ARG K 549 21.34 7.58 -18.84
N PHE K 550 21.38 6.81 -19.93
CA PHE K 550 21.84 5.44 -19.89
C PHE K 550 23.34 5.39 -20.19
N ASP K 551 24.09 4.74 -19.30
CA ASP K 551 25.53 4.66 -19.48
C ASP K 551 25.89 3.88 -20.74
N MET K 552 25.24 2.73 -20.96
CA MET K 552 25.53 1.86 -22.09
C MET K 552 24.22 1.45 -22.74
N ILE K 553 24.15 1.62 -24.06
CA ILE K 553 22.98 1.25 -24.85
C ILE K 553 23.36 0.11 -25.77
N PHE K 554 22.61 -0.99 -25.69
CA PHE K 554 22.86 -2.18 -26.50
C PHE K 554 21.74 -2.31 -27.53
N ILE K 555 22.11 -2.27 -28.80
CA ILE K 555 21.17 -2.48 -29.89
C ILE K 555 21.41 -3.91 -30.36
N VAL K 556 20.67 -4.85 -29.80
CA VAL K 556 20.84 -6.26 -30.11
C VAL K 556 20.07 -6.58 -31.39
N LYS K 557 20.78 -7.06 -32.40
CA LYS K 557 20.19 -7.45 -33.66
C LYS K 557 20.31 -8.96 -33.85
N ASP K 558 19.23 -9.58 -34.31
CA ASP K 558 19.20 -11.02 -34.53
C ASP K 558 19.49 -11.29 -35.99
N ASP K 559 20.68 -11.83 -36.25
CA ASP K 559 21.10 -12.19 -37.60
C ASP K 559 21.08 -13.70 -37.77
N HIS K 560 20.55 -14.15 -38.90
CA HIS K 560 20.35 -15.57 -39.16
C HIS K 560 21.64 -16.15 -39.73
N ASN K 561 22.46 -16.74 -38.88
CA ASN K 561 23.71 -17.37 -39.27
C ASN K 561 23.63 -18.85 -38.91
N GLU K 562 23.92 -19.71 -39.89
CA GLU K 562 23.70 -21.14 -39.70
C GLU K 562 24.54 -21.70 -38.56
N GLU K 563 25.81 -21.30 -38.47
CA GLU K 563 26.67 -21.83 -37.41
C GLU K 563 26.16 -21.44 -36.04
N ARG K 564 25.87 -20.15 -35.84
CA ARG K 564 25.35 -19.69 -34.56
C ARG K 564 24.00 -20.31 -34.28
N ASP K 565 23.15 -20.45 -35.30
CA ASP K 565 21.84 -21.06 -35.09
C ASP K 565 21.98 -22.50 -34.61
N ILE K 566 22.88 -23.27 -35.23
CA ILE K 566 23.10 -24.65 -34.80
C ILE K 566 23.62 -24.68 -33.37
N SER K 567 24.54 -23.77 -33.03
CA SER K 567 25.08 -23.74 -31.68
C SER K 567 23.98 -23.45 -30.65
N ILE K 568 23.13 -22.45 -30.94
CA ILE K 568 22.06 -22.12 -30.01
C ILE K 568 21.08 -23.28 -29.89
N ALA K 569 20.78 -23.93 -31.02
CA ALA K 569 19.86 -25.07 -30.97
C ALA K 569 20.42 -26.18 -30.08
N ASN K 570 21.70 -26.49 -30.24
CA ASN K 570 22.31 -27.52 -29.41
C ASN K 570 22.28 -27.13 -27.94
N HIS K 571 22.61 -25.87 -27.63
CA HIS K 571 22.62 -25.42 -26.24
C HIS K 571 21.22 -25.52 -25.62
N VAL K 572 20.21 -25.06 -26.37
CA VAL K 572 18.85 -25.04 -25.82
C VAL K 572 18.33 -26.47 -25.66
N ILE K 573 18.63 -27.35 -26.60
CA ILE K 573 18.19 -28.73 -26.47
C ILE K 573 18.86 -29.38 -25.28
N ASN K 574 20.15 -29.09 -25.06
CA ASN K 574 20.82 -29.60 -23.87
C ASN K 574 20.15 -29.10 -22.61
N ILE K 575 19.78 -27.82 -22.59
CA ILE K 575 19.06 -27.26 -21.45
C ILE K 575 17.76 -28.03 -21.23
N HIS K 576 17.03 -28.30 -22.31
CA HIS K 576 15.70 -28.89 -22.19
C HIS K 576 15.76 -30.34 -21.73
N THR K 577 16.65 -31.14 -22.30
CA THR K 577 16.75 -32.54 -21.91
C THR K 577 17.44 -32.68 -20.55
N GLY K 578 18.52 -31.95 -20.34
CA GLY K 578 19.29 -32.04 -19.10
C GLY K 578 18.48 -31.63 -17.89
N GLN K 587 26.18 -28.48 -13.52
CA GLN K 587 26.84 -28.20 -12.25
C GLN K 587 28.35 -28.24 -12.41
N GLU K 588 28.94 -27.12 -12.86
CA GLU K 588 30.38 -27.05 -13.01
C GLU K 588 31.07 -26.85 -11.67
N GLU K 589 30.80 -25.72 -11.01
CA GLU K 589 31.32 -25.41 -9.68
C GLU K 589 32.77 -25.87 -9.51
N ASN K 590 33.60 -25.66 -10.52
CA ASN K 590 35.01 -26.04 -10.49
C ASN K 590 35.90 -24.85 -10.84
N GLY K 591 35.62 -23.71 -10.22
CA GLY K 591 36.41 -22.52 -10.45
C GLY K 591 36.02 -21.72 -11.67
N SER K 592 35.03 -22.18 -12.45
CA SER K 592 34.56 -21.47 -13.63
C SER K 592 33.19 -20.85 -13.44
N GLU K 593 32.59 -20.99 -12.26
CA GLU K 593 31.26 -20.45 -12.00
C GLU K 593 30.97 -20.59 -10.51
N ILE K 594 30.29 -19.60 -9.95
CA ILE K 594 29.94 -19.56 -8.54
C ILE K 594 28.44 -19.39 -8.41
N SER K 595 27.86 -20.05 -7.41
CA SER K 595 26.42 -20.04 -7.23
C SER K 595 25.90 -18.62 -7.00
N ILE K 596 24.58 -18.48 -7.01
CA ILE K 596 23.96 -17.17 -6.85
C ILE K 596 24.23 -16.62 -5.45
N GLU K 597 24.16 -17.47 -4.43
CA GLU K 597 24.35 -17.00 -3.06
C GLU K 597 25.74 -16.41 -2.87
N LYS K 598 26.77 -17.15 -3.30
CA LYS K 598 28.14 -16.66 -3.14
C LYS K 598 28.37 -15.39 -3.94
N MET K 599 27.83 -15.33 -5.17
CA MET K 599 28.01 -14.13 -5.97
C MET K 599 27.34 -12.92 -5.32
N LYS K 600 26.14 -13.12 -4.76
CA LYS K 600 25.44 -12.03 -4.09
C LYS K 600 26.22 -11.54 -2.88
N ARG K 601 26.73 -12.46 -2.07
CA ARG K 601 27.53 -12.07 -0.92
C ARG K 601 28.80 -11.33 -1.35
N TYR K 602 29.43 -11.79 -2.44
CA TYR K 602 30.62 -11.12 -2.93
C TYR K 602 30.30 -9.71 -3.43
N ILE K 603 29.15 -9.55 -4.10
CA ILE K 603 28.74 -8.21 -4.52
C ILE K 603 28.60 -7.31 -3.31
N THR K 604 27.92 -7.79 -2.26
CA THR K 604 27.75 -6.98 -1.06
C THR K 604 29.10 -6.60 -0.46
N TYR K 605 30.00 -7.58 -0.34
CA TYR K 605 31.32 -7.32 0.24
C TYR K 605 32.07 -6.27 -0.55
N CYS K 606 32.12 -6.43 -1.88
CA CYS K 606 32.84 -5.47 -2.71
C CYS K 606 32.23 -4.08 -2.61
N ARG K 607 30.90 -3.99 -2.61
CA ARG K 607 30.26 -2.68 -2.55
C ARG K 607 30.57 -1.97 -1.24
N LEU K 608 30.55 -2.71 -0.13
CA LEU K 608 30.79 -2.10 1.17
C LEU K 608 32.26 -2.03 1.56
N LYS K 609 33.17 -2.53 0.72
CA LYS K 609 34.59 -2.57 1.07
C LYS K 609 35.50 -1.76 0.16
N CYS K 610 35.12 -1.51 -1.10
CA CYS K 610 36.03 -0.88 -2.05
C CYS K 610 35.34 0.27 -2.77
N ALA K 611 36.15 1.25 -3.17
CA ALA K 611 35.68 2.40 -3.95
C ALA K 611 36.86 3.00 -4.67
N PRO K 612 37.35 2.33 -5.73
CA PRO K 612 38.62 2.73 -6.35
C PRO K 612 38.58 4.16 -6.87
N ARG K 613 39.77 4.64 -7.22
CA ARG K 613 39.97 5.98 -7.75
C ARG K 613 40.88 5.91 -8.97
N LEU K 614 40.67 6.84 -9.90
CA LEU K 614 41.44 6.84 -11.14
C LEU K 614 42.85 7.36 -10.90
N SER K 615 43.82 6.74 -11.55
CA SER K 615 45.18 7.26 -11.58
C SER K 615 45.35 8.22 -12.76
N PRO K 616 46.38 9.07 -12.73
CA PRO K 616 46.52 10.07 -13.79
C PRO K 616 46.56 9.50 -15.19
N GLN K 617 47.21 8.34 -15.38
CA GLN K 617 47.31 7.75 -16.71
C GLN K 617 45.93 7.43 -17.25
N ALA K 618 45.08 6.82 -16.42
CA ALA K 618 43.71 6.54 -16.82
C ALA K 618 42.97 7.82 -17.19
N ALA K 619 43.17 8.89 -16.42
CA ALA K 619 42.51 10.15 -16.72
C ALA K 619 42.92 10.68 -18.09
N GLU K 620 44.22 10.65 -18.39
CA GLU K 620 44.68 11.14 -19.69
C GLU K 620 44.10 10.29 -20.82
N LYS K 621 44.07 8.96 -20.63
CA LYS K 621 43.55 8.03 -21.66
C LYS K 621 42.06 8.33 -21.91
N LEU K 622 41.24 8.37 -20.86
CA LEU K 622 39.78 8.56 -20.99
C LEU K 622 39.53 9.92 -21.65
N SER K 623 40.29 10.94 -21.27
CA SER K 623 40.09 12.31 -21.81
C SER K 623 40.35 12.35 -23.31
N SER K 624 41.40 11.70 -23.79
CA SER K 624 41.72 11.63 -25.25
C SER K 624 40.63 10.87 -25.98
N ASN K 625 40.14 9.77 -25.40
CA ASN K 625 39.10 8.93 -26.04
C ASN K 625 37.82 9.76 -26.19
N PHE K 626 37.46 10.57 -25.20
CA PHE K 626 36.21 11.36 -25.24
C PHE K 626 36.33 12.34 -26.41
N VAL K 627 37.49 12.96 -26.58
CA VAL K 627 37.67 13.98 -27.65
C VAL K 627 37.47 13.29 -29.00
N THR K 628 38.03 12.09 -29.19
CA THR K 628 37.93 11.34 -30.46
C THR K 628 36.50 10.92 -30.74
N ILE K 629 35.77 10.43 -29.73
CA ILE K 629 34.38 9.94 -29.90
C ILE K 629 33.48 11.09 -30.33
N ARG K 630 33.65 12.26 -29.70
CA ARG K 630 32.82 13.45 -29.99
C ARG K 630 33.09 13.88 -31.42
N LYS K 631 34.34 13.84 -31.87
CA LYS K 631 34.72 14.17 -33.25
C LYS K 631 34.05 13.19 -34.20
N GLN K 632 34.03 11.91 -33.85
CA GLN K 632 33.42 10.83 -34.67
C GLN K 632 31.93 11.08 -34.84
N LEU K 633 31.23 11.49 -33.79
CA LEU K 633 29.79 11.81 -33.88
C LEU K 633 29.62 12.99 -34.84
N LEU K 634 30.48 13.99 -34.75
CA LEU K 634 30.41 15.20 -35.62
C LEU K 634 30.66 14.84 -37.08
N ILE K 635 31.63 13.98 -37.38
CA ILE K 635 31.89 13.57 -38.78
C ILE K 635 30.66 12.82 -39.28
N ASN K 636 30.09 11.94 -38.46
CA ASN K 636 28.89 11.16 -38.84
C ASN K 636 27.72 12.12 -39.07
N GLU K 637 27.54 13.12 -38.21
CA GLU K 637 26.44 14.12 -38.32
C GLU K 637 26.61 14.98 -39.55
N LEU K 638 27.83 15.39 -39.86
CA LEU K 638 28.05 16.30 -41.01
C LEU K 638 27.59 15.53 -42.25
N GLU K 639 27.88 14.23 -42.31
CA GLU K 639 27.55 13.36 -43.46
C GLU K 639 26.03 13.28 -43.66
N SER K 640 25.24 13.21 -42.60
CA SER K 640 23.76 13.04 -42.66
C SER K 640 23.08 14.27 -42.11
N THR K 641 22.09 14.81 -42.80
CA THR K 641 21.40 16.05 -42.37
C THR K 641 20.78 15.75 -41.01
N GLU K 642 20.27 14.54 -40.82
CA GLU K 642 19.55 14.16 -39.58
C GLU K 642 20.47 14.28 -38.37
N ARG K 643 19.94 14.75 -37.25
CA ARG K 643 20.69 14.88 -35.98
C ARG K 643 20.71 13.52 -35.28
N SER K 644 21.86 13.07 -34.86
CA SER K 644 22.04 11.79 -34.19
C SER K 644 20.94 11.54 -33.17
N SER K 645 20.41 10.32 -33.17
CA SER K 645 19.40 9.92 -32.20
C SER K 645 20.01 9.38 -30.91
N ILE K 646 21.22 8.83 -30.98
CA ILE K 646 21.93 8.38 -29.78
C ILE K 646 22.95 9.46 -29.42
N PRO K 647 22.83 10.12 -28.28
CA PRO K 647 23.71 11.25 -27.96
C PRO K 647 25.01 10.81 -27.28
N ILE K 648 25.99 11.71 -27.35
CA ILE K 648 27.26 11.54 -26.65
C ILE K 648 27.55 12.86 -25.95
N THR K 649 27.17 12.96 -24.67
CA THR K 649 27.38 14.14 -23.85
C THR K 649 28.37 13.80 -22.73
N ILE K 650 28.55 14.76 -21.82
CA ILE K 650 29.47 14.55 -20.70
C ILE K 650 29.04 13.35 -19.88
N ARG K 651 27.75 13.05 -19.85
CA ARG K 651 27.27 11.88 -19.12
C ARG K 651 27.94 10.61 -19.61
N GLN K 652 28.29 10.53 -20.90
CA GLN K 652 28.97 9.34 -21.39
C GLN K 652 30.41 9.28 -20.89
N LEU K 653 31.08 10.42 -20.77
CA LEU K 653 32.39 10.44 -20.14
C LEU K 653 32.31 9.94 -18.70
N GLU K 654 31.32 10.43 -17.96
CA GLU K 654 31.14 9.97 -16.59
C GLU K 654 30.78 8.49 -16.55
N ALA K 655 30.03 8.01 -17.54
CA ALA K 655 29.71 6.59 -17.62
C ALA K 655 30.95 5.74 -17.84
N ILE K 656 31.86 6.20 -18.71
CA ILE K 656 33.10 5.48 -18.93
C ILE K 656 33.92 5.45 -17.64
N ILE K 657 33.96 6.58 -16.92
CA ILE K 657 34.67 6.61 -15.63
C ILE K 657 34.04 5.60 -14.67
N ARG K 658 32.71 5.56 -14.63
CA ARG K 658 32.03 4.63 -13.72
C ARG K 658 32.33 3.19 -14.09
N ILE K 659 32.37 2.88 -15.38
CA ILE K 659 32.68 1.52 -15.81
C ILE K 659 34.09 1.15 -15.41
N THR K 660 35.04 2.07 -15.59
CA THR K 660 36.41 1.81 -15.17
C THR K 660 36.46 1.54 -13.67
N GLU K 661 35.78 2.36 -12.87
CA GLU K 661 35.80 2.18 -11.43
C GLU K 661 35.15 0.86 -11.01
N SER K 662 34.07 0.46 -11.68
CA SER K 662 33.44 -0.82 -11.37
C SER K 662 34.37 -1.98 -11.70
N LEU K 663 35.06 -1.91 -12.84
CA LEU K 663 35.99 -2.96 -13.19
C LEU K 663 37.12 -3.06 -12.17
N ALA K 664 37.61 -1.92 -11.70
CA ALA K 664 38.63 -1.93 -10.65
C ALA K 664 38.08 -2.52 -9.35
N LYS K 665 36.87 -2.10 -8.97
CA LYS K 665 36.26 -2.58 -7.73
C LYS K 665 36.01 -4.08 -7.77
N LEU K 666 35.81 -4.64 -8.97
CA LEU K 666 35.54 -6.06 -9.08
C LEU K 666 36.65 -6.89 -8.44
N GLU K 667 37.88 -6.38 -8.43
CA GLU K 667 39.04 -7.11 -7.93
C GLU K 667 39.61 -6.50 -6.65
N LEU K 668 38.85 -5.65 -5.97
CA LEU K 668 39.27 -5.05 -4.71
C LEU K 668 40.59 -4.30 -4.88
N SER K 669 40.74 -3.61 -6.02
CA SER K 669 41.93 -2.81 -6.28
C SER K 669 41.66 -1.37 -5.92
N PRO K 670 42.36 -0.79 -4.94
CA PRO K 670 42.05 0.60 -4.54
C PRO K 670 42.27 1.62 -5.63
N ILE K 671 43.04 1.30 -6.67
CA ILE K 671 43.37 2.24 -7.74
C ILE K 671 42.99 1.62 -9.07
N ALA K 672 42.45 2.42 -9.97
CA ALA K 672 42.07 1.98 -11.30
C ALA K 672 43.17 2.36 -12.28
N GLN K 673 43.73 1.36 -12.97
CA GLN K 673 44.85 1.55 -13.89
C GLN K 673 44.35 1.41 -15.33
N GLU K 674 45.29 1.57 -16.27
CA GLU K 674 44.93 1.54 -17.68
C GLU K 674 44.39 0.19 -18.09
N ARG K 675 44.78 -0.88 -17.41
CA ARG K 675 44.28 -2.21 -17.77
C ARG K 675 42.77 -2.29 -17.61
N HIS K 676 42.18 -1.44 -16.77
CA HIS K 676 40.74 -1.35 -16.65
C HIS K 676 40.15 -0.33 -17.60
N VAL K 677 40.88 0.75 -17.90
CA VAL K 677 40.40 1.76 -18.83
C VAL K 677 40.22 1.15 -20.22
N ASP K 678 41.14 0.29 -20.63
CA ASP K 678 41.02 -0.32 -21.95
C ASP K 678 39.76 -1.17 -22.04
N GLU K 679 39.48 -1.97 -21.01
CA GLU K 679 38.26 -2.78 -21.01
C GLU K 679 37.02 -1.90 -21.01
N ALA K 680 37.03 -0.82 -20.22
CA ALA K 680 35.88 0.08 -20.19
C ALA K 680 35.63 0.71 -21.56
N ILE K 681 36.71 1.16 -22.23
CA ILE K 681 36.56 1.73 -23.55
C ILE K 681 36.05 0.69 -24.53
N ARG K 682 36.54 -0.54 -24.42
CA ARG K 682 36.08 -1.61 -25.31
C ARG K 682 34.58 -1.84 -25.14
N LEU K 683 34.11 -1.89 -23.90
CA LEU K 683 32.68 -2.10 -23.66
C LEU K 683 31.86 -0.93 -24.18
N PHE K 684 32.33 0.30 -23.96
CA PHE K 684 31.60 1.45 -24.48
C PHE K 684 31.52 1.41 -25.99
N GLN K 685 32.61 1.06 -26.67
CA GLN K 685 32.58 0.95 -28.12
C GLN K 685 31.68 -0.19 -28.58
N ALA K 686 31.64 -1.28 -27.82
CA ALA K 686 30.81 -2.41 -28.19
C ALA K 686 29.32 -2.13 -28.01
N SER K 687 28.94 -1.20 -27.14
CA SER K 687 27.52 -0.94 -26.93
C SER K 687 27.07 0.41 -27.48
N THR K 688 27.60 1.53 -26.98
CA THR K 688 26.97 2.81 -27.29
C THR K 688 27.46 3.38 -28.61
N MET K 689 28.76 3.37 -28.87
CA MET K 689 29.25 3.78 -30.18
C MET K 689 28.74 2.83 -31.25
N ASP K 690 28.59 1.55 -30.93
CA ASP K 690 28.01 0.61 -31.89
C ASP K 690 26.57 1.00 -32.22
N ALA K 691 25.78 1.34 -31.21
CA ALA K 691 24.41 1.76 -31.48
C ALA K 691 24.38 3.06 -32.29
N ALA K 692 25.26 4.00 -31.96
CA ALA K 692 25.23 5.31 -32.61
C ALA K 692 25.73 5.22 -34.05
N SER K 693 26.65 4.31 -34.34
CA SER K 693 27.25 4.26 -35.68
C SER K 693 26.19 3.98 -36.75
N GLN K 694 25.29 3.03 -36.49
CA GLN K 694 24.28 2.63 -37.46
C GLN K 694 23.51 3.83 -37.97
N SER L 91 -48.14 -21.21 48.17
CA SER L 91 -47.00 -20.31 48.49
C SER L 91 -46.80 -19.26 47.41
N PHE L 92 -47.85 -19.03 46.62
CA PHE L 92 -47.81 -18.07 45.52
C PHE L 92 -48.98 -17.11 45.64
N LYS L 93 -48.75 -15.86 45.27
CA LYS L 93 -49.79 -14.83 45.22
C LYS L 93 -50.08 -14.54 43.75
N SER L 94 -51.10 -15.20 43.22
CA SER L 94 -51.43 -15.13 41.80
C SER L 94 -52.75 -14.41 41.59
N ARG L 95 -52.79 -13.53 40.60
CA ARG L 95 -54.00 -12.81 40.22
C ARG L 95 -54.40 -13.23 38.81
N ALA L 96 -55.71 -13.38 38.59
CA ALA L 96 -56.24 -13.89 37.34
C ALA L 96 -57.09 -12.81 36.66
N LEU L 97 -56.96 -12.73 35.34
CA LEU L 97 -57.78 -11.84 34.52
C LEU L 97 -58.52 -12.66 33.48
N ASN L 98 -59.74 -12.23 33.15
CA ASN L 98 -60.63 -12.97 32.28
C ASN L 98 -60.96 -12.17 31.04
N HIS L 99 -61.06 -12.87 29.90
CA HIS L 99 -61.38 -12.20 28.64
C HIS L 99 -62.84 -11.75 28.61
N VAL L 100 -63.73 -12.47 29.29
CA VAL L 100 -65.14 -12.10 29.29
C VAL L 100 -65.35 -10.69 29.82
N LYS L 101 -64.42 -10.19 30.66
CA LYS L 101 -64.50 -8.83 31.16
C LYS L 101 -64.22 -7.79 30.08
N LYS L 102 -63.71 -8.20 28.92
CA LYS L 102 -63.37 -7.26 27.87
C LYS L 102 -64.62 -6.60 27.30
N VAL L 103 -64.47 -5.37 26.82
CA VAL L 103 -65.55 -4.62 26.22
C VAL L 103 -65.51 -4.83 24.71
N ASP L 104 -66.59 -5.37 24.16
CA ASP L 104 -66.67 -5.55 22.72
C ASP L 104 -66.93 -4.21 22.03
N ASP L 105 -66.48 -4.11 20.79
CA ASP L 105 -66.72 -2.93 19.96
C ASP L 105 -68.02 -3.14 19.21
N VAL L 106 -69.10 -2.53 19.71
CA VAL L 106 -70.41 -2.77 19.12
C VAL L 106 -70.42 -2.41 17.65
N THR L 107 -69.79 -1.29 17.29
CA THR L 107 -69.67 -0.95 15.87
C THR L 107 -68.87 -2.00 15.11
N GLY L 108 -67.80 -2.51 15.73
CA GLY L 108 -66.97 -3.50 15.05
C GLY L 108 -67.73 -4.77 14.73
N GLU L 109 -68.52 -5.27 15.67
CA GLU L 109 -69.27 -6.50 15.42
C GLU L 109 -70.26 -6.33 14.28
N LYS L 110 -71.01 -5.21 14.29
CA LYS L 110 -72.03 -5.02 13.27
C LYS L 110 -71.41 -4.87 11.89
N VAL L 111 -70.26 -4.20 11.79
CA VAL L 111 -69.59 -4.07 10.49
C VAL L 111 -69.22 -5.45 9.97
N ARG L 112 -68.80 -6.35 10.86
CA ARG L 112 -68.51 -7.71 10.43
C ARG L 112 -69.76 -8.41 9.91
N GLU L 113 -70.89 -8.24 10.60
CA GLU L 113 -72.11 -8.92 10.17
C GLU L 113 -72.52 -8.48 8.78
N ALA L 114 -72.43 -7.17 8.50
CA ALA L 114 -72.75 -6.69 7.17
C ALA L 114 -71.79 -7.21 6.13
N PHE L 115 -70.52 -7.40 6.50
CA PHE L 115 -69.54 -7.93 5.56
C PHE L 115 -69.90 -9.35 5.14
N GLU L 116 -70.31 -10.18 6.12
CA GLU L 116 -70.69 -11.56 5.80
C GLU L 116 -71.89 -11.59 4.87
N GLN L 117 -72.90 -10.75 5.13
CA GLN L 117 -74.05 -10.69 4.24
C GLN L 117 -73.63 -10.32 2.82
N PHE L 118 -72.68 -9.40 2.70
CA PHE L 118 -72.19 -9.02 1.37
C PHE L 118 -71.55 -10.20 0.66
N LEU L 119 -70.79 -11.01 1.38
CA LEU L 119 -70.03 -12.10 0.79
C LEU L 119 -70.84 -13.38 0.61
N GLU L 120 -72.17 -13.31 0.76
CA GLU L 120 -73.00 -14.50 0.60
C GLU L 120 -74.15 -14.28 -0.36
N ASP L 121 -74.66 -13.04 -0.43
CA ASP L 121 -75.85 -12.76 -1.22
C ASP L 121 -75.61 -11.88 -2.45
N PHE L 122 -74.39 -11.36 -2.63
CA PHE L 122 -74.13 -10.48 -3.77
C PHE L 122 -74.28 -11.24 -5.07
N SER L 123 -74.79 -10.56 -6.09
CA SER L 123 -75.00 -11.15 -7.40
C SER L 123 -75.09 -10.04 -8.44
N VAL L 124 -75.00 -10.45 -9.71
CA VAL L 124 -75.14 -9.51 -10.82
C VAL L 124 -75.84 -10.20 -11.99
N VAL L 132 -77.85 -14.38 -13.67
CA VAL L 132 -77.71 -13.73 -12.38
C VAL L 132 -77.15 -14.74 -11.38
N GLU L 133 -75.82 -14.79 -11.27
CA GLU L 133 -75.12 -15.75 -10.42
C GLU L 133 -74.37 -15.02 -9.32
N LYS L 134 -74.04 -15.76 -8.27
CA LYS L 134 -73.29 -15.20 -7.16
C LYS L 134 -71.83 -15.00 -7.56
N VAL L 135 -71.28 -13.85 -7.20
CA VAL L 135 -69.95 -13.45 -7.66
C VAL L 135 -68.88 -13.96 -6.71
N TYR L 136 -68.91 -13.46 -5.47
CA TYR L 136 -67.82 -13.76 -4.53
C TYR L 136 -67.90 -15.17 -3.97
N ARG L 137 -69.10 -15.75 -3.93
CA ARG L 137 -69.20 -17.15 -3.55
C ARG L 137 -68.41 -18.03 -4.51
N ALA L 138 -68.49 -17.74 -5.81
CA ALA L 138 -67.71 -18.48 -6.80
C ALA L 138 -66.22 -18.24 -6.61
N GLN L 139 -65.81 -17.01 -6.33
CA GLN L 139 -64.39 -16.71 -6.19
C GLN L 139 -63.77 -17.49 -5.04
N ILE L 140 -64.49 -17.59 -3.91
CA ILE L 140 -63.99 -18.39 -2.80
C ILE L 140 -63.79 -19.84 -3.24
N GLU L 141 -64.75 -20.37 -4.00
CA GLU L 141 -64.58 -21.70 -4.58
C GLU L 141 -63.37 -21.73 -5.51
N PHE L 142 -63.24 -20.73 -6.37
CA PHE L 142 -62.10 -20.65 -7.28
C PHE L 142 -60.80 -20.60 -6.49
N MET L 143 -60.76 -19.77 -5.45
CA MET L 143 -59.57 -19.70 -4.60
C MET L 143 -59.27 -21.04 -3.96
N LYS L 144 -60.31 -21.81 -3.64
CA LYS L 144 -60.12 -23.11 -3.00
C LYS L 144 -59.42 -24.08 -3.95
N ILE L 145 -59.76 -24.05 -5.24
CA ILE L 145 -59.18 -25.00 -6.19
C ILE L 145 -57.70 -24.71 -6.38
N TYR L 146 -57.36 -23.44 -6.64
CA TYR L 146 -56.00 -23.08 -7.04
C TYR L 146 -55.09 -22.73 -5.87
N ASP L 147 -55.61 -22.69 -4.65
CA ASP L 147 -54.81 -22.45 -3.45
C ASP L 147 -54.09 -21.10 -3.54
N LEU L 148 -54.88 -20.03 -3.54
CA LEU L 148 -54.37 -18.68 -3.43
C LEU L 148 -54.66 -18.14 -2.03
N ASN L 149 -54.22 -16.90 -1.79
CA ASN L 149 -54.44 -16.23 -0.51
C ASN L 149 -55.28 -14.98 -0.64
N THR L 150 -54.91 -14.07 -1.53
CA THR L 150 -55.63 -12.81 -1.66
C THR L 150 -57.02 -13.05 -2.23
N ILE L 151 -58.01 -12.37 -1.65
CA ILE L 151 -59.38 -12.35 -2.16
C ILE L 151 -59.68 -10.92 -2.58
N TYR L 152 -60.01 -10.73 -3.84
CA TYR L 152 -60.20 -9.41 -4.41
C TYR L 152 -61.67 -9.01 -4.33
N ILE L 153 -61.92 -7.75 -3.97
CA ILE L 153 -63.26 -7.21 -3.83
C ILE L 153 -63.34 -5.92 -4.63
N ASP L 154 -64.38 -5.80 -5.46
CA ASP L 154 -64.62 -4.58 -6.22
C ASP L 154 -65.28 -3.57 -5.31
N TYR L 155 -64.67 -2.39 -5.19
CA TYR L 155 -65.26 -1.35 -4.35
C TYR L 155 -66.63 -0.94 -4.87
N GLN L 156 -66.78 -0.83 -6.18
CA GLN L 156 -68.08 -0.50 -6.75
C GLN L 156 -69.15 -1.49 -6.31
N HIS L 157 -68.79 -2.78 -6.23
CA HIS L 157 -69.76 -3.78 -5.78
C HIS L 157 -70.22 -3.51 -4.35
N LEU L 158 -69.37 -2.89 -3.54
CA LEU L 158 -69.72 -2.66 -2.14
C LEU L 158 -70.74 -1.52 -2.00
N SER L 159 -70.64 -0.51 -2.87
CA SER L 159 -71.48 0.67 -2.70
C SER L 159 -72.96 0.37 -2.87
N MET L 160 -73.32 -0.45 -3.85
CA MET L 160 -74.73 -0.62 -4.19
C MET L 160 -75.52 -1.21 -3.02
N ARG L 161 -74.89 -2.14 -2.30
CA ARG L 161 -75.55 -2.88 -1.19
C ARG L 161 -75.63 -2.05 0.09
N GLU L 162 -76.78 -2.06 0.78
CA GLU L 162 -76.92 -1.39 2.07
C GLU L 162 -76.97 0.13 1.91
N ASN L 163 -77.58 0.60 0.82
CA ASN L 163 -77.72 2.03 0.53
C ASN L 163 -76.38 2.76 0.51
N GLY L 164 -75.27 2.03 0.42
CA GLY L 164 -73.95 2.63 0.47
C GLY L 164 -73.40 2.84 1.87
N ALA L 165 -74.16 2.52 2.92
CA ALA L 165 -73.71 2.79 4.28
C ALA L 165 -72.45 2.00 4.60
N LEU L 166 -72.41 0.71 4.24
CA LEU L 166 -71.28 -0.13 4.61
C LEU L 166 -69.99 0.36 3.98
N ALA L 167 -70.05 0.83 2.74
CA ALA L 167 -68.85 1.30 2.06
C ALA L 167 -68.22 2.48 2.79
N MET L 168 -69.04 3.41 3.28
CA MET L 168 -68.50 4.57 3.97
C MET L 168 -67.78 4.17 5.24
N ALA L 169 -68.33 3.20 5.98
CA ALA L 169 -67.72 2.80 7.24
C ALA L 169 -66.32 2.24 7.03
N ILE L 170 -66.15 1.38 6.02
CA ILE L 170 -64.84 0.81 5.76
C ILE L 170 -63.89 1.89 5.23
N SER L 171 -64.34 2.67 4.25
CA SER L 171 -63.46 3.64 3.60
C SER L 171 -62.99 4.70 4.60
N GLU L 172 -63.90 5.23 5.41
CA GLU L 172 -63.53 6.29 6.33
C GLU L 172 -62.57 5.79 7.41
N GLN L 173 -62.82 4.60 7.95
CA GLN L 173 -61.99 4.02 9.02
C GLN L 173 -61.62 2.59 8.60
N TYR L 174 -60.53 2.45 7.86
CA TYR L 174 -60.09 1.15 7.40
C TYR L 174 -59.16 0.45 8.39
N TYR L 175 -58.29 1.21 9.07
CA TYR L 175 -57.39 0.60 10.02
C TYR L 175 -58.14 0.01 11.20
N ARG L 176 -59.18 0.69 11.67
CA ARG L 176 -59.92 0.22 12.83
C ARG L 176 -60.69 -1.06 12.53
N PHE L 177 -61.38 -1.10 11.39
CA PHE L 177 -62.30 -2.19 11.09
C PHE L 177 -61.64 -3.36 10.36
N LEU L 178 -60.39 -3.22 9.92
CA LEU L 178 -59.79 -4.29 9.13
C LEU L 178 -59.75 -5.61 9.86
N PRO L 179 -59.36 -5.70 11.13
CA PRO L 179 -59.38 -7.01 11.81
C PRO L 179 -60.75 -7.66 11.81
N PHE L 180 -61.81 -6.87 11.94
CA PHE L 180 -63.15 -7.45 11.95
C PHE L 180 -63.52 -8.01 10.58
N LEU L 181 -63.05 -7.37 9.50
CA LEU L 181 -63.27 -7.92 8.17
C LEU L 181 -62.64 -9.30 8.04
N GLN L 182 -61.42 -9.46 8.58
CA GLN L 182 -60.77 -10.76 8.52
C GLN L 182 -61.56 -11.81 9.29
N LYS L 183 -62.19 -11.43 10.40
CA LYS L 183 -63.10 -12.33 11.09
C LYS L 183 -64.29 -12.67 10.21
N GLY L 184 -64.85 -11.67 9.52
CA GLY L 184 -66.01 -11.92 8.68
C GLY L 184 -65.69 -12.87 7.53
N LEU L 185 -64.56 -12.68 6.88
CA LEU L 185 -64.18 -13.56 5.79
C LEU L 185 -64.03 -14.99 6.28
N ARG L 186 -63.41 -15.17 7.45
CA ARG L 186 -63.16 -16.51 7.95
C ARG L 186 -64.46 -17.27 8.19
N ARG L 187 -65.47 -16.59 8.72
CA ARG L 187 -66.77 -17.25 8.90
C ARG L 187 -67.34 -17.70 7.57
N VAL L 188 -67.40 -16.79 6.60
CA VAL L 188 -67.94 -17.14 5.29
C VAL L 188 -67.09 -18.22 4.63
N VAL L 189 -65.78 -18.18 4.86
CA VAL L 189 -64.91 -19.25 4.38
C VAL L 189 -65.27 -20.56 5.07
N ARG L 190 -65.64 -20.52 6.34
CA ARG L 190 -65.95 -21.76 7.09
C ARG L 190 -67.24 -22.38 6.55
N LYS L 191 -68.26 -21.59 6.16
CA LYS L 191 -69.53 -22.17 5.75
C LYS L 191 -69.42 -22.93 4.44
N TYR L 192 -68.73 -22.35 3.45
CA TYR L 192 -68.73 -22.89 2.09
C TYR L 192 -67.44 -23.60 1.71
N ALA L 193 -66.29 -23.20 2.26
CA ALA L 193 -65.01 -23.84 1.95
C ALA L 193 -64.26 -24.10 3.26
N PRO L 194 -64.77 -25.03 4.08
CA PRO L 194 -64.11 -25.30 5.36
C PRO L 194 -62.65 -25.72 5.23
N GLU L 195 -62.30 -26.39 4.12
CA GLU L 195 -60.93 -26.89 3.97
C GLU L 195 -59.93 -25.78 3.68
N LEU L 196 -60.39 -24.63 3.18
CA LEU L 196 -59.46 -23.58 2.77
C LEU L 196 -58.69 -23.00 3.95
N LEU L 197 -59.29 -22.97 5.14
CA LEU L 197 -58.67 -22.28 6.26
C LEU L 197 -57.30 -22.84 6.59
N ASN L 198 -57.17 -24.16 6.63
CA ASN L 198 -55.86 -24.77 6.87
C ASN L 198 -54.99 -24.61 5.64
N THR L 199 -53.73 -24.25 5.87
CA THR L 199 -52.79 -24.10 4.78
C THR L 199 -52.45 -25.45 4.16
N SER L 200 -52.25 -25.45 2.85
CA SER L 200 -51.94 -26.68 2.12
C SER L 200 -50.54 -27.17 2.47
N THR L 252 -48.93 -40.05 0.50
CA THR L 252 -47.51 -40.29 0.73
C THR L 252 -47.19 -40.22 2.21
N SER L 253 -47.47 -39.07 2.82
CA SER L 253 -47.20 -38.86 4.24
C SER L 253 -48.18 -37.84 4.79
N THR L 254 -48.31 -37.84 6.12
CA THR L 254 -49.19 -36.92 6.81
C THR L 254 -48.39 -35.67 7.19
N SER L 255 -48.68 -34.56 6.52
CA SER L 255 -47.97 -33.32 6.81
C SER L 255 -48.37 -32.81 8.20
N PRO L 256 -47.42 -32.48 9.07
CA PRO L 256 -47.78 -31.96 10.40
C PRO L 256 -47.99 -30.45 10.39
N GLU L 257 -47.33 -29.75 9.49
CA GLU L 257 -47.32 -28.29 9.47
C GLU L 257 -48.45 -27.79 8.56
N GLN L 258 -49.65 -27.71 9.12
CA GLN L 258 -50.80 -27.07 8.49
C GLN L 258 -51.27 -25.98 9.45
N THR L 259 -50.66 -24.81 9.35
CA THR L 259 -51.06 -23.66 10.15
C THR L 259 -52.31 -23.04 9.53
N GLU L 260 -52.66 -21.85 10.00
CA GLU L 260 -53.85 -21.16 9.49
C GLU L 260 -53.44 -20.13 8.45
N ARG L 261 -54.12 -20.15 7.31
CA ARG L 261 -53.83 -19.19 6.26
C ARG L 261 -53.86 -17.77 6.81
N VAL L 262 -53.02 -16.91 6.21
CA VAL L 262 -53.04 -15.49 6.54
C VAL L 262 -53.65 -14.74 5.37
N PHE L 263 -54.96 -14.55 5.41
CA PHE L 263 -55.67 -13.97 4.28
C PHE L 263 -55.35 -12.48 4.15
N GLN L 264 -55.52 -11.98 2.94
CA GLN L 264 -55.40 -10.56 2.64
C GLN L 264 -56.58 -10.12 1.80
N ILE L 265 -57.16 -8.98 2.15
CA ILE L 265 -58.29 -8.41 1.42
C ILE L 265 -57.75 -7.31 0.52
N SER L 266 -58.00 -7.43 -0.78
CA SER L 266 -57.57 -6.44 -1.76
C SER L 266 -58.80 -5.76 -2.35
N PHE L 267 -58.76 -4.42 -2.40
CA PHE L 267 -59.83 -3.64 -2.99
C PHE L 267 -59.27 -2.88 -4.19
N PHE L 268 -60.12 -2.70 -5.20
CA PHE L 268 -59.75 -1.91 -6.37
C PHE L 268 -60.99 -1.22 -6.90
N ASN L 269 -60.79 -0.41 -7.94
CA ASN L 269 -61.90 0.30 -8.60
C ASN L 269 -62.56 1.29 -7.65
N LEU L 270 -61.74 2.11 -6.99
CA LEU L 270 -62.27 3.18 -6.17
C LEU L 270 -62.81 4.29 -7.06
N PRO L 271 -63.79 5.07 -6.58
CA PRO L 271 -64.33 6.14 -7.42
C PRO L 271 -63.29 7.16 -7.87
N THR L 272 -62.31 7.47 -7.03
CA THR L 272 -61.34 8.51 -7.33
C THR L 272 -59.92 8.03 -7.00
N VAL L 273 -58.94 8.63 -7.67
CA VAL L 273 -57.53 8.34 -7.46
C VAL L 273 -56.82 9.64 -7.12
N HIS L 274 -56.01 9.61 -6.06
CA HIS L 274 -55.38 10.81 -5.53
C HIS L 274 -53.94 10.93 -6.04
N ARG L 275 -53.50 12.16 -6.24
CA ARG L 275 -52.11 12.43 -6.57
C ARG L 275 -51.26 12.43 -5.30
N ILE L 276 -49.95 12.28 -5.48
CA ILE L 276 -49.04 12.26 -4.34
C ILE L 276 -49.11 13.59 -3.59
N ARG L 277 -49.13 14.70 -4.32
CA ARG L 277 -49.15 16.02 -3.70
C ARG L 277 -50.44 16.28 -2.93
N ASP L 278 -51.49 15.50 -3.17
CA ASP L 278 -52.78 15.70 -2.52
C ASP L 278 -52.96 14.81 -1.29
N ILE L 279 -51.92 14.14 -0.83
CA ILE L 279 -52.01 13.32 0.37
C ILE L 279 -51.87 14.25 1.58
N ARG L 280 -52.89 14.25 2.43
CA ARG L 280 -52.91 15.04 3.65
C ARG L 280 -53.04 14.13 4.87
N SER L 281 -53.06 14.74 6.05
CA SER L 281 -53.15 13.99 7.30
C SER L 281 -54.58 13.75 7.74
N GLU L 282 -55.57 14.32 7.07
CA GLU L 282 -56.96 14.08 7.44
C GLU L 282 -57.42 12.68 7.04
N LYS L 283 -56.73 12.04 6.09
CA LYS L 283 -57.13 10.74 5.57
C LYS L 283 -56.34 9.60 6.19
N ILE L 284 -55.57 9.86 7.24
CA ILE L 284 -54.77 8.80 7.84
C ILE L 284 -55.68 7.71 8.37
N GLY L 285 -55.32 6.46 8.10
CA GLY L 285 -56.12 5.33 8.52
C GLY L 285 -57.29 5.00 7.62
N SER L 286 -57.41 5.65 6.46
CA SER L 286 -58.50 5.43 5.53
C SER L 286 -58.00 4.73 4.28
N LEU L 287 -58.95 4.29 3.45
CA LEU L 287 -58.66 3.53 2.25
C LEU L 287 -58.79 4.43 1.03
N LEU L 288 -57.74 4.46 0.21
CA LEU L 288 -57.72 5.30 -0.98
C LEU L 288 -56.69 4.75 -1.96
N SER L 289 -56.73 5.28 -3.18
CA SER L 289 -55.80 4.90 -4.23
C SER L 289 -54.96 6.09 -4.64
N ILE L 290 -53.70 5.82 -5.01
CA ILE L 290 -52.77 6.85 -5.44
C ILE L 290 -52.03 6.36 -6.68
N SER L 291 -51.49 7.31 -7.44
CA SER L 291 -50.78 7.03 -8.68
C SER L 291 -49.42 7.73 -8.67
N GLY L 292 -48.38 6.99 -9.04
CA GLY L 292 -47.05 7.54 -9.11
C GLY L 292 -46.13 6.59 -9.84
N THR L 293 -45.01 7.14 -10.30
CA THR L 293 -44.04 6.37 -11.07
C THR L 293 -42.94 5.85 -10.13
N VAL L 294 -42.79 4.53 -10.08
CA VAL L 294 -41.81 3.94 -9.18
C VAL L 294 -40.41 4.40 -9.57
N THR L 295 -39.54 4.50 -8.57
CA THR L 295 -38.14 4.89 -8.78
C THR L 295 -37.15 3.97 -8.12
N ARG L 296 -37.51 3.29 -7.04
CA ARG L 296 -36.61 2.33 -6.39
C ARG L 296 -37.46 1.28 -5.71
N THR L 297 -36.94 0.05 -5.68
CA THR L 297 -37.61 -1.06 -5.03
C THR L 297 -36.60 -1.80 -4.16
N SER L 298 -36.99 -2.09 -2.92
CA SER L 298 -36.12 -2.79 -1.98
C SER L 298 -36.15 -4.28 -2.28
N GLU L 299 -35.58 -5.08 -1.39
CA GLU L 299 -35.53 -6.52 -1.51
C GLU L 299 -36.51 -7.16 -0.54
N VAL L 300 -37.06 -8.30 -0.92
CA VAL L 300 -38.09 -8.96 -0.13
C VAL L 300 -37.44 -9.57 1.11
N ARG L 301 -37.93 -9.19 2.27
CA ARG L 301 -37.43 -9.66 3.56
C ARG L 301 -38.56 -10.32 4.33
N PRO L 302 -38.24 -11.20 5.30
CA PRO L 302 -39.28 -11.77 6.15
C PRO L 302 -39.63 -10.84 7.29
N GLU L 303 -40.92 -10.51 7.40
CA GLU L 303 -41.42 -9.60 8.42
C GLU L 303 -42.13 -10.40 9.51
N LEU L 304 -41.77 -10.15 10.76
CA LEU L 304 -42.38 -10.86 11.88
C LEU L 304 -43.84 -10.43 12.01
N TYR L 305 -44.73 -11.42 12.07
CA TYR L 305 -46.17 -11.16 12.11
C TYR L 305 -46.80 -11.62 13.42
N LYS L 306 -46.64 -12.90 13.78
CA LYS L 306 -47.19 -13.45 15.02
C LYS L 306 -46.03 -14.13 15.75
N ALA L 307 -45.31 -13.37 16.54
CA ALA L 307 -44.15 -13.90 17.25
C ALA L 307 -44.59 -14.91 18.30
N SER L 308 -43.69 -15.84 18.60
CA SER L 308 -43.91 -16.85 19.64
C SER L 308 -42.64 -16.97 20.46
N PHE L 309 -42.75 -16.72 21.76
CA PHE L 309 -41.61 -16.73 22.67
C PHE L 309 -41.73 -17.91 23.63
N THR L 310 -40.66 -18.11 24.40
CA THR L 310 -40.63 -19.08 25.49
C THR L 310 -39.98 -18.43 26.70
N CYS L 311 -40.57 -18.67 27.88
CA CYS L 311 -40.01 -18.11 29.10
C CYS L 311 -38.65 -18.73 29.40
N ASP L 312 -37.70 -17.88 29.77
CA ASP L 312 -36.32 -18.34 29.94
C ASP L 312 -36.16 -19.26 31.14
N MET L 313 -37.03 -19.15 32.14
CA MET L 313 -36.85 -19.89 33.39
C MET L 313 -37.76 -21.11 33.48
N CYS L 314 -39.07 -20.94 33.37
CA CYS L 314 -40.01 -22.05 33.50
C CYS L 314 -40.36 -22.70 32.17
N ARG L 315 -39.76 -22.25 31.07
CA ARG L 315 -39.94 -22.84 29.75
C ARG L 315 -41.37 -22.72 29.24
N ALA L 316 -42.15 -21.80 29.79
CA ALA L 316 -43.51 -21.59 29.27
C ALA L 316 -43.45 -21.08 27.84
N ILE L 317 -44.62 -21.02 27.20
CA ILE L 317 -44.74 -20.60 25.82
C ILE L 317 -45.79 -19.50 25.72
N VAL L 318 -45.52 -18.52 24.85
CA VAL L 318 -46.47 -17.47 24.53
C VAL L 318 -46.64 -17.44 23.03
N ASP L 319 -47.90 -17.44 22.58
CA ASP L 319 -48.21 -17.54 21.15
C ASP L 319 -49.09 -16.39 20.72
N ASN L 320 -48.98 -16.03 19.45
CA ASN L 320 -49.79 -14.98 18.84
C ASN L 320 -49.57 -13.64 19.57
N VAL L 321 -48.33 -13.17 19.50
CA VAL L 321 -47.95 -11.88 20.09
C VAL L 321 -47.98 -10.88 18.94
N GLU L 322 -49.10 -10.18 18.80
CA GLU L 322 -49.23 -9.15 17.77
C GLU L 322 -48.04 -8.21 17.84
N GLN L 323 -47.51 -7.85 16.67
CA GLN L 323 -46.30 -7.04 16.56
C GLN L 323 -46.65 -5.65 16.06
N SER L 324 -46.20 -4.64 16.80
CA SER L 324 -46.32 -3.25 16.37
C SER L 324 -45.15 -2.92 15.46
N PHE L 325 -44.94 -1.63 15.20
CA PHE L 325 -43.88 -1.21 14.29
C PHE L 325 -42.49 -1.56 14.80
N LYS L 326 -42.34 -1.93 16.06
CA LYS L 326 -41.06 -2.32 16.62
C LYS L 326 -41.16 -3.72 17.22
N TYR L 327 -39.99 -4.32 17.44
CA TYR L 327 -39.94 -5.65 18.04
C TYR L 327 -40.64 -5.64 19.40
N THR L 328 -41.52 -6.61 19.61
CA THR L 328 -42.33 -6.68 20.82
C THR L 328 -42.15 -8.02 21.49
N GLU L 329 -42.08 -8.02 22.81
CA GLU L 329 -41.96 -9.21 23.63
C GLU L 329 -43.02 -9.17 24.73
N PRO L 330 -43.40 -10.34 25.26
CA PRO L 330 -44.40 -10.35 26.33
C PRO L 330 -43.86 -9.76 27.62
N THR L 331 -44.77 -9.29 28.47
CA THR L 331 -44.43 -8.68 29.74
C THR L 331 -44.86 -9.49 30.95
N PHE L 332 -45.67 -10.53 30.78
CA PHE L 332 -46.20 -11.31 31.90
C PHE L 332 -46.35 -12.76 31.46
N CYS L 333 -45.61 -13.65 32.11
CA CYS L 333 -45.71 -15.07 31.81
C CYS L 333 -47.07 -15.61 32.26
N PRO L 334 -47.65 -16.56 31.51
CA PRO L 334 -48.93 -17.14 31.93
C PRO L 334 -48.82 -18.17 33.05
N ASN L 335 -47.62 -18.45 33.55
CA ASN L 335 -47.46 -19.41 34.64
C ASN L 335 -47.61 -18.69 35.98
N PRO L 336 -48.60 -19.03 36.82
CA PRO L 336 -48.74 -18.29 38.08
C PRO L 336 -47.51 -18.35 38.96
N SER L 337 -46.83 -19.50 39.02
CA SER L 337 -45.65 -19.61 39.86
C SER L 337 -44.49 -18.78 39.31
N CYS L 338 -44.46 -18.54 38.01
CA CYS L 338 -43.36 -17.81 37.40
C CYS L 338 -43.39 -16.35 37.82
N GLU L 339 -42.20 -15.74 37.81
CA GLU L 339 -42.04 -14.32 38.11
C GLU L 339 -41.36 -13.57 36.97
N ASN L 340 -41.07 -14.23 35.85
CA ASN L 340 -40.42 -13.56 34.73
C ASN L 340 -41.33 -12.50 34.14
N ARG L 341 -40.75 -11.33 33.87
CA ARG L 341 -41.50 -10.22 33.30
C ARG L 341 -40.79 -9.61 32.10
N ALA L 342 -39.47 -9.66 32.08
CA ALA L 342 -38.68 -9.01 31.04
C ALA L 342 -37.52 -9.89 30.60
N PHE L 343 -37.78 -11.19 30.43
CA PHE L 343 -36.76 -12.13 29.96
C PHE L 343 -37.44 -13.17 29.08
N TRP L 344 -37.15 -13.13 27.77
CA TRP L 344 -37.77 -14.03 26.82
C TRP L 344 -36.78 -14.37 25.72
N THR L 345 -37.06 -15.47 25.02
CA THR L 345 -36.29 -15.89 23.86
C THR L 345 -37.24 -16.23 22.73
N LEU L 346 -37.00 -15.66 21.56
CA LEU L 346 -37.85 -15.92 20.41
C LEU L 346 -37.72 -17.37 19.96
N ASN L 347 -38.78 -17.88 19.33
CA ASN L 347 -38.82 -19.24 18.81
C ASN L 347 -39.24 -19.16 17.35
N VAL L 348 -38.25 -19.15 16.45
CA VAL L 348 -38.52 -18.93 15.03
C VAL L 348 -39.24 -20.09 14.37
N THR L 349 -39.29 -21.26 15.02
CA THR L 349 -40.02 -22.38 14.44
C THR L 349 -41.52 -22.10 14.42
N ARG L 350 -42.07 -21.61 15.53
CA ARG L 350 -43.49 -21.35 15.65
C ARG L 350 -43.88 -19.96 15.14
N SER L 351 -42.93 -19.05 14.99
CA SER L 351 -43.25 -17.70 14.55
C SER L 351 -43.69 -17.71 13.08
N ARG L 352 -44.64 -16.84 12.77
CA ARG L 352 -45.12 -16.64 11.41
C ARG L 352 -44.53 -15.36 10.85
N PHE L 353 -43.94 -15.44 9.67
CA PHE L 353 -43.36 -14.30 9.00
C PHE L 353 -44.15 -14.01 7.72
N LEU L 354 -44.19 -12.74 7.34
CA LEU L 354 -44.80 -12.30 6.09
C LEU L 354 -43.74 -11.64 5.22
N ASP L 355 -43.92 -11.76 3.91
CA ASP L 355 -43.04 -11.06 2.99
C ASP L 355 -43.21 -9.56 3.14
N TRP L 356 -42.20 -8.81 2.70
CA TRP L 356 -42.18 -7.38 2.94
C TRP L 356 -41.24 -6.72 1.95
N GLN L 357 -41.73 -5.72 1.24
CA GLN L 357 -40.93 -4.97 0.28
C GLN L 357 -41.28 -3.49 0.40
N LYS L 358 -40.27 -2.64 0.27
CA LYS L 358 -40.42 -1.20 0.34
C LYS L 358 -40.23 -0.61 -1.05
N VAL L 359 -41.24 0.12 -1.52
CA VAL L 359 -41.23 0.72 -2.85
C VAL L 359 -41.28 2.23 -2.69
N ARG L 360 -40.40 2.93 -3.39
CA ARG L 360 -40.37 4.38 -3.41
C ARG L 360 -40.94 4.89 -4.72
N ILE L 361 -41.91 5.80 -4.64
CA ILE L 361 -42.60 6.33 -5.80
C ILE L 361 -42.53 7.84 -5.77
N GLN L 362 -42.66 8.45 -6.96
CA GLN L 362 -42.69 9.89 -7.09
C GLN L 362 -43.79 10.26 -8.08
N GLU L 363 -44.27 11.49 -7.96
CA GLU L 363 -45.41 11.94 -8.75
C GLU L 363 -45.05 11.95 -10.24
N ASN L 364 -46.06 11.73 -11.06
CA ASN L 364 -45.85 11.69 -12.50
C ASN L 364 -45.35 13.03 -13.02
N ALA L 365 -44.57 12.98 -14.10
CA ALA L 365 -43.94 14.19 -14.62
C ALA L 365 -44.98 15.22 -15.03
N ASN L 366 -46.02 14.79 -15.74
CA ASN L 366 -47.01 15.74 -16.25
C ASN L 366 -47.78 16.44 -15.14
N GLU L 367 -47.80 15.86 -13.94
CA GLU L 367 -48.50 16.47 -12.81
C GLU L 367 -47.62 17.40 -11.99
N ILE L 368 -46.33 17.49 -12.30
CA ILE L 368 -45.42 18.36 -11.58
C ILE L 368 -45.63 19.80 -12.05
N PRO L 369 -45.92 20.75 -11.15
CA PRO L 369 -45.91 22.15 -11.56
C PRO L 369 -44.55 22.52 -12.14
N THR L 370 -44.57 23.37 -13.16
CA THR L 370 -43.35 23.68 -13.91
C THR L 370 -42.25 24.17 -12.98
N GLY L 371 -41.05 23.63 -13.19
CA GLY L 371 -39.90 24.05 -12.40
C GLY L 371 -40.05 23.75 -10.91
N SER L 372 -40.59 22.58 -10.57
CA SER L 372 -40.76 22.19 -9.18
C SER L 372 -40.20 20.78 -8.98
N MET L 373 -39.47 20.59 -7.88
CA MET L 373 -38.95 19.27 -7.58
C MET L 373 -40.08 18.31 -7.26
N PRO L 374 -39.93 17.03 -7.57
CA PRO L 374 -41.03 16.08 -7.35
C PRO L 374 -41.20 15.76 -5.88
N ARG L 375 -42.42 15.34 -5.53
CA ARG L 375 -42.70 14.76 -4.23
C ARG L 375 -42.48 13.26 -4.29
N THR L 376 -42.27 12.65 -3.12
CA THR L 376 -41.99 11.24 -3.03
C THR L 376 -42.76 10.63 -1.87
N LEU L 377 -42.82 9.30 -1.86
CA LEU L 377 -43.51 8.56 -0.82
C LEU L 377 -42.90 7.17 -0.77
N ASP L 378 -43.15 6.48 0.34
CA ASP L 378 -42.67 5.11 0.54
C ASP L 378 -43.87 4.20 0.73
N VAL L 379 -44.01 3.20 -0.13
CA VAL L 379 -45.11 2.26 -0.10
C VAL L 379 -44.58 0.92 0.39
N ILE L 380 -45.38 0.22 1.18
CA ILE L 380 -45.02 -1.07 1.75
C ILE L 380 -45.96 -2.13 1.19
N LEU L 381 -45.40 -3.15 0.56
CA LEU L 381 -46.16 -4.28 0.03
C LEU L 381 -45.96 -5.50 0.91
N ARG L 382 -46.93 -6.40 0.87
CA ARG L 382 -46.92 -7.60 1.70
C ARG L 382 -47.51 -8.77 0.92
N GLY L 383 -47.19 -9.96 1.39
CA GLY L 383 -47.82 -11.16 0.84
C GLY L 383 -47.56 -11.30 -0.64
N ASP L 384 -48.62 -11.62 -1.39
CA ASP L 384 -48.52 -11.90 -2.81
C ASP L 384 -48.41 -10.65 -3.66
N SER L 385 -48.56 -9.46 -3.08
CA SER L 385 -48.42 -8.22 -3.82
C SER L 385 -46.97 -7.75 -3.88
N VAL L 386 -46.01 -8.64 -3.67
CA VAL L 386 -44.60 -8.30 -3.65
C VAL L 386 -44.02 -8.44 -5.05
N GLU L 387 -43.12 -7.52 -5.40
CA GLU L 387 -42.41 -7.53 -6.67
C GLU L 387 -43.32 -7.28 -7.86
N ARG L 388 -44.53 -6.75 -7.63
CA ARG L 388 -45.44 -6.41 -8.71
C ARG L 388 -45.18 -5.04 -9.29
N ALA L 389 -44.22 -4.30 -8.76
CA ALA L 389 -43.91 -2.95 -9.23
C ALA L 389 -42.42 -2.88 -9.54
N LYS L 390 -42.09 -2.58 -10.81
CA LYS L 390 -40.70 -2.44 -11.22
C LYS L 390 -40.36 -0.96 -11.40
N PRO L 391 -39.12 -0.55 -11.13
CA PRO L 391 -38.78 0.86 -11.29
C PRO L 391 -39.03 1.34 -12.72
N GLY L 392 -39.53 2.57 -12.82
CA GLY L 392 -39.87 3.15 -14.09
C GLY L 392 -41.30 2.94 -14.52
N ASP L 393 -42.04 2.05 -13.86
CA ASP L 393 -43.44 1.84 -14.18
C ASP L 393 -44.30 2.93 -13.57
N ARG L 394 -45.47 3.12 -14.17
CA ARG L 394 -46.48 4.06 -13.68
C ARG L 394 -47.61 3.21 -13.10
N CYS L 395 -47.63 3.08 -11.77
CA CYS L 395 -48.53 2.16 -11.10
C CYS L 395 -49.67 2.92 -10.43
N LYS L 396 -50.62 2.15 -9.88
CA LYS L 396 -51.79 2.69 -9.18
C LYS L 396 -52.01 1.82 -7.95
N PHE L 397 -51.51 2.27 -6.82
CA PHE L 397 -51.61 1.51 -5.57
C PHE L 397 -52.94 1.80 -4.89
N THR L 398 -53.44 0.80 -4.17
CA THR L 398 -54.65 0.93 -3.36
C THR L 398 -54.37 0.30 -2.00
N GLY L 399 -54.38 1.12 -0.97
CA GLY L 399 -54.08 0.65 0.37
C GLY L 399 -54.64 1.60 1.41
N VAL L 400 -53.96 1.66 2.55
CA VAL L 400 -54.38 2.49 3.67
C VAL L 400 -53.24 3.43 4.03
N GLU L 401 -53.54 4.72 4.13
CA GLU L 401 -52.54 5.70 4.53
C GLU L 401 -52.29 5.58 6.04
N ILE L 402 -51.04 5.32 6.42
CA ILE L 402 -50.68 5.09 7.81
C ILE L 402 -49.61 6.08 8.21
N VAL L 403 -49.29 6.07 9.50
CA VAL L 403 -48.20 6.86 10.06
C VAL L 403 -47.28 5.91 10.81
N VAL L 404 -45.98 6.02 10.54
CA VAL L 404 -44.98 5.08 11.07
C VAL L 404 -44.13 5.82 12.10
N PRO L 405 -44.07 5.37 13.35
CA PRO L 405 -43.28 6.07 14.35
C PRO L 405 -41.79 5.84 14.15
N ASP L 406 -41.00 6.71 14.77
CA ASP L 406 -39.53 6.58 14.75
C ASP L 406 -39.18 5.54 15.80
N VAL L 407 -38.98 4.30 15.34
CA VAL L 407 -38.83 3.17 16.26
C VAL L 407 -37.57 3.28 17.11
N THR L 408 -36.58 4.06 16.68
CA THR L 408 -35.36 4.17 17.47
C THR L 408 -35.65 4.76 18.85
N GLN L 409 -36.49 5.80 18.90
CA GLN L 409 -36.80 6.42 20.18
C GLN L 409 -37.59 5.47 21.08
N LEU L 410 -38.52 4.70 20.50
CA LEU L 410 -39.41 3.88 21.31
C LEU L 410 -38.67 2.84 22.14
N GLY L 411 -37.42 2.54 21.78
CA GLY L 411 -36.63 1.60 22.56
C GLY L 411 -36.55 0.24 21.90
N LEU L 412 -35.42 -0.06 21.26
CA LEU L 412 -35.20 -1.33 20.60
C LEU L 412 -34.08 -2.11 21.28
N PRO L 413 -34.13 -3.44 21.27
CA PRO L 413 -33.03 -4.22 21.84
C PRO L 413 -31.76 -4.04 21.01
N GLY L 414 -30.73 -3.47 21.64
CA GLY L 414 -29.44 -3.34 20.99
C GLY L 414 -29.30 -2.16 20.06
N VAL L 415 -30.22 -1.20 20.09
CA VAL L 415 -30.16 -0.02 19.24
C VAL L 415 -30.18 1.22 20.12
N LYS L 416 -29.26 2.14 19.86
CA LYS L 416 -29.19 3.39 20.61
C LYS L 416 -29.95 4.46 19.85
N PRO L 417 -30.98 5.08 20.43
CA PRO L 417 -31.76 6.07 19.66
C PRO L 417 -30.90 7.18 19.11
N SER L 418 -31.20 7.61 17.90
CA SER L 418 -30.47 8.69 17.23
C SER L 418 -28.98 8.41 17.20
N THR L 429 -33.54 20.11 5.74
CA THR L 429 -34.95 20.20 5.41
C THR L 429 -35.66 21.16 6.35
N THR L 430 -36.02 20.66 7.53
CA THR L 430 -36.66 21.47 8.57
C THR L 430 -35.59 21.94 9.54
N GLU L 431 -35.44 23.26 9.68
CA GLU L 431 -34.42 23.83 10.55
C GLU L 431 -34.87 23.71 12.01
N GLY L 432 -34.88 22.47 12.49
CA GLY L 432 -35.16 22.18 13.89
C GLY L 432 -36.59 22.39 14.32
N LEU L 433 -37.49 22.75 13.40
CA LEU L 433 -38.88 23.00 13.77
C LEU L 433 -39.70 21.73 13.84
N ASN L 434 -39.19 20.61 13.34
CA ASN L 434 -39.91 19.34 13.36
C ASN L 434 -39.72 18.72 14.74
N SER L 435 -40.49 19.22 15.70
CA SER L 435 -40.48 18.72 17.06
C SER L 435 -41.62 17.73 17.23
N GLY L 436 -41.30 16.55 17.77
CA GLY L 436 -42.29 15.51 17.96
C GLY L 436 -43.04 15.66 19.27
N VAL L 437 -43.91 14.70 19.52
CA VAL L 437 -44.69 14.66 20.76
C VAL L 437 -43.93 13.84 21.78
N THR L 438 -44.10 14.17 23.05
CA THR L 438 -43.37 13.52 24.14
C THR L 438 -44.36 13.21 25.26
N GLY L 439 -43.83 12.83 26.42
CA GLY L 439 -44.62 12.53 27.58
C GLY L 439 -45.04 11.08 27.71
N LEU L 440 -44.76 10.24 26.72
CA LEU L 440 -45.13 8.84 26.82
C LEU L 440 -44.24 8.12 27.83
N ARG L 441 -44.76 7.03 28.37
CA ARG L 441 -44.02 6.28 29.39
C ARG L 441 -42.72 5.73 28.82
N SER L 442 -42.78 5.12 27.63
CA SER L 442 -41.57 4.55 27.03
C SER L 442 -40.54 5.64 26.74
N LEU L 443 -40.99 6.77 26.21
CA LEU L 443 -40.11 7.90 25.93
C LEU L 443 -39.80 8.58 27.25
N GLY L 444 -38.62 8.31 27.80
CA GLY L 444 -38.22 8.94 29.05
C GLY L 444 -38.14 10.43 28.94
N VAL L 445 -37.19 10.93 28.14
CA VAL L 445 -37.02 12.36 27.90
C VAL L 445 -36.96 12.69 26.41
N ARG L 446 -37.15 11.70 25.55
CA ARG L 446 -37.10 11.91 24.10
C ARG L 446 -38.50 12.12 23.54
N ASP L 447 -38.55 12.54 22.29
CA ASP L 447 -39.81 12.79 21.59
C ASP L 447 -39.96 11.79 20.44
N LEU L 448 -41.19 11.61 20.01
CA LEU L 448 -41.54 10.66 18.96
C LEU L 448 -42.01 11.43 17.75
N THR L 449 -41.28 11.31 16.64
CA THR L 449 -41.61 11.97 15.38
C THR L 449 -42.17 10.94 14.41
N TYR L 450 -42.96 11.42 13.45
CA TYR L 450 -43.77 10.56 12.62
C TYR L 450 -43.52 10.85 11.14
N LYS L 451 -43.92 9.87 10.31
CA LYS L 451 -43.80 9.96 8.86
C LYS L 451 -45.08 9.43 8.23
N ILE L 452 -45.39 9.94 7.04
CA ILE L 452 -46.54 9.46 6.27
C ILE L 452 -46.07 8.34 5.35
N SER L 453 -46.77 7.21 5.38
CA SER L 453 -46.43 6.06 4.56
C SER L 453 -47.71 5.46 3.99
N PHE L 454 -47.56 4.35 3.27
CA PHE L 454 -48.67 3.68 2.61
C PHE L 454 -48.56 2.19 2.85
N LEU L 455 -49.71 1.51 2.80
CA LEU L 455 -49.79 0.05 2.94
C LEU L 455 -50.70 -0.47 1.83
N ALA L 456 -50.10 -0.77 0.67
CA ALA L 456 -50.87 -1.19 -0.48
C ALA L 456 -51.37 -2.62 -0.29
N CYS L 457 -52.60 -2.87 -0.73
CA CYS L 457 -53.14 -4.22 -0.82
C CYS L 457 -53.45 -4.63 -2.24
N HIS L 458 -53.17 -3.76 -3.22
CA HIS L 458 -53.42 -4.05 -4.62
C HIS L 458 -52.52 -3.16 -5.45
N VAL L 459 -52.05 -3.69 -6.59
CA VAL L 459 -51.14 -2.96 -7.46
C VAL L 459 -51.58 -3.17 -8.91
N ILE L 460 -51.64 -2.08 -9.67
CA ILE L 460 -51.92 -2.11 -11.09
C ILE L 460 -50.87 -1.27 -11.80
N SER L 461 -50.28 -1.82 -12.85
CA SER L 461 -49.25 -1.13 -13.62
C SER L 461 -49.89 -0.51 -14.86
N ILE L 462 -50.00 0.82 -14.87
CA ILE L 462 -50.54 1.50 -16.04
C ILE L 462 -49.57 1.41 -17.20
N GLY L 463 -48.28 1.53 -16.93
CA GLY L 463 -47.26 1.46 -17.96
C GLY L 463 -45.86 1.35 -17.40
N ASP L 500 -45.67 -27.53 -26.93
CA ASP L 500 -46.13 -26.18 -26.64
C ASP L 500 -47.44 -25.89 -27.36
N GLN L 501 -47.71 -26.62 -28.43
CA GLN L 501 -48.96 -26.44 -29.16
C GLN L 501 -50.16 -26.64 -28.24
N GLU L 502 -50.18 -27.75 -27.50
CA GLU L 502 -51.32 -28.03 -26.63
C GLU L 502 -51.49 -26.93 -25.59
N VAL L 503 -50.39 -26.46 -25.01
CA VAL L 503 -50.47 -25.42 -23.99
C VAL L 503 -51.05 -24.15 -24.59
N PHE L 504 -50.59 -23.76 -25.77
CA PHE L 504 -51.08 -22.54 -26.40
C PHE L 504 -52.57 -22.63 -26.70
N LEU L 505 -53.01 -23.75 -27.24
CA LEU L 505 -54.42 -23.89 -27.62
C LEU L 505 -55.34 -23.79 -26.41
N ASN L 506 -54.94 -24.43 -25.30
CA ASN L 506 -55.80 -24.40 -24.11
C ASN L 506 -56.06 -22.98 -23.64
N SER L 507 -55.10 -22.08 -23.80
CA SER L 507 -55.29 -20.70 -23.36
C SER L 507 -56.41 -20.02 -24.16
N LEU L 508 -56.45 -20.27 -25.46
CA LEU L 508 -57.44 -19.61 -26.31
C LEU L 508 -58.85 -20.07 -25.95
N SER L 509 -59.81 -19.18 -26.16
CA SER L 509 -61.22 -19.54 -26.01
C SER L 509 -61.66 -20.40 -27.19
N SER L 510 -62.86 -20.99 -27.04
CA SER L 510 -63.38 -21.84 -28.11
C SER L 510 -63.53 -21.05 -29.41
N ASP L 511 -64.06 -19.82 -29.32
CA ASP L 511 -64.30 -19.04 -30.53
C ASP L 511 -63.01 -18.73 -31.25
N GLU L 512 -61.96 -18.34 -30.52
CA GLU L 512 -60.70 -18.00 -31.17
C GLU L 512 -60.09 -19.19 -31.88
N ILE L 513 -60.17 -20.38 -31.28
CA ILE L 513 -59.65 -21.57 -31.93
C ILE L 513 -60.32 -21.76 -33.28
N ASN L 514 -61.66 -21.68 -33.31
CA ASN L 514 -62.37 -21.79 -34.58
C ASN L 514 -61.83 -20.79 -35.59
N GLU L 515 -61.54 -19.58 -35.15
CA GLU L 515 -60.93 -18.60 -36.04
C GLU L 515 -59.58 -19.08 -36.54
N LEU L 516 -58.77 -19.65 -35.65
CA LEU L 516 -57.45 -20.14 -36.05
C LEU L 516 -57.58 -21.25 -37.09
N LYS L 517 -58.49 -22.21 -36.86
CA LYS L 517 -58.69 -23.28 -37.83
C LYS L 517 -59.14 -22.71 -39.17
N GLU L 518 -60.08 -21.75 -39.14
CA GLU L 518 -60.54 -21.15 -40.39
C GLU L 518 -59.39 -20.45 -41.12
N MET L 519 -58.39 -19.96 -40.37
CA MET L 519 -57.26 -19.30 -40.99
C MET L 519 -56.35 -20.30 -41.71
N VAL L 520 -56.03 -21.41 -41.05
CA VAL L 520 -55.10 -22.37 -41.64
C VAL L 520 -55.73 -23.05 -42.86
N LYS L 521 -57.05 -23.32 -42.81
CA LYS L 521 -57.71 -23.99 -43.93
C LYS L 521 -57.64 -23.16 -45.21
N ASP L 522 -57.46 -21.85 -45.11
CA ASP L 522 -57.40 -21.01 -46.30
C ASP L 522 -56.22 -21.42 -47.16
N GLU L 523 -56.38 -21.32 -48.48
CA GLU L 523 -55.29 -21.70 -49.36
C GLU L 523 -54.46 -20.49 -49.79
N HIS L 524 -55.03 -19.29 -49.71
CA HIS L 524 -54.27 -18.06 -49.95
C HIS L 524 -53.52 -17.59 -48.70
N ILE L 525 -53.48 -18.40 -47.65
CA ILE L 525 -53.10 -17.89 -46.33
C ILE L 525 -51.74 -17.19 -46.41
N TYR L 526 -50.78 -17.81 -47.09
CA TYR L 526 -49.43 -17.23 -47.14
C TYR L 526 -49.46 -15.84 -47.76
N ASP L 527 -50.22 -15.66 -48.84
CA ASP L 527 -50.30 -14.35 -49.48
C ASP L 527 -51.03 -13.35 -48.59
N LYS L 528 -52.08 -13.79 -47.90
CA LYS L 528 -52.86 -12.87 -47.08
C LYS L 528 -52.02 -12.28 -45.95
N LEU L 529 -51.21 -13.11 -45.28
CA LEU L 529 -50.41 -12.62 -44.17
C LEU L 529 -49.42 -11.56 -44.65
N VAL L 530 -48.77 -11.78 -45.78
CA VAL L 530 -47.81 -10.81 -46.30
C VAL L 530 -48.52 -9.49 -46.59
N ARG L 531 -49.73 -9.55 -47.10
CA ARG L 531 -50.45 -8.31 -47.50
C ARG L 531 -51.01 -7.64 -46.24
N SER L 532 -50.97 -8.30 -45.08
CA SER L 532 -51.54 -7.77 -43.85
C SER L 532 -50.49 -7.20 -42.90
N ILE L 533 -49.25 -7.05 -43.35
CA ILE L 533 -48.17 -6.55 -42.51
C ILE L 533 -47.99 -5.06 -42.80
N ALA L 534 -48.09 -4.24 -41.77
CA ALA L 534 -47.89 -2.80 -41.89
C ALA L 534 -48.79 -2.24 -42.98
N PRO L 535 -50.11 -2.32 -42.82
CA PRO L 535 -51.00 -1.80 -43.87
C PRO L 535 -50.84 -0.32 -44.13
N ALA L 536 -50.23 0.42 -43.20
CA ALA L 536 -50.04 1.85 -43.41
C ALA L 536 -49.18 2.12 -44.63
N VAL L 537 -48.09 1.36 -44.81
CA VAL L 537 -47.25 1.55 -45.99
C VAL L 537 -48.00 1.10 -47.23
N PHE L 538 -47.45 1.45 -48.39
CA PHE L 538 -48.12 1.23 -49.67
C PHE L 538 -47.15 0.60 -50.66
N GLY L 539 -47.51 -0.58 -51.15
CA GLY L 539 -46.82 -1.18 -52.28
C GLY L 539 -45.37 -1.52 -52.06
N HIS L 540 -45.06 -2.22 -50.97
CA HIS L 540 -43.72 -2.73 -50.72
C HIS L 540 -43.80 -4.19 -50.29
N GLU L 541 -44.55 -4.99 -51.05
CA GLU L 541 -44.79 -6.37 -50.65
C GLU L 541 -43.48 -7.16 -50.53
N ALA L 542 -42.45 -6.78 -51.29
CA ALA L 542 -41.18 -7.48 -51.18
C ALA L 542 -40.59 -7.35 -49.79
N VAL L 543 -40.64 -6.15 -49.21
CA VAL L 543 -40.13 -5.94 -47.86
C VAL L 543 -41.01 -6.67 -46.85
N LYS L 544 -42.33 -6.57 -47.01
CA LYS L 544 -43.24 -7.13 -46.02
C LYS L 544 -43.04 -8.63 -45.85
N LYS L 545 -42.71 -9.33 -46.93
CA LYS L 545 -42.46 -10.77 -46.81
C LYS L 545 -41.27 -11.03 -45.90
N GLY L 546 -40.23 -10.21 -46.00
CA GLY L 546 -39.09 -10.38 -45.12
C GLY L 546 -39.43 -10.15 -43.65
N ILE L 547 -40.21 -9.11 -43.38
CA ILE L 547 -40.57 -8.81 -41.98
C ILE L 547 -41.40 -9.94 -41.39
N LEU L 548 -42.37 -10.45 -42.15
CA LEU L 548 -43.19 -11.54 -41.63
C LEU L 548 -42.33 -12.76 -41.31
N LEU L 549 -41.40 -13.09 -42.20
CA LEU L 549 -40.53 -14.24 -41.95
C LEU L 549 -39.64 -14.01 -40.74
N GLN L 550 -39.24 -12.76 -40.50
CA GLN L 550 -38.41 -12.46 -39.34
C GLN L 550 -39.17 -12.67 -38.04
N MET L 551 -40.45 -12.29 -38.01
CA MET L 551 -41.25 -12.48 -36.80
C MET L 551 -41.37 -13.96 -36.45
N LEU L 552 -41.70 -14.79 -37.44
CA LEU L 552 -41.78 -16.22 -37.19
C LEU L 552 -40.41 -16.79 -36.82
N GLY L 553 -39.35 -16.30 -37.44
CA GLY L 553 -38.01 -16.74 -37.12
C GLY L 553 -37.73 -18.15 -37.62
N GLY L 554 -36.61 -18.69 -37.13
CA GLY L 554 -36.20 -20.03 -37.44
C GLY L 554 -36.04 -20.87 -36.18
N VAL L 555 -35.79 -22.15 -36.38
CA VAL L 555 -35.61 -23.07 -35.26
C VAL L 555 -34.22 -22.88 -34.67
N HIS L 556 -34.15 -22.75 -33.36
CA HIS L 556 -32.89 -22.58 -32.66
C HIS L 556 -32.38 -23.95 -32.23
N LYS L 557 -31.16 -24.29 -32.64
CA LYS L 557 -30.58 -25.60 -32.38
C LYS L 557 -29.23 -25.45 -31.69
N SER L 558 -28.91 -26.44 -30.86
CA SER L 558 -27.60 -26.57 -30.24
C SER L 558 -27.09 -27.97 -30.49
N THR L 559 -25.82 -28.08 -30.88
CA THR L 559 -25.28 -29.38 -31.27
C THR L 559 -25.15 -30.29 -30.05
N VAL L 560 -24.61 -31.48 -30.29
CA VAL L 560 -24.51 -32.50 -29.25
C VAL L 560 -23.28 -32.23 -28.39
N GLU L 561 -22.57 -31.13 -28.66
CA GLU L 561 -21.38 -30.77 -27.90
C GLU L 561 -21.46 -29.35 -27.36
N GLY L 562 -22.64 -28.73 -27.38
CA GLY L 562 -22.81 -27.40 -26.81
C GLY L 562 -22.49 -26.26 -27.74
N ILE L 563 -22.32 -26.51 -29.04
CA ILE L 563 -22.15 -25.45 -30.01
C ILE L 563 -23.54 -25.00 -30.47
N LYS L 564 -23.78 -23.69 -30.39
CA LYS L 564 -25.09 -23.14 -30.67
C LYS L 564 -25.17 -22.68 -32.12
N LEU L 565 -26.26 -23.01 -32.79
CA LEU L 565 -26.53 -22.57 -34.15
C LEU L 565 -27.63 -21.52 -34.12
N ARG L 566 -27.40 -20.40 -34.80
CA ARG L 566 -28.34 -19.29 -34.77
C ARG L 566 -29.67 -19.68 -35.41
N GLY L 567 -30.74 -19.03 -34.96
CA GLY L 567 -32.06 -19.27 -35.50
C GLY L 567 -32.86 -17.99 -35.67
N ASP L 568 -32.16 -16.86 -35.73
CA ASP L 568 -32.78 -15.54 -35.87
C ASP L 568 -32.42 -14.95 -37.23
N ILE L 569 -33.37 -14.25 -37.82
CA ILE L 569 -33.23 -13.70 -39.17
C ILE L 569 -32.96 -12.20 -39.04
N ASN L 570 -31.86 -11.75 -39.63
CA ASN L 570 -31.50 -10.33 -39.64
C ASN L 570 -31.79 -9.76 -41.02
N ILE L 571 -32.44 -8.59 -41.04
CA ILE L 571 -32.84 -7.95 -42.29
C ILE L 571 -32.28 -6.54 -42.31
N CYS L 572 -31.82 -6.11 -43.48
CA CYS L 572 -31.36 -4.75 -43.71
C CYS L 572 -32.17 -4.14 -44.83
N VAL L 573 -32.58 -2.89 -44.64
CA VAL L 573 -33.39 -2.16 -45.62
C VAL L 573 -32.61 -0.91 -46.02
N VAL L 574 -32.46 -0.71 -47.32
CA VAL L 574 -31.71 0.43 -47.87
C VAL L 574 -32.59 1.14 -48.87
N GLY L 575 -32.54 2.46 -48.86
CA GLY L 575 -33.35 3.23 -49.80
C GLY L 575 -33.07 4.71 -49.70
N ASP L 576 -33.62 5.45 -50.65
CA ASP L 576 -33.46 6.89 -50.70
C ASP L 576 -34.27 7.55 -49.59
N PRO L 577 -33.96 8.81 -49.27
CA PRO L 577 -34.71 9.50 -48.21
C PRO L 577 -36.20 9.56 -48.52
N SER L 578 -37.01 9.44 -47.47
CA SER L 578 -38.46 9.51 -47.58
C SER L 578 -39.00 8.38 -48.46
N THR L 579 -38.74 7.15 -48.00
CA THR L 579 -39.21 5.96 -48.69
C THR L 579 -39.82 4.95 -47.72
N SER L 580 -40.42 5.43 -46.64
CA SER L 580 -41.10 4.61 -45.64
C SER L 580 -40.17 3.61 -44.98
N LYS L 581 -38.86 3.88 -44.96
CA LYS L 581 -37.93 3.00 -44.25
C LYS L 581 -38.28 2.93 -42.78
N SER L 582 -38.40 4.09 -42.12
CA SER L 582 -38.69 4.11 -40.70
C SER L 582 -40.11 3.62 -40.40
N GLN L 583 -41.04 3.83 -41.33
CA GLN L 583 -42.40 3.35 -41.12
C GLN L 583 -42.43 1.84 -40.93
N PHE L 584 -41.49 1.11 -41.51
CA PHE L 584 -41.43 -0.33 -41.30
C PHE L 584 -40.92 -0.66 -39.91
N LEU L 585 -39.90 0.05 -39.44
CA LEU L 585 -39.41 -0.16 -38.08
C LEU L 585 -40.46 0.21 -37.05
N LYS L 586 -41.18 1.30 -37.29
CA LYS L 586 -42.20 1.75 -36.35
C LYS L 586 -43.28 0.69 -36.15
N TYR L 587 -43.71 0.07 -37.25
CA TYR L 587 -44.73 -0.97 -37.14
C TYR L 587 -44.23 -2.16 -36.32
N VAL L 588 -42.97 -2.56 -36.54
CA VAL L 588 -42.46 -3.75 -35.86
C VAL L 588 -42.39 -3.53 -34.35
N VAL L 589 -41.86 -2.39 -33.93
CA VAL L 589 -41.69 -2.15 -32.49
C VAL L 589 -43.04 -2.07 -31.80
N GLY L 590 -44.03 -1.47 -32.47
CA GLY L 590 -45.36 -1.39 -31.91
C GLY L 590 -46.18 -2.66 -31.99
N PHE L 591 -45.67 -3.67 -32.68
CA PHE L 591 -46.39 -4.93 -32.87
C PHE L 591 -45.69 -6.12 -32.22
N ALA L 592 -44.38 -6.23 -32.37
CA ALA L 592 -43.65 -7.38 -31.86
C ALA L 592 -43.71 -7.40 -30.33
N PRO L 593 -43.73 -8.59 -29.72
CA PRO L 593 -43.83 -8.67 -28.25
C PRO L 593 -42.74 -7.88 -27.54
N ARG L 594 -41.49 -8.23 -27.81
CA ARG L 594 -40.34 -7.53 -27.23
C ARG L 594 -39.58 -6.85 -28.37
N SER L 595 -39.29 -5.57 -28.20
CA SER L 595 -38.58 -4.83 -29.24
C SER L 595 -38.06 -3.53 -28.63
N VAL L 596 -37.13 -2.92 -29.34
CA VAL L 596 -36.48 -1.69 -28.90
C VAL L 596 -36.08 -0.88 -30.12
N TYR L 597 -36.62 0.33 -30.23
CA TYR L 597 -36.29 1.24 -31.32
C TYR L 597 -35.15 2.14 -30.88
N THR L 598 -34.10 2.19 -31.70
CA THR L 598 -32.92 2.99 -31.40
C THR L 598 -32.41 3.59 -32.70
N SER L 599 -31.17 4.07 -32.66
CA SER L 599 -30.51 4.63 -33.82
C SER L 599 -29.03 4.29 -33.75
N GLY L 600 -28.37 4.32 -34.90
CA GLY L 600 -26.95 4.02 -34.92
C GLY L 600 -26.15 4.92 -34.01
N LYS L 601 -26.45 6.22 -34.03
CA LYS L 601 -25.78 7.20 -33.17
C LYS L 601 -26.51 7.30 -31.82
N ALA L 602 -26.45 6.21 -31.07
CA ALA L 602 -27.15 6.12 -29.80
C ALA L 602 -26.59 7.13 -28.80
N SER L 603 -27.48 7.79 -28.07
CA SER L 603 -27.06 8.81 -27.12
C SER L 603 -26.43 8.20 -25.88
N SER L 604 -27.02 7.13 -25.35
CA SER L 604 -26.57 6.56 -24.10
C SER L 604 -25.11 6.12 -24.20
N ALA L 605 -24.50 5.94 -23.03
CA ALA L 605 -23.12 5.47 -23.00
C ALA L 605 -23.01 4.01 -23.45
N ALA L 606 -23.98 3.19 -23.08
CA ALA L 606 -23.95 1.78 -23.45
C ALA L 606 -23.99 1.62 -24.97
N GLY L 607 -24.87 2.37 -25.64
CA GLY L 607 -25.01 2.22 -27.07
C GLY L 607 -25.80 0.96 -27.44
N LEU L 608 -25.39 0.35 -28.55
CA LEU L 608 -26.05 -0.88 -28.98
C LEU L 608 -25.68 -2.06 -28.09
N THR L 609 -24.51 -1.99 -27.44
CA THR L 609 -24.03 -3.06 -26.57
C THR L 609 -23.95 -2.55 -25.14
N ALA L 610 -23.42 -3.39 -24.26
CA ALA L 610 -23.32 -3.05 -22.85
C ALA L 610 -22.07 -2.21 -22.57
N ALA L 611 -22.12 -1.46 -21.49
CA ALA L 611 -21.00 -0.66 -21.02
C ALA L 611 -20.92 -0.75 -19.51
N VAL L 612 -19.73 -0.49 -18.97
CA VAL L 612 -19.47 -0.54 -17.54
C VAL L 612 -19.44 0.88 -17.01
N VAL L 613 -20.25 1.13 -15.98
CA VAL L 613 -20.32 2.43 -15.32
C VAL L 613 -20.17 2.20 -13.83
N ARG L 614 -19.36 3.04 -13.18
CA ARG L 614 -19.07 2.93 -11.76
C ARG L 614 -19.54 4.18 -11.05
N ASP L 615 -20.28 4.01 -9.95
CA ASP L 615 -20.80 5.16 -9.16
C ASP L 615 -19.62 5.86 -8.48
N GLU L 616 -19.85 7.01 -7.83
CA GLU L 616 -18.73 7.83 -7.29
C GLU L 616 -17.95 7.12 -6.19
N GLU L 617 -16.63 7.30 -6.17
CA GLU L 617 -15.72 6.73 -5.14
C GLU L 617 -15.81 5.20 -5.07
N GLY L 618 -15.89 4.57 -3.90
CA GLY L 618 -15.84 3.11 -3.69
C GLY L 618 -16.69 2.24 -4.61
N GLY L 619 -17.91 2.62 -4.95
CA GLY L 619 -18.78 1.78 -5.75
C GLY L 619 -18.06 1.03 -6.86
N ASP L 620 -18.22 -0.29 -6.89
CA ASP L 620 -17.59 -1.12 -7.90
C ASP L 620 -18.32 -0.98 -9.23
N TYR L 621 -17.68 -1.47 -10.29
CA TYR L 621 -18.21 -1.31 -11.64
C TYR L 621 -19.49 -2.12 -11.83
N THR L 622 -20.40 -1.56 -12.62
CA THR L 622 -21.70 -2.18 -12.88
C THR L 622 -21.98 -2.12 -14.38
N ILE L 623 -22.75 -3.09 -14.85
CA ILE L 623 -23.07 -3.23 -16.27
C ILE L 623 -24.35 -2.46 -16.56
N GLU L 624 -24.30 -1.59 -17.57
CA GLU L 624 -25.46 -0.82 -18.03
C GLU L 624 -25.90 -1.38 -19.38
N ALA L 625 -27.12 -1.89 -19.45
CA ALA L 625 -27.59 -2.57 -20.64
C ALA L 625 -27.75 -1.60 -21.80
N GLY L 626 -27.51 -2.12 -23.01
CA GLY L 626 -27.69 -1.38 -24.23
C GLY L 626 -28.91 -1.85 -25.02
N ALA L 627 -28.96 -1.41 -26.27
CA ALA L 627 -30.09 -1.74 -27.13
C ALA L 627 -30.19 -3.25 -27.36
N LEU L 628 -29.07 -3.89 -27.71
CA LEU L 628 -29.12 -5.30 -28.07
C LEU L 628 -29.43 -6.18 -26.87
N MET L 629 -29.03 -5.76 -25.67
CA MET L 629 -29.37 -6.52 -24.48
C MET L 629 -30.85 -6.36 -24.10
N LEU L 630 -31.36 -5.14 -24.21
CA LEU L 630 -32.74 -4.89 -23.80
C LEU L 630 -33.74 -5.63 -24.69
N ALA L 631 -33.39 -5.83 -25.96
CA ALA L 631 -34.27 -6.52 -26.90
C ALA L 631 -34.08 -8.03 -26.88
N ASP L 632 -33.60 -8.59 -25.77
CA ASP L 632 -33.38 -10.02 -25.67
C ASP L 632 -34.65 -10.77 -26.03
N ASN L 633 -34.50 -11.81 -26.87
CA ASN L 633 -35.61 -12.63 -27.34
C ASN L 633 -36.62 -11.84 -28.14
N GLY L 634 -36.25 -10.65 -28.60
CA GLY L 634 -37.12 -9.78 -29.37
C GLY L 634 -36.48 -9.39 -30.69
N ILE L 635 -36.88 -8.22 -31.19
CA ILE L 635 -36.37 -7.67 -32.43
C ILE L 635 -35.81 -6.29 -32.12
N CYS L 636 -34.55 -6.07 -32.46
CA CYS L 636 -33.89 -4.79 -32.25
C CYS L 636 -33.86 -4.01 -33.56
N CYS L 637 -34.53 -2.87 -33.58
CA CYS L 637 -34.64 -2.03 -34.77
C CYS L 637 -33.66 -0.88 -34.66
N ILE L 638 -32.73 -0.79 -35.60
CA ILE L 638 -31.73 0.26 -35.64
C ILE L 638 -32.06 1.15 -36.83
N ASP L 639 -32.30 2.44 -36.56
CA ASP L 639 -32.85 3.31 -37.58
C ASP L 639 -31.81 3.69 -38.64
N GLU L 640 -30.57 3.95 -38.23
CA GLU L 640 -29.50 4.34 -39.15
C GLU L 640 -28.28 3.47 -38.86
N PHE L 641 -28.23 2.29 -39.46
CA PHE L 641 -27.12 1.37 -39.24
C PHE L 641 -25.80 1.97 -39.69
N ASP L 642 -25.81 2.66 -40.83
CA ASP L 642 -24.60 3.17 -41.46
C ASP L 642 -23.92 4.27 -40.66
N LYS L 643 -24.41 4.65 -39.47
CA LYS L 643 -23.77 5.69 -38.68
C LYS L 643 -23.33 5.19 -37.30
N MET L 644 -23.22 3.87 -37.12
CA MET L 644 -22.89 3.34 -35.81
C MET L 644 -21.46 3.72 -35.40
N ASP L 645 -21.21 3.65 -34.10
CA ASP L 645 -19.89 3.95 -33.56
C ASP L 645 -18.95 2.77 -33.77
N ILE L 646 -17.65 3.06 -33.81
CA ILE L 646 -16.67 2.03 -34.10
C ILE L 646 -16.66 0.96 -33.01
N SER L 647 -16.85 1.37 -31.75
CA SER L 647 -16.90 0.38 -30.67
C SER L 647 -18.07 -0.57 -30.85
N ASP L 648 -19.25 -0.03 -31.20
CA ASP L 648 -20.41 -0.88 -31.41
C ASP L 648 -20.31 -1.63 -32.74
N GLN L 649 -19.76 -0.99 -33.77
CA GLN L 649 -19.56 -1.66 -35.05
C GLN L 649 -18.75 -2.93 -34.86
N VAL L 650 -17.65 -2.84 -34.10
CA VAL L 650 -16.85 -4.03 -33.82
C VAL L 650 -17.59 -4.96 -32.87
N ALA L 651 -18.21 -4.41 -31.83
CA ALA L 651 -18.87 -5.24 -30.84
C ALA L 651 -20.09 -5.96 -31.40
N ILE L 652 -20.63 -5.49 -32.53
CA ILE L 652 -21.81 -6.13 -33.11
C ILE L 652 -21.44 -7.44 -33.80
N HIS L 653 -20.15 -7.69 -34.03
CA HIS L 653 -19.76 -8.93 -34.69
C HIS L 653 -20.23 -10.15 -33.91
N GLU L 654 -19.91 -10.19 -32.62
CA GLU L 654 -20.23 -11.38 -31.82
C GLU L 654 -21.72 -11.45 -31.50
N ALA L 655 -22.36 -10.30 -31.30
CA ALA L 655 -23.77 -10.30 -30.92
C ALA L 655 -24.64 -10.91 -32.01
N MET L 656 -24.33 -10.64 -33.27
CA MET L 656 -25.20 -11.07 -34.36
C MET L 656 -25.09 -12.56 -34.63
N GLU L 657 -23.94 -13.19 -34.35
CA GLU L 657 -23.71 -14.59 -34.66
C GLU L 657 -23.66 -15.46 -33.41
N GLN L 658 -22.76 -15.16 -32.47
CA GLN L 658 -22.69 -15.95 -31.24
C GLN L 658 -23.82 -15.64 -30.28
N GLN L 659 -24.51 -14.51 -30.45
CA GLN L 659 -25.65 -14.13 -29.63
C GLN L 659 -25.23 -13.85 -28.20
N THR L 660 -24.06 -13.23 -28.02
CA THR L 660 -23.57 -12.84 -26.71
C THR L 660 -22.71 -11.60 -26.85
N ILE L 661 -22.51 -10.91 -25.73
CA ILE L 661 -21.60 -9.78 -25.64
C ILE L 661 -20.62 -10.07 -24.52
N SER L 662 -19.35 -10.22 -24.86
CA SER L 662 -18.30 -10.54 -23.90
C SER L 662 -17.57 -9.25 -23.54
N ILE L 663 -17.55 -8.93 -22.24
CA ILE L 663 -16.88 -7.74 -21.74
C ILE L 663 -15.94 -8.17 -20.62
N ALA L 664 -14.70 -7.68 -20.66
CA ALA L 664 -13.69 -7.95 -19.64
C ALA L 664 -13.01 -6.63 -19.31
N LYS L 665 -13.58 -5.89 -18.36
CA LYS L 665 -13.05 -4.61 -17.93
C LYS L 665 -12.52 -4.72 -16.51
N ALA L 666 -12.10 -3.59 -15.96
CA ALA L 666 -11.48 -3.58 -14.64
C ALA L 666 -12.45 -4.08 -13.58
N GLY L 667 -12.18 -5.27 -13.03
CA GLY L 667 -12.95 -5.79 -11.92
C GLY L 667 -14.23 -6.51 -12.28
N ILE L 668 -14.70 -6.38 -13.52
CA ILE L 668 -15.96 -6.99 -13.95
C ILE L 668 -15.72 -7.69 -15.28
N HIS L 669 -16.16 -8.94 -15.38
CA HIS L 669 -16.11 -9.71 -16.61
C HIS L 669 -17.36 -10.57 -16.69
N ALA L 670 -17.99 -10.63 -17.86
CA ALA L 670 -19.21 -11.39 -17.99
C ALA L 670 -19.53 -11.59 -19.46
N THR L 671 -20.38 -12.58 -19.72
CA THR L 671 -20.98 -12.82 -21.03
C THR L 671 -22.47 -12.52 -20.92
N LEU L 672 -22.95 -11.59 -21.74
CA LEU L 672 -24.32 -11.09 -21.65
C LEU L 672 -25.11 -11.56 -22.86
N ASN L 673 -26.28 -12.15 -22.60
CA ASN L 673 -27.12 -12.67 -23.67
C ASN L 673 -27.63 -11.54 -24.54
N ALA L 674 -27.59 -11.75 -25.86
CA ALA L 674 -28.10 -10.79 -26.83
C ALA L 674 -28.85 -11.51 -27.94
N ARG L 675 -29.70 -12.46 -27.56
CA ARG L 675 -30.43 -13.30 -28.53
C ARG L 675 -31.55 -12.47 -29.15
N THR L 676 -31.16 -11.62 -30.10
CA THR L 676 -32.09 -10.71 -30.76
C THR L 676 -31.95 -10.81 -32.27
N SER L 677 -33.01 -10.43 -32.96
CA SER L 677 -33.02 -10.33 -34.42
C SER L 677 -32.96 -8.85 -34.80
N ILE L 678 -32.00 -8.50 -35.65
CA ILE L 678 -31.74 -7.11 -36.00
C ILE L 678 -32.50 -6.78 -37.28
N LEU L 679 -33.26 -5.70 -37.26
CA LEU L 679 -33.94 -5.15 -38.43
C LEU L 679 -33.44 -3.73 -38.60
N ALA L 680 -32.47 -3.54 -39.49
CA ALA L 680 -31.79 -2.26 -39.64
C ALA L 680 -32.29 -1.52 -40.87
N ALA L 681 -32.08 -0.20 -40.87
CA ALA L 681 -32.37 0.66 -41.99
C ALA L 681 -31.18 1.57 -42.23
N ALA L 682 -30.75 1.69 -43.48
CA ALA L 682 -29.54 2.42 -43.81
C ALA L 682 -29.79 3.31 -45.03
N ASN L 683 -29.00 4.37 -45.12
CA ASN L 683 -29.02 5.26 -46.27
C ASN L 683 -27.85 4.95 -47.19
N PRO L 684 -27.97 5.22 -48.49
CA PRO L 684 -26.84 4.96 -49.39
C PRO L 684 -25.64 5.82 -49.03
N VAL L 685 -24.46 5.33 -49.37
CA VAL L 685 -23.23 6.09 -49.11
C VAL L 685 -23.34 7.47 -49.76
N GLY L 686 -23.80 7.51 -51.00
CA GLY L 686 -24.12 8.77 -51.64
C GLY L 686 -25.48 9.27 -51.24
N GLY L 687 -25.87 10.39 -51.86
CA GLY L 687 -27.18 10.95 -51.56
C GLY L 687 -28.32 10.00 -51.90
N ARG L 688 -28.22 9.33 -53.05
CA ARG L 688 -29.24 8.40 -53.50
C ARG L 688 -28.58 7.11 -53.94
N TYR L 689 -29.36 6.02 -53.89
CA TYR L 689 -28.87 4.74 -54.37
C TYR L 689 -28.53 4.84 -55.85
N ASN L 690 -27.30 4.48 -56.19
CA ASN L 690 -26.84 4.54 -57.58
C ASN L 690 -26.98 3.16 -58.21
N ARG L 691 -27.74 3.07 -59.29
CA ARG L 691 -28.04 1.78 -59.90
C ARG L 691 -26.83 1.17 -60.59
N LYS L 692 -25.84 1.99 -60.97
CA LYS L 692 -24.69 1.46 -61.69
C LYS L 692 -23.78 0.64 -60.76
N LEU L 693 -23.61 1.07 -59.52
CA LEU L 693 -22.76 0.36 -58.59
C LEU L 693 -23.49 -0.84 -57.98
N SER L 694 -22.71 -1.72 -57.37
CA SER L 694 -23.26 -2.89 -56.70
C SER L 694 -23.68 -2.54 -55.28
N LEU L 695 -24.45 -3.44 -54.67
CA LEU L 695 -24.88 -3.22 -53.29
C LEU L 695 -23.70 -2.99 -52.36
N ARG L 696 -22.57 -3.65 -52.63
CA ARG L 696 -21.37 -3.42 -51.82
C ARG L 696 -20.89 -1.98 -51.96
N GLY L 697 -20.90 -1.45 -53.18
CA GLY L 697 -20.40 -0.10 -53.39
C GLY L 697 -21.27 0.96 -52.75
N ASN L 698 -22.59 0.79 -52.83
CA ASN L 698 -23.52 1.79 -52.32
C ASN L 698 -23.58 1.81 -50.80
N LEU L 699 -23.04 0.80 -50.12
CA LEU L 699 -23.14 0.67 -48.68
C LEU L 699 -21.77 0.83 -48.05
N ASN L 700 -21.74 1.45 -46.87
CA ASN L 700 -20.49 1.64 -46.14
C ASN L 700 -20.13 0.45 -45.26
N MET L 701 -20.94 -0.60 -45.25
CA MET L 701 -20.68 -1.77 -44.44
C MET L 701 -19.56 -2.62 -45.06
N THR L 702 -18.94 -3.43 -44.21
CA THR L 702 -17.84 -4.30 -44.62
C THR L 702 -18.34 -5.72 -44.84
N ALA L 703 -17.48 -6.54 -45.46
CA ALA L 703 -17.90 -7.89 -45.83
C ALA L 703 -18.30 -8.73 -44.63
N PRO L 704 -17.56 -8.76 -43.52
CA PRO L 704 -17.98 -9.62 -42.40
C PRO L 704 -19.38 -9.32 -41.89
N ILE L 705 -19.77 -8.04 -41.81
CA ILE L 705 -21.12 -7.71 -41.39
C ILE L 705 -22.13 -8.10 -42.46
N MET L 706 -21.83 -7.75 -43.72
CA MET L 706 -22.77 -8.01 -44.81
C MET L 706 -23.13 -9.48 -44.90
N SER L 707 -22.20 -10.37 -44.54
CA SER L 707 -22.48 -11.80 -44.53
C SER L 707 -23.33 -12.21 -43.34
N ARG L 708 -23.49 -11.34 -42.34
CA ARG L 708 -24.28 -11.66 -41.17
C ARG L 708 -25.75 -11.30 -41.33
N PHE L 709 -26.13 -10.64 -42.42
CA PHE L 709 -27.52 -10.30 -42.70
C PHE L 709 -28.12 -11.34 -43.64
N ASP L 710 -29.28 -11.89 -43.24
CA ASP L 710 -29.90 -12.91 -44.06
C ASP L 710 -30.44 -12.33 -45.36
N LEU L 711 -31.09 -11.17 -45.28
CA LEU L 711 -31.76 -10.58 -46.43
C LEU L 711 -31.39 -9.11 -46.57
N PHE L 712 -31.45 -8.63 -47.81
CA PHE L 712 -31.24 -7.23 -48.13
C PHE L 712 -32.37 -6.76 -49.03
N PHE L 713 -32.88 -5.56 -48.74
CA PHE L 713 -33.95 -4.96 -49.53
C PHE L 713 -33.54 -3.56 -49.93
N VAL L 714 -33.72 -3.23 -51.20
CA VAL L 714 -33.38 -1.92 -51.74
C VAL L 714 -34.66 -1.25 -52.21
N ILE L 715 -34.94 -0.06 -51.72
CA ILE L 715 -36.13 0.71 -52.09
C ILE L 715 -35.66 1.97 -52.81
N LEU L 716 -36.09 2.11 -54.07
CA LEU L 716 -35.72 3.24 -54.89
C LEU L 716 -36.83 4.28 -54.86
N ASP L 717 -36.56 5.42 -55.49
CA ASP L 717 -37.51 6.52 -55.60
C ASP L 717 -37.74 6.81 -57.08
N ASP L 718 -38.94 6.51 -57.57
CA ASP L 718 -39.28 6.73 -58.97
C ASP L 718 -40.07 8.03 -59.12
N CYS L 719 -39.90 8.68 -60.28
CA CYS L 719 -40.55 9.95 -60.57
C CYS L 719 -41.76 9.78 -61.48
N ASN L 720 -42.25 8.57 -61.67
CA ASN L 720 -43.39 8.35 -62.54
C ASN L 720 -44.59 9.15 -62.06
N GLU L 721 -45.29 9.78 -62.99
CA GLU L 721 -46.46 10.58 -62.63
C GLU L 721 -47.56 9.69 -62.04
N LYS L 722 -47.80 8.53 -62.65
CA LYS L 722 -48.86 7.65 -62.18
C LYS L 722 -48.60 7.18 -60.75
N ILE L 723 -47.36 6.73 -60.48
CA ILE L 723 -47.05 6.23 -59.14
C ILE L 723 -47.07 7.38 -58.14
N ASP L 724 -46.64 8.57 -58.57
CA ASP L 724 -46.64 9.72 -57.67
C ASP L 724 -48.06 10.07 -57.24
N THR L 725 -48.98 10.16 -58.20
CA THR L 725 -50.37 10.46 -57.86
C THR L 725 -50.98 9.37 -56.99
N GLU L 726 -50.70 8.11 -57.30
CA GLU L 726 -51.26 7.02 -56.51
C GLU L 726 -50.74 7.06 -55.08
N LEU L 727 -49.45 7.33 -54.90
CA LEU L 727 -48.89 7.41 -53.55
C LEU L 727 -49.45 8.63 -52.81
N ALA L 728 -49.50 9.78 -53.48
CA ALA L 728 -50.02 10.99 -52.82
C ALA L 728 -51.47 10.79 -52.40
N SER L 729 -52.29 10.20 -53.28
CA SER L 729 -53.68 9.97 -52.94
C SER L 729 -53.81 9.15 -51.66
N HIS L 730 -53.07 8.04 -51.59
CA HIS L 730 -53.21 7.15 -50.44
C HIS L 730 -52.82 7.84 -49.14
N ILE L 731 -51.76 8.64 -49.16
CA ILE L 731 -51.32 9.32 -47.94
C ILE L 731 -52.41 10.26 -47.44
N VAL L 732 -53.01 11.04 -48.35
CA VAL L 732 -54.05 11.98 -47.94
C VAL L 732 -55.27 11.23 -47.42
N ASP L 733 -55.68 10.17 -48.12
CA ASP L 733 -56.82 9.38 -47.65
C ASP L 733 -56.58 8.83 -46.25
N LEU L 734 -55.33 8.63 -45.85
CA LEU L 734 -55.04 8.15 -44.51
C LEU L 734 -55.56 9.12 -43.46
N HIS L 735 -55.34 10.42 -43.67
CA HIS L 735 -55.85 11.42 -42.75
C HIS L 735 -57.33 11.68 -42.95
N MET L 736 -57.81 11.62 -44.19
CA MET L 736 -59.21 11.93 -44.46
C MET L 736 -60.13 10.85 -43.90
N LYS L 737 -59.99 9.63 -44.42
CA LYS L 737 -60.86 8.53 -43.99
C LYS L 737 -60.49 7.97 -42.63
N ARG L 738 -59.27 8.21 -42.17
CA ARG L 738 -58.80 7.70 -40.87
C ARG L 738 -58.80 6.17 -40.96
N ASP L 739 -59.48 5.46 -40.07
CA ASP L 739 -59.43 4.00 -40.08
C ASP L 739 -60.01 3.41 -41.35
N GLU L 740 -61.04 4.06 -41.93
CA GLU L 740 -61.74 3.48 -43.05
C GLU L 740 -60.84 3.24 -44.26
N ALA L 741 -59.70 3.93 -44.34
CA ALA L 741 -58.81 3.79 -45.49
C ALA L 741 -57.93 2.55 -45.42
N ILE L 742 -57.97 1.80 -44.32
CA ILE L 742 -57.11 0.64 -44.11
C ILE L 742 -58.00 -0.55 -43.78
N GLU L 743 -57.98 -1.56 -44.64
CA GLU L 743 -58.81 -2.76 -44.49
C GLU L 743 -58.00 -3.99 -44.87
N PRO L 744 -56.99 -4.33 -44.07
CA PRO L 744 -56.20 -5.54 -44.34
C PRO L 744 -57.04 -6.79 -44.12
N PRO L 745 -56.69 -7.90 -44.78
CA PRO L 745 -57.53 -9.10 -44.61
C PRO L 745 -57.66 -9.54 -43.16
N PHE L 746 -56.58 -9.48 -42.39
CA PHE L 746 -56.54 -9.93 -41.01
C PHE L 746 -56.16 -8.77 -40.11
N SER L 747 -56.94 -8.54 -39.07
CA SER L 747 -56.66 -7.44 -38.16
C SER L 747 -55.40 -7.72 -37.35
N ALA L 748 -54.95 -6.70 -36.62
CA ALA L 748 -53.72 -6.84 -35.84
C ALA L 748 -53.85 -7.94 -34.80
N GLU L 749 -55.00 -8.01 -34.12
CA GLU L 749 -55.20 -9.05 -33.11
C GLU L 749 -55.16 -10.44 -33.76
N GLN L 750 -55.79 -10.58 -34.92
CA GLN L 750 -55.78 -11.87 -35.61
C GLN L 750 -54.35 -12.27 -35.99
N LEU L 751 -53.59 -11.34 -36.56
CA LEU L 751 -52.25 -11.67 -37.04
C LEU L 751 -51.33 -12.05 -35.88
N ARG L 752 -51.42 -11.33 -34.76
CA ARG L 752 -50.56 -11.63 -33.62
C ARG L 752 -50.87 -12.99 -33.03
N ARG L 753 -52.13 -13.43 -33.12
CA ARG L 753 -52.49 -14.75 -32.60
C ARG L 753 -51.92 -15.85 -33.47
N TYR L 754 -52.05 -15.73 -34.79
CA TYR L 754 -51.53 -16.76 -35.67
C TYR L 754 -50.02 -16.87 -35.56
N ILE L 755 -49.32 -15.74 -35.49
CA ILE L 755 -47.87 -15.77 -35.39
C ILE L 755 -47.44 -16.55 -34.15
N LYS L 756 -48.12 -16.31 -33.03
CA LYS L 756 -47.82 -17.07 -31.82
C LYS L 756 -48.05 -18.56 -32.03
N TYR L 757 -49.13 -18.91 -32.75
CA TYR L 757 -49.40 -20.31 -33.01
C TYR L 757 -48.33 -20.93 -33.91
N ALA L 758 -47.88 -20.20 -34.92
CA ALA L 758 -46.91 -20.75 -35.86
C ALA L 758 -45.60 -21.10 -35.17
N ARG L 759 -45.15 -20.25 -34.24
CA ARG L 759 -43.87 -20.45 -33.59
C ARG L 759 -43.83 -21.72 -32.73
N THR L 760 -44.99 -22.31 -32.42
CA THR L 760 -44.98 -23.59 -31.72
C THR L 760 -44.61 -24.74 -32.64
N PHE L 761 -44.59 -24.51 -33.96
CA PHE L 761 -44.17 -25.53 -34.90
C PHE L 761 -42.65 -25.53 -35.04
N LYS L 762 -42.08 -26.73 -35.15
CA LYS L 762 -40.65 -26.92 -35.31
C LYS L 762 -40.42 -27.82 -36.52
N PRO L 763 -40.58 -27.28 -37.73
CA PRO L 763 -40.48 -28.12 -38.92
C PRO L 763 -39.09 -28.70 -39.09
N ILE L 764 -39.04 -29.89 -39.68
CA ILE L 764 -37.79 -30.59 -39.94
C ILE L 764 -37.56 -30.63 -41.44
N LEU L 765 -36.39 -31.14 -41.83
CA LEU L 765 -36.00 -31.20 -43.23
C LEU L 765 -36.20 -32.62 -43.74
N THR L 766 -36.97 -32.76 -44.82
CA THR L 766 -37.23 -34.06 -45.41
C THR L 766 -36.01 -34.54 -46.19
N LYS L 767 -36.02 -35.83 -46.53
CA LYS L 767 -34.91 -36.44 -47.29
C LYS L 767 -34.78 -35.72 -48.62
N GLU L 768 -35.89 -35.51 -49.35
CA GLU L 768 -35.81 -34.87 -50.65
C GLU L 768 -35.27 -33.45 -50.55
N ALA L 769 -35.71 -32.70 -49.54
CA ALA L 769 -35.24 -31.34 -49.36
C ALA L 769 -33.76 -31.29 -49.01
N ARG L 770 -33.29 -32.28 -48.24
CA ARG L 770 -31.88 -32.29 -47.83
C ARG L 770 -30.96 -32.28 -49.04
N SER L 771 -31.17 -33.21 -49.98
CA SER L 771 -30.36 -33.23 -51.19
C SER L 771 -30.57 -31.97 -52.01
N TYR L 772 -31.82 -31.52 -52.12
CA TYR L 772 -32.13 -30.32 -52.90
C TYR L 772 -31.42 -29.10 -52.34
N LEU L 773 -31.43 -28.96 -51.01
CA LEU L 773 -30.82 -27.78 -50.40
C LEU L 773 -29.32 -27.71 -50.65
N VAL L 774 -28.66 -28.87 -50.78
CA VAL L 774 -27.22 -28.87 -51.05
C VAL L 774 -26.95 -28.39 -52.47
N GLU L 775 -27.79 -28.80 -53.43
CA GLU L 775 -27.57 -28.41 -54.81
C GLU L 775 -27.69 -26.90 -54.98
N LYS L 776 -28.66 -26.29 -54.31
CA LYS L 776 -28.87 -24.84 -54.46
C LYS L 776 -27.70 -24.05 -53.92
N TYR L 777 -27.14 -24.47 -52.78
CA TYR L 777 -25.95 -23.80 -52.27
C TYR L 777 -24.79 -23.92 -53.24
N LYS L 778 -24.64 -25.09 -53.86
CA LYS L 778 -23.61 -25.26 -54.88
C LYS L 778 -23.78 -24.25 -56.00
N GLU L 779 -25.00 -24.10 -56.51
CA GLU L 779 -25.25 -23.13 -57.57
C GLU L 779 -24.95 -21.72 -57.10
N LEU L 780 -25.35 -21.38 -55.87
CA LEU L 780 -25.12 -20.04 -55.36
C LEU L 780 -23.62 -19.76 -55.22
N ARG L 781 -22.86 -20.74 -54.73
CA ARG L 781 -21.42 -20.56 -54.60
C ARG L 781 -20.76 -20.38 -55.96
N LYS L 782 -21.17 -21.19 -56.94
CA LYS L 782 -20.53 -21.14 -58.26
C LYS L 782 -20.72 -19.78 -58.91
N ASP L 783 -21.93 -19.22 -58.81
CA ASP L 783 -22.18 -17.91 -59.41
C ASP L 783 -21.36 -16.82 -58.74
N ASP L 784 -21.14 -16.93 -57.43
CA ASP L 784 -20.35 -15.92 -56.72
C ASP L 784 -18.95 -15.80 -57.31
N ALA L 785 -18.26 -16.93 -57.45
CA ALA L 785 -16.90 -16.93 -57.97
C ALA L 785 -16.87 -16.54 -59.44
N TYR L 793 -17.44 -11.21 -52.82
CA TYR L 793 -17.52 -12.55 -52.27
C TYR L 793 -18.63 -12.62 -51.22
N ARG L 794 -19.87 -12.37 -51.68
CA ARG L 794 -20.99 -12.29 -50.76
C ARG L 794 -21.25 -13.62 -50.06
N ILE L 795 -21.20 -14.73 -50.80
CA ILE L 795 -21.70 -16.00 -50.31
C ILE L 795 -20.62 -16.70 -49.48
N THR L 796 -20.99 -17.15 -48.30
CA THR L 796 -20.12 -17.93 -47.43
C THR L 796 -20.94 -19.09 -46.88
N VAL L 797 -20.37 -19.81 -45.90
CA VAL L 797 -21.10 -20.90 -45.27
C VAL L 797 -22.33 -20.39 -44.53
N ARG L 798 -22.38 -19.09 -44.23
CA ARG L 798 -23.53 -18.55 -43.53
C ARG L 798 -24.78 -18.57 -44.39
N GLN L 799 -24.62 -18.26 -45.69
CA GLN L 799 -25.78 -18.25 -46.58
C GLN L 799 -26.44 -19.63 -46.66
N LEU L 800 -25.68 -20.70 -46.47
CA LEU L 800 -26.27 -22.02 -46.42
C LEU L 800 -27.23 -22.13 -45.24
N GLU L 801 -26.84 -21.58 -44.09
CA GLU L 801 -27.71 -21.62 -42.93
C GLU L 801 -28.86 -20.63 -43.05
N SER L 802 -28.65 -19.54 -43.78
CA SER L 802 -29.74 -18.60 -44.03
C SER L 802 -30.88 -19.28 -44.79
N MET L 803 -30.54 -20.10 -45.78
CA MET L 803 -31.57 -20.84 -46.50
C MET L 803 -32.27 -21.85 -45.61
N ILE L 804 -31.55 -22.42 -44.63
CA ILE L 804 -32.20 -23.30 -43.67
C ILE L 804 -33.13 -22.51 -42.77
N ARG L 805 -32.70 -21.33 -42.33
CA ARG L 805 -33.55 -20.50 -41.48
C ARG L 805 -34.82 -20.08 -42.23
N LEU L 806 -34.63 -19.50 -43.42
CA LEU L 806 -35.78 -19.01 -44.18
C LEU L 806 -36.70 -20.14 -44.57
N SER L 807 -36.15 -21.31 -44.88
CA SER L 807 -36.99 -22.45 -45.21
C SER L 807 -37.86 -22.84 -44.03
N GLU L 808 -37.30 -22.83 -42.81
CA GLU L 808 -38.11 -23.09 -41.63
C GLU L 808 -39.16 -22.01 -41.41
N ALA L 809 -38.77 -20.75 -41.60
CA ALA L 809 -39.72 -19.65 -41.42
C ALA L 809 -40.87 -19.74 -42.41
N ILE L 810 -40.56 -20.01 -43.67
CA ILE L 810 -41.62 -20.16 -44.68
C ILE L 810 -42.53 -21.32 -44.30
N ALA L 811 -41.95 -22.41 -43.80
CA ALA L 811 -42.77 -23.54 -43.36
C ALA L 811 -43.67 -23.13 -42.20
N ARG L 812 -43.15 -22.35 -41.26
CA ARG L 812 -43.96 -21.92 -40.12
C ARG L 812 -45.15 -21.08 -40.59
N ALA L 813 -44.94 -20.20 -41.57
CA ALA L 813 -46.02 -19.40 -42.10
C ALA L 813 -47.13 -20.27 -42.68
N ASN L 814 -46.82 -21.50 -43.08
CA ASN L 814 -47.82 -22.43 -43.58
C ASN L 814 -48.27 -23.44 -42.54
N CYS L 815 -47.74 -23.36 -41.32
CA CYS L 815 -48.09 -24.28 -40.24
C CYS L 815 -47.98 -25.74 -40.70
N VAL L 816 -46.77 -26.09 -41.14
CA VAL L 816 -46.46 -27.44 -41.56
C VAL L 816 -45.16 -27.87 -40.89
N ASP L 817 -45.09 -29.15 -40.53
CA ASP L 817 -44.00 -29.68 -39.73
C ASP L 817 -42.93 -30.39 -40.55
N GLU L 818 -43.03 -30.34 -41.88
CA GLU L 818 -42.03 -30.95 -42.75
C GLU L 818 -41.71 -30.00 -43.89
N ILE L 819 -40.43 -29.74 -44.11
CA ILE L 819 -39.99 -28.79 -45.13
C ILE L 819 -39.89 -29.53 -46.46
N THR L 820 -40.64 -29.06 -47.45
CA THR L 820 -40.61 -29.62 -48.79
C THR L 820 -39.70 -28.81 -49.68
N PRO L 821 -39.23 -29.38 -50.80
CA PRO L 821 -38.34 -28.62 -51.69
C PRO L 821 -38.96 -27.34 -52.19
N SER L 822 -40.28 -27.27 -52.29
CA SER L 822 -40.93 -26.03 -52.73
C SER L 822 -40.56 -24.87 -51.82
N PHE L 823 -40.45 -25.12 -50.52
CA PHE L 823 -39.99 -24.08 -49.60
C PHE L 823 -38.53 -23.75 -49.84
N ILE L 824 -37.69 -24.77 -50.05
CA ILE L 824 -36.27 -24.53 -50.29
C ILE L 824 -36.08 -23.66 -51.52
N ALA L 825 -36.86 -23.91 -52.57
CA ALA L 825 -36.79 -23.07 -53.76
C ALA L 825 -37.19 -21.63 -53.44
N GLU L 826 -38.24 -21.45 -52.65
CA GLU L 826 -38.68 -20.10 -52.30
C GLU L 826 -37.59 -19.36 -51.55
N ALA L 827 -37.00 -20.01 -50.55
CA ALA L 827 -35.92 -19.38 -49.80
C ALA L 827 -34.74 -19.05 -50.69
N TYR L 828 -34.47 -19.89 -51.70
CA TYR L 828 -33.40 -19.60 -52.64
C TYR L 828 -33.68 -18.31 -53.42
N ASP L 829 -34.92 -18.11 -53.83
CA ASP L 829 -35.25 -16.91 -54.59
C ASP L 829 -34.99 -15.65 -53.79
N LEU L 830 -35.37 -15.66 -52.51
CA LEU L 830 -35.16 -14.47 -51.68
C LEU L 830 -33.68 -14.13 -51.57
N LEU L 831 -32.83 -15.14 -51.40
CA LEU L 831 -31.39 -14.89 -51.32
C LEU L 831 -30.88 -14.28 -52.61
N ARG L 832 -31.34 -14.78 -53.75
CA ARG L 832 -30.86 -14.25 -55.03
C ARG L 832 -31.19 -12.77 -55.17
N GLN L 833 -32.41 -12.38 -54.80
CA GLN L 833 -32.83 -10.99 -54.96
C GLN L 833 -32.03 -10.05 -54.07
N SER L 834 -31.33 -10.59 -53.07
CA SER L 834 -30.54 -9.80 -52.14
C SER L 834 -29.09 -9.65 -52.59
N ILE L 835 -28.78 -10.02 -53.83
CA ILE L 835 -27.42 -9.94 -54.34
C ILE L 835 -27.31 -8.78 -55.32
N LEU M 5 -10.12 24.63 49.10
CA LEU M 5 -10.06 25.95 48.42
C LEU M 5 -9.27 26.96 49.27
N PRO M 6 -7.95 26.94 49.15
CA PRO M 6 -7.12 27.92 49.87
C PRO M 6 -7.44 29.34 49.42
N SER M 7 -6.84 30.31 50.11
CA SER M 7 -7.15 31.71 49.90
C SER M 7 -5.86 32.53 49.79
N ILE M 8 -5.98 33.68 49.15
CA ILE M 8 -4.88 34.63 49.01
C ILE M 8 -5.36 35.98 49.52
N GLN M 9 -4.43 36.94 49.59
CA GLN M 9 -4.71 38.31 50.01
C GLN M 9 -4.25 39.24 48.89
N LEU M 10 -5.14 39.48 47.94
CA LEU M 10 -4.83 40.41 46.87
C LEU M 10 -5.00 41.85 47.33
N PRO M 11 -4.24 42.80 46.75
CA PRO M 11 -4.33 44.20 47.17
C PRO M 11 -5.46 44.96 46.47
N VAL M 12 -6.65 44.35 46.42
CA VAL M 12 -7.84 44.98 45.85
C VAL M 12 -9.00 44.74 46.80
N ASP M 13 -9.68 45.82 47.19
CA ASP M 13 -10.91 45.74 47.96
C ASP M 13 -12.02 46.32 47.11
N TYR M 14 -13.07 45.53 46.89
CA TYR M 14 -14.15 45.96 46.02
C TYR M 14 -15.08 46.96 46.68
N ASN M 15 -15.01 47.14 48.01
CA ASN M 15 -15.86 48.12 48.66
C ASN M 15 -15.42 49.54 48.35
N ASN M 16 -14.12 49.83 48.46
CA ASN M 16 -13.64 51.16 48.09
C ASN M 16 -13.86 51.42 46.61
N LEU M 17 -13.69 50.39 45.78
CA LEU M 17 -13.91 50.55 44.35
C LEU M 17 -15.37 50.84 44.05
N PHE M 18 -16.30 50.17 44.74
CA PHE M 18 -17.72 50.44 44.55
C PHE M 18 -18.06 51.86 44.98
N ASN M 19 -17.50 52.30 46.12
CA ASN M 19 -17.74 53.67 46.57
C ASN M 19 -17.19 54.67 45.55
N GLU M 20 -16.00 54.39 45.01
CA GLU M 20 -15.44 55.26 43.98
C GLU M 20 -16.32 55.30 42.75
N ILE M 21 -16.85 54.15 42.33
CA ILE M 21 -17.71 54.12 41.15
C ILE M 21 -18.96 54.97 41.39
N THR M 22 -19.57 54.82 42.56
CA THR M 22 -20.75 55.61 42.88
C THR M 22 -20.44 57.10 42.88
N ASP M 23 -19.32 57.48 43.51
CA ASP M 23 -18.94 58.89 43.53
C ASP M 23 -18.69 59.41 42.12
N PHE M 24 -18.03 58.61 41.28
CA PHE M 24 -17.76 59.02 39.92
C PHE M 24 -19.05 59.25 39.16
N LEU M 25 -20.01 58.33 39.31
CA LEU M 25 -21.27 58.47 38.58
C LEU M 25 -22.07 59.68 39.07
N VAL M 26 -22.08 59.93 40.38
CA VAL M 26 -22.97 60.97 40.90
C VAL M 26 -22.33 62.36 40.84
N THR M 27 -21.00 62.46 40.82
CA THR M 27 -20.34 63.75 40.98
C THR M 27 -19.60 64.23 39.73
N PHE M 28 -19.09 63.34 38.90
CA PHE M 28 -18.25 63.76 37.79
C PHE M 28 -19.00 64.72 36.88
N LYS M 29 -18.31 65.77 36.44
CA LYS M 29 -18.87 66.77 35.55
C LYS M 29 -17.86 67.11 34.47
N GLN M 30 -18.36 67.45 33.28
CA GLN M 30 -17.50 67.82 32.16
C GLN M 30 -18.20 68.86 31.30
N LYS M 59 -23.98 72.72 32.87
CA LYS M 59 -24.94 71.62 32.96
C LYS M 59 -24.63 70.75 34.18
N GLY M 60 -25.43 69.70 34.35
CA GLY M 60 -25.26 68.79 35.46
C GLY M 60 -24.27 67.70 35.15
N PRO M 61 -24.12 66.74 36.08
CA PRO M 61 -23.19 65.63 35.83
C PRO M 61 -23.55 64.87 34.57
N LYS M 62 -22.52 64.50 33.81
CA LYS M 62 -22.73 63.85 32.52
C LYS M 62 -23.47 62.53 32.66
N TYR M 63 -22.97 61.66 33.55
CA TYR M 63 -23.55 60.34 33.69
C TYR M 63 -24.93 60.37 34.33
N MET M 64 -25.21 61.32 35.21
CA MET M 64 -26.57 61.49 35.71
C MET M 64 -27.53 61.93 34.62
N ALA M 65 -27.09 62.81 33.71
CA ALA M 65 -27.94 63.15 32.56
C ALA M 65 -28.20 61.92 31.69
N MET M 66 -27.16 61.12 31.45
CA MET M 66 -27.34 59.91 30.66
C MET M 66 -28.32 58.96 31.34
N LEU M 67 -28.22 58.81 32.66
CA LEU M 67 -29.16 57.96 33.38
C LEU M 67 -30.58 58.52 33.30
N GLN M 68 -30.72 59.84 33.37
CA GLN M 68 -32.03 60.44 33.20
C GLN M 68 -32.63 60.07 31.84
N LYS M 69 -31.83 60.19 30.79
CA LYS M 69 -32.30 59.77 29.47
C LYS M 69 -32.64 58.29 29.42
N VAL M 70 -31.87 57.45 30.13
CA VAL M 70 -32.16 56.02 30.15
C VAL M 70 -33.49 55.74 30.83
N ALA M 71 -33.78 56.46 31.93
CA ALA M 71 -35.00 56.21 32.67
C ALA M 71 -36.23 56.53 31.83
N ASN M 72 -36.18 57.59 31.04
CA ASN M 72 -37.31 58.02 30.22
C ASN M 72 -37.49 57.19 28.96
N ARG M 73 -36.84 56.03 28.86
CA ARG M 73 -36.93 55.12 27.72
C ARG M 73 -36.31 55.70 26.45
N GLU M 74 -35.68 56.87 26.53
CA GLU M 74 -35.04 57.44 25.36
C GLU M 74 -33.81 56.64 24.97
N LEU M 75 -32.95 56.33 25.93
CA LEU M 75 -31.66 55.71 25.67
C LEU M 75 -31.65 54.29 26.20
N ASN M 76 -30.85 53.43 25.56
CA ASN M 76 -30.76 52.02 25.95
C ASN M 76 -29.31 51.53 25.94
N SER M 77 -28.34 52.44 25.99
CA SER M 77 -26.93 52.04 25.97
C SER M 77 -26.12 53.10 26.72
N VAL M 78 -25.44 52.68 27.77
CA VAL M 78 -24.59 53.56 28.57
C VAL M 78 -23.15 53.16 28.29
N ILE M 79 -22.36 54.11 27.80
CA ILE M 79 -20.95 53.88 27.48
C ILE M 79 -20.12 54.62 28.50
N ILE M 80 -19.23 53.90 29.18
CA ILE M 80 -18.36 54.46 30.19
C ILE M 80 -17.03 54.79 29.52
N ASP M 81 -16.65 56.07 29.54
CA ASP M 81 -15.41 56.53 28.93
C ASP M 81 -14.30 56.46 29.97
N LEU M 82 -13.35 55.54 29.77
CA LEU M 82 -12.22 55.43 30.69
C LEU M 82 -11.43 56.73 30.76
N ASP M 83 -11.49 57.55 29.71
CA ASP M 83 -10.88 58.88 29.78
C ASP M 83 -11.50 59.70 30.89
N ASP M 84 -12.82 59.63 31.02
CA ASP M 84 -13.51 60.34 32.09
C ASP M 84 -13.07 59.83 33.46
N ILE M 85 -12.90 58.52 33.61
CA ILE M 85 -12.46 57.97 34.88
C ILE M 85 -11.05 58.47 35.21
N LEU M 86 -10.17 58.49 34.22
CA LEU M 86 -8.82 59.00 34.45
C LEU M 86 -8.86 60.47 34.87
N GLN M 87 -9.67 61.27 34.17
CA GLN M 87 -9.78 62.68 34.51
C GLN M 87 -10.30 62.87 35.93
N TYR M 88 -11.31 62.08 36.32
CA TYR M 88 -11.86 62.17 37.66
C TYR M 88 -10.81 61.78 38.70
N GLN M 89 -10.04 60.72 38.42
CA GLN M 89 -9.00 60.31 39.35
C GLN M 89 -7.97 61.41 39.53
N ASN M 90 -7.53 62.03 38.43
CA ASN M 90 -6.51 63.06 38.54
C ASN M 90 -7.05 64.31 39.21
N GLU M 91 -8.32 64.65 38.97
CA GLU M 91 -8.92 65.77 39.68
C GLU M 91 -8.98 65.49 41.19
N LYS M 92 -9.36 64.27 41.57
CA LYS M 92 -9.36 63.93 42.99
C LYS M 92 -7.96 64.03 43.57
N PHE M 93 -6.94 63.57 42.84
CA PHE M 93 -5.57 63.67 43.33
C PHE M 93 -5.15 65.12 43.49
N LEU M 94 -5.49 65.97 42.53
CA LEU M 94 -5.15 67.38 42.63
C LEU M 94 -5.82 68.01 43.85
N GLN M 95 -7.08 67.65 44.10
CA GLN M 95 -7.74 68.11 45.32
C GLN M 95 -7.06 67.58 46.57
N GLY M 96 -6.22 66.55 46.44
CA GLY M 96 -5.48 65.98 47.54
C GLY M 96 -6.05 64.70 48.09
N THR M 97 -7.32 64.40 47.80
CA THR M 97 -7.96 63.18 48.29
C THR M 97 -7.67 62.04 47.31
N GLN M 98 -6.44 61.54 47.38
CA GLN M 98 -6.03 60.44 46.51
C GLN M 98 -6.90 59.21 46.77
N ALA M 99 -7.21 58.49 45.71
CA ALA M 99 -8.07 57.32 45.77
C ALA M 99 -7.48 56.18 44.94
N ASP M 100 -8.16 55.04 44.97
CA ASP M 100 -7.67 53.85 44.28
C ASP M 100 -7.68 54.06 42.76
N ASP M 101 -6.78 53.34 42.09
CA ASP M 101 -6.64 53.43 40.63
C ASP M 101 -7.75 52.62 39.99
N LEU M 102 -8.80 53.30 39.54
CA LEU M 102 -9.96 52.63 38.96
C LEU M 102 -9.68 52.15 37.54
N VAL M 103 -8.96 52.94 36.75
CA VAL M 103 -8.77 52.60 35.33
C VAL M 103 -7.92 51.35 35.20
N SER M 104 -6.83 51.25 35.97
CA SER M 104 -5.99 50.06 35.92
C SER M 104 -6.74 48.83 36.40
N ALA M 105 -7.56 48.99 37.45
CA ALA M 105 -8.35 47.88 37.95
C ALA M 105 -9.34 47.40 36.89
N ILE M 106 -9.99 48.35 36.19
CA ILE M 106 -10.92 47.96 35.14
C ILE M 106 -10.19 47.23 34.02
N GLN M 107 -9.05 47.76 33.60
CA GLN M 107 -8.32 47.15 32.49
C GLN M 107 -7.84 45.75 32.85
N GLN M 108 -7.35 45.56 34.07
CA GLN M 108 -6.77 44.28 34.45
C GLN M 108 -7.82 43.21 34.66
N ASN M 109 -9.02 43.58 35.11
CA ASN M 109 -10.10 42.62 35.33
C ASN M 109 -11.41 43.35 35.06
N ALA M 110 -11.94 43.18 33.85
CA ALA M 110 -13.06 43.99 33.39
C ALA M 110 -14.41 43.31 33.54
N ASN M 111 -14.46 41.98 33.63
CA ASN M 111 -15.76 41.29 33.72
C ASN M 111 -16.48 41.68 35.00
N HIS M 112 -15.77 41.75 36.12
CA HIS M 112 -16.38 42.09 37.39
C HIS M 112 -16.93 43.51 37.40
N PHE M 113 -16.25 44.44 36.76
CA PHE M 113 -16.64 45.84 36.80
C PHE M 113 -17.90 46.13 35.98
N THR M 114 -18.21 45.33 34.98
CA THR M 114 -19.51 45.47 34.32
C THR M 114 -20.63 45.30 35.33
N GLU M 115 -20.59 44.22 36.11
CA GLU M 115 -21.61 43.99 37.13
C GLU M 115 -21.57 45.06 38.21
N LEU M 116 -20.37 45.47 38.64
CA LEU M 116 -20.29 46.51 39.67
C LEU M 116 -20.94 47.81 39.18
N PHE M 117 -20.62 48.24 37.96
CA PHE M 117 -21.20 49.45 37.41
C PHE M 117 -22.71 49.31 37.24
N CYS M 118 -23.16 48.15 36.77
CA CYS M 118 -24.59 47.94 36.61
C CYS M 118 -25.32 48.06 37.94
N ARG M 119 -24.74 47.49 39.00
CA ARG M 119 -25.34 47.64 40.33
C ARG M 119 -25.37 49.11 40.74
N ALA M 120 -24.27 49.83 40.53
CA ALA M 120 -24.23 51.23 40.91
C ALA M 120 -25.30 52.03 40.18
N ILE M 121 -25.48 51.78 38.88
CA ILE M 121 -26.52 52.47 38.12
C ILE M 121 -27.90 52.09 38.64
N ASP M 122 -28.12 50.80 38.90
CA ASP M 122 -29.41 50.37 39.43
C ASP M 122 -29.75 51.10 40.72
N ASN M 123 -28.76 51.33 41.58
CA ASN M 123 -29.00 52.03 42.83
C ASN M 123 -29.41 53.49 42.61
N ASN M 124 -28.87 54.15 41.59
CA ASN M 124 -29.02 55.60 41.43
C ASN M 124 -29.80 55.97 40.18
N MET M 125 -30.70 55.12 39.72
CA MET M 125 -31.51 55.46 38.55
C MET M 125 -32.54 56.50 38.93
N PRO M 126 -32.54 57.68 38.32
CA PRO M 126 -33.52 58.71 38.68
C PRO M 126 -34.92 58.34 38.24
N LEU M 127 -35.91 58.93 38.92
CA LEU M 127 -37.29 58.71 38.56
C LEU M 127 -37.59 59.30 37.18
N PRO M 128 -38.50 58.70 36.42
CA PRO M 128 -38.80 59.22 35.09
C PRO M 128 -39.41 60.61 35.16
N THR M 129 -39.16 61.40 34.12
CA THR M 129 -39.71 62.74 34.01
C THR M 129 -40.92 62.81 33.09
N LYS M 130 -41.11 61.83 32.21
CA LYS M 130 -42.22 61.80 31.28
C LYS M 130 -43.08 60.58 31.56
N GLU M 131 -44.38 60.79 31.69
CA GLU M 131 -45.29 59.69 31.96
C GLU M 131 -45.26 58.67 30.83
N ILE M 132 -45.32 57.39 31.18
CA ILE M 132 -45.27 56.29 30.23
C ILE M 132 -46.35 55.29 30.57
N ASP M 133 -46.73 54.49 29.58
CA ASP M 133 -47.79 53.48 29.74
C ASP M 133 -47.18 52.26 30.41
N TYR M 134 -47.20 52.25 31.74
CA TYR M 134 -46.67 51.11 32.49
C TYR M 134 -47.50 49.86 32.23
N LYS M 135 -48.82 50.00 32.19
CA LYS M 135 -49.70 48.85 32.04
C LYS M 135 -49.48 48.13 30.71
N ASP M 136 -49.00 48.84 29.69
CA ASP M 136 -48.72 48.19 28.41
C ASP M 136 -47.64 47.13 28.56
N ASP M 137 -46.60 47.42 29.34
CA ASP M 137 -45.52 46.46 29.54
C ASP M 137 -46.03 45.22 30.27
N VAL M 138 -45.65 44.06 29.77
CA VAL M 138 -46.01 42.80 30.44
C VAL M 138 -45.33 42.71 31.80
N LEU M 139 -44.05 43.07 31.86
CA LEU M 139 -43.28 42.87 33.08
C LEU M 139 -43.82 43.73 34.22
N ASP M 140 -44.27 44.95 33.93
CA ASP M 140 -44.81 45.79 34.99
C ASP M 140 -46.03 45.15 35.64
N VAL M 141 -46.95 44.63 34.81
CA VAL M 141 -48.14 43.98 35.35
C VAL M 141 -47.75 42.74 36.14
N ILE M 142 -46.83 41.95 35.59
CA ILE M 142 -46.45 40.70 36.26
C ILE M 142 -45.86 40.99 37.63
N LEU M 143 -44.96 41.99 37.71
CA LEU M 143 -44.33 42.30 38.98
C LEU M 143 -45.31 42.94 39.94
N ASN M 144 -46.27 43.74 39.46
CA ASN M 144 -47.30 44.26 40.34
C ASN M 144 -48.10 43.13 40.95
N GLN M 145 -48.46 42.13 40.15
CA GLN M 145 -49.22 41.00 40.68
C GLN M 145 -48.36 40.18 41.65
N ARG M 146 -47.07 40.05 41.38
CA ARG M 146 -46.19 39.38 42.33
C ARG M 146 -46.16 40.12 43.66
N ARG M 147 -46.08 41.45 43.61
CA ARG M 147 -46.12 42.24 44.83
C ARG M 147 -47.42 42.03 45.58
N LEU M 148 -48.54 42.02 44.86
CA LEU M 148 -49.84 41.79 45.50
C LEU M 148 -49.88 40.43 46.17
N ARG M 149 -49.39 39.40 45.49
CA ARG M 149 -49.40 38.05 46.06
C ARG M 149 -48.51 37.97 47.30
N ASN M 150 -47.34 38.61 47.26
CA ASN M 150 -46.47 38.61 48.43
C ASN M 150 -47.12 39.34 49.59
N GLU M 151 -47.79 40.46 49.32
CA GLU M 151 -48.49 41.19 50.37
C GLU M 151 -49.57 40.31 50.99
N ARG M 152 -50.34 39.61 50.15
CA ARG M 152 -51.39 38.74 50.68
C ARG M 152 -50.79 37.62 51.53
N MET M 153 -49.69 37.03 51.07
CA MET M 153 -49.05 35.97 51.85
C MET M 153 -48.56 36.48 53.20
N LEU M 154 -47.96 37.67 53.21
CA LEU M 154 -47.50 38.25 54.47
C LEU M 154 -48.67 38.53 55.40
N SER M 155 -49.77 39.04 54.85
CA SER M 155 -50.93 39.34 55.68
C SER M 155 -51.51 38.10 56.36
N ASP M 156 -51.26 36.91 55.80
CA ASP M 156 -51.76 35.68 56.39
C ASP M 156 -50.97 35.31 57.63
N LEU M 191 -36.98 39.46 44.90
CA LEU M 191 -38.05 38.67 44.22
C LEU M 191 -37.53 38.19 42.86
N PHE M 192 -37.29 39.09 41.91
CA PHE M 192 -36.83 38.74 40.55
C PHE M 192 -35.40 39.25 40.37
N PRO M 193 -34.52 38.54 39.64
CA PRO M 193 -33.14 38.97 39.48
C PRO M 193 -33.04 40.43 39.05
N PRO M 194 -31.98 41.21 39.37
CA PRO M 194 -31.88 42.60 38.88
C PRO M 194 -31.84 42.68 37.36
N ASN M 195 -31.24 41.69 36.69
CA ASN M 195 -31.08 41.76 35.24
C ASN M 195 -32.44 41.76 34.54
N LEU M 196 -33.46 41.19 35.15
CA LEU M 196 -34.76 41.07 34.49
C LEU M 196 -35.34 42.43 34.13
N THR M 197 -35.25 43.39 35.06
CA THR M 197 -35.85 44.70 34.85
C THR M 197 -34.93 45.68 34.15
N ARG M 198 -33.66 45.33 33.95
CA ARG M 198 -32.74 46.23 33.27
C ARG M 198 -33.18 46.40 31.82
N ARG M 199 -33.14 47.65 31.34
CA ARG M 199 -33.47 47.98 29.96
C ARG M 199 -32.33 48.71 29.27
N TYR M 200 -31.10 48.43 29.70
CA TYR M 200 -29.93 49.10 29.15
C TYR M 200 -28.76 48.13 29.15
N PHE M 201 -27.78 48.43 28.30
CA PHE M 201 -26.53 47.67 28.22
C PHE M 201 -25.37 48.59 28.53
N LEU M 202 -24.36 48.05 29.21
CA LEU M 202 -23.21 48.82 29.65
C LEU M 202 -21.97 48.39 28.87
N TYR M 203 -21.22 49.38 28.38
CA TYR M 203 -20.01 49.14 27.61
C TYR M 203 -18.90 50.04 28.11
N PHE M 204 -17.66 49.62 27.86
CA PHE M 204 -16.48 50.36 28.28
C PHE M 204 -15.79 50.92 27.04
N LYS M 205 -15.61 52.23 27.01
CA LYS M 205 -14.80 52.86 25.97
C LYS M 205 -13.35 52.89 26.41
N PRO M 206 -12.41 52.40 25.60
CA PRO M 206 -11.03 52.27 26.06
C PRO M 206 -10.38 53.60 26.40
N LEU M 207 -9.13 53.55 26.86
CA LEU M 207 -8.40 54.74 27.25
C LEU M 207 -7.68 55.30 26.04
N SER M 208 -8.12 56.47 25.56
CA SER M 208 -7.58 57.02 24.34
C SER M 208 -6.09 57.33 24.50
N GLN M 209 -5.35 57.20 23.39
CA GLN M 209 -3.90 57.40 23.44
C GLN M 209 -3.56 58.83 23.84
N ASN M 210 -4.24 59.81 23.25
CA ASN M 210 -3.92 61.21 23.53
C ASN M 210 -4.16 61.55 25.00
N CYS M 211 -5.27 61.06 25.56
CA CYS M 211 -5.55 61.35 26.96
C CYS M 211 -4.55 60.66 27.88
N ALA M 212 -4.15 59.43 27.54
CA ALA M 212 -3.13 58.77 28.34
C ALA M 212 -1.81 59.53 28.30
N ARG M 213 -1.43 60.03 27.12
CA ARG M 213 -0.19 60.81 27.02
C ARG M 213 -0.31 62.14 27.75
N ARG M 214 -1.51 62.72 27.78
CA ARG M 214 -1.70 63.99 28.47
C ARG M 214 -1.42 63.86 29.96
N TYR M 215 -1.83 62.75 30.56
CA TYR M 215 -1.70 62.53 32.00
C TYR M 215 -0.53 61.61 32.34
N ARG M 216 0.38 61.38 31.39
CA ARG M 216 1.59 60.58 31.62
C ARG M 216 1.22 59.18 32.11
N LYS M 217 0.54 58.43 31.24
CA LYS M 217 0.15 57.07 31.54
C LYS M 217 0.16 56.26 30.25
N LYS M 218 0.22 54.95 30.39
CA LYS M 218 0.26 54.03 29.26
C LYS M 218 -1.11 53.37 29.10
N ALA M 219 -1.65 53.39 27.88
CA ALA M 219 -2.97 52.87 27.59
C ALA M 219 -2.82 51.51 26.92
N ILE M 220 -2.96 50.45 27.70
CA ILE M 220 -2.95 49.10 27.14
C ILE M 220 -4.23 48.85 26.35
N SER M 221 -5.35 49.34 26.86
CA SER M 221 -6.65 49.02 26.25
C SER M 221 -6.74 49.53 24.82
N SER M 222 -6.27 50.75 24.58
CA SER M 222 -6.36 51.36 23.26
C SER M 222 -5.17 51.07 22.37
N LYS M 223 -4.15 50.39 22.87
CA LYS M 223 -3.03 50.01 22.03
C LYS M 223 -3.46 48.85 21.13
N PRO M 224 -3.34 48.99 19.81
CA PRO M 224 -3.82 47.91 18.93
C PRO M 224 -2.91 46.69 18.97
N LEU M 225 -3.52 45.52 18.82
CA LEU M 225 -2.80 44.26 18.77
C LEU M 225 -3.29 43.46 17.57
N SER M 226 -2.41 42.61 17.06
CA SER M 226 -2.79 41.62 16.07
C SER M 226 -3.29 40.36 16.79
N VAL M 227 -3.97 39.50 16.04
CA VAL M 227 -4.44 38.25 16.63
C VAL M 227 -3.28 37.42 17.14
N ARG M 228 -2.09 37.63 16.58
CA ARG M 228 -0.90 36.85 16.99
C ARG M 228 -0.47 37.31 18.37
N GLN M 229 -0.50 38.61 18.66
CA GLN M 229 0.01 39.11 19.93
C GLN M 229 -0.93 38.82 21.09
N ILE M 230 -2.20 38.52 20.82
CA ILE M 230 -3.17 38.24 21.87
C ILE M 230 -2.87 36.83 22.37
N LYS M 231 -2.15 36.74 23.49
CA LYS M 231 -1.67 35.48 24.02
C LYS M 231 -2.55 35.03 25.19
N GLY M 232 -2.15 33.94 25.85
CA GLY M 232 -2.94 33.39 26.93
C GLY M 232 -2.85 34.14 28.24
N ASP M 233 -1.91 35.07 28.37
CA ASP M 233 -1.80 35.87 29.58
C ASP M 233 -2.61 37.16 29.51
N PHE M 234 -3.23 37.45 28.37
CA PHE M 234 -4.11 38.59 28.23
C PHE M 234 -5.55 38.26 28.62
N LEU M 235 -5.83 37.00 28.97
CA LEU M 235 -7.20 36.61 29.27
C LEU M 235 -7.72 37.38 30.48
N GLY M 236 -8.96 37.87 30.36
CA GLY M 236 -9.58 38.60 31.45
C GLY M 236 -9.31 40.09 31.46
N GLN M 237 -8.76 40.64 30.39
CA GLN M 237 -8.41 42.06 30.32
C GLN M 237 -9.25 42.76 29.27
N LEU M 238 -9.07 44.06 29.18
CA LEU M 238 -9.73 44.92 28.19
C LEU M 238 -8.69 45.34 27.18
N ILE M 239 -8.76 44.77 25.98
CA ILE M 239 -7.73 44.93 24.95
C ILE M 239 -8.39 45.37 23.65
N THR M 240 -7.55 45.65 22.65
CA THR M 240 -8.00 46.04 21.33
C THR M 240 -7.33 45.14 20.29
N VAL M 241 -8.06 44.86 19.22
CA VAL M 241 -7.59 44.00 18.15
C VAL M 241 -7.76 44.72 16.82
N ARG M 242 -6.78 44.55 15.92
CA ARG M 242 -6.83 45.13 14.59
C ARG M 242 -6.86 44.00 13.56
N GLY M 243 -7.77 44.13 12.59
CA GLY M 243 -7.90 43.11 11.57
C GLY M 243 -9.06 43.43 10.66
N ILE M 244 -9.38 42.49 9.79
CA ILE M 244 -10.51 42.62 8.87
C ILE M 244 -11.50 41.51 9.19
N ILE M 245 -12.78 41.87 9.25
CA ILE M 245 -13.82 40.91 9.58
C ILE M 245 -14.08 40.02 8.37
N THR M 246 -14.09 38.71 8.59
CA THR M 246 -14.27 37.74 7.53
C THR M 246 -15.62 37.05 7.56
N ARG M 247 -16.36 37.12 8.65
CA ARG M 247 -17.64 36.44 8.76
C ARG M 247 -18.43 37.04 9.91
N VAL M 248 -19.71 37.34 9.65
CA VAL M 248 -20.64 37.84 10.65
C VAL M 248 -21.91 37.01 10.57
N SER M 249 -22.31 36.45 11.70
CA SER M 249 -23.51 35.62 11.75
C SER M 249 -24.76 36.47 11.88
N ASP M 250 -25.90 35.84 11.65
CA ASP M 250 -27.18 36.54 11.78
C ASP M 250 -27.51 36.80 13.24
N VAL M 251 -28.21 37.91 13.48
CA VAL M 251 -28.65 38.22 14.83
C VAL M 251 -29.67 37.18 15.27
N LYS M 252 -29.63 36.83 16.56
CA LYS M 252 -30.54 35.84 17.11
C LYS M 252 -30.70 36.11 18.60
N PRO M 253 -31.76 35.60 19.22
CA PRO M 253 -32.01 35.89 20.64
C PRO M 253 -31.24 34.93 21.54
N ALA M 254 -30.43 35.49 22.43
CA ALA M 254 -29.73 34.74 23.46
C ALA M 254 -30.43 34.99 24.79
N VAL M 255 -30.76 33.92 25.49
CA VAL M 255 -31.60 34.02 26.68
C VAL M 255 -30.74 34.39 27.88
N GLU M 256 -31.19 35.37 28.65
CA GLU M 256 -30.55 35.79 29.89
C GLU M 256 -31.31 35.32 31.12
N VAL M 257 -32.61 35.58 31.18
CA VAL M 257 -33.46 35.15 32.29
C VAL M 257 -34.68 34.45 31.71
N ILE M 258 -35.00 33.27 32.25
CA ILE M 258 -36.11 32.46 31.79
C ILE M 258 -37.24 32.58 32.81
N ALA M 259 -38.46 32.80 32.31
CA ALA M 259 -39.64 32.96 33.15
C ALA M 259 -40.54 31.75 32.98
N TYR M 260 -40.82 31.06 34.07
CA TYR M 260 -41.69 29.89 34.06
C TYR M 260 -43.04 30.25 34.67
N THR M 261 -43.96 29.28 34.64
CA THR M 261 -45.28 29.44 35.24
C THR M 261 -45.72 28.10 35.82
N CYS M 262 -46.54 28.17 36.86
CA CYS M 262 -47.06 26.99 37.54
C CYS M 262 -48.53 26.82 37.17
N ASP M 263 -48.88 25.64 36.66
CA ASP M 263 -50.27 25.39 36.25
C ASP M 263 -51.18 25.14 37.44
N GLN M 264 -50.64 24.91 38.63
CA GLN M 264 -51.45 24.73 39.83
C GLN M 264 -51.36 25.92 40.78
N CYS M 265 -50.15 26.31 41.18
CA CYS M 265 -50.01 27.35 42.19
C CYS M 265 -50.36 28.73 41.65
N GLY M 266 -50.19 28.95 40.35
CA GLY M 266 -50.42 30.26 39.78
C GLY M 266 -49.29 31.24 40.00
N TYR M 267 -48.09 30.76 40.31
CA TYR M 267 -46.93 31.59 40.57
C TYR M 267 -45.99 31.54 39.36
N GLU M 268 -44.93 32.35 39.41
CA GLU M 268 -43.95 32.45 38.35
C GLU M 268 -42.55 32.32 38.94
N VAL M 269 -41.69 31.59 38.25
CA VAL M 269 -40.31 31.38 38.67
C VAL M 269 -39.38 32.01 37.65
N PHE M 270 -38.18 32.37 38.11
CA PHE M 270 -37.17 32.98 37.26
C PHE M 270 -35.85 32.25 37.44
N GLN M 271 -35.19 31.97 36.32
CA GLN M 271 -33.90 31.30 36.32
C GLN M 271 -32.92 32.10 35.47
N GLU M 272 -31.70 32.23 35.96
CA GLU M 272 -30.66 32.98 35.28
C GLU M 272 -29.76 32.04 34.50
N VAL M 273 -29.43 32.41 33.27
CA VAL M 273 -28.57 31.62 32.40
C VAL M 273 -27.36 32.46 32.03
N ASN M 274 -26.17 31.92 32.30
CA ASN M 274 -24.91 32.56 31.95
C ASN M 274 -23.95 31.53 31.37
N SER M 275 -24.47 30.65 30.52
CA SER M 275 -23.66 29.57 29.95
C SER M 275 -24.26 29.18 28.61
N ARG M 276 -23.48 28.43 27.83
CA ARG M 276 -23.96 28.00 26.52
C ARG M 276 -25.18 27.11 26.64
N THR M 277 -25.33 26.39 27.75
CA THR M 277 -26.43 25.47 27.94
C THR M 277 -26.96 25.59 29.36
N PHE M 278 -28.14 25.00 29.58
CA PHE M 278 -28.78 25.03 30.88
C PHE M 278 -29.78 23.88 30.95
N THR M 279 -30.22 23.59 32.18
CA THR M 279 -31.21 22.54 32.42
C THR M 279 -32.52 23.19 32.87
N PRO M 280 -33.60 23.08 32.11
CA PRO M 280 -34.84 23.75 32.51
C PRO M 280 -35.44 23.14 33.77
N LEU M 281 -36.17 23.98 34.50
CA LEU M 281 -36.90 23.50 35.67
C LEU M 281 -38.14 22.74 35.25
N SER M 282 -38.48 21.71 36.02
CA SER M 282 -39.62 20.85 35.73
C SER M 282 -40.61 20.72 36.88
N GLU M 283 -40.26 21.18 38.08
CA GLU M 283 -41.13 21.06 39.25
C GLU M 283 -41.20 22.40 39.96
N CYS M 284 -42.39 22.76 40.43
CA CYS M 284 -42.58 24.04 41.10
C CYS M 284 -41.75 24.10 42.38
N THR M 285 -41.19 25.29 42.64
CA THR M 285 -40.43 25.54 43.86
C THR M 285 -41.08 26.64 44.70
N SER M 286 -42.29 27.06 44.34
CA SER M 286 -42.97 28.11 45.08
C SER M 286 -43.29 27.65 46.50
N GLU M 287 -43.41 28.63 47.40
CA GLU M 287 -43.71 28.33 48.80
C GLU M 287 -45.05 27.61 48.92
N GLU M 288 -46.06 28.07 48.17
CA GLU M 288 -47.37 27.43 48.26
C GLU M 288 -47.32 25.98 47.82
N CYS M 289 -46.61 25.69 46.73
CA CYS M 289 -46.52 24.31 46.26
C CYS M 289 -45.84 23.41 47.28
N SER M 290 -44.73 23.87 47.85
CA SER M 290 -44.00 23.05 48.82
C SER M 290 -44.82 22.84 50.08
N GLN M 291 -45.46 23.91 50.59
CA GLN M 291 -46.27 23.78 51.79
C GLN M 291 -47.46 22.84 51.55
N ASN M 292 -48.11 22.98 50.41
CA ASN M 292 -49.24 22.11 50.07
C ASN M 292 -48.80 20.79 49.47
N GLN M 293 -47.52 20.68 49.08
CA GLN M 293 -46.92 19.49 48.47
C GLN M 293 -47.45 19.25 47.06
N THR M 294 -48.37 20.07 46.56
CA THR M 294 -48.92 19.87 45.23
C THR M 294 -47.80 19.88 44.19
N LYS M 295 -47.84 18.90 43.29
CA LYS M 295 -46.81 18.74 42.26
C LYS M 295 -47.29 19.43 40.99
N GLY M 296 -46.92 20.70 40.84
CA GLY M 296 -47.28 21.48 39.68
C GLY M 296 -46.10 21.64 38.74
N GLN M 297 -46.28 21.17 37.51
CA GLN M 297 -45.20 21.23 36.53
C GLN M 297 -44.92 22.67 36.11
N LEU M 298 -43.64 22.99 35.98
CA LEU M 298 -43.21 24.30 35.49
C LEU M 298 -43.05 24.26 33.98
N PHE M 299 -43.51 25.32 33.31
CA PHE M 299 -43.43 25.42 31.87
C PHE M 299 -42.83 26.77 31.48
N MET M 300 -42.11 26.77 30.36
CA MET M 300 -41.45 27.97 29.90
C MET M 300 -42.45 28.94 29.28
N SER M 301 -42.09 30.22 29.30
CA SER M 301 -42.90 31.27 28.68
C SER M 301 -41.94 32.27 28.05
N THR M 302 -41.93 32.34 26.73
CA THR M 302 -41.03 33.25 26.02
C THR M 302 -41.49 34.69 26.09
N ARG M 303 -42.76 34.94 26.38
CA ARG M 303 -43.27 36.31 26.43
C ARG M 303 -42.70 37.09 27.61
N ALA M 304 -42.39 36.40 28.71
CA ALA M 304 -41.92 37.06 29.92
C ALA M 304 -40.41 36.98 30.10
N SER M 305 -39.72 36.11 29.36
CA SER M 305 -38.29 35.98 29.51
C SER M 305 -37.59 37.25 29.04
N LYS M 306 -36.28 37.30 29.26
CA LYS M 306 -35.45 38.40 28.79
C LYS M 306 -34.43 37.87 27.80
N PHE M 307 -34.39 38.48 26.61
CA PHE M 307 -33.48 38.09 25.55
C PHE M 307 -32.60 39.27 25.19
N SER M 308 -31.36 38.96 24.80
CA SER M 308 -30.41 39.95 24.32
C SER M 308 -29.97 39.55 22.92
N ALA M 309 -29.94 40.53 22.01
CA ALA M 309 -29.48 40.27 20.66
C ALA M 309 -28.07 39.72 20.69
N PHE M 310 -27.85 38.64 19.95
CA PHE M 310 -26.56 37.97 19.92
C PHE M 310 -26.06 37.87 18.48
N GLN M 311 -24.75 37.99 18.31
CA GLN M 311 -24.15 37.90 16.98
C GLN M 311 -22.69 37.49 17.17
N GLU M 312 -22.24 36.56 16.33
CA GLU M 312 -20.89 36.04 16.39
C GLU M 312 -20.15 36.41 15.11
N CYS M 313 -18.96 36.99 15.26
CA CYS M 313 -18.15 37.42 14.14
C CYS M 313 -16.78 36.75 14.21
N LYS M 314 -15.99 36.96 13.15
CA LYS M 314 -14.63 36.45 13.06
C LYS M 314 -13.73 37.55 12.54
N ILE M 315 -12.56 37.68 13.16
CA ILE M 315 -11.58 38.70 12.82
C ILE M 315 -10.28 38.01 12.44
N GLN M 316 -9.70 38.42 11.31
CA GLN M 316 -8.50 37.80 10.77
C GLN M 316 -7.38 38.84 10.70
N GLU M 317 -6.15 38.33 10.73
CA GLU M 317 -4.99 39.20 10.67
C GLU M 317 -4.90 39.92 9.32
N LEU M 318 -4.36 41.13 9.35
CA LEU M 318 -4.04 41.83 8.12
C LEU M 318 -2.82 41.18 7.45
N SER M 319 -2.70 41.41 6.15
CA SER M 319 -1.58 40.84 5.41
C SER M 319 -0.25 41.34 5.96
N GLN M 320 -0.16 42.61 6.30
CA GLN M 320 1.10 43.21 6.74
C GLN M 320 1.49 42.80 8.16
N GLN M 321 0.63 42.11 8.89
CA GLN M 321 0.93 41.70 10.26
C GLN M 321 1.45 40.27 10.37
N VAL M 322 1.18 39.43 9.38
CA VAL M 322 1.64 38.03 9.46
C VAL M 322 3.16 37.99 9.25
N PRO M 323 3.92 37.23 10.06
CA PRO M 323 5.37 37.16 9.83
C PRO M 323 5.71 36.46 8.53
N VAL M 324 7.01 36.34 8.25
CA VAL M 324 7.47 35.75 7.00
C VAL M 324 7.30 34.23 7.09
N GLY M 325 6.74 33.64 6.03
CA GLY M 325 6.55 32.21 5.98
C GLY M 325 5.55 31.69 6.98
N HIS M 326 4.47 32.43 7.22
CA HIS M 326 3.43 32.05 8.16
C HIS M 326 2.07 32.21 7.50
N ILE M 327 1.03 31.72 8.18
CA ILE M 327 -0.33 31.82 7.68
C ILE M 327 -1.15 32.62 8.68
N PRO M 328 -2.12 33.42 8.23
CA PRO M 328 -2.87 34.26 9.17
C PRO M 328 -3.76 33.44 10.09
N ARG M 329 -4.07 34.03 11.24
CA ARG M 329 -4.92 33.43 12.25
C ARG M 329 -6.18 34.27 12.43
N SER M 330 -7.18 33.68 13.08
CA SER M 330 -8.46 34.34 13.27
C SER M 330 -8.91 34.16 14.72
N LEU M 331 -9.77 35.09 15.16
CA LEU M 331 -10.24 35.13 16.53
C LEU M 331 -11.75 35.39 16.54
N ASN M 332 -12.46 34.70 17.41
CA ASN M 332 -13.91 34.88 17.52
C ASN M 332 -14.25 36.15 18.28
N ILE M 333 -15.41 36.71 17.96
CA ILE M 333 -15.92 37.90 18.64
C ILE M 333 -17.40 37.69 18.93
N HIS M 334 -17.80 38.04 20.15
CA HIS M 334 -19.20 38.00 20.57
C HIS M 334 -19.70 39.43 20.72
N VAL M 335 -20.86 39.70 20.14
CA VAL M 335 -21.48 41.03 20.20
C VAL M 335 -22.87 40.87 20.81
N ASN M 336 -23.13 41.62 21.88
CA ASN M 336 -24.40 41.55 22.59
C ASN M 336 -24.96 42.95 22.80
N GLY M 337 -26.27 43.05 22.78
CA GLY M 337 -26.94 44.31 23.10
C GLY M 337 -27.11 45.17 21.86
N THR M 338 -26.77 46.45 21.98
CA THR M 338 -26.95 47.41 20.91
C THR M 338 -25.73 47.51 19.99
N LEU M 339 -24.69 46.72 20.23
CA LEU M 339 -23.54 46.70 19.34
C LEU M 339 -23.75 45.84 18.10
N VAL M 340 -24.82 45.03 18.07
CA VAL M 340 -25.03 44.16 16.93
C VAL M 340 -25.18 44.99 15.65
N ARG M 341 -24.93 44.34 14.53
CA ARG M 341 -25.05 44.95 13.19
C ARG M 341 -24.08 46.11 12.99
N SER M 342 -23.09 46.25 13.86
CA SER M 342 -22.05 47.25 13.70
C SER M 342 -20.79 46.70 13.03
N LEU M 343 -20.79 45.42 12.66
CA LEU M 343 -19.68 44.79 11.99
C LEU M 343 -20.19 44.01 10.78
N SER M 344 -19.52 44.17 9.66
CA SER M 344 -19.82 43.45 8.43
C SER M 344 -18.55 42.90 7.82
N PRO M 345 -18.63 41.81 7.05
CA PRO M 345 -17.41 41.27 6.44
C PRO M 345 -16.74 42.29 5.54
N GLY M 346 -15.41 42.36 5.64
CA GLY M 346 -14.61 43.20 4.79
C GLY M 346 -14.12 44.48 5.42
N ASP M 347 -14.70 44.89 6.56
CA ASP M 347 -14.28 46.12 7.21
C ASP M 347 -13.02 45.92 8.03
N ILE M 348 -12.14 46.91 8.01
CA ILE M 348 -10.93 46.92 8.82
C ILE M 348 -11.25 47.75 10.07
N VAL M 349 -11.23 47.11 11.23
CA VAL M 349 -11.76 47.69 12.45
C VAL M 349 -10.79 47.51 13.59
N ASP M 350 -10.98 48.33 14.63
CA ASP M 350 -10.24 48.21 15.89
C ASP M 350 -11.26 47.82 16.97
N VAL M 351 -11.50 46.53 17.10
CA VAL M 351 -12.46 46.03 18.08
C VAL M 351 -11.85 46.09 19.47
N THR M 352 -12.58 46.68 20.41
CA THR M 352 -12.20 46.70 21.81
C THR M 352 -13.18 45.82 22.59
N GLY M 353 -12.64 44.90 23.38
CA GLY M 353 -13.50 43.97 24.09
C GLY M 353 -12.77 43.33 25.25
N ILE M 354 -13.48 42.40 25.90
CA ILE M 354 -12.96 41.66 27.05
C ILE M 354 -12.60 40.27 26.57
N PHE M 355 -11.34 39.88 26.76
CA PHE M 355 -10.83 38.60 26.29
C PHE M 355 -11.12 37.56 27.37
N LEU M 356 -12.04 36.64 27.10
CA LEU M 356 -12.52 35.67 28.06
C LEU M 356 -12.42 34.27 27.48
N PRO M 357 -12.36 33.26 28.33
CA PRO M 357 -12.46 31.86 27.85
C PRO M 357 -13.92 31.45 27.69
N ALA M 358 -14.10 30.29 27.05
CA ALA M 358 -15.42 29.72 26.81
C ALA M 358 -15.42 28.29 27.35
N PRO M 359 -15.65 28.12 28.65
CA PRO M 359 -15.57 26.77 29.22
C PRO M 359 -16.57 25.82 28.58
N TYR M 360 -16.15 24.58 28.37
CA TYR M 360 -17.05 23.55 27.92
C TYR M 360 -17.95 23.10 29.06
N THR M 361 -18.95 22.29 28.73
CA THR M 361 -19.93 21.83 29.70
C THR M 361 -20.13 20.32 29.57
N GLY M 362 -20.49 19.70 30.69
CA GLY M 362 -20.82 18.29 30.68
C GLY M 362 -19.63 17.42 30.29
N PHE M 363 -19.92 16.38 29.50
CA PHE M 363 -18.88 15.43 29.12
C PHE M 363 -17.77 16.10 28.32
N LYS M 364 -18.14 16.99 27.39
CA LYS M 364 -17.14 17.65 26.56
C LYS M 364 -16.10 18.36 27.42
N ALA M 365 -16.51 18.92 28.55
CA ALA M 365 -15.55 19.54 29.46
C ALA M 365 -14.56 18.51 29.99
N LEU M 366 -15.05 17.32 30.37
CA LEU M 366 -14.18 16.28 30.87
C LEU M 366 -13.19 15.84 29.80
N LYS M 367 -13.66 15.65 28.57
CA LYS M 367 -12.79 15.16 27.51
C LYS M 367 -11.78 16.21 27.08
N ALA M 368 -12.17 17.48 27.05
CA ALA M 368 -11.35 18.51 26.42
C ALA M 368 -10.04 18.74 27.16
N GLY M 369 -9.93 18.34 28.42
CA GLY M 369 -8.74 18.59 29.19
C GLY M 369 -8.66 20.01 29.69
N LEU M 370 -7.46 20.61 29.65
CA LEU M 370 -7.26 21.97 30.13
C LEU M 370 -7.20 23.00 29.01
N LEU M 371 -7.20 22.57 27.75
CA LEU M 371 -7.26 23.51 26.64
C LEU M 371 -8.61 24.21 26.62
N THR M 372 -8.60 25.50 26.34
CA THR M 372 -9.81 26.33 26.42
C THR M 372 -9.98 27.13 25.15
N GLU M 373 -11.22 27.21 24.66
CA GLU M 373 -11.54 28.17 23.61
C GLU M 373 -11.63 29.57 24.21
N THR M 374 -11.43 30.57 23.35
CA THR M 374 -11.46 31.95 23.77
C THR M 374 -12.29 32.76 22.78
N TYR M 375 -12.72 33.93 23.22
CA TYR M 375 -13.46 34.85 22.37
C TYR M 375 -13.28 36.26 22.93
N LEU M 376 -13.87 37.23 22.24
CA LEU M 376 -13.79 38.62 22.63
C LEU M 376 -15.20 39.18 22.75
N GLU M 377 -15.49 39.83 23.87
CA GLU M 377 -16.79 40.47 24.09
C GLU M 377 -16.68 41.91 23.58
N ALA M 378 -17.26 42.16 22.41
CA ALA M 378 -17.15 43.47 21.79
C ALA M 378 -17.70 44.55 22.71
N GLN M 379 -16.95 45.63 22.87
CA GLN M 379 -17.36 46.77 23.68
C GLN M 379 -17.27 48.10 22.95
N PHE M 380 -16.48 48.21 21.88
CA PHE M 380 -16.32 49.45 21.15
C PHE M 380 -15.64 49.13 19.84
N VAL M 381 -16.16 49.70 18.75
CA VAL M 381 -15.68 49.42 17.41
C VAL M 381 -15.34 50.74 16.73
N ARG M 382 -14.14 50.82 16.15
CA ARG M 382 -13.70 51.97 15.39
C ARG M 382 -13.46 51.55 13.95
N GLN M 383 -14.22 52.12 13.03
CA GLN M 383 -14.14 51.80 11.62
C GLN M 383 -13.10 52.69 10.93
N HIS M 384 -12.33 52.10 10.03
CA HIS M 384 -11.37 52.85 9.23
C HIS M 384 -12.03 53.37 7.96
N LYS M 385 -11.41 54.38 7.37
CA LYS M 385 -11.92 54.97 6.15
C LYS M 385 -11.98 53.96 5.01
N ASP M 409 -13.62 70.85 -21.84
CA ASP M 409 -12.32 70.31 -21.51
C ASP M 409 -12.41 69.25 -20.41
N VAL M 410 -13.63 69.02 -19.91
CA VAL M 410 -13.83 68.06 -18.83
C VAL M 410 -13.46 66.66 -19.30
N TYR M 411 -13.83 66.32 -20.54
CA TYR M 411 -13.54 64.98 -21.05
C TYR M 411 -12.05 64.69 -20.99
N ASN M 412 -11.23 65.60 -21.52
CA ASN M 412 -9.79 65.37 -21.56
C ASN M 412 -9.22 65.28 -20.16
N ARG M 413 -9.66 66.16 -19.26
CA ARG M 413 -9.16 66.14 -17.88
C ARG M 413 -9.47 64.81 -17.21
N LEU M 414 -10.73 64.37 -17.30
CA LEU M 414 -11.11 63.10 -16.68
C LEU M 414 -10.32 61.95 -17.28
N ALA M 415 -10.20 61.92 -18.61
CA ALA M 415 -9.45 60.84 -19.26
C ALA M 415 -8.01 60.81 -18.76
N LYS M 416 -7.32 61.94 -18.81
CA LYS M 416 -5.93 61.98 -18.37
C LYS M 416 -5.79 61.67 -16.88
N SER M 417 -6.83 61.93 -16.09
CA SER M 417 -6.77 61.64 -14.66
C SER M 417 -7.16 60.20 -14.31
N ILE M 418 -7.72 59.45 -15.26
CA ILE M 418 -8.15 58.09 -14.96
C ILE M 418 -6.99 57.27 -14.43
N ALA M 419 -5.82 57.36 -15.06
CA ALA M 419 -4.64 56.60 -14.66
C ALA M 419 -3.40 57.38 -15.04
N PRO M 420 -2.87 58.20 -14.14
CA PRO M 420 -1.73 59.06 -14.51
C PRO M 420 -0.39 58.35 -14.54
N GLU M 421 -0.30 57.11 -14.07
CA GLU M 421 0.98 56.41 -13.98
C GLU M 421 1.32 55.63 -15.24
N ILE M 422 0.49 55.71 -16.28
CA ILE M 422 0.78 55.11 -17.56
C ILE M 422 1.07 56.22 -18.57
N TYR M 423 1.48 55.85 -19.77
CA TYR M 423 1.61 56.82 -20.84
C TYR M 423 0.27 56.99 -21.52
N GLY M 424 -0.10 58.24 -21.78
CA GLY M 424 -1.46 58.59 -22.17
C GLY M 424 -2.01 57.81 -23.35
N ASN M 425 -3.25 57.34 -23.19
CA ASN M 425 -4.02 56.68 -24.27
C ASN M 425 -5.38 57.37 -24.30
N LEU M 426 -5.47 58.50 -24.99
CA LEU M 426 -6.64 59.36 -24.88
C LEU M 426 -7.91 58.64 -25.34
N ASP M 427 -7.84 57.96 -26.49
CA ASP M 427 -9.03 57.32 -27.02
C ASP M 427 -9.53 56.21 -26.10
N VAL M 428 -8.61 55.37 -25.61
CA VAL M 428 -9.00 54.28 -24.72
C VAL M 428 -9.60 54.83 -23.44
N LYS M 429 -9.00 55.87 -22.87
CA LYS M 429 -9.52 56.45 -21.64
C LYS M 429 -10.90 57.07 -21.86
N LYS M 430 -11.09 57.74 -22.99
CA LYS M 430 -12.41 58.29 -23.30
C LYS M 430 -13.45 57.19 -23.38
N ALA M 431 -13.13 56.11 -24.09
CA ALA M 431 -14.07 55.00 -24.21
C ALA M 431 -14.35 54.38 -22.85
N LEU M 432 -13.34 54.26 -22.00
CA LEU M 432 -13.54 53.68 -20.68
C LEU M 432 -14.41 54.57 -19.81
N LEU M 433 -14.24 55.89 -19.91
CA LEU M 433 -15.13 56.80 -19.18
C LEU M 433 -16.56 56.66 -19.67
N LEU M 434 -16.74 56.56 -20.98
CA LEU M 434 -18.09 56.35 -21.52
C LEU M 434 -18.69 55.07 -20.97
N LEU M 435 -17.89 54.00 -20.91
CA LEU M 435 -18.34 52.77 -20.28
C LEU M 435 -18.75 53.01 -18.83
N LEU M 436 -17.94 53.76 -18.10
CA LEU M 436 -18.20 53.98 -16.68
C LEU M 436 -19.54 54.67 -16.47
N VAL M 437 -19.81 55.72 -17.26
CA VAL M 437 -21.08 56.43 -17.09
C VAL M 437 -22.24 55.57 -17.59
N GLY M 438 -22.08 54.94 -18.74
CA GLY M 438 -23.09 54.01 -19.23
C GLY M 438 -24.46 54.63 -19.39
N GLY M 439 -24.54 55.85 -19.91
CA GLY M 439 -25.83 56.47 -20.12
C GLY M 439 -26.65 55.73 -21.16
N VAL M 440 -27.93 55.56 -20.87
CA VAL M 440 -28.84 54.86 -21.77
C VAL M 440 -30.28 55.11 -21.36
N ASP M 441 -31.18 55.17 -22.34
CA ASP M 441 -32.62 55.28 -22.10
C ASP M 441 -33.24 53.95 -22.51
N LYS M 442 -33.46 53.08 -21.52
CA LYS M 442 -33.93 51.71 -21.74
C LYS M 442 -35.34 51.59 -21.18
N ARG M 443 -36.33 52.00 -21.97
CA ARG M 443 -37.73 51.93 -21.58
C ARG M 443 -38.60 51.54 -22.77
N VAL M 444 -38.17 50.54 -23.54
CA VAL M 444 -38.94 50.13 -24.71
C VAL M 444 -40.34 49.70 -24.30
N GLY M 445 -40.44 48.87 -23.27
CA GLY M 445 -41.73 48.47 -22.75
C GLY M 445 -42.61 47.72 -23.73
N ASP M 446 -42.03 47.16 -24.78
CA ASP M 446 -42.78 46.40 -25.78
C ASP M 446 -42.58 44.90 -25.64
N GLY M 447 -42.00 44.44 -24.54
CA GLY M 447 -41.67 43.04 -24.35
C GLY M 447 -40.24 42.84 -23.92
N MET M 448 -39.34 43.66 -24.47
CA MET M 448 -37.97 43.76 -23.97
C MET M 448 -37.39 45.09 -24.45
N LYS M 449 -36.21 45.42 -23.95
CA LYS M 449 -35.61 46.72 -24.17
C LYS M 449 -34.17 46.56 -24.63
N ILE M 450 -33.67 47.59 -25.33
CA ILE M 450 -32.28 47.61 -25.76
C ILE M 450 -31.38 47.58 -24.55
N ARG M 451 -30.26 46.86 -24.66
CA ARG M 451 -29.35 46.69 -23.54
C ARG M 451 -28.90 48.05 -23.01
N GLY M 452 -28.88 48.19 -21.69
CA GLY M 452 -28.58 49.46 -21.06
C GLY M 452 -27.17 49.56 -20.49
N ASP M 453 -26.20 48.95 -21.15
CA ASP M 453 -24.81 49.01 -20.72
C ASP M 453 -23.90 49.04 -21.94
N ILE M 454 -22.85 49.84 -21.86
CA ILE M 454 -21.84 49.93 -22.90
C ILE M 454 -20.69 49.00 -22.51
N ASN M 455 -20.38 48.03 -23.37
CA ASN M 455 -19.34 47.06 -23.10
C ASN M 455 -18.08 47.41 -23.88
N VAL M 456 -16.93 47.29 -23.22
CA VAL M 456 -15.64 47.65 -23.79
C VAL M 456 -14.72 46.45 -23.70
N CYS M 457 -13.96 46.22 -24.76
CA CYS M 457 -12.97 45.15 -24.80
C CYS M 457 -11.61 45.74 -25.18
N LEU M 458 -10.58 45.37 -24.42
CA LEU M 458 -9.20 45.72 -24.73
C LEU M 458 -8.46 44.47 -25.17
N MET M 459 -7.90 44.51 -26.37
CA MET M 459 -7.11 43.41 -26.92
C MET M 459 -5.81 43.96 -27.44
N GLY M 460 -4.70 43.48 -26.92
CA GLY M 460 -3.39 43.97 -27.33
C GLY M 460 -2.31 42.97 -27.05
N ASP M 461 -1.21 43.08 -27.78
CA ASP M 461 -0.05 42.17 -27.58
C ASP M 461 0.51 42.46 -26.19
N PRO M 462 1.10 41.47 -25.48
CA PRO M 462 1.58 41.67 -24.13
C PRO M 462 2.64 42.76 -24.10
N GLY M 463 2.61 43.65 -23.10
CA GLY M 463 3.53 44.76 -22.97
C GLY M 463 2.82 46.08 -22.74
N VAL M 464 1.61 46.21 -23.27
CA VAL M 464 0.83 47.43 -23.03
C VAL M 464 0.10 47.31 -21.71
N ALA M 465 -0.27 48.46 -21.15
CA ALA M 465 -0.89 48.53 -19.83
C ALA M 465 -2.36 48.14 -19.93
N LYS M 466 -2.60 46.84 -20.00
CA LYS M 466 -3.96 46.32 -19.94
C LYS M 466 -4.38 46.07 -18.49
N SER M 467 -3.55 45.33 -17.75
CA SER M 467 -3.88 45.04 -16.36
C SER M 467 -3.95 46.30 -15.51
N GLN M 468 -3.04 47.25 -15.75
CA GLN M 468 -3.08 48.50 -15.00
C GLN M 468 -4.35 49.28 -15.30
N LEU M 469 -4.74 49.35 -16.58
CA LEU M 469 -5.99 50.02 -16.93
C LEU M 469 -7.17 49.34 -16.26
N LEU M 470 -7.20 48.01 -16.28
CA LEU M 470 -8.29 47.29 -15.64
C LEU M 470 -8.35 47.60 -14.15
N LYS M 471 -7.20 47.55 -13.48
CA LYS M 471 -7.17 47.80 -12.04
C LYS M 471 -7.64 49.20 -11.71
N ALA M 472 -7.18 50.20 -12.47
CA ALA M 472 -7.59 51.57 -12.20
C ALA M 472 -9.07 51.75 -12.45
N ILE M 473 -9.56 51.28 -13.60
CA ILE M 473 -10.97 51.47 -13.96
C ILE M 473 -11.86 50.69 -13.00
N CYS M 474 -11.32 49.66 -12.34
CA CYS M 474 -12.11 48.88 -11.43
C CYS M 474 -12.11 49.46 -10.02
N LYS M 475 -11.00 50.10 -9.63
CA LYS M 475 -10.98 50.81 -8.35
C LYS M 475 -11.86 52.05 -8.39
N ILE M 476 -11.83 52.79 -9.49
CA ILE M 476 -12.61 54.02 -9.57
C ILE M 476 -14.09 53.71 -9.41
N SER M 477 -14.57 52.68 -10.11
CA SER M 477 -15.99 52.38 -10.14
C SER M 477 -16.47 51.97 -8.75
N PRO M 478 -17.72 52.28 -8.40
CA PRO M 478 -18.24 51.82 -7.10
C PRO M 478 -18.54 50.34 -7.07
N ARG M 479 -18.95 49.75 -8.19
CA ARG M 479 -19.34 48.35 -8.26
C ARG M 479 -18.33 47.48 -9.01
N GLY M 480 -17.16 48.01 -9.31
CA GLY M 480 -16.16 47.26 -10.05
C GLY M 480 -15.73 45.99 -9.36
N VAL M 481 -15.70 44.89 -10.12
CA VAL M 481 -15.30 43.58 -9.61
C VAL M 481 -14.18 43.06 -10.50
N TYR M 482 -13.03 42.76 -9.90
CA TYR M 482 -11.85 42.32 -10.64
C TYR M 482 -11.70 40.81 -10.51
N THR M 483 -11.60 40.14 -11.67
CA THR M 483 -11.47 38.70 -11.73
C THR M 483 -10.45 38.34 -12.80
N THR M 484 -10.00 37.08 -12.76
CA THR M 484 -9.08 36.54 -13.74
C THR M 484 -9.69 35.30 -14.36
N GLY M 485 -9.54 35.17 -15.67
CA GLY M 485 -10.09 34.04 -16.40
C GLY M 485 -9.50 32.72 -15.95
N ALA M 512 -18.40 36.36 -8.43
CA ALA M 512 -17.86 37.68 -8.71
C ALA M 512 -18.83 38.48 -9.59
N LEU M 513 -19.49 37.78 -10.51
CA LEU M 513 -20.46 38.44 -11.38
C LEU M 513 -21.61 39.02 -10.57
N VAL M 514 -22.02 38.32 -9.51
CA VAL M 514 -23.12 38.80 -8.69
C VAL M 514 -22.76 40.15 -8.07
N LEU M 515 -21.53 40.28 -7.57
CA LEU M 515 -21.11 41.55 -6.99
C LEU M 515 -21.16 42.68 -8.01
N ALA M 516 -21.00 42.36 -9.29
CA ALA M 516 -20.96 43.36 -10.34
C ALA M 516 -22.34 43.68 -10.91
N ASP M 517 -23.41 43.12 -10.35
CA ASP M 517 -24.75 43.40 -10.85
C ASP M 517 -25.02 44.89 -10.84
N ASN M 518 -25.56 45.40 -11.95
CA ASN M 518 -25.82 46.83 -12.12
C ASN M 518 -24.51 47.63 -12.04
N GLY M 519 -23.43 47.03 -12.55
CA GLY M 519 -22.14 47.68 -12.54
C GLY M 519 -21.21 47.06 -13.55
N ILE M 520 -20.06 47.69 -13.72
CA ILE M 520 -19.07 47.23 -14.70
C ILE M 520 -18.27 46.08 -14.10
N CYS M 521 -18.04 45.04 -14.91
CA CYS M 521 -17.30 43.86 -14.51
C CYS M 521 -15.90 43.91 -15.12
N CYS M 522 -14.90 43.59 -14.32
CA CYS M 522 -13.50 43.70 -14.71
C CYS M 522 -12.95 42.28 -14.87
N ILE M 523 -12.90 41.80 -16.11
CA ILE M 523 -12.46 40.45 -16.41
C ILE M 523 -11.10 40.53 -17.09
N ASP M 524 -10.09 39.97 -16.44
CA ASP M 524 -8.73 39.90 -16.99
C ASP M 524 -8.49 38.52 -17.58
N GLU M 525 -7.63 38.47 -18.60
CA GLU M 525 -7.31 37.22 -19.29
C GLU M 525 -8.58 36.59 -19.86
N PHE M 526 -9.32 37.37 -20.64
CA PHE M 526 -10.62 36.94 -21.13
C PHE M 526 -10.49 35.72 -22.05
N ASP M 527 -9.44 35.68 -22.87
CA ASP M 527 -9.31 34.61 -23.86
C ASP M 527 -9.17 33.25 -23.18
N LYS M 528 -8.40 33.17 -22.10
CA LYS M 528 -8.15 31.87 -21.47
C LYS M 528 -9.43 31.25 -20.93
N MET M 529 -10.42 32.09 -20.59
CA MET M 529 -11.56 31.64 -19.79
C MET M 529 -12.16 30.36 -20.34
N ASP M 530 -12.76 29.59 -19.44
CA ASP M 530 -13.36 28.31 -19.75
C ASP M 530 -14.73 28.49 -20.41
N GLU M 531 -15.17 27.45 -21.13
CA GLU M 531 -16.41 27.54 -21.89
C GLU M 531 -17.59 27.84 -21.00
N SER M 532 -17.59 27.33 -19.77
CA SER M 532 -18.73 27.57 -18.88
C SER M 532 -18.92 29.06 -18.61
N ASP M 533 -17.83 29.76 -18.26
CA ASP M 533 -17.93 31.19 -18.01
C ASP M 533 -18.22 31.96 -19.28
N ARG M 534 -17.71 31.50 -20.42
CA ARG M 534 -18.04 32.14 -21.69
C ARG M 534 -19.54 32.06 -21.97
N THR M 535 -20.15 30.90 -21.74
CA THR M 535 -21.59 30.77 -21.88
C THR M 535 -22.32 31.65 -20.88
N ALA M 536 -21.79 31.73 -19.65
CA ALA M 536 -22.42 32.59 -18.64
C ALA M 536 -22.47 34.04 -19.09
N ILE M 537 -21.34 34.56 -19.59
CA ILE M 537 -21.33 35.95 -20.03
C ILE M 537 -22.20 36.12 -21.27
N HIS M 538 -22.19 35.12 -22.16
CA HIS M 538 -23.06 35.20 -23.33
C HIS M 538 -24.52 35.34 -22.92
N GLU M 539 -24.93 34.56 -21.92
CA GLU M 539 -26.26 34.70 -21.35
C GLU M 539 -26.47 36.09 -20.77
N VAL M 540 -25.49 36.59 -20.03
CA VAL M 540 -25.65 37.87 -19.35
C VAL M 540 -25.89 38.99 -20.36
N MET M 541 -25.07 39.02 -21.41
CA MET M 541 -25.19 40.09 -22.39
C MET M 541 -26.55 40.06 -23.08
N GLU M 542 -26.96 38.88 -23.56
CA GLU M 542 -28.21 38.78 -24.29
C GLU M 542 -29.41 39.02 -23.38
N GLN M 543 -29.46 38.34 -22.23
CA GLN M 543 -30.64 38.36 -21.38
C GLN M 543 -30.49 39.25 -20.15
N GLN M 544 -29.26 39.59 -19.76
CA GLN M 544 -29.03 40.38 -18.55
C GLN M 544 -29.64 39.70 -17.32
N THR M 545 -29.49 38.38 -17.24
CA THR M 545 -30.07 37.60 -16.18
C THR M 545 -29.11 36.50 -15.73
N ILE M 546 -29.08 36.26 -14.42
CA ILE M 546 -28.35 35.14 -13.85
C ILE M 546 -29.37 34.09 -13.44
N SER M 547 -29.24 32.88 -13.98
CA SER M 547 -30.15 31.79 -13.71
C SER M 547 -29.38 30.62 -13.13
N ILE M 548 -29.90 30.05 -12.04
CA ILE M 548 -29.33 28.87 -11.40
C ILE M 548 -30.41 27.79 -11.39
N SER M 549 -30.06 26.60 -11.87
CA SER M 549 -30.98 25.46 -11.94
C SER M 549 -30.29 24.27 -11.26
N LYS M 550 -30.51 24.13 -9.95
CA LYS M 550 -29.94 23.04 -9.18
C LYS M 550 -31.00 22.46 -8.26
N ALA M 551 -30.84 21.18 -7.94
CA ALA M 551 -31.76 20.55 -6.99
C ALA M 551 -31.67 21.20 -5.62
N GLY M 552 -30.45 21.51 -5.17
CA GLY M 552 -30.29 22.13 -3.87
C GLY M 552 -30.94 23.49 -3.77
N ILE M 553 -30.83 24.29 -4.83
CA ILE M 553 -31.35 25.66 -4.83
C ILE M 553 -31.77 26.02 -6.25
N ASN M 554 -32.77 26.89 -6.34
CA ASN M 554 -33.24 27.42 -7.63
C ASN M 554 -33.54 28.91 -7.42
N THR M 555 -32.54 29.75 -7.70
CA THR M 555 -32.66 31.19 -7.53
C THR M 555 -32.28 31.88 -8.84
N THR M 556 -33.12 32.80 -9.28
CA THR M 556 -32.88 33.58 -10.49
C THR M 556 -32.65 35.04 -10.12
N LEU M 557 -31.53 35.59 -10.57
CA LEU M 557 -31.16 36.98 -10.29
C LEU M 557 -30.96 37.72 -11.61
N ASN M 558 -31.52 38.92 -11.69
CA ASN M 558 -31.25 39.78 -12.83
C ASN M 558 -29.82 40.32 -12.74
N ALA M 559 -29.21 40.55 -13.91
CA ALA M 559 -27.84 41.08 -13.98
C ALA M 559 -27.77 42.03 -15.16
N ARG M 560 -27.96 43.32 -14.88
CA ARG M 560 -27.77 44.37 -15.88
C ARG M 560 -26.42 45.04 -15.66
N THR M 561 -25.37 44.25 -15.89
CA THR M 561 -24.00 44.64 -15.59
C THR M 561 -23.19 44.72 -16.87
N SER M 562 -22.27 45.67 -16.92
CA SER M 562 -21.38 45.83 -18.06
C SER M 562 -20.10 45.03 -17.86
N ILE M 563 -19.47 44.66 -18.97
CA ILE M 563 -18.28 43.81 -18.97
C ILE M 563 -17.12 44.61 -19.56
N LEU M 564 -15.97 44.53 -18.89
CA LEU M 564 -14.72 45.12 -19.38
C LEU M 564 -13.68 44.00 -19.42
N ALA M 565 -13.31 43.59 -20.63
CA ALA M 565 -12.48 42.41 -20.84
C ALA M 565 -11.10 42.78 -21.35
N ALA M 566 -10.12 41.93 -21.05
CA ALA M 566 -8.75 42.06 -21.55
C ALA M 566 -8.28 40.68 -22.03
N ALA M 567 -7.71 40.64 -23.22
CA ALA M 567 -7.31 39.38 -23.82
C ALA M 567 -6.08 39.58 -24.69
N ASN M 568 -5.41 38.46 -25.00
CA ASN M 568 -4.26 38.42 -25.89
C ASN M 568 -4.62 37.70 -27.18
N PRO M 569 -3.99 38.06 -28.31
CA PRO M 569 -4.28 37.36 -29.56
C PRO M 569 -3.99 35.86 -29.46
N LEU M 570 -4.38 35.14 -30.51
CA LEU M 570 -4.28 33.69 -30.50
C LEU M 570 -2.84 33.25 -30.33
N TYR M 571 -1.92 33.82 -31.10
CA TYR M 571 -0.52 33.42 -31.10
C TYR M 571 0.29 34.10 -30.00
N GLY M 572 -0.37 34.89 -29.15
CA GLY M 572 0.31 35.66 -28.13
C GLY M 572 0.68 37.06 -28.54
N ARG M 573 0.70 37.34 -29.84
CA ARG M 573 0.93 38.68 -30.36
C ARG M 573 0.13 38.84 -31.65
N TYR M 574 -0.17 40.09 -31.99
CA TYR M 574 -0.91 40.36 -33.21
C TYR M 574 -0.05 40.08 -34.42
N ASN M 575 -0.59 39.34 -35.39
CA ASN M 575 0.13 39.02 -36.61
C ASN M 575 -0.49 39.81 -37.77
N PRO M 576 0.22 40.78 -38.36
CA PRO M 576 -0.39 41.54 -39.46
C PRO M 576 -0.83 40.67 -40.63
N ARG M 577 -0.13 39.58 -40.90
CA ARG M 577 -0.50 38.73 -42.03
C ARG M 577 -1.92 38.20 -41.86
N LEU M 578 -2.25 37.71 -40.67
CA LEU M 578 -3.60 37.23 -40.41
C LEU M 578 -4.51 38.39 -40.04
N SER M 579 -5.75 38.31 -40.50
CA SER M 579 -6.74 39.34 -40.22
C SER M 579 -7.15 39.28 -38.75
N PRO M 580 -7.76 40.35 -38.23
CA PRO M 580 -8.13 40.36 -36.81
C PRO M 580 -8.95 39.14 -36.41
N LEU M 581 -9.98 38.81 -37.18
CA LEU M 581 -10.87 37.71 -36.81
C LEU M 581 -10.09 36.45 -36.47
N ASP M 582 -9.13 36.07 -37.33
CA ASP M 582 -8.35 34.88 -37.05
C ASP M 582 -7.47 35.07 -35.82
N ASN M 583 -6.99 36.29 -35.60
CA ASN M 583 -6.17 36.56 -34.42
C ASN M 583 -6.97 36.36 -33.13
N ILE M 584 -8.26 36.71 -33.15
CA ILE M 584 -9.11 36.60 -31.96
C ILE M 584 -9.65 35.18 -31.88
N ASN M 585 -9.46 34.54 -30.73
CA ASN M 585 -9.97 33.19 -30.52
C ASN M 585 -11.47 33.18 -30.27
N LEU M 586 -12.01 34.27 -29.75
CA LEU M 586 -13.39 34.28 -29.27
C LEU M 586 -14.36 34.21 -30.45
N PRO M 587 -15.58 33.71 -30.21
CA PRO M 587 -16.55 33.61 -31.29
C PRO M 587 -16.85 34.98 -31.90
N ALA M 588 -17.10 34.97 -33.21
CA ALA M 588 -17.40 36.22 -33.91
C ALA M 588 -18.65 36.88 -33.36
N ALA M 589 -19.65 36.09 -32.95
CA ALA M 589 -20.86 36.66 -32.37
C ALA M 589 -20.54 37.44 -31.10
N LEU M 590 -19.64 36.90 -30.27
CA LEU M 590 -19.28 37.58 -29.03
C LEU M 590 -18.59 38.91 -29.33
N LEU M 591 -17.70 38.94 -30.32
CA LEU M 591 -17.07 40.19 -30.71
C LEU M 591 -18.09 41.18 -31.23
N SER M 592 -19.06 40.71 -32.03
CA SER M 592 -20.09 41.60 -32.55
C SER M 592 -20.91 42.20 -31.41
N ARG M 593 -21.24 41.40 -30.40
CA ARG M 593 -22.07 41.88 -29.30
C ARG M 593 -21.38 42.99 -28.52
N PHE M 594 -20.07 43.11 -28.61
CA PHE M 594 -19.37 44.18 -27.89
C PHE M 594 -19.73 45.53 -28.49
N ASP M 595 -19.93 46.51 -27.61
CA ASP M 595 -20.30 47.85 -28.07
C ASP M 595 -19.10 48.58 -28.69
N ILE M 596 -17.93 48.46 -28.07
CA ILE M 596 -16.70 49.02 -28.61
C ILE M 596 -15.58 48.01 -28.39
N LEU M 597 -14.87 47.66 -29.47
CA LEU M 597 -13.75 46.75 -29.41
C LEU M 597 -12.48 47.54 -29.71
N PHE M 598 -11.56 47.57 -28.75
CA PHE M 598 -10.33 48.32 -28.87
C PHE M 598 -9.16 47.37 -29.08
N LEU M 599 -8.34 47.68 -30.07
CA LEU M 599 -7.16 46.89 -30.41
C LEU M 599 -5.94 47.77 -30.21
N MET M 600 -5.14 47.46 -29.19
CA MET M 600 -3.97 48.25 -28.83
C MET M 600 -2.72 47.44 -29.18
N LEU M 601 -1.81 48.04 -29.94
CA LEU M 601 -0.62 47.36 -30.41
C LEU M 601 0.64 48.07 -29.94
N ASP M 602 1.72 47.30 -29.86
CA ASP M 602 3.01 47.75 -29.35
C ASP M 602 3.94 47.85 -30.55
N ILE M 603 4.09 49.05 -31.08
CA ILE M 603 4.95 49.31 -32.24
C ILE M 603 6.23 49.97 -31.74
N PRO M 604 7.41 49.36 -31.94
CA PRO M 604 8.65 50.02 -31.55
C PRO M 604 8.83 51.33 -32.30
N SER M 605 9.38 52.32 -31.60
CA SER M 605 9.65 53.63 -32.18
C SER M 605 10.59 54.40 -31.27
N ARG M 606 11.58 55.05 -31.87
CA ARG M 606 12.62 55.70 -31.08
C ARG M 606 12.03 56.73 -30.12
N ASP M 607 11.23 57.66 -30.64
CA ASP M 607 10.72 58.75 -29.81
C ASP M 607 9.77 58.23 -28.74
N ASP M 608 8.78 57.43 -29.15
CA ASP M 608 7.80 56.92 -28.19
C ASP M 608 8.47 56.05 -27.14
N ASP M 609 9.41 55.22 -27.57
CA ASP M 609 10.12 54.36 -26.63
C ASP M 609 10.90 55.20 -25.62
N GLU M 610 11.56 56.25 -26.09
CA GLU M 610 12.31 57.11 -25.19
C GLU M 610 11.38 57.78 -24.18
N LYS M 611 10.22 58.27 -24.64
CA LYS M 611 9.28 58.91 -23.73
C LYS M 611 8.80 57.93 -22.67
N LEU M 612 8.43 56.72 -23.09
CA LEU M 612 7.94 55.73 -22.14
C LEU M 612 9.01 55.36 -21.13
N ALA M 613 10.24 55.19 -21.60
CA ALA M 613 11.34 54.84 -20.71
C ALA M 613 11.58 55.94 -19.68
N GLU M 614 11.59 57.19 -20.14
CA GLU M 614 11.77 58.30 -19.21
C GLU M 614 10.65 58.34 -18.17
N HIS M 615 9.41 58.14 -18.60
CA HIS M 615 8.29 58.16 -17.67
C HIS M 615 8.42 57.06 -16.61
N VAL M 616 8.60 55.82 -17.06
CA VAL M 616 8.67 54.71 -16.12
C VAL M 616 9.83 54.89 -15.17
N THR M 617 10.96 55.36 -15.69
CA THR M 617 12.16 55.46 -14.87
C THR M 617 12.05 56.60 -13.85
N TYR M 618 11.46 57.72 -14.24
CA TYR M 618 11.17 58.77 -13.28
C TYR M 618 10.25 58.26 -12.18
N VAL M 619 9.21 57.51 -12.56
CA VAL M 619 8.30 56.95 -11.56
C VAL M 619 9.06 56.04 -10.61
N HIS M 620 10.00 55.25 -11.11
CA HIS M 620 10.77 54.36 -10.26
C HIS M 620 11.75 55.10 -9.35
N MET M 621 12.30 56.23 -9.79
CA MET M 621 13.26 56.95 -8.97
C MET M 621 12.60 57.84 -7.92
N HIS M 622 11.47 58.46 -8.24
CA HIS M 622 10.87 59.47 -7.37
C HIS M 622 9.56 59.04 -6.72
N ASN M 623 8.87 58.05 -7.28
CA ASN M 623 7.59 57.57 -6.74
C ASN M 623 6.50 58.65 -6.85
N LYS M 624 6.41 59.27 -8.02
CA LYS M 624 5.36 60.24 -8.29
C LYS M 624 5.20 60.41 -9.79
N GLN M 625 4.11 61.06 -10.18
CA GLN M 625 3.86 61.29 -11.60
C GLN M 625 4.91 62.23 -12.17
N PRO M 626 5.41 61.97 -13.39
CA PRO M 626 6.40 62.88 -13.97
C PRO M 626 5.79 64.12 -14.59
N ASP M 627 4.59 63.98 -15.14
CA ASP M 627 3.99 65.08 -15.91
C ASP M 627 3.78 66.31 -15.03
N LEU M 628 4.00 67.48 -15.63
CA LEU M 628 3.78 68.74 -14.94
C LEU M 628 3.06 69.77 -15.79
N ASP M 629 2.76 69.48 -17.06
CA ASP M 629 2.06 70.44 -17.89
C ASP M 629 0.65 70.71 -17.36
N PHE M 630 -0.03 69.66 -16.91
CA PHE M 630 -1.38 69.77 -16.37
C PHE M 630 -1.43 69.06 -15.03
N THR M 631 -2.41 69.47 -14.21
CA THR M 631 -2.60 68.88 -12.89
C THR M 631 -3.78 67.92 -12.94
N PRO M 632 -3.62 66.65 -12.60
CA PRO M 632 -4.76 65.72 -12.64
C PRO M 632 -5.86 66.15 -11.68
N VAL M 633 -7.10 65.90 -12.08
CA VAL M 633 -8.24 66.22 -11.22
C VAL M 633 -8.32 65.22 -10.08
N GLU M 634 -8.82 65.68 -8.94
CA GLU M 634 -8.89 64.82 -7.77
C GLU M 634 -9.83 63.64 -8.04
N PRO M 635 -9.50 62.43 -7.59
CA PRO M 635 -10.38 61.28 -7.87
C PRO M 635 -11.79 61.45 -7.32
N SER M 636 -11.92 62.08 -6.15
CA SER M 636 -13.24 62.21 -5.54
C SER M 636 -14.16 63.06 -6.40
N LYS M 637 -13.65 64.17 -6.94
CA LYS M 637 -14.45 65.03 -7.80
C LYS M 637 -14.90 64.27 -9.04
N MET M 638 -13.99 63.51 -9.65
CA MET M 638 -14.33 62.72 -10.83
C MET M 638 -15.41 61.70 -10.51
N ARG M 639 -15.28 61.02 -9.37
CA ARG M 639 -16.27 60.00 -9.00
C ARG M 639 -17.64 60.62 -8.77
N GLU M 640 -17.69 61.74 -8.06
CA GLU M 640 -18.99 62.37 -7.80
C GLU M 640 -19.60 62.90 -9.09
N TYR M 641 -18.78 63.44 -9.99
CA TYR M 641 -19.33 63.88 -11.27
C TYR M 641 -19.86 62.70 -12.08
N ILE M 642 -19.17 61.56 -12.04
CA ILE M 642 -19.64 60.38 -12.76
C ILE M 642 -20.98 59.93 -12.19
N ALA M 643 -21.10 59.90 -10.87
CA ALA M 643 -22.38 59.54 -10.26
C ALA M 643 -23.47 60.52 -10.65
N TYR M 644 -23.17 61.82 -10.65
CA TYR M 644 -24.16 62.81 -11.06
C TYR M 644 -24.61 62.55 -12.50
N ALA M 645 -23.66 62.26 -13.39
CA ALA M 645 -24.02 61.98 -14.77
C ALA M 645 -24.89 60.74 -14.87
N LYS M 646 -24.56 59.69 -14.11
CA LYS M 646 -25.40 58.50 -14.09
C LYS M 646 -26.82 58.83 -13.64
N THR M 647 -26.96 59.79 -12.72
CA THR M 647 -28.29 60.17 -12.25
C THR M 647 -29.12 60.80 -13.37
N LYS M 648 -28.49 61.51 -14.29
CA LYS M 648 -29.20 62.31 -15.27
C LYS M 648 -29.92 61.41 -16.28
N ARG M 649 -30.68 62.05 -17.17
CA ARG M 649 -31.39 61.37 -18.24
C ARG M 649 -31.58 62.31 -19.43
N PRO M 650 -30.90 62.08 -20.55
CA PRO M 650 -31.07 62.95 -21.72
C PRO M 650 -32.26 62.50 -22.57
N VAL M 651 -32.43 63.20 -23.69
CA VAL M 651 -33.52 62.91 -24.64
C VAL M 651 -33.02 63.21 -26.05
N MET M 652 -33.75 62.71 -27.04
CA MET M 652 -33.40 62.88 -28.45
C MET M 652 -34.61 63.33 -29.24
N SER M 653 -34.34 64.11 -30.29
CA SER M 653 -35.37 64.66 -31.15
C SER M 653 -35.46 63.87 -32.46
N GLU M 654 -36.25 64.39 -33.40
CA GLU M 654 -36.39 63.73 -34.69
C GLU M 654 -35.26 64.08 -35.65
N ALA M 655 -34.77 65.32 -35.59
CA ALA M 655 -33.67 65.71 -36.48
C ALA M 655 -32.42 64.90 -36.19
N VAL M 656 -32.10 64.72 -34.90
CA VAL M 656 -30.96 63.88 -34.53
C VAL M 656 -31.19 62.45 -34.98
N ASN M 657 -32.44 61.98 -34.89
CA ASN M 657 -32.76 60.65 -35.37
C ASN M 657 -32.45 60.51 -36.85
N ASP M 658 -32.84 61.51 -37.65
CA ASP M 658 -32.52 61.47 -39.08
C ASP M 658 -31.02 61.50 -39.31
N TYR M 659 -30.29 62.32 -38.55
CA TYR M 659 -28.85 62.38 -38.71
C TYR M 659 -28.19 61.04 -38.42
N VAL M 660 -28.60 60.38 -37.33
CA VAL M 660 -28.01 59.09 -36.98
C VAL M 660 -28.39 58.04 -38.02
N VAL M 661 -29.62 58.13 -38.54
CA VAL M 661 -30.05 57.19 -39.58
C VAL M 661 -29.16 57.34 -40.81
N GLN M 662 -28.90 58.57 -41.23
CA GLN M 662 -28.02 58.80 -42.37
C GLN M 662 -26.62 58.25 -42.10
N ALA M 663 -26.09 58.52 -40.90
CA ALA M 663 -24.79 57.98 -40.54
C ALA M 663 -24.80 56.46 -40.62
N TYR M 664 -25.91 55.84 -40.23
CA TYR M 664 -25.99 54.38 -40.24
C TYR M 664 -25.89 53.82 -41.65
N ILE M 665 -26.62 54.43 -42.60
CA ILE M 665 -26.56 53.93 -43.97
C ILE M 665 -25.16 54.13 -44.54
N ARG M 666 -24.55 55.29 -44.26
CA ARG M 666 -23.18 55.50 -44.73
C ARG M 666 -22.24 54.44 -44.17
N LEU M 667 -22.35 54.18 -42.87
CA LEU M 667 -21.48 53.19 -42.23
C LEU M 667 -21.73 51.79 -42.79
N ARG M 668 -22.99 51.44 -43.04
CA ARG M 668 -23.29 50.12 -43.57
C ARG M 668 -22.71 49.95 -44.97
N GLN M 669 -22.84 50.97 -45.81
CA GLN M 669 -22.26 50.87 -47.15
C GLN M 669 -20.74 50.73 -47.06
N ASP M 670 -20.09 51.55 -46.24
CA ASP M 670 -18.64 51.46 -46.11
C ASP M 670 -18.21 50.10 -45.57
N SER M 671 -18.96 49.57 -44.59
CA SER M 671 -18.59 48.30 -43.98
C SER M 671 -18.79 47.15 -44.94
N LYS M 672 -19.85 47.20 -45.76
CA LYS M 672 -20.01 46.19 -46.80
C LYS M 672 -18.85 46.22 -47.78
N ARG M 673 -18.48 47.42 -48.23
CA ARG M 673 -17.36 47.54 -49.16
C ARG M 673 -16.08 46.98 -48.54
N GLU M 674 -15.83 47.28 -47.26
CA GLU M 674 -14.65 46.74 -46.60
C GLU M 674 -14.72 45.22 -46.46
N MET M 675 -15.89 44.70 -46.09
CA MET M 675 -16.06 43.26 -45.94
C MET M 675 -15.83 42.54 -47.26
N ASP M 676 -16.07 43.20 -48.39
CA ASP M 676 -15.69 42.61 -49.67
C ASP M 676 -14.27 42.07 -49.63
N SER M 677 -13.40 42.68 -48.84
CA SER M 677 -12.07 42.16 -48.58
C SER M 677 -12.02 41.48 -47.22
N LYS M 678 -10.88 40.84 -46.94
CA LYS M 678 -10.69 40.08 -45.72
C LYS M 678 -10.17 40.93 -44.56
N PHE M 679 -9.82 42.19 -44.80
CA PHE M 679 -9.23 43.01 -43.74
C PHE M 679 -10.28 43.46 -42.73
N SER M 680 -11.53 43.60 -43.14
CA SER M 680 -12.55 44.17 -42.27
C SER M 680 -12.76 43.29 -41.03
N PHE M 681 -12.88 43.94 -39.87
CA PHE M 681 -13.19 43.21 -38.66
C PHE M 681 -14.55 42.53 -38.77
N GLY M 682 -15.54 43.23 -39.29
CA GLY M 682 -16.89 42.70 -39.41
C GLY M 682 -17.85 43.75 -39.92
N GLN M 683 -18.76 43.35 -40.80
CA GLN M 683 -19.70 44.29 -41.39
C GLN M 683 -20.63 44.86 -40.31
N ALA M 684 -20.97 46.14 -40.48
CA ALA M 684 -21.84 46.82 -39.53
C ALA M 684 -23.23 46.19 -39.53
N THR M 685 -23.86 46.22 -38.36
CA THR M 685 -25.17 45.61 -38.16
C THR M 685 -26.05 46.55 -37.34
N PRO M 686 -27.33 46.23 -37.13
CA PRO M 686 -28.16 47.07 -36.25
C PRO M 686 -27.56 47.20 -34.86
N ARG M 687 -26.84 46.18 -34.40
CA ARG M 687 -26.14 46.30 -33.12
C ARG M 687 -25.23 47.52 -33.12
N THR M 688 -24.60 47.82 -34.25
CA THR M 688 -23.73 48.98 -34.33
C THR M 688 -24.53 50.27 -34.20
N LEU M 689 -25.72 50.33 -34.81
CA LEU M 689 -26.57 51.51 -34.65
C LEU M 689 -26.95 51.70 -33.18
N LEU M 690 -27.37 50.61 -32.52
CA LEU M 690 -27.74 50.71 -31.11
C LEU M 690 -26.54 51.16 -30.28
N GLY M 691 -25.36 50.64 -30.57
CA GLY M 691 -24.17 51.07 -29.86
C GLY M 691 -23.86 52.54 -30.08
N ILE M 692 -24.01 53.02 -31.31
CA ILE M 692 -23.75 54.42 -31.61
C ILE M 692 -24.68 55.32 -30.81
N ILE M 693 -25.98 54.99 -30.81
CA ILE M 693 -26.93 55.81 -30.06
C ILE M 693 -26.68 55.70 -28.56
N ARG M 694 -26.26 54.53 -28.09
CA ARG M 694 -25.92 54.39 -26.67
C ARG M 694 -24.75 55.29 -26.29
N LEU M 695 -23.71 55.30 -27.12
CA LEU M 695 -22.56 56.16 -26.86
C LEU M 695 -22.97 57.63 -26.90
N SER M 696 -23.82 58.00 -27.85
CA SER M 696 -24.28 59.39 -27.93
C SER M 696 -25.06 59.76 -26.66
N GLN M 697 -25.91 58.85 -26.18
CA GLN M 697 -26.67 59.13 -24.96
C GLN M 697 -25.74 59.30 -23.76
N ALA M 698 -24.72 58.45 -23.65
CA ALA M 698 -23.77 58.59 -22.56
C ALA M 698 -23.01 59.91 -22.66
N LEU M 699 -22.62 60.30 -23.87
CA LEU M 699 -21.93 61.57 -24.06
C LEU M 699 -22.84 62.73 -23.64
N ALA M 700 -24.10 62.68 -24.02
CA ALA M 700 -25.04 63.71 -23.61
C ALA M 700 -25.18 63.75 -22.09
N LYS M 701 -25.22 62.58 -21.46
CA LYS M 701 -25.25 62.53 -20.00
C LYS M 701 -24.05 63.25 -19.42
N LEU M 702 -22.87 63.02 -19.98
CA LEU M 702 -21.69 63.76 -19.54
C LEU M 702 -21.89 65.25 -19.74
N ARG M 703 -22.46 65.65 -20.87
CA ARG M 703 -22.73 67.07 -21.12
C ARG M 703 -23.76 67.64 -20.18
N LEU M 704 -24.56 66.79 -19.53
CA LEU M 704 -25.62 67.20 -18.62
C LEU M 704 -26.79 67.89 -19.31
N ALA M 705 -26.94 67.70 -20.62
CA ALA M 705 -28.01 68.33 -21.40
C ALA M 705 -29.01 67.28 -21.86
N ASP M 706 -30.30 67.62 -21.82
CA ASP M 706 -31.30 66.70 -22.33
C ASP M 706 -31.05 66.45 -23.81
N MET M 707 -30.99 67.53 -24.59
CA MET M 707 -31.03 67.45 -26.04
C MET M 707 -29.67 66.96 -26.51
N VAL M 708 -29.69 65.82 -27.18
CA VAL M 708 -28.47 65.18 -27.64
C VAL M 708 -27.96 65.93 -28.86
N ASP M 709 -26.84 66.64 -28.71
CA ASP M 709 -26.31 67.44 -29.79
C ASP M 709 -25.70 66.55 -30.87
N ILE M 710 -25.64 67.10 -32.08
CA ILE M 710 -24.95 66.40 -33.16
C ILE M 710 -23.49 66.17 -32.82
N ASP M 711 -22.93 67.04 -31.96
CA ASP M 711 -21.54 66.89 -31.57
C ASP M 711 -21.29 65.57 -30.85
N ASP M 712 -22.21 65.17 -29.97
CA ASP M 712 -22.05 63.91 -29.26
C ASP M 712 -22.06 62.73 -30.23
N VAL M 713 -22.97 62.74 -31.19
CA VAL M 713 -23.03 61.66 -32.17
C VAL M 713 -21.75 61.62 -33.00
N GLU M 714 -21.26 62.80 -33.41
CA GLU M 714 -20.03 62.85 -34.19
C GLU M 714 -18.85 62.31 -33.39
N GLU M 715 -18.77 62.68 -32.10
CA GLU M 715 -17.69 62.18 -31.27
C GLU M 715 -17.79 60.67 -31.09
N ALA M 716 -19.00 60.15 -30.92
CA ALA M 716 -19.16 58.70 -30.81
C ALA M 716 -18.73 58.00 -32.09
N LEU M 717 -19.07 58.59 -33.24
CA LEU M 717 -18.64 58.02 -34.52
C LEU M 717 -17.11 58.01 -34.61
N ARG M 718 -16.47 59.12 -34.23
CA ARG M 718 -15.02 59.17 -34.26
C ARG M 718 -14.43 58.10 -33.34
N LEU M 719 -15.05 57.92 -32.17
CA LEU M 719 -14.55 56.92 -31.23
C LEU M 719 -14.65 55.52 -31.80
N VAL M 720 -15.77 55.17 -32.43
CA VAL M 720 -15.89 53.82 -33.00
C VAL M 720 -14.88 53.64 -34.11
N ARG M 721 -14.69 54.68 -34.95
CA ARG M 721 -13.75 54.58 -36.05
C ARG M 721 -12.32 54.35 -35.53
N VAL M 722 -11.90 55.14 -34.55
CA VAL M 722 -10.54 55.04 -34.02
C VAL M 722 -10.37 53.86 -33.09
N SER M 723 -11.47 53.22 -32.68
CA SER M 723 -11.35 52.03 -31.85
C SER M 723 -10.52 50.96 -32.55
N LYS M 724 -10.80 50.73 -33.83
CA LYS M 724 -10.12 49.69 -34.59
C LYS M 724 -9.35 50.22 -35.79
N GLU M 725 -9.97 51.05 -36.64
CA GLU M 725 -9.32 51.40 -37.89
C GLU M 725 -8.04 52.19 -37.66
N SER M 726 -8.03 53.06 -36.64
CA SER M 726 -6.87 53.91 -36.40
C SER M 726 -5.60 53.09 -36.27
N LEU M 727 -5.66 51.97 -35.53
CA LEU M 727 -4.49 51.14 -35.35
C LEU M 727 -4.34 50.05 -36.40
N TYR M 728 -5.45 49.58 -36.99
CA TYR M 728 -5.32 48.58 -38.03
C TYR M 728 -4.63 49.15 -39.27
N GLN M 729 -4.98 50.39 -39.64
CA GLN M 729 -4.37 50.99 -40.81
C GLN M 729 -2.88 51.22 -40.63
N GLU M 730 -2.39 51.21 -39.39
CA GLU M 730 -0.97 51.36 -39.13
C GLU M 730 -0.26 50.03 -39.37
N SER N 1 -59.15 22.58 20.05
CA SER N 1 -58.66 23.86 19.56
C SER N 1 -58.49 23.85 18.05
N ALA N 2 -59.01 24.88 17.39
CA ALA N 2 -58.88 24.97 15.93
C ALA N 2 -57.41 25.06 15.52
N ARG N 3 -56.64 25.87 16.23
CA ARG N 3 -55.22 26.03 15.92
C ARG N 3 -54.43 24.81 16.41
N HIS N 4 -53.17 24.76 16.01
CA HIS N 4 -52.33 23.62 16.35
C HIS N 4 -51.92 23.66 17.82
N SER N 5 -51.36 22.54 18.28
CA SER N 5 -51.07 22.38 19.71
C SER N 5 -50.06 23.41 20.21
N ARG N 6 -49.17 23.88 19.35
CA ARG N 6 -48.10 24.79 19.74
C ARG N 6 -48.46 26.26 19.54
N PHE N 7 -49.73 26.58 19.34
CA PHE N 7 -50.10 27.98 19.11
C PHE N 7 -49.70 28.85 20.30
N GLY N 8 -49.97 28.38 21.51
CA GLY N 8 -49.45 29.01 22.71
C GLY N 8 -50.27 30.16 23.26
N GLY N 9 -51.54 29.91 23.58
CA GLY N 9 -52.39 30.87 24.25
C GLY N 9 -52.43 30.58 25.74
N LEU N 10 -52.11 31.61 26.54
CA LEU N 10 -52.05 31.49 27.98
C LEU N 10 -53.19 32.27 28.63
N LEU N 11 -53.66 31.77 29.77
CA LEU N 11 -54.81 32.33 30.48
C LEU N 11 -54.46 32.72 31.90
N SER N 12 -55.28 33.61 32.45
CA SER N 12 -55.22 34.02 33.85
C SER N 12 -56.64 34.16 34.36
N ILE N 13 -57.08 33.17 35.15
CA ILE N 13 -58.41 33.18 35.75
C ILE N 13 -58.31 33.81 37.13
N GLN N 14 -59.33 34.58 37.50
CA GLN N 14 -59.36 35.28 38.78
C GLN N 14 -60.29 34.53 39.74
N THR N 15 -59.75 34.13 40.88
CA THR N 15 -60.53 33.47 41.91
C THR N 15 -61.41 34.50 42.63
N PRO N 16 -62.40 34.05 43.40
CA PRO N 16 -63.20 35.01 44.18
C PRO N 16 -62.34 35.95 45.02
N ASP N 17 -61.27 35.42 45.61
CA ASP N 17 -60.25 36.26 46.19
C ASP N 17 -59.24 36.66 45.11
N LYS N 18 -58.50 37.74 45.37
CA LYS N 18 -57.61 38.31 44.36
C LYS N 18 -56.37 37.47 44.18
N THR N 19 -56.52 36.29 43.57
CA THR N 19 -55.42 35.46 43.14
C THR N 19 -55.70 34.97 41.72
N ARG N 20 -54.64 34.84 40.92
CA ARG N 20 -54.77 34.48 39.52
C ARG N 20 -54.11 33.13 39.26
N LEU N 21 -54.86 32.21 38.69
CA LEU N 21 -54.36 30.91 38.27
C LEU N 21 -54.14 30.90 36.76
N THR N 22 -53.23 30.05 36.32
CA THR N 22 -52.82 29.98 34.93
C THR N 22 -53.33 28.70 34.28
N VAL N 23 -53.97 28.86 33.13
CA VAL N 23 -54.47 27.73 32.35
C VAL N 23 -54.02 27.90 30.90
N SER N 24 -53.85 26.77 30.22
CA SER N 24 -53.39 26.76 28.83
C SER N 24 -54.42 26.06 27.96
N GLY N 25 -54.69 26.66 26.80
CA GLY N 25 -55.65 26.10 25.86
C GLY N 25 -56.65 27.14 25.38
N SER N 26 -56.94 27.12 24.08
CA SER N 26 -57.90 28.08 23.53
C SER N 26 -59.28 27.88 24.13
N GLN N 27 -59.71 26.62 24.28
CA GLN N 27 -61.00 26.34 24.90
C GLN N 27 -61.09 27.01 26.26
N ALA N 28 -60.01 26.98 27.03
CA ALA N 28 -59.98 27.72 28.30
C ALA N 28 -60.09 29.21 28.05
N LEU N 29 -59.37 29.72 27.05
CA LEU N 29 -59.45 31.14 26.71
C LEU N 29 -60.89 31.57 26.46
N VAL N 30 -61.72 30.67 25.95
CA VAL N 30 -63.13 30.99 25.70
C VAL N 30 -64.03 30.67 26.88
N ASP N 31 -63.85 29.53 27.52
CA ASP N 31 -64.86 29.02 28.44
C ASP N 31 -64.29 28.91 29.84
N GLU N 32 -65.18 28.81 30.81
CA GLU N 32 -64.82 28.67 32.23
C GLU N 32 -65.06 27.28 32.77
N LYS N 33 -66.12 26.60 32.34
CA LYS N 33 -66.30 25.20 32.73
C LYS N 33 -65.15 24.35 32.21
N ILE N 34 -64.70 24.60 30.97
CA ILE N 34 -63.55 23.89 30.43
C ILE N 34 -62.31 24.23 31.24
N ALA N 35 -62.17 25.49 31.66
CA ALA N 35 -61.02 25.88 32.47
C ALA N 35 -60.99 25.11 33.78
N LEU N 36 -62.14 25.00 34.45
CA LEU N 36 -62.19 24.28 35.72
C LEU N 36 -61.96 22.79 35.50
N GLN N 37 -62.50 22.24 34.42
CA GLN N 37 -62.26 20.83 34.12
C GLN N 37 -60.78 20.56 33.91
N LYS N 38 -60.10 21.44 33.17
CA LYS N 38 -58.67 21.29 32.96
C LYS N 38 -57.91 21.44 34.28
N LEU N 39 -58.34 22.38 35.12
CA LEU N 39 -57.71 22.55 36.43
C LEU N 39 -57.78 21.25 37.23
N ASP N 40 -58.96 20.63 37.25
CA ASP N 40 -59.13 19.37 37.98
C ASP N 40 -58.30 18.26 37.35
N ASP N 41 -58.30 18.15 36.02
CA ASP N 41 -57.64 17.05 35.35
C ASP N 41 -56.12 17.15 35.42
N SER N 42 -55.57 18.37 35.49
CA SER N 42 -54.13 18.55 35.50
C SER N 42 -53.50 18.13 36.82
N LYS N 43 -54.30 17.85 37.85
CA LYS N 43 -53.77 17.43 39.13
C LYS N 43 -53.08 16.08 39.03
PB ADP O . -16.29 -16.30 -37.83
O1B ADP O . -15.28 -17.28 -38.38
O2B ADP O . -16.32 -16.24 -36.31
O3B ADP O . -16.29 -14.95 -38.49
PA ADP O . -18.25 -18.15 -37.29
O1A ADP O . -17.10 -19.11 -37.10
O2A ADP O . -18.91 -17.54 -36.08
O3A ADP O . -17.70 -16.97 -38.22
O5' ADP O . -19.38 -18.90 -38.15
C5' ADP O . -20.10 -19.95 -37.50
C4' ADP O . -21.11 -20.63 -38.40
O4' ADP O . -20.51 -21.06 -39.62
C3' ADP O . -21.66 -21.85 -37.70
O3' ADP O . -23.09 -21.84 -37.69
C2' ADP O . -21.13 -23.04 -38.49
O2' ADP O . -22.12 -24.07 -38.62
C1' ADP O . -20.74 -22.45 -39.84
N9 ADP O . -19.51 -23.09 -40.36
C8 ADP O . -18.51 -22.45 -40.98
N7 ADP O . -17.53 -23.31 -41.34
C5 ADP O . -17.91 -24.54 -40.96
C6 ADP O . -17.33 -25.91 -41.03
N6 ADP O . -16.13 -26.12 -41.61
N1 ADP O . -18.06 -26.91 -40.50
C2 ADP O . -19.26 -26.71 -39.92
N3 ADP O . -19.82 -25.50 -39.82
C4 ADP O . -19.22 -24.39 -40.31
H5'1 ADP O . -19.47 -20.60 -37.17
H5'2 ADP O . -20.55 -19.58 -36.73
H4' ADP O . -21.81 -19.98 -38.60
H3' ADP O . -21.37 -21.89 -36.76
HO3' ADP O . -23.37 -22.53 -37.29
H2' ADP O . -20.38 -23.47 -38.05
HO2' ADP O . -21.80 -24.70 -39.06
H1' ADP O . -21.44 -22.61 -40.49
H8 ADP O . -18.48 -21.53 -41.14
HN61 ADP O . -15.82 -26.92 -41.65
HN62 ADP O . -15.69 -25.47 -41.94
H2 ADP O . -19.71 -27.45 -39.57
MG MG P . -15.90 -14.74 -35.27
ZN ZN Q . -23.96 -18.28 38.32
MG MG R . 18.06 17.88 -15.18
PG ATP S . -27.02 36.77 -32.49
O1G ATP S . -26.03 35.77 -32.97
O2G ATP S . -26.83 38.16 -33.11
O3G ATP S . -27.08 36.91 -30.97
PB ATP S . -29.75 36.93 -33.70
O1B ATP S . -29.55 36.87 -35.16
O2B ATP S . -30.98 36.20 -33.16
O3B ATP S . -28.50 36.35 -32.91
PA ATP S . -30.23 39.15 -31.81
O1A ATP S . -29.13 39.95 -31.26
O2A ATP S . -30.78 38.08 -30.87
O3A ATP S . -29.81 38.42 -33.16
O5' ATP S . -31.43 40.06 -32.27
C5' ATP S . -31.80 41.24 -31.54
C4' ATP S . -31.11 42.42 -32.18
O4' ATP S . -31.55 42.43 -33.56
C3' ATP S . -31.68 43.73 -31.65
O3' ATP S . -30.77 44.14 -30.64
C2' ATP S . -31.43 44.68 -32.83
O2' ATP S . -30.05 44.99 -32.83
C1' ATP S . -31.63 43.75 -34.04
N9 ATP S . -32.97 43.90 -34.60
C8 ATP S . -34.11 44.25 -33.94
N7 ATP S . -35.18 44.29 -34.70
C5 ATP S . -34.70 43.92 -35.95
C6 ATP S . -35.34 43.76 -37.19
N6 ATP S . -36.65 43.96 -37.38
N1 ATP S . -34.59 43.37 -38.25
C2 ATP S . -33.28 43.17 -38.05
N3 ATP S . -32.58 43.28 -36.92
C4 ATP S . -33.35 43.66 -35.90
H5'1 ATP S . -32.75 41.37 -31.54
H5'2 ATP S . -31.53 41.17 -30.60
H4' ATP S . -30.16 42.34 -32.03
H3' ATP S . -32.59 43.69 -31.34
HO3' ATP S . -31.02 44.87 -30.31
H2' ATP S . -31.99 45.47 -32.81
HO2' ATP S . -29.88 45.51 -33.47
H1' ATP S . -30.97 43.96 -34.71
H8 ATP S . -34.12 44.46 -33.03
HN61 ATP S . -36.99 43.85 -38.17
HN62 ATP S . -37.15 44.22 -36.73
H2 ATP S . -32.80 42.90 -38.80
MG MG T . -29.27 35.42 -31.45
ZN ZN U . -58.35 -1.74 31.46
PG ATP V . 18.72 16.96 -18.35
O1G ATP V . 18.18 17.70 -19.52
O2G ATP V . 17.87 17.13 -17.08
O3G ATP V . 18.95 15.47 -18.60
PB ATP V . 20.81 18.63 -17.04
O1B ATP V . 20.01 18.85 -15.81
O2B ATP V . 21.04 19.86 -17.91
O3B ATP V . 20.16 17.52 -17.95
PA ATP V . 22.96 17.40 -15.44
O1A ATP V . 23.65 18.44 -14.67
O2A ATP V . 21.93 16.59 -14.67
O3A ATP V . 22.23 18.01 -16.71
O5' ATP V . 24.01 16.40 -16.07
C5' ATP V . 24.47 15.24 -15.35
C4' ATP V . 25.97 15.23 -15.31
O4' ATP V . 26.42 16.25 -16.22
C3' ATP V . 26.49 15.70 -13.96
O3' ATP V . 27.08 14.56 -13.35
C2' ATP V . 27.66 16.64 -14.31
O2' ATP V . 28.83 15.98 -13.87
C1' ATP V . 27.73 16.56 -15.82
N9 ATP V . 28.05 17.84 -16.43
C8 ATP V . 27.36 18.49 -17.41
N7 ATP V . 27.88 19.64 -17.77
C5 ATP V . 29.00 19.76 -16.96
C6 ATP V . 29.98 20.75 -16.83
N6 ATP V . 30.01 21.88 -17.56
N1 ATP V . 30.96 20.56 -15.92
C2 ATP V . 30.95 19.44 -15.19
N3 ATP V . 30.06 18.44 -15.21
C4 ATP V . 29.11 18.66 -16.12
H5'1 ATP V . 24.12 15.25 -14.45
H5'2 ATP V . 24.14 14.43 -15.77
H4' ATP V . 26.29 14.33 -15.52
H3' ATP V . 25.81 16.11 -13.39
HO3' ATP V . 27.39 14.76 -12.60
H2' ATP V . 27.56 17.54 -13.94
HO2' ATP V . 29.50 16.45 -14.03
H1' ATP V . 28.40 15.91 -16.09
H8 ATP V . 26.59 18.15 -17.80
HN61 ATP V . 30.63 22.45 -17.45
HN62 ATP V . 29.40 22.02 -18.15
H2 ATP V . 31.64 19.36 -14.56
PG ATP W . 10.38 -9.65 -26.71
O1G ATP W . 9.07 -9.26 -26.11
O2G ATP W . 10.28 -10.85 -27.65
O3G ATP W . 11.08 -8.50 -27.44
PB ATP W . 12.86 -10.72 -25.46
O1B ATP W . 13.64 -10.10 -24.37
O2B ATP W . 13.50 -10.67 -26.84
O3B ATP W . 11.41 -10.10 -25.59
PA ATP W . 13.30 -13.47 -24.50
O1A ATP W . 14.37 -13.97 -25.38
O2A ATP W . 13.71 -13.04 -23.10
O3A ATP W . 12.54 -12.25 -25.15
O5' ATP W . 12.20 -14.60 -24.35
C5' ATP W . 12.40 -15.70 -23.44
C4' ATP W . 12.50 -16.99 -24.19
O4' ATP W . 13.87 -17.13 -24.61
C3' ATP W . 12.25 -18.16 -23.24
O3' ATP W . 11.32 -19.01 -23.91
C2' ATP W . 13.58 -18.92 -23.22
O2' ATP W . 13.25 -20.29 -23.39
C1' ATP W . 14.17 -18.50 -24.56
N9 ATP W . 15.62 -18.66 -24.58
C8 ATP W . 16.35 -19.58 -23.88
N7 ATP W . 17.64 -19.51 -24.09
C5 ATP W . 17.77 -18.49 -25.02
C6 ATP W . 18.90 -17.93 -25.65
N6 ATP W . 20.15 -18.33 -25.44
N1 ATP W . 18.68 -16.92 -26.52
C2 ATP W . 17.43 -16.51 -26.74
N3 ATP W . 16.29 -16.96 -26.19
C4 ATP W . 16.54 -17.95 -25.33
H5'1 ATP W . 13.19 -15.55 -22.91
H5'2 ATP W . 11.65 -15.74 -22.81
H4' ATP W . 11.87 -16.99 -24.94
H3' ATP W . 11.94 -17.90 -22.37
HO3' ATP W . 11.15 -19.67 -23.43
H2' ATP W . 14.13 -18.77 -22.44
HO2' ATP W . 13.96 -20.75 -23.39
H1' ATP W . 13.81 -19.03 -25.30
H8 ATP W . 15.96 -20.19 -23.29
HN61 ATP W . 20.80 -17.95 -25.86
HN62 ATP W . 20.31 -18.97 -24.90
H2 ATP W . 17.33 -15.81 -27.35
MG MG X . 10.67 -9.69 -22.93
ZN ZN Y . -7.89 2.84 47.16
PG ATP Z . -35.49 8.74 -43.96
O1G ATP Z . -35.26 10.18 -44.20
O2G ATP Z . -34.76 7.82 -44.95
O3G ATP Z . -35.15 8.29 -42.53
PB ATP Z . -37.96 7.10 -44.29
O1B ATP Z . -37.58 6.27 -45.45
O2B ATP Z . -37.97 6.39 -42.94
O3B ATP Z . -37.03 8.37 -44.15
PA ATP Z . -40.40 8.62 -43.63
O1A ATP Z . -39.70 9.71 -42.91
O2A ATP Z . -41.16 7.65 -42.73
O3A ATP Z . -39.39 7.76 -44.50
O5' ATP Z . -41.39 9.20 -44.71
C5' ATP Z . -42.29 10.28 -44.40
C4' ATP Z . -43.70 9.86 -44.71
O4' ATP Z . -43.67 9.29 -46.03
C3' ATP Z . -44.11 8.68 -43.86
O3' ATP Z . -44.92 9.23 -42.83
C2' ATP Z . -45.08 7.91 -44.76
O2' ATP Z . -46.39 8.34 -44.43
C1' ATP Z . -44.84 8.52 -46.16
N9 ATP Z . -44.56 7.48 -47.14
C8 ATP Z . -43.46 7.39 -47.96
N7 ATP Z . -43.47 6.36 -48.75
C5 ATP Z . -44.65 5.71 -48.43
C6 ATP Z . -45.25 4.53 -48.92
N6 ATP Z . -44.71 3.76 -49.87
N1 ATP Z . -46.44 4.16 -48.38
C2 ATP Z . -46.97 4.93 -47.42
N3 ATP Z . -46.50 6.05 -46.89
C4 ATP Z . -45.33 6.39 -47.44
H5'1 ATP Z . -42.22 10.52 -43.47
H5'2 ATP Z . -42.05 11.07 -44.91
H4' ATP Z . -44.27 10.64 -44.60
H3' ATP Z . -43.38 8.16 -43.51
HO3' ATP Z . -45.19 8.61 -42.32
H2' ATP Z . -44.98 6.95 -44.71
HO2' ATP Z . -46.95 7.94 -44.89
H1' ATP Z . -45.62 9.01 -46.44
H8 ATP Z . -42.77 8.02 -47.95
HN61 ATP Z . -45.12 3.05 -50.13
HN62 ATP Z . -43.97 3.97 -50.22
H2 ATP Z . -47.79 4.63 -47.09
MG MG AA . -36.46 7.28 -41.73
ZN ZN BA . -42.39 -17.98 33.03
PG ATP CA . -0.56 40.17 -19.72
O1G ATP CA . 0.48 39.59 -20.61
O2G ATP CA . -2.00 39.82 -20.13
O3G ATP CA . -0.39 39.82 -18.24
PB ATP CA . 0.46 42.93 -20.21
O1B ATP CA . 0.26 43.30 -21.62
O2B ATP CA . 1.88 42.52 -19.82
O3B ATP CA . -0.52 41.76 -19.77
PA ATP CA . 0.53 44.70 -17.84
O1A ATP CA . 0.84 43.64 -16.87
O2A ATP CA . -0.53 45.71 -17.38
O3A ATP CA . 0.04 44.11 -19.23
O5' ATP CA . 1.82 45.51 -18.26
C5' ATP CA . 3.14 44.99 -18.02
C4' ATP CA . 4.00 46.12 -17.51
O4' ATP CA . 4.01 47.12 -18.53
C3' ATP CA . 3.33 46.79 -16.29
O3' ATP CA . 4.35 46.90 -15.31
C2' ATP CA . 3.03 48.20 -16.77
O2' ATP CA . 3.53 49.07 -15.75
C1' ATP CA . 4.01 48.37 -17.92
N9 ATP CA . 3.51 49.32 -18.90
C8 ATP CA . 2.87 49.03 -20.07
N7 ATP CA . 2.53 50.08 -20.78
C5 ATP CA . 2.98 51.15 -20.02
C6 ATP CA . 2.94 52.54 -20.21
N6 ATP CA . 2.39 53.13 -21.27
N1 ATP CA . 3.49 53.33 -19.27
C2 ATP CA . 4.05 52.74 -18.19
N3 ATP CA . 4.15 51.45 -17.91
C4 ATP CA . 3.60 50.69 -18.86
H5'1 ATP CA . 3.11 44.27 -17.37
H5'2 ATP CA . 3.52 44.62 -18.83
H4' ATP CA . 4.89 45.78 -17.27
H3' ATP CA . 2.57 46.30 -15.96
HO3' ATP CA . 4.04 47.26 -14.62
H2' ATP CA . 2.10 48.37 -16.97
HO2' ATP CA . 3.38 49.87 -15.96
H1' ATP CA . 4.87 48.69 -17.60
H8 ATP CA . 2.68 48.16 -20.34
HN61 ATP CA . 2.39 53.99 -21.35
HN62 ATP CA . 2.03 52.65 -21.89
H2 ATP CA . 4.41 53.33 -17.57
MG MG DA . -2.02 41.56 -18.03
ZN ZN EA . -46.75 26.10 42.11
#